data_9L45
#
_entry.id   9L45
#
_cell.length_a   1.00
_cell.length_b   1.00
_cell.length_c   1.00
_cell.angle_alpha   90.00
_cell.angle_beta   90.00
_cell.angle_gamma   90.00
#
_symmetry.space_group_name_H-M   'P 1'
#
loop_
_entity.id
_entity.type
_entity.pdbx_description
1 polymer 'Serine/threonine-protein kinase ATR'
2 polymer 'ATR-interacting protein'
3 non-polymer VE-822
4 non-polymer 'ZINC ION'
#
loop_
_entity_poly.entity_id
_entity_poly.type
_entity_poly.pdbx_seq_one_letter_code
_entity_poly.pdbx_strand_id
1 'polypeptide(L)'
;MGEHGLELASMIPALRELGSATPEEYNTVVQKPRQILCQFIDRILTDVNVVAVELVKKTDSQPTSVMLLDFIQHIMKSSP
LMFVNVSGSHEAKGSCIEFSNWIITRLLRIAATPSCHLLHKKICEVICSLLFLFKSKSPAIFGVLTKELLQLFEDLVYLH
RRNVMGHAVEWPVVMSRFLSQLDEHMGYLQSAPLQLMSMQNLEFIEVTLLMVLTRIIAIVFFRRQELLLWQIGCVLLEYG
SPKIKSLAISFLTELFQLGGLPAQPASTFFSSFLELLKHLVEMDTDQLKLYEEPLSKLIKTLFPFEAEAYRNIEPVYLNM
LLEKLCVMFEDGVLMRLKSDLLKAALCHLLQYFLKFVPAGYESALQVRKVYVRNICKALLDVLGIEVDAEYLLGPLYAAL
KMESMEIIEEIQCQTQQENLSSNSDGISPKRRRLSSSLNPSKRAPKQTEEIKHVDMNQKSILWSALKQKAESLQISLEYS
GLKNPVIEMLEGIAVVLQLTALCTVHCSHQNMNCRTFKDCQHKSKKKPSVVITWMSLDFYTKVLKSCRSLLESVQKLDLE
ATIDKVVKIYDALIYMQVNSSFEDHILEDLCGMLSLPWIYSHSDDGCLKLTTFAANLLTLSCRISDSYSPQAQSRCVFLL
TLFPRRIFLEWRTAVYNWALQSSHEVIRASCVSGFFILLQQQNSCNRVPKILIDKVKDDSDIVKKEFASILGQLVCTLHG
MFYLTSSLTEPFSEHGHVDLFCRNLKATSQHECSSSQLKASVCKPFLFLLKKKIPSPVKLAFIDNLHHLCKHLDFREDET
DVKAVLGTLLNLMEDPDKDVRVAFSGNIKHILESLDSEDGFIKELFVLRMKEAYTHAQISRNNELKDTLILTTGDIGRAA
KGDLVPFALLHLLHCLLSKSASVSGAAYTEIRALVAAKSVKLQSFFSQYKKPICQFLVESLHSSQMTALPNTPCQNADVR
KQDVAHQREMALNTLSEIANVFDFPDLNRFLTRTLQVLLPDLAAKASPAASALIRTLGKQLNVNRREILINNFKYIFSHL
VCSCSKDELERALHYLKNETEIELGSLLRQDFQGLHNELLLRIGEHYQQVFNGLSILASFASSDDPYQGPRDIISPELMA
DYLQPKLLGILAFFNMQLLSSSVGIEDKKMALNSLMSLMKLMGPKHVSSVRVKMMTTLRTGLRFKDDFPELCCRAWDCFV
RCLDHACLGSLLSHVIVALLPLIHIQPKETAAIFHYLIIENRDAVQDFLHEIYFLPDHPELKKIKAVLQEYRKETSESTD
LQTTLQLSMKAIQHENVDVRIHALTSLKETLYKNQEKLIKYATDSETVEPIISQLVTVLLKGCQDANSQARLLCGECLGE
LGAIDPGRLDFSTTETQGKDFTFVTGVEDSSFAYGLLMELTRAYLAYADNSRAQDSAAYAIQELLSIYDCREMETNGPGH
QLWRRFPEHVREILEPHLNTRYKSSQKSTDWSGVKKPIYLSKLGSNFAEWSASWAGYLITKVRHDLASKIFTCCSIMMKH
DFKVTIYLLPHILVYVLLGCNQEDQQEVYAEIMAVLKHDDQHTINTQDIASDLCQLSTQTVFSMLDHLTQWARHKFQALK
AEKCPHSKSNRNKVDSMVSTVDYEDYQSVTRFLDLIPQDTLAVASFRSKAYTRAVMHFESFITEKKQNIQEHLGFLQKLY
AAMHEPDGVAGVSAIRKAEPSLKEQILEHESLGLLRDATACYDRAIQLEPDQIIHYHGVVKSMLGLGQLSTVITQVNGVH
ANRSEWTDELNTYRVEAAWKLSQWDLVENYLAADGKSTTWSVRLGQLLLSAKKRDITAFYDSLKLVRAEQIVPLSAASFE
RGSYQRGYEYIVRLHMLCELEHSIKPLFQHSPGDSSQEDSLNWVARLEMTQNSYRAKEPILALRRALLSLNKRPDYNEMV
GECWLQSARVARKAGHHQTAYNALLNAGESRLAELYVERAKWLWSKGDVHQALIVLQKGVELCFPENETPPEGKNMLIHG
RAMLLVGRFMEETANFESNAIMKKYKDVTACLPEWEDGHFYLAKYYDKLMPMVTDNKMEKQGDLIRYIVLHFGRSLQYGN
QFIYQSMPRMLTLWLDYGTKAYEWEKAGRSDRVQMRNDLGKINKVITEHTNYLAPYQFLTAFSQLISRICHSHDEVFVVL
MEIIAKVFLAYPQQAMWMMTAVSKSSYPMRVNRCKEILNKAIHMKKSLEKFVGDATRLTDKLLELCNKPVDGSSSTLSMS
THFKMLKKLVEEATFSEILIPLQSVMIPTLPSILGTHANHASHEPFPGHWAYIAGFDDMVEILASLQKPKKISLKGSDGK
FYIMMCKPKDDLRKDCRLMEFNSLINKCLRKDAESRRRELHIRTYAVIPLNDECGIIEWVNNTAGLRPILTKLYKEKGVY
MTGKELRQCMLPKSAALSEKLKVFREFLLPRHPPIFHEWFLRTFPDPTSWYSSRSAYCRSTAVMSMVGYILGLGDRHGEN
ILFDSLTGECVHVDFNCLFNKGETFEVPEIVPFRLTHNMVNGMGPMGTEGLFRRACEVTMRLMRDQREPLMSVLKTFLHD
PLVEWSKPVKGHSKAPLNETGEVVNEKAKTHVLDIEQRLQGVIKTRNRVTGLPLSIEGHVHYLIQEATDENLLCQMYLGW
TPYM
;
A,B
2 'polypeptide(L)'
;MAGTSAPGSKRRSEPPAPRPGPPPGTGHPPSKRARGFSAAAAPDPDDPFGAHGDFTADDLEELDTLASQALSQCPAAARD
VSSDHKVHRLLDGMSKNPSGKNRETVPIKDNFELEVLQAQYKELKEKMKVMEEEVLIKNGEIKILRDSLHQTESVLEEQR
RSHFLLEQEKTQALSDKEKEFSKKLQSLQSELQFKDAEMNELRTKLQTSERANKLAAPSVSHVSPRKNPSVVIKPEACSP
QFGKTSFPTKESFSANMSLPHPCQTESGYKPLVGREDSKPHSLRGDSIKQEEAQKSFVDSWRQRSNTQGSILINLLLKQP
LIPGSSLSLCHLLSSSSESPAGTPLQPPGFGSTLAGMSGLRTTGSYDGSFSLSALREAQNLAFTGLNLVARNECSRDGDP
AEGGRRAFPLCQLPGAVHFLPLVQFFIGLHCQALQDLAAAKRSGAPGDSPTHSSCVSSGVETNPEDSVCILEGFSVTALS
ILQHLVCHSGAVVSLLLSGVGADSAAGEGNRSLVHRLSDGDMTSALRGVADDQGQHPLLKMLLHLLAFSSAATGHLQASV
LTQCLKVLVKLAENTSCDFLPRFQCVFQVLPKCLSPETPLPSVLLAVELLSLLADHDQLAPQLCSHSEGCLLLLLYMYIT
SRPDRVALETQWLQLEQEVVWLLAKLGVQSPLPPVTGSNCQCNVEVVRALTVMLHRQWLTVRRAGGPPRTDQQRRTVRCL
RDTVLLLHGLSQKDKLFMMHCVEVLHQFDQVMPGVSMLIRGLPDVTDCEEAALDDLCAAETDVEDPEVECG
;
D,C
#
# COMPACT_ATOMS: atom_id res chain seq x y z
N LEU A 8 -18.62 -40.57 86.00
CA LEU A 8 -20.01 -40.43 86.42
C LEU A 8 -20.70 -41.78 86.57
N ALA A 9 -21.79 -41.78 87.34
CA ALA A 9 -22.51 -43.02 87.60
C ALA A 9 -22.97 -43.68 86.32
N SER A 10 -23.62 -42.92 85.44
CA SER A 10 -24.06 -43.48 84.16
C SER A 10 -22.86 -43.87 83.30
N MET A 11 -21.72 -43.22 83.49
CA MET A 11 -20.56 -43.50 82.65
C MET A 11 -19.95 -44.86 83.00
N ILE A 12 -19.77 -45.14 84.28
CA ILE A 12 -19.12 -46.38 84.73
C ILE A 12 -19.66 -47.57 83.95
N PRO A 13 -20.96 -47.86 84.04
CA PRO A 13 -21.52 -48.90 83.16
C PRO A 13 -21.27 -48.61 81.69
N ALA A 14 -21.35 -47.35 81.30
CA ALA A 14 -20.99 -46.99 79.94
C ALA A 14 -19.51 -47.21 79.68
N LEU A 15 -18.67 -47.27 80.71
CA LEU A 15 -17.27 -47.64 80.51
C LEU A 15 -17.16 -49.14 80.23
N ARG A 16 -17.88 -49.94 81.01
CA ARG A 16 -18.00 -51.36 80.66
C ARG A 16 -18.44 -51.51 79.21
N GLU A 17 -19.38 -50.68 78.77
CA GLU A 17 -19.83 -50.72 77.39
C GLU A 17 -18.71 -50.31 76.43
N LEU A 18 -17.96 -49.26 76.78
CA LEU A 18 -16.83 -48.84 75.97
C LEU A 18 -15.89 -50.01 75.70
N GLY A 19 -15.64 -50.83 76.73
CA GLY A 19 -15.00 -52.11 76.48
C GLY A 19 -15.92 -52.96 75.63
N SER A 20 -15.46 -53.43 74.46
CA SER A 20 -16.38 -54.06 73.52
C SER A 20 -15.63 -54.94 72.53
N ALA A 21 -16.41 -55.75 71.80
CA ALA A 21 -16.02 -56.66 70.75
C ALA A 21 -16.15 -55.98 69.38
N THR A 22 -16.19 -56.79 68.31
CA THR A 22 -16.20 -56.36 66.91
C THR A 22 -17.18 -55.23 66.67
N PRO A 23 -16.96 -54.44 65.61
CA PRO A 23 -17.66 -53.14 65.48
C PRO A 23 -19.15 -53.21 65.22
N GLU A 24 -19.58 -54.04 64.27
CA GLU A 24 -21.00 -54.05 63.90
C GLU A 24 -21.89 -54.26 65.11
N GLU A 25 -21.55 -55.22 65.97
CA GLU A 25 -22.19 -55.33 67.27
C GLU A 25 -21.66 -54.30 68.24
N TYR A 26 -20.49 -53.71 67.97
CA TYR A 26 -19.92 -52.71 68.86
C TYR A 26 -20.77 -51.44 68.89
N ASN A 27 -21.28 -51.02 67.73
CA ASN A 27 -21.99 -49.74 67.65
C ASN A 27 -23.13 -49.66 68.66
N THR A 28 -23.90 -50.73 68.80
CA THR A 28 -24.99 -50.73 69.77
C THR A 28 -24.48 -50.54 71.19
N VAL A 29 -23.26 -51.01 71.46
CA VAL A 29 -22.68 -50.85 72.79
C VAL A 29 -22.13 -49.44 72.96
N VAL A 30 -21.58 -48.86 71.90
CA VAL A 30 -20.98 -47.54 71.98
C VAL A 30 -22.06 -46.47 72.09
N GLN A 31 -23.26 -46.75 71.58
CA GLN A 31 -24.34 -45.77 71.70
C GLN A 31 -24.65 -45.45 73.14
N LYS A 32 -24.51 -46.43 74.03
CA LYS A 32 -24.94 -46.24 75.42
C LYS A 32 -24.09 -45.24 76.19
N PRO A 33 -22.75 -45.25 76.09
CA PRO A 33 -21.98 -44.23 76.83
C PRO A 33 -22.22 -42.83 76.32
N ARG A 34 -22.25 -42.65 75.00
CA ARG A 34 -22.68 -41.39 74.42
C ARG A 34 -24.01 -40.96 75.03
N GLN A 35 -24.95 -41.89 75.13
CA GLN A 35 -26.27 -41.56 75.67
C GLN A 35 -26.20 -41.14 77.13
N ILE A 36 -25.37 -41.82 77.93
CA ILE A 36 -25.29 -41.50 79.35
C ILE A 36 -24.70 -40.12 79.55
N LEU A 37 -23.60 -39.82 78.87
CA LEU A 37 -23.06 -38.47 78.95
C LEU A 37 -24.04 -37.43 78.41
N CYS A 38 -24.77 -37.79 77.35
CA CYS A 38 -25.80 -36.92 76.82
C CYS A 38 -26.83 -36.57 77.89
N GLN A 39 -27.28 -37.57 78.64
CA GLN A 39 -28.21 -37.31 79.73
C GLN A 39 -27.58 -36.43 80.79
N PHE A 40 -26.32 -36.72 81.15
CA PHE A 40 -25.62 -35.90 82.14
C PHE A 40 -25.63 -34.43 81.75
N ILE A 41 -25.44 -34.14 80.47
CA ILE A 41 -25.42 -32.75 80.02
C ILE A 41 -26.84 -32.20 79.92
N ASP A 42 -27.76 -32.96 79.32
CA ASP A 42 -29.12 -32.50 79.12
C ASP A 42 -29.80 -32.16 80.43
N ARG A 43 -29.44 -32.85 81.51
CA ARG A 43 -29.96 -32.48 82.82
C ARG A 43 -29.65 -31.02 83.13
N ILE A 44 -28.46 -30.57 82.76
CA ILE A 44 -28.09 -29.17 82.93
C ILE A 44 -28.54 -28.29 81.77
N LEU A 45 -28.76 -28.88 80.59
CA LEU A 45 -29.24 -28.10 79.46
C LEU A 45 -30.71 -27.70 79.62
N THR A 46 -31.47 -28.49 80.39
CA THR A 46 -32.88 -28.18 80.57
C THR A 46 -33.08 -26.80 81.21
N ASP A 47 -32.16 -26.40 82.08
CA ASP A 47 -32.25 -25.13 82.80
C ASP A 47 -31.07 -24.25 82.37
N VAL A 48 -31.35 -23.29 81.49
CA VAL A 48 -30.34 -22.30 81.14
C VAL A 48 -30.03 -21.42 82.35
N ASN A 49 -30.99 -21.26 83.26
CA ASN A 49 -30.74 -20.48 84.47
C ASN A 49 -29.86 -21.23 85.45
N VAL A 50 -30.14 -22.53 85.65
CA VAL A 50 -29.33 -23.34 86.56
C VAL A 50 -27.85 -23.17 86.24
N VAL A 51 -27.52 -23.06 84.95
CA VAL A 51 -26.15 -22.80 84.54
C VAL A 51 -25.69 -21.45 85.07
N ALA A 52 -26.47 -20.39 84.78
CA ALA A 52 -26.13 -19.07 85.29
C ALA A 52 -26.01 -19.09 86.81
N VAL A 53 -26.86 -19.86 87.49
CA VAL A 53 -26.77 -19.96 88.94
C VAL A 53 -25.44 -20.57 89.36
N GLU A 54 -24.90 -21.46 88.54
CA GLU A 54 -23.63 -22.12 88.89
C GLU A 54 -22.53 -21.10 89.14
N LEU A 55 -22.41 -20.10 88.26
CA LEU A 55 -21.41 -19.07 88.43
C LEU A 55 -22.03 -17.67 88.34
N GLN A 62 -18.43 -25.55 92.24
CA GLN A 62 -18.25 -25.72 90.81
C GLN A 62 -19.60 -25.84 90.10
N PRO A 63 -19.70 -25.26 88.91
CA PRO A 63 -20.93 -25.41 88.13
C PRO A 63 -21.23 -26.87 87.89
N THR A 64 -22.40 -27.32 88.35
CA THR A 64 -22.81 -28.70 88.12
C THR A 64 -22.75 -29.04 86.63
N SER A 65 -23.26 -28.14 85.79
CA SER A 65 -23.10 -28.31 84.35
C SER A 65 -21.62 -28.31 83.97
N VAL A 66 -20.81 -27.48 84.63
CA VAL A 66 -19.39 -27.43 84.30
C VAL A 66 -18.69 -28.70 84.75
N MET A 67 -19.08 -29.25 85.90
CA MET A 67 -18.49 -30.51 86.33
C MET A 67 -18.87 -31.64 85.38
N LEU A 68 -20.15 -31.71 85.02
CA LEU A 68 -20.59 -32.73 84.07
C LEU A 68 -19.88 -32.57 82.72
N LEU A 69 -19.64 -31.32 82.31
CA LEU A 69 -19.01 -31.08 81.02
C LEU A 69 -17.52 -31.39 81.06
N ASP A 70 -16.88 -31.15 82.20
CA ASP A 70 -15.49 -31.57 82.34
C ASP A 70 -15.39 -33.10 82.33
N PHE A 71 -16.33 -33.77 83.00
CA PHE A 71 -16.38 -35.23 82.91
C PHE A 71 -16.61 -35.68 81.48
N ILE A 72 -17.46 -34.97 80.74
CA ILE A 72 -17.76 -35.36 79.37
C ILE A 72 -16.58 -35.11 78.45
N GLN A 73 -15.86 -34.01 78.67
CA GLN A 73 -14.66 -33.74 77.89
C GLN A 73 -13.58 -34.77 78.19
N HIS A 74 -13.43 -35.14 79.47
CA HIS A 74 -12.48 -36.18 79.82
C HIS A 74 -12.89 -37.52 79.23
N ILE A 75 -14.19 -37.78 79.11
CA ILE A 75 -14.65 -39.03 78.52
C ILE A 75 -14.41 -39.05 77.02
N MET A 76 -14.68 -37.92 76.36
CA MET A 76 -14.43 -37.82 74.93
C MET A 76 -12.94 -37.97 74.64
N LYS A 77 -12.09 -37.33 75.44
CA LYS A 77 -10.66 -37.53 75.28
C LYS A 77 -10.28 -38.97 75.55
N SER A 78 -10.88 -39.59 76.57
CA SER A 78 -10.58 -40.98 76.89
C SER A 78 -11.16 -41.91 75.83
N SER A 79 -12.36 -41.62 75.34
CA SER A 79 -13.04 -42.47 74.36
C SER A 79 -13.54 -41.60 73.22
N PRO A 80 -12.62 -41.07 72.40
CA PRO A 80 -13.08 -40.39 71.18
C PRO A 80 -13.79 -41.33 70.22
N LEU A 81 -13.31 -42.57 70.11
CA LEU A 81 -13.98 -43.55 69.28
C LEU A 81 -15.36 -43.89 69.83
N MET A 82 -15.55 -43.75 71.14
CA MET A 82 -16.83 -44.10 71.74
C MET A 82 -17.87 -43.00 71.53
N PHE A 83 -17.47 -41.75 71.73
CA PHE A 83 -18.41 -40.63 71.53
C PHE A 83 -19.10 -40.73 70.17
N VAL A 84 -18.36 -41.12 69.15
CA VAL A 84 -18.92 -41.32 67.82
C VAL A 84 -18.11 -42.42 67.13
N ASN A 85 -18.82 -43.37 66.52
CA ASN A 85 -18.20 -44.52 65.89
C ASN A 85 -18.48 -44.50 64.39
N VAL A 86 -17.45 -44.80 63.60
CA VAL A 86 -17.55 -44.86 62.15
C VAL A 86 -17.49 -46.32 61.74
N SER A 87 -18.41 -46.71 60.84
CA SER A 87 -18.48 -48.08 60.36
C SER A 87 -18.62 -48.08 58.85
N GLY A 88 -18.16 -49.15 58.22
CA GLY A 88 -18.28 -49.27 56.78
C GLY A 88 -19.72 -49.25 56.31
N SER A 89 -20.60 -49.94 57.04
CA SER A 89 -22.02 -49.91 56.70
C SER A 89 -22.59 -48.50 56.87
N HIS A 90 -22.08 -47.75 57.84
CA HIS A 90 -22.42 -46.35 58.12
C HIS A 90 -23.70 -46.15 58.92
N GLU A 91 -24.36 -47.22 59.38
CA GLU A 91 -25.49 -47.04 60.28
C GLU A 91 -25.04 -46.57 61.65
N ALA A 92 -24.00 -47.20 62.19
CA ALA A 92 -23.36 -46.68 63.40
C ALA A 92 -22.92 -45.24 63.20
N LYS A 93 -22.47 -44.91 61.98
CA LYS A 93 -22.07 -43.55 61.68
C LYS A 93 -23.25 -42.59 61.74
N GLY A 94 -24.40 -43.01 61.23
CA GLY A 94 -25.60 -42.19 61.36
C GLY A 94 -25.98 -41.97 62.81
N SER A 95 -25.90 -43.03 63.62
CA SER A 95 -26.18 -42.88 65.04
C SER A 95 -25.24 -41.87 65.69
N CYS A 96 -23.94 -42.01 65.42
CA CYS A 96 -22.96 -41.08 65.99
C CYS A 96 -23.20 -39.67 65.51
N ILE A 97 -23.61 -39.51 64.24
CA ILE A 97 -23.91 -38.18 63.72
C ILE A 97 -25.06 -37.56 64.50
N GLU A 98 -26.11 -38.34 64.74
CA GLU A 98 -27.22 -37.84 65.54
C GLU A 98 -26.73 -37.38 66.91
N PHE A 99 -25.97 -38.24 67.59
CA PHE A 99 -25.46 -37.87 68.92
C PHE A 99 -24.66 -36.58 68.87
N SER A 100 -23.76 -36.46 67.89
CA SER A 100 -22.88 -35.30 67.83
C SER A 100 -23.66 -34.04 67.51
N ASN A 101 -24.64 -34.12 66.62
CA ASN A 101 -25.50 -32.98 66.35
C ASN A 101 -26.18 -32.51 67.63
N TRP A 102 -26.74 -33.45 68.39
CA TRP A 102 -27.39 -33.08 69.64
C TRP A 102 -26.41 -32.42 70.59
N ILE A 103 -25.19 -32.97 70.69
CA ILE A 103 -24.18 -32.39 71.57
C ILE A 103 -23.89 -30.94 71.17
N ILE A 104 -23.62 -30.72 69.89
CA ILE A 104 -23.31 -29.37 69.41
C ILE A 104 -24.47 -28.44 69.71
N THR A 105 -25.70 -28.93 69.56
CA THR A 105 -26.86 -28.09 69.84
C THR A 105 -26.91 -27.70 71.30
N ARG A 106 -26.63 -28.64 72.20
CA ARG A 106 -26.56 -28.30 73.62
C ARG A 106 -25.51 -27.23 73.89
N LEU A 107 -24.31 -27.42 73.33
CA LEU A 107 -23.25 -26.45 73.52
C LEU A 107 -23.67 -25.06 73.02
N LEU A 108 -24.29 -25.03 71.85
CA LEU A 108 -24.76 -23.75 71.30
C LEU A 108 -25.80 -23.12 72.21
N ARG A 109 -26.74 -23.91 72.71
CA ARG A 109 -27.67 -23.40 73.72
C ARG A 109 -26.91 -22.72 74.85
N ILE A 110 -25.83 -23.36 75.30
CA ILE A 110 -24.95 -22.72 76.27
C ILE A 110 -24.46 -21.39 75.74
N ALA A 111 -24.18 -21.33 74.43
CA ALA A 111 -23.63 -20.10 73.85
C ALA A 111 -24.55 -18.91 74.06
N ALA A 112 -25.85 -19.12 73.98
CA ALA A 112 -26.79 -18.07 74.35
C ALA A 112 -26.88 -17.99 75.88
N THR A 113 -27.56 -16.95 76.36
CA THR A 113 -27.58 -16.73 77.80
C THR A 113 -26.13 -16.56 78.27
N PRO A 114 -25.49 -15.44 77.94
CA PRO A 114 -24.05 -15.31 78.18
C PRO A 114 -23.61 -15.68 79.59
N SER A 115 -24.52 -15.75 80.55
CA SER A 115 -24.13 -16.22 81.87
C SER A 115 -23.55 -17.62 81.83
N CYS A 116 -23.71 -18.34 80.73
CA CYS A 116 -23.01 -19.59 80.47
C CYS A 116 -21.75 -19.38 79.65
N HIS A 117 -21.25 -18.14 79.60
CA HIS A 117 -20.02 -17.87 78.87
C HIS A 117 -18.87 -18.69 79.45
N LEU A 118 -18.68 -18.64 80.77
CA LEU A 118 -17.73 -19.50 81.45
C LEU A 118 -17.70 -20.88 80.82
N LEU A 119 -18.88 -21.43 80.55
CA LEU A 119 -18.98 -22.68 79.80
C LEU A 119 -18.38 -22.50 78.42
N HIS A 120 -18.89 -21.54 77.66
CA HIS A 120 -18.37 -21.27 76.31
C HIS A 120 -16.85 -21.41 76.26
N LYS A 121 -16.17 -20.70 77.17
CA LYS A 121 -14.72 -20.61 77.20
C LYS A 121 -14.05 -21.96 76.94
N LYS A 122 -14.50 -23.00 77.63
CA LYS A 122 -13.99 -24.34 77.39
C LYS A 122 -14.84 -25.11 76.39
N ILE A 123 -16.01 -24.58 76.04
CA ILE A 123 -16.90 -25.29 75.14
C ILE A 123 -16.20 -25.65 73.84
N CYS A 124 -15.09 -25.00 73.51
CA CYS A 124 -14.37 -25.56 72.39
C CYS A 124 -14.19 -26.99 72.82
N GLU A 125 -13.57 -27.20 73.98
CA GLU A 125 -13.26 -28.55 74.46
C GLU A 125 -14.30 -29.54 73.95
N VAL A 126 -15.59 -29.24 74.14
CA VAL A 126 -16.64 -30.08 73.59
C VAL A 126 -16.53 -30.17 72.07
N ILE A 127 -16.68 -29.04 71.38
CA ILE A 127 -16.74 -29.07 69.91
C ILE A 127 -15.40 -29.49 69.34
N CYS A 128 -14.35 -28.86 69.84
CA CYS A 128 -12.95 -29.23 69.76
C CYS A 128 -12.76 -30.75 69.73
N SER A 129 -13.30 -31.44 70.74
CA SER A 129 -13.16 -32.88 70.85
C SER A 129 -13.94 -33.58 69.77
N LEU A 130 -15.19 -33.17 69.57
CA LEU A 130 -16.02 -33.75 68.53
C LEU A 130 -15.31 -33.69 67.18
N LEU A 131 -14.74 -32.52 66.86
CA LEU A 131 -14.04 -32.34 65.61
C LEU A 131 -12.84 -33.26 65.53
N PHE A 132 -12.12 -33.44 66.63
CA PHE A 132 -11.00 -34.38 66.61
C PHE A 132 -11.48 -35.79 66.30
N LEU A 133 -12.43 -36.29 67.09
CA LEU A 133 -12.89 -37.65 66.92
C LEU A 133 -13.55 -37.86 65.57
N PHE A 134 -14.01 -36.78 64.92
CA PHE A 134 -14.70 -36.91 63.64
C PHE A 134 -13.77 -36.72 62.46
N LYS A 135 -12.71 -35.93 62.61
CA LYS A 135 -11.59 -36.00 61.68
C LYS A 135 -11.01 -37.41 61.69
N SER A 136 -10.98 -38.03 62.87
CA SER A 136 -10.67 -39.46 62.92
C SER A 136 -11.78 -40.28 62.28
N LYS A 137 -13.03 -39.85 62.44
CA LYS A 137 -14.14 -40.49 61.76
C LYS A 137 -14.10 -40.16 60.28
N SER A 138 -14.96 -40.83 59.51
CA SER A 138 -15.03 -40.58 58.08
C SER A 138 -15.18 -39.07 57.83
N PRO A 139 -14.41 -38.50 56.90
CA PRO A 139 -14.45 -37.03 56.74
C PRO A 139 -15.79 -36.50 56.32
N ALA A 140 -16.62 -37.29 55.63
CA ALA A 140 -17.91 -36.78 55.18
C ALA A 140 -18.85 -36.55 56.36
N ILE A 141 -18.85 -37.44 57.34
CA ILE A 141 -19.73 -37.28 58.51
C ILE A 141 -19.29 -36.08 59.34
N PHE A 142 -18.01 -36.06 59.72
CA PHE A 142 -17.42 -34.90 60.38
C PHE A 142 -17.77 -33.63 59.64
N GLY A 143 -17.68 -33.65 58.30
CA GLY A 143 -17.94 -32.46 57.53
C GLY A 143 -19.40 -32.05 57.54
N VAL A 144 -20.31 -33.03 57.53
CA VAL A 144 -21.72 -32.70 57.62
C VAL A 144 -22.03 -32.04 58.96
N LEU A 145 -21.43 -32.57 60.03
CA LEU A 145 -21.59 -31.93 61.33
C LEU A 145 -21.10 -30.49 61.30
N THR A 146 -19.89 -30.28 60.77
CA THR A 146 -19.35 -28.94 60.68
C THR A 146 -20.23 -28.03 59.82
N LYS A 147 -20.83 -28.57 58.77
CA LYS A 147 -21.69 -27.77 57.91
C LYS A 147 -22.95 -27.35 58.64
N GLU A 148 -23.53 -28.24 59.43
CA GLU A 148 -24.65 -27.86 60.28
C GLU A 148 -24.25 -26.74 61.22
N LEU A 149 -23.07 -26.86 61.83
CA LEU A 149 -22.59 -25.79 62.70
C LEU A 149 -22.46 -24.47 61.95
N LEU A 150 -21.93 -24.52 60.73
CA LEU A 150 -21.78 -23.33 59.92
C LEU A 150 -23.12 -22.69 59.64
N GLN A 151 -24.11 -23.51 59.27
CA GLN A 151 -25.44 -22.97 58.96
C GLN A 151 -26.08 -22.35 60.19
N LEU A 152 -25.86 -22.94 61.36
CA LEU A 152 -26.39 -22.36 62.59
C LEU A 152 -25.75 -21.01 62.89
N PHE A 153 -24.42 -20.95 62.80
CA PHE A 153 -23.73 -19.68 63.00
C PHE A 153 -24.21 -18.64 61.99
N GLU A 154 -24.45 -19.05 60.75
CA GLU A 154 -24.93 -18.13 59.73
C GLU A 154 -26.33 -17.62 60.07
N ASP A 155 -27.21 -18.50 60.55
CA ASP A 155 -28.52 -18.06 61.00
C ASP A 155 -28.39 -16.99 62.08
N LEU A 156 -27.49 -17.21 63.04
CA LEU A 156 -27.36 -16.24 64.13
C LEU A 156 -26.81 -14.91 63.63
N VAL A 157 -25.77 -14.95 62.80
CA VAL A 157 -25.21 -13.70 62.27
C VAL A 157 -26.26 -12.97 61.43
N TYR A 158 -27.09 -13.73 60.72
CA TYR A 158 -28.16 -13.11 59.94
C TYR A 158 -29.20 -12.48 60.85
N LEU A 159 -29.48 -13.12 61.98
CA LEU A 159 -30.37 -12.51 62.96
C LEU A 159 -29.80 -11.17 63.43
N HIS A 160 -28.50 -11.13 63.69
CA HIS A 160 -27.88 -9.86 64.06
C HIS A 160 -28.09 -8.82 62.96
N ARG A 161 -27.76 -9.18 61.72
CA ARG A 161 -27.90 -8.24 60.62
C ARG A 161 -29.33 -7.78 60.45
N ARG A 162 -30.30 -8.65 60.73
CA ARG A 162 -31.71 -8.26 60.65
C ARG A 162 -32.08 -7.32 61.80
N ASN A 163 -31.48 -7.53 62.97
CA ASN A 163 -31.58 -6.52 64.02
C ASN A 163 -31.10 -5.17 63.50
N VAL A 164 -30.00 -5.17 62.74
CA VAL A 164 -29.49 -3.92 62.18
C VAL A 164 -30.54 -3.26 61.30
N MET A 165 -31.21 -4.04 60.45
CA MET A 165 -32.26 -3.47 59.62
C MET A 165 -33.50 -3.11 60.43
N GLY A 166 -33.72 -3.82 61.55
CA GLY A 166 -34.85 -3.53 62.41
C GLY A 166 -36.19 -3.98 61.89
N HIS A 167 -36.23 -4.71 60.77
CA HIS A 167 -37.51 -5.12 60.20
C HIS A 167 -38.21 -6.15 61.08
N ALA A 168 -37.46 -7.11 61.60
CA ALA A 168 -38.05 -8.17 62.40
C ALA A 168 -37.09 -8.55 63.53
N VAL A 169 -37.62 -9.28 64.50
CA VAL A 169 -36.85 -9.77 65.64
C VAL A 169 -37.23 -11.22 65.89
N GLU A 170 -36.23 -12.09 65.96
CA GLU A 170 -36.45 -13.51 66.16
C GLU A 170 -36.34 -13.93 67.62
N TRP A 171 -35.97 -13.01 68.50
CA TRP A 171 -35.75 -13.33 69.90
C TRP A 171 -37.05 -13.80 70.55
N PRO A 172 -37.06 -14.97 71.21
CA PRO A 172 -35.91 -15.87 71.36
C PRO A 172 -35.64 -16.69 70.10
N VAL A 173 -34.37 -16.79 69.71
CA VAL A 173 -33.98 -17.38 68.45
C VAL A 173 -33.40 -18.76 68.71
N VAL A 174 -34.03 -19.79 68.14
CA VAL A 174 -33.54 -21.16 68.21
C VAL A 174 -33.23 -21.61 66.79
N MET A 175 -31.99 -22.03 66.56
CA MET A 175 -31.54 -22.38 65.22
C MET A 175 -32.18 -23.67 64.74
N SER A 176 -32.62 -23.66 63.48
CA SER A 176 -33.19 -24.87 62.90
C SER A 176 -32.19 -26.02 62.92
N ARG A 177 -30.92 -25.71 62.70
CA ARG A 177 -29.91 -26.75 62.60
C ARG A 177 -29.58 -27.32 63.97
N PHE A 178 -29.13 -28.58 63.97
CA PHE A 178 -28.69 -29.33 65.14
C PHE A 178 -29.85 -29.84 65.98
N LEU A 179 -31.09 -29.70 65.52
CA LEU A 179 -32.20 -30.41 66.15
C LEU A 179 -31.93 -31.90 66.09
N SER A 180 -32.04 -32.57 67.23
CA SER A 180 -31.66 -33.97 67.33
C SER A 180 -32.77 -34.77 67.99
N GLN A 181 -32.83 -36.06 67.64
CA GLN A 181 -33.78 -36.97 68.27
C GLN A 181 -33.43 -37.23 69.72
N LEU A 182 -32.16 -37.05 70.08
CA LEU A 182 -31.73 -37.34 71.45
C LEU A 182 -32.48 -36.48 72.46
N ASP A 183 -32.66 -35.19 72.15
CA ASP A 183 -33.34 -34.30 73.09
C ASP A 183 -34.69 -34.87 73.52
N GLU A 184 -35.47 -35.34 72.56
CA GLU A 184 -36.76 -35.98 72.82
C GLU A 184 -36.78 -37.29 72.04
N HIS A 185 -36.24 -38.35 72.65
CA HIS A 185 -36.16 -39.65 71.99
C HIS A 185 -37.44 -40.44 72.19
N SER A 191 -36.73 -30.37 70.42
CA SER A 191 -35.37 -30.39 70.92
C SER A 191 -35.10 -29.20 71.83
N ALA A 192 -33.84 -28.79 71.93
CA ALA A 192 -33.47 -27.66 72.78
C ALA A 192 -32.46 -26.77 72.06
N PRO A 193 -32.74 -26.32 70.85
CA PRO A 193 -31.78 -25.46 70.14
C PRO A 193 -31.51 -24.19 70.93
N LEU A 194 -30.30 -23.63 70.76
CA LEU A 194 -29.92 -22.41 71.54
C LEU A 194 -31.08 -21.42 71.55
N GLN A 195 -31.41 -20.83 72.71
CA GLN A 195 -32.44 -19.76 72.71
C GLN A 195 -31.79 -18.46 73.19
N LEU A 196 -31.92 -17.37 72.43
CA LEU A 196 -31.37 -16.06 72.87
C LEU A 196 -32.49 -15.01 72.88
N MET A 197 -32.48 -14.09 73.83
CA MET A 197 -33.54 -13.10 74.03
C MET A 197 -33.07 -11.65 74.14
N SER A 198 -31.77 -11.38 74.19
CA SER A 198 -31.26 -10.00 74.15
C SER A 198 -30.03 -9.95 73.26
N MET A 199 -29.97 -8.94 72.39
CA MET A 199 -28.98 -8.87 71.31
C MET A 199 -27.58 -9.25 71.77
N GLN A 200 -27.26 -8.95 73.02
CA GLN A 200 -25.97 -9.34 73.57
C GLN A 200 -25.84 -10.85 73.68
N ASN A 201 -26.94 -11.55 73.99
CA ASN A 201 -26.93 -13.01 73.96
C ASN A 201 -26.53 -13.51 72.58
N LEU A 202 -27.11 -12.92 71.53
CA LEU A 202 -26.66 -13.19 70.17
C LEU A 202 -25.15 -13.00 70.07
N GLU A 203 -24.68 -11.78 70.32
CA GLU A 203 -23.27 -11.45 70.23
C GLU A 203 -22.40 -12.53 70.85
N PHE A 204 -22.78 -13.01 72.04
CA PHE A 204 -22.00 -14.06 72.69
C PHE A 204 -22.08 -15.37 71.93
N ILE A 205 -23.27 -15.75 71.48
CA ILE A 205 -23.41 -16.97 70.69
C ILE A 205 -22.51 -16.91 69.46
N GLU A 206 -22.49 -15.76 68.80
CA GLU A 206 -21.67 -15.58 67.60
C GLU A 206 -20.19 -15.64 67.93
N VAL A 207 -19.80 -15.09 69.07
CA VAL A 207 -18.40 -15.17 69.50
C VAL A 207 -18.00 -16.63 69.67
N THR A 208 -18.83 -17.39 70.40
CA THR A 208 -18.56 -18.81 70.58
C THR A 208 -18.47 -19.53 69.24
N LEU A 209 -19.41 -19.22 68.34
CA LEU A 209 -19.45 -19.91 67.05
C LEU A 209 -18.22 -19.57 66.20
N LEU A 210 -17.78 -18.31 66.23
CA LEU A 210 -16.59 -17.92 65.50
C LEU A 210 -15.37 -18.59 66.08
N MET A 211 -15.30 -18.71 67.41
CA MET A 211 -14.22 -19.46 68.02
C MET A 211 -14.21 -20.90 67.52
N VAL A 212 -15.39 -21.53 67.45
CA VAL A 212 -15.48 -22.90 66.96
C VAL A 212 -15.02 -22.98 65.51
N LEU A 213 -15.48 -22.04 64.68
CA LEU A 213 -15.06 -22.01 63.29
C LEU A 213 -13.55 -21.92 63.19
N THR A 214 -12.93 -21.00 63.94
CA THR A 214 -11.49 -20.89 63.94
C THR A 214 -10.83 -22.20 64.34
N ARG A 215 -11.33 -22.82 65.42
CA ARG A 215 -10.68 -24.02 65.92
C ARG A 215 -10.72 -25.14 64.89
N ILE A 216 -11.84 -25.28 64.19
CA ILE A 216 -11.90 -26.27 63.12
C ILE A 216 -11.27 -25.77 61.82
N ILE A 217 -10.89 -24.49 61.78
CA ILE A 217 -10.52 -23.84 60.52
C ILE A 217 -9.61 -24.72 59.68
N ALA A 218 -8.66 -25.40 60.32
CA ALA A 218 -7.74 -26.23 59.56
C ALA A 218 -8.49 -27.24 58.70
N ILE A 219 -9.38 -28.01 59.32
CA ILE A 219 -10.11 -29.03 58.58
C ILE A 219 -11.22 -28.41 57.75
N VAL A 220 -11.78 -27.28 58.21
CA VAL A 220 -12.95 -26.72 57.55
C VAL A 220 -12.56 -26.00 56.27
N PHE A 221 -11.42 -25.33 56.26
CA PHE A 221 -11.07 -24.52 55.10
C PHE A 221 -10.92 -25.40 53.86
N PHE A 222 -11.63 -25.02 52.81
CA PHE A 222 -11.48 -25.62 51.50
C PHE A 222 -11.29 -24.50 50.48
N ARG A 223 -11.06 -24.90 49.23
CA ARG A 223 -11.02 -23.93 48.14
C ARG A 223 -12.40 -23.32 47.99
N ARG A 224 -12.52 -22.02 48.28
CA ARG A 224 -13.74 -21.22 48.20
C ARG A 224 -14.63 -21.42 49.43
N GLN A 225 -14.30 -22.33 50.34
CA GLN A 225 -14.97 -22.31 51.64
C GLN A 225 -14.75 -20.97 52.32
N GLU A 226 -13.60 -20.35 52.08
CA GLU A 226 -13.28 -19.08 52.72
C GLU A 226 -14.14 -17.96 52.15
N LEU A 227 -14.68 -18.13 50.95
CA LEU A 227 -15.52 -17.08 50.38
C LEU A 227 -16.74 -16.82 51.27
N LEU A 228 -17.50 -17.86 51.58
CA LEU A 228 -18.67 -17.69 52.44
C LEU A 228 -18.26 -17.22 53.82
N LEU A 229 -17.19 -17.81 54.38
CA LEU A 229 -16.72 -17.40 55.68
C LEU A 229 -16.37 -15.92 55.70
N TRP A 230 -15.80 -15.42 54.59
CA TRP A 230 -15.37 -14.04 54.54
C TRP A 230 -16.55 -13.11 54.38
N GLN A 231 -17.59 -13.55 53.66
CA GLN A 231 -18.84 -12.78 53.66
C GLN A 231 -19.40 -12.68 55.08
N ILE A 232 -19.45 -13.81 55.78
CA ILE A 232 -19.94 -13.81 57.16
C ILE A 232 -19.10 -12.86 58.01
N GLY A 233 -17.78 -12.89 57.82
CA GLY A 233 -16.92 -12.02 58.60
C GLY A 233 -17.08 -10.56 58.24
N CYS A 234 -17.34 -10.28 56.97
CA CYS A 234 -17.61 -8.90 56.57
C CYS A 234 -18.85 -8.38 57.26
N VAL A 235 -19.89 -9.23 57.35
CA VAL A 235 -21.08 -8.83 58.11
C VAL A 235 -20.71 -8.61 59.58
N LEU A 236 -19.99 -9.55 60.16
CA LEU A 236 -19.58 -9.41 61.57
C LEU A 236 -18.85 -8.09 61.80
N LEU A 237 -18.01 -7.68 60.85
CA LEU A 237 -17.35 -6.39 60.97
C LEU A 237 -18.36 -5.26 60.81
N GLU A 238 -19.33 -5.42 59.91
CA GLU A 238 -20.32 -4.33 59.65
C GLU A 238 -20.71 -3.71 60.99
N TYR A 239 -21.29 -4.50 61.91
CA TYR A 239 -21.55 -3.98 63.27
C TYR A 239 -20.65 -4.76 64.19
N GLY A 240 -19.80 -4.09 64.97
CA GLY A 240 -18.79 -4.84 65.75
C GLY A 240 -18.75 -4.51 67.22
N SER A 241 -18.99 -5.51 68.07
CA SER A 241 -18.87 -5.30 69.51
C SER A 241 -17.39 -5.37 69.89
N PRO A 242 -16.93 -4.50 70.80
CA PRO A 242 -15.49 -4.31 71.00
C PRO A 242 -14.64 -5.58 70.93
N LYS A 243 -15.10 -6.66 71.55
CA LYS A 243 -14.32 -7.89 71.60
C LYS A 243 -14.64 -8.85 70.47
N ILE A 244 -15.92 -9.04 70.16
CA ILE A 244 -16.28 -9.83 68.98
C ILE A 244 -15.69 -9.18 67.73
N LYS A 245 -15.68 -7.85 67.69
CA LYS A 245 -15.05 -7.15 66.59
C LYS A 245 -13.59 -7.54 66.46
N SER A 246 -12.86 -7.54 67.58
CA SER A 246 -11.45 -7.90 67.54
C SER A 246 -11.26 -9.32 67.05
N LEU A 247 -12.01 -10.26 67.62
CA LEU A 247 -11.85 -11.66 67.23
C LEU A 247 -12.21 -11.86 65.76
N ALA A 248 -13.20 -11.12 65.26
CA ALA A 248 -13.57 -11.24 63.86
C ALA A 248 -12.50 -10.66 62.95
N ILE A 249 -11.90 -9.54 63.37
CA ILE A 249 -10.72 -9.02 62.69
C ILE A 249 -9.69 -10.13 62.55
N SER A 250 -9.33 -10.73 63.68
CA SER A 250 -8.37 -11.82 63.67
C SER A 250 -8.81 -12.93 62.73
N PHE A 251 -10.11 -13.24 62.71
CA PHE A 251 -10.60 -14.37 61.93
C PHE A 251 -10.49 -14.10 60.44
N LEU A 252 -10.94 -12.93 59.99
CA LEU A 252 -10.80 -12.62 58.58
C LEU A 252 -9.35 -12.57 58.17
N THR A 253 -8.48 -12.03 59.04
CA THR A 253 -7.05 -12.06 58.76
C THR A 253 -6.56 -13.50 58.59
N GLU A 254 -6.95 -14.36 59.52
CA GLU A 254 -6.55 -15.76 59.46
C GLU A 254 -6.97 -16.38 58.14
N LEU A 255 -8.24 -16.22 57.77
CA LEU A 255 -8.73 -16.77 56.50
C LEU A 255 -7.93 -16.22 55.32
N PHE A 256 -7.70 -14.90 55.33
CA PHE A 256 -6.86 -14.25 54.34
C PHE A 256 -5.56 -15.02 54.16
N GLN A 257 -4.93 -15.36 55.28
CA GLN A 257 -3.72 -16.17 55.19
C GLN A 257 -4.02 -17.58 54.69
N LEU A 258 -5.11 -18.16 55.14
CA LEU A 258 -5.37 -19.58 54.91
C LEU A 258 -5.57 -19.87 53.44
N GLY A 259 -6.23 -18.96 52.73
CA GLY A 259 -6.51 -19.21 51.30
C GLY A 259 -6.21 -18.03 50.42
N GLY A 260 -5.37 -17.10 50.90
CA GLY A 260 -5.13 -15.89 50.11
C GLY A 260 -6.32 -14.96 50.27
N LEU A 261 -6.42 -13.93 49.44
CA LEU A 261 -7.63 -13.08 49.51
C LEU A 261 -8.25 -12.94 48.13
N PRO A 262 -9.47 -13.46 47.88
CA PRO A 262 -10.13 -13.21 46.59
C PRO A 262 -10.38 -11.71 46.43
N ALA A 263 -10.25 -11.24 45.20
CA ALA A 263 -10.40 -9.81 44.95
C ALA A 263 -11.77 -9.30 45.39
N GLN A 264 -12.83 -9.93 44.90
CA GLN A 264 -14.18 -9.46 45.21
C GLN A 264 -14.47 -9.45 46.70
N PRO A 265 -14.32 -10.55 47.45
CA PRO A 265 -14.70 -10.51 48.86
C PRO A 265 -13.99 -9.40 49.61
N ALA A 266 -12.74 -9.11 49.23
CA ALA A 266 -11.97 -8.10 49.92
C ALA A 266 -12.62 -6.73 49.85
N SER A 267 -13.39 -6.45 48.79
CA SER A 267 -14.06 -5.17 48.70
C SER A 267 -15.11 -5.03 49.79
N THR A 268 -15.94 -6.05 49.96
CA THR A 268 -16.98 -6.03 50.97
C THR A 268 -16.40 -5.66 52.32
N PHE A 269 -15.49 -6.49 52.83
CA PHE A 269 -14.91 -6.23 54.14
C PHE A 269 -14.14 -4.91 54.16
N PHE A 270 -13.47 -4.57 53.06
CA PHE A 270 -12.65 -3.36 53.03
C PHE A 270 -13.49 -2.12 53.29
N SER A 271 -14.70 -2.08 52.73
CA SER A 271 -15.57 -0.92 52.96
C SER A 271 -15.80 -0.70 54.46
N SER A 272 -16.42 -1.68 55.11
CA SER A 272 -16.67 -1.59 56.54
C SER A 272 -15.40 -1.31 57.31
N PHE A 273 -14.27 -1.87 56.86
CA PHE A 273 -13.01 -1.68 57.55
C PHE A 273 -12.60 -0.22 57.57
N LEU A 274 -12.59 0.42 56.40
CA LEU A 274 -12.24 1.83 56.34
C LEU A 274 -13.22 2.66 57.16
N GLU A 275 -14.50 2.29 57.13
CA GLU A 275 -15.46 3.00 57.98
C GLU A 275 -15.05 2.93 59.45
N LEU A 276 -14.69 1.74 59.92
CA LEU A 276 -14.22 1.59 61.28
C LEU A 276 -13.02 2.48 61.56
N LEU A 277 -12.04 2.46 60.66
CA LEU A 277 -10.87 3.31 60.84
C LEU A 277 -11.29 4.75 61.07
N LYS A 278 -12.15 5.28 60.20
CA LYS A 278 -12.58 6.66 60.36
C LYS A 278 -13.25 6.87 61.72
N HIS A 279 -14.09 5.93 62.15
CA HIS A 279 -14.77 6.10 63.42
C HIS A 279 -13.84 6.07 64.62
N LEU A 280 -12.63 5.55 64.42
CA LEU A 280 -11.70 5.42 65.55
C LEU A 280 -11.69 6.66 66.45
N VAL A 281 -11.50 7.84 65.88
CA VAL A 281 -11.33 9.03 66.72
C VAL A 281 -12.58 9.29 67.55
N GLU A 282 -13.75 9.17 66.93
CA GLU A 282 -14.98 9.34 67.69
C GLU A 282 -15.09 8.27 68.78
N MET A 283 -14.61 7.08 68.49
CA MET A 283 -14.71 5.98 69.45
C MET A 283 -13.99 6.32 70.74
N ASP A 284 -14.60 5.95 71.86
CA ASP A 284 -13.92 5.99 73.13
C ASP A 284 -12.82 4.94 73.15
N THR A 285 -11.74 5.24 73.88
CA THR A 285 -10.59 4.32 73.91
C THR A 285 -11.00 2.94 74.38
N ASP A 286 -11.89 2.88 75.38
CA ASP A 286 -12.32 1.58 75.91
C ASP A 286 -12.88 0.69 74.82
N GLN A 287 -13.59 1.27 73.85
CA GLN A 287 -14.25 0.50 72.82
C GLN A 287 -13.34 0.25 71.62
N LEU A 288 -12.74 1.31 71.06
CA LEU A 288 -11.86 1.12 69.92
C LEU A 288 -10.68 0.23 70.27
N LYS A 289 -10.04 0.48 71.41
CA LYS A 289 -8.88 -0.31 71.79
C LYS A 289 -9.23 -1.78 71.94
N LEU A 290 -10.45 -2.08 72.37
CA LEU A 290 -10.86 -3.47 72.54
C LEU A 290 -10.50 -4.30 71.32
N TYR A 291 -10.62 -3.73 70.12
CA TYR A 291 -10.31 -4.43 68.89
C TYR A 291 -9.09 -3.87 68.16
N GLU A 292 -8.53 -2.76 68.62
CA GLU A 292 -7.39 -2.14 67.92
C GLU A 292 -6.25 -3.13 67.72
N GLU A 293 -5.76 -3.72 68.81
CA GLU A 293 -4.64 -4.64 68.71
C GLU A 293 -4.92 -5.66 67.60
N PRO A 294 -6.05 -6.36 67.69
CA PRO A 294 -6.45 -7.22 66.56
C PRO A 294 -6.49 -6.47 65.26
N LEU A 295 -6.93 -5.20 65.29
CA LEU A 295 -6.84 -4.37 64.09
C LEU A 295 -5.40 -4.30 63.60
N SER A 296 -4.46 -4.06 64.50
CA SER A 296 -3.07 -3.90 64.09
C SER A 296 -2.54 -5.18 63.46
N LYS A 297 -2.84 -6.32 64.06
CA LYS A 297 -2.38 -7.59 63.50
C LYS A 297 -3.03 -7.84 62.14
N LEU A 298 -4.33 -7.60 62.03
CA LEU A 298 -5.01 -7.75 60.76
C LEU A 298 -4.36 -6.87 59.69
N ILE A 299 -4.00 -5.64 60.06
CA ILE A 299 -3.35 -4.75 59.11
C ILE A 299 -2.01 -5.31 58.69
N LYS A 300 -1.20 -5.71 59.67
CA LYS A 300 0.07 -6.36 59.37
C LYS A 300 -0.11 -7.44 58.32
N THR A 301 -1.07 -8.33 58.53
CA THR A 301 -1.29 -9.40 57.58
C THR A 301 -1.72 -8.86 56.22
N LEU A 302 -2.65 -7.89 56.23
CA LEU A 302 -3.13 -7.33 54.96
C LEU A 302 -2.08 -6.46 54.30
N PHE A 303 -1.30 -5.73 55.09
CA PHE A 303 -0.24 -4.87 54.57
C PHE A 303 1.09 -5.34 55.13
N PRO A 304 1.49 -6.57 54.86
CA PRO A 304 2.78 -7.06 55.34
C PRO A 304 3.92 -6.37 54.61
N PHE A 305 4.90 -5.89 55.37
CA PHE A 305 6.08 -5.29 54.78
C PHE A 305 6.69 -6.19 53.71
N GLU A 306 6.47 -7.49 53.80
CA GLU A 306 7.15 -8.47 52.97
C GLU A 306 6.63 -8.40 51.53
N ALA A 307 7.20 -9.26 50.68
CA ALA A 307 6.97 -9.19 49.25
C ALA A 307 5.55 -9.59 48.87
N GLU A 308 4.98 -8.87 47.91
CA GLU A 308 3.70 -9.12 47.28
C GLU A 308 2.51 -8.73 48.15
N ALA A 309 2.73 -8.30 49.39
CA ALA A 309 1.62 -7.84 50.21
C ALA A 309 0.80 -6.77 49.49
N TYR A 310 1.44 -6.07 48.54
CA TYR A 310 0.72 -5.15 47.67
C TYR A 310 -0.14 -5.87 46.66
N ARG A 311 0.21 -7.11 46.31
CA ARG A 311 -0.65 -7.88 45.42
C ARG A 311 -1.94 -8.30 46.12
N ASN A 312 -1.83 -8.78 47.37
CA ASN A 312 -3.00 -9.11 48.17
C ASN A 312 -4.05 -8.02 48.10
N ILE A 313 -3.67 -6.81 48.49
CA ILE A 313 -4.60 -5.68 48.48
C ILE A 313 -4.88 -5.25 47.05
N GLU A 314 -6.10 -4.81 46.80
CA GLU A 314 -6.45 -4.25 45.50
C GLU A 314 -5.82 -2.87 45.37
N PRO A 315 -5.16 -2.57 44.26
CA PRO A 315 -4.49 -1.25 44.14
C PRO A 315 -5.37 -0.09 44.54
N VAL A 316 -6.63 -0.10 44.11
CA VAL A 316 -7.57 0.94 44.54
C VAL A 316 -7.66 0.96 46.05
N TYR A 317 -7.67 -0.22 46.68
CA TYR A 317 -7.75 -0.27 48.13
C TYR A 317 -6.52 0.36 48.77
N LEU A 318 -5.33 0.10 48.20
CA LEU A 318 -4.13 0.72 48.74
C LEU A 318 -4.19 2.23 48.63
N ASN A 319 -4.64 2.75 47.48
CA ASN A 319 -4.80 4.19 47.34
C ASN A 319 -5.77 4.72 48.37
N MET A 320 -6.92 4.06 48.52
CA MET A 320 -7.91 4.49 49.50
C MET A 320 -7.34 4.51 50.90
N LEU A 321 -6.49 3.53 51.22
CA LEU A 321 -5.97 3.45 52.58
C LEU A 321 -4.93 4.52 52.85
N LEU A 322 -4.05 4.77 51.86
CA LEU A 322 -3.06 5.87 51.98
C LEU A 322 -3.87 7.17 52.00
N GLU A 323 -5.03 7.21 51.35
CA GLU A 323 -5.90 8.42 51.31
C GLU A 323 -6.59 8.54 52.67
N LYS A 324 -7.06 7.42 53.21
CA LYS A 324 -7.72 7.41 54.55
C LYS A 324 -6.69 7.83 55.60
N LEU A 325 -5.44 7.38 55.46
CA LEU A 325 -4.37 7.67 56.46
C LEU A 325 -4.06 9.17 56.47
N CYS A 326 -3.76 9.78 55.31
CA CYS A 326 -3.48 11.21 55.18
C CYS A 326 -4.66 12.05 55.65
N VAL A 327 -5.86 11.50 55.60
CA VAL A 327 -7.03 12.22 56.09
C VAL A 327 -6.98 12.30 57.61
N MET A 328 -6.83 11.15 58.27
CA MET A 328 -6.63 11.16 59.71
C MET A 328 -5.49 12.09 60.10
N PHE A 329 -4.47 12.20 59.25
CA PHE A 329 -3.32 13.04 59.53
C PHE A 329 -3.69 14.52 59.47
N GLU A 330 -4.39 14.92 58.40
CA GLU A 330 -4.93 16.27 58.36
C GLU A 330 -5.90 16.51 59.51
N ASP A 331 -6.61 15.47 59.93
CA ASP A 331 -7.55 15.62 61.04
C ASP A 331 -6.84 15.77 62.37
N GLY A 332 -5.60 15.28 62.48
CA GLY A 332 -4.98 15.14 63.77
C GLY A 332 -5.54 13.99 64.59
N VAL A 333 -6.46 13.22 64.02
CA VAL A 333 -7.04 12.09 64.73
C VAL A 333 -5.94 11.18 65.27
N LEU A 334 -4.87 10.99 64.51
CA LEU A 334 -3.78 10.13 64.95
C LEU A 334 -3.30 10.51 66.33
N MET A 335 -2.88 11.77 66.52
CA MET A 335 -2.43 12.21 67.82
C MET A 335 -3.53 12.13 68.86
N ARG A 336 -4.79 12.29 68.42
CA ARG A 336 -5.90 12.26 69.37
C ARG A 336 -6.03 10.90 70.03
N LEU A 337 -6.02 9.83 69.22
CA LEU A 337 -6.25 8.49 69.75
C LEU A 337 -5.23 8.17 70.84
N LYS A 338 -5.71 7.71 71.99
CA LYS A 338 -4.85 7.49 73.14
C LYS A 338 -3.77 6.46 72.83
N SER A 339 -4.11 5.42 72.08
CA SER A 339 -3.17 4.32 71.83
C SER A 339 -2.17 4.71 70.76
N ASP A 340 -0.89 4.59 71.09
CA ASP A 340 0.16 4.95 70.13
C ASP A 340 0.21 3.99 68.95
N LEU A 341 -0.03 2.71 69.20
CA LEU A 341 0.13 1.70 68.14
C LEU A 341 -0.84 1.92 66.99
N LEU A 342 -1.92 2.64 67.19
CA LEU A 342 -2.85 2.88 66.09
C LEU A 342 -2.24 3.84 65.06
N LYS A 343 -1.91 5.04 65.50
CA LYS A 343 -1.13 5.94 64.65
C LYS A 343 0.12 5.24 64.15
N ALA A 344 0.68 4.36 64.97
CA ALA A 344 1.86 3.61 64.55
C ALA A 344 1.54 2.68 63.38
N ALA A 345 0.34 2.11 63.36
CA ALA A 345 -0.05 1.26 62.24
C ALA A 345 -0.30 2.10 60.99
N LEU A 346 -0.85 3.30 61.18
CA LEU A 346 -0.94 4.23 60.06
C LEU A 346 0.45 4.48 59.47
N CYS A 347 1.43 4.77 60.35
CA CYS A 347 2.80 4.99 59.88
C CYS A 347 3.38 3.73 59.26
N HIS A 348 3.04 2.57 59.81
CA HIS A 348 3.41 1.30 59.23
C HIS A 348 2.98 1.23 57.77
N LEU A 349 1.70 1.51 57.52
CA LEU A 349 1.19 1.49 56.16
C LEU A 349 1.89 2.52 55.29
N LEU A 350 2.11 3.72 55.85
CA LEU A 350 2.79 4.76 55.09
C LEU A 350 4.16 4.30 54.62
N GLN A 351 4.94 3.72 55.52
CA GLN A 351 6.25 3.19 55.15
C GLN A 351 6.10 2.08 54.12
N TYR A 352 5.19 1.13 54.38
CA TYR A 352 4.96 0.05 53.44
C TYR A 352 4.75 0.59 52.03
N PHE A 353 4.01 1.70 51.92
CA PHE A 353 3.88 2.36 50.63
C PHE A 353 5.21 2.94 50.17
N LEU A 354 5.91 3.63 51.08
CA LEU A 354 7.12 4.33 50.70
C LEU A 354 8.13 3.37 50.07
N LYS A 355 8.60 2.41 50.86
CA LYS A 355 9.72 1.58 50.41
C LYS A 355 9.26 0.37 49.62
N PHE A 356 8.39 -0.46 50.19
CA PHE A 356 8.19 -1.78 49.62
C PHE A 356 7.35 -1.75 48.35
N VAL A 357 6.14 -1.21 48.44
CA VAL A 357 5.17 -1.34 47.36
C VAL A 357 5.77 -0.92 46.02
N PRO A 358 5.39 -1.55 44.92
CA PRO A 358 5.79 -1.04 43.61
C PRO A 358 5.23 0.36 43.40
N ALA A 359 6.12 1.30 43.08
CA ALA A 359 5.74 2.70 42.95
C ALA A 359 4.54 2.88 42.03
N GLY A 360 3.48 3.49 42.55
CA GLY A 360 2.29 3.77 41.77
C GLY A 360 1.23 2.68 41.79
N TYR A 361 1.60 1.46 42.15
CA TYR A 361 0.61 0.38 42.19
C TYR A 361 -0.54 0.72 43.14
N GLU A 362 -0.23 1.30 44.29
CA GLU A 362 -1.26 1.69 45.24
C GLU A 362 -2.10 2.86 44.72
N SER A 363 -1.44 3.86 44.15
CA SER A 363 -2.14 5.03 43.64
C SER A 363 -1.22 5.75 42.65
N ALA A 364 -1.75 6.83 42.08
CA ALA A 364 -0.94 7.68 41.21
C ALA A 364 0.19 8.32 42.02
N LEU A 365 1.35 8.46 41.37
CA LEU A 365 2.54 8.92 42.08
C LEU A 365 2.34 10.31 42.68
N GLN A 366 1.75 11.22 41.91
CA GLN A 366 1.55 12.58 42.40
C GLN A 366 0.62 12.59 43.60
N VAL A 367 -0.50 11.88 43.52
CA VAL A 367 -1.43 11.84 44.64
C VAL A 367 -0.85 11.08 45.80
N ARG A 368 0.00 10.08 45.53
CA ARG A 368 0.69 9.40 46.62
C ARG A 368 1.60 10.37 47.36
N LYS A 369 2.34 11.20 46.62
CA LYS A 369 3.11 12.26 47.26
C LYS A 369 2.21 13.22 48.03
N VAL A 370 1.00 13.44 47.51
CA VAL A 370 0.00 14.24 48.23
C VAL A 370 -0.26 13.65 49.61
N TYR A 371 -0.58 12.37 49.64
CA TYR A 371 -0.84 11.69 50.92
C TYR A 371 0.38 11.75 51.82
N VAL A 372 1.58 11.58 51.24
CA VAL A 372 2.80 11.68 52.02
C VAL A 372 2.92 13.04 52.68
N ARG A 373 2.56 14.09 51.93
CA ARG A 373 2.66 15.43 52.49
C ARG A 373 1.64 15.65 53.59
N ASN A 374 0.43 15.11 53.43
CA ASN A 374 -0.54 15.16 54.52
C ASN A 374 0.01 14.46 55.76
N ILE A 375 0.66 13.31 55.57
CA ILE A 375 1.26 12.59 56.69
C ILE A 375 2.32 13.45 57.37
N CYS A 376 3.17 14.09 56.56
CA CYS A 376 4.19 14.97 57.11
C CYS A 376 3.58 16.10 57.93
N LYS A 377 2.52 16.70 57.40
CA LYS A 377 1.82 17.76 58.13
C LYS A 377 1.37 17.26 59.49
N ALA A 378 0.65 16.14 59.52
CA ALA A 378 0.19 15.60 60.80
C ALA A 378 1.36 15.32 61.74
N LEU A 379 2.41 14.69 61.23
CA LEU A 379 3.54 14.31 62.07
C LEU A 379 4.19 15.53 62.71
N LEU A 380 4.42 16.58 61.92
CA LEU A 380 5.10 17.76 62.46
C LEU A 380 4.42 18.25 63.73
N ASP A 381 3.09 18.30 63.73
CA ASP A 381 2.36 18.75 64.91
C ASP A 381 2.41 17.70 66.01
N VAL A 382 2.09 16.44 65.66
CA VAL A 382 1.99 15.41 66.69
C VAL A 382 3.30 15.29 67.46
N LEU A 383 4.43 15.45 66.77
CA LEU A 383 5.72 15.31 67.43
C LEU A 383 5.88 16.36 68.54
N GLY A 384 5.59 17.62 68.22
CA GLY A 384 5.65 18.65 69.23
C GLY A 384 4.68 18.41 70.37
N ILE A 385 3.52 17.81 70.04
CA ILE A 385 2.53 17.52 71.07
C ILE A 385 3.01 16.39 71.98
N GLU A 386 3.33 15.24 71.39
CA GLU A 386 3.73 14.09 72.19
C GLU A 386 5.03 14.38 72.93
N VAL A 387 5.12 13.87 74.15
CA VAL A 387 6.37 13.99 74.92
C VAL A 387 7.50 13.26 74.19
N ASP A 388 7.19 12.11 73.61
CA ASP A 388 8.17 11.32 72.86
C ASP A 388 7.70 11.17 71.42
N ALA A 389 8.52 11.61 70.48
CA ALA A 389 8.23 11.50 69.06
C ALA A 389 8.75 10.19 68.46
N GLU A 390 9.37 9.34 69.27
CA GLU A 390 9.97 8.11 68.74
C GLU A 390 8.95 7.29 67.97
N TYR A 391 7.76 7.09 68.54
CA TYR A 391 6.73 6.32 67.85
C TYR A 391 6.32 6.95 66.53
N LEU A 392 6.90 8.10 66.19
CA LEU A 392 6.71 8.72 64.88
C LEU A 392 8.02 8.99 64.16
N LEU A 393 9.15 8.95 64.86
CA LEU A 393 10.44 9.18 64.22
C LEU A 393 10.61 8.37 62.96
N GLY A 394 10.28 7.10 63.02
CA GLY A 394 10.52 6.19 61.92
C GLY A 394 9.88 6.65 60.62
N PRO A 395 8.55 6.64 60.56
CA PRO A 395 7.86 7.03 59.34
C PRO A 395 8.49 8.27 58.71
N LEU A 396 8.79 9.23 59.57
CA LEU A 396 9.48 10.44 59.14
C LEU A 396 10.79 10.13 58.45
N TYR A 397 11.70 9.45 59.16
CA TYR A 397 12.99 9.08 58.61
C TYR A 397 12.85 8.41 57.25
N ALA A 398 11.90 7.48 57.14
CA ALA A 398 11.67 6.78 55.88
C ALA A 398 11.29 7.77 54.79
N ALA A 399 10.33 8.64 55.08
CA ALA A 399 9.93 9.64 54.10
C ALA A 399 11.12 10.50 53.68
N LEU A 400 11.95 10.88 54.66
CA LEU A 400 13.13 11.70 54.35
C LEU A 400 14.02 10.98 53.35
N LYS A 401 14.33 9.72 53.63
CA LYS A 401 15.20 8.96 52.73
C LYS A 401 14.57 8.85 51.33
N MET A 402 13.27 8.58 51.26
CA MET A 402 12.61 8.45 49.97
C MET A 402 12.67 9.77 49.19
N GLU A 403 12.42 10.88 49.88
CA GLU A 403 12.51 12.18 49.23
C GLU A 403 13.91 12.43 48.71
N SER A 404 14.93 12.04 49.49
CA SER A 404 16.31 12.19 49.01
C SER A 404 16.53 11.35 47.76
N MET A 405 15.98 10.14 47.74
CA MET A 405 16.09 9.29 46.55
C MET A 405 15.54 10.02 45.34
N GLU A 406 14.33 10.55 45.44
CA GLU A 406 13.73 11.25 44.30
C GLU A 406 14.56 12.47 43.93
N ILE A 407 15.07 13.20 44.94
CA ILE A 407 15.83 14.42 44.69
C ILE A 407 17.06 14.10 43.84
N ILE A 408 17.82 13.10 44.27
CA ILE A 408 19.05 12.74 43.55
C ILE A 408 18.77 12.59 42.06
N GLU A 409 17.74 11.81 41.72
CA GLU A 409 17.37 11.65 40.32
C GLU A 409 17.01 12.97 39.70
N GLU A 410 16.29 13.83 40.43
CA GLU A 410 15.95 15.15 39.90
C GLU A 410 17.21 15.93 39.51
N ILE A 411 18.27 15.79 40.31
CA ILE A 411 19.44 16.65 40.13
C ILE A 411 20.16 16.32 38.83
N GLN A 412 20.30 15.04 38.51
CA GLN A 412 21.05 14.60 37.34
C GLN A 412 20.11 13.87 36.39
N CYS A 413 20.22 14.21 35.10
CA CYS A 413 19.39 13.59 34.08
C CYS A 413 19.81 12.13 33.85
N HIS A 453 24.98 20.98 43.57
CA HIS A 453 24.92 20.77 45.01
C HIS A 453 23.73 21.49 45.62
N VAL A 454 22.72 20.72 46.00
CA VAL A 454 21.54 21.25 46.68
C VAL A 454 21.32 20.44 47.94
N ASP A 455 21.14 21.13 49.07
CA ASP A 455 20.88 20.46 50.32
C ASP A 455 19.72 19.50 50.18
N MET A 456 19.82 18.34 50.84
CA MET A 456 18.69 17.43 50.89
C MET A 456 17.47 18.08 51.52
N ASN A 457 17.67 19.20 52.23
CA ASN A 457 16.56 19.94 52.83
C ASN A 457 15.96 20.93 51.84
N GLN A 458 16.78 21.83 51.30
CA GLN A 458 16.29 22.83 50.35
C GLN A 458 15.72 22.18 49.10
N LYS A 459 16.12 20.96 48.78
CA LYS A 459 15.62 20.29 47.58
C LYS A 459 14.17 19.84 47.75
N SER A 460 13.84 19.28 48.92
CA SER A 460 12.50 18.78 49.19
C SER A 460 11.71 19.82 49.98
N ILE A 461 10.62 20.31 49.37
CA ILE A 461 9.79 21.30 50.03
C ILE A 461 9.12 20.71 51.26
N LEU A 462 8.64 19.47 51.15
CA LEU A 462 8.09 18.80 52.33
C LEU A 462 9.16 18.57 53.38
N TRP A 463 10.35 18.12 52.96
CA TRP A 463 11.47 18.08 53.88
C TRP A 463 11.86 19.47 54.36
N SER A 464 11.59 20.51 53.57
CA SER A 464 11.80 21.86 54.05
C SER A 464 10.84 22.19 55.20
N ALA A 465 9.59 21.73 55.09
CA ALA A 465 8.65 21.91 56.20
C ALA A 465 9.09 21.11 57.42
N LEU A 466 9.65 19.92 57.19
CA LEU A 466 10.23 19.15 58.29
C LEU A 466 11.36 19.92 58.95
N LYS A 467 12.20 20.57 58.14
CA LYS A 467 13.28 21.38 58.68
C LYS A 467 12.74 22.56 59.46
N GLN A 468 11.62 23.14 58.99
CA GLN A 468 10.96 24.19 59.75
C GLN A 468 10.51 23.65 61.10
N LYS A 469 9.94 22.46 61.13
CA LYS A 469 9.54 21.85 62.39
C LYS A 469 10.73 21.69 63.33
N ALA A 470 11.84 21.20 62.79
CA ALA A 470 13.03 21.01 63.62
C ALA A 470 13.55 22.35 64.15
N GLU A 471 13.62 23.35 63.27
CA GLU A 471 14.05 24.68 63.71
C GLU A 471 13.12 25.23 64.77
N SER A 472 11.82 24.95 64.65
CA SER A 472 10.87 25.41 65.66
C SER A 472 11.11 24.71 66.99
N LEU A 473 11.40 23.41 66.96
CA LEU A 473 11.73 22.70 68.19
C LEU A 473 12.95 23.32 68.87
N GLN A 474 14.02 23.53 68.09
CA GLN A 474 15.23 24.14 68.64
C GLN A 474 14.94 25.52 69.21
N ILE A 475 14.20 26.34 68.47
CA ILE A 475 13.90 27.70 68.91
C ILE A 475 13.11 27.67 70.21
N SER A 476 12.05 26.85 70.26
CA SER A 476 11.27 26.72 71.48
C SER A 476 12.16 26.33 72.65
N LEU A 477 13.06 25.36 72.43
CA LEU A 477 14.01 25.00 73.48
C LEU A 477 14.78 26.24 73.95
N GLU A 478 15.42 26.94 73.02
CA GLU A 478 16.24 28.10 73.39
C GLU A 478 15.38 29.22 73.96
N TYR A 479 14.28 29.55 73.28
CA TYR A 479 13.48 30.71 73.68
C TYR A 479 12.79 30.46 75.02
N SER A 480 12.26 29.26 75.23
CA SER A 480 11.48 29.00 76.43
C SER A 480 12.33 29.15 77.68
N GLY A 481 13.54 28.59 77.66
CA GLY A 481 14.34 28.55 78.87
C GLY A 481 13.73 27.64 79.91
N LEU A 482 13.23 28.21 81.00
CA LEU A 482 12.60 27.41 82.03
C LEU A 482 11.15 27.08 81.71
N LYS A 483 10.49 27.94 80.93
CA LYS A 483 9.05 27.79 80.68
C LYS A 483 8.73 26.43 80.06
N ASN A 484 9.28 26.17 78.89
CA ASN A 484 8.97 24.92 78.20
C ASN A 484 9.40 23.74 79.04
N PRO A 485 8.60 22.66 79.08
CA PRO A 485 9.05 21.46 79.81
C PRO A 485 10.30 20.89 79.16
N VAL A 486 11.42 20.95 79.89
CA VAL A 486 12.70 20.55 79.32
C VAL A 486 12.60 19.19 78.65
N ILE A 487 11.90 18.25 79.30
CA ILE A 487 11.83 16.89 78.78
C ILE A 487 11.20 16.87 77.40
N GLU A 488 10.01 17.48 77.26
CA GLU A 488 9.27 17.39 76.02
C GLU A 488 10.00 18.11 74.88
N MET A 489 10.36 19.38 75.10
CA MET A 489 11.04 20.14 74.06
C MET A 489 12.36 19.49 73.68
N LEU A 490 13.11 19.02 74.68
CA LEU A 490 14.36 18.34 74.40
C LEU A 490 14.13 17.07 73.59
N GLU A 491 13.06 16.33 73.89
CA GLU A 491 12.76 15.13 73.13
C GLU A 491 12.46 15.47 71.68
N GLY A 492 11.69 16.54 71.46
CA GLY A 492 11.42 16.95 70.10
C GLY A 492 12.67 17.35 69.36
N ILE A 493 13.51 18.17 69.99
CA ILE A 493 14.75 18.59 69.36
C ILE A 493 15.63 17.39 69.05
N ALA A 494 15.66 16.42 69.96
CA ALA A 494 16.47 15.23 69.76
C ALA A 494 15.95 14.40 68.61
N VAL A 495 14.63 14.27 68.48
CA VAL A 495 14.06 13.56 67.34
C VAL A 495 14.47 14.22 66.03
N VAL A 496 14.35 15.56 65.98
CA VAL A 496 14.71 16.27 64.76
C VAL A 496 16.18 16.05 64.43
N LEU A 497 17.06 16.26 65.42
CA LEU A 497 18.49 16.12 65.18
C LEU A 497 18.85 14.69 64.79
N GLN A 498 18.18 13.71 65.39
CA GLN A 498 18.44 12.32 65.06
C GLN A 498 18.06 12.04 63.61
N LEU A 499 16.91 12.56 63.17
CA LEU A 499 16.56 12.42 61.76
C LEU A 499 17.64 13.04 60.88
N THR A 500 18.09 14.24 61.25
CA THR A 500 19.10 14.91 60.43
C THR A 500 20.37 14.07 60.31
N ALA A 501 20.85 13.55 61.45
CA ALA A 501 22.09 12.77 61.42
C ALA A 501 21.91 11.46 60.67
N LEU A 502 20.78 10.79 60.87
CA LEU A 502 20.47 9.58 60.13
C LEU A 502 20.55 9.84 58.64
N CYS A 503 19.90 10.92 58.17
CA CYS A 503 19.99 11.26 56.75
C CYS A 503 21.44 11.55 56.35
N THR A 504 22.16 12.29 57.20
CA THR A 504 23.56 12.60 56.92
C THR A 504 24.33 11.34 56.54
N VAL A 505 24.27 10.33 57.41
CA VAL A 505 24.98 9.08 57.13
C VAL A 505 24.37 8.39 55.91
N HIS A 506 23.05 8.19 55.93
CA HIS A 506 22.39 7.40 54.89
C HIS A 506 22.34 8.14 53.56
N CYS A 507 22.13 9.46 53.60
CA CYS A 507 22.03 10.26 52.40
C CYS A 507 23.42 10.71 51.97
N SER A 508 23.78 10.43 50.72
CA SER A 508 25.08 10.79 50.17
C SER A 508 24.87 11.78 49.03
N HIS A 509 25.62 12.87 49.06
CA HIS A 509 25.56 13.95 48.06
C HIS A 509 24.86 13.57 46.76
N PRO A 528 32.41 16.83 41.26
CA PRO A 528 31.69 17.52 42.34
C PRO A 528 30.36 18.10 41.87
N SER A 529 29.80 17.49 40.81
CA SER A 529 28.57 18.02 40.23
C SER A 529 27.45 18.08 41.26
N VAL A 530 27.29 17.03 42.07
CA VAL A 530 26.18 16.92 43.01
C VAL A 530 26.73 16.82 44.42
N VAL A 531 26.10 17.55 45.34
CA VAL A 531 26.43 17.48 46.75
C VAL A 531 25.16 17.74 47.54
N ILE A 532 25.13 17.27 48.78
CA ILE A 532 23.96 17.39 49.65
C ILE A 532 24.40 18.12 50.92
N THR A 533 23.83 19.29 51.14
CA THR A 533 24.10 20.02 52.39
C THR A 533 23.43 19.31 53.55
N TRP A 534 23.90 19.61 54.76
CA TRP A 534 23.38 19.00 55.97
C TRP A 534 23.27 20.07 57.05
N MET A 535 22.51 19.76 58.10
CA MET A 535 22.34 20.68 59.20
C MET A 535 23.71 21.04 59.80
N SER A 536 23.95 22.33 59.95
CA SER A 536 25.26 22.81 60.37
C SER A 536 25.59 22.34 61.78
N LEU A 537 26.83 21.86 61.96
CA LEU A 537 27.29 21.48 63.29
C LEU A 537 27.39 22.69 64.22
N ASP A 538 27.44 23.91 63.67
CA ASP A 538 27.41 25.10 64.51
C ASP A 538 26.01 25.39 65.01
N PHE A 539 24.99 25.20 64.17
CA PHE A 539 23.63 25.17 64.68
C PHE A 539 23.49 24.08 65.74
N TYR A 540 24.19 22.97 65.54
CA TYR A 540 24.27 21.94 66.57
C TYR A 540 24.86 22.50 67.86
N THR A 541 25.91 23.32 67.73
CA THR A 541 26.52 23.93 68.91
C THR A 541 25.55 24.89 69.60
N LYS A 542 24.71 25.57 68.83
CA LYS A 542 23.67 26.40 69.43
C LYS A 542 22.70 25.55 70.22
N VAL A 543 22.21 24.48 69.60
CA VAL A 543 21.35 23.52 70.32
C VAL A 543 22.06 23.00 71.56
N LEU A 544 23.38 22.88 71.50
CA LEU A 544 24.13 22.33 72.63
C LEU A 544 24.28 23.33 73.76
N LYS A 545 24.47 24.60 73.43
CA LYS A 545 24.41 25.64 74.46
C LYS A 545 23.04 25.61 75.13
N SER A 546 21.98 25.50 74.33
CA SER A 546 20.64 25.37 74.89
C SER A 546 20.54 24.15 75.79
N CYS A 547 21.17 23.05 75.38
CA CYS A 547 21.08 21.80 76.15
C CYS A 547 21.82 21.92 77.47
N ARG A 548 22.96 22.60 77.49
CA ARG A 548 23.67 22.82 78.74
C ARG A 548 22.86 23.71 79.66
N SER A 549 22.32 24.81 79.13
CA SER A 549 21.45 25.66 79.92
C SER A 549 20.28 24.88 80.49
N LEU A 550 19.74 23.95 79.72
CA LEU A 550 18.62 23.13 80.19
C LEU A 550 19.06 22.19 81.30
N LEU A 551 20.11 21.41 81.05
CA LEU A 551 20.68 20.57 82.09
C LEU A 551 20.82 21.33 83.39
N GLU A 552 21.27 22.60 83.31
CA GLU A 552 21.33 23.42 84.52
C GLU A 552 19.94 23.75 85.04
N SER A 553 18.99 24.02 84.12
CA SER A 553 17.67 24.47 84.52
C SER A 553 16.81 23.33 85.06
N VAL A 554 16.91 22.16 84.44
CA VAL A 554 16.09 21.03 84.87
C VAL A 554 16.31 20.76 86.34
N GLN A 555 15.24 20.36 87.03
CA GLN A 555 15.39 19.87 88.39
C GLN A 555 16.11 18.52 88.37
N LYS A 556 16.80 18.22 89.48
CA LYS A 556 17.59 16.99 89.54
C LYS A 556 16.79 15.79 89.06
N LEU A 557 15.57 15.63 89.57
CA LEU A 557 14.73 14.54 89.11
C LEU A 557 14.19 14.79 87.70
N ASP A 558 14.02 16.06 87.34
CA ASP A 558 13.44 16.39 86.03
C ASP A 558 14.39 16.05 84.89
N LEU A 559 15.69 16.24 85.14
CA LEU A 559 16.68 16.06 84.05
C LEU A 559 16.94 14.57 83.80
N GLU A 560 16.42 13.67 84.65
CA GLU A 560 16.67 12.25 84.30
C GLU A 560 15.99 11.98 82.96
N ALA A 561 14.76 12.47 82.79
CA ALA A 561 14.08 12.34 81.48
C ALA A 561 14.86 13.13 80.44
N THR A 562 15.31 14.33 80.81
CA THR A 562 16.02 15.20 79.85
C THR A 562 17.31 14.53 79.45
N ILE A 563 18.01 13.91 80.41
CA ILE A 563 19.31 13.23 80.11
C ILE A 563 19.01 12.08 79.16
N ASP A 564 17.91 11.36 79.37
CA ASP A 564 17.53 10.26 78.44
C ASP A 564 17.36 10.86 77.04
N LYS A 565 16.53 11.90 76.91
CA LYS A 565 16.37 12.54 75.61
C LYS A 565 17.69 13.11 75.11
N VAL A 566 18.48 13.68 76.02
CA VAL A 566 19.79 14.20 75.65
C VAL A 566 20.71 13.07 75.20
N VAL A 567 20.58 11.90 75.83
CA VAL A 567 21.38 10.75 75.41
C VAL A 567 20.98 10.29 74.02
N LYS A 568 19.68 10.34 73.71
CA LYS A 568 19.25 10.02 72.35
C LYS A 568 19.80 11.03 71.35
N ILE A 569 19.71 12.31 71.69
CA ILE A 569 20.28 13.35 70.83
C ILE A 569 21.79 13.13 70.66
N TYR A 570 22.44 12.63 71.71
CA TYR A 570 23.87 12.37 71.62
C TYR A 570 24.15 11.18 70.72
N ASP A 571 23.29 10.16 70.75
CA ASP A 571 23.43 9.06 69.80
C ASP A 571 23.28 9.56 68.37
N ALA A 572 22.35 10.48 68.16
CA ALA A 572 22.21 11.09 66.84
C ALA A 572 23.47 11.85 66.45
N LEU A 573 24.01 12.64 67.38
CA LEU A 573 25.26 13.34 67.13
C LEU A 573 26.39 12.37 66.83
N ILE A 574 26.37 11.19 67.45
CA ILE A 574 27.39 10.18 67.19
C ILE A 574 27.22 9.61 65.80
N TYR A 575 25.97 9.43 65.35
CA TYR A 575 25.74 9.01 63.97
C TYR A 575 26.28 10.06 63.00
N MET A 576 26.08 11.34 63.32
CA MET A 576 26.66 12.41 62.51
C MET A 576 28.18 12.29 62.48
N GLN A 577 28.80 12.10 63.65
CA GLN A 577 30.24 11.95 63.72
C GLN A 577 30.73 10.75 62.92
N VAL A 578 29.93 9.70 62.87
CA VAL A 578 30.31 8.50 62.12
C VAL A 578 30.24 8.77 60.63
N ASN A 579 29.17 9.44 60.18
CA ASN A 579 29.11 9.86 58.78
C ASN A 579 30.31 10.72 58.42
N SER A 580 30.62 11.70 59.27
CA SER A 580 31.81 12.54 59.12
C SER A 580 32.36 12.80 60.51
N SER A 581 33.49 12.18 60.84
CA SER A 581 34.10 12.38 62.14
C SER A 581 34.50 13.85 62.31
N PHE A 582 33.86 14.53 63.26
CA PHE A 582 34.27 15.89 63.59
C PHE A 582 35.75 15.92 63.95
N GLU A 583 36.42 17.00 63.58
CA GLU A 583 37.87 17.00 63.66
C GLU A 583 38.39 16.81 65.07
N ASP A 584 38.28 17.84 65.93
CA ASP A 584 38.77 17.69 67.30
C ASP A 584 37.77 18.06 68.38
N HIS A 585 37.26 19.30 68.34
CA HIS A 585 36.73 19.93 69.54
C HIS A 585 35.28 19.56 69.82
N ILE A 586 34.46 19.41 68.78
CA ILE A 586 33.10 18.92 68.99
C ILE A 586 33.15 17.55 69.65
N LEU A 587 33.97 16.65 69.09
CA LEU A 587 34.13 15.33 69.70
C LEU A 587 34.65 15.43 71.12
N GLU A 588 35.57 16.37 71.38
CA GLU A 588 36.07 16.57 72.74
C GLU A 588 34.94 16.89 73.70
N ASP A 589 34.24 17.99 73.43
CA ASP A 589 33.14 18.43 74.28
C ASP A 589 32.11 17.32 74.46
N LEU A 590 31.82 16.59 73.38
CA LEU A 590 30.87 15.49 73.46
C LEU A 590 31.36 14.43 74.44
N CYS A 591 32.49 13.81 74.13
CA CYS A 591 33.07 12.80 75.03
C CYS A 591 33.02 13.27 76.49
N GLY A 592 33.32 14.55 76.71
CA GLY A 592 33.20 15.10 78.05
C GLY A 592 31.80 14.97 78.60
N MET A 593 30.83 15.50 77.87
CA MET A 593 29.45 15.46 78.33
C MET A 593 28.99 14.02 78.62
N LEU A 594 29.36 13.08 77.76
CA LEU A 594 28.93 11.69 77.93
C LEU A 594 29.45 11.13 79.25
N SER A 595 30.56 11.64 79.75
CA SER A 595 31.14 11.18 81.01
C SER A 595 30.76 12.06 82.19
N LEU A 596 30.06 13.18 81.95
CA LEU A 596 29.66 14.04 83.05
C LEU A 596 29.01 13.30 84.19
N PRO A 597 28.09 12.35 83.98
CA PRO A 597 27.56 11.57 85.11
C PRO A 597 28.65 10.87 85.90
N TRP A 598 29.76 10.52 85.26
CA TRP A 598 30.90 9.94 85.97
C TRP A 598 31.95 10.97 86.35
N ILE A 599 31.90 12.17 85.75
CA ILE A 599 32.94 13.17 85.98
C ILE A 599 32.88 13.69 87.40
N TYR A 600 31.70 14.08 87.88
CA TYR A 600 31.56 14.61 89.22
C TYR A 600 32.07 13.62 90.26
N SER A 601 31.92 12.33 89.96
CA SER A 601 32.51 11.29 90.85
C SER A 601 34.00 11.16 90.50
N HIS A 602 34.34 11.11 89.21
CA HIS A 602 35.75 10.97 88.75
C HIS A 602 36.55 12.20 89.19
N SER A 603 35.97 13.39 89.11
CA SER A 603 36.64 14.65 89.51
C SER A 603 37.98 14.37 90.21
N ASP A 604 37.96 13.60 91.30
CA ASP A 604 39.21 13.34 92.00
C ASP A 604 39.84 12.05 91.49
N ASP A 605 40.38 12.15 90.28
CA ASP A 605 41.09 11.05 89.65
C ASP A 605 42.26 11.59 88.86
N GLY A 606 43.24 10.72 88.57
CA GLY A 606 44.39 11.15 87.74
C GLY A 606 43.96 11.53 86.34
N CYS A 607 42.96 10.83 85.79
CA CYS A 607 42.46 11.12 84.42
C CYS A 607 41.88 12.53 84.39
N LEU A 608 41.15 12.92 85.44
CA LEU A 608 40.56 14.28 85.52
C LEU A 608 41.70 15.32 85.53
N LYS A 609 42.79 15.00 86.24
CA LYS A 609 43.93 15.95 86.30
C LYS A 609 44.49 16.14 84.89
N LEU A 610 44.58 15.07 84.09
CA LEU A 610 45.20 15.16 82.74
C LEU A 610 44.23 15.72 81.70
N THR A 611 42.97 15.25 81.64
CA THR A 611 42.04 15.67 80.60
C THR A 611 41.97 17.19 80.52
N THR A 612 41.92 17.70 79.29
CA THR A 612 41.94 19.14 79.08
C THR A 612 40.62 19.78 79.54
N PHE A 613 39.50 19.27 79.04
CA PHE A 613 38.19 19.79 79.42
C PHE A 613 37.74 19.28 80.80
N ALA A 614 38.57 18.50 81.49
CA ALA A 614 38.14 17.92 82.76
C ALA A 614 37.93 18.99 83.82
N ALA A 615 38.69 20.09 83.76
CA ALA A 615 38.55 21.13 84.76
C ALA A 615 37.12 21.66 84.81
N ASN A 616 36.66 22.26 83.71
CA ASN A 616 35.29 22.76 83.67
C ASN A 616 34.29 21.63 83.84
N LEU A 617 34.62 20.45 83.32
CA LEU A 617 33.71 19.30 83.43
C LEU A 617 33.43 18.94 84.87
N LEU A 618 34.42 19.07 85.76
CA LEU A 618 34.20 18.76 87.17
C LEU A 618 33.09 19.61 87.74
N THR A 619 33.20 20.94 87.59
CA THR A 619 32.17 21.83 88.12
C THR A 619 30.84 21.62 87.43
N LEU A 620 30.87 21.34 86.12
CA LEU A 620 29.62 21.22 85.37
C LEU A 620 28.91 19.89 85.60
N SER A 621 29.62 18.87 86.07
CA SER A 621 29.07 17.52 86.08
C SER A 621 28.23 17.24 87.31
N CYS A 622 28.52 17.88 88.44
CA CYS A 622 27.80 17.56 89.68
C CYS A 622 26.30 17.73 89.51
N ARG A 623 25.87 18.89 89.00
CA ARG A 623 24.45 19.17 88.91
C ARG A 623 23.76 18.24 87.91
N ILE A 624 24.39 18.04 86.74
CA ILE A 624 23.74 17.27 85.68
C ILE A 624 23.81 15.76 85.93
N SER A 625 24.74 15.29 86.77
CA SER A 625 24.97 13.87 86.90
C SER A 625 23.96 13.20 87.83
N ASP A 626 23.76 13.78 89.02
CA ASP A 626 22.75 13.24 89.93
C ASP A 626 21.43 13.00 89.21
N SER A 627 21.14 13.82 88.21
CA SER A 627 20.04 13.56 87.29
C SER A 627 20.42 12.58 86.19
N TYR A 628 21.71 12.41 85.92
CA TYR A 628 22.15 11.50 84.88
C TYR A 628 21.74 10.07 85.21
N SER A 629 20.95 9.47 84.33
CA SER A 629 20.51 8.10 84.55
C SER A 629 21.68 7.14 84.37
N PRO A 630 21.79 6.11 85.23
CA PRO A 630 22.86 5.14 85.03
C PRO A 630 22.90 4.55 83.64
N GLN A 631 21.75 4.07 83.14
CA GLN A 631 21.70 3.56 81.78
C GLN A 631 21.97 4.67 80.76
N ALA A 632 21.56 5.90 81.07
CA ALA A 632 21.87 7.01 80.19
C ALA A 632 23.38 7.21 80.07
N GLN A 633 24.07 7.28 81.21
CA GLN A 633 25.53 7.39 81.17
C GLN A 633 26.16 6.16 80.54
N SER A 634 25.48 5.01 80.61
CA SER A 634 25.98 3.82 79.93
C SER A 634 25.96 4.01 78.42
N ARG A 635 24.83 4.48 77.89
CA ARG A 635 24.77 4.84 76.48
C ARG A 635 25.81 5.90 76.15
N CYS A 636 26.06 6.82 77.08
CA CYS A 636 27.06 7.85 76.87
C CYS A 636 28.44 7.23 76.70
N VAL A 637 28.77 6.27 77.55
CA VAL A 637 30.07 5.60 77.44
C VAL A 637 30.13 4.77 76.17
N PHE A 638 29.00 4.21 75.73
CA PHE A 638 28.96 3.57 74.43
C PHE A 638 29.38 4.54 73.35
N LEU A 639 28.90 5.78 73.45
CA LEU A 639 29.34 6.84 72.49
C LEU A 639 30.73 7.35 72.89
N LEU A 640 31.04 7.39 74.19
CA LEU A 640 32.38 7.81 74.65
C LEU A 640 33.42 6.81 74.11
N THR A 641 33.10 5.52 74.14
CA THR A 641 34.01 4.52 73.57
C THR A 641 34.15 4.82 72.09
N LEU A 642 33.02 5.17 71.45
CA LEU A 642 33.05 5.51 70.01
C LEU A 642 33.92 6.76 69.81
N PHE A 643 33.82 7.72 70.72
CA PHE A 643 34.65 8.96 70.63
C PHE A 643 36.06 8.56 70.18
N PRO A 644 36.56 9.12 69.06
CA PRO A 644 37.90 8.80 68.54
C PRO A 644 39.03 9.06 69.52
N ARG A 645 40.23 8.61 69.16
CA ARG A 645 41.39 8.78 70.04
C ARG A 645 41.91 10.22 70.00
N ARG A 646 41.83 10.86 68.84
CA ARG A 646 42.41 12.18 68.67
C ARG A 646 41.94 13.15 69.76
N ILE A 647 40.67 13.07 70.13
CA ILE A 647 40.08 13.97 71.12
C ILE A 647 39.99 13.25 72.46
N PHE A 648 40.48 13.90 73.52
CA PHE A 648 40.42 13.37 74.88
C PHE A 648 41.06 11.98 74.95
N LEU A 649 42.18 11.82 74.24
CA LEU A 649 42.89 10.55 74.20
C LEU A 649 43.10 9.98 75.60
N GLU A 650 43.77 10.74 76.47
CA GLU A 650 43.99 10.29 77.83
C GLU A 650 42.67 9.91 78.51
N TRP A 651 41.70 10.82 78.44
CA TRP A 651 40.41 10.56 79.06
C TRP A 651 39.75 9.32 78.46
N ARG A 652 39.85 9.15 77.14
CA ARG A 652 39.18 8.02 76.49
C ARG A 652 39.81 6.69 76.90
N THR A 653 41.13 6.61 76.87
CA THR A 653 41.81 5.39 77.31
C THR A 653 41.47 5.09 78.75
N ALA A 654 41.64 6.07 79.64
CA ALA A 654 41.34 5.87 81.04
C ALA A 654 39.87 5.53 81.27
N VAL A 655 38.98 5.98 80.37
CA VAL A 655 37.56 5.76 80.55
C VAL A 655 37.19 4.35 80.13
N TYR A 656 37.75 3.86 79.02
CA TYR A 656 37.59 2.46 78.70
C TYR A 656 38.12 1.59 79.84
N ASN A 657 39.30 1.93 80.35
CA ASN A 657 39.86 1.19 81.47
C ASN A 657 38.93 1.23 82.68
N TRP A 658 38.30 2.38 82.92
CA TRP A 658 37.42 2.52 84.07
C TRP A 658 36.15 1.69 83.89
N ALA A 659 35.45 1.88 82.77
CA ALA A 659 34.26 1.10 82.51
C ALA A 659 34.53 -0.39 82.61
N LEU A 660 35.72 -0.83 82.19
CA LEU A 660 36.12 -2.21 82.48
C LEU A 660 36.28 -2.42 83.98
N GLN A 661 36.85 -1.43 84.67
CA GLN A 661 37.04 -1.54 86.11
C GLN A 661 35.71 -1.50 86.85
N SER A 662 34.81 -0.60 86.44
CA SER A 662 33.53 -0.48 87.11
C SER A 662 32.83 -1.83 87.17
N SER A 663 32.19 -2.11 88.31
CA SER A 663 31.50 -3.38 88.48
C SER A 663 30.16 -3.40 87.77
N HIS A 664 29.48 -2.25 87.71
CA HIS A 664 28.20 -2.18 87.03
C HIS A 664 28.31 -2.71 85.61
N GLU A 665 27.24 -3.37 85.15
CA GLU A 665 27.31 -4.09 83.88
C GLU A 665 27.11 -3.19 82.67
N VAL A 666 26.34 -2.11 82.81
CA VAL A 666 26.01 -1.29 81.65
C VAL A 666 27.25 -0.57 81.13
N ILE A 667 27.95 0.14 82.03
CA ILE A 667 29.14 0.86 81.62
C ILE A 667 30.18 -0.10 81.08
N ARG A 668 30.32 -1.26 81.72
CA ARG A 668 31.30 -2.24 81.27
C ARG A 668 30.96 -2.80 79.89
N ALA A 669 29.67 -3.01 79.61
CA ALA A 669 29.27 -3.50 78.30
C ALA A 669 29.52 -2.43 77.24
N SER A 670 29.15 -1.18 77.54
CA SER A 670 29.47 -0.08 76.63
C SER A 670 30.96 -0.07 76.31
N CYS A 671 31.79 -0.11 77.35
CA CYS A 671 33.23 -0.12 77.13
C CYS A 671 33.66 -1.31 76.31
N VAL A 672 33.11 -2.49 76.61
CA VAL A 672 33.47 -3.70 75.89
C VAL A 672 33.21 -3.53 74.41
N SER A 673 32.11 -2.87 74.07
CA SER A 673 31.77 -2.68 72.65
C SER A 673 32.95 -2.13 71.87
N GLY A 674 33.40 -0.92 72.23
CA GLY A 674 34.48 -0.28 71.53
C GLY A 674 35.86 -0.57 72.07
N PHE A 675 35.98 -1.50 73.01
CA PHE A 675 37.27 -1.72 73.66
C PHE A 675 38.27 -2.38 72.73
N PHE A 676 37.80 -3.27 71.85
CA PHE A 676 38.72 -3.85 70.87
C PHE A 676 39.33 -2.75 70.01
N ILE A 677 38.51 -1.83 69.51
CA ILE A 677 39.02 -0.71 68.72
C ILE A 677 39.97 0.13 69.56
N LEU A 678 39.57 0.45 70.80
CA LEU A 678 40.43 1.22 71.70
C LEU A 678 41.81 0.59 71.81
N LEU A 679 41.85 -0.68 72.19
CA LEU A 679 43.11 -1.40 72.32
C LEU A 679 43.91 -1.33 71.02
N GLN A 680 43.25 -1.60 69.88
CA GLN A 680 43.91 -1.44 68.60
C GLN A 680 44.61 -0.09 68.52
N GLN A 681 43.87 0.98 68.77
CA GLN A 681 44.45 2.32 68.70
C GLN A 681 45.45 2.57 69.82
N GLN A 682 45.25 1.95 70.98
CA GLN A 682 46.09 2.28 72.13
C GLN A 682 47.55 1.94 71.86
N ASN A 683 47.88 0.66 71.78
CA ASN A 683 49.26 0.28 71.44
C ASN A 683 49.39 -0.87 70.45
N SER A 684 48.45 -1.81 70.39
CA SER A 684 48.67 -3.05 69.66
C SER A 684 47.36 -3.52 69.06
N CYS A 685 47.37 -3.77 67.75
CA CYS A 685 46.20 -4.35 67.10
C CYS A 685 46.14 -5.87 67.31
N ASN A 686 47.28 -6.49 67.61
CA ASN A 686 47.35 -7.95 67.63
C ASN A 686 46.89 -8.53 68.95
N ARG A 687 47.40 -8.04 70.07
CA ARG A 687 47.16 -8.62 71.38
C ARG A 687 46.10 -7.84 72.13
N VAL A 688 45.13 -8.56 72.68
CA VAL A 688 44.11 -7.95 73.53
C VAL A 688 44.72 -7.62 74.88
N PRO A 689 44.17 -6.68 75.63
CA PRO A 689 44.72 -6.35 76.95
C PRO A 689 44.23 -7.28 78.04
N LYS A 690 45.08 -7.45 79.06
CA LYS A 690 44.78 -8.41 80.12
C LYS A 690 43.59 -7.96 80.97
N ILE A 691 43.48 -6.66 81.23
CA ILE A 691 42.33 -6.16 81.98
C ILE A 691 41.04 -6.59 81.31
N LEU A 692 40.93 -6.33 80.00
CA LEU A 692 39.74 -6.76 79.26
C LEU A 692 39.61 -8.28 79.28
N ILE A 693 40.71 -8.99 79.05
CA ILE A 693 40.69 -10.45 79.08
C ILE A 693 39.96 -10.93 80.33
N ASP A 694 40.36 -10.40 81.49
CA ASP A 694 39.61 -10.67 82.71
C ASP A 694 38.17 -10.16 82.58
N LYS A 695 37.98 -9.04 81.89
CA LYS A 695 36.65 -8.47 81.75
C LYS A 695 35.80 -9.25 80.75
N VAL A 696 36.44 -9.98 79.85
CA VAL A 696 35.70 -10.70 78.82
C VAL A 696 34.59 -11.55 79.44
N LYS A 697 34.93 -12.30 80.48
CA LYS A 697 33.94 -13.10 81.18
C LYS A 697 32.86 -12.20 81.74
N ASP A 698 31.60 -12.48 81.39
CA ASP A 698 30.48 -11.65 81.79
C ASP A 698 29.31 -12.52 82.24
N ASP A 699 28.56 -12.01 83.23
CA ASP A 699 27.35 -12.69 83.64
C ASP A 699 26.34 -12.75 82.51
N SER A 700 26.26 -11.69 81.72
CA SER A 700 25.36 -11.66 80.58
C SER A 700 25.98 -12.43 79.41
N ASP A 701 25.23 -13.39 78.88
CA ASP A 701 25.68 -14.07 77.67
C ASP A 701 25.94 -13.09 76.54
N ILE A 702 25.22 -11.96 76.53
CA ILE A 702 25.34 -11.03 75.42
C ILE A 702 26.70 -10.35 75.42
N VAL A 703 27.29 -10.13 76.59
CA VAL A 703 28.65 -9.59 76.59
C VAL A 703 29.60 -10.60 75.97
N LYS A 704 29.37 -11.88 76.21
CA LYS A 704 30.21 -12.91 75.60
C LYS A 704 30.02 -12.95 74.09
N LYS A 705 28.78 -12.79 73.62
CA LYS A 705 28.56 -12.76 72.18
C LYS A 705 29.17 -11.50 71.56
N GLU A 706 29.10 -10.38 72.28
CA GLU A 706 29.78 -9.18 71.84
C GLU A 706 31.28 -9.43 71.74
N PHE A 707 31.84 -10.16 72.69
CA PHE A 707 33.25 -10.53 72.61
C PHE A 707 33.51 -11.48 71.46
N ALA A 708 32.53 -12.28 71.09
CA ALA A 708 32.67 -13.12 69.90
C ALA A 708 32.78 -12.25 68.65
N SER A 709 31.85 -11.32 68.50
CA SER A 709 31.95 -10.34 67.42
C SER A 709 33.26 -9.55 67.51
N ILE A 710 33.75 -9.31 68.73
CA ILE A 710 34.97 -8.54 68.91
C ILE A 710 36.17 -9.34 68.44
N LEU A 711 36.20 -10.63 68.73
CA LEU A 711 37.23 -11.50 68.17
C LEU A 711 37.16 -11.49 66.65
N GLY A 712 35.96 -11.69 66.10
CA GLY A 712 35.80 -11.62 64.66
C GLY A 712 36.29 -10.32 64.08
N GLN A 713 36.16 -9.23 64.84
CA GLN A 713 36.65 -7.92 64.43
C GLN A 713 38.13 -7.72 64.72
N LEU A 714 38.71 -8.56 65.57
CA LEU A 714 40.09 -8.32 66.00
C LEU A 714 41.09 -8.56 64.89
N VAL A 715 40.82 -9.52 64.01
CA VAL A 715 41.73 -9.74 62.89
C VAL A 715 41.75 -8.50 62.00
N CYS A 716 40.58 -7.91 61.73
CA CYS A 716 40.55 -6.60 61.10
C CYS A 716 41.26 -5.57 61.95
N THR A 717 41.15 -5.70 63.28
CA THR A 717 41.84 -4.81 64.20
C THR A 717 43.33 -4.78 63.90
N LEU A 718 43.92 -5.96 63.68
CA LEU A 718 45.29 -6.00 63.19
C LEU A 718 45.44 -5.15 61.94
N HIS A 719 44.53 -5.31 60.99
CA HIS A 719 44.45 -4.40 59.86
C HIS A 719 44.15 -2.99 60.36
N GLY A 720 44.45 -2.00 59.52
CA GLY A 720 44.14 -0.63 59.86
C GLY A 720 42.69 -0.47 60.27
N MET A 721 42.45 0.12 61.44
CA MET A 721 41.09 0.27 61.94
C MET A 721 40.21 0.95 60.91
N PHE A 722 39.15 0.26 60.50
CA PHE A 722 38.23 0.79 59.52
C PHE A 722 37.34 1.86 60.14
N TYR A 723 36.95 2.84 59.33
CA TYR A 723 36.04 3.87 59.80
C TYR A 723 34.77 3.23 60.33
N LEU A 724 34.34 3.65 61.51
CA LEU A 724 33.25 3.01 62.24
C LEU A 724 32.01 3.89 62.22
N THR A 725 30.86 3.28 61.93
CA THR A 725 29.57 3.94 62.01
C THR A 725 28.63 3.04 62.79
N SER A 726 27.93 3.62 63.77
CA SER A 726 27.07 2.83 64.65
C SER A 726 26.23 1.85 63.85
N SER A 727 25.40 2.37 62.94
CA SER A 727 24.70 1.49 62.00
C SER A 727 25.71 0.75 61.13
N LEU A 728 26.62 1.49 60.51
CA LEU A 728 27.70 0.92 59.70
C LEU A 728 27.15 0.39 58.39
N THR A 729 25.84 0.21 58.35
CA THR A 729 25.06 -0.16 57.18
C THR A 729 23.62 -0.25 57.66
N GLU A 730 22.71 -0.75 56.83
CA GLU A 730 21.49 -1.36 57.35
C GLU A 730 20.79 -0.47 58.37
N PRO A 731 20.24 0.68 57.95
CA PRO A 731 19.66 1.61 58.92
C PRO A 731 18.63 0.93 59.81
N PHE A 732 18.82 1.05 61.12
CA PHE A 732 17.92 0.46 62.09
C PHE A 732 16.48 0.88 61.81
N SER A 733 15.58 -0.10 61.77
CA SER A 733 14.17 0.20 61.69
C SER A 733 13.74 1.05 62.90
N GLU A 734 12.68 1.83 62.71
CA GLU A 734 12.20 2.68 63.80
C GLU A 734 11.83 1.86 65.02
N HIS A 735 11.18 0.71 64.81
CA HIS A 735 10.76 -0.14 65.91
C HIS A 735 11.71 -1.34 66.07
N VAL A 778 26.79 -18.23 74.28
CA VAL A 778 26.33 -17.94 72.93
C VAL A 778 27.24 -18.62 71.91
N LYS A 779 27.46 -19.92 72.12
CA LYS A 779 28.30 -20.68 71.20
C LYS A 779 27.82 -20.54 69.77
N LEU A 780 26.52 -20.34 69.56
CA LEU A 780 26.03 -20.10 68.21
C LEU A 780 26.45 -18.72 67.71
N ALA A 781 26.30 -17.71 68.58
CA ALA A 781 26.96 -16.43 68.32
C ALA A 781 28.44 -16.64 68.06
N PHE A 782 29.02 -17.66 68.68
CA PHE A 782 30.44 -17.97 68.46
C PHE A 782 30.68 -18.50 67.06
N ILE A 783 29.82 -19.37 66.55
CA ILE A 783 29.96 -19.83 65.17
C ILE A 783 29.81 -18.67 64.20
N ASP A 784 28.80 -17.83 64.44
CA ASP A 784 28.63 -16.63 63.62
C ASP A 784 29.90 -15.80 63.62
N ASN A 785 30.44 -15.52 64.80
CA ASN A 785 31.66 -14.72 64.90
C ASN A 785 32.82 -15.38 64.18
N LEU A 786 32.96 -16.70 64.33
CA LEU A 786 34.11 -17.40 63.76
C LEU A 786 34.08 -17.36 62.24
N HIS A 787 32.90 -17.60 61.65
CA HIS A 787 32.81 -17.57 60.20
C HIS A 787 33.44 -16.31 59.63
N HIS A 788 33.20 -15.17 60.28
CA HIS A 788 33.79 -13.91 59.84
C HIS A 788 35.23 -13.76 60.34
N LEU A 789 35.56 -14.38 61.47
CA LEU A 789 36.85 -14.20 62.09
C LEU A 789 37.93 -15.01 61.40
N CYS A 790 37.56 -16.17 60.84
CA CYS A 790 38.56 -17.03 60.22
C CYS A 790 39.06 -16.44 58.91
N LYS A 791 38.16 -15.88 58.10
CA LYS A 791 38.55 -15.36 56.79
C LYS A 791 39.69 -14.36 56.92
N HIS A 792 39.57 -13.40 57.85
CA HIS A 792 40.66 -12.47 58.08
C HIS A 792 41.88 -13.17 58.69
N LEU A 793 41.65 -14.18 59.53
CA LEU A 793 42.74 -14.89 60.16
C LEU A 793 43.52 -15.70 59.14
N ASP A 794 44.82 -15.86 59.42
CA ASP A 794 45.68 -16.71 58.60
C ASP A 794 45.71 -18.12 59.20
N PHE A 795 44.54 -18.77 59.11
CA PHE A 795 44.32 -20.07 59.71
C PHE A 795 44.16 -21.20 58.69
N ARG A 796 44.32 -20.91 57.40
CA ARG A 796 44.07 -21.91 56.37
C ARG A 796 44.84 -23.20 56.65
N GLU A 797 46.08 -23.09 57.12
CA GLU A 797 46.97 -24.20 57.41
C GLU A 797 47.60 -24.10 58.79
N ASP A 798 47.43 -22.97 59.46
CA ASP A 798 48.52 -22.35 60.18
C ASP A 798 49.43 -23.31 60.94
N GLU A 799 48.95 -23.94 62.01
CA GLU A 799 49.89 -24.69 62.83
C GLU A 799 49.24 -25.44 63.99
N THR A 800 50.07 -25.96 64.87
CA THR A 800 49.60 -26.43 66.18
C THR A 800 48.53 -25.50 66.75
N ASP A 801 48.77 -24.18 66.67
CA ASP A 801 47.83 -23.19 67.16
C ASP A 801 46.43 -23.50 66.64
N VAL A 802 46.29 -23.53 65.31
CA VAL A 802 45.04 -23.99 64.71
C VAL A 802 44.64 -25.32 65.33
N LYS A 803 45.50 -26.32 65.19
CA LYS A 803 45.19 -27.65 65.72
C LYS A 803 44.51 -27.59 67.08
N ALA A 804 45.12 -26.89 68.04
CA ALA A 804 44.57 -26.84 69.40
C ALA A 804 43.23 -26.12 69.43
N VAL A 805 43.18 -24.92 68.83
CA VAL A 805 41.92 -24.16 68.80
C VAL A 805 40.81 -25.00 68.21
N LEU A 806 41.02 -25.48 66.99
CA LEU A 806 40.07 -26.35 66.31
C LEU A 806 39.71 -27.57 67.15
N GLY A 807 40.62 -28.04 68.00
CA GLY A 807 40.25 -29.13 68.89
C GLY A 807 39.15 -28.71 69.85
N THR A 808 39.41 -27.62 70.55
CA THR A 808 38.37 -27.04 71.41
C THR A 808 37.09 -26.80 70.60
N LEU A 809 37.26 -26.27 69.40
CA LEU A 809 36.13 -25.92 68.54
C LEU A 809 35.35 -27.16 68.11
N LEU A 810 36.03 -28.29 67.99
CA LEU A 810 35.35 -29.54 67.64
C LEU A 810 34.55 -30.05 68.82
N ASN A 811 35.16 -30.05 70.00
CA ASN A 811 34.39 -30.29 71.22
C ASN A 811 33.10 -29.49 71.19
N LEU A 812 33.23 -28.18 70.96
CA LEU A 812 32.05 -27.31 70.92
C LEU A 812 31.10 -27.73 69.81
N MET A 813 31.63 -27.97 68.60
CA MET A 813 30.81 -28.39 67.47
C MET A 813 29.91 -29.55 67.86
N GLU A 814 30.42 -30.45 68.70
CA GLU A 814 29.60 -31.48 69.32
C GLU A 814 29.19 -31.03 70.71
N ASP A 815 28.23 -30.10 70.76
CA ASP A 815 27.83 -29.59 72.06
C ASP A 815 26.45 -30.11 72.44
N PRO A 816 26.26 -30.40 73.74
CA PRO A 816 24.99 -30.99 74.19
C PRO A 816 23.75 -30.30 73.64
N ASP A 817 23.79 -28.98 73.53
CA ASP A 817 22.64 -28.24 73.02
C ASP A 817 22.37 -28.62 71.58
N LYS A 818 21.17 -29.14 71.32
CA LYS A 818 20.79 -29.50 69.95
C LYS A 818 20.94 -28.30 69.02
N ASP A 819 20.44 -27.14 69.45
CA ASP A 819 20.60 -25.94 68.63
C ASP A 819 22.07 -25.55 68.51
N VAL A 820 22.89 -25.92 69.50
CA VAL A 820 24.32 -25.64 69.40
C VAL A 820 24.93 -26.45 68.26
N ARG A 821 24.71 -27.76 68.27
CA ARG A 821 25.18 -28.58 67.16
C ARG A 821 24.62 -28.08 65.84
N VAL A 822 23.33 -27.69 65.84
CA VAL A 822 22.75 -27.11 64.65
C VAL A 822 23.20 -25.66 64.51
N ALA A 823 23.21 -25.19 63.27
CA ALA A 823 23.59 -23.81 62.97
C ALA A 823 25.08 -23.63 63.19
N PHE A 824 25.70 -24.59 63.87
CA PHE A 824 27.11 -24.86 63.66
C PHE A 824 27.26 -25.87 62.54
N SER A 825 26.27 -26.76 62.41
CA SER A 825 26.08 -27.51 61.19
C SER A 825 26.12 -26.55 60.00
N GLY A 826 27.05 -26.79 59.08
CA GLY A 826 27.35 -25.85 58.04
C GLY A 826 28.35 -24.79 58.45
N ASN A 827 28.41 -24.44 59.74
CA ASN A 827 29.58 -23.71 60.21
C ASN A 827 30.84 -24.54 59.97
N ILE A 828 30.70 -25.87 59.97
CA ILE A 828 31.84 -26.73 59.65
C ILE A 828 32.16 -26.66 58.17
N LYS A 829 31.15 -26.45 57.32
CA LYS A 829 31.42 -26.21 55.91
C LYS A 829 32.13 -24.87 55.71
N HIS A 830 31.65 -23.84 56.41
CA HIS A 830 32.34 -22.56 56.40
C HIS A 830 33.77 -22.71 56.89
N ILE A 831 34.01 -23.66 57.79
CA ILE A 831 35.35 -23.91 58.29
C ILE A 831 36.19 -24.63 57.23
N LEU A 832 35.59 -25.59 56.53
CA LEU A 832 36.27 -26.22 55.41
C LEU A 832 36.73 -25.16 54.42
N GLU A 833 35.87 -24.18 54.14
CA GLU A 833 36.32 -23.00 53.41
C GLU A 833 37.44 -22.30 54.17
N SER A 834 37.30 -22.20 55.50
CA SER A 834 38.32 -21.55 56.31
C SER A 834 39.61 -22.35 56.32
N LEU A 835 39.50 -23.68 56.32
CA LEU A 835 40.68 -24.50 56.16
C LEU A 835 41.20 -24.41 54.73
N ASP A 836 42.52 -24.40 54.58
CA ASP A 836 43.12 -24.41 53.25
C ASP A 836 43.09 -25.78 52.59
N SER A 837 42.78 -26.83 53.33
CA SER A 837 42.77 -28.18 52.77
C SER A 837 41.87 -29.06 53.63
N GLU A 838 41.38 -30.14 53.01
CA GLU A 838 40.57 -31.13 53.69
C GLU A 838 41.35 -32.39 54.02
N ASP A 839 42.67 -32.35 53.87
CA ASP A 839 43.52 -33.53 54.06
C ASP A 839 44.59 -33.24 55.09
N GLY A 840 45.27 -34.30 55.50
CA GLY A 840 46.36 -34.15 56.46
C GLY A 840 45.84 -33.77 57.83
N PHE A 841 46.44 -32.73 58.41
CA PHE A 841 46.07 -32.33 59.76
C PHE A 841 44.58 -32.05 59.86
N ILE A 842 44.01 -31.39 58.86
CA ILE A 842 42.57 -31.17 58.85
C ILE A 842 41.84 -32.50 58.76
N LYS A 843 42.32 -33.39 57.90
CA LYS A 843 41.72 -34.72 57.79
C LYS A 843 41.86 -35.50 59.09
N GLU A 844 43.03 -35.38 59.74
CA GLU A 844 43.22 -36.06 61.01
C GLU A 844 42.24 -35.54 62.07
N LEU A 845 42.06 -34.22 62.12
CA LEU A 845 41.10 -33.65 63.05
C LEU A 845 39.70 -34.14 62.76
N PHE A 846 39.33 -34.22 61.47
CA PHE A 846 38.01 -34.72 61.12
C PHE A 846 37.83 -36.16 61.56
N VAL A 847 38.86 -36.99 61.39
CA VAL A 847 38.75 -38.38 61.79
C VAL A 847 38.62 -38.50 63.30
N LEU A 848 39.40 -37.71 64.04
CA LEU A 848 39.27 -37.71 65.49
C LEU A 848 37.89 -37.27 65.92
N ARG A 849 37.34 -36.24 65.27
CA ARG A 849 36.00 -35.78 65.57
C ARG A 849 34.98 -36.87 65.28
N MET A 850 35.19 -37.65 64.21
CA MET A 850 34.26 -38.71 63.87
C MET A 850 34.29 -39.82 64.91
N LYS A 851 35.49 -40.15 65.41
CA LYS A 851 35.58 -41.14 66.47
C LYS A 851 34.87 -40.65 67.74
N GLU A 852 35.17 -39.42 68.15
CA GLU A 852 34.47 -38.85 69.30
C GLU A 852 32.97 -38.86 69.09
N ALA A 853 32.53 -38.59 67.86
CA ALA A 853 31.11 -38.56 67.57
C ALA A 853 30.49 -39.94 67.65
N TYR A 854 31.22 -40.96 67.22
CA TYR A 854 30.72 -42.33 67.34
C TYR A 854 30.54 -42.70 68.81
N THR A 855 31.54 -42.38 69.64
CA THR A 855 31.42 -42.66 71.06
C THR A 855 30.23 -41.92 71.66
N HIS A 856 30.14 -40.62 71.42
CA HIS A 856 29.03 -39.84 71.95
C HIS A 856 27.69 -40.39 71.47
N ALA A 857 27.62 -40.78 70.19
CA ALA A 857 26.37 -41.28 69.62
C ALA A 857 25.94 -42.56 70.30
N GLN A 858 26.87 -43.50 70.47
CA GLN A 858 26.55 -44.68 71.28
C GLN A 858 26.03 -44.26 72.64
N ILE A 859 26.71 -43.33 73.30
CA ILE A 859 26.26 -42.85 74.60
C ILE A 859 24.95 -42.08 74.46
N SER A 860 24.87 -41.18 73.49
CA SER A 860 23.73 -40.27 73.40
C SER A 860 22.44 -41.04 73.16
N ARG A 861 22.42 -41.91 72.14
CA ARG A 861 21.19 -42.59 71.75
C ARG A 861 20.03 -41.60 71.68
N ASN A 862 20.32 -40.40 71.17
CA ASN A 862 19.34 -39.32 71.12
C ASN A 862 19.18 -38.86 69.67
N ASN A 863 17.94 -38.86 69.19
CA ASN A 863 17.71 -38.60 67.78
C ASN A 863 18.13 -37.20 67.37
N GLU A 864 17.92 -36.21 68.25
CA GLU A 864 18.21 -34.82 67.86
C GLU A 864 19.70 -34.60 67.64
N LEU A 865 20.52 -35.05 68.60
CA LEU A 865 21.95 -34.99 68.42
C LEU A 865 22.36 -35.68 67.12
N LYS A 866 21.73 -36.82 66.82
CA LYS A 866 22.07 -37.55 65.62
C LYS A 866 21.70 -36.76 64.37
N ASP A 867 20.54 -36.10 64.38
CA ASP A 867 20.16 -35.28 63.24
C ASP A 867 21.19 -34.18 63.01
N THR A 868 21.53 -33.45 64.07
CA THR A 868 22.53 -32.39 63.96
C THR A 868 23.83 -32.96 63.39
N LEU A 869 24.31 -34.06 63.96
CA LEU A 869 25.60 -34.60 63.56
C LEU A 869 25.56 -35.12 62.14
N ILE A 870 24.45 -35.70 61.72
CA ILE A 870 24.32 -36.18 60.36
C ILE A 870 24.39 -35.01 59.39
N LEU A 871 23.60 -33.98 59.65
CA LEU A 871 23.63 -32.79 58.79
C LEU A 871 25.04 -32.21 58.74
N THR A 872 25.74 -32.23 59.87
CA THR A 872 27.07 -31.62 59.93
C THR A 872 28.09 -32.43 59.14
N THR A 873 28.16 -33.74 59.43
CA THR A 873 29.00 -34.63 58.64
C THR A 873 28.72 -34.43 57.15
N GLY A 874 27.44 -34.33 56.80
CA GLY A 874 27.07 -34.08 55.42
C GLY A 874 27.71 -32.82 54.89
N ASP A 875 27.31 -31.67 55.43
CA ASP A 875 27.86 -30.40 55.01
C ASP A 875 29.37 -30.51 54.84
N ILE A 876 30.03 -31.19 55.77
CA ILE A 876 31.46 -31.42 55.65
C ILE A 876 31.77 -32.09 54.32
N GLY A 877 31.19 -33.27 54.09
CA GLY A 877 31.46 -33.99 52.87
C GLY A 877 31.16 -33.17 51.63
N ARG A 878 30.04 -32.46 51.63
CA ARG A 878 29.65 -31.65 50.49
C ARG A 878 30.69 -30.56 50.20
N ALA A 879 31.18 -29.89 51.24
CA ALA A 879 32.11 -28.79 51.04
C ALA A 879 33.42 -29.27 50.42
N ALA A 880 33.84 -30.49 50.71
CA ALA A 880 35.13 -30.98 50.26
C ALA A 880 35.02 -31.64 48.90
N LYS A 881 36.08 -31.48 48.09
CA LYS A 881 36.18 -32.10 46.78
C LYS A 881 37.18 -33.24 46.77
N GLY A 882 37.66 -33.67 47.93
CA GLY A 882 38.73 -34.65 48.01
C GLY A 882 38.37 -35.83 48.90
N ASP A 883 39.37 -36.29 49.66
CA ASP A 883 39.24 -37.55 50.38
C ASP A 883 38.18 -37.47 51.47
N LEU A 884 38.11 -36.34 52.17
CA LEU A 884 37.16 -36.21 53.26
C LEU A 884 35.75 -36.55 52.79
N VAL A 885 35.36 -36.03 51.62
CA VAL A 885 34.03 -36.30 51.10
C VAL A 885 33.78 -37.80 51.01
N PRO A 886 34.68 -38.61 50.46
CA PRO A 886 34.43 -40.07 50.49
C PRO A 886 34.53 -40.65 51.88
N PHE A 887 35.38 -40.09 52.74
CA PHE A 887 35.45 -40.57 54.12
C PHE A 887 34.16 -40.25 54.87
N ALA A 888 33.67 -39.01 54.74
CA ALA A 888 32.39 -38.66 55.34
C ALA A 888 31.27 -39.50 54.75
N LEU A 889 31.35 -39.81 53.45
CA LEU A 889 30.31 -40.59 52.82
C LEU A 889 30.34 -42.03 53.31
N LEU A 890 31.52 -42.54 53.64
CA LEU A 890 31.62 -43.89 54.18
C LEU A 890 31.10 -43.93 55.61
N HIS A 891 31.44 -42.93 56.42
CA HIS A 891 30.81 -42.82 57.73
C HIS A 891 29.30 -42.74 57.59
N LEU A 892 28.83 -42.01 56.58
CA LEU A 892 27.39 -41.86 56.36
C LEU A 892 26.79 -43.17 55.89
N LEU A 893 27.55 -43.98 55.16
CA LEU A 893 27.05 -45.28 54.75
C LEU A 893 26.94 -46.21 55.94
N HIS A 894 27.95 -46.19 56.82
CA HIS A 894 27.85 -46.92 58.07
C HIS A 894 26.61 -46.50 58.84
N CYS A 895 26.34 -45.20 58.91
CA CYS A 895 25.12 -44.73 59.56
C CYS A 895 23.89 -45.26 58.85
N LEU A 896 23.90 -45.24 57.51
CA LEU A 896 22.76 -45.73 56.75
C LEU A 896 22.57 -47.22 56.94
N LEU A 897 23.68 -47.96 57.05
CA LEU A 897 23.62 -49.40 57.28
C LEU A 897 23.43 -49.64 58.77
N SER A 898 22.23 -49.30 59.25
CA SER A 898 21.84 -49.53 60.63
C SER A 898 20.37 -49.94 60.65
N LYS A 899 20.01 -50.76 61.65
CA LYS A 899 18.63 -51.21 61.75
C LYS A 899 17.65 -50.05 61.71
N SER A 900 17.96 -48.97 62.43
CA SER A 900 17.08 -47.81 62.46
C SER A 900 16.92 -47.23 61.07
N ALA A 901 15.66 -47.01 60.67
CA ALA A 901 15.40 -46.37 59.39
C ALA A 901 15.81 -44.90 59.41
N SER A 902 15.72 -44.25 60.57
CA SER A 902 16.03 -42.84 60.65
C SER A 902 17.50 -42.58 60.32
N VAL A 903 18.39 -43.42 60.83
CA VAL A 903 19.81 -43.25 60.53
C VAL A 903 20.04 -43.33 59.03
N SER A 904 19.49 -44.37 58.38
CA SER A 904 19.65 -44.53 56.95
C SER A 904 19.06 -43.34 56.20
N GLY A 905 17.91 -42.83 56.65
CA GLY A 905 17.31 -41.69 55.96
C GLY A 905 18.16 -40.44 56.06
N ALA A 906 18.68 -40.17 57.25
CA ALA A 906 19.55 -39.01 57.44
C ALA A 906 20.79 -39.11 56.56
N ALA A 907 21.45 -40.27 56.60
CA ALA A 907 22.61 -40.47 55.76
C ALA A 907 22.27 -40.33 54.28
N TYR A 908 21.08 -40.79 53.88
CA TYR A 908 20.68 -40.69 52.49
C TYR A 908 20.46 -39.24 52.09
N THR A 909 19.86 -38.46 52.98
CA THR A 909 19.72 -37.03 52.71
C THR A 909 21.08 -36.38 52.53
N GLU A 910 22.02 -36.69 53.43
CA GLU A 910 23.36 -36.15 53.27
C GLU A 910 24.00 -36.62 51.96
N ILE A 911 23.69 -37.85 51.53
CA ILE A 911 24.26 -38.38 50.30
C ILE A 911 23.72 -37.60 49.11
N ARG A 912 22.41 -37.37 49.10
CA ARG A 912 21.83 -36.53 48.05
C ARG A 912 22.45 -35.15 48.05
N ALA A 913 22.65 -34.59 49.23
CA ALA A 913 23.27 -33.26 49.32
C ALA A 913 24.66 -33.26 48.69
N LEU A 914 25.48 -34.25 49.05
CA LEU A 914 26.82 -34.31 48.49
C LEU A 914 26.78 -34.52 46.98
N VAL A 915 25.88 -35.38 46.51
CA VAL A 915 25.73 -35.61 45.07
C VAL A 915 25.43 -34.29 44.37
N ALA A 916 24.49 -33.53 44.94
CA ALA A 916 24.18 -32.21 44.40
C ALA A 916 25.43 -31.34 44.35
N ALA A 917 26.06 -31.15 45.50
CA ALA A 917 27.31 -30.38 45.54
C ALA A 917 28.29 -30.89 44.50
N LYS A 918 28.38 -32.21 44.34
CA LYS A 918 29.27 -32.77 43.33
C LYS A 918 28.84 -32.38 41.92
N SER A 919 27.54 -32.27 41.68
CA SER A 919 27.01 -31.89 40.37
C SER A 919 27.36 -32.96 39.32
N VAL A 920 26.95 -34.19 39.60
CA VAL A 920 27.16 -35.30 38.68
C VAL A 920 26.02 -36.30 38.87
N LYS A 921 25.80 -37.12 37.85
CA LYS A 921 24.75 -38.13 37.90
C LYS A 921 25.00 -39.11 39.05
N LEU A 922 23.91 -39.74 39.50
CA LEU A 922 24.03 -40.72 40.57
C LEU A 922 25.15 -41.71 40.27
N GLN A 923 25.15 -42.25 39.05
CA GLN A 923 26.13 -43.24 38.67
C GLN A 923 27.53 -42.63 38.60
N SER A 924 27.63 -41.37 38.18
CA SER A 924 28.94 -40.74 38.06
C SER A 924 29.59 -40.56 39.43
N PHE A 925 28.89 -39.92 40.38
CA PHE A 925 29.51 -39.77 41.69
C PHE A 925 29.75 -41.12 42.33
N PHE A 926 28.90 -42.10 42.04
CA PHE A 926 29.25 -43.47 42.39
C PHE A 926 30.61 -43.84 41.82
N SER A 927 30.82 -43.57 40.53
CA SER A 927 32.04 -43.97 39.86
C SER A 927 33.27 -43.33 40.50
N GLN A 928 33.17 -42.05 40.86
CA GLN A 928 34.32 -41.38 41.44
C GLN A 928 34.81 -42.09 42.70
N TYR A 929 33.89 -42.48 43.57
CA TYR A 929 34.24 -43.13 44.83
C TYR A 929 33.86 -44.61 44.85
N LYS A 930 33.59 -45.20 43.68
CA LYS A 930 33.07 -46.56 43.64
C LYS A 930 33.97 -47.54 44.38
N LYS A 931 35.27 -47.53 44.08
CA LYS A 931 36.16 -48.46 44.76
C LYS A 931 36.12 -48.30 46.27
N PRO A 932 36.36 -47.11 46.82
CA PRO A 932 36.35 -47.00 48.29
C PRO A 932 34.98 -47.24 48.90
N ILE A 933 33.91 -46.75 48.26
CA ILE A 933 32.58 -46.93 48.80
C ILE A 933 32.24 -48.42 48.87
N CYS A 934 32.45 -49.13 47.77
CA CYS A 934 32.15 -50.56 47.74
C CYS A 934 33.08 -51.34 48.63
N GLN A 935 34.32 -50.87 48.81
CA GLN A 935 35.22 -51.54 49.74
C GLN A 935 34.72 -51.40 51.17
N PHE A 936 34.25 -50.20 51.54
CA PHE A 936 33.67 -50.03 52.87
C PHE A 936 32.41 -50.86 53.01
N LEU A 937 31.61 -50.94 51.95
CA LEU A 937 30.42 -51.78 52.00
C LEU A 937 30.79 -53.24 52.15
N VAL A 938 31.92 -53.65 51.56
CA VAL A 938 32.35 -55.05 51.67
C VAL A 938 32.92 -55.31 53.05
N GLU A 939 33.54 -54.32 53.65
CA GLU A 939 33.96 -54.45 55.05
C GLU A 939 32.75 -54.56 55.96
N SER A 940 31.70 -53.79 55.65
CA SER A 940 30.44 -53.95 56.38
C SER A 940 29.85 -55.33 56.14
N LEU A 941 30.01 -55.87 54.94
CA LEU A 941 29.52 -57.21 54.65
C LEU A 941 30.33 -58.27 55.38
N HIS A 942 31.62 -58.01 55.58
CA HIS A 942 32.43 -58.93 56.38
C HIS A 942 32.05 -58.85 57.85
N SER A 943 31.74 -57.65 58.33
CA SER A 943 31.17 -57.52 59.68
C SER A 943 29.83 -58.24 59.77
N SER A 944 29.05 -58.22 58.69
CA SER A 944 27.78 -58.93 58.66
C SER A 944 28.01 -60.43 58.62
N GLN A 945 29.12 -60.87 58.02
CA GLN A 945 29.47 -62.28 58.06
C GLN A 945 29.88 -62.70 59.47
N MET A 946 30.66 -61.86 60.15
CA MET A 946 30.96 -62.09 61.55
C MET A 946 29.68 -62.14 62.37
N THR A 947 28.74 -61.25 62.08
CA THR A 947 27.43 -61.31 62.71
C THR A 947 26.75 -62.64 62.42
N ALA A 948 26.87 -63.13 61.18
CA ALA A 948 26.35 -64.44 60.84
C ALA A 948 27.14 -65.53 61.55
N LEU A 949 28.44 -65.33 61.70
CA LEU A 949 29.29 -66.27 62.42
C LEU A 949 28.80 -66.45 63.86
N ASP A 963 21.47 -67.24 59.67
CA ASP A 963 20.92 -68.11 58.63
C ASP A 963 21.08 -67.47 57.25
N VAL A 964 21.29 -68.32 56.24
CA VAL A 964 21.51 -67.83 54.89
C VAL A 964 20.31 -67.05 54.38
N ALA A 965 19.10 -67.47 54.77
CA ALA A 965 17.90 -66.78 54.32
C ALA A 965 17.94 -65.31 54.67
N HIS A 966 17.99 -65.00 55.96
CA HIS A 966 18.02 -63.61 56.39
C HIS A 966 19.29 -62.91 55.95
N GLN A 967 20.41 -63.63 55.92
CA GLN A 967 21.64 -63.01 55.43
C GLN A 967 21.47 -62.52 54.00
N ARG A 968 20.88 -63.34 53.14
CA ARG A 968 20.70 -62.96 51.74
C ARG A 968 19.70 -61.83 51.60
N GLU A 969 18.61 -61.88 52.38
CA GLU A 969 17.67 -60.77 52.34
C GLU A 969 18.39 -59.46 52.71
N MET A 970 19.23 -59.51 53.74
CA MET A 970 19.97 -58.32 54.15
C MET A 970 20.90 -57.84 53.05
N ALA A 971 21.62 -58.76 52.41
CA ALA A 971 22.57 -58.38 51.38
C ALA A 971 21.84 -57.73 50.21
N LEU A 972 20.74 -58.33 49.77
CA LEU A 972 19.97 -57.73 48.68
C LEU A 972 19.43 -56.37 49.08
N ASN A 973 19.01 -56.21 50.33
CA ASN A 973 18.52 -54.90 50.77
C ASN A 973 19.65 -53.87 50.79
N THR A 974 20.85 -54.30 51.15
CA THR A 974 22.00 -53.39 51.10
C THR A 974 22.26 -52.94 49.67
N LEU A 975 22.30 -53.90 48.74
CA LEU A 975 22.44 -53.56 47.33
C LEU A 975 21.36 -52.57 46.90
N SER A 976 20.12 -52.80 47.34
CA SER A 976 19.02 -51.94 46.92
C SER A 976 19.16 -50.54 47.50
N GLU A 977 19.61 -50.44 48.76
CA GLU A 977 19.84 -49.12 49.35
C GLU A 977 20.89 -48.37 48.57
N ILE A 978 22.06 -48.99 48.45
CA ILE A 978 23.15 -48.35 47.66
C ILE A 978 22.52 -47.97 46.32
N ALA A 979 21.67 -48.85 45.80
CA ALA A 979 20.97 -48.51 44.54
C ALA A 979 20.11 -47.28 44.78
N ASN A 980 19.42 -47.19 45.91
CA ASN A 980 18.52 -46.01 46.03
C ASN A 980 19.40 -44.77 45.97
N VAL A 981 20.56 -44.80 46.63
CA VAL A 981 21.51 -43.66 46.53
C VAL A 981 22.03 -43.50 45.09
N PHE A 982 22.36 -44.60 44.42
CA PHE A 982 23.01 -44.49 43.08
C PHE A 982 22.01 -44.53 41.92
N ASP A 983 20.72 -44.75 42.16
CA ASP A 983 19.69 -44.71 41.07
C ASP A 983 20.17 -45.39 39.79
N PHE A 984 20.12 -46.73 39.71
CA PHE A 984 20.49 -47.46 38.53
C PHE A 984 19.26 -48.12 37.92
N PRO A 985 19.16 -48.15 36.58
CA PRO A 985 17.91 -48.63 35.96
C PRO A 985 17.48 -50.00 36.43
N ASP A 986 18.35 -50.99 36.23
CA ASP A 986 18.08 -52.36 36.65
C ASP A 986 18.99 -52.70 37.82
N LEU A 987 18.39 -53.19 38.91
CA LEU A 987 19.16 -53.43 40.12
C LEU A 987 20.30 -54.42 39.89
N ASN A 988 20.16 -55.32 38.92
CA ASN A 988 21.18 -56.35 38.75
C ASN A 988 22.44 -55.80 38.09
N ARG A 989 22.29 -54.93 37.10
CA ARG A 989 23.48 -54.29 36.52
C ARG A 989 24.18 -53.42 37.56
N PHE A 990 23.41 -52.72 38.38
CA PHE A 990 23.98 -51.98 39.50
C PHE A 990 24.72 -52.92 40.44
N LEU A 991 24.14 -54.09 40.70
CA LEU A 991 24.79 -55.08 41.54
C LEU A 991 26.10 -55.54 40.92
N THR A 992 26.17 -55.63 39.59
CA THR A 992 27.42 -55.98 38.93
C THR A 992 28.44 -54.87 39.11
N ARG A 993 28.01 -53.62 38.91
CA ARG A 993 28.84 -52.47 39.22
C ARG A 993 29.47 -52.64 40.59
N THR A 994 28.64 -52.92 41.60
CA THR A 994 29.16 -53.12 42.94
C THR A 994 30.10 -54.33 43.00
N LEU A 995 29.72 -55.43 42.35
CA LEU A 995 30.43 -56.69 42.52
C LEU A 995 31.85 -56.59 42.01
N GLN A 996 32.08 -55.82 40.96
CA GLN A 996 33.44 -55.63 40.47
C GLN A 996 34.36 -55.20 41.61
N VAL A 997 33.93 -54.21 42.39
CA VAL A 997 34.72 -53.75 43.52
C VAL A 997 34.68 -54.75 44.66
N LEU A 998 33.51 -55.38 44.88
CA LEU A 998 33.37 -56.32 45.98
C LEU A 998 34.40 -57.43 45.88
N LEU A 999 34.62 -57.95 44.67
CA LEU A 999 35.48 -59.13 44.51
C LEU A 999 36.85 -58.98 45.14
N PRO A 1000 37.60 -57.90 44.89
CA PRO A 1000 38.88 -57.75 45.59
C PRO A 1000 38.73 -57.82 47.10
N ASP A 1001 37.71 -57.16 47.65
CA ASP A 1001 37.46 -57.24 49.08
C ASP A 1001 37.31 -58.70 49.52
N LEU A 1002 36.47 -59.45 48.81
CA LEU A 1002 36.29 -60.86 49.15
C LEU A 1002 37.62 -61.60 49.12
N ALA A 1003 38.40 -61.37 48.07
CA ALA A 1003 39.72 -61.98 47.99
C ALA A 1003 40.53 -61.70 49.24
N ALA A 1004 40.59 -60.43 49.65
CA ALA A 1004 41.32 -60.08 50.86
C ALA A 1004 40.81 -60.87 52.07
N LYS A 1005 39.50 -61.09 52.12
CA LYS A 1005 38.93 -61.82 53.25
C LYS A 1005 39.41 -63.27 53.27
N ALA A 1006 39.24 -63.97 52.16
CA ALA A 1006 39.61 -65.38 52.05
C ALA A 1006 39.14 -66.16 53.28
N SER A 1007 37.89 -65.93 53.64
CA SER A 1007 37.28 -66.58 54.78
C SER A 1007 36.01 -67.30 54.35
N PRO A 1008 35.68 -68.42 55.00
CA PRO A 1008 34.42 -69.10 54.68
C PRO A 1008 33.23 -68.15 54.69
N ALA A 1009 33.22 -67.18 55.59
CA ALA A 1009 32.13 -66.19 55.60
C ALA A 1009 32.21 -65.28 54.38
N ALA A 1010 33.42 -64.97 53.91
CA ALA A 1010 33.53 -64.23 52.66
C ALA A 1010 32.98 -65.05 51.51
N SER A 1011 33.32 -66.34 51.46
CA SER A 1011 32.70 -67.23 50.47
C SER A 1011 31.19 -67.23 50.62
N ALA A 1012 30.68 -67.10 51.85
CA ALA A 1012 29.25 -67.09 52.05
C ALA A 1012 28.61 -65.83 51.49
N LEU A 1013 29.24 -64.68 51.73
CA LEU A 1013 28.78 -63.45 51.10
C LEU A 1013 28.75 -63.60 49.58
N ILE A 1014 29.82 -64.16 49.02
CA ILE A 1014 29.88 -64.34 47.58
C ILE A 1014 28.78 -65.28 47.11
N ARG A 1015 28.51 -66.33 47.88
CA ARG A 1015 27.47 -67.28 47.50
C ARG A 1015 26.11 -66.62 47.53
N THR A 1016 25.85 -65.78 48.53
CA THR A 1016 24.60 -65.04 48.58
C THR A 1016 24.46 -64.16 47.34
N LEU A 1017 25.51 -63.39 47.03
CA LEU A 1017 25.46 -62.53 45.84
C LEU A 1017 25.15 -63.35 44.59
N GLY A 1018 25.86 -64.47 44.41
CA GLY A 1018 25.61 -65.29 43.24
C GLY A 1018 24.21 -65.85 43.20
N LYS A 1019 23.71 -66.33 44.35
CA LYS A 1019 22.35 -66.81 44.42
C LYS A 1019 21.37 -65.74 43.94
N GLN A 1020 21.53 -64.51 44.44
CA GLN A 1020 20.75 -63.42 43.88
C GLN A 1020 21.12 -63.17 42.43
N LEU A 1021 22.41 -63.27 42.11
CA LEU A 1021 22.86 -62.98 40.76
C LEU A 1021 22.31 -63.98 39.75
N ASN A 1022 22.02 -65.19 40.18
CA ASN A 1022 21.64 -66.32 39.32
C ASN A 1022 22.88 -66.90 38.64
N VAL A 1023 24.07 -66.41 38.96
CA VAL A 1023 25.32 -66.94 38.44
C VAL A 1023 26.11 -67.52 39.60
N ASN A 1024 26.71 -68.69 39.38
CA ASN A 1024 27.43 -69.38 40.44
C ASN A 1024 28.47 -68.46 41.07
N ARG A 1025 28.38 -68.30 42.40
CA ARG A 1025 29.39 -67.54 43.11
C ARG A 1025 30.78 -68.10 42.86
N ARG A 1026 30.89 -69.42 42.69
CA ARG A 1026 32.15 -70.02 42.26
C ARG A 1026 32.61 -69.40 40.95
N GLU A 1027 31.79 -69.52 39.91
CA GLU A 1027 32.14 -68.98 38.60
C GLU A 1027 32.33 -67.48 38.65
N ILE A 1028 31.57 -66.79 39.50
CA ILE A 1028 31.73 -65.34 39.65
C ILE A 1028 33.13 -65.03 40.16
N LEU A 1029 33.50 -65.60 41.31
CA LEU A 1029 34.85 -65.46 41.81
C LEU A 1029 35.87 -65.76 40.73
N ILE A 1030 35.61 -66.80 39.93
CA ILE A 1030 36.48 -67.15 38.82
C ILE A 1030 36.68 -65.96 37.90
N ASN A 1031 35.57 -65.46 37.35
CA ASN A 1031 35.59 -64.41 36.33
C ASN A 1031 36.55 -63.28 36.67
N ASN A 1032 36.58 -62.86 37.93
CA ASN A 1032 37.40 -61.75 38.36
C ASN A 1032 38.80 -62.17 38.81
N PHE A 1033 39.03 -63.46 38.99
CA PHE A 1033 40.32 -63.96 39.48
C PHE A 1033 41.47 -63.26 38.78
N LYS A 1034 41.29 -62.95 37.49
CA LYS A 1034 42.34 -62.28 36.74
C LYS A 1034 42.63 -60.89 37.30
N TYR A 1035 41.59 -60.04 37.38
CA TYR A 1035 41.78 -58.74 38.00
C TYR A 1035 42.24 -58.88 39.44
N ILE A 1036 41.73 -59.90 40.14
CA ILE A 1036 42.08 -60.10 41.54
C ILE A 1036 43.58 -60.28 41.69
N PHE A 1037 44.18 -61.13 40.85
CA PHE A 1037 45.61 -61.36 40.96
C PHE A 1037 46.39 -60.07 40.85
N SER A 1038 46.07 -59.25 39.84
CA SER A 1038 46.78 -58.00 39.66
C SER A 1038 46.65 -57.14 40.91
N HIS A 1039 45.42 -56.85 41.33
CA HIS A 1039 45.28 -55.90 42.43
C HIS A 1039 45.87 -56.45 43.72
N LEU A 1040 45.83 -57.76 43.91
CA LEU A 1040 46.45 -58.36 45.09
C LEU A 1040 47.97 -58.19 45.04
N VAL A 1041 48.60 -58.73 43.98
CA VAL A 1041 50.05 -58.62 43.84
C VAL A 1041 50.49 -57.18 44.07
N CYS A 1042 49.70 -56.22 43.57
CA CYS A 1042 50.02 -54.82 43.82
C CYS A 1042 49.95 -54.51 45.31
N SER A 1043 48.82 -54.83 45.94
CA SER A 1043 48.57 -54.47 47.34
C SER A 1043 48.13 -55.71 48.10
N CYS A 1044 49.08 -56.51 48.55
CA CYS A 1044 48.81 -57.72 49.34
C CYS A 1044 50.10 -58.27 49.91
N SER A 1045 49.96 -59.06 50.98
CA SER A 1045 51.05 -59.85 51.50
C SER A 1045 51.16 -61.15 50.72
N LYS A 1046 52.38 -61.45 50.26
CA LYS A 1046 52.61 -62.63 49.43
C LYS A 1046 51.98 -63.87 50.05
N ASP A 1047 52.42 -64.21 51.27
CA ASP A 1047 51.84 -65.32 52.01
C ASP A 1047 50.31 -65.21 52.04
N GLU A 1048 49.82 -64.02 52.42
CA GLU A 1048 48.39 -63.77 52.40
C GLU A 1048 47.81 -64.03 51.01
N LEU A 1049 48.57 -63.65 49.97
CA LEU A 1049 48.12 -63.90 48.61
C LEU A 1049 47.89 -65.38 48.38
N GLU A 1050 48.88 -66.21 48.71
CA GLU A 1050 48.77 -67.64 48.46
C GLU A 1050 47.62 -68.25 49.26
N ARG A 1051 47.49 -67.86 50.53
CA ARG A 1051 46.38 -68.35 51.34
C ARG A 1051 45.05 -68.03 50.69
N ALA A 1052 44.87 -66.76 50.31
CA ALA A 1052 43.62 -66.34 49.68
C ALA A 1052 43.37 -67.11 48.38
N LEU A 1053 44.41 -67.29 47.59
CA LEU A 1053 44.26 -67.99 46.31
C LEU A 1053 43.78 -69.42 46.52
N HIS A 1054 44.42 -70.14 47.43
CA HIS A 1054 44.00 -71.51 47.71
C HIS A 1054 42.55 -71.54 48.20
N TYR A 1055 42.22 -70.65 49.14
CA TYR A 1055 40.85 -70.60 49.65
C TYR A 1055 39.86 -70.41 48.52
N LEU A 1056 40.14 -69.46 47.63
CA LEU A 1056 39.24 -69.21 46.51
C LEU A 1056 39.14 -70.43 45.61
N LYS A 1057 40.28 -71.01 45.25
CA LYS A 1057 40.31 -72.17 44.36
C LYS A 1057 39.37 -73.25 44.88
N ASN A 1058 39.55 -73.63 46.15
CA ASN A 1058 38.78 -74.76 46.68
C ASN A 1058 37.29 -74.58 46.43
N GLU A 1059 36.78 -73.37 46.67
CA GLU A 1059 35.37 -73.11 46.41
C GLU A 1059 35.07 -73.15 44.92
N THR A 1060 35.87 -72.42 44.13
CA THR A 1060 35.60 -72.32 42.70
C THR A 1060 35.56 -73.69 42.03
N GLU A 1061 36.29 -74.66 42.56
CA GLU A 1061 36.46 -75.99 41.97
C GLU A 1061 37.48 -75.94 40.85
N ILE A 1062 38.15 -74.80 40.69
CA ILE A 1062 39.24 -74.73 39.67
C ILE A 1062 40.53 -74.38 40.43
N GLU A 1063 41.66 -74.96 40.04
CA GLU A 1063 42.92 -74.55 40.71
C GLU A 1063 43.15 -73.07 40.36
N LEU A 1064 43.58 -72.27 41.34
CA LEU A 1064 43.88 -70.84 41.06
C LEU A 1064 45.03 -70.80 40.05
N GLY A 1065 46.01 -71.67 40.24
CA GLY A 1065 47.13 -71.73 39.29
C GLY A 1065 46.63 -72.14 37.93
N SER A 1066 45.70 -73.10 37.87
CA SER A 1066 45.19 -73.60 36.57
C SER A 1066 44.51 -72.44 35.83
N LEU A 1067 43.76 -71.62 36.55
CA LEU A 1067 43.11 -70.44 35.91
C LEU A 1067 44.21 -69.51 35.36
N LEU A 1068 45.30 -69.32 36.11
CA LEU A 1068 46.40 -68.44 35.65
C LEU A 1068 46.92 -68.97 34.30
N ARG A 1069 47.21 -70.28 34.22
CA ARG A 1069 47.67 -70.86 32.97
C ARG A 1069 46.84 -70.36 31.78
N GLN A 1070 45.60 -69.92 32.04
CA GLN A 1070 44.75 -69.44 30.95
C GLN A 1070 44.84 -67.94 30.74
N ASP A 1071 45.22 -67.17 31.76
CA ASP A 1071 45.14 -65.71 31.63
C ASP A 1071 46.37 -64.99 32.19
N PHE A 1072 47.48 -65.71 32.38
CA PHE A 1072 48.68 -65.05 32.91
C PHE A 1072 49.13 -63.90 32.04
N GLN A 1073 48.88 -63.98 30.72
CA GLN A 1073 49.22 -62.89 29.83
C GLN A 1073 48.34 -61.67 30.08
N GLY A 1074 47.04 -61.88 30.24
CA GLY A 1074 46.18 -60.78 30.67
C GLY A 1074 46.58 -60.22 32.02
N LEU A 1075 47.08 -61.08 32.91
CA LEU A 1075 47.59 -60.61 34.18
C LEU A 1075 48.79 -59.69 33.98
N HIS A 1076 49.70 -60.08 33.09
CA HIS A 1076 50.82 -59.20 32.77
C HIS A 1076 50.32 -57.87 32.22
N ASN A 1077 49.30 -57.92 31.36
CA ASN A 1077 48.69 -56.69 30.86
C ASN A 1077 48.25 -55.81 32.02
N GLU A 1078 47.45 -56.36 32.93
CA GLU A 1078 46.98 -55.63 34.09
C GLU A 1078 48.14 -55.00 34.86
N LEU A 1079 49.08 -55.84 35.28
CA LEU A 1079 50.21 -55.37 36.06
C LEU A 1079 50.90 -54.20 35.37
N LEU A 1080 51.33 -54.41 34.12
CA LEU A 1080 51.94 -53.34 33.36
C LEU A 1080 51.08 -52.08 33.43
N LEU A 1081 49.76 -52.25 33.37
CA LEU A 1081 48.88 -51.10 33.53
C LEU A 1081 49.13 -50.41 34.86
N ARG A 1082 49.22 -51.18 35.93
CA ARG A 1082 49.53 -50.65 37.25
C ARG A 1082 51.02 -50.69 37.56
N ILE A 1083 51.85 -50.99 36.56
CA ILE A 1083 53.27 -51.22 36.83
C ILE A 1083 53.95 -49.96 37.35
N GLY A 1084 53.57 -48.80 36.82
CA GLY A 1084 54.21 -47.58 37.24
C GLY A 1084 54.25 -47.42 38.74
N GLU A 1085 53.12 -47.65 39.40
CA GLU A 1085 53.01 -47.44 40.84
C GLU A 1085 53.33 -48.70 41.65
N HIS A 1086 53.25 -49.88 41.04
CA HIS A 1086 53.51 -51.15 41.72
C HIS A 1086 54.61 -51.92 41.01
N TYR A 1087 55.59 -51.19 40.49
CA TYR A 1087 56.71 -51.76 39.76
C TYR A 1087 57.17 -53.09 40.33
N GLN A 1088 57.40 -53.14 41.64
CA GLN A 1088 57.96 -54.33 42.27
C GLN A 1088 56.94 -55.45 42.35
N GLN A 1089 55.70 -55.13 42.70
CA GLN A 1089 54.64 -56.12 42.68
C GLN A 1089 54.47 -56.69 41.28
N VAL A 1090 54.49 -55.81 40.28
CA VAL A 1090 54.49 -56.27 38.89
C VAL A 1090 55.60 -57.26 38.66
N PHE A 1091 56.79 -56.94 39.16
CA PHE A 1091 57.93 -57.85 39.06
C PHE A 1091 57.58 -59.22 39.59
N ASN A 1092 57.17 -59.27 40.86
CA ASN A 1092 56.92 -60.55 41.51
C ASN A 1092 55.85 -61.34 40.77
N GLY A 1093 54.78 -60.68 40.37
CA GLY A 1093 53.70 -61.36 39.68
C GLY A 1093 54.15 -61.93 38.36
N LEU A 1094 54.75 -61.08 37.52
CA LEU A 1094 55.23 -61.54 36.22
C LEU A 1094 56.26 -62.64 36.37
N SER A 1095 57.04 -62.61 37.44
CA SER A 1095 58.02 -63.67 37.67
C SER A 1095 57.34 -64.99 37.99
N ILE A 1096 56.40 -64.95 38.95
CA ILE A 1096 55.63 -66.15 39.26
C ILE A 1096 54.99 -66.70 38.00
N LEU A 1097 54.48 -65.81 37.14
CA LEU A 1097 53.81 -66.26 35.92
C LEU A 1097 54.80 -66.86 34.94
N ALA A 1098 55.98 -66.25 34.81
CA ALA A 1098 57.02 -66.81 33.95
C ALA A 1098 57.39 -68.21 34.40
N SER A 1099 57.51 -68.42 35.71
CA SER A 1099 57.75 -69.77 36.22
C SER A 1099 56.71 -70.73 35.68
N PHE A 1100 55.43 -70.39 35.83
CA PHE A 1100 54.38 -71.21 35.27
C PHE A 1100 54.53 -71.34 33.76
N ALA A 1101 55.01 -70.29 33.10
CA ALA A 1101 55.15 -70.34 31.65
C ALA A 1101 56.11 -71.45 31.23
N SER A 1102 57.23 -71.59 31.93
CA SER A 1102 58.21 -72.61 31.59
C SER A 1102 58.66 -73.37 32.84
N ILE A 1113 63.64 -64.03 36.33
CA ILE A 1113 62.74 -62.91 36.09
C ILE A 1113 63.14 -61.73 36.97
N ILE A 1114 63.62 -62.03 38.18
CA ILE A 1114 64.05 -61.00 39.11
C ILE A 1114 64.99 -60.03 38.41
N SER A 1115 65.85 -60.54 37.52
CA SER A 1115 66.74 -59.68 36.77
C SER A 1115 65.91 -58.73 35.91
N PRO A 1116 66.26 -57.44 35.88
CA PRO A 1116 65.48 -56.50 35.04
C PRO A 1116 65.47 -56.89 33.58
N GLU A 1117 66.58 -57.40 33.05
CA GLU A 1117 66.64 -57.76 31.65
C GLU A 1117 65.77 -58.99 31.35
N LEU A 1118 65.78 -59.97 32.24
CA LEU A 1118 64.90 -61.12 32.08
C LEU A 1118 63.45 -60.69 32.18
N MET A 1119 63.14 -59.82 33.14
CA MET A 1119 61.80 -59.26 33.24
C MET A 1119 61.40 -58.60 31.92
N ALA A 1120 62.30 -57.82 31.34
CA ALA A 1120 62.00 -57.19 30.05
C ALA A 1120 61.73 -58.24 28.99
N ASP A 1121 62.71 -59.10 28.71
CA ASP A 1121 62.51 -60.19 27.77
C ASP A 1121 61.14 -60.82 27.92
N TYR A 1122 60.72 -61.05 29.17
CA TYR A 1122 59.39 -61.61 29.39
C TYR A 1122 58.31 -60.64 28.94
N LEU A 1123 58.46 -59.35 29.26
CA LEU A 1123 57.42 -58.39 28.95
C LEU A 1123 57.23 -58.23 27.44
N GLN A 1124 58.33 -58.22 26.69
CA GLN A 1124 58.29 -57.96 25.26
C GLN A 1124 57.17 -58.69 24.54
N PRO A 1125 57.02 -60.01 24.70
CA PRO A 1125 55.92 -60.70 24.01
C PRO A 1125 54.55 -60.29 24.50
N LYS A 1126 54.44 -59.85 25.75
CA LYS A 1126 53.13 -59.55 26.33
C LYS A 1126 52.68 -58.11 26.07
N LEU A 1127 53.62 -57.21 25.76
CA LEU A 1127 53.29 -55.80 25.71
C LEU A 1127 52.45 -55.42 24.51
N LEU A 1128 52.52 -56.17 23.41
CA LEU A 1128 51.60 -55.90 22.30
C LEU A 1128 50.15 -56.05 22.77
N GLY A 1129 49.84 -57.19 23.40
CA GLY A 1129 48.53 -57.35 23.98
C GLY A 1129 48.24 -56.35 25.08
N ILE A 1130 49.28 -55.91 25.79
CA ILE A 1130 49.09 -54.86 26.80
C ILE A 1130 48.57 -53.58 26.15
N LEU A 1131 49.25 -53.15 25.09
CA LEU A 1131 48.79 -51.99 24.32
C LEU A 1131 47.38 -52.21 23.81
N ALA A 1132 47.12 -53.40 23.29
CA ALA A 1132 45.77 -53.74 22.86
C ALA A 1132 44.77 -53.51 23.98
N PHE A 1133 45.13 -53.93 25.20
CA PHE A 1133 44.24 -53.75 26.34
C PHE A 1133 44.04 -52.27 26.64
N PHE A 1134 45.10 -51.49 26.53
CA PHE A 1134 44.97 -50.05 26.74
C PHE A 1134 43.98 -49.45 25.76
N ASN A 1135 44.10 -49.82 24.50
CA ASN A 1135 43.16 -49.29 23.50
C ASN A 1135 41.75 -49.78 23.76
N MET A 1136 41.59 -51.05 24.13
CA MET A 1136 40.28 -51.57 24.50
C MET A 1136 39.67 -50.71 25.60
N GLN A 1137 40.42 -50.47 26.66
CA GLN A 1137 39.95 -49.60 27.72
C GLN A 1137 39.55 -48.24 27.17
N LEU A 1138 40.40 -47.64 26.35
CA LEU A 1138 40.07 -46.36 25.74
C LEU A 1138 38.72 -46.41 25.04
N LEU A 1139 38.42 -47.53 24.38
CA LEU A 1139 37.16 -47.65 23.65
C LEU A 1139 35.96 -47.67 24.59
N SER A 1140 36.12 -48.28 25.76
CA SER A 1140 34.99 -48.49 26.65
C SER A 1140 34.58 -47.19 27.32
N SER A 1141 33.28 -46.92 27.31
CA SER A 1141 32.75 -45.75 28.02
C SER A 1141 32.86 -45.94 29.52
N SER A 1142 32.64 -47.17 30.01
CA SER A 1142 32.69 -47.42 31.44
C SER A 1142 34.05 -47.03 32.02
N VAL A 1143 35.13 -47.49 31.39
CA VAL A 1143 36.45 -47.21 31.92
C VAL A 1143 36.61 -45.71 32.12
N GLY A 1144 37.29 -45.33 33.19
CA GLY A 1144 37.52 -43.93 33.47
C GLY A 1144 38.67 -43.37 32.67
N ILE A 1145 38.58 -42.07 32.38
CA ILE A 1145 39.61 -41.41 31.58
C ILE A 1145 40.84 -41.12 32.42
N GLU A 1146 40.65 -40.58 33.63
CA GLU A 1146 41.77 -40.40 34.55
C GLU A 1146 42.55 -41.71 34.72
N ASP A 1147 41.84 -42.84 34.74
CA ASP A 1147 42.52 -44.12 34.73
C ASP A 1147 43.38 -44.27 33.49
N LYS A 1148 42.87 -43.82 32.35
CA LYS A 1148 43.67 -43.82 31.13
C LYS A 1148 44.92 -42.96 31.31
N LYS A 1149 44.80 -41.85 32.04
CA LYS A 1149 45.95 -41.00 32.27
C LYS A 1149 47.00 -41.71 33.11
N MET A 1150 46.57 -42.35 34.20
CA MET A 1150 47.48 -43.16 35.00
C MET A 1150 48.15 -44.21 34.14
N ALA A 1151 47.37 -44.91 33.32
CA ALA A 1151 47.93 -45.91 32.43
C ALA A 1151 48.93 -45.29 31.46
N LEU A 1152 48.71 -44.05 31.07
CA LEU A 1152 49.64 -43.36 30.19
C LEU A 1152 50.97 -43.11 30.90
N ASN A 1153 50.91 -42.72 32.17
CA ASN A 1153 52.13 -42.61 32.95
C ASN A 1153 52.85 -43.95 33.02
N SER A 1154 52.09 -45.00 33.36
CA SER A 1154 52.64 -46.35 33.32
C SER A 1154 53.27 -46.65 31.97
N LEU A 1155 52.68 -46.12 30.90
CA LEU A 1155 53.21 -46.36 29.56
C LEU A 1155 54.51 -45.63 29.35
N MET A 1156 54.67 -44.45 29.94
CA MET A 1156 55.97 -43.81 29.94
C MET A 1156 57.00 -44.71 30.61
N SER A 1157 56.66 -45.21 31.79
CA SER A 1157 57.54 -46.15 32.46
C SER A 1157 57.86 -47.35 31.57
N LEU A 1158 56.86 -47.82 30.82
CA LEU A 1158 57.03 -49.01 29.99
C LEU A 1158 57.95 -48.71 28.82
N MET A 1159 57.78 -47.54 28.19
CA MET A 1159 58.71 -47.13 27.15
C MET A 1159 60.13 -47.11 27.68
N LYS A 1160 60.30 -46.59 28.90
CA LYS A 1160 61.62 -46.64 29.52
C LYS A 1160 62.11 -48.08 29.63
N LEU A 1161 61.27 -48.95 30.18
CA LEU A 1161 61.69 -50.33 30.45
C LEU A 1161 61.99 -51.09 29.16
N MET A 1162 61.37 -50.70 28.05
CA MET A 1162 61.45 -51.49 26.83
C MET A 1162 62.86 -51.53 26.29
N GLY A 1163 63.53 -50.38 26.23
CA GLY A 1163 64.79 -50.28 25.55
C GLY A 1163 64.59 -50.06 24.07
N PRO A 1164 65.63 -49.57 23.38
CA PRO A 1164 65.45 -49.19 21.98
C PRO A 1164 65.02 -50.34 21.08
N LYS A 1165 65.54 -51.55 21.31
CA LYS A 1165 65.22 -52.66 20.43
C LYS A 1165 63.71 -52.88 20.32
N HIS A 1166 63.01 -52.85 21.47
CA HIS A 1166 61.57 -53.05 21.48
C HIS A 1166 60.80 -51.77 21.22
N VAL A 1167 61.34 -50.63 21.64
CA VAL A 1167 60.70 -49.35 21.35
C VAL A 1167 60.60 -49.17 19.85
N SER A 1168 61.55 -49.69 19.09
CA SER A 1168 61.45 -49.66 17.64
C SER A 1168 60.20 -50.38 17.17
N SER A 1169 60.05 -51.64 17.60
CA SER A 1169 58.88 -52.42 17.19
C SER A 1169 57.58 -51.72 17.57
N VAL A 1170 57.55 -51.08 18.74
CA VAL A 1170 56.30 -50.57 19.29
C VAL A 1170 56.14 -49.07 19.10
N ARG A 1171 57.00 -48.44 18.30
CA ARG A 1171 56.89 -47.00 18.08
C ARG A 1171 55.53 -46.62 17.51
N VAL A 1172 55.04 -47.38 16.53
CA VAL A 1172 53.76 -47.06 15.91
C VAL A 1172 52.67 -47.04 16.98
N LYS A 1173 52.62 -48.08 17.81
CA LYS A 1173 51.61 -48.14 18.84
C LYS A 1173 51.79 -47.03 19.86
N MET A 1174 53.04 -46.64 20.12
CA MET A 1174 53.28 -45.53 21.03
C MET A 1174 52.66 -44.26 20.50
N MET A 1175 52.92 -43.95 19.23
CA MET A 1175 52.31 -42.78 18.61
C MET A 1175 50.79 -42.89 18.64
N THR A 1176 50.27 -44.10 18.45
CA THR A 1176 48.84 -44.30 18.52
C THR A 1176 48.31 -43.92 19.90
N THR A 1177 48.97 -44.40 20.94
CA THR A 1177 48.57 -44.06 22.30
C THR A 1177 48.63 -42.56 22.52
N LEU A 1178 49.68 -41.93 22.01
CA LEU A 1178 49.80 -40.48 22.13
C LEU A 1178 48.58 -39.80 21.53
N ARG A 1179 48.20 -40.22 20.33
CA ARG A 1179 46.98 -39.72 19.71
C ARG A 1179 45.81 -39.87 20.66
N THR A 1180 45.56 -41.12 21.07
CA THR A 1180 44.44 -41.41 21.96
C THR A 1180 44.40 -40.41 23.11
N GLY A 1181 45.50 -40.27 23.82
CA GLY A 1181 45.52 -39.34 24.95
C GLY A 1181 45.24 -37.92 24.51
N LEU A 1182 45.80 -37.51 23.38
CA LEU A 1182 45.49 -36.19 22.84
C LEU A 1182 43.98 -36.00 22.77
N ARG A 1183 43.23 -37.07 22.47
CA ARG A 1183 41.79 -36.94 22.43
C ARG A 1183 41.25 -36.30 23.70
N PHE A 1184 41.78 -36.68 24.86
CA PHE A 1184 41.39 -36.08 26.12
C PHE A 1184 42.39 -34.98 26.47
N LYS A 1185 41.90 -33.77 26.73
CA LYS A 1185 42.77 -32.61 26.88
C LYS A 1185 42.37 -31.79 28.11
N ASP A 1186 43.23 -30.83 28.42
CA ASP A 1186 43.10 -29.90 29.53
C ASP A 1186 43.39 -30.57 30.87
N ASP A 1187 43.44 -31.90 30.89
CA ASP A 1187 44.00 -32.65 32.01
C ASP A 1187 45.09 -33.60 31.54
N PHE A 1188 44.82 -34.37 30.50
CA PHE A 1188 45.85 -35.19 29.89
C PHE A 1188 47.01 -34.38 29.32
N PRO A 1189 46.87 -33.11 28.93
CA PRO A 1189 48.01 -32.41 28.33
C PRO A 1189 49.22 -32.31 29.24
N GLU A 1190 49.01 -32.01 30.52
CA GLU A 1190 50.13 -31.65 31.38
C GLU A 1190 51.05 -32.82 31.64
N LEU A 1191 50.49 -34.03 31.75
CA LEU A 1191 51.33 -35.21 31.84
C LEU A 1191 51.76 -35.68 30.47
N CYS A 1192 50.88 -35.57 29.47
CA CYS A 1192 51.17 -36.13 28.16
C CYS A 1192 52.32 -35.39 27.50
N CYS A 1193 52.59 -34.16 27.93
CA CYS A 1193 53.74 -33.46 27.38
C CYS A 1193 55.03 -34.17 27.76
N ARG A 1194 55.20 -34.47 29.04
CA ARG A 1194 56.34 -35.29 29.46
C ARG A 1194 56.28 -36.65 28.80
N ALA A 1195 55.07 -37.20 28.68
CA ALA A 1195 54.90 -38.45 27.96
C ALA A 1195 55.51 -38.38 26.58
N TRP A 1196 55.30 -37.26 25.88
CA TRP A 1196 55.79 -37.11 24.52
C TRP A 1196 57.29 -36.87 24.51
N ASP A 1197 57.78 -36.09 25.47
CA ASP A 1197 59.23 -35.95 25.61
C ASP A 1197 59.88 -37.32 25.68
N CYS A 1198 59.36 -38.18 26.55
CA CYS A 1198 59.82 -39.56 26.56
C CYS A 1198 59.63 -40.12 25.16
N PHE A 1199 58.40 -40.26 24.72
CA PHE A 1199 58.08 -40.92 23.46
C PHE A 1199 59.14 -40.62 22.42
N VAL A 1200 59.57 -39.35 22.34
CA VAL A 1200 60.65 -39.00 21.43
C VAL A 1200 61.96 -39.64 21.86
N ARG A 1201 62.44 -39.28 23.04
CA ARG A 1201 63.76 -39.76 23.46
C ARG A 1201 63.78 -41.28 23.64
N CYS A 1202 62.74 -41.78 24.32
CA CYS A 1202 62.60 -43.24 24.53
C CYS A 1202 62.67 -43.94 23.15
N LEU A 1203 62.22 -43.26 22.09
CA LEU A 1203 62.26 -43.83 20.71
C LEU A 1203 63.71 -43.88 20.20
N ASP A 1204 64.02 -44.80 19.28
CA ASP A 1204 65.43 -44.96 18.87
C ASP A 1204 65.96 -43.67 18.24
N HIS A 1205 67.21 -43.32 18.54
CA HIS A 1205 67.85 -42.06 18.06
C HIS A 1205 67.97 -42.01 16.53
N ALA A 1206 68.24 -43.14 15.87
CA ALA A 1206 68.55 -43.09 14.42
C ALA A 1206 67.40 -42.52 13.58
N CYS A 1207 66.13 -42.84 13.85
CA CYS A 1207 65.07 -42.33 12.95
C CYS A 1207 63.93 -41.67 13.76
N LEU A 1208 63.65 -40.38 13.52
CA LEU A 1208 62.54 -39.75 14.22
C LEU A 1208 61.65 -38.90 13.31
N GLY A 1209 61.87 -38.90 12.00
CA GLY A 1209 61.17 -37.96 11.15
C GLY A 1209 59.66 -38.14 11.15
N SER A 1210 59.21 -39.38 10.97
CA SER A 1210 57.78 -39.65 10.87
C SER A 1210 57.06 -39.29 12.17
N LEU A 1211 57.56 -39.83 13.27
CA LEU A 1211 56.95 -39.54 14.56
C LEU A 1211 57.05 -38.06 14.89
N LEU A 1212 58.09 -37.37 14.41
CA LEU A 1212 58.20 -35.94 14.65
C LEU A 1212 57.17 -35.17 13.85
N SER A 1213 56.90 -35.61 12.63
CA SER A 1213 55.78 -35.05 11.89
C SER A 1213 54.50 -35.17 12.72
N HIS A 1214 54.16 -36.41 13.09
CA HIS A 1214 52.97 -36.63 13.89
C HIS A 1214 52.98 -35.78 15.15
N VAL A 1215 54.17 -35.61 15.75
CA VAL A 1215 54.26 -34.98 17.05
C VAL A 1215 54.08 -33.48 16.93
N ILE A 1216 54.73 -32.86 15.95
CA ILE A 1216 54.51 -31.44 15.72
C ILE A 1216 53.03 -31.19 15.44
N VAL A 1217 52.42 -32.06 14.63
CA VAL A 1217 50.99 -31.94 14.39
C VAL A 1217 50.23 -31.91 15.72
N ALA A 1218 50.39 -32.97 16.51
CA ALA A 1218 49.66 -33.06 17.76
C ALA A 1218 50.00 -31.92 18.71
N LEU A 1219 51.22 -31.41 18.66
CA LEU A 1219 51.74 -30.47 19.64
C LEU A 1219 51.25 -29.06 19.39
N LEU A 1220 51.22 -28.64 18.13
CA LEU A 1220 50.57 -27.37 17.80
C LEU A 1220 49.30 -27.15 18.59
N PRO A 1221 48.37 -28.11 18.67
CA PRO A 1221 47.25 -27.92 19.60
C PRO A 1221 47.69 -27.98 21.05
N LEU A 1222 48.59 -28.89 21.39
CA LEU A 1222 49.06 -28.98 22.77
C LEU A 1222 49.67 -27.68 23.25
N ILE A 1223 50.28 -26.90 22.33
CA ILE A 1223 50.95 -25.68 22.74
C ILE A 1223 49.98 -24.73 23.43
N HIS A 1224 48.77 -24.61 22.90
CA HIS A 1224 47.80 -23.68 23.49
C HIS A 1224 47.56 -23.98 24.96
N ILE A 1225 47.54 -25.27 25.32
CA ILE A 1225 47.40 -25.63 26.73
C ILE A 1225 48.61 -25.16 27.52
N GLN A 1226 49.80 -25.55 27.09
CA GLN A 1226 51.04 -25.10 27.70
C GLN A 1226 52.07 -24.90 26.59
N PRO A 1227 52.56 -23.68 26.39
CA PRO A 1227 53.48 -23.45 25.26
C PRO A 1227 54.82 -24.13 25.42
N LYS A 1228 55.30 -24.28 26.65
CA LYS A 1228 56.71 -24.60 26.84
C LYS A 1228 57.00 -26.09 26.70
N GLU A 1229 56.10 -26.95 27.18
CA GLU A 1229 56.35 -28.38 27.10
C GLU A 1229 56.53 -28.83 25.66
N THR A 1230 55.61 -28.41 24.79
CA THR A 1230 55.73 -28.71 23.37
C THR A 1230 57.09 -28.28 22.84
N ALA A 1231 57.46 -27.03 23.11
CA ALA A 1231 58.72 -26.51 22.60
C ALA A 1231 59.89 -27.34 23.09
N ALA A 1232 59.84 -27.78 24.35
CA ALA A 1232 60.91 -28.63 24.87
C ALA A 1232 61.00 -29.92 24.08
N ILE A 1233 59.85 -30.56 23.85
CA ILE A 1233 59.82 -31.78 23.05
C ILE A 1233 60.46 -31.52 21.69
N PHE A 1234 60.04 -30.44 21.04
CA PHE A 1234 60.62 -30.10 19.74
C PHE A 1234 62.12 -29.98 19.85
N HIS A 1235 62.60 -29.18 20.80
CA HIS A 1235 64.01 -28.86 20.90
C HIS A 1235 64.84 -30.12 21.06
N TYR A 1236 64.37 -31.07 21.86
CA TYR A 1236 65.11 -32.32 22.00
C TYR A 1236 65.43 -32.90 20.64
N LEU A 1237 64.40 -33.09 19.81
CA LEU A 1237 64.62 -33.55 18.45
C LEU A 1237 65.57 -32.62 17.70
N ILE A 1238 65.19 -31.35 17.61
CA ILE A 1238 65.86 -30.41 16.72
C ILE A 1238 67.36 -30.43 16.95
N ILE A 1239 67.78 -30.44 18.21
CA ILE A 1239 69.20 -30.30 18.51
C ILE A 1239 69.82 -31.67 18.76
N GLU A 1240 69.30 -32.39 19.75
CA GLU A 1240 69.83 -33.71 20.08
C GLU A 1240 69.88 -34.59 18.84
N ASN A 1241 68.87 -34.52 17.99
CA ASN A 1241 68.83 -35.29 16.75
C ASN A 1241 69.03 -34.39 15.53
N ARG A 1242 69.75 -33.28 15.72
CA ARG A 1242 69.85 -32.27 14.67
C ARG A 1242 70.34 -32.88 13.36
N ASP A 1243 71.33 -33.77 13.43
CA ASP A 1243 71.80 -34.42 12.22
C ASP A 1243 70.66 -35.15 11.51
N ALA A 1244 69.80 -35.83 12.27
CA ALA A 1244 68.61 -36.40 11.69
C ALA A 1244 67.58 -35.32 11.35
N VAL A 1245 67.45 -34.32 12.22
CA VAL A 1245 66.53 -33.21 11.97
C VAL A 1245 66.77 -32.58 10.62
N GLN A 1246 67.95 -32.78 10.04
CA GLN A 1246 68.20 -32.35 8.67
C GLN A 1246 67.37 -33.20 7.71
N ASP A 1247 66.63 -32.52 6.82
CA ASP A 1247 65.65 -33.10 5.92
C ASP A 1247 64.38 -33.49 6.66
N PHE A 1248 64.45 -33.55 7.99
CA PHE A 1248 63.24 -33.68 8.77
C PHE A 1248 62.49 -32.36 8.79
N LEU A 1249 63.21 -31.28 9.10
CA LEU A 1249 62.67 -29.94 8.90
C LEU A 1249 62.04 -29.84 7.51
N HIS A 1250 62.77 -30.30 6.48
CA HIS A 1250 62.20 -30.35 5.15
C HIS A 1250 60.85 -31.05 5.16
N GLU A 1251 60.73 -32.12 5.94
CA GLU A 1251 59.46 -32.82 6.04
C GLU A 1251 58.31 -31.87 6.37
N ILE A 1252 58.37 -31.19 7.51
CA ILE A 1252 57.29 -30.30 7.93
C ILE A 1252 57.84 -28.88 8.00
N TYR A 1253 57.30 -28.01 7.15
CA TYR A 1253 57.59 -26.59 7.24
C TYR A 1253 56.82 -25.96 8.40
N PHE A 1254 55.57 -26.36 8.60
CA PHE A 1254 54.68 -25.63 9.48
C PHE A 1254 55.17 -25.69 10.91
N LEU A 1255 54.91 -24.62 11.65
CA LEU A 1255 55.22 -24.59 13.07
C LEU A 1255 54.44 -23.48 13.76
N PRO A 1256 53.64 -23.79 14.78
CA PRO A 1256 52.97 -22.73 15.52
C PRO A 1256 53.98 -21.81 16.17
N ASP A 1257 53.59 -20.55 16.36
CA ASP A 1257 54.51 -19.51 16.77
C ASP A 1257 54.29 -19.16 18.24
N HIS A 1258 55.29 -19.43 19.07
CA HIS A 1258 55.26 -19.09 20.48
C HIS A 1258 56.66 -18.70 20.90
N PRO A 1259 56.80 -17.97 22.00
CA PRO A 1259 58.11 -17.41 22.35
C PRO A 1259 59.18 -18.49 22.44
N GLU A 1260 59.00 -19.45 23.35
CA GLU A 1260 59.92 -20.57 23.40
C GLU A 1260 59.91 -21.34 22.09
N LEU A 1261 58.73 -21.50 21.50
CA LEU A 1261 58.64 -22.14 20.19
C LEU A 1261 59.51 -21.43 19.17
N LYS A 1262 59.83 -20.15 19.39
CA LYS A 1262 60.50 -19.39 18.34
C LYS A 1262 61.96 -19.77 18.20
N LYS A 1263 62.61 -20.19 19.28
CA LYS A 1263 63.99 -20.62 19.13
C LYS A 1263 64.07 -21.84 18.23
N ILE A 1264 63.23 -22.85 18.49
CA ILE A 1264 63.16 -23.99 17.59
C ILE A 1264 62.70 -23.54 16.21
N LYS A 1265 61.85 -22.53 16.15
CA LYS A 1265 61.35 -22.06 14.86
C LYS A 1265 62.48 -21.53 14.01
N ALA A 1266 63.26 -20.60 14.57
CA ALA A 1266 64.35 -20.00 13.80
C ALA A 1266 65.48 -21.00 13.58
N VAL A 1267 65.71 -21.91 14.52
CA VAL A 1267 66.72 -22.94 14.30
C VAL A 1267 66.32 -23.80 13.11
N LEU A 1268 65.13 -24.41 13.18
CA LEU A 1268 64.59 -25.07 12.00
C LEU A 1268 64.69 -24.17 10.78
N GLN A 1269 64.35 -22.89 10.94
CA GLN A 1269 64.41 -21.95 9.84
C GLN A 1269 65.80 -21.87 9.26
N GLU A 1270 66.82 -22.21 10.04
CA GLU A 1270 68.15 -22.32 9.45
C GLU A 1270 68.07 -23.18 8.20
N TYR A 1271 67.71 -24.45 8.38
CA TYR A 1271 67.60 -25.37 7.26
C TYR A 1271 66.40 -25.06 6.37
N ARG A 1272 65.35 -24.46 6.93
CA ARG A 1272 64.20 -24.06 6.14
C ARG A 1272 64.59 -23.02 5.10
N LYS A 1273 65.07 -21.86 5.55
CA LYS A 1273 65.64 -20.89 4.64
C LYS A 1273 66.66 -21.54 3.71
N GLU A 1274 67.48 -22.45 4.25
CA GLU A 1274 68.37 -23.21 3.39
C GLU A 1274 67.61 -23.81 2.21
N THR A 1275 66.39 -24.29 2.45
CA THR A 1275 65.56 -24.90 1.42
C THR A 1275 64.47 -23.98 0.91
N SER A 1276 64.63 -22.66 1.12
CA SER A 1276 63.55 -21.76 0.70
C SER A 1276 64.03 -20.49 -0.02
N GLU A 1277 65.16 -20.49 -0.72
CA GLU A 1277 65.58 -19.27 -1.42
C GLU A 1277 65.34 -19.33 -2.93
N SER A 1278 65.55 -20.49 -3.56
CA SER A 1278 65.38 -20.62 -5.00
C SER A 1278 63.92 -20.34 -5.38
N THR A 1279 63.73 -19.85 -6.61
CA THR A 1279 62.38 -19.49 -7.05
C THR A 1279 61.79 -20.63 -7.87
N ASP A 1280 62.23 -20.86 -9.11
CA ASP A 1280 61.73 -21.93 -9.95
C ASP A 1280 60.23 -22.16 -9.71
N LEU A 1281 59.45 -21.10 -9.92
CA LEU A 1281 58.09 -21.04 -9.41
C LEU A 1281 57.41 -22.41 -9.41
N GLN A 1282 57.51 -23.12 -10.54
CA GLN A 1282 56.98 -24.48 -10.64
C GLN A 1282 57.31 -25.30 -9.42
N THR A 1283 58.56 -25.23 -8.96
CA THR A 1283 58.97 -25.98 -7.78
C THR A 1283 58.07 -25.67 -6.59
N THR A 1284 58.08 -24.40 -6.19
CA THR A 1284 57.30 -23.97 -5.04
C THR A 1284 55.86 -24.39 -5.19
N LEU A 1285 55.31 -24.21 -6.39
CA LEU A 1285 53.92 -24.58 -6.62
C LEU A 1285 53.72 -26.06 -6.35
N GLN A 1286 54.34 -26.92 -7.16
CA GLN A 1286 54.18 -28.36 -6.98
C GLN A 1286 54.25 -28.75 -5.51
N LEU A 1287 55.23 -28.20 -4.80
CA LEU A 1287 55.35 -28.51 -3.37
C LEU A 1287 54.11 -28.06 -2.62
N SER A 1288 53.73 -26.80 -2.81
CA SER A 1288 52.55 -26.26 -2.14
C SER A 1288 51.34 -27.14 -2.41
N MET A 1289 51.13 -27.51 -3.66
CA MET A 1289 50.08 -28.46 -4.01
C MET A 1289 50.14 -29.68 -3.11
N LYS A 1290 51.28 -30.38 -3.14
CA LYS A 1290 51.46 -31.54 -2.28
C LYS A 1290 50.99 -31.24 -0.87
N ALA A 1291 51.29 -30.02 -0.41
CA ALA A 1291 51.00 -29.67 0.97
C ALA A 1291 49.51 -29.44 1.21
N ILE A 1292 48.93 -28.51 0.47
CA ILE A 1292 47.56 -28.02 0.66
C ILE A 1292 46.64 -29.20 0.89
N GLN A 1293 46.83 -30.26 0.13
CA GLN A 1293 46.13 -31.52 0.39
C GLN A 1293 46.96 -32.27 1.41
N HIS A 1294 46.62 -32.10 2.68
CA HIS A 1294 47.33 -32.77 3.76
C HIS A 1294 46.35 -33.20 4.82
N GLU A 1295 46.78 -34.21 5.60
CA GLU A 1295 45.89 -34.78 6.61
C GLU A 1295 45.56 -33.76 7.69
N ASN A 1296 46.55 -33.07 8.21
CA ASN A 1296 46.29 -32.05 9.21
C ASN A 1296 45.68 -30.83 8.57
N VAL A 1297 44.53 -30.41 9.09
CA VAL A 1297 43.93 -29.16 8.63
C VAL A 1297 44.87 -27.99 8.87
N ASP A 1298 45.63 -28.02 9.96
CA ASP A 1298 46.53 -26.91 10.25
C ASP A 1298 47.67 -26.83 9.24
N VAL A 1299 48.24 -27.98 8.89
CA VAL A 1299 49.23 -28.01 7.82
C VAL A 1299 48.65 -27.37 6.58
N ARG A 1300 47.47 -27.83 6.16
CA ARG A 1300 46.84 -27.28 4.97
C ARG A 1300 46.64 -25.78 5.09
N ILE A 1301 46.30 -25.30 6.28
CA ILE A 1301 46.04 -23.88 6.44
C ILE A 1301 47.32 -23.08 6.23
N HIS A 1302 48.40 -23.52 6.90
CA HIS A 1302 49.69 -22.89 6.66
C HIS A 1302 50.01 -22.86 5.18
N ALA A 1303 49.83 -24.00 4.52
CA ALA A 1303 50.14 -24.09 3.10
C ALA A 1303 49.34 -23.07 2.31
N LEU A 1304 48.04 -23.01 2.56
CA LEU A 1304 47.19 -22.11 1.79
C LEU A 1304 47.62 -20.66 1.99
N THR A 1305 47.92 -20.28 3.22
CA THR A 1305 48.35 -18.90 3.44
C THR A 1305 49.65 -18.61 2.71
N SER A 1306 50.65 -19.48 2.89
CA SER A 1306 51.90 -19.30 2.18
C SER A 1306 51.67 -19.17 0.69
N LEU A 1307 50.75 -19.97 0.16
CA LEU A 1307 50.54 -19.96 -1.28
C LEU A 1307 49.87 -18.67 -1.72
N LYS A 1308 48.91 -18.17 -0.93
CA LYS A 1308 48.33 -16.89 -1.26
C LYS A 1308 49.42 -15.83 -1.37
N GLU A 1309 50.28 -15.77 -0.37
CA GLU A 1309 51.38 -14.81 -0.41
C GLU A 1309 52.20 -14.99 -1.67
N THR A 1310 52.67 -16.22 -1.90
CA THR A 1310 53.49 -16.49 -3.07
C THR A 1310 52.81 -15.99 -4.33
N LEU A 1311 51.57 -16.43 -4.56
CA LEU A 1311 50.81 -15.98 -5.72
C LEU A 1311 50.89 -14.48 -5.88
N TYR A 1312 50.57 -13.75 -4.80
CA TYR A 1312 50.62 -12.30 -4.93
C TYR A 1312 52.02 -11.84 -5.31
N LYS A 1313 53.05 -12.55 -4.87
CA LYS A 1313 54.40 -12.05 -5.07
C LYS A 1313 54.92 -12.33 -6.48
N ASN A 1314 54.53 -13.45 -7.06
CA ASN A 1314 54.98 -13.81 -8.41
C ASN A 1314 53.91 -13.53 -9.46
N GLN A 1315 53.05 -12.54 -9.21
CA GLN A 1315 51.89 -12.33 -10.07
C GLN A 1315 52.29 -12.20 -11.53
N GLU A 1316 53.43 -11.57 -11.82
CA GLU A 1316 53.85 -11.44 -13.20
C GLU A 1316 54.17 -12.80 -13.80
N LYS A 1317 54.91 -13.63 -13.08
CA LYS A 1317 55.21 -14.96 -13.57
C LYS A 1317 53.94 -15.76 -13.78
N LEU A 1318 52.99 -15.62 -12.86
CA LEU A 1318 51.72 -16.35 -12.98
C LEU A 1318 50.95 -15.88 -14.22
N ILE A 1319 50.86 -14.57 -14.41
CA ILE A 1319 50.19 -14.04 -15.58
C ILE A 1319 50.82 -14.59 -16.84
N LYS A 1320 52.15 -14.57 -16.89
CA LYS A 1320 52.84 -15.13 -18.04
C LYS A 1320 52.42 -16.58 -18.26
N TYR A 1321 52.51 -17.39 -17.21
CA TYR A 1321 52.08 -18.77 -17.32
C TYR A 1321 50.68 -18.88 -17.90
N ALA A 1322 49.79 -18.01 -17.46
CA ALA A 1322 48.39 -18.17 -17.80
C ALA A 1322 48.08 -17.72 -19.22
N THR A 1323 48.79 -16.71 -19.73
CA THR A 1323 48.43 -16.12 -21.00
C THR A 1323 49.46 -16.28 -22.10
N ASP A 1324 50.65 -16.81 -21.79
CA ASP A 1324 51.65 -16.98 -22.82
C ASP A 1324 51.09 -17.77 -24.00
N SER A 1325 50.44 -18.89 -23.73
CA SER A 1325 49.94 -19.76 -24.77
C SER A 1325 48.42 -19.91 -24.65
N GLU A 1326 47.80 -20.21 -25.78
CA GLU A 1326 46.34 -20.36 -25.82
C GLU A 1326 45.84 -21.11 -24.59
N THR A 1327 46.42 -22.27 -24.32
CA THR A 1327 46.11 -23.00 -23.11
C THR A 1327 46.97 -22.51 -21.98
N VAL A 1328 46.44 -22.60 -20.77
CA VAL A 1328 47.22 -22.26 -19.59
C VAL A 1328 48.32 -23.29 -19.40
N GLU A 1329 49.37 -22.90 -18.68
CA GLU A 1329 50.42 -23.84 -18.36
C GLU A 1329 49.87 -24.95 -17.47
N PRO A 1330 50.35 -26.18 -17.64
CA PRO A 1330 49.72 -27.30 -16.92
C PRO A 1330 49.68 -27.11 -15.42
N ILE A 1331 50.82 -26.74 -14.83
CA ILE A 1331 50.89 -26.57 -13.38
C ILE A 1331 49.70 -25.77 -12.90
N ILE A 1332 49.32 -24.72 -13.63
CA ILE A 1332 48.24 -23.87 -13.18
C ILE A 1332 46.93 -24.64 -13.18
N SER A 1333 46.70 -25.45 -14.22
CA SER A 1333 45.50 -26.26 -14.23
C SER A 1333 45.45 -27.17 -13.01
N GLN A 1334 46.57 -27.83 -12.72
CA GLN A 1334 46.61 -28.69 -11.55
C GLN A 1334 46.29 -27.91 -10.28
N LEU A 1335 46.92 -26.76 -10.11
CA LEU A 1335 46.68 -25.97 -8.91
C LEU A 1335 45.23 -25.57 -8.81
N VAL A 1336 44.60 -25.24 -9.93
CA VAL A 1336 43.20 -24.84 -9.90
C VAL A 1336 42.33 -26.01 -9.49
N THR A 1337 42.56 -27.18 -10.07
CA THR A 1337 41.83 -28.36 -9.65
C THR A 1337 41.95 -28.55 -8.15
N VAL A 1338 43.18 -28.57 -7.66
CA VAL A 1338 43.42 -28.87 -6.25
C VAL A 1338 42.72 -27.85 -5.37
N LEU A 1339 42.89 -26.57 -5.69
CA LEU A 1339 42.25 -25.53 -4.91
C LEU A 1339 40.76 -25.75 -4.86
N LEU A 1340 40.12 -25.79 -6.03
CA LEU A 1340 38.68 -25.95 -6.09
C LEU A 1340 38.24 -27.11 -5.22
N LYS A 1341 38.90 -28.27 -5.36
CA LYS A 1341 38.55 -29.40 -4.52
C LYS A 1341 38.63 -29.03 -3.04
N GLY A 1342 39.79 -28.54 -2.61
CA GLY A 1342 39.95 -28.15 -1.23
C GLY A 1342 38.85 -27.23 -0.75
N CYS A 1343 38.32 -26.40 -1.65
CA CYS A 1343 37.21 -25.55 -1.27
C CYS A 1343 36.07 -26.37 -0.69
N GLN A 1344 35.98 -27.64 -1.05
CA GLN A 1344 35.00 -28.52 -0.43
C GLN A 1344 35.39 -28.92 0.99
N ASP A 1345 36.65 -28.73 1.37
CA ASP A 1345 37.10 -29.16 2.68
C ASP A 1345 36.23 -28.56 3.77
N ALA A 1346 36.21 -29.23 4.94
CA ALA A 1346 35.28 -28.84 5.98
C ALA A 1346 35.73 -27.57 6.70
N ASN A 1347 37.02 -27.46 7.01
CA ASN A 1347 37.49 -26.33 7.81
C ASN A 1347 37.18 -25.02 7.11
N SER A 1348 36.48 -24.13 7.81
CA SER A 1348 36.10 -22.85 7.23
C SER A 1348 37.33 -22.10 6.72
N GLN A 1349 38.22 -21.72 7.62
CA GLN A 1349 39.43 -21.02 7.22
C GLN A 1349 40.03 -21.65 5.98
N ALA A 1350 39.98 -22.98 5.88
CA ALA A 1350 40.39 -23.64 4.65
C ALA A 1350 39.60 -23.08 3.48
N ARG A 1351 38.29 -23.33 3.46
CA ARG A 1351 37.46 -22.88 2.36
C ARG A 1351 37.79 -21.44 1.97
N LEU A 1352 37.92 -20.57 2.96
CA LEU A 1352 38.16 -19.17 2.64
C LEU A 1352 39.50 -18.99 1.96
N LEU A 1353 40.56 -19.55 2.52
CA LEU A 1353 41.86 -19.49 1.88
C LEU A 1353 41.80 -20.03 0.46
N CYS A 1354 41.08 -21.13 0.26
CA CYS A 1354 40.87 -21.66 -1.08
C CYS A 1354 40.36 -20.56 -2.00
N GLY A 1355 39.27 -19.92 -1.59
CA GLY A 1355 38.67 -18.89 -2.44
C GLY A 1355 39.63 -17.74 -2.70
N GLU A 1356 40.35 -17.30 -1.68
CA GLU A 1356 41.24 -16.17 -1.86
C GLU A 1356 42.38 -16.52 -2.81
N CYS A 1357 42.93 -17.73 -2.67
CA CYS A 1357 43.93 -18.19 -3.62
C CYS A 1357 43.38 -18.18 -5.03
N LEU A 1358 42.19 -18.76 -5.22
CA LEU A 1358 41.60 -18.80 -6.54
C LEU A 1358 41.52 -17.40 -7.13
N GLY A 1359 40.85 -16.49 -6.42
CA GLY A 1359 40.77 -15.12 -6.89
C GLY A 1359 42.11 -14.55 -7.25
N GLU A 1360 43.06 -14.62 -6.32
CA GLU A 1360 44.40 -14.14 -6.59
C GLU A 1360 44.92 -14.70 -7.91
N LEU A 1361 44.61 -15.96 -8.19
CA LEU A 1361 45.05 -16.57 -9.43
C LEU A 1361 44.37 -15.98 -10.64
N GLY A 1362 43.24 -15.32 -10.46
CA GLY A 1362 42.51 -14.75 -11.57
C GLY A 1362 41.57 -15.73 -12.23
N ALA A 1363 40.34 -15.30 -12.49
CA ALA A 1363 39.31 -16.21 -12.96
C ALA A 1363 39.65 -16.62 -14.39
N ILE A 1364 40.65 -17.49 -14.51
CA ILE A 1364 41.08 -17.94 -15.82
C ILE A 1364 39.90 -18.56 -16.57
N ASP A 1365 39.90 -18.37 -17.87
CA ASP A 1365 38.76 -18.85 -18.65
C ASP A 1365 38.74 -20.37 -18.71
N PRO A 1366 37.63 -21.00 -18.41
CA PRO A 1366 37.57 -22.47 -18.44
C PRO A 1366 38.09 -23.04 -19.72
N GLY A 1367 38.09 -22.27 -20.80
CA GLY A 1367 38.67 -22.76 -22.02
C GLY A 1367 40.16 -22.96 -21.87
N ARG A 1368 40.88 -21.88 -21.56
CA ARG A 1368 42.33 -21.98 -21.47
C ARG A 1368 42.76 -23.14 -20.59
N LEU A 1369 42.05 -23.37 -19.50
CA LEU A 1369 42.41 -24.44 -18.60
C LEU A 1369 42.08 -25.80 -19.21
N ASP A 1370 42.62 -26.85 -18.61
CA ASP A 1370 42.38 -28.22 -19.03
C ASP A 1370 42.13 -29.07 -17.81
N PHE A 1371 40.89 -29.50 -17.61
CA PHE A 1371 40.52 -30.36 -16.50
C PHE A 1371 40.49 -31.82 -16.88
N SER A 1372 40.98 -32.15 -18.07
CA SER A 1372 40.92 -33.53 -18.52
C SER A 1372 41.69 -34.44 -17.58
N THR A 1373 42.91 -34.05 -17.21
CA THR A 1373 43.75 -34.92 -16.40
C THR A 1373 43.01 -35.48 -15.19
N THR A 1374 42.20 -34.63 -14.54
CA THR A 1374 41.47 -35.06 -13.35
C THR A 1374 40.17 -35.70 -13.77
N GLU A 1375 40.27 -36.96 -14.23
CA GLU A 1375 39.07 -37.71 -14.55
C GLU A 1375 38.21 -37.92 -13.31
N THR A 1376 38.83 -38.14 -12.16
CA THR A 1376 38.13 -38.12 -10.87
C THR A 1376 36.99 -39.13 -10.83
N GLN A 1377 37.38 -40.42 -10.82
CA GLN A 1377 36.42 -41.49 -10.62
C GLN A 1377 35.33 -41.07 -9.63
N GLY A 1378 35.75 -40.47 -8.52
CA GLY A 1378 34.83 -39.72 -7.68
C GLY A 1378 33.87 -40.51 -6.83
N LYS A 1379 32.56 -40.34 -7.10
CA LYS A 1379 31.53 -40.77 -6.16
C LYS A 1379 31.58 -42.27 -5.91
N ASP A 1380 31.38 -43.08 -6.95
CA ASP A 1380 31.25 -44.52 -6.81
C ASP A 1380 32.63 -45.17 -6.95
N PHE A 1381 33.18 -45.64 -5.85
CA PHE A 1381 34.48 -46.37 -5.90
C PHE A 1381 34.18 -47.85 -6.16
N THR A 1382 33.36 -48.50 -5.30
CA THR A 1382 32.91 -49.90 -5.48
C THR A 1382 31.58 -50.12 -4.77
N PHE A 1383 31.19 -51.38 -4.52
CA PHE A 1383 29.95 -51.73 -3.76
C PHE A 1383 28.67 -51.14 -4.36
N VAL A 1384 28.53 -51.15 -5.68
CA VAL A 1384 27.29 -50.66 -6.34
C VAL A 1384 26.05 -51.26 -5.65
N THR A 1385 26.02 -52.57 -5.35
CA THR A 1385 24.88 -53.26 -4.77
C THR A 1385 25.35 -54.32 -3.77
N GLY A 1386 24.83 -54.24 -2.55
CA GLY A 1386 25.08 -55.24 -1.54
C GLY A 1386 23.82 -55.54 -0.75
N VAL A 1387 23.65 -56.79 -0.33
CA VAL A 1387 22.46 -57.18 0.41
C VAL A 1387 22.85 -57.80 1.75
N GLU A 1388 23.58 -58.92 1.71
CA GLU A 1388 24.11 -59.55 2.91
C GLU A 1388 25.60 -59.81 2.79
N ASP A 1389 26.26 -59.21 1.80
CA ASP A 1389 27.65 -59.54 1.51
C ASP A 1389 28.57 -59.13 2.65
N SER A 1390 29.58 -59.97 2.89
CA SER A 1390 30.55 -59.68 3.94
C SER A 1390 31.07 -58.25 3.84
N SER A 1391 31.29 -57.78 2.62
CA SER A 1391 31.68 -56.38 2.45
C SER A 1391 30.56 -55.45 2.93
N PHE A 1392 29.30 -55.84 2.69
CA PHE A 1392 28.20 -55.05 3.20
C PHE A 1392 28.28 -54.94 4.71
N ALA A 1393 28.29 -56.08 5.39
CA ALA A 1393 28.48 -56.08 6.83
C ALA A 1393 29.74 -55.32 7.21
N TYR A 1394 30.71 -55.22 6.30
CA TYR A 1394 31.92 -54.48 6.61
C TYR A 1394 31.65 -53.00 6.69
N GLY A 1395 30.94 -52.46 5.71
CA GLY A 1395 30.48 -51.08 5.81
C GLY A 1395 29.66 -50.86 7.08
N LEU A 1396 28.81 -51.83 7.41
CA LEU A 1396 28.05 -51.77 8.64
C LEU A 1396 28.98 -51.64 9.85
N LEU A 1397 29.93 -52.55 9.97
CA LEU A 1397 30.87 -52.53 11.08
C LEU A 1397 31.68 -51.25 11.10
N MET A 1398 31.92 -50.65 9.94
CA MET A 1398 32.69 -49.42 9.91
C MET A 1398 31.89 -48.27 10.48
N GLU A 1399 30.64 -48.12 10.04
CA GLU A 1399 29.76 -47.18 10.71
C GLU A 1399 29.79 -47.42 12.20
N LEU A 1400 29.72 -48.69 12.61
CA LEU A 1400 29.72 -49.02 14.02
C LEU A 1400 31.00 -48.54 14.70
N THR A 1401 32.15 -48.78 14.07
CA THR A 1401 33.42 -48.38 14.66
C THR A 1401 33.45 -46.88 14.87
N ARG A 1402 33.05 -46.13 13.85
CA ARG A 1402 32.95 -44.68 14.02
C ARG A 1402 32.09 -44.33 15.21
N ALA A 1403 30.88 -44.90 15.27
CA ALA A 1403 30.03 -44.70 16.43
C ALA A 1403 30.82 -44.93 17.72
N TYR A 1404 31.65 -45.97 17.73
CA TYR A 1404 32.45 -46.32 18.89
C TYR A 1404 33.13 -45.08 19.44
N LEU A 1405 33.99 -44.46 18.64
CA LEU A 1405 34.59 -43.20 19.07
C LEU A 1405 33.51 -42.21 19.46
N ALA A 1406 32.36 -42.24 18.77
CA ALA A 1406 31.27 -41.36 19.17
C ALA A 1406 30.75 -41.72 20.55
N TYR A 1407 30.61 -43.00 20.83
CA TYR A 1407 29.86 -43.43 22.01
C TYR A 1407 30.73 -43.54 23.26
N ALA A 1408 32.03 -43.82 23.10
CA ALA A 1408 32.93 -43.72 24.24
C ALA A 1408 32.81 -42.36 24.91
N ASP A 1409 32.49 -41.33 24.12
CA ASP A 1409 32.31 -39.99 24.68
C ASP A 1409 31.08 -39.93 25.57
N ASN A 1410 29.99 -40.57 25.16
CA ASN A 1410 28.76 -40.60 25.93
C ASN A 1410 28.49 -42.05 26.33
N SER A 1411 28.95 -42.39 27.55
CA SER A 1411 28.90 -43.78 28.01
C SER A 1411 27.57 -44.45 27.74
N ARG A 1412 26.47 -43.81 28.15
CA ARG A 1412 25.15 -44.45 28.05
C ARG A 1412 24.92 -44.99 26.65
N ALA A 1413 25.20 -44.18 25.64
CA ALA A 1413 24.93 -44.60 24.27
C ALA A 1413 25.94 -45.64 23.78
N GLN A 1414 27.20 -45.46 24.18
CA GLN A 1414 28.18 -46.52 23.95
C GLN A 1414 27.65 -47.85 24.47
N ASP A 1415 26.87 -47.82 25.53
CA ASP A 1415 26.29 -49.05 26.07
C ASP A 1415 25.58 -49.83 24.97
N SER A 1416 24.57 -49.22 24.35
CA SER A 1416 23.84 -49.88 23.28
C SER A 1416 24.80 -50.26 22.14
N ALA A 1417 25.59 -49.28 21.69
CA ALA A 1417 26.41 -49.51 20.51
C ALA A 1417 27.31 -50.72 20.69
N ALA A 1418 27.88 -50.88 21.87
CA ALA A 1418 28.86 -51.92 22.09
C ALA A 1418 28.24 -53.30 21.96
N TYR A 1419 27.08 -53.52 22.57
CA TYR A 1419 26.42 -54.81 22.42
C TYR A 1419 26.04 -55.05 20.97
N ALA A 1420 25.54 -54.01 20.30
CA ALA A 1420 25.25 -54.16 18.88
C ALA A 1420 26.47 -54.70 18.14
N ILE A 1421 27.62 -54.06 18.34
CA ILE A 1421 28.82 -54.43 17.61
C ILE A 1421 29.30 -55.81 18.01
N GLN A 1422 29.21 -56.15 19.29
CA GLN A 1422 29.56 -57.49 19.73
C GLN A 1422 28.73 -58.53 18.98
N GLU A 1423 27.42 -58.31 18.94
CA GLU A 1423 26.54 -59.25 18.27
C GLU A 1423 26.93 -59.41 16.81
N LEU A 1424 27.14 -58.30 16.10
CA LEU A 1424 27.47 -58.42 14.69
C LEU A 1424 28.80 -59.13 14.50
N LEU A 1425 29.83 -58.70 15.22
CA LEU A 1425 31.11 -59.40 15.19
C LEU A 1425 30.87 -60.88 15.33
N SER A 1426 29.99 -61.27 16.26
CA SER A 1426 29.65 -62.67 16.42
C SER A 1426 29.07 -63.24 15.14
N ILE A 1427 28.09 -62.55 14.57
CA ILE A 1427 27.33 -63.02 13.41
C ILE A 1427 28.27 -63.61 12.37
N TYR A 1428 29.47 -63.05 12.28
CA TYR A 1428 30.44 -63.48 11.29
C TYR A 1428 31.66 -64.08 11.97
N ASP A 1429 32.33 -64.96 11.23
CA ASP A 1429 33.65 -65.40 11.64
C ASP A 1429 34.54 -64.19 11.85
N CYS A 1430 35.56 -64.35 12.70
CA CYS A 1430 36.43 -63.22 13.03
C CYS A 1430 37.80 -63.76 13.45
N ARG A 1431 38.77 -63.67 12.55
CA ARG A 1431 40.16 -63.84 12.91
C ARG A 1431 41.04 -63.75 11.66
N GLU A 1432 42.36 -63.70 11.86
CA GLU A 1432 43.30 -63.96 10.78
C GLU A 1432 43.60 -65.44 10.65
N MET A 1433 42.71 -66.29 11.16
CA MET A 1433 42.90 -67.73 11.09
C MET A 1433 43.08 -68.16 9.65
N GLU A 1434 44.04 -69.07 9.42
CA GLU A 1434 44.40 -69.44 8.07
C GLU A 1434 43.19 -69.86 7.25
N THR A 1435 42.31 -70.67 7.83
CA THR A 1435 41.10 -71.06 7.14
C THR A 1435 40.40 -69.80 6.61
N ASN A 1436 40.19 -69.76 5.30
CA ASN A 1436 39.70 -68.54 4.65
C ASN A 1436 38.22 -68.35 4.94
N GLY A 1437 37.90 -68.27 6.22
CA GLY A 1437 36.57 -67.94 6.64
C GLY A 1437 36.17 -66.58 6.14
N PRO A 1438 34.94 -66.47 5.63
CA PRO A 1438 34.44 -65.15 5.25
C PRO A 1438 34.71 -64.09 6.32
N GLY A 1439 34.39 -64.40 7.57
CA GLY A 1439 34.74 -63.50 8.65
C GLY A 1439 36.24 -63.27 8.75
N HIS A 1440 37.03 -64.26 8.35
CA HIS A 1440 38.48 -64.07 8.30
C HIS A 1440 38.85 -63.02 7.26
N GLN A 1441 38.28 -63.13 6.06
CA GLN A 1441 38.49 -62.09 5.05
C GLN A 1441 38.04 -60.74 5.58
N LEU A 1442 36.93 -60.70 6.30
CA LEU A 1442 36.47 -59.44 6.88
C LEU A 1442 37.52 -58.87 7.82
N TRP A 1443 37.98 -59.68 8.78
CA TRP A 1443 39.07 -59.26 9.65
C TRP A 1443 40.19 -58.64 8.83
N ARG A 1444 40.57 -59.32 7.75
CA ARG A 1444 41.53 -58.75 6.83
C ARG A 1444 41.04 -57.45 6.21
N ARG A 1445 39.72 -57.23 6.18
CA ARG A 1445 39.18 -56.09 5.46
C ARG A 1445 39.30 -54.81 6.27
N PHE A 1446 38.99 -54.89 7.56
CA PHE A 1446 38.95 -53.70 8.38
C PHE A 1446 40.27 -52.94 8.25
N PRO A 1447 40.25 -51.62 8.24
CA PRO A 1447 41.50 -50.86 8.31
C PRO A 1447 42.25 -51.25 9.58
N GLU A 1448 43.56 -51.36 9.47
CA GLU A 1448 44.36 -51.84 10.59
C GLU A 1448 43.76 -51.36 11.90
N HIS A 1449 43.77 -50.03 12.11
CA HIS A 1449 43.32 -49.47 13.38
C HIS A 1449 41.90 -49.91 13.70
N VAL A 1450 41.05 -50.04 12.68
CA VAL A 1450 39.71 -50.56 12.91
C VAL A 1450 39.79 -51.97 13.47
N ARG A 1451 40.59 -52.82 12.84
CA ARG A 1451 40.75 -54.18 13.33
C ARG A 1451 41.23 -54.20 14.78
N GLU A 1452 42.07 -53.23 15.18
CA GLU A 1452 42.43 -53.21 16.59
C GLU A 1452 41.24 -52.86 17.46
N ILE A 1453 40.42 -51.91 17.01
CA ILE A 1453 39.19 -51.65 17.75
C ILE A 1453 38.39 -52.94 17.88
N LEU A 1454 38.43 -53.77 16.84
CA LEU A 1454 37.56 -54.94 16.79
C LEU A 1454 38.05 -56.04 17.73
N GLU A 1455 39.29 -56.46 17.57
CA GLU A 1455 39.84 -57.58 18.34
C GLU A 1455 39.51 -57.37 19.81
N PRO A 1456 39.66 -56.16 20.31
CA PRO A 1456 39.22 -55.89 21.69
C PRO A 1456 37.78 -56.30 21.92
N HIS A 1457 36.89 -55.93 21.01
CA HIS A 1457 35.52 -56.40 21.05
C HIS A 1457 35.36 -57.76 20.40
N LEU A 1458 36.45 -58.33 19.87
CA LEU A 1458 36.34 -59.60 19.17
C LEU A 1458 35.73 -60.67 20.06
N ASN A 1459 36.18 -60.76 21.31
CA ASN A 1459 35.57 -61.63 22.31
C ASN A 1459 35.34 -60.80 23.57
N THR A 1460 34.20 -60.11 23.58
CA THR A 1460 33.76 -59.32 24.72
C THR A 1460 32.28 -59.55 24.93
N ARG A 1461 31.90 -59.91 26.15
CA ARG A 1461 30.51 -60.17 26.49
C ARG A 1461 29.91 -58.87 27.00
N TYR A 1462 29.39 -58.06 26.07
CA TYR A 1462 28.72 -56.83 26.47
C TYR A 1462 27.38 -57.14 27.14
N LYS A 1463 26.66 -58.13 26.62
CA LYS A 1463 25.49 -58.68 27.29
C LYS A 1463 24.50 -57.58 27.67
N SER A 1464 24.19 -56.70 26.73
CA SER A 1464 23.27 -55.60 27.01
C SER A 1464 21.84 -56.11 27.15
N SER A 1465 21.00 -55.29 27.77
CA SER A 1465 19.62 -55.70 28.05
C SER A 1465 18.82 -55.87 26.77
N GLN A 1466 19.02 -54.98 25.79
CA GLN A 1466 18.26 -54.99 24.55
C GLN A 1466 16.76 -55.02 24.84
N LYS A 1467 16.34 -54.23 25.84
CA LYS A 1467 14.94 -54.17 26.20
C LYS A 1467 14.09 -53.75 25.00
N SER A 1468 12.95 -54.41 24.81
CA SER A 1468 12.14 -54.27 23.61
C SER A 1468 10.77 -53.73 23.96
N THR A 1469 10.31 -52.75 23.18
CA THR A 1469 8.97 -52.20 23.30
C THR A 1469 8.16 -52.57 22.06
N ASP A 1470 6.98 -53.15 22.27
CA ASP A 1470 6.17 -53.60 21.15
C ASP A 1470 5.80 -52.44 20.24
N TRP A 1471 5.97 -52.66 18.94
CA TRP A 1471 5.70 -51.59 17.98
C TRP A 1471 4.21 -51.35 17.82
N SER A 1472 3.40 -52.40 17.91
CA SER A 1472 1.96 -52.23 17.84
C SER A 1472 1.53 -51.17 18.84
N GLY A 1473 0.59 -50.33 18.42
CA GLY A 1473 0.14 -49.24 19.26
C GLY A 1473 0.81 -47.90 18.98
N VAL A 1474 1.83 -47.87 18.13
CA VAL A 1474 2.40 -46.59 17.72
C VAL A 1474 1.46 -45.90 16.74
N LYS A 1475 1.55 -44.57 16.71
CA LYS A 1475 0.78 -43.82 15.72
C LYS A 1475 1.15 -44.31 14.33
N LYS A 1476 0.14 -44.56 13.50
CA LYS A 1476 0.39 -45.25 12.24
C LYS A 1476 1.44 -44.53 11.42
N PRO A 1477 1.16 -43.31 10.93
CA PRO A 1477 2.22 -42.55 10.26
C PRO A 1477 3.09 -41.85 11.28
N ILE A 1478 4.27 -42.40 11.55
CA ILE A 1478 5.18 -41.71 12.46
C ILE A 1478 5.63 -40.40 11.85
N TYR A 1479 5.82 -40.39 10.53
CA TYR A 1479 5.97 -39.13 9.82
C TYR A 1479 4.75 -38.26 10.08
N LEU A 1480 4.98 -36.95 10.17
CA LEU A 1480 3.93 -36.00 10.50
C LEU A 1480 3.23 -36.39 11.80
N SER A 1481 3.92 -37.13 12.65
CA SER A 1481 3.43 -37.51 13.97
C SER A 1481 4.31 -36.84 15.01
N LYS A 1482 3.72 -36.58 16.18
CA LYS A 1482 4.50 -36.00 17.27
C LYS A 1482 5.67 -36.92 17.64
N LEU A 1483 5.45 -38.23 17.60
CA LEU A 1483 6.56 -39.15 17.82
C LEU A 1483 7.55 -39.13 16.67
N GLY A 1484 7.06 -39.20 15.44
CA GLY A 1484 7.91 -39.11 14.28
C GLY A 1484 8.21 -37.71 13.81
N SER A 1485 8.07 -36.72 14.69
CA SER A 1485 8.32 -35.35 14.28
C SER A 1485 9.82 -35.10 14.09
N ASN A 1486 10.65 -35.68 14.95
CA ASN A 1486 12.09 -35.55 14.79
C ASN A 1486 12.61 -36.56 13.79
N PHE A 1487 13.56 -36.12 12.96
CA PHE A 1487 14.09 -37.01 11.93
C PHE A 1487 14.67 -38.27 12.55
N ALA A 1488 15.55 -38.12 13.53
CA ALA A 1488 16.06 -39.29 14.23
C ALA A 1488 14.93 -40.14 14.76
N GLU A 1489 13.96 -39.50 15.42
CA GLU A 1489 12.84 -40.24 15.99
C GLU A 1489 12.09 -41.03 14.92
N TRP A 1490 11.66 -40.34 13.87
CA TRP A 1490 10.86 -40.99 12.84
C TRP A 1490 11.65 -42.10 12.16
N SER A 1491 12.89 -41.80 11.80
CA SER A 1491 13.79 -42.82 11.27
C SER A 1491 13.77 -44.06 12.14
N ALA A 1492 14.09 -43.89 13.42
CA ALA A 1492 14.19 -45.04 14.31
C ALA A 1492 12.87 -45.79 14.40
N SER A 1493 11.77 -45.05 14.49
CA SER A 1493 10.47 -45.68 14.72
C SER A 1493 10.06 -46.53 13.51
N TRP A 1494 10.02 -45.91 12.34
CA TRP A 1494 9.71 -46.69 11.14
C TRP A 1494 10.71 -47.82 10.98
N ALA A 1495 11.97 -47.60 11.36
CA ALA A 1495 12.97 -48.64 11.28
C ALA A 1495 12.55 -49.85 12.09
N GLY A 1496 12.14 -49.61 13.34
CA GLY A 1496 11.76 -50.73 14.19
C GLY A 1496 10.53 -51.44 13.68
N TYR A 1497 9.52 -50.68 13.25
CA TYR A 1497 8.34 -51.32 12.67
C TYR A 1497 8.75 -52.25 11.54
N LEU A 1498 9.50 -51.71 10.57
CA LEU A 1498 10.01 -52.53 9.49
C LEU A 1498 10.73 -53.76 10.02
N ILE A 1499 11.67 -53.54 10.94
CA ILE A 1499 12.44 -54.63 11.51
C ILE A 1499 11.52 -55.77 11.90
N THR A 1500 10.54 -55.45 12.75
CA THR A 1500 9.57 -56.47 13.14
C THR A 1500 8.96 -57.12 11.92
N LYS A 1501 8.67 -56.33 10.89
CA LYS A 1501 8.00 -56.89 9.72
C LYS A 1501 8.86 -57.95 9.04
N VAL A 1502 10.18 -57.79 9.08
CA VAL A 1502 11.06 -58.68 8.33
C VAL A 1502 10.77 -60.13 8.69
N ARG A 1503 10.87 -61.00 7.68
CA ARG A 1503 10.62 -62.42 7.86
C ARG A 1503 11.88 -63.28 7.79
N HIS A 1504 13.01 -62.70 7.36
CA HIS A 1504 14.23 -63.48 7.17
C HIS A 1504 15.05 -63.50 8.44
N ASP A 1505 15.59 -64.68 8.76
CA ASP A 1505 16.25 -64.88 10.05
C ASP A 1505 17.51 -64.03 10.18
N LEU A 1506 18.41 -64.11 9.22
CA LEU A 1506 19.69 -63.42 9.35
C LEU A 1506 19.49 -61.91 9.41
N ALA A 1507 18.79 -61.37 8.41
CA ALA A 1507 18.48 -59.94 8.42
C ALA A 1507 17.77 -59.55 9.69
N SER A 1508 16.81 -60.38 10.14
CA SER A 1508 16.07 -60.05 11.35
C SER A 1508 17.00 -59.96 12.55
N LYS A 1509 17.91 -60.94 12.69
CA LYS A 1509 18.83 -60.91 13.81
C LYS A 1509 19.71 -59.68 13.77
N ILE A 1510 20.25 -59.37 12.60
CA ILE A 1510 21.15 -58.22 12.49
C ILE A 1510 20.41 -56.94 12.84
N PHE A 1511 19.24 -56.76 12.25
CA PHE A 1511 18.47 -55.54 12.48
C PHE A 1511 18.07 -55.43 13.95
N THR A 1512 17.55 -56.52 14.52
CA THR A 1512 17.30 -56.54 15.95
C THR A 1512 18.52 -56.05 16.70
N CYS A 1513 19.68 -56.63 16.39
CA CYS A 1513 20.90 -56.22 17.08
C CYS A 1513 21.07 -54.71 17.05
N CYS A 1514 20.99 -54.14 15.85
CA CYS A 1514 21.22 -52.71 15.75
C CYS A 1514 20.02 -51.87 16.19
N SER A 1515 18.94 -52.51 16.60
CA SER A 1515 17.72 -51.78 16.98
C SER A 1515 18.03 -50.64 17.94
N ILE A 1516 18.53 -50.97 19.12
CA ILE A 1516 18.83 -49.94 20.10
C ILE A 1516 19.78 -48.91 19.50
N MET A 1517 20.78 -49.38 18.76
CA MET A 1517 21.73 -48.48 18.13
C MET A 1517 21.02 -47.40 17.33
N MET A 1518 19.95 -47.78 16.64
CA MET A 1518 19.24 -46.83 15.79
C MET A 1518 18.90 -45.55 16.55
N LYS A 1519 18.18 -45.68 17.66
CA LYS A 1519 17.81 -44.49 18.43
C LYS A 1519 19.04 -43.69 18.84
N HIS A 1520 20.20 -44.33 18.89
CA HIS A 1520 21.38 -43.62 19.37
C HIS A 1520 22.06 -42.83 18.27
N ASP A 1521 22.11 -43.36 17.05
CA ASP A 1521 22.74 -42.66 15.93
C ASP A 1521 21.79 -42.62 14.76
N PHE A 1522 21.68 -41.44 14.14
CA PHE A 1522 20.82 -41.31 12.97
C PHE A 1522 21.43 -41.99 11.76
N LYS A 1523 22.74 -41.83 11.55
CA LYS A 1523 23.36 -42.34 10.35
C LYS A 1523 23.31 -43.86 10.28
N VAL A 1524 23.40 -44.53 11.43
CA VAL A 1524 23.28 -45.99 11.41
C VAL A 1524 21.94 -46.39 10.84
N THR A 1525 20.87 -45.75 11.31
CA THR A 1525 19.55 -46.01 10.76
C THR A 1525 19.49 -45.67 9.29
N ILE A 1526 20.06 -44.53 8.90
CA ILE A 1526 20.08 -44.17 7.48
C ILE A 1526 20.68 -45.30 6.67
N TYR A 1527 21.81 -45.82 7.13
CA TYR A 1527 22.49 -46.88 6.39
C TYR A 1527 21.64 -48.12 6.32
N LEU A 1528 21.04 -48.53 7.43
CA LEU A 1528 20.39 -49.83 7.45
C LEU A 1528 19.02 -49.80 6.78
N LEU A 1529 18.30 -48.71 6.92
CA LEU A 1529 16.92 -48.62 6.43
C LEU A 1529 16.74 -49.20 5.03
N PRO A 1530 17.59 -48.89 4.05
CA PRO A 1530 17.33 -49.39 2.69
C PRO A 1530 17.28 -50.91 2.63
N HIS A 1531 18.32 -51.57 3.14
CA HIS A 1531 18.34 -53.03 3.07
C HIS A 1531 17.20 -53.62 3.87
N ILE A 1532 16.89 -53.03 5.02
CA ILE A 1532 15.74 -53.49 5.80
C ILE A 1532 14.50 -53.42 4.93
N LEU A 1533 14.32 -52.32 4.21
CA LEU A 1533 13.20 -52.20 3.30
C LEU A 1533 13.19 -53.33 2.30
N VAL A 1534 14.36 -53.63 1.74
CA VAL A 1534 14.43 -54.70 0.75
C VAL A 1534 13.95 -56.00 1.35
N TYR A 1535 14.44 -56.35 2.52
CA TYR A 1535 14.06 -57.62 3.13
C TYR A 1535 12.56 -57.65 3.42
N VAL A 1536 12.06 -56.58 4.04
CA VAL A 1536 10.62 -56.50 4.31
C VAL A 1536 9.84 -56.76 3.03
N LEU A 1537 10.25 -56.13 1.94
CA LEU A 1537 9.60 -56.41 0.66
C LEU A 1537 9.70 -57.89 0.32
N LEU A 1538 10.87 -58.47 0.54
CA LEU A 1538 11.06 -59.88 0.23
C LEU A 1538 9.99 -60.72 0.91
N GLY A 1539 9.68 -60.42 2.16
CA GLY A 1539 8.63 -61.15 2.83
C GLY A 1539 7.66 -60.22 3.54
N CYS A 1540 6.37 -60.29 3.21
CA CYS A 1540 5.44 -59.39 3.88
C CYS A 1540 3.99 -59.67 3.53
N ASN A 1541 3.09 -59.24 4.41
CA ASN A 1541 1.66 -59.28 4.12
C ASN A 1541 1.29 -58.09 3.26
N GLN A 1542 0.20 -58.25 2.50
CA GLN A 1542 -0.30 -57.16 1.69
C GLN A 1542 -0.45 -55.90 2.52
N GLU A 1543 -0.91 -56.06 3.77
CA GLU A 1543 -1.02 -54.91 4.66
C GLU A 1543 0.35 -54.34 5.00
N ASP A 1544 1.37 -55.19 5.10
CA ASP A 1544 2.71 -54.70 5.38
C ASP A 1544 3.20 -53.80 4.26
N GLN A 1545 3.17 -54.32 3.04
CA GLN A 1545 3.47 -53.52 1.86
C GLN A 1545 2.67 -52.23 1.89
N GLN A 1546 1.38 -52.33 2.21
CA GLN A 1546 0.54 -51.15 2.27
C GLN A 1546 1.05 -50.17 3.31
N GLU A 1547 1.53 -50.68 4.45
CA GLU A 1547 2.01 -49.79 5.50
C GLU A 1547 3.21 -49.00 5.02
N VAL A 1548 4.20 -49.68 4.46
CA VAL A 1548 5.36 -48.96 3.95
C VAL A 1548 4.93 -47.98 2.86
N TYR A 1549 4.05 -48.41 1.97
CA TYR A 1549 3.59 -47.54 0.90
C TYR A 1549 2.95 -46.29 1.46
N ALA A 1550 2.12 -46.44 2.47
CA ALA A 1550 1.44 -45.29 3.05
C ALA A 1550 2.44 -44.35 3.70
N GLU A 1551 3.39 -44.89 4.47
CA GLU A 1551 4.40 -44.05 5.07
C GLU A 1551 5.13 -43.25 4.00
N ILE A 1552 5.50 -43.92 2.90
CA ILE A 1552 6.24 -43.25 1.85
C ILE A 1552 5.41 -42.15 1.22
N MET A 1553 4.22 -42.50 0.74
CA MET A 1553 3.35 -41.52 0.13
C MET A 1553 3.19 -40.32 1.04
N ALA A 1554 2.94 -40.57 2.33
CA ALA A 1554 2.78 -39.49 3.28
C ALA A 1554 4.00 -38.58 3.29
N VAL A 1555 5.17 -39.15 3.54
CA VAL A 1555 6.39 -38.34 3.58
C VAL A 1555 6.51 -37.51 2.31
N LEU A 1556 6.34 -38.15 1.16
CA LEU A 1556 6.41 -37.44 -0.11
C LEU A 1556 5.25 -36.47 -0.24
N LYS A 1557 4.03 -37.00 -0.26
CA LYS A 1557 2.85 -36.15 -0.43
C LYS A 1557 2.91 -34.93 0.46
N HIS A 1558 3.48 -35.11 1.67
CA HIS A 1558 3.57 -33.98 2.64
C HIS A 1558 4.51 -32.89 2.11
N ASP A 1559 4.06 -31.64 2.18
CA ASP A 1559 4.85 -30.52 1.71
C ASP A 1559 5.35 -29.71 2.90
N ASP A 1560 6.64 -29.45 2.92
CA ASP A 1560 7.20 -28.60 3.96
C ASP A 1560 6.66 -27.19 3.82
N GLN A 1561 6.45 -26.53 4.96
CA GLN A 1561 5.83 -25.21 5.00
C GLN A 1561 4.34 -25.31 4.74
N HIS A 1562 3.87 -26.51 4.43
CA HIS A 1562 2.46 -26.73 4.12
C HIS A 1562 2.00 -28.13 4.51
N SER A 1571 11.16 -28.51 10.42
CA SER A 1571 11.37 -28.21 9.00
C SER A 1571 12.38 -29.16 8.39
N ASP A 1572 13.52 -29.30 9.07
CA ASP A 1572 14.57 -30.20 8.59
C ASP A 1572 14.01 -31.59 8.30
N LEU A 1573 13.06 -32.04 9.12
CA LEU A 1573 12.56 -33.40 9.01
C LEU A 1573 12.03 -33.69 7.61
N CYS A 1574 11.33 -32.74 7.01
CA CYS A 1574 10.74 -32.96 5.70
C CYS A 1574 11.82 -33.35 4.70
N GLN A 1575 12.80 -32.46 4.49
CA GLN A 1575 13.86 -32.74 3.53
C GLN A 1575 14.62 -34.01 3.91
N LEU A 1576 14.86 -34.22 5.20
CA LEU A 1576 15.63 -35.38 5.61
C LEU A 1576 14.91 -36.67 5.21
N SER A 1577 13.64 -36.77 5.57
CA SER A 1577 12.86 -37.93 5.19
C SER A 1577 12.82 -38.09 3.68
N THR A 1578 12.68 -36.98 2.96
CA THR A 1578 12.68 -37.06 1.51
C THR A 1578 13.94 -37.74 1.02
N GLN A 1579 15.10 -37.25 1.47
CA GLN A 1579 16.36 -37.81 1.01
C GLN A 1579 16.47 -39.28 1.42
N THR A 1580 16.04 -39.60 2.62
CA THR A 1580 16.13 -40.98 3.09
C THR A 1580 15.30 -41.91 2.21
N VAL A 1581 14.04 -41.53 1.98
CA VAL A 1581 13.17 -42.38 1.19
C VAL A 1581 13.67 -42.49 -0.24
N PHE A 1582 14.20 -41.40 -0.77
CA PHE A 1582 14.82 -41.45 -2.08
C PHE A 1582 15.94 -42.47 -2.12
N SER A 1583 16.83 -42.40 -1.13
CA SER A 1583 17.93 -43.37 -1.05
C SER A 1583 17.38 -44.79 -1.02
N MET A 1584 16.36 -45.01 -0.20
CA MET A 1584 15.78 -46.35 -0.10
C MET A 1584 15.25 -46.81 -1.44
N LEU A 1585 14.52 -45.95 -2.13
CA LEU A 1585 13.94 -46.34 -3.41
C LEU A 1585 15.03 -46.59 -4.44
N ASP A 1586 16.09 -45.80 -4.41
CA ASP A 1586 17.19 -46.00 -5.34
C ASP A 1586 17.83 -47.36 -5.12
N HIS A 1587 18.11 -47.69 -3.85
CA HIS A 1587 18.63 -49.02 -3.56
C HIS A 1587 17.66 -50.09 -4.03
N LEU A 1588 16.36 -49.86 -3.85
CA LEU A 1588 15.37 -50.81 -4.33
C LEU A 1588 15.55 -51.06 -5.82
N THR A 1589 15.58 -49.98 -6.61
CA THR A 1589 15.67 -50.13 -8.05
C THR A 1589 16.97 -50.81 -8.45
N GLN A 1590 18.07 -50.42 -7.83
CA GLN A 1590 19.35 -51.03 -8.16
C GLN A 1590 19.32 -52.52 -7.88
N TRP A 1591 18.84 -52.90 -6.70
CA TRP A 1591 18.69 -54.31 -6.39
C TRP A 1591 17.83 -55.00 -7.42
N ALA A 1592 16.74 -54.36 -7.84
CA ALA A 1592 15.87 -54.97 -8.82
C ALA A 1592 16.64 -55.26 -10.10
N ARG A 1593 17.43 -54.28 -10.57
CA ARG A 1593 18.16 -54.48 -11.81
C ARG A 1593 19.18 -55.61 -11.67
N HIS A 1594 19.92 -55.60 -10.57
CA HIS A 1594 20.91 -56.67 -10.37
C HIS A 1594 20.22 -58.03 -10.29
N LYS A 1595 19.10 -58.12 -9.59
CA LYS A 1595 18.39 -59.38 -9.46
C LYS A 1595 17.85 -59.83 -10.81
N PHE A 1596 17.40 -58.89 -11.63
CA PHE A 1596 16.97 -59.26 -12.96
C PHE A 1596 18.12 -59.82 -13.77
N GLN A 1597 19.30 -59.19 -13.66
CA GLN A 1597 20.48 -59.74 -14.29
C GLN A 1597 20.71 -61.18 -13.86
N ALA A 1598 20.64 -61.42 -12.54
CA ALA A 1598 20.83 -62.77 -12.03
C ALA A 1598 19.81 -63.73 -12.63
N LEU A 1599 18.53 -63.40 -12.51
CA LEU A 1599 17.48 -64.23 -13.08
C LEU A 1599 17.79 -64.57 -14.53
N LYS A 1600 18.18 -63.57 -15.31
CA LYS A 1600 18.52 -63.83 -16.71
C LYS A 1600 19.65 -64.82 -16.80
N ALA A 1601 20.66 -64.68 -15.95
CA ALA A 1601 21.77 -65.62 -15.93
C ALA A 1601 21.29 -67.00 -15.52
N THR A 1620 11.14 -69.44 -10.20
CA THR A 1620 11.72 -69.84 -8.93
C THR A 1620 11.46 -68.79 -7.85
N VAL A 1621 11.86 -69.13 -6.62
CA VAL A 1621 11.61 -68.26 -5.48
C VAL A 1621 12.31 -66.93 -5.68
N ASP A 1622 13.54 -66.95 -6.21
CA ASP A 1622 14.26 -65.70 -6.44
C ASP A 1622 13.51 -64.83 -7.44
N TYR A 1623 13.03 -65.43 -8.53
CA TYR A 1623 12.20 -64.69 -9.47
C TYR A 1623 11.01 -64.07 -8.76
N GLU A 1624 10.33 -64.85 -7.93
CA GLU A 1624 9.14 -64.35 -7.25
C GLU A 1624 9.46 -63.14 -6.39
N ASP A 1625 10.53 -63.25 -5.59
CA ASP A 1625 10.90 -62.14 -4.72
C ASP A 1625 11.27 -60.91 -5.54
N TYR A 1626 12.04 -61.11 -6.61
CA TYR A 1626 12.34 -60.02 -7.52
C TYR A 1626 11.06 -59.35 -8.01
N GLN A 1627 10.09 -60.17 -8.38
CA GLN A 1627 8.79 -59.66 -8.79
C GLN A 1627 8.19 -58.78 -7.71
N SER A 1628 8.29 -59.22 -6.46
CA SER A 1628 7.68 -58.46 -5.38
C SER A 1628 8.33 -57.10 -5.24
N VAL A 1629 9.67 -57.07 -5.27
CA VAL A 1629 10.38 -55.79 -5.21
C VAL A 1629 9.93 -54.91 -6.35
N THR A 1630 9.85 -55.48 -7.55
CA THR A 1630 9.40 -54.72 -8.71
C THR A 1630 8.03 -54.12 -8.46
N ARG A 1631 7.12 -54.93 -7.92
CA ARG A 1631 5.76 -54.47 -7.67
C ARG A 1631 5.77 -53.26 -6.75
N PHE A 1632 6.42 -53.38 -5.59
CA PHE A 1632 6.40 -52.26 -4.67
C PHE A 1632 7.00 -51.02 -5.32
N LEU A 1633 8.14 -51.17 -5.98
CA LEU A 1633 8.73 -50.02 -6.67
C LEU A 1633 7.72 -49.41 -7.63
N ASP A 1634 6.92 -50.26 -8.30
CA ASP A 1634 5.98 -49.77 -9.29
C ASP A 1634 4.86 -48.97 -8.63
N LEU A 1635 4.40 -49.40 -7.47
CA LEU A 1635 3.24 -48.78 -6.85
C LEU A 1635 3.37 -47.26 -6.83
N ILE A 1636 4.50 -46.76 -6.36
CA ILE A 1636 4.65 -45.32 -6.15
C ILE A 1636 4.46 -44.58 -7.47
N PRO A 1637 3.88 -43.39 -7.44
CA PRO A 1637 3.70 -42.59 -8.67
C PRO A 1637 4.96 -41.79 -8.97
N GLN A 1638 5.62 -42.14 -10.08
CA GLN A 1638 6.78 -41.38 -10.51
C GLN A 1638 6.54 -39.89 -10.38
N ASP A 1639 5.39 -39.43 -10.88
CA ASP A 1639 5.07 -38.01 -10.83
C ASP A 1639 5.16 -37.48 -9.42
N THR A 1640 4.68 -38.25 -8.44
CA THR A 1640 4.77 -37.82 -7.05
C THR A 1640 6.21 -37.63 -6.65
N LEU A 1641 7.06 -38.61 -6.92
CA LEU A 1641 8.47 -38.49 -6.60
C LEU A 1641 9.05 -37.24 -7.23
N ALA A 1642 8.64 -36.95 -8.47
CA ALA A 1642 9.17 -35.80 -9.16
C ALA A 1642 8.80 -34.52 -8.44
N VAL A 1643 7.51 -34.34 -8.15
CA VAL A 1643 7.08 -33.19 -7.37
C VAL A 1643 7.93 -33.08 -6.11
N ALA A 1644 8.06 -34.18 -5.39
CA ALA A 1644 8.82 -34.18 -4.14
C ALA A 1644 10.22 -33.65 -4.38
N SER A 1645 10.97 -34.30 -5.25
CA SER A 1645 12.31 -33.86 -5.60
C SER A 1645 12.32 -32.36 -5.79
N PHE A 1646 11.44 -31.85 -6.65
CA PHE A 1646 11.46 -30.42 -6.92
C PHE A 1646 11.33 -29.63 -5.63
N ARG A 1647 10.38 -30.02 -4.77
CA ARG A 1647 10.37 -29.42 -3.45
C ARG A 1647 11.73 -29.57 -2.79
N SER A 1648 12.34 -30.74 -2.93
CA SER A 1648 13.63 -30.97 -2.32
C SER A 1648 14.72 -30.08 -2.90
N LYS A 1649 14.49 -29.55 -4.10
CA LYS A 1649 15.50 -28.86 -4.88
C LYS A 1649 16.45 -29.87 -5.53
N ALA A 1650 16.16 -31.17 -5.40
CA ALA A 1650 16.93 -32.20 -6.09
C ALA A 1650 16.55 -32.23 -7.56
N TYR A 1651 16.85 -31.10 -8.22
CA TYR A 1651 16.36 -30.88 -9.57
C TYR A 1651 16.64 -32.08 -10.47
N THR A 1652 17.92 -32.46 -10.59
CA THR A 1652 18.27 -33.54 -11.49
C THR A 1652 17.42 -34.77 -11.25
N ARG A 1653 17.27 -35.17 -9.99
CA ARG A 1653 16.39 -36.28 -9.68
C ARG A 1653 14.98 -36.01 -10.18
N ALA A 1654 14.52 -34.77 -10.04
CA ALA A 1654 13.19 -34.42 -10.53
C ALA A 1654 13.09 -34.71 -12.01
N VAL A 1655 14.07 -34.25 -12.79
CA VAL A 1655 14.01 -34.46 -14.23
C VAL A 1655 13.99 -35.94 -14.55
N MET A 1656 14.87 -36.71 -13.91
CA MET A 1656 14.89 -38.13 -14.17
C MET A 1656 13.51 -38.73 -13.93
N HIS A 1657 12.93 -38.43 -12.78
CA HIS A 1657 11.64 -39.02 -12.44
C HIS A 1657 10.57 -38.58 -13.43
N PHE A 1658 10.56 -37.31 -13.80
CA PHE A 1658 9.51 -36.81 -14.67
C PHE A 1658 9.59 -37.48 -16.03
N GLU A 1659 10.80 -37.57 -16.59
CA GLU A 1659 10.95 -38.25 -17.88
C GLU A 1659 10.52 -39.70 -17.76
N SER A 1660 10.97 -40.37 -16.71
CA SER A 1660 10.55 -41.74 -16.49
C SER A 1660 9.04 -41.86 -16.47
N PHE A 1661 8.38 -40.91 -15.82
CA PHE A 1661 6.94 -40.94 -15.71
C PHE A 1661 6.28 -40.79 -17.06
N ILE A 1662 6.74 -39.82 -17.84
CA ILE A 1662 6.14 -39.58 -19.16
C ILE A 1662 6.34 -40.79 -20.06
N THR A 1663 7.51 -41.41 -20.02
CA THR A 1663 7.81 -42.47 -20.96
C THR A 1663 7.21 -43.80 -20.53
N GLU A 1664 7.42 -44.19 -19.27
CA GLU A 1664 6.87 -45.44 -18.77
C GLU A 1664 5.36 -45.48 -18.96
N LYS A 1665 4.66 -44.52 -18.37
CA LYS A 1665 3.22 -44.38 -18.56
C LYS A 1665 3.00 -43.32 -19.63
N LYS A 1666 2.51 -43.76 -20.79
CA LYS A 1666 2.30 -42.82 -21.90
C LYS A 1666 1.48 -41.63 -21.44
N GLN A 1667 2.08 -40.44 -21.55
CA GLN A 1667 1.42 -39.19 -21.21
C GLN A 1667 1.78 -38.15 -22.25
N ASN A 1668 0.78 -37.37 -22.66
CA ASN A 1668 1.06 -36.31 -23.63
C ASN A 1668 1.91 -35.24 -22.96
N ILE A 1669 3.18 -35.15 -23.37
CA ILE A 1669 4.09 -34.17 -22.78
C ILE A 1669 3.43 -32.81 -22.70
N GLN A 1670 2.54 -32.50 -23.66
CA GLN A 1670 1.90 -31.19 -23.67
C GLN A 1670 1.28 -30.88 -22.31
N GLU A 1671 0.68 -31.88 -21.67
CA GLU A 1671 -0.04 -31.62 -20.43
C GLU A 1671 0.89 -31.07 -19.37
N HIS A 1672 2.07 -31.65 -19.23
CA HIS A 1672 2.95 -31.33 -18.11
C HIS A 1672 4.05 -30.34 -18.50
N LEU A 1673 3.97 -29.76 -19.69
CA LEU A 1673 5.07 -28.92 -20.17
C LEU A 1673 5.40 -27.82 -19.18
N GLY A 1674 4.39 -27.22 -18.56
CA GLY A 1674 4.67 -26.18 -17.58
C GLY A 1674 5.64 -26.65 -16.52
N PHE A 1675 5.43 -27.85 -16.00
CA PHE A 1675 6.29 -28.38 -14.96
C PHE A 1675 7.72 -28.54 -15.46
N LEU A 1676 7.88 -29.12 -16.64
CA LEU A 1676 9.23 -29.32 -17.17
C LEU A 1676 9.92 -27.99 -17.39
N GLN A 1677 9.20 -27.00 -17.92
CA GLN A 1677 9.78 -25.68 -18.08
C GLN A 1677 10.25 -25.15 -16.74
N LYS A 1678 9.41 -25.24 -15.72
CA LYS A 1678 9.81 -24.77 -14.40
C LYS A 1678 11.10 -25.45 -13.95
N LEU A 1679 11.14 -26.78 -14.06
CA LEU A 1679 12.34 -27.50 -13.69
C LEU A 1679 13.55 -26.90 -14.38
N TYR A 1680 13.56 -26.95 -15.71
CA TYR A 1680 14.71 -26.45 -16.44
C TYR A 1680 15.07 -25.06 -15.99
N ALA A 1681 14.07 -24.25 -15.61
CA ALA A 1681 14.36 -22.94 -15.08
C ALA A 1681 15.16 -23.05 -13.80
N ALA A 1682 14.73 -23.90 -12.89
CA ALA A 1682 15.45 -24.06 -11.64
C ALA A 1682 16.88 -24.52 -11.88
N MET A 1683 17.06 -25.50 -12.76
CA MET A 1683 18.40 -25.98 -13.05
C MET A 1683 19.26 -24.93 -13.72
N HIS A 1684 18.71 -23.78 -14.08
CA HIS A 1684 19.45 -22.78 -14.83
C HIS A 1684 19.95 -23.37 -16.14
N GLU A 1685 19.07 -24.13 -16.81
CA GLU A 1685 19.39 -24.79 -18.05
C GLU A 1685 18.60 -24.14 -19.17
N PRO A 1686 19.13 -23.09 -19.81
CA PRO A 1686 18.33 -22.39 -20.81
C PRO A 1686 17.88 -23.27 -21.96
N ASP A 1687 18.75 -24.18 -22.40
CA ASP A 1687 18.38 -25.07 -23.48
C ASP A 1687 17.07 -25.76 -23.18
N GLY A 1688 16.89 -26.20 -21.94
CA GLY A 1688 15.66 -26.89 -21.58
C GLY A 1688 14.44 -26.03 -21.86
N VAL A 1689 14.44 -24.80 -21.34
CA VAL A 1689 13.27 -23.95 -21.50
C VAL A 1689 13.04 -23.64 -22.97
N ALA A 1690 14.11 -23.39 -23.71
CA ALA A 1690 13.92 -23.12 -25.14
C ALA A 1690 13.25 -24.30 -25.81
N GLY A 1691 13.72 -25.51 -25.51
CA GLY A 1691 13.08 -26.68 -26.07
C GLY A 1691 11.61 -26.76 -25.69
N VAL A 1692 11.32 -26.56 -24.42
CA VAL A 1692 9.93 -26.56 -23.98
C VAL A 1692 9.11 -25.64 -24.87
N SER A 1693 9.48 -24.36 -24.89
CA SER A 1693 8.75 -23.40 -25.70
C SER A 1693 8.55 -23.93 -27.12
N ALA A 1694 9.62 -24.47 -27.71
CA ALA A 1694 9.49 -24.96 -29.07
C ALA A 1694 8.49 -26.10 -29.15
N ILE A 1695 8.29 -26.85 -28.07
CA ILE A 1695 7.39 -27.99 -28.15
C ILE A 1695 5.94 -27.57 -27.96
N ARG A 1696 5.69 -26.59 -27.10
CA ARG A 1696 4.32 -26.28 -26.71
C ARG A 1696 3.47 -25.99 -27.95
N LYS A 1697 2.27 -26.58 -27.98
CA LYS A 1697 1.30 -26.25 -29.01
C LYS A 1697 0.43 -25.07 -28.60
N ALA A 1698 -0.13 -25.12 -27.40
CA ALA A 1698 -0.93 -24.02 -26.92
C ALA A 1698 -0.14 -22.73 -26.92
N GLU A 1699 -0.85 -21.61 -26.96
CA GLU A 1699 -0.19 -20.33 -26.89
C GLU A 1699 0.49 -20.18 -25.53
N PRO A 1700 1.59 -19.45 -25.47
CA PRO A 1700 2.30 -19.29 -24.19
C PRO A 1700 1.58 -18.31 -23.29
N SER A 1701 1.29 -18.76 -22.07
CA SER A 1701 0.80 -17.83 -21.06
C SER A 1701 1.84 -16.75 -20.80
N LEU A 1702 1.40 -15.68 -20.15
CA LEU A 1702 2.31 -14.57 -19.89
C LEU A 1702 3.38 -14.97 -18.89
N LYS A 1703 3.04 -15.77 -17.89
CA LYS A 1703 4.04 -16.20 -16.92
C LYS A 1703 5.12 -17.05 -17.60
N GLU A 1704 4.71 -18.08 -18.33
CA GLU A 1704 5.68 -18.89 -19.06
C GLU A 1704 6.50 -18.03 -19.99
N GLN A 1705 5.87 -17.02 -20.61
CA GLN A 1705 6.62 -16.14 -21.49
C GLN A 1705 7.69 -15.39 -20.71
N ILE A 1706 7.34 -14.89 -19.54
CA ILE A 1706 8.31 -14.19 -18.70
C ILE A 1706 9.48 -15.12 -18.39
N LEU A 1707 9.15 -16.34 -17.98
CA LEU A 1707 10.19 -17.30 -17.65
C LEU A 1707 11.13 -17.53 -18.82
N GLU A 1708 10.56 -17.78 -20.00
CA GLU A 1708 11.38 -18.02 -21.17
C GLU A 1708 12.26 -16.82 -21.48
N HIS A 1709 11.66 -15.63 -21.51
CA HIS A 1709 12.44 -14.43 -21.73
C HIS A 1709 13.63 -14.38 -20.79
N GLU A 1710 13.36 -14.48 -19.49
CA GLU A 1710 14.43 -14.39 -18.50
C GLU A 1710 15.52 -15.41 -18.78
N SER A 1711 15.13 -16.66 -19.04
CA SER A 1711 16.13 -17.69 -19.27
C SER A 1711 16.99 -17.35 -20.49
N LEU A 1712 16.36 -17.01 -21.60
CA LEU A 1712 17.05 -16.81 -22.87
C LEU A 1712 17.32 -15.32 -23.10
N GLY A 1713 18.13 -14.74 -22.23
CA GLY A 1713 18.48 -13.34 -22.34
C GLY A 1713 17.27 -12.49 -22.66
N LEU A 1715 16.52 -9.28 -22.65
CA LEU A 1715 16.13 -8.35 -21.59
C LEU A 1715 15.17 -7.30 -22.12
N ARG A 1716 15.40 -6.83 -23.35
CA ARG A 1716 14.57 -5.76 -23.88
C ARG A 1716 13.11 -6.20 -23.98
N ASP A 1717 12.84 -7.30 -24.66
CA ASP A 1717 11.46 -7.80 -24.71
C ASP A 1717 10.94 -8.09 -23.30
N ALA A 1718 11.82 -8.58 -22.43
CA ALA A 1718 11.40 -8.93 -21.08
C ALA A 1718 10.91 -7.72 -20.31
N THR A 1719 11.47 -6.54 -20.57
CA THR A 1719 11.02 -5.36 -19.85
C THR A 1719 9.56 -5.07 -20.16
N ALA A 1720 9.20 -5.10 -21.45
CA ALA A 1720 7.81 -4.88 -21.82
C ALA A 1720 6.91 -5.97 -21.28
N CYS A 1721 7.39 -7.22 -21.31
CA CYS A 1721 6.59 -8.30 -20.75
C CYS A 1721 6.33 -8.06 -19.27
N TYR A 1722 7.36 -7.61 -18.54
CA TYR A 1722 7.18 -7.28 -17.13
C TYR A 1722 6.17 -6.16 -16.95
N ASP A 1723 6.21 -5.15 -17.81
CA ASP A 1723 5.25 -4.07 -17.73
C ASP A 1723 3.82 -4.60 -17.85
N ARG A 1724 3.58 -5.38 -18.90
CA ARG A 1724 2.26 -5.98 -19.07
C ARG A 1724 1.87 -6.82 -17.85
N ALA A 1725 2.83 -7.58 -17.31
CA ALA A 1725 2.56 -8.36 -16.12
C ALA A 1725 2.05 -7.48 -14.99
N ILE A 1726 2.86 -6.49 -14.61
CA ILE A 1726 2.47 -5.58 -13.54
C ILE A 1726 1.06 -5.07 -13.77
N GLN A 1727 0.78 -4.62 -15.00
CA GLN A 1727 -0.56 -4.15 -15.31
C GLN A 1727 -1.59 -5.25 -15.04
N LEU A 1728 -1.23 -6.50 -15.29
CA LEU A 1728 -2.17 -7.59 -15.08
C LEU A 1728 -2.40 -7.85 -13.59
N GLU A 1729 -1.32 -7.96 -12.82
CA GLU A 1729 -1.42 -8.17 -11.38
C GLU A 1729 -0.56 -7.12 -10.69
N PRO A 1730 -1.15 -6.20 -9.96
CA PRO A 1730 -0.36 -5.09 -9.39
C PRO A 1730 0.43 -5.48 -8.16
N ASP A 1731 -0.08 -6.41 -7.36
CA ASP A 1731 0.52 -6.66 -6.06
C ASP A 1731 1.83 -7.42 -6.14
N GLN A 1732 1.98 -8.31 -7.11
CA GLN A 1732 3.20 -9.10 -7.18
C GLN A 1732 4.42 -8.20 -7.19
N ILE A 1733 5.47 -8.64 -6.51
CA ILE A 1733 6.69 -7.84 -6.39
C ILE A 1733 7.73 -8.34 -7.37
N ILE A 1734 7.63 -9.61 -7.75
CA ILE A 1734 8.61 -10.17 -8.68
C ILE A 1734 8.63 -9.39 -9.97
N HIS A 1735 7.48 -8.89 -10.40
CA HIS A 1735 7.42 -8.17 -11.66
C HIS A 1735 8.21 -6.86 -11.57
N TYR A 1736 7.99 -6.09 -10.52
CA TYR A 1736 8.81 -4.91 -10.32
C TYR A 1736 10.28 -5.27 -10.24
N HIS A 1737 10.58 -6.40 -9.60
CA HIS A 1737 11.96 -6.87 -9.57
C HIS A 1737 12.50 -6.99 -10.99
N GLY A 1738 11.75 -7.65 -11.85
CA GLY A 1738 12.21 -7.85 -13.21
C GLY A 1738 12.40 -6.53 -13.94
N VAL A 1739 11.46 -5.61 -13.77
CA VAL A 1739 11.55 -4.35 -14.50
C VAL A 1739 12.76 -3.56 -14.03
N VAL A 1740 12.98 -3.50 -12.72
CA VAL A 1740 14.14 -2.77 -12.22
C VAL A 1740 15.42 -3.42 -12.71
N LYS A 1741 15.48 -4.75 -12.64
CA LYS A 1741 16.66 -5.44 -13.14
C LYS A 1741 16.93 -5.06 -14.58
N SER A 1742 15.91 -5.19 -15.44
CA SER A 1742 16.08 -4.81 -16.83
C SER A 1742 16.64 -3.41 -16.95
N MET A 1743 15.95 -2.42 -16.38
CA MET A 1743 16.46 -1.06 -16.44
C MET A 1743 17.90 -0.99 -15.99
N LEU A 1744 18.30 -1.89 -15.09
CA LEU A 1744 19.70 -1.95 -14.69
C LEU A 1744 20.58 -2.40 -15.84
N GLY A 1745 20.26 -3.57 -16.39
CA GLY A 1745 21.07 -4.10 -17.47
C GLY A 1745 21.32 -3.09 -18.57
N LEU A 1746 20.28 -2.36 -18.96
CA LEU A 1746 20.43 -1.38 -20.02
C LEU A 1746 21.33 -0.21 -19.62
N GLY A 1747 21.66 -0.07 -18.34
CA GLY A 1747 22.48 1.02 -17.89
C GLY A 1747 21.74 2.27 -17.48
N GLN A 1748 20.41 2.19 -17.30
CA GLN A 1748 19.62 3.36 -16.94
C GLN A 1748 19.57 3.49 -15.42
N LEU A 1749 20.73 3.80 -14.83
CA LEU A 1749 20.82 3.87 -13.39
C LEU A 1749 19.82 4.86 -12.81
N SER A 1750 19.98 6.13 -13.14
CA SER A 1750 19.10 7.16 -12.60
C SER A 1750 17.65 6.73 -12.67
N THR A 1751 17.24 6.18 -13.80
CA THR A 1751 15.86 5.73 -13.93
C THR A 1751 15.55 4.67 -12.88
N VAL A 1752 16.49 3.77 -12.63
CA VAL A 1752 16.24 2.73 -11.62
C VAL A 1752 16.04 3.37 -10.26
N ILE A 1753 16.89 4.33 -9.91
CA ILE A 1753 16.74 5.01 -8.63
C ILE A 1753 15.33 5.59 -8.51
N THR A 1754 14.95 6.41 -9.48
CA THR A 1754 13.65 7.06 -9.41
C THR A 1754 12.53 6.02 -9.35
N GLN A 1755 12.69 4.91 -10.06
CA GLN A 1755 11.63 3.93 -10.13
C GLN A 1755 11.44 3.23 -8.79
N VAL A 1756 12.55 2.77 -8.20
CA VAL A 1756 12.46 2.19 -6.87
C VAL A 1756 11.83 3.17 -5.91
N ASN A 1757 12.24 4.44 -6.00
CA ASN A 1757 11.67 5.44 -5.09
C ASN A 1757 10.16 5.54 -5.27
N GLY A 1758 9.69 5.57 -6.51
CA GLY A 1758 8.26 5.64 -6.75
C GLY A 1758 7.55 4.45 -6.15
N VAL A 1759 8.09 3.25 -6.38
CA VAL A 1759 7.46 2.05 -5.81
C VAL A 1759 7.37 2.17 -4.30
N HIS A 1760 8.48 2.59 -3.67
CA HIS A 1760 8.47 2.78 -2.22
C HIS A 1760 7.37 3.73 -1.81
N ALA A 1761 7.28 4.88 -2.46
CA ALA A 1761 6.20 5.81 -2.21
C ALA A 1761 4.86 5.09 -2.22
N ASN A 1762 4.61 4.29 -3.25
CA ASN A 1762 3.34 3.57 -3.31
C ASN A 1762 3.25 2.53 -2.21
N ARG A 1763 4.27 1.67 -2.10
CA ARG A 1763 4.33 0.65 -1.07
C ARG A 1763 5.63 0.82 -0.29
N SER A 1764 5.51 0.97 1.02
CA SER A 1764 6.71 1.01 1.85
C SER A 1764 7.38 -0.36 1.90
N GLU A 1765 6.58 -1.41 2.07
CA GLU A 1765 7.12 -2.76 2.22
C GLU A 1765 8.09 -3.09 1.08
N TRP A 1766 7.63 -2.97 -0.16
CA TRP A 1766 8.45 -3.37 -1.30
C TRP A 1766 9.83 -2.72 -1.25
N THR A 1767 9.91 -1.48 -0.74
CA THR A 1767 11.17 -0.76 -0.73
C THR A 1767 12.29 -1.61 -0.16
N ASP A 1768 12.00 -2.42 0.85
CA ASP A 1768 13.04 -3.22 1.47
C ASP A 1768 13.60 -4.25 0.48
N GLU A 1769 12.71 -4.95 -0.22
CA GLU A 1769 13.18 -5.95 -1.18
C GLU A 1769 13.90 -5.28 -2.35
N LEU A 1770 13.42 -4.11 -2.76
CA LEU A 1770 14.00 -3.45 -3.93
C LEU A 1770 15.22 -2.62 -3.62
N ASN A 1771 15.57 -2.45 -2.35
CA ASN A 1771 16.70 -1.59 -2.00
C ASN A 1771 18.00 -2.04 -2.66
N THR A 1772 18.14 -3.33 -2.95
CA THR A 1772 19.40 -3.79 -3.51
C THR A 1772 19.69 -3.11 -4.84
N TYR A 1773 18.70 -3.04 -5.71
CA TYR A 1773 18.92 -2.41 -7.00
C TYR A 1773 19.31 -0.94 -6.83
N ARG A 1774 18.61 -0.24 -5.95
CA ARG A 1774 18.97 1.15 -5.68
C ARG A 1774 20.42 1.25 -5.25
N VAL A 1775 20.84 0.35 -4.37
CA VAL A 1775 22.20 0.41 -3.86
C VAL A 1775 23.19 0.17 -4.99
N GLU A 1776 22.93 -0.85 -5.81
CA GLU A 1776 23.83 -1.11 -6.94
C GLU A 1776 23.93 0.10 -7.83
N ALA A 1777 22.79 0.68 -8.19
CA ALA A 1777 22.77 1.89 -9.00
C ALA A 1777 23.67 2.95 -8.38
N ALA A 1778 23.33 3.37 -7.17
CA ALA A 1778 24.13 4.39 -6.49
C ALA A 1778 25.60 4.07 -6.60
N TRP A 1779 26.02 2.93 -6.05
CA TRP A 1779 27.43 2.58 -6.06
C TRP A 1779 28.01 2.72 -7.45
N LYS A 1780 27.26 2.33 -8.47
CA LYS A 1780 27.72 2.55 -9.83
C LYS A 1780 27.73 4.02 -10.17
N LEU A 1781 26.70 4.76 -9.72
CA LEU A 1781 26.70 6.20 -9.94
C LEU A 1781 27.85 6.88 -9.23
N SER A 1782 28.45 6.23 -8.26
CA SER A 1782 29.47 6.80 -7.39
C SER A 1782 28.85 7.75 -6.38
N GLN A 1783 27.52 7.85 -6.33
CA GLN A 1783 26.84 8.70 -5.37
C GLN A 1783 26.92 8.05 -4.00
N TRP A 1784 27.94 8.44 -3.23
CA TRP A 1784 28.22 7.74 -1.98
C TRP A 1784 27.18 8.02 -0.90
N ASP A 1785 26.71 9.27 -0.82
CA ASP A 1785 25.72 9.59 0.20
C ASP A 1785 24.48 8.73 0.05
N LEU A 1786 23.96 8.63 -1.19
CA LEU A 1786 22.82 7.77 -1.41
C LEU A 1786 23.13 6.33 -1.03
N VAL A 1787 24.34 5.87 -1.35
CA VAL A 1787 24.73 4.52 -0.99
C VAL A 1787 24.62 4.32 0.51
N GLU A 1788 25.22 5.22 1.27
CA GLU A 1788 25.18 5.12 2.73
C GLU A 1788 23.75 5.14 3.23
N ASN A 1789 22.95 6.11 2.76
CA ASN A 1789 21.59 6.26 3.26
C ASN A 1789 20.77 5.01 2.96
N TYR A 1790 20.79 4.56 1.71
CA TYR A 1790 20.02 3.38 1.34
C TYR A 1790 20.47 2.17 2.14
N LEU A 1791 21.78 1.89 2.15
CA LEU A 1791 22.28 0.79 2.96
C LEU A 1791 21.78 0.91 4.39
N ALA A 1792 21.64 2.14 4.89
CA ALA A 1792 21.11 2.34 6.23
C ALA A 1792 19.64 1.98 6.29
N ALA A 1793 18.92 2.16 5.18
CA ALA A 1793 17.48 1.92 5.15
C ALA A 1793 17.11 0.60 5.83
N ASP A 1794 17.71 -0.50 5.39
CA ASP A 1794 17.43 -1.80 5.98
C ASP A 1794 18.73 -2.58 6.10
N GLY A 1795 18.77 -3.47 7.10
CA GLY A 1795 19.94 -4.28 7.35
C GLY A 1795 19.69 -5.76 7.22
N LYS A 1796 18.95 -6.16 6.19
CA LYS A 1796 18.64 -7.56 5.97
C LYS A 1796 19.08 -8.09 4.62
N SER A 1797 19.51 -7.24 3.70
CA SER A 1797 19.89 -7.70 2.37
C SER A 1797 21.29 -8.29 2.40
N THR A 1798 21.45 -9.45 1.77
CA THR A 1798 22.75 -10.07 1.60
C THR A 1798 23.14 -10.18 0.13
N THR A 1799 22.40 -9.53 -0.75
CA THR A 1799 22.68 -9.64 -2.18
C THR A 1799 24.09 -9.19 -2.49
N TRP A 1800 24.72 -9.91 -3.43
CA TRP A 1800 26.07 -9.57 -3.85
C TRP A 1800 26.24 -8.08 -4.03
N SER A 1801 25.33 -7.45 -4.77
CA SER A 1801 25.41 -6.01 -4.97
C SER A 1801 25.47 -5.28 -3.64
N VAL A 1802 24.62 -5.67 -2.68
CA VAL A 1802 24.55 -4.96 -1.42
C VAL A 1802 25.87 -5.06 -0.68
N ARG A 1803 26.46 -6.26 -0.66
CA ARG A 1803 27.75 -6.40 0.01
C ARG A 1803 28.82 -5.57 -0.69
N LEU A 1804 28.81 -5.56 -2.02
CA LEU A 1804 29.75 -4.73 -2.73
C LEU A 1804 29.61 -3.28 -2.32
N GLY A 1805 28.37 -2.81 -2.20
CA GLY A 1805 28.15 -1.44 -1.79
C GLY A 1805 28.68 -1.18 -0.39
N GLN A 1806 28.40 -2.09 0.53
CA GLN A 1806 28.90 -1.93 1.88
C GLN A 1806 30.41 -1.78 1.86
N LEU A 1807 31.09 -2.68 1.14
CA LEU A 1807 32.53 -2.63 1.07
C LEU A 1807 33.01 -1.29 0.53
N LEU A 1808 32.46 -0.89 -0.62
CA LEU A 1808 32.90 0.35 -1.24
C LEU A 1808 32.70 1.53 -0.30
N LEU A 1809 31.54 1.58 0.36
CA LEU A 1809 31.27 2.67 1.28
C LEU A 1809 32.31 2.69 2.39
N SER A 1810 32.53 1.54 3.02
CA SER A 1810 33.62 1.44 3.99
C SER A 1810 34.88 2.07 3.43
N ALA A 1811 35.29 1.62 2.25
CA ALA A 1811 36.51 2.14 1.64
C ALA A 1811 36.48 3.65 1.61
N LYS A 1812 35.39 4.23 1.12
CA LYS A 1812 35.28 5.68 1.07
C LYS A 1812 35.49 6.29 2.44
N LYS A 1813 34.87 5.68 3.45
CA LYS A 1813 35.00 6.19 4.81
C LYS A 1813 36.34 5.84 5.44
N ARG A 1814 37.10 4.93 4.83
CA ARG A 1814 38.44 4.62 5.29
C ARG A 1814 38.43 3.90 6.64
N ASP A 1815 37.44 3.03 6.86
CA ASP A 1815 37.37 2.23 8.08
C ASP A 1815 37.94 0.85 7.78
N ILE A 1816 39.21 0.65 8.14
CA ILE A 1816 39.91 -0.57 7.78
C ILE A 1816 39.15 -1.79 8.29
N THR A 1817 38.74 -1.76 9.57
CA THR A 1817 38.26 -2.97 10.21
C THR A 1817 36.95 -3.44 9.60
N ALA A 1818 35.97 -2.55 9.48
CA ALA A 1818 34.71 -2.94 8.87
C ALA A 1818 34.94 -3.47 7.46
N PHE A 1819 35.80 -2.80 6.71
CA PHE A 1819 36.13 -3.25 5.35
C PHE A 1819 36.59 -4.70 5.37
N TYR A 1820 37.61 -5.01 6.16
CA TYR A 1820 38.17 -6.35 6.10
C TYR A 1820 37.20 -7.38 6.64
N ASP A 1821 36.44 -7.03 7.67
CA ASP A 1821 35.44 -7.97 8.19
C ASP A 1821 34.43 -8.32 7.10
N SER A 1822 33.84 -7.30 6.49
CA SER A 1822 32.88 -7.56 5.42
C SER A 1822 33.53 -8.33 4.29
N LEU A 1823 34.81 -8.05 4.03
CA LEU A 1823 35.52 -8.79 2.99
C LEU A 1823 35.49 -10.28 3.30
N LYS A 1824 35.88 -10.64 4.52
CA LYS A 1824 35.85 -12.05 4.90
C LYS A 1824 34.44 -12.62 4.75
N LEU A 1825 33.45 -11.87 5.21
CA LEU A 1825 32.08 -12.37 5.17
C LEU A 1825 31.65 -12.67 3.75
N VAL A 1826 31.87 -11.73 2.84
CA VAL A 1826 31.42 -11.91 1.47
C VAL A 1826 32.20 -13.02 0.80
N ARG A 1827 33.51 -13.12 1.08
CA ARG A 1827 34.27 -14.20 0.49
C ARG A 1827 33.72 -15.55 0.91
N ALA A 1828 33.38 -15.69 2.19
CA ALA A 1828 32.77 -16.94 2.64
C ALA A 1828 31.47 -17.21 1.91
N GLU A 1829 30.58 -16.22 1.88
CA GLU A 1829 29.32 -16.41 1.18
C GLU A 1829 29.56 -16.92 -0.23
N GLN A 1830 30.41 -16.21 -0.98
CA GLN A 1830 30.69 -16.62 -2.34
C GLN A 1830 31.17 -18.06 -2.39
N ILE A 1831 32.16 -18.40 -1.56
CA ILE A 1831 32.70 -19.75 -1.58
C ILE A 1831 31.59 -20.77 -1.41
N VAL A 1832 30.60 -20.46 -0.59
CA VAL A 1832 29.58 -21.43 -0.22
C VAL A 1832 29.10 -22.20 -1.46
N PRO A 1833 28.49 -21.55 -2.44
CA PRO A 1833 27.99 -22.32 -3.59
C PRO A 1833 29.07 -23.09 -4.31
N LEU A 1834 30.28 -22.53 -4.38
CA LEU A 1834 31.36 -23.22 -5.08
C LEU A 1834 31.64 -24.58 -4.46
N SER A 1835 31.49 -24.70 -3.15
CA SER A 1835 31.79 -25.98 -2.51
C SER A 1835 30.85 -27.07 -3.00
N ALA A 1836 29.55 -26.78 -3.01
CA ALA A 1836 28.60 -27.74 -3.56
C ALA A 1836 28.90 -27.98 -5.04
N ALA A 1837 29.33 -26.95 -5.76
CA ALA A 1837 29.58 -27.10 -7.19
C ALA A 1837 30.79 -27.98 -7.47
N SER A 1838 31.75 -28.04 -6.55
CA SER A 1838 33.00 -28.71 -6.82
C SER A 1838 32.81 -30.20 -7.10
N PHE A 1839 31.97 -30.87 -6.31
CA PHE A 1839 31.81 -32.32 -6.40
C PHE A 1839 30.98 -32.70 -7.62
N GLU A 1840 31.50 -32.34 -8.79
CA GLU A 1840 30.79 -32.59 -10.04
C GLU A 1840 31.75 -32.45 -11.20
N ARG A 1841 31.33 -32.98 -12.34
CA ARG A 1841 32.13 -32.87 -13.56
C ARG A 1841 32.14 -31.43 -14.05
N GLY A 1842 33.24 -31.05 -14.69
CA GLY A 1842 33.34 -29.69 -15.22
C GLY A 1842 32.86 -28.64 -14.25
N SER A 1843 33.20 -28.79 -12.98
CA SER A 1843 32.67 -27.89 -11.97
C SER A 1843 33.07 -26.45 -12.24
N TYR A 1844 34.33 -26.24 -12.60
CA TYR A 1844 34.84 -24.89 -12.81
C TYR A 1844 33.85 -24.05 -13.61
N GLN A 1845 33.53 -24.51 -14.82
CA GLN A 1845 32.57 -23.78 -15.64
C GLN A 1845 31.30 -23.50 -14.88
N ARG A 1846 30.76 -24.52 -14.22
CA ARG A 1846 29.47 -24.38 -13.56
C ARG A 1846 29.49 -23.25 -12.54
N GLY A 1847 30.57 -23.14 -11.79
CA GLY A 1847 30.65 -22.09 -10.80
C GLY A 1847 31.33 -20.84 -11.27
N TYR A 1848 31.54 -20.69 -12.58
CA TYR A 1848 32.42 -19.62 -13.06
C TYR A 1848 32.00 -18.26 -12.52
N GLU A 1849 30.69 -18.00 -12.47
CA GLU A 1849 30.23 -16.71 -11.94
C GLU A 1849 30.85 -16.42 -10.58
N TYR A 1850 30.75 -17.39 -9.67
CA TYR A 1850 31.30 -17.17 -8.34
C TYR A 1850 32.80 -16.95 -8.39
N ILE A 1851 33.50 -17.72 -9.21
CA ILE A 1851 34.94 -17.52 -9.34
C ILE A 1851 35.22 -16.09 -9.77
N VAL A 1852 34.42 -15.57 -10.68
CA VAL A 1852 34.59 -14.19 -11.11
C VAL A 1852 34.37 -13.24 -9.95
N ARG A 1853 33.39 -13.55 -9.11
CA ARG A 1853 33.16 -12.71 -7.95
C ARG A 1853 34.38 -12.70 -7.05
N LEU A 1854 35.01 -13.86 -6.87
CA LEU A 1854 36.23 -13.92 -6.08
C LEU A 1854 37.31 -13.06 -6.72
N HIS A 1855 37.47 -13.18 -8.03
CA HIS A 1855 38.43 -12.33 -8.74
C HIS A 1855 38.15 -10.87 -8.45
N MET A 1856 36.89 -10.49 -8.49
CA MET A 1856 36.52 -9.12 -8.23
C MET A 1856 36.93 -8.70 -6.84
N LEU A 1857 36.61 -9.53 -5.85
CA LEU A 1857 36.96 -9.17 -4.48
C LEU A 1857 38.45 -9.01 -4.32
N CYS A 1858 39.23 -9.87 -4.98
CA CYS A 1858 40.69 -9.75 -4.87
C CYS A 1858 41.17 -8.44 -5.44
N GLU A 1859 40.78 -8.13 -6.66
CA GLU A 1859 41.12 -6.84 -7.24
C GLU A 1859 40.69 -5.72 -6.30
N LEU A 1860 39.54 -5.89 -5.66
CA LEU A 1860 38.99 -4.85 -4.80
C LEU A 1860 39.91 -4.59 -3.62
N GLU A 1861 40.20 -5.64 -2.86
CA GLU A 1861 41.08 -5.48 -1.71
C GLU A 1861 42.41 -4.89 -2.12
N HIS A 1862 42.99 -5.37 -3.22
CA HIS A 1862 44.29 -4.87 -3.63
C HIS A 1862 44.22 -3.39 -3.96
N SER A 1863 43.15 -2.96 -4.60
CA SER A 1863 43.00 -1.55 -4.91
C SER A 1863 42.77 -0.73 -3.66
N ILE A 1864 42.08 -1.31 -2.67
CA ILE A 1864 41.67 -0.55 -1.50
C ILE A 1864 42.85 -0.31 -0.57
N LYS A 1865 43.57 -1.38 -0.23
CA LYS A 1865 44.60 -1.35 0.80
C LYS A 1865 45.40 -0.05 0.76
N PRO A 1866 46.06 0.25 -0.36
CA PRO A 1866 46.86 1.49 -0.40
C PRO A 1866 46.07 2.72 -0.01
N LEU A 1867 44.79 2.78 -0.38
CA LEU A 1867 43.97 3.89 0.05
C LEU A 1867 43.80 3.88 1.56
N PHE A 1868 43.73 2.70 2.16
CA PHE A 1868 43.57 2.61 3.61
C PHE A 1868 44.81 3.11 4.32
N GLN A 1869 45.97 2.55 3.99
CA GLN A 1869 47.19 2.88 4.71
C GLN A 1869 47.49 4.37 4.66
N ASP A 1879 49.52 -0.94 -6.26
CA ASP A 1879 48.77 -2.13 -6.66
C ASP A 1879 49.47 -2.85 -7.82
N SER A 1880 49.96 -4.04 -7.53
CA SER A 1880 50.74 -4.78 -8.52
C SER A 1880 49.88 -5.50 -9.55
N LEU A 1881 48.59 -5.73 -9.25
CA LEU A 1881 47.76 -6.47 -10.19
C LEU A 1881 47.67 -5.75 -11.52
N ASN A 1882 47.96 -6.45 -12.60
CA ASN A 1882 47.89 -5.90 -13.94
C ASN A 1882 46.48 -6.11 -14.46
N TRP A 1883 45.66 -5.06 -14.42
CA TRP A 1883 44.25 -5.21 -14.76
C TRP A 1883 44.07 -5.76 -16.15
N VAL A 1884 44.81 -5.23 -17.12
CA VAL A 1884 44.64 -5.67 -18.50
C VAL A 1884 44.80 -7.18 -18.60
N ALA A 1885 45.95 -7.69 -18.15
CA ALA A 1885 46.19 -9.12 -18.20
C ALA A 1885 45.04 -9.88 -17.58
N ARG A 1886 44.65 -9.50 -16.36
CA ARG A 1886 43.60 -10.24 -15.68
C ARG A 1886 42.31 -10.24 -16.50
N LEU A 1887 42.01 -9.12 -17.15
CA LEU A 1887 40.79 -9.08 -17.96
C LEU A 1887 40.88 -10.01 -19.14
N GLU A 1888 41.98 -9.92 -19.90
CA GLU A 1888 42.13 -10.77 -21.07
C GLU A 1888 41.91 -12.24 -20.72
N MET A 1889 42.35 -12.65 -19.53
CA MET A 1889 42.29 -14.06 -19.18
C MET A 1889 40.87 -14.57 -19.13
N THR A 1890 39.98 -13.83 -18.47
CA THR A 1890 38.62 -14.27 -18.20
C THR A 1890 37.90 -14.71 -19.47
N GLN A 1891 36.78 -15.39 -19.30
CA GLN A 1891 35.98 -15.81 -20.45
C GLN A 1891 35.62 -14.60 -21.32
N ASN A 1892 35.33 -14.87 -22.59
CA ASN A 1892 34.86 -13.83 -23.51
C ASN A 1892 33.34 -13.89 -23.57
N SER A 1893 32.71 -13.43 -22.50
CA SER A 1893 31.27 -13.34 -22.46
C SER A 1893 30.86 -12.15 -21.63
N TYR A 1894 29.71 -11.58 -21.96
CA TYR A 1894 29.25 -10.42 -21.23
C TYR A 1894 29.13 -10.71 -19.75
N ARG A 1895 28.41 -11.77 -19.41
CA ARG A 1895 28.20 -12.11 -18.00
C ARG A 1895 29.51 -12.07 -17.23
N ALA A 1896 30.58 -12.57 -17.83
CA ALA A 1896 31.85 -12.63 -17.12
C ALA A 1896 32.45 -11.25 -16.97
N LYS A 1897 32.80 -10.61 -18.08
CA LYS A 1897 33.65 -9.43 -17.97
C LYS A 1897 32.89 -8.21 -17.47
N GLU A 1898 31.62 -8.08 -17.81
CA GLU A 1898 30.92 -6.85 -17.51
C GLU A 1898 31.07 -6.47 -16.03
N PRO A 1899 30.68 -7.35 -15.11
CA PRO A 1899 30.76 -6.99 -13.69
C PRO A 1899 32.15 -6.56 -13.26
N ILE A 1900 33.19 -7.25 -13.74
CA ILE A 1900 34.55 -6.85 -13.40
C ILE A 1900 34.79 -5.41 -13.83
N LEU A 1901 34.39 -5.07 -15.05
CA LEU A 1901 34.62 -3.72 -15.54
C LEU A 1901 33.86 -2.71 -14.69
N ALA A 1902 32.61 -3.01 -14.35
CA ALA A 1902 31.85 -2.10 -13.51
C ALA A 1902 32.58 -1.85 -12.19
N LEU A 1903 32.98 -2.93 -11.53
CA LEU A 1903 33.68 -2.78 -10.26
C LEU A 1903 34.97 -1.99 -10.43
N ARG A 1904 35.66 -2.19 -11.56
CA ARG A 1904 36.89 -1.45 -11.78
C ARG A 1904 36.62 0.04 -11.90
N ARG A 1905 35.57 0.40 -12.64
CA ARG A 1905 35.17 1.80 -12.70
C ARG A 1905 34.94 2.33 -11.30
N ALA A 1906 34.17 1.59 -10.51
CA ALA A 1906 33.93 1.99 -9.13
C ALA A 1906 35.24 2.28 -8.41
N LEU A 1907 36.11 1.28 -8.36
CA LEU A 1907 37.40 1.43 -7.69
C LEU A 1907 38.08 2.70 -8.15
N LEU A 1908 38.37 2.78 -9.45
CA LEU A 1908 39.01 3.97 -9.99
C LEU A 1908 38.40 5.22 -9.40
N SER A 1909 37.07 5.29 -9.40
CA SER A 1909 36.41 6.43 -8.78
C SER A 1909 36.88 6.62 -7.36
N LEU A 1910 36.92 5.53 -6.58
CA LEU A 1910 37.11 5.66 -5.14
C LEU A 1910 38.45 6.31 -4.80
N ASN A 1911 39.49 6.01 -5.56
CA ASN A 1911 40.79 6.62 -5.35
C ASN A 1911 41.11 7.49 -6.56
N LYS A 1912 41.00 8.80 -6.40
CA LYS A 1912 41.25 9.68 -7.51
C LYS A 1912 42.74 9.72 -7.84
N ARG A 1913 43.04 9.84 -9.11
CA ARG A 1913 44.41 9.97 -9.58
C ARG A 1913 44.42 10.88 -10.80
N PRO A 1914 45.59 11.28 -11.29
CA PRO A 1914 45.61 12.22 -12.41
C PRO A 1914 44.91 11.68 -13.65
N ASP A 1915 45.24 10.47 -14.06
CA ASP A 1915 44.76 9.92 -15.32
C ASP A 1915 43.43 9.21 -15.20
N TYR A 1916 42.70 9.43 -14.10
CA TYR A 1916 41.52 8.64 -13.83
C TYR A 1916 40.41 8.88 -14.84
N ASN A 1917 40.23 10.11 -15.30
CA ASN A 1917 39.28 10.34 -16.37
C ASN A 1917 39.53 9.41 -17.55
N GLU A 1918 40.76 9.42 -18.06
CA GLU A 1918 41.08 8.58 -19.20
C GLU A 1918 40.94 7.11 -18.85
N MET A 1919 41.29 6.72 -17.63
CA MET A 1919 41.22 5.32 -17.27
C MET A 1919 39.79 4.81 -17.25
N VAL A 1920 38.90 5.59 -16.63
CA VAL A 1920 37.49 5.22 -16.64
C VAL A 1920 36.95 5.20 -18.06
N GLY A 1921 37.43 6.13 -18.90
CA GLY A 1921 37.05 6.08 -20.29
C GLY A 1921 37.44 4.76 -20.94
N GLU A 1922 38.68 4.32 -20.70
CA GLU A 1922 39.15 3.07 -21.27
C GLU A 1922 38.32 1.90 -20.76
N CYS A 1923 38.00 1.92 -19.48
CA CYS A 1923 37.15 0.87 -18.94
C CYS A 1923 35.83 0.82 -19.68
N TRP A 1924 35.17 1.97 -19.81
CA TRP A 1924 33.92 2.01 -20.55
C TRP A 1924 34.11 1.45 -21.96
N LEU A 1925 35.20 1.82 -22.61
CA LEU A 1925 35.43 1.35 -23.96
C LEU A 1925 35.47 -0.17 -24.01
N GLN A 1926 36.25 -0.77 -23.11
CA GLN A 1926 36.34 -2.23 -23.10
C GLN A 1926 34.96 -2.83 -22.84
N SER A 1927 34.21 -2.25 -21.92
CA SER A 1927 32.87 -2.76 -21.68
C SER A 1927 32.04 -2.72 -22.95
N ALA A 1928 32.19 -1.64 -23.72
CA ALA A 1928 31.45 -1.53 -24.96
C ALA A 1928 31.87 -2.61 -25.94
N ARG A 1929 33.18 -2.85 -26.04
CA ARG A 1929 33.66 -3.92 -26.90
C ARG A 1929 32.99 -5.24 -26.54
N VAL A 1930 33.00 -5.55 -25.26
CA VAL A 1930 32.39 -6.81 -24.81
C VAL A 1930 30.93 -6.84 -25.22
N ALA A 1931 30.18 -5.79 -24.87
CA ALA A 1931 28.79 -5.73 -25.27
C ALA A 1931 28.62 -6.05 -26.74
N ARG A 1932 29.39 -5.37 -27.59
CA ARG A 1932 29.30 -5.62 -29.02
C ARG A 1932 29.48 -7.09 -29.33
N LYS A 1933 30.64 -7.64 -29.00
CA LYS A 1933 30.89 -9.03 -29.37
C LYS A 1933 29.83 -9.97 -28.83
N ALA A 1934 29.09 -9.54 -27.80
CA ALA A 1934 28.01 -10.37 -27.30
C ALA A 1934 26.72 -10.14 -28.08
N GLY A 1935 26.38 -8.87 -28.33
CA GLY A 1935 25.18 -8.53 -29.08
C GLY A 1935 24.23 -7.59 -28.38
N HIS A 1936 24.42 -7.23 -27.11
CA HIS A 1936 23.52 -6.32 -26.41
C HIS A 1936 23.87 -4.89 -26.84
N HIS A 1937 23.40 -4.54 -28.03
CA HIS A 1937 23.91 -3.34 -28.69
C HIS A 1937 23.59 -2.08 -27.89
N GLN A 1938 22.41 -2.01 -27.28
CA GLN A 1938 22.05 -0.80 -26.55
C GLN A 1938 23.00 -0.56 -25.39
N THR A 1939 23.32 -1.61 -24.66
CA THR A 1939 24.29 -1.48 -23.57
C THR A 1939 25.61 -0.96 -24.10
N ALA A 1940 26.05 -1.48 -25.25
CA ALA A 1940 27.26 -0.96 -25.87
C ALA A 1940 27.12 0.53 -26.14
N TYR A 1941 25.95 0.94 -26.62
CA TYR A 1941 25.70 2.35 -26.84
C TYR A 1941 25.87 3.15 -25.55
N ASN A 1942 25.31 2.66 -24.47
CA ASN A 1942 25.39 3.39 -23.20
C ASN A 1942 26.84 3.51 -22.76
N ALA A 1943 27.59 2.41 -22.83
CA ALA A 1943 28.99 2.47 -22.47
C ALA A 1943 29.74 3.45 -23.35
N LEU A 1944 29.49 3.40 -24.66
CA LEU A 1944 30.06 4.38 -25.55
C LEU A 1944 29.82 5.78 -25.01
N LEU A 1945 28.54 6.10 -24.76
CA LEU A 1945 28.18 7.38 -24.18
C LEU A 1945 29.11 7.73 -23.04
N ASN A 1946 29.07 6.93 -21.98
CA ASN A 1946 29.84 7.24 -20.79
C ASN A 1946 31.29 7.49 -21.13
N ALA A 1947 31.80 6.80 -22.14
CA ALA A 1947 33.15 7.09 -22.62
C ALA A 1947 33.21 8.54 -23.06
N GLY A 1948 34.01 9.35 -22.37
CA GLY A 1948 33.94 10.77 -22.61
C GLY A 1948 34.92 11.34 -23.62
N GLU A 1949 36.21 11.15 -23.39
CA GLU A 1949 37.21 11.81 -24.22
C GLU A 1949 38.58 11.26 -23.83
N SER A 1950 39.62 11.85 -24.39
CA SER A 1950 41.02 11.48 -24.23
C SER A 1950 41.33 10.19 -25.00
N ARG A 1951 40.34 9.53 -25.56
CA ARG A 1951 40.52 8.31 -26.32
C ARG A 1951 39.78 8.41 -27.64
N LEU A 1952 39.72 9.63 -28.19
CA LEU A 1952 38.94 9.88 -29.39
C LEU A 1952 39.13 8.78 -30.42
N ALA A 1953 40.36 8.62 -30.89
CA ALA A 1953 40.65 7.58 -31.86
C ALA A 1953 40.03 6.26 -31.43
N GLU A 1954 40.45 5.75 -30.26
CA GLU A 1954 39.88 4.52 -29.75
C GLU A 1954 38.36 4.55 -29.83
N LEU A 1955 37.76 5.68 -29.48
CA LEU A 1955 36.32 5.79 -29.51
C LEU A 1955 35.80 5.48 -30.89
N TYR A 1956 36.16 6.33 -31.86
CA TYR A 1956 35.66 6.16 -33.21
C TYR A 1956 35.93 4.76 -33.73
N VAL A 1957 37.06 4.16 -33.40
CA VAL A 1957 37.37 2.83 -33.89
C VAL A 1957 36.40 1.81 -33.36
N GLU A 1958 36.31 1.70 -32.03
CA GLU A 1958 35.34 0.77 -31.44
C GLU A 1958 33.95 1.05 -31.98
N ARG A 1959 33.64 2.31 -32.22
CA ARG A 1959 32.32 2.66 -32.70
C ARG A 1959 32.07 2.12 -34.10
N ALA A 1960 33.02 2.34 -34.99
CA ALA A 1960 32.96 1.77 -36.33
C ALA A 1960 32.67 0.30 -36.19
N LYS A 1961 33.35 -0.35 -35.25
CA LYS A 1961 33.16 -1.78 -35.08
C LYS A 1961 31.70 -2.08 -34.74
N TRP A 1962 31.19 -1.45 -33.69
CA TRP A 1962 29.80 -1.67 -33.30
C TRP A 1962 28.87 -1.45 -34.48
N LEU A 1963 28.93 -0.26 -35.06
CA LEU A 1963 28.14 0.06 -36.24
C LEU A 1963 28.16 -1.08 -37.24
N TRP A 1964 29.36 -1.47 -37.69
CA TRP A 1964 29.48 -2.61 -38.59
C TRP A 1964 28.62 -3.75 -38.08
N SER A 1965 28.77 -4.07 -36.80
CA SER A 1965 27.97 -5.13 -36.20
C SER A 1965 26.53 -4.97 -36.62
N LYS A 1966 25.97 -3.79 -36.38
CA LYS A 1966 24.59 -3.55 -36.80
C LYS A 1966 24.42 -3.87 -38.28
N GLY A 1967 25.19 -3.24 -39.14
CA GLY A 1967 25.16 -3.56 -40.56
C GLY A 1967 25.27 -2.38 -41.51
N ASP A 1968 25.14 -1.16 -41.00
CA ASP A 1968 25.17 0.03 -41.85
C ASP A 1968 26.61 0.38 -42.17
N VAL A 1969 27.24 -0.49 -42.97
CA VAL A 1969 28.65 -0.33 -43.27
C VAL A 1969 28.97 1.10 -43.66
N HIS A 1970 28.12 1.71 -44.50
CA HIS A 1970 28.43 3.04 -45.00
C HIS A 1970 28.49 4.05 -43.88
N GLN A 1971 27.47 4.05 -43.01
CA GLN A 1971 27.52 4.95 -41.87
C GLN A 1971 28.76 4.70 -41.01
N ALA A 1972 29.30 3.49 -41.06
CA ALA A 1972 30.53 3.23 -40.36
C ALA A 1972 31.70 3.90 -41.07
N LEU A 1973 31.83 3.67 -42.37
CA LEU A 1973 32.95 4.24 -43.10
C LEU A 1973 33.01 5.74 -42.93
N ILE A 1974 31.86 6.40 -43.01
CA ILE A 1974 31.85 7.85 -42.90
C ILE A 1974 32.37 8.27 -41.53
N VAL A 1975 31.77 7.73 -40.47
CA VAL A 1975 32.17 8.13 -39.13
C VAL A 1975 33.64 7.85 -38.92
N LEU A 1976 34.12 6.72 -39.42
CA LEU A 1976 35.52 6.36 -39.21
C LEU A 1976 36.45 7.31 -39.91
N GLN A 1977 36.15 7.66 -41.17
CA GLN A 1977 36.99 8.61 -41.86
C GLN A 1977 36.98 9.95 -41.15
N LYS A 1978 35.80 10.37 -40.67
CA LYS A 1978 35.73 11.62 -39.91
C LYS A 1978 36.65 11.55 -38.71
N GLY A 1979 36.61 10.44 -37.97
CA GLY A 1979 37.50 10.29 -36.84
C GLY A 1979 38.96 10.35 -37.23
N VAL A 1980 39.32 9.69 -38.33
CA VAL A 1980 40.70 9.73 -38.79
C VAL A 1980 41.12 11.17 -39.02
N GLU A 1981 40.16 11.98 -39.45
CA GLU A 1981 40.46 13.42 -39.60
C GLU A 1981 40.43 14.08 -38.22
N LEU A 1982 39.56 13.61 -37.32
CA LEU A 1982 39.45 14.23 -35.99
C LEU A 1982 40.77 14.09 -35.22
N CYS A 1983 41.42 12.94 -35.31
CA CYS A 1983 42.66 12.68 -34.53
C CYS A 1983 43.72 12.13 -35.49
N PHE A 1984 45.00 12.36 -35.22
CA PHE A 1984 46.04 11.98 -36.22
C PHE A 1984 45.70 12.68 -37.53
N PRO A 1985 45.35 13.99 -37.56
CA PRO A 1985 44.89 14.60 -38.80
C PRO A 1985 45.99 15.08 -39.72
N GLU A 1986 46.77 14.16 -40.31
CA GLU A 1986 47.81 14.47 -41.32
C GLU A 1986 48.70 15.69 -41.07
N ASN A 1987 48.27 16.69 -40.29
CA ASN A 1987 49.08 17.89 -40.20
C ASN A 1987 50.52 17.55 -39.86
N GLU A 1988 50.71 16.59 -38.96
CA GLU A 1988 52.02 16.04 -38.63
C GLU A 1988 51.85 14.54 -38.45
N THR A 1989 52.89 13.79 -38.81
CA THR A 1989 52.79 12.34 -38.79
C THR A 1989 52.62 11.84 -37.37
N PRO A 1990 51.74 10.89 -37.13
CA PRO A 1990 51.61 10.30 -35.80
C PRO A 1990 52.71 9.30 -35.53
N PRO A 1991 53.73 9.68 -34.76
CA PRO A 1991 54.69 8.71 -34.22
C PRO A 1991 54.45 8.30 -32.78
N GLU A 1992 53.47 8.90 -32.10
CA GLU A 1992 53.40 8.79 -30.65
C GLU A 1992 52.94 7.41 -30.23
N GLY A 1993 53.78 6.41 -30.49
CA GLY A 1993 53.58 5.07 -29.95
C GLY A 1993 52.16 4.58 -30.04
N LYS A 1994 51.53 4.38 -28.88
CA LYS A 1994 50.15 3.93 -28.84
C LYS A 1994 49.28 4.73 -29.80
N ASN A 1995 49.57 6.02 -29.94
CA ASN A 1995 48.84 6.81 -30.91
C ASN A 1995 49.06 6.28 -32.32
N MET A 1996 50.30 5.97 -32.67
CA MET A 1996 50.57 5.35 -33.96
C MET A 1996 49.83 4.03 -34.09
N LEU A 1997 49.74 3.27 -33.00
CA LEU A 1997 49.03 2.01 -33.03
C LEU A 1997 47.56 2.23 -33.37
N ILE A 1998 46.91 3.14 -32.67
CA ILE A 1998 45.51 3.42 -32.93
C ILE A 1998 45.34 3.89 -34.37
N HIS A 1999 46.28 4.71 -34.86
CA HIS A 1999 46.21 5.18 -36.23
C HIS A 1999 46.24 4.00 -37.20
N GLY A 2000 47.17 3.07 -36.99
CA GLY A 2000 47.23 1.92 -37.85
C GLY A 2000 45.97 1.08 -37.79
N ARG A 2001 45.45 0.86 -36.58
CA ARG A 2001 44.24 0.09 -36.43
C ARG A 2001 43.10 0.72 -37.21
N ALA A 2002 42.93 2.03 -37.05
CA ALA A 2002 41.88 2.72 -37.78
C ALA A 2002 42.08 2.58 -39.27
N MET A 2003 43.29 2.78 -39.75
CA MET A 2003 43.54 2.67 -41.18
C MET A 2003 43.14 1.30 -41.68
N LEU A 2004 43.57 0.26 -40.97
CA LEU A 2004 43.23 -1.09 -41.41
C LEU A 2004 41.72 -1.31 -41.41
N LEU A 2005 41.05 -0.78 -40.40
CA LEU A 2005 39.61 -0.91 -40.34
C LEU A 2005 38.96 -0.27 -41.57
N VAL A 2006 39.42 0.94 -41.90
CA VAL A 2006 38.88 1.61 -43.08
C VAL A 2006 39.14 0.80 -44.32
N GLY A 2007 40.31 0.17 -44.39
CA GLY A 2007 40.62 -0.63 -45.56
C GLY A 2007 39.67 -1.80 -45.71
N ARG A 2008 39.45 -2.54 -44.64
CA ARG A 2008 38.53 -3.65 -44.71
C ARG A 2008 37.12 -3.17 -45.05
N PHE A 2009 36.70 -2.06 -44.46
CA PHE A 2009 35.43 -1.47 -44.85
C PHE A 2009 35.36 -1.27 -46.35
N MET A 2010 36.29 -0.49 -46.89
CA MET A 2010 36.37 -0.29 -48.34
C MET A 2010 36.18 -1.60 -49.07
N GLU A 2011 36.94 -2.62 -48.68
CA GLU A 2011 36.80 -3.92 -49.32
C GLU A 2011 35.35 -4.38 -49.29
N GLU A 2012 34.66 -4.13 -48.18
CA GLU A 2012 33.26 -4.50 -48.08
C GLU A 2012 32.43 -3.75 -49.10
N THR A 2013 32.53 -2.43 -49.12
CA THR A 2013 31.76 -1.62 -50.07
C THR A 2013 32.17 -1.97 -51.50
N ALA A 2014 31.19 -1.92 -52.39
CA ALA A 2014 31.46 -2.26 -53.79
C ALA A 2014 31.99 -1.07 -54.57
N ASN A 2015 31.63 0.15 -54.17
CA ASN A 2015 32.02 1.33 -54.93
C ASN A 2015 33.54 1.44 -55.07
N PHE A 2016 34.26 1.30 -53.96
CA PHE A 2016 35.67 1.65 -53.94
C PHE A 2016 36.46 0.80 -54.92
N GLU A 2017 37.45 1.42 -55.56
CA GLU A 2017 38.25 0.73 -56.55
C GLU A 2017 39.32 -0.13 -55.90
N SER A 2018 39.74 -1.16 -56.62
CA SER A 2018 40.78 -2.05 -56.10
C SER A 2018 42.01 -1.26 -55.67
N ASN A 2019 42.51 -0.40 -56.57
CA ASN A 2019 43.76 0.28 -56.30
C ASN A 2019 43.73 1.01 -54.97
N ALA A 2020 42.63 1.67 -54.66
CA ALA A 2020 42.57 2.43 -53.41
C ALA A 2020 42.65 1.51 -52.20
N ILE A 2021 41.92 0.41 -52.23
CA ILE A 2021 41.99 -0.54 -51.12
C ILE A 2021 43.43 -1.03 -50.96
N MET A 2022 44.04 -1.44 -52.07
CA MET A 2022 45.41 -1.92 -52.01
C MET A 2022 46.31 -0.87 -51.37
N LYS A 2023 46.15 0.38 -51.79
CA LYS A 2023 46.99 1.44 -51.27
C LYS A 2023 46.76 1.62 -49.78
N LYS A 2024 45.52 1.51 -49.33
CA LYS A 2024 45.23 1.69 -47.91
C LYS A 2024 45.89 0.60 -47.08
N TYR A 2025 45.75 -0.65 -47.52
CA TYR A 2025 46.42 -1.72 -46.81
C TYR A 2025 47.92 -1.50 -46.78
N LYS A 2026 48.49 -1.07 -47.91
CA LYS A 2026 49.92 -0.78 -47.93
C LYS A 2026 50.27 0.31 -46.92
N ASP A 2027 49.40 1.31 -46.81
CA ASP A 2027 49.64 2.38 -45.84
C ASP A 2027 49.66 1.82 -44.44
N VAL A 2028 48.73 0.95 -44.12
CA VAL A 2028 48.73 0.32 -42.80
C VAL A 2028 50.03 -0.42 -42.59
N THR A 2029 50.47 -1.18 -43.59
CA THR A 2029 51.73 -1.90 -43.49
C THR A 2029 52.87 -0.95 -43.15
N ALA A 2030 52.98 0.15 -43.89
CA ALA A 2030 54.03 1.11 -43.62
C ALA A 2030 53.95 1.64 -42.20
N CYS A 2031 52.75 1.98 -41.76
CA CYS A 2031 52.60 2.64 -40.46
C CYS A 2031 53.12 1.74 -39.34
N LEU A 2032 52.71 0.48 -39.32
CA LEU A 2032 53.17 -0.47 -38.31
C LEU A 2032 53.92 -1.60 -39.01
N PRO A 2033 55.24 -1.54 -39.10
CA PRO A 2033 55.96 -2.61 -39.80
C PRO A 2033 55.78 -3.96 -39.15
N GLU A 2034 55.70 -4.01 -37.83
CA GLU A 2034 55.74 -5.27 -37.09
C GLU A 2034 54.37 -5.77 -36.67
N TRP A 2035 53.29 -5.16 -37.16
CA TRP A 2035 51.96 -5.59 -36.83
C TRP A 2035 51.49 -6.61 -37.85
N GLU A 2036 51.18 -7.82 -37.39
CA GLU A 2036 50.84 -8.89 -38.32
C GLU A 2036 49.61 -8.52 -39.14
N ASP A 2037 48.56 -8.06 -38.47
CA ASP A 2037 47.26 -7.87 -39.12
C ASP A 2037 47.41 -7.16 -40.46
N GLY A 2038 48.19 -6.09 -40.49
CA GLY A 2038 48.37 -5.37 -41.73
C GLY A 2038 48.83 -6.30 -42.83
N HIS A 2039 49.95 -6.97 -42.59
CA HIS A 2039 50.50 -7.85 -43.61
C HIS A 2039 49.48 -8.91 -44.00
N PHE A 2040 48.85 -9.55 -43.02
CA PHE A 2040 47.94 -10.63 -43.34
C PHE A 2040 46.82 -10.16 -44.25
N TYR A 2041 46.18 -9.05 -43.90
CA TYR A 2041 45.08 -8.57 -44.70
C TYR A 2041 45.55 -8.16 -46.08
N LEU A 2042 46.69 -7.49 -46.18
CA LEU A 2042 47.20 -7.11 -47.47
C LEU A 2042 47.38 -8.34 -48.35
N ALA A 2043 47.96 -9.38 -47.77
CA ALA A 2043 48.15 -10.62 -48.53
C ALA A 2043 46.82 -11.17 -48.98
N LYS A 2044 45.84 -11.20 -48.08
CA LYS A 2044 44.53 -11.74 -48.46
C LYS A 2044 43.96 -10.99 -49.65
N TYR A 2045 44.00 -9.66 -49.59
CA TYR A 2045 43.42 -8.88 -50.67
C TYR A 2045 44.16 -9.13 -51.98
N TYR A 2046 45.49 -9.19 -51.92
CA TYR A 2046 46.24 -9.49 -53.13
C TYR A 2046 45.83 -10.83 -53.69
N ASP A 2047 45.69 -11.82 -52.83
CA ASP A 2047 45.24 -13.14 -53.28
C ASP A 2047 43.93 -13.01 -54.04
N LYS A 2048 42.93 -12.43 -53.39
CA LYS A 2048 41.62 -12.31 -54.01
C LYS A 2048 41.70 -11.61 -55.35
N LEU A 2049 42.52 -10.57 -55.44
CA LEU A 2049 42.59 -9.81 -56.68
C LEU A 2049 43.26 -10.62 -57.79
N MET A 2050 44.26 -11.41 -57.44
CA MET A 2050 45.07 -12.09 -58.46
C MET A 2050 44.23 -12.80 -59.51
N PRO A 2051 43.29 -13.68 -59.15
CA PRO A 2051 42.59 -14.46 -60.18
C PRO A 2051 41.99 -13.60 -61.28
N MET A 2052 41.40 -12.46 -60.92
CA MET A 2052 40.83 -11.58 -61.93
C MET A 2052 41.92 -10.86 -62.70
N VAL A 2053 42.89 -10.28 -62.00
CA VAL A 2053 43.96 -9.54 -62.67
C VAL A 2053 44.67 -10.44 -63.68
N THR A 2054 44.98 -11.67 -63.28
CA THR A 2054 45.69 -12.58 -64.17
C THR A 2054 44.77 -13.30 -65.12
N ASP A 2055 43.46 -13.08 -65.05
CA ASP A 2055 42.50 -13.87 -65.82
C ASP A 2055 42.61 -15.35 -65.49
N ASN A 2056 43.14 -15.66 -64.31
CA ASN A 2056 43.29 -17.04 -63.87
C ASN A 2056 44.34 -17.78 -64.70
N LYS A 2057 45.43 -17.08 -65.04
CA LYS A 2057 46.58 -17.68 -65.68
C LYS A 2057 47.76 -17.55 -64.75
N MET A 2058 48.21 -18.68 -64.20
CA MET A 2058 49.24 -18.64 -63.17
C MET A 2058 50.51 -17.96 -63.68
N GLU A 2059 50.87 -18.21 -64.93
CA GLU A 2059 52.07 -17.61 -65.50
C GLU A 2059 52.14 -16.13 -65.14
N LYS A 2060 51.15 -15.36 -65.58
CA LYS A 2060 51.05 -13.98 -65.13
C LYS A 2060 50.99 -13.90 -63.62
N GLN A 2061 50.38 -14.91 -62.98
CA GLN A 2061 50.16 -14.85 -61.53
C GLN A 2061 51.46 -14.79 -60.74
N GLY A 2062 52.59 -15.13 -61.35
CA GLY A 2062 53.82 -15.29 -60.62
C GLY A 2062 54.16 -14.16 -59.65
N ASP A 2063 54.45 -12.99 -60.20
CA ASP A 2063 54.96 -11.90 -59.36
C ASP A 2063 54.02 -11.60 -58.21
N LEU A 2064 52.72 -11.54 -58.50
CA LEU A 2064 51.74 -11.37 -57.44
C LEU A 2064 51.92 -12.45 -56.40
N ILE A 2065 52.18 -13.68 -56.84
CA ILE A 2065 52.37 -14.78 -55.90
C ILE A 2065 53.55 -14.50 -54.99
N ARG A 2066 54.65 -14.02 -55.56
CA ARG A 2066 55.82 -13.70 -54.75
C ARG A 2066 55.47 -12.67 -53.68
N TYR A 2067 54.85 -11.57 -54.11
CA TYR A 2067 54.44 -10.53 -53.17
C TYR A 2067 53.60 -11.12 -52.05
N ILE A 2068 52.56 -11.88 -52.44
CA ILE A 2068 51.63 -12.45 -51.48
C ILE A 2068 52.36 -13.31 -50.47
N VAL A 2069 53.21 -14.21 -50.95
CA VAL A 2069 53.92 -15.11 -50.06
C VAL A 2069 54.76 -14.32 -49.07
N LEU A 2070 55.53 -13.36 -49.58
CA LEU A 2070 56.37 -12.58 -48.68
C LEU A 2070 55.55 -11.96 -47.57
N HIS A 2071 54.40 -11.39 -47.92
CA HIS A 2071 53.63 -10.69 -46.90
C HIS A 2071 53.04 -11.68 -45.90
N PHE A 2072 52.51 -12.80 -46.37
CA PHE A 2072 52.10 -13.85 -45.44
C PHE A 2072 53.21 -14.14 -44.46
N GLY A 2073 54.43 -14.31 -44.99
CA GLY A 2073 55.54 -14.71 -44.14
C GLY A 2073 55.81 -13.70 -43.05
N ARG A 2074 55.94 -12.43 -43.43
CA ARG A 2074 56.17 -11.40 -42.43
C ARG A 2074 55.06 -11.41 -41.39
N SER A 2075 53.82 -11.49 -41.85
CA SER A 2075 52.68 -11.56 -40.90
C SER A 2075 53.00 -12.63 -39.86
N LEU A 2076 53.50 -13.77 -40.31
CA LEU A 2076 53.80 -14.89 -39.39
C LEU A 2076 54.89 -14.46 -38.40
N GLN A 2077 55.88 -13.70 -38.86
CA GLN A 2077 57.02 -13.32 -37.98
C GLN A 2077 56.48 -12.50 -36.80
N TYR A 2078 55.52 -11.63 -37.06
CA TYR A 2078 55.05 -10.70 -35.99
C TYR A 2078 54.01 -11.33 -35.07
N GLY A 2079 53.29 -12.37 -35.51
CA GLY A 2079 52.23 -12.91 -34.68
C GLY A 2079 51.82 -14.28 -35.19
N ASN A 2080 50.87 -14.88 -34.48
CA ASN A 2080 50.40 -16.20 -34.85
C ASN A 2080 48.88 -16.28 -34.88
N GLN A 2081 48.20 -15.14 -34.98
CA GLN A 2081 46.74 -15.16 -34.92
C GLN A 2081 46.15 -15.90 -36.12
N PHE A 2082 46.65 -15.62 -37.31
CA PHE A 2082 46.07 -16.16 -38.53
C PHE A 2082 46.93 -17.27 -39.13
N ILE A 2083 47.78 -17.89 -38.34
CA ILE A 2083 48.70 -18.89 -38.89
C ILE A 2083 47.95 -19.89 -39.74
N TYR A 2084 46.81 -20.39 -39.25
CA TYR A 2084 46.08 -21.40 -39.98
C TYR A 2084 45.65 -20.88 -41.35
N GLN A 2085 45.29 -19.61 -41.45
CA GLN A 2085 45.00 -19.07 -42.76
C GLN A 2085 46.28 -18.79 -43.54
N SER A 2086 47.27 -18.22 -42.87
CA SER A 2086 48.46 -17.74 -43.57
C SER A 2086 49.30 -18.87 -44.14
N MET A 2087 49.85 -19.70 -43.27
CA MET A 2087 50.82 -20.70 -43.68
C MET A 2087 50.29 -21.55 -44.84
N PRO A 2088 49.16 -22.20 -44.65
CA PRO A 2088 48.66 -23.11 -45.70
C PRO A 2088 48.58 -22.43 -47.05
N ARG A 2089 47.97 -21.25 -47.11
CA ARG A 2089 47.88 -20.56 -48.39
C ARG A 2089 49.25 -20.32 -48.97
N MET A 2090 50.19 -19.87 -48.15
CA MET A 2090 51.53 -19.61 -48.63
C MET A 2090 52.11 -20.84 -49.31
N LEU A 2091 52.17 -21.93 -48.56
CA LEU A 2091 52.78 -23.13 -49.09
C LEU A 2091 52.06 -23.61 -50.34
N THR A 2092 50.73 -23.55 -50.32
CA THR A 2092 49.97 -24.02 -51.47
C THR A 2092 50.31 -23.22 -52.72
N LEU A 2093 50.25 -21.90 -52.62
CA LEU A 2093 50.59 -21.06 -53.76
C LEU A 2093 51.97 -21.39 -54.28
N TRP A 2094 52.95 -21.42 -53.39
CA TRP A 2094 54.32 -21.63 -53.84
C TRP A 2094 54.49 -22.97 -54.53
N LEU A 2095 54.05 -24.05 -53.88
CA LEU A 2095 54.20 -25.38 -54.46
C LEU A 2095 53.49 -25.51 -55.79
N ASP A 2096 52.27 -24.98 -55.88
CA ASP A 2096 51.53 -25.13 -57.11
C ASP A 2096 52.18 -24.33 -58.24
N TYR A 2097 52.68 -23.14 -57.94
CA TYR A 2097 53.41 -22.42 -58.97
C TYR A 2097 54.63 -23.20 -59.42
N GLY A 2098 55.29 -23.89 -58.49
CA GLY A 2098 56.40 -24.74 -58.89
C GLY A 2098 55.98 -25.84 -59.83
N THR A 2099 54.90 -26.53 -59.48
CA THR A 2099 54.37 -27.58 -60.36
C THR A 2099 54.09 -27.02 -61.74
N LYS A 2100 53.43 -25.86 -61.79
CA LYS A 2100 53.09 -25.25 -63.07
C LYS A 2100 54.34 -24.92 -63.86
N ALA A 2101 55.36 -24.38 -63.18
CA ALA A 2101 56.61 -24.08 -63.87
C ALA A 2101 57.24 -25.33 -64.45
N TYR A 2102 57.21 -26.43 -63.70
CA TYR A 2102 57.73 -27.68 -64.23
C TYR A 2102 56.95 -28.11 -65.47
N GLU A 2103 55.63 -28.04 -65.39
CA GLU A 2103 54.81 -28.41 -66.54
C GLU A 2103 55.16 -27.54 -67.75
N TRP A 2104 55.34 -26.24 -67.53
CA TRP A 2104 55.65 -25.35 -68.64
C TRP A 2104 57.01 -25.65 -69.24
N GLU A 2105 58.01 -25.91 -68.39
CA GLU A 2105 59.29 -26.39 -68.90
C GLU A 2105 59.08 -27.61 -69.79
N LYS A 2106 58.27 -28.56 -69.32
CA LYS A 2106 57.96 -29.72 -70.14
C LYS A 2106 57.33 -29.33 -71.46
N ALA A 2107 56.51 -28.27 -71.46
CA ALA A 2107 55.85 -27.83 -72.68
C ALA A 2107 56.78 -27.05 -73.59
N GLY A 2108 57.83 -26.46 -73.03
CA GLY A 2108 58.75 -25.65 -73.81
C GLY A 2108 58.23 -24.29 -74.19
N ARG A 2109 57.03 -23.94 -73.77
CA ARG A 2109 56.45 -22.65 -74.16
C ARG A 2109 57.33 -21.50 -73.69
N SER A 2110 57.22 -20.38 -74.40
CA SER A 2110 58.05 -19.22 -74.08
C SER A 2110 57.82 -18.75 -72.65
N ASP A 2111 56.56 -18.76 -72.19
CA ASP A 2111 56.27 -18.28 -70.85
C ASP A 2111 57.10 -18.98 -69.79
N ARG A 2112 57.50 -20.22 -70.05
CA ARG A 2112 58.14 -21.03 -69.02
C ARG A 2112 59.47 -20.47 -68.55
N VAL A 2113 60.15 -19.66 -69.37
CA VAL A 2113 61.43 -19.10 -68.93
C VAL A 2113 61.21 -18.04 -67.86
N GLN A 2114 60.39 -17.04 -68.17
CA GLN A 2114 59.97 -16.10 -67.15
C GLN A 2114 59.40 -16.83 -65.95
N MET A 2115 58.72 -17.96 -66.20
CA MET A 2115 58.19 -18.75 -65.10
C MET A 2115 59.31 -19.26 -64.21
N ARG A 2116 60.38 -19.78 -64.81
CA ARG A 2116 61.51 -20.26 -64.03
C ARG A 2116 62.09 -19.14 -63.19
N ASN A 2117 62.28 -17.96 -63.80
CA ASN A 2117 62.80 -16.84 -63.03
C ASN A 2117 61.92 -16.51 -61.84
N ASP A 2118 60.61 -16.39 -62.09
CA ASP A 2118 59.69 -16.08 -61.02
C ASP A 2118 59.75 -17.14 -59.92
N LEU A 2119 59.81 -18.41 -60.32
CA LEU A 2119 59.88 -19.47 -59.32
C LEU A 2119 61.14 -19.34 -58.48
N GLY A 2120 62.25 -18.95 -59.11
CA GLY A 2120 63.46 -18.72 -58.34
C GLY A 2120 63.27 -17.64 -57.30
N LYS A 2121 62.71 -16.51 -57.71
CA LYS A 2121 62.46 -15.45 -56.74
C LYS A 2121 61.56 -15.94 -55.61
N ILE A 2122 60.52 -16.69 -55.96
CA ILE A 2122 59.60 -17.20 -54.96
C ILE A 2122 60.34 -18.09 -53.98
N ASN A 2123 61.23 -18.95 -54.49
CA ASN A 2123 62.01 -19.82 -53.61
C ASN A 2123 62.88 -19.00 -52.69
N LYS A 2124 63.44 -17.90 -53.19
CA LYS A 2124 64.23 -17.04 -52.33
C LYS A 2124 63.39 -16.52 -51.17
N VAL A 2125 62.16 -16.06 -51.47
CA VAL A 2125 61.29 -15.58 -50.41
C VAL A 2125 61.00 -16.68 -49.41
N ILE A 2126 60.67 -17.87 -49.91
CA ILE A 2126 60.39 -19.00 -49.03
C ILE A 2126 61.57 -19.24 -48.11
N THR A 2127 62.77 -19.20 -48.65
CA THR A 2127 63.96 -19.46 -47.84
C THR A 2127 64.12 -18.40 -46.77
N GLU A 2128 63.92 -17.13 -47.13
CA GLU A 2128 64.02 -16.08 -46.13
C GLU A 2128 63.05 -16.33 -44.99
N HIS A 2129 61.79 -16.57 -45.32
CA HIS A 2129 60.82 -16.91 -44.30
C HIS A 2129 61.34 -18.05 -43.43
N THR A 2130 61.74 -19.15 -44.07
CA THR A 2130 62.26 -20.30 -43.35
C THR A 2130 63.27 -19.86 -42.30
N ASN A 2131 64.27 -19.10 -42.73
CA ASN A 2131 65.27 -18.62 -41.77
C ASN A 2131 64.61 -17.86 -40.63
N TYR A 2132 63.62 -17.05 -40.94
CA TYR A 2132 63.08 -16.17 -39.91
C TYR A 2132 62.09 -16.89 -39.01
N LEU A 2133 61.10 -17.55 -39.59
CA LEU A 2133 60.01 -18.10 -38.80
C LEU A 2133 60.51 -19.17 -37.83
N ALA A 2134 59.75 -19.36 -36.77
CA ALA A 2134 60.10 -20.36 -35.79
C ALA A 2134 59.61 -21.74 -36.23
N PRO A 2135 60.27 -22.81 -35.78
CA PRO A 2135 59.93 -24.14 -36.29
C PRO A 2135 58.47 -24.51 -36.09
N TYR A 2136 57.93 -24.30 -34.89
CA TYR A 2136 56.60 -24.80 -34.59
C TYR A 2136 55.57 -24.27 -35.59
N GLN A 2137 55.75 -23.04 -36.06
CA GLN A 2137 54.87 -22.54 -37.10
C GLN A 2137 54.78 -23.54 -38.24
N PHE A 2138 55.93 -23.86 -38.84
CA PHE A 2138 55.94 -24.87 -39.88
C PHE A 2138 55.36 -26.17 -39.38
N LEU A 2139 55.70 -26.56 -38.15
CA LEU A 2139 55.12 -27.76 -37.56
C LEU A 2139 53.62 -27.79 -37.78
N THR A 2140 52.98 -26.62 -37.70
CA THR A 2140 51.52 -26.59 -37.82
C THR A 2140 51.04 -27.16 -39.15
N ALA A 2141 51.82 -26.98 -40.22
CA ALA A 2141 51.45 -27.49 -41.54
C ALA A 2141 52.33 -28.66 -41.96
N PHE A 2142 53.17 -29.15 -41.07
CA PHE A 2142 54.05 -30.26 -41.36
C PHE A 2142 53.36 -31.36 -42.14
N SER A 2143 52.09 -31.63 -41.84
CA SER A 2143 51.39 -32.68 -42.57
C SER A 2143 51.34 -32.35 -44.05
N GLN A 2144 50.81 -31.19 -44.39
CA GLN A 2144 50.80 -30.75 -45.78
C GLN A 2144 52.21 -30.81 -46.38
N LEU A 2145 53.18 -30.25 -45.65
CA LEU A 2145 54.56 -30.30 -46.10
C LEU A 2145 54.93 -31.70 -46.58
N ILE A 2146 54.88 -32.67 -45.67
CA ILE A 2146 55.15 -34.05 -46.05
C ILE A 2146 54.32 -34.42 -47.26
N SER A 2147 53.08 -33.96 -47.30
CA SER A 2147 52.19 -34.32 -48.40
C SER A 2147 52.81 -33.96 -49.74
N ARG A 2148 53.54 -32.85 -49.79
CA ARG A 2148 54.07 -32.38 -51.07
C ARG A 2148 55.50 -32.79 -51.33
N ILE A 2149 56.04 -33.74 -50.56
CA ILE A 2149 57.43 -34.14 -50.74
C ILE A 2149 57.67 -34.65 -52.15
N CYS A 2150 56.67 -35.28 -52.75
CA CYS A 2150 56.80 -35.87 -54.08
C CYS A 2150 56.82 -34.82 -55.19
N HIS A 2151 56.93 -33.55 -54.83
CA HIS A 2151 56.92 -32.48 -55.83
C HIS A 2151 57.89 -32.78 -56.96
N SER A 2152 57.53 -32.37 -58.16
CA SER A 2152 58.35 -32.69 -59.33
C SER A 2152 59.57 -31.77 -59.42
N HIS A 2153 59.37 -30.46 -59.28
CA HIS A 2153 60.47 -29.53 -59.47
C HIS A 2153 61.50 -29.68 -58.36
N ASP A 2154 62.75 -29.87 -58.75
CA ASP A 2154 63.78 -30.27 -57.79
C ASP A 2154 64.11 -29.13 -56.83
N GLU A 2155 64.30 -27.92 -57.33
CA GLU A 2155 64.61 -26.80 -56.43
C GLU A 2155 63.51 -26.64 -55.39
N VAL A 2156 62.26 -26.75 -55.83
CA VAL A 2156 61.14 -26.82 -54.90
C VAL A 2156 61.44 -27.84 -53.81
N PHE A 2157 61.87 -29.03 -54.23
CA PHE A 2157 62.14 -30.09 -53.26
C PHE A 2157 63.26 -29.71 -52.33
N VAL A 2158 64.27 -29.00 -52.81
CA VAL A 2158 65.40 -28.61 -51.96
C VAL A 2158 64.90 -27.69 -50.85
N VAL A 2159 64.12 -26.68 -51.23
CA VAL A 2159 63.65 -25.74 -50.22
C VAL A 2159 62.72 -26.45 -49.24
N LEU A 2160 61.78 -27.23 -49.77
CA LEU A 2160 60.87 -27.97 -48.90
C LEU A 2160 61.66 -28.88 -47.96
N MET A 2161 62.75 -29.46 -48.45
CA MET A 2161 63.57 -30.32 -47.62
C MET A 2161 64.24 -29.54 -46.51
N GLU A 2162 64.75 -28.35 -46.83
CA GLU A 2162 65.29 -27.50 -45.78
C GLU A 2162 64.26 -27.26 -44.69
N ILE A 2163 63.04 -26.91 -45.09
CA ILE A 2163 62.01 -26.62 -44.10
C ILE A 2163 61.71 -27.84 -43.27
N ILE A 2164 61.51 -28.99 -43.93
CA ILE A 2164 61.15 -30.21 -43.22
C ILE A 2164 62.25 -30.59 -42.25
N ALA A 2165 63.52 -30.48 -42.68
CA ALA A 2165 64.61 -30.80 -41.79
C ALA A 2165 64.63 -29.86 -40.59
N LYS A 2166 64.40 -28.58 -40.82
CA LYS A 2166 64.29 -27.64 -39.71
C LYS A 2166 63.27 -28.13 -38.71
N VAL A 2167 62.05 -28.40 -39.19
CA VAL A 2167 61.00 -28.88 -38.31
C VAL A 2167 61.47 -30.12 -37.56
N PHE A 2168 62.05 -31.07 -38.28
CA PHE A 2168 62.44 -32.33 -37.67
C PHE A 2168 63.41 -32.09 -36.52
N LEU A 2169 64.49 -31.36 -36.80
CA LEU A 2169 65.44 -31.05 -35.74
C LEU A 2169 64.75 -30.40 -34.56
N ALA A 2170 63.81 -29.50 -34.83
CA ALA A 2170 63.12 -28.84 -33.73
C ALA A 2170 62.31 -29.83 -32.90
N TYR A 2171 61.70 -30.82 -33.57
CA TYR A 2171 60.83 -31.79 -32.90
C TYR A 2171 60.97 -33.13 -33.58
N PRO A 2172 61.97 -33.91 -33.16
CA PRO A 2172 62.21 -35.18 -33.86
C PRO A 2172 61.10 -36.19 -33.65
N GLN A 2173 60.53 -36.27 -32.44
CA GLN A 2173 59.55 -37.30 -32.16
C GLN A 2173 58.34 -37.18 -33.08
N GLN A 2174 57.62 -36.06 -32.99
CA GLN A 2174 56.44 -35.88 -33.81
C GLN A 2174 56.79 -36.01 -35.28
N ALA A 2175 57.89 -35.40 -35.71
CA ALA A 2175 58.24 -35.42 -37.11
C ALA A 2175 58.44 -36.85 -37.60
N MET A 2176 59.16 -37.66 -36.82
CA MET A 2176 59.38 -39.04 -37.20
C MET A 2176 58.07 -39.79 -37.28
N TRP A 2177 57.19 -39.57 -36.29
CA TRP A 2177 55.89 -40.22 -36.35
C TRP A 2177 55.15 -39.85 -37.61
N MET A 2178 55.25 -38.59 -38.02
CA MET A 2178 54.56 -38.16 -39.23
C MET A 2178 55.15 -38.83 -40.46
N MET A 2179 56.48 -38.90 -40.54
CA MET A 2179 57.14 -39.32 -41.76
C MET A 2179 57.26 -40.82 -41.91
N THR A 2180 57.03 -41.57 -40.82
CA THR A 2180 57.16 -43.02 -40.87
C THR A 2180 56.43 -43.60 -42.08
N ALA A 2181 55.12 -43.39 -42.15
CA ALA A 2181 54.32 -43.97 -43.22
C ALA A 2181 54.96 -43.74 -44.57
N VAL A 2182 55.30 -42.48 -44.86
CA VAL A 2182 55.97 -42.17 -46.13
C VAL A 2182 57.19 -43.05 -46.30
N SER A 2183 58.10 -43.03 -45.32
CA SER A 2183 59.31 -43.81 -45.42
C SER A 2183 59.02 -45.24 -45.87
N LYS A 2184 58.02 -45.86 -45.26
CA LYS A 2184 57.75 -47.27 -45.53
C LYS A 2184 57.11 -47.51 -46.88
N SER A 2185 56.50 -46.49 -47.48
CA SER A 2185 55.73 -46.65 -48.71
C SER A 2185 56.37 -47.60 -49.72
N PRO A 2188 57.70 -45.62 -53.75
CA PRO A 2188 59.14 -45.71 -54.00
C PRO A 2188 59.80 -44.34 -54.01
N MET A 2189 59.36 -43.49 -54.94
CA MET A 2189 59.85 -42.11 -54.95
C MET A 2189 59.60 -41.45 -53.62
N ARG A 2190 58.45 -41.71 -53.01
CA ARG A 2190 58.18 -41.24 -51.67
C ARG A 2190 59.28 -41.70 -50.72
N VAL A 2191 59.58 -42.99 -50.75
CA VAL A 2191 60.60 -43.54 -49.85
C VAL A 2191 61.93 -42.82 -50.06
N ASN A 2192 62.29 -42.58 -51.33
CA ASN A 2192 63.59 -41.99 -51.61
C ASN A 2192 63.65 -40.55 -51.13
N ARG A 2193 62.61 -39.77 -51.38
CA ARG A 2193 62.58 -38.40 -50.88
C ARG A 2193 62.65 -38.38 -49.37
N CYS A 2194 61.88 -39.26 -48.72
CA CYS A 2194 61.93 -39.32 -47.26
C CYS A 2194 63.34 -39.65 -46.77
N LYS A 2195 64.00 -40.57 -47.47
CA LYS A 2195 65.37 -40.93 -47.09
C LYS A 2195 66.30 -39.73 -47.22
N GLU A 2196 66.18 -39.01 -48.32
CA GLU A 2196 67.02 -37.82 -48.50
C GLU A 2196 66.80 -36.83 -47.36
N ILE A 2197 65.53 -36.59 -47.02
CA ILE A 2197 65.24 -35.64 -45.96
C ILE A 2197 65.86 -36.11 -44.65
N LEU A 2198 65.61 -37.35 -44.27
CA LEU A 2198 66.16 -37.88 -43.04
C LEU A 2198 67.68 -37.79 -43.04
N ASN A 2199 68.30 -38.03 -44.19
CA ASN A 2199 69.75 -37.97 -44.26
C ASN A 2199 70.25 -36.56 -44.05
N LYS A 2200 69.58 -35.57 -44.66
CA LYS A 2200 69.93 -34.19 -44.38
C LYS A 2200 69.82 -33.90 -42.89
N ALA A 2201 68.71 -34.34 -42.28
CA ALA A 2201 68.55 -34.17 -40.84
C ALA A 2201 69.74 -34.74 -40.10
N ILE A 2202 70.13 -35.97 -40.45
CA ILE A 2202 71.28 -36.61 -39.81
C ILE A 2202 72.51 -35.74 -39.97
N HIS A 2203 72.76 -35.25 -41.18
CA HIS A 2203 73.92 -34.40 -41.42
C HIS A 2203 73.90 -33.17 -40.52
N MET A 2204 72.71 -32.66 -40.22
CA MET A 2204 72.64 -31.49 -39.36
C MET A 2204 72.96 -31.84 -37.91
N LYS A 2205 72.42 -32.95 -37.40
CA LYS A 2205 72.65 -33.36 -36.02
C LYS A 2205 72.93 -34.86 -36.00
N LYS A 2206 73.95 -35.25 -35.24
CA LYS A 2206 74.37 -36.65 -35.25
C LYS A 2206 73.51 -37.50 -34.34
N SER A 2207 73.24 -37.03 -33.12
CA SER A 2207 72.44 -37.80 -32.17
C SER A 2207 71.16 -38.30 -32.84
N LEU A 2208 70.57 -37.49 -33.71
CA LEU A 2208 69.32 -37.84 -34.34
C LEU A 2208 69.39 -39.19 -35.04
N GLU A 2209 70.57 -39.62 -35.46
CA GLU A 2209 70.68 -40.84 -36.26
C GLU A 2209 70.29 -42.07 -35.46
N LYS A 2210 70.79 -42.17 -34.23
CA LYS A 2210 70.40 -43.28 -33.37
C LYS A 2210 68.90 -43.32 -33.18
N PHE A 2211 68.32 -42.17 -32.83
CA PHE A 2211 66.87 -42.09 -32.66
C PHE A 2211 66.15 -42.56 -33.91
N VAL A 2212 66.61 -42.13 -35.08
CA VAL A 2212 65.95 -42.48 -36.33
C VAL A 2212 65.99 -43.98 -36.54
N GLY A 2213 67.17 -44.57 -36.36
CA GLY A 2213 67.29 -46.00 -36.58
C GLY A 2213 66.39 -46.78 -35.63
N ASP A 2214 66.38 -46.40 -34.36
CA ASP A 2214 65.52 -47.06 -33.40
C ASP A 2214 64.07 -46.96 -33.82
N ALA A 2215 63.64 -45.76 -34.21
CA ALA A 2215 62.27 -45.57 -34.63
C ALA A 2215 61.94 -46.46 -35.82
N THR A 2216 62.85 -46.54 -36.78
CA THR A 2216 62.60 -47.36 -37.96
C THR A 2216 62.43 -48.82 -37.58
N ARG A 2217 63.34 -49.34 -36.76
CA ARG A 2217 63.23 -50.73 -36.35
C ARG A 2217 61.92 -50.98 -35.62
N LEU A 2218 61.59 -50.12 -34.66
CA LEU A 2218 60.36 -50.28 -33.91
C LEU A 2218 59.16 -50.28 -34.84
N THR A 2219 59.13 -49.36 -35.80
CA THR A 2219 58.01 -49.26 -36.71
C THR A 2219 57.90 -50.50 -37.58
N ASP A 2220 59.02 -51.01 -38.05
CA ASP A 2220 58.98 -52.21 -38.88
C ASP A 2220 58.47 -53.40 -38.09
N LYS A 2221 58.96 -53.57 -36.87
CA LYS A 2221 58.45 -54.65 -36.02
C LYS A 2221 56.96 -54.50 -35.80
N LEU A 2222 56.50 -53.28 -35.52
CA LEU A 2222 55.09 -53.04 -35.32
C LEU A 2222 54.29 -53.42 -36.56
N GLU A 2224 55.08 -55.60 -38.80
CA GLU A 2224 55.03 -57.05 -38.81
C GLU A 2224 53.92 -57.54 -37.91
N LEU A 2225 53.89 -57.07 -36.67
CA LEU A 2225 52.84 -57.48 -35.74
C LEU A 2225 51.47 -57.25 -36.36
N CYS A 2226 51.26 -56.07 -36.92
CA CYS A 2226 49.97 -55.74 -37.50
C CYS A 2226 49.59 -56.72 -38.60
N ASN A 2227 50.55 -57.04 -39.47
CA ASN A 2227 50.30 -57.94 -40.58
C ASN A 2227 50.51 -59.40 -40.22
N LYS A 2228 51.03 -59.68 -39.04
CA LYS A 2228 51.24 -61.06 -38.62
C LYS A 2228 49.94 -61.84 -38.75
N PRO A 2229 49.92 -62.94 -39.49
CA PRO A 2229 48.68 -63.71 -39.63
C PRO A 2229 48.31 -64.38 -38.32
N VAL A 2230 47.01 -64.34 -37.99
CA VAL A 2230 46.52 -65.02 -36.80
C VAL A 2230 46.64 -66.52 -36.99
N ASP A 2231 47.17 -67.20 -35.98
CA ASP A 2231 47.30 -68.66 -36.01
C ASP A 2231 45.97 -69.27 -35.61
N GLY A 2232 45.25 -69.83 -36.58
CA GLY A 2232 43.95 -70.40 -36.30
C GLY A 2232 43.04 -69.36 -35.68
N SER A 2233 42.48 -69.68 -34.52
CA SER A 2233 41.59 -68.78 -33.80
C SER A 2233 42.13 -68.62 -32.38
N SER A 2234 42.57 -67.42 -32.04
CA SER A 2234 43.13 -67.15 -30.72
C SER A 2234 42.61 -65.80 -30.23
N SER A 2235 41.84 -65.83 -29.13
CA SER A 2235 41.41 -64.60 -28.51
C SER A 2235 42.60 -63.71 -28.18
N THR A 2236 43.64 -64.30 -27.60
CA THR A 2236 44.81 -63.54 -27.19
C THR A 2236 46.07 -64.25 -27.67
N LEU A 2237 47.12 -63.47 -27.86
CA LEU A 2237 48.43 -63.97 -28.21
C LEU A 2237 49.45 -63.43 -27.21
N SER A 2238 50.33 -64.30 -26.74
CA SER A 2238 51.37 -63.90 -25.80
C SER A 2238 52.47 -63.16 -26.54
N MET A 2239 52.70 -61.91 -26.16
CA MET A 2239 53.79 -61.14 -26.76
C MET A 2239 55.10 -61.93 -26.66
N SER A 2240 55.46 -62.34 -25.45
CA SER A 2240 56.69 -63.09 -25.23
C SER A 2240 56.82 -64.24 -26.22
N THR A 2241 55.84 -65.14 -26.20
CA THR A 2241 55.93 -66.34 -27.02
C THR A 2241 55.97 -66.00 -28.50
N HIS A 2242 55.12 -65.07 -28.94
CA HIS A 2242 54.83 -64.97 -30.36
C HIS A 2242 55.74 -64.00 -31.11
N PHE A 2243 56.28 -62.98 -30.45
CA PHE A 2243 57.17 -62.06 -31.14
C PHE A 2243 58.58 -62.09 -30.55
N LYS A 2244 58.73 -61.76 -29.26
CA LYS A 2244 60.01 -61.91 -28.61
C LYS A 2244 61.05 -60.95 -29.18
N MET A 2245 60.69 -60.23 -30.23
CA MET A 2245 61.62 -59.34 -30.92
C MET A 2245 61.34 -57.88 -30.64
N LEU A 2246 60.09 -57.44 -30.84
CA LEU A 2246 59.72 -56.11 -30.39
C LEU A 2246 60.00 -55.97 -28.90
N LYS A 2247 59.69 -57.01 -28.13
CA LYS A 2247 59.95 -56.96 -26.70
C LYS A 2247 61.43 -56.76 -26.42
N LYS A 2248 62.28 -57.55 -27.08
CA LYS A 2248 63.72 -57.37 -26.91
C LYS A 2248 64.14 -55.95 -27.27
N LEU A 2249 63.73 -55.49 -28.45
CA LEU A 2249 64.10 -54.16 -28.91
C LEU A 2249 63.75 -53.11 -27.86
N VAL A 2250 62.50 -53.10 -27.42
CA VAL A 2250 62.10 -52.11 -26.40
C VAL A 2250 62.90 -52.33 -25.13
N GLU A 2251 63.27 -53.57 -24.83
CA GLU A 2251 63.88 -53.88 -23.54
C GLU A 2251 65.30 -53.33 -23.45
N GLU A 2252 66.06 -53.43 -24.53
CA GLU A 2252 67.47 -53.03 -24.50
C GLU A 2252 67.60 -51.61 -23.98
N ALA A 2253 68.58 -51.42 -23.09
CA ALA A 2253 68.82 -50.07 -22.54
C ALA A 2253 69.28 -49.12 -23.62
N THR A 2254 69.92 -49.63 -24.68
CA THR A 2254 70.38 -48.76 -25.75
C THR A 2254 69.21 -48.09 -26.45
N PHE A 2255 68.11 -48.81 -26.62
CA PHE A 2255 66.99 -48.30 -27.41
C PHE A 2255 66.53 -46.94 -26.92
N SER A 2256 66.49 -45.98 -27.82
CA SER A 2256 66.14 -44.63 -27.46
C SER A 2256 64.69 -44.54 -27.04
N GLU A 2257 64.35 -43.44 -26.37
CA GLU A 2257 62.97 -43.19 -26.00
C GLU A 2257 62.15 -42.87 -27.24
N ILE A 2258 60.97 -43.48 -27.33
CA ILE A 2258 60.02 -43.19 -28.39
C ILE A 2258 58.76 -42.65 -27.75
N LEU A 2259 58.35 -41.47 -28.17
CA LEU A 2259 57.17 -40.85 -27.59
C LEU A 2259 55.92 -41.57 -28.06
N ILE A 2260 55.12 -42.02 -27.11
CA ILE A 2260 53.84 -42.62 -27.49
C ILE A 2260 53.05 -41.61 -28.30
N PRO A 2261 52.63 -41.94 -29.49
CA PRO A 2261 51.97 -40.96 -30.37
C PRO A 2261 50.57 -40.60 -29.90
N LEU A 2262 50.47 -40.03 -28.71
CA LEU A 2262 49.19 -39.55 -28.24
C LEU A 2262 48.80 -38.27 -28.97
N GLN A 2263 47.49 -38.02 -29.01
CA GLN A 2263 47.02 -36.79 -29.63
C GLN A 2263 47.67 -35.58 -29.00
N SER A 2264 47.67 -35.52 -27.66
CA SER A 2264 48.17 -34.33 -26.99
C SER A 2264 49.56 -33.96 -27.44
N VAL A 2265 50.46 -34.94 -27.55
CA VAL A 2265 51.82 -34.62 -27.92
C VAL A 2265 51.94 -34.31 -29.40
N MET A 2266 50.97 -34.75 -30.21
CA MET A 2266 51.10 -34.59 -31.65
C MET A 2266 50.58 -33.26 -32.15
N ILE A 2267 49.56 -32.71 -31.51
CA ILE A 2267 48.94 -31.46 -31.94
C ILE A 2267 49.63 -30.31 -31.20
N PRO A 2268 50.30 -29.40 -31.89
CA PRO A 2268 50.97 -28.30 -31.20
C PRO A 2268 49.96 -27.33 -30.63
N THR A 2269 50.43 -26.51 -29.70
CA THR A 2269 49.65 -25.42 -29.13
C THR A 2269 50.39 -24.13 -29.40
N LEU A 2270 49.65 -23.10 -29.75
CA LEU A 2270 50.34 -21.93 -30.26
C LEU A 2270 50.37 -20.82 -29.23
N PRO A 2271 51.44 -20.03 -29.22
CA PRO A 2271 51.50 -18.92 -28.28
C PRO A 2271 50.29 -18.02 -28.47
N SER A 2272 49.90 -17.32 -27.41
CA SER A 2272 48.71 -16.50 -27.47
C SER A 2272 49.04 -15.11 -28.00
N ILE A 2273 47.98 -14.38 -28.34
CA ILE A 2273 48.14 -13.02 -28.87
C ILE A 2273 48.89 -12.14 -27.89
N LEU A 2274 48.76 -12.40 -26.60
CA LEU A 2274 49.19 -11.41 -25.62
C LEU A 2274 50.71 -11.36 -25.46
N GLY A 2275 51.37 -12.51 -25.47
CA GLY A 2275 52.78 -12.54 -25.13
C GLY A 2275 53.70 -12.56 -26.34
N THR A 2276 54.32 -11.42 -26.62
CA THR A 2276 55.20 -11.34 -27.79
C THR A 2276 56.45 -12.20 -27.59
N HIS A 2277 57.08 -12.09 -26.42
CA HIS A 2277 58.36 -12.73 -26.21
C HIS A 2277 58.26 -14.24 -26.40
N ALA A 2278 57.27 -14.86 -25.76
CA ALA A 2278 57.02 -16.27 -26.03
C ALA A 2278 56.77 -16.49 -27.53
N ASN A 2279 56.11 -15.52 -28.17
CA ASN A 2279 55.79 -15.66 -29.59
C ASN A 2279 57.06 -15.74 -30.42
N HIS A 2280 57.07 -16.68 -31.36
CA HIS A 2280 58.10 -16.80 -32.39
C HIS A 2280 59.47 -17.14 -31.83
N ALA A 2281 59.57 -17.42 -30.53
CA ALA A 2281 60.83 -17.88 -29.97
C ALA A 2281 60.59 -18.29 -28.52
N SER A 2282 61.32 -19.31 -28.09
CA SER A 2282 61.24 -19.79 -26.71
C SER A 2282 59.81 -20.11 -26.30
N HIS A 2283 58.99 -20.56 -27.25
CA HIS A 2283 57.62 -20.98 -26.97
C HIS A 2283 57.54 -22.48 -27.16
N GLU A 2284 57.16 -23.18 -26.11
CA GLU A 2284 57.24 -24.62 -26.20
C GLU A 2284 55.94 -25.24 -26.68
N PRO A 2285 55.87 -25.66 -27.94
CA PRO A 2285 54.75 -26.49 -28.38
C PRO A 2285 54.75 -27.79 -27.62
N PHE A 2286 53.67 -28.52 -27.75
CA PHE A 2286 53.50 -29.77 -27.03
C PHE A 2286 53.84 -29.62 -25.55
N PRO A 2287 53.39 -28.55 -24.90
CA PRO A 2287 53.59 -28.49 -23.45
C PRO A 2287 52.78 -29.59 -22.80
N GLY A 2288 53.30 -30.10 -21.68
CA GLY A 2288 52.67 -31.19 -20.97
C GLY A 2288 53.56 -32.41 -20.88
N HIS A 2289 53.10 -33.35 -20.07
CA HIS A 2289 53.88 -34.55 -19.80
C HIS A 2289 54.08 -35.37 -21.06
N TRP A 2290 55.29 -35.89 -21.23
CA TRP A 2290 55.62 -36.77 -22.34
C TRP A 2290 55.81 -38.18 -21.81
N ALA A 2291 55.22 -39.15 -22.50
CA ALA A 2291 55.30 -40.55 -22.10
C ALA A 2291 55.96 -41.35 -23.21
N TYR A 2292 57.18 -41.83 -22.94
CA TYR A 2292 57.90 -42.65 -23.90
C TYR A 2292 57.57 -44.12 -23.68
N ILE A 2293 57.62 -44.89 -24.78
CA ILE A 2293 57.27 -46.30 -24.72
C ILE A 2293 58.32 -47.02 -23.88
N ALA A 2294 57.93 -47.45 -22.68
CA ALA A 2294 58.84 -48.16 -21.80
C ALA A 2294 58.79 -49.67 -21.96
N GLY A 2295 57.80 -50.18 -22.68
CA GLY A 2295 57.66 -51.61 -22.85
C GLY A 2295 56.25 -51.95 -23.23
N PHE A 2296 56.03 -53.25 -23.42
CA PHE A 2296 54.73 -53.76 -23.86
C PHE A 2296 54.22 -54.80 -22.87
N ASP A 2297 52.98 -54.63 -22.43
CA ASP A 2297 52.34 -55.70 -21.68
C ASP A 2297 52.23 -56.92 -22.57
N ASP A 2298 52.45 -58.10 -21.97
CA ASP A 2298 52.62 -59.30 -22.79
C ASP A 2298 51.37 -59.62 -23.59
N MET A 2299 50.19 -59.48 -22.98
CA MET A 2299 48.97 -59.95 -23.62
C MET A 2299 48.63 -59.10 -24.83
N VAL A 2300 48.32 -59.76 -25.95
CA VAL A 2300 47.83 -59.11 -27.15
C VAL A 2300 46.58 -59.84 -27.60
N GLU A 2301 45.47 -59.12 -27.69
CA GLU A 2301 44.16 -59.71 -27.91
C GLU A 2301 43.67 -59.38 -29.31
N ILE A 2302 43.27 -60.39 -30.08
CA ILE A 2302 42.70 -60.18 -31.45
C ILE A 2302 41.21 -59.84 -31.26
N LEU A 2303 40.64 -59.02 -32.15
CA LEU A 2303 39.22 -58.59 -32.02
C LEU A 2303 38.43 -59.16 -33.20
N ALA A 2304 37.29 -59.78 -32.95
CA ALA A 2304 36.41 -60.29 -34.02
C ALA A 2304 35.62 -59.14 -34.61
N SER A 2305 35.37 -58.08 -33.83
CA SER A 2305 34.47 -56.99 -34.30
C SER A 2305 34.99 -56.35 -35.57
N LEU A 2306 36.29 -56.12 -35.65
CA LEU A 2306 36.91 -55.55 -36.86
C LEU A 2306 37.65 -56.73 -37.48
N GLN A 2307 38.18 -56.61 -38.70
CA GLN A 2307 38.80 -57.78 -39.36
C GLN A 2307 40.17 -58.09 -38.74
N LYS A 2308 40.18 -58.88 -37.66
CA LYS A 2308 41.42 -59.31 -36.97
C LYS A 2308 42.38 -58.14 -36.72
N PRO A 2309 42.07 -57.13 -35.88
CA PRO A 2309 43.04 -56.13 -35.51
C PRO A 2309 43.60 -56.56 -34.17
N LYS A 2310 44.91 -56.69 -34.07
CA LYS A 2310 45.57 -57.04 -32.79
C LYS A 2310 45.38 -55.81 -31.90
N LYS A 2311 45.30 -55.97 -30.58
CA LYS A 2311 45.18 -54.81 -29.67
C LYS A 2311 46.33 -54.96 -28.66
N ILE A 2312 47.32 -54.07 -28.72
CA ILE A 2312 48.53 -54.19 -27.86
C ILE A 2312 48.38 -53.14 -26.76
N SER A 2313 49.16 -53.21 -25.69
CA SER A 2313 49.16 -52.20 -24.64
C SER A 2313 50.60 -51.77 -24.37
N LEU A 2314 50.98 -50.62 -24.90
CA LEU A 2314 52.28 -50.08 -24.59
C LEU A 2314 52.35 -49.65 -23.13
N LYS A 2315 53.53 -49.79 -22.55
CA LYS A 2315 53.76 -49.40 -21.16
C LYS A 2315 54.62 -48.15 -21.16
N GLY A 2316 54.06 -47.06 -20.66
CA GLY A 2316 54.75 -45.79 -20.71
C GLY A 2316 55.71 -45.60 -19.55
N SER A 2317 56.77 -44.84 -19.83
CA SER A 2317 57.74 -44.49 -18.81
C SER A 2317 57.01 -44.09 -17.53
N ASP A 2318 55.98 -43.25 -17.68
CA ASP A 2318 55.18 -42.88 -16.53
C ASP A 2318 54.58 -44.08 -15.83
N GLY A 2319 54.50 -45.22 -16.51
CA GLY A 2319 53.96 -46.43 -15.93
C GLY A 2319 52.53 -46.73 -16.33
N LYS A 2320 51.76 -45.71 -16.70
CA LYS A 2320 50.42 -45.98 -17.19
C LYS A 2320 50.48 -46.86 -18.43
N PHE A 2321 49.35 -47.44 -18.79
CA PHE A 2321 49.26 -48.31 -19.95
C PHE A 2321 48.33 -47.70 -20.99
N TYR A 2322 48.77 -47.71 -22.24
CA TYR A 2322 47.99 -47.20 -23.36
C TYR A 2322 47.73 -48.33 -24.33
N ILE A 2323 46.47 -48.52 -24.70
CA ILE A 2323 46.07 -49.62 -25.57
C ILE A 2323 46.02 -49.10 -26.99
N MET A 2324 46.92 -49.59 -27.83
CA MET A 2324 46.99 -49.19 -29.23
C MET A 2324 46.61 -50.37 -30.09
N MET A 2325 45.57 -50.19 -30.88
CA MET A 2325 45.20 -51.20 -31.85
C MET A 2325 46.07 -51.07 -33.09
N CYS A 2326 46.45 -52.22 -33.64
CA CYS A 2326 47.24 -52.28 -34.89
C CYS A 2326 46.27 -52.80 -35.95
N LYS A 2327 45.82 -51.91 -36.86
CA LYS A 2327 44.78 -52.21 -37.86
C LYS A 2327 45.34 -52.57 -39.23
N PRO A 2328 45.35 -53.85 -39.66
CA PRO A 2328 45.77 -54.20 -41.01
C PRO A 2328 44.79 -53.84 -42.11
N LYS A 2329 45.25 -53.62 -43.34
CA LYS A 2329 44.39 -53.41 -44.54
C LYS A 2329 43.56 -52.12 -44.48
N ASP A 2330 44.09 -51.04 -43.87
CA ASP A 2330 43.41 -49.72 -43.86
C ASP A 2330 44.40 -48.56 -44.09
N ASP A 2331 44.05 -47.59 -44.96
CA ASP A 2331 44.90 -46.38 -45.15
C ASP A 2331 44.40 -45.32 -44.17
N LEU A 2332 45.22 -44.91 -43.21
CA LEU A 2332 44.73 -44.03 -42.13
C LEU A 2332 45.27 -42.61 -42.31
N ARG A 2333 45.95 -42.31 -43.41
CA ARG A 2333 46.37 -40.95 -43.67
C ARG A 2333 45.18 -40.00 -43.68
N LYS A 2334 44.17 -40.33 -44.48
CA LYS A 2334 42.92 -39.58 -44.43
C LYS A 2334 42.50 -39.37 -42.99
N ASP A 2335 42.47 -40.44 -42.20
CA ASP A 2335 42.00 -40.33 -40.83
C ASP A 2335 42.89 -39.41 -40.02
N CYS A 2336 44.21 -39.49 -40.20
CA CYS A 2336 45.10 -38.63 -39.45
C CYS A 2336 44.78 -37.17 -39.73
N ARG A 2337 44.67 -36.81 -41.00
CA ARG A 2337 44.35 -35.43 -41.32
C ARG A 2337 43.00 -35.05 -40.74
N LEU A 2338 42.04 -35.97 -40.78
CA LEU A 2338 40.73 -35.66 -40.24
C LEU A 2338 40.82 -35.37 -38.75
N MET A 2339 41.65 -36.12 -38.03
CA MET A 2339 41.85 -35.84 -36.63
C MET A 2339 42.47 -34.47 -36.44
N GLU A 2340 43.42 -34.10 -37.30
CA GLU A 2340 43.99 -32.77 -37.19
C GLU A 2340 42.90 -31.70 -37.31
N PHE A 2341 42.10 -31.80 -38.36
CA PHE A 2341 41.01 -30.86 -38.55
C PHE A 2341 40.11 -30.82 -37.33
N ASN A 2342 39.74 -31.99 -36.83
CA ASN A 2342 38.89 -32.05 -35.65
C ASN A 2342 39.52 -31.32 -34.49
N SER A 2343 40.82 -31.53 -34.26
CA SER A 2343 41.48 -30.84 -33.16
C SER A 2343 41.39 -29.34 -33.33
N LEU A 2344 41.57 -28.86 -34.56
CA LEU A 2344 41.40 -27.43 -34.80
C LEU A 2344 40.00 -26.99 -34.39
N ILE A 2345 39.00 -27.76 -34.78
CA ILE A 2345 37.64 -27.42 -34.40
C ILE A 2345 37.49 -27.41 -32.90
N ASN A 2346 38.17 -28.33 -32.21
CA ASN A 2346 38.09 -28.38 -30.77
C ASN A 2346 38.65 -27.12 -30.16
N LYS A 2347 39.76 -26.64 -30.71
CA LYS A 2347 40.31 -25.37 -30.25
C LYS A 2347 39.27 -24.27 -30.38
N CYS A 2348 38.75 -24.09 -31.60
CA CYS A 2348 37.74 -23.07 -31.82
C CYS A 2348 36.64 -23.19 -30.78
N LEU A 2349 36.10 -24.39 -30.60
CA LEU A 2349 35.03 -24.59 -29.64
C LEU A 2349 35.44 -24.11 -28.26
N ARG A 2350 36.59 -24.57 -27.79
CA ARG A 2350 37.05 -24.17 -26.47
C ARG A 2350 37.03 -22.65 -26.33
N LYS A 2351 37.50 -21.94 -27.36
CA LYS A 2351 37.66 -20.51 -27.19
C LYS A 2351 36.32 -19.80 -27.02
N ASP A 2352 35.32 -20.16 -27.81
CA ASP A 2352 34.06 -19.44 -27.74
C ASP A 2352 33.37 -19.67 -26.40
N ALA A 2353 32.60 -18.67 -25.98
CA ALA A 2353 31.92 -18.77 -24.70
C ALA A 2353 30.82 -19.82 -24.75
N GLU A 2354 29.81 -19.61 -25.59
CA GLU A 2354 28.67 -20.51 -25.63
C GLU A 2354 29.11 -21.96 -25.71
N SER A 2355 29.93 -22.27 -26.70
CA SER A 2355 30.36 -23.65 -26.90
C SER A 2355 30.86 -24.24 -25.58
N ARG A 2356 31.91 -23.65 -25.02
CA ARG A 2356 32.46 -24.17 -23.78
C ARG A 2356 31.40 -24.35 -22.73
N ARG A 2357 30.61 -23.30 -22.47
CA ARG A 2357 29.57 -23.41 -21.46
C ARG A 2357 28.74 -24.67 -21.67
N ARG A 2358 28.38 -24.96 -22.91
CA ARG A 2358 27.72 -26.22 -23.14
C ARG A 2358 28.70 -27.37 -23.20
N GLU A 2359 29.99 -27.10 -23.06
CA GLU A 2359 31.00 -28.14 -22.97
C GLU A 2359 31.04 -29.02 -24.22
N LEU A 2360 30.65 -28.45 -25.36
CA LEU A 2360 30.79 -29.18 -26.61
C LEU A 2360 32.24 -29.57 -26.83
N HIS A 2361 32.44 -30.74 -27.43
CA HIS A 2361 33.81 -31.15 -27.72
C HIS A 2361 33.79 -32.42 -28.54
N ILE A 2362 34.73 -32.51 -29.48
CA ILE A 2362 34.88 -33.69 -30.31
C ILE A 2362 35.97 -34.56 -29.71
N ARG A 2363 35.59 -35.73 -29.24
CA ARG A 2363 36.60 -36.67 -28.78
C ARG A 2363 37.47 -37.10 -29.95
N THR A 2364 38.78 -37.07 -29.76
CA THR A 2364 39.72 -37.35 -30.82
C THR A 2364 40.72 -38.37 -30.35
N TYR A 2365 40.88 -39.44 -31.12
CA TYR A 2365 41.84 -40.49 -30.82
C TYR A 2365 42.95 -40.44 -31.85
N ALA A 2366 44.19 -40.30 -31.37
CA ALA A 2366 45.31 -40.22 -32.28
C ALA A 2366 45.31 -41.44 -33.21
N VAL A 2367 45.77 -41.23 -34.43
CA VAL A 2367 45.90 -42.30 -35.41
C VAL A 2367 47.21 -42.09 -36.15
N ILE A 2368 48.01 -43.14 -36.26
CA ILE A 2368 49.30 -43.03 -36.93
C ILE A 2368 49.42 -44.14 -37.97
N PRO A 2369 49.45 -43.78 -39.25
CA PRO A 2369 49.61 -44.81 -40.29
C PRO A 2369 51.05 -45.25 -40.36
N LEU A 2370 51.33 -46.49 -39.99
CA LEU A 2370 52.74 -46.97 -39.94
C LEU A 2370 53.15 -47.37 -41.36
N ASN A 2371 52.18 -47.54 -42.24
CA ASN A 2371 52.44 -48.01 -43.62
C ASN A 2371 51.28 -47.51 -44.49
N ASP A 2372 51.41 -47.63 -45.81
CA ASP A 2372 50.28 -47.24 -46.68
C ASP A 2372 49.09 -48.13 -46.32
N GLU A 2373 49.34 -49.43 -46.05
CA GLU A 2373 48.21 -50.36 -45.79
C GLU A 2373 48.08 -50.68 -44.29
N CYS A 2374 48.88 -50.07 -43.42
CA CYS A 2374 48.82 -50.41 -42.01
C CYS A 2374 49.20 -49.22 -41.16
N GLY A 2375 48.54 -49.10 -40.00
CA GLY A 2375 48.82 -48.05 -39.06
C GLY A 2375 48.21 -48.39 -37.72
N ILE A 2376 48.74 -47.78 -36.67
CA ILE A 2376 48.31 -48.04 -35.31
C ILE A 2376 47.41 -46.88 -34.87
N ILE A 2377 46.37 -47.22 -34.11
CA ILE A 2377 45.39 -46.24 -33.65
C ILE A 2377 45.13 -46.47 -32.17
N GLU A 2378 45.10 -45.37 -31.39
CA GLU A 2378 44.90 -45.46 -29.92
C GLU A 2378 43.45 -45.83 -29.64
N TRP A 2379 43.22 -47.04 -29.12
CA TRP A 2379 41.85 -47.54 -28.87
C TRP A 2379 41.17 -46.65 -27.83
N VAL A 2380 39.91 -46.29 -28.03
CA VAL A 2380 39.12 -45.49 -27.04
C VAL A 2380 38.68 -46.49 -25.98
N ASN A 2381 38.31 -46.07 -24.75
CA ASN A 2381 38.01 -47.07 -23.74
C ASN A 2381 36.68 -46.76 -23.09
N ASN A 2382 36.06 -47.82 -22.55
CA ASN A 2382 34.75 -47.67 -21.93
C ASN A 2382 33.70 -47.27 -22.95
N THR A 2383 33.69 -47.96 -24.09
CA THR A 2383 32.88 -47.53 -25.21
C THR A 2383 32.52 -48.75 -26.05
N ALA A 2384 31.33 -48.69 -26.64
CA ALA A 2384 30.84 -49.80 -27.45
C ALA A 2384 30.05 -49.24 -28.62
N GLY A 2385 29.81 -50.10 -29.60
CA GLY A 2385 29.04 -49.69 -30.75
C GLY A 2385 27.56 -49.58 -30.43
N LEU A 2386 26.90 -48.62 -31.08
CA LEU A 2386 25.47 -48.45 -30.84
C LEU A 2386 24.72 -49.74 -31.15
N ARG A 2387 25.06 -50.39 -32.25
CA ARG A 2387 24.41 -51.64 -32.63
C ARG A 2387 24.44 -52.60 -31.46
N PRO A 2388 25.61 -52.92 -30.91
CA PRO A 2388 25.67 -53.93 -29.85
C PRO A 2388 24.97 -53.49 -28.57
N ILE A 2389 25.13 -52.24 -28.14
CA ILE A 2389 24.41 -51.78 -26.95
C ILE A 2389 22.93 -52.04 -27.13
N LEU A 2390 22.39 -51.61 -28.27
CA LEU A 2390 20.97 -51.81 -28.52
C LEU A 2390 20.63 -53.29 -28.58
N THR A 2391 21.51 -54.10 -29.16
CA THR A 2391 21.23 -55.52 -29.29
C THR A 2391 21.15 -56.18 -27.93
N LYS A 2392 22.09 -55.85 -27.05
CA LYS A 2392 22.03 -56.33 -25.68
C LYS A 2392 20.70 -55.95 -25.05
N LEU A 2393 20.39 -54.66 -25.03
CA LEU A 2393 19.14 -54.24 -24.41
C LEU A 2393 17.95 -55.00 -24.98
N TYR A 2394 17.94 -55.20 -26.30
CA TYR A 2394 16.84 -55.91 -26.93
C TYR A 2394 16.76 -57.34 -26.41
N LYS A 2395 17.89 -58.04 -26.39
CA LYS A 2395 17.90 -59.41 -25.92
C LYS A 2395 17.36 -59.50 -24.50
N GLU A 2396 17.91 -58.69 -23.59
CA GLU A 2396 17.37 -58.63 -22.23
C GLU A 2396 15.87 -58.54 -22.27
N LYS A 2397 15.33 -57.61 -23.06
CA LYS A 2397 13.90 -57.52 -23.23
C LYS A 2397 13.34 -58.79 -23.89
N GLY A 2398 14.18 -59.56 -24.55
CA GLY A 2398 13.73 -60.75 -25.23
C GLY A 2398 13.13 -60.50 -26.60
N VAL A 2399 12.97 -59.24 -26.99
CA VAL A 2399 12.48 -58.89 -28.32
C VAL A 2399 13.69 -58.70 -29.21
N TYR A 2400 13.84 -59.58 -30.19
CA TYR A 2400 15.00 -59.54 -31.06
C TYR A 2400 14.66 -60.14 -32.40
N MET A 2401 15.36 -59.70 -33.43
CA MET A 2401 15.17 -60.22 -34.78
C MET A 2401 16.47 -60.88 -35.23
N THR A 2402 16.37 -62.12 -35.67
CA THR A 2402 17.53 -62.83 -36.17
C THR A 2402 17.89 -62.34 -37.57
N GLY A 2403 19.12 -62.62 -37.97
CA GLY A 2403 19.56 -62.23 -39.30
C GLY A 2403 18.64 -62.74 -40.40
N LYS A 2404 18.06 -63.92 -40.21
CA LYS A 2404 17.18 -64.47 -41.24
C LYS A 2404 15.84 -63.74 -41.28
N GLU A 2405 15.29 -63.42 -40.11
CA GLU A 2405 14.11 -62.56 -40.08
C GLU A 2405 14.38 -61.28 -40.85
N LEU A 2406 15.51 -60.63 -40.57
CA LEU A 2406 15.91 -59.46 -41.35
C LEU A 2406 15.89 -59.78 -42.84
N ARG A 2407 16.58 -60.85 -43.24
CA ARG A 2407 16.60 -61.25 -44.64
C ARG A 2407 15.18 -61.21 -45.22
N GLN A 2408 14.25 -61.88 -44.56
CA GLN A 2408 12.86 -61.82 -45.00
C GLN A 2408 12.40 -60.37 -45.14
N CYS A 2409 12.75 -59.53 -44.15
CA CYS A 2409 12.32 -58.14 -44.21
C CYS A 2409 12.97 -57.41 -45.39
N MET A 2410 14.23 -57.70 -45.66
CA MET A 2410 14.94 -57.00 -46.72
C MET A 2410 14.22 -57.14 -48.06
N LEU A 2411 14.45 -56.19 -48.94
CA LEU A 2411 13.81 -56.16 -50.25
C LEU A 2411 14.80 -55.61 -51.27
N PRO A 2412 14.57 -55.87 -52.56
CA PRO A 2412 15.52 -55.42 -53.58
C PRO A 2412 15.47 -53.92 -53.78
N LYS A 2413 16.64 -53.35 -54.09
CA LYS A 2413 16.73 -51.93 -54.37
C LYS A 2413 15.74 -51.51 -55.44
N SER A 2414 15.54 -52.36 -56.44
CA SER A 2414 14.59 -52.06 -57.50
C SER A 2414 13.18 -51.82 -56.93
N ALA A 2415 12.87 -52.42 -55.79
CA ALA A 2415 11.54 -52.30 -55.22
C ALA A 2415 11.14 -50.83 -55.07
N ALA A 2416 9.85 -50.57 -55.23
CA ALA A 2416 9.36 -49.20 -55.15
C ALA A 2416 9.49 -48.66 -53.72
N LEU A 2417 9.65 -47.35 -53.62
CA LEU A 2417 9.80 -46.73 -52.32
C LEU A 2417 8.65 -47.13 -51.40
N SER A 2418 7.42 -47.13 -51.92
CA SER A 2418 6.28 -47.42 -51.06
C SER A 2418 6.44 -48.77 -50.36
N GLU A 2419 6.87 -49.78 -51.08
CA GLU A 2419 7.06 -51.09 -50.47
C GLU A 2419 8.12 -51.02 -49.37
N LYS A 2420 9.21 -50.30 -49.63
CA LYS A 2420 10.25 -50.16 -48.61
C LYS A 2420 9.68 -49.53 -47.35
N LEU A 2421 9.02 -48.39 -47.50
CA LEU A 2421 8.45 -47.73 -46.35
C LEU A 2421 7.46 -48.63 -45.64
N LYS A 2422 6.68 -49.40 -46.39
CA LYS A 2422 5.74 -50.33 -45.78
C LYS A 2422 6.49 -51.31 -44.88
N VAL A 2423 7.48 -51.99 -45.43
CA VAL A 2423 8.27 -52.92 -44.63
C VAL A 2423 8.76 -52.22 -43.38
N PHE A 2424 9.38 -51.06 -43.56
CA PHE A 2424 10.02 -50.35 -42.46
C PHE A 2424 9.02 -50.04 -41.36
N ARG A 2425 7.84 -49.56 -41.72
CA ARG A 2425 6.82 -49.21 -40.72
C ARG A 2425 6.18 -50.43 -40.10
N GLU A 2426 6.08 -51.52 -40.86
CA GLU A 2426 5.26 -52.65 -40.44
C GLU A 2426 6.01 -53.65 -39.59
N PHE A 2427 7.24 -53.98 -39.95
CA PHE A 2427 7.96 -55.01 -39.21
C PHE A 2427 9.20 -54.47 -38.50
N LEU A 2428 10.14 -53.88 -39.23
CA LEU A 2428 11.38 -53.45 -38.59
C LEU A 2428 11.10 -52.55 -37.40
N LEU A 2429 10.45 -51.42 -37.66
CA LEU A 2429 10.16 -50.49 -36.57
C LEU A 2429 9.35 -51.15 -35.46
N PRO A 2430 8.22 -51.81 -35.75
CA PRO A 2430 7.49 -52.44 -34.65
C PRO A 2430 8.36 -53.36 -33.81
N ARG A 2431 9.26 -54.12 -34.45
CA ARG A 2431 10.05 -55.08 -33.70
C ARG A 2431 10.95 -54.41 -32.68
N HIS A 2432 11.57 -53.29 -33.05
CA HIS A 2432 12.56 -52.64 -32.21
C HIS A 2432 12.00 -51.36 -31.61
N PRO A 2433 11.32 -51.42 -30.47
CA PRO A 2433 10.89 -50.21 -29.81
C PRO A 2433 12.10 -49.42 -29.33
N PRO A 2434 11.90 -48.17 -28.93
CA PRO A 2434 13.02 -47.34 -28.46
C PRO A 2434 13.33 -47.63 -27.01
N ILE A 2435 14.58 -47.98 -26.73
CA ILE A 2435 14.95 -48.47 -25.40
C ILE A 2435 16.22 -47.80 -24.90
N PHE A 2436 16.92 -47.12 -25.82
CA PHE A 2436 18.20 -46.48 -25.49
C PHE A 2436 18.17 -45.80 -24.13
N HIS A 2437 17.10 -45.05 -23.85
CA HIS A 2437 16.97 -44.45 -22.54
C HIS A 2437 17.27 -45.46 -21.45
N GLU A 2438 16.88 -46.72 -21.68
CA GLU A 2438 17.16 -47.75 -20.69
C GLU A 2438 18.66 -47.91 -20.49
N TRP A 2439 19.44 -47.91 -21.57
CA TRP A 2439 20.88 -47.99 -21.41
C TRP A 2439 21.36 -46.87 -20.53
N PHE A 2440 20.91 -45.64 -20.83
CA PHE A 2440 21.34 -44.53 -19.99
C PHE A 2440 21.00 -44.80 -18.53
N LEU A 2441 19.77 -45.21 -18.25
CA LEU A 2441 19.36 -45.38 -16.87
C LEU A 2441 20.17 -46.44 -16.17
N ARG A 2442 20.51 -47.53 -16.88
CA ARG A 2442 21.28 -48.59 -16.24
C ARG A 2442 22.69 -48.14 -15.96
N THR A 2443 23.33 -47.45 -16.90
CA THR A 2443 24.75 -47.22 -16.75
C THR A 2443 25.06 -46.15 -15.72
N PHE A 2444 24.19 -45.16 -15.54
CA PHE A 2444 24.45 -44.02 -14.67
C PHE A 2444 23.38 -43.93 -13.60
N PRO A 2445 23.45 -44.82 -12.61
CA PRO A 2445 22.36 -44.89 -11.64
C PRO A 2445 22.14 -43.61 -10.86
N ASP A 2446 23.20 -43.00 -10.35
CA ASP A 2446 23.05 -41.81 -9.54
C ASP A 2446 22.40 -40.70 -10.36
N PRO A 2447 21.43 -39.98 -9.80
CA PRO A 2447 20.71 -38.99 -10.61
C PRO A 2447 21.63 -37.94 -11.20
N THR A 2448 22.48 -37.32 -10.38
CA THR A 2448 23.36 -36.28 -10.91
C THR A 2448 24.15 -36.80 -12.10
N SER A 2449 24.79 -37.95 -11.92
CA SER A 2449 25.56 -38.52 -13.02
C SER A 2449 24.68 -38.79 -14.22
N TRP A 2450 23.48 -39.30 -14.00
CA TRP A 2450 22.60 -39.60 -15.12
C TRP A 2450 22.31 -38.34 -15.94
N TYR A 2451 21.92 -37.27 -15.28
CA TYR A 2451 21.62 -36.04 -16.00
C TYR A 2451 22.85 -35.54 -16.73
N SER A 2452 23.99 -35.47 -16.03
CA SER A 2452 25.19 -35.01 -16.69
C SER A 2452 25.48 -35.82 -17.94
N SER A 2453 25.40 -37.14 -17.82
CA SER A 2453 25.77 -38.01 -18.92
C SER A 2453 24.82 -37.85 -20.09
N ARG A 2454 23.51 -37.79 -19.83
CA ARG A 2454 22.59 -37.64 -20.94
C ARG A 2454 22.78 -36.29 -21.64
N SER A 2455 22.99 -35.23 -20.86
CA SER A 2455 23.26 -33.95 -21.48
C SER A 2455 24.50 -34.03 -22.36
N ALA A 2456 25.56 -34.65 -21.84
CA ALA A 2456 26.77 -34.78 -22.63
C ALA A 2456 26.52 -35.57 -23.89
N TYR A 2457 25.70 -36.61 -23.80
CA TYR A 2457 25.41 -37.40 -24.99
C TYR A 2457 24.70 -36.57 -26.03
N CYS A 2458 23.63 -35.90 -25.64
CA CYS A 2458 22.93 -35.02 -26.56
C CYS A 2458 23.93 -34.09 -27.25
N ARG A 2459 24.70 -33.36 -26.46
CA ARG A 2459 25.56 -32.34 -27.03
C ARG A 2459 26.62 -32.94 -27.94
N SER A 2460 27.27 -34.02 -27.49
CA SER A 2460 28.32 -34.62 -28.29
C SER A 2460 27.78 -35.11 -29.62
N THR A 2461 26.67 -35.86 -29.60
CA THR A 2461 26.14 -36.33 -30.86
C THR A 2461 25.78 -35.18 -31.77
N ALA A 2462 25.22 -34.11 -31.19
CA ALA A 2462 24.90 -32.95 -32.02
C ALA A 2462 26.14 -32.43 -32.72
N VAL A 2463 27.20 -32.16 -31.94
CA VAL A 2463 28.38 -31.56 -32.52
C VAL A 2463 28.95 -32.46 -33.60
N MET A 2464 29.05 -33.75 -33.31
CA MET A 2464 29.64 -34.65 -34.30
C MET A 2464 28.79 -34.68 -35.56
N SER A 2465 27.46 -34.62 -35.42
CA SER A 2465 26.61 -34.68 -36.59
C SER A 2465 26.78 -33.43 -37.45
N MET A 2466 26.76 -32.26 -36.82
CA MET A 2466 27.02 -31.04 -37.57
C MET A 2466 28.33 -31.15 -38.31
N VAL A 2467 29.39 -31.53 -37.61
CA VAL A 2467 30.70 -31.57 -38.23
C VAL A 2467 30.72 -32.56 -39.38
N GLY A 2468 30.03 -33.69 -39.23
CA GLY A 2468 29.98 -34.66 -40.31
C GLY A 2468 29.29 -34.10 -41.52
N TYR A 2469 28.09 -33.56 -41.34
CA TYR A 2469 27.40 -32.92 -42.43
C TYR A 2469 28.32 -31.97 -43.16
N ILE A 2470 29.01 -31.12 -42.42
CA ILE A 2470 29.97 -30.21 -43.04
C ILE A 2470 30.97 -31.01 -43.86
N LEU A 2471 31.58 -32.01 -43.25
CA LEU A 2471 32.56 -32.84 -43.93
C LEU A 2471 31.93 -33.91 -44.80
N GLY A 2472 30.61 -33.99 -44.83
CA GLY A 2472 30.00 -35.07 -45.58
C GLY A 2472 30.48 -36.42 -45.12
N LEU A 2473 30.58 -36.62 -43.81
CA LEU A 2473 30.89 -37.94 -43.31
C LEU A 2473 29.80 -38.92 -43.73
N GLY A 2474 30.18 -40.19 -43.87
CA GLY A 2474 29.26 -41.22 -44.29
C GLY A 2474 29.40 -42.48 -43.45
N ASP A 2475 28.68 -43.50 -43.87
CA ASP A 2475 28.81 -44.84 -43.29
C ASP A 2475 28.79 -44.79 -41.77
N ARG A 2476 27.87 -43.99 -41.22
CA ARG A 2476 27.65 -43.97 -39.78
C ARG A 2476 26.75 -45.14 -39.39
N HIS A 2477 27.34 -46.33 -39.38
CA HIS A 2477 26.58 -47.52 -39.03
C HIS A 2477 26.72 -47.82 -37.54
N GLY A 2478 25.83 -48.66 -37.01
CA GLY A 2478 25.81 -48.92 -35.56
C GLY A 2478 27.18 -48.96 -34.93
N GLU A 2479 28.11 -49.71 -35.51
CA GLU A 2479 29.43 -49.88 -34.87
C GLU A 2479 30.36 -48.69 -35.12
N ASN A 2480 30.15 -47.89 -36.19
CA ASN A 2480 31.05 -46.77 -36.32
C ASN A 2480 30.82 -45.73 -35.23
N ILE A 2481 29.60 -45.58 -34.77
CA ILE A 2481 29.31 -44.66 -33.69
C ILE A 2481 29.47 -45.40 -32.37
N LEU A 2482 30.03 -44.72 -31.38
CA LEU A 2482 30.28 -45.32 -30.09
C LEU A 2482 29.70 -44.46 -29.00
N PHE A 2483 29.75 -44.97 -27.77
CA PHE A 2483 29.33 -44.19 -26.62
C PHE A 2483 30.15 -44.59 -25.41
N ASP A 2484 30.63 -43.59 -24.68
CA ASP A 2484 31.53 -43.81 -23.55
C ASP A 2484 30.73 -44.10 -22.30
N SER A 2485 30.98 -45.26 -21.69
CA SER A 2485 30.21 -45.66 -20.51
C SER A 2485 30.41 -44.71 -19.34
N LEU A 2486 31.56 -44.07 -19.26
CA LEU A 2486 31.85 -43.23 -18.10
C LEU A 2486 31.18 -41.87 -18.21
N THR A 2487 31.36 -41.20 -19.35
CA THR A 2487 30.83 -39.87 -19.54
C THR A 2487 29.54 -39.84 -20.34
N GLY A 2488 29.33 -40.84 -21.21
CA GLY A 2488 28.20 -40.81 -22.09
C GLY A 2488 28.40 -40.01 -23.34
N GLU A 2489 29.61 -39.52 -23.60
CA GLU A 2489 29.85 -38.85 -24.85
C GLU A 2489 29.71 -39.85 -25.99
N CYS A 2490 29.65 -39.32 -27.21
CA CYS A 2490 29.61 -40.14 -28.41
C CYS A 2490 30.88 -39.90 -29.20
N VAL A 2491 31.51 -40.98 -29.64
CA VAL A 2491 32.79 -40.91 -30.33
C VAL A 2491 32.64 -41.60 -31.67
N HIS A 2492 32.98 -40.89 -32.74
CA HIS A 2492 32.89 -41.48 -34.06
C HIS A 2492 34.22 -42.09 -34.45
N VAL A 2493 34.16 -43.07 -35.35
CA VAL A 2493 35.39 -43.79 -35.78
C VAL A 2493 35.26 -44.08 -37.27
N ASP A 2494 36.21 -44.79 -37.87
CA ASP A 2494 36.04 -45.23 -39.26
C ASP A 2494 35.79 -44.06 -40.21
N PHE A 2495 36.55 -42.97 -40.08
CA PHE A 2495 36.27 -41.72 -40.84
C PHE A 2495 36.76 -41.79 -42.28
N ASN A 2496 36.97 -42.97 -42.86
CA ASN A 2496 37.33 -43.04 -44.30
C ASN A 2496 36.22 -42.53 -45.22
N CYS A 2497 34.97 -42.89 -45.04
CA CYS A 2497 33.95 -42.46 -46.04
C CYS A 2497 33.75 -40.96 -45.87
N LEU A 2498 34.38 -40.11 -46.68
CA LEU A 2498 34.32 -38.68 -46.45
C LEU A 2498 33.85 -37.96 -47.70
N PHE A 2499 33.43 -36.71 -47.51
CA PHE A 2499 33.03 -35.85 -48.61
C PHE A 2499 32.02 -36.54 -49.51
N ASN A 2500 30.97 -37.06 -48.88
CA ASN A 2500 29.83 -37.61 -49.62
C ASN A 2500 30.24 -38.77 -50.52
N LYS A 2501 31.36 -39.42 -50.22
CA LYS A 2501 31.64 -40.67 -50.90
C LYS A 2501 30.47 -41.63 -50.79
N GLY A 2502 29.66 -41.48 -49.75
CA GLY A 2502 28.56 -42.40 -49.54
C GLY A 2502 27.63 -42.49 -50.74
N GLU A 2503 27.30 -41.34 -51.33
CA GLU A 2503 26.39 -41.35 -52.47
C GLU A 2503 26.86 -42.32 -53.54
N THR A 2504 28.17 -42.54 -53.65
CA THR A 2504 28.68 -43.47 -54.63
C THR A 2504 28.28 -44.90 -54.32
N PHE A 2505 28.09 -45.23 -53.05
CA PHE A 2505 27.79 -46.60 -52.67
C PHE A 2505 26.57 -47.12 -53.42
N GLU A 2506 26.59 -48.42 -53.71
CA GLU A 2506 25.48 -49.04 -54.42
C GLU A 2506 24.15 -48.62 -53.82
N VAL A 2507 24.03 -48.73 -52.50
CA VAL A 2507 22.87 -48.20 -51.80
C VAL A 2507 23.25 -46.80 -51.32
N PRO A 2508 22.93 -45.76 -52.06
CA PRO A 2508 23.39 -44.42 -51.70
C PRO A 2508 22.92 -44.02 -50.31
N GLU A 2509 23.69 -43.14 -49.68
CA GLU A 2509 23.35 -42.59 -48.38
C GLU A 2509 22.66 -41.26 -48.62
N ILE A 2510 21.37 -41.21 -48.29
CA ILE A 2510 20.55 -40.03 -48.55
C ILE A 2510 20.33 -39.19 -47.31
N VAL A 2511 20.98 -39.52 -46.21
CA VAL A 2511 20.77 -38.80 -44.97
C VAL A 2511 22.03 -38.03 -44.62
N PRO A 2512 21.91 -36.80 -44.13
CA PRO A 2512 23.12 -36.04 -43.77
C PRO A 2512 23.92 -36.70 -42.67
N PHE A 2513 23.25 -37.15 -41.61
CA PHE A 2513 23.93 -37.80 -40.49
C PHE A 2513 22.95 -38.77 -39.85
N ARG A 2514 23.49 -39.68 -39.05
CA ARG A 2514 22.65 -40.70 -38.45
C ARG A 2514 21.88 -40.13 -37.27
N LEU A 2515 20.55 -40.10 -37.38
CA LEU A 2515 19.69 -39.86 -36.22
C LEU A 2515 18.58 -40.90 -36.26
N THR A 2516 18.87 -42.07 -35.72
CA THR A 2516 17.87 -43.12 -35.63
C THR A 2516 16.83 -42.76 -34.58
N HIS A 2517 15.64 -43.35 -34.70
CA HIS A 2517 14.62 -43.10 -33.71
C HIS A 2517 15.13 -43.44 -32.31
N ASN A 2518 15.95 -44.48 -32.20
CA ASN A 2518 16.46 -44.88 -30.90
C ASN A 2518 17.27 -43.75 -30.26
N MET A 2519 18.25 -43.22 -31.00
CA MET A 2519 19.04 -42.12 -30.47
C MET A 2519 18.13 -40.99 -30.01
N VAL A 2520 17.13 -40.66 -30.84
CA VAL A 2520 16.18 -39.63 -30.45
C VAL A 2520 15.61 -39.95 -29.08
N ASN A 2521 14.99 -41.12 -28.94
CA ASN A 2521 14.45 -41.51 -27.66
C ASN A 2521 15.46 -41.27 -26.56
N GLY A 2522 16.69 -41.70 -26.80
CA GLY A 2522 17.75 -41.44 -25.83
C GLY A 2522 17.77 -40.00 -25.39
N MET A 2523 17.73 -39.08 -26.35
CA MET A 2523 17.76 -37.67 -25.99
C MET A 2523 16.77 -37.36 -24.87
N GLY A 2524 15.63 -38.02 -24.88
CA GLY A 2524 14.65 -37.83 -23.84
C GLY A 2524 13.27 -37.53 -24.38
N PRO A 2525 12.35 -37.15 -23.50
CA PRO A 2525 10.98 -36.88 -23.96
C PRO A 2525 10.94 -35.78 -25.00
N MET A 2526 11.61 -34.66 -24.74
CA MET A 2526 11.58 -33.55 -25.69
C MET A 2526 12.18 -33.93 -27.03
N GLY A 2527 12.99 -34.98 -27.07
CA GLY A 2527 13.55 -35.35 -28.36
C GLY A 2527 14.42 -34.24 -28.93
N THR A 2528 14.52 -34.23 -30.26
CA THR A 2528 15.41 -33.30 -30.94
C THR A 2528 15.23 -31.88 -30.43
N GLU A 2529 13.99 -31.43 -30.29
CA GLU A 2529 13.77 -30.11 -29.74
C GLU A 2529 14.45 -30.02 -28.39
N GLY A 2530 14.93 -28.83 -28.07
CA GLY A 2530 15.74 -28.68 -26.87
C GLY A 2530 17.18 -29.08 -27.12
N LEU A 2531 17.77 -29.65 -26.08
CA LEU A 2531 19.22 -29.70 -25.94
C LEU A 2531 19.94 -29.87 -27.26
N PHE A 2532 19.56 -30.92 -27.98
CA PHE A 2532 20.27 -31.27 -29.20
C PHE A 2532 20.25 -30.11 -30.18
N ARG A 2533 19.09 -29.53 -30.41
CA ARG A 2533 18.99 -28.50 -31.44
C ARG A 2533 19.83 -27.30 -31.08
N ARG A 2534 19.79 -26.87 -29.81
CA ARG A 2534 20.64 -25.75 -29.42
C ARG A 2534 22.11 -26.08 -29.66
N ALA A 2535 22.51 -27.31 -29.34
CA ALA A 2535 23.90 -27.68 -29.59
C ALA A 2535 24.23 -27.55 -31.07
N CYS A 2536 23.38 -28.12 -31.93
CA CYS A 2536 23.62 -28.02 -33.36
C CYS A 2536 23.72 -26.57 -33.79
N GLU A 2537 22.83 -25.72 -33.29
CA GLU A 2537 22.83 -24.33 -33.70
C GLU A 2537 24.13 -23.65 -33.33
N VAL A 2538 24.56 -23.82 -32.08
CA VAL A 2538 25.80 -23.18 -31.64
C VAL A 2538 26.97 -23.66 -32.48
N THR A 2539 27.04 -24.98 -32.70
CA THR A 2539 28.12 -25.51 -33.51
C THR A 2539 28.13 -24.88 -34.89
N MET A 2540 26.96 -24.81 -35.53
CA MET A 2540 26.91 -24.29 -36.88
C MET A 2540 27.33 -22.84 -36.91
N ARG A 2541 26.79 -22.03 -35.99
CA ARG A 2541 27.20 -20.64 -35.94
C ARG A 2541 28.71 -20.54 -35.86
N LEU A 2542 29.29 -21.22 -34.88
CA LEU A 2542 30.74 -21.13 -34.71
C LEU A 2542 31.46 -21.49 -35.99
N MET A 2543 31.10 -22.64 -36.59
CA MET A 2543 31.76 -23.02 -37.82
C MET A 2543 31.67 -21.90 -38.85
N ARG A 2544 30.49 -21.30 -39.00
CA ARG A 2544 30.34 -20.23 -39.98
C ARG A 2544 31.28 -19.08 -39.66
N ASP A 2545 31.43 -18.74 -38.39
CA ASP A 2545 32.34 -17.66 -38.03
C ASP A 2545 33.77 -18.02 -38.41
N GLN A 2546 34.13 -19.29 -38.33
CA GLN A 2546 35.48 -19.73 -38.65
C GLN A 2546 35.59 -20.26 -40.06
N ARG A 2547 34.64 -19.92 -40.93
CA ARG A 2547 34.62 -20.48 -42.28
C ARG A 2547 36.00 -20.42 -42.93
N GLU A 2548 36.71 -19.30 -42.74
CA GLU A 2548 37.93 -19.10 -43.52
C GLU A 2548 39.05 -20.05 -43.10
N PRO A 2549 39.50 -20.04 -41.84
CA PRO A 2549 40.60 -20.94 -41.48
C PRO A 2549 40.28 -22.40 -41.74
N LEU A 2550 39.10 -22.84 -41.28
CA LEU A 2550 38.69 -24.20 -41.54
C LEU A 2550 38.74 -24.51 -43.03
N MET A 2551 38.22 -23.59 -43.84
CA MET A 2551 38.20 -23.85 -45.27
C MET A 2551 39.60 -23.98 -45.82
N SER A 2552 40.53 -23.18 -45.31
CA SER A 2552 41.91 -23.27 -45.79
C SER A 2552 42.48 -24.65 -45.49
N VAL A 2553 42.40 -25.07 -44.22
CA VAL A 2553 42.95 -26.36 -43.87
C VAL A 2553 42.29 -27.46 -44.68
N LEU A 2554 40.97 -27.38 -44.84
CA LEU A 2554 40.27 -28.38 -45.61
C LEU A 2554 40.76 -28.41 -47.04
N LYS A 2555 41.02 -27.23 -47.62
CA LYS A 2555 41.59 -27.18 -48.96
C LYS A 2555 42.87 -28.00 -49.01
N THR A 2556 43.82 -27.68 -48.14
CA THR A 2556 45.05 -28.46 -48.11
C THR A 2556 44.72 -29.95 -48.06
N PHE A 2557 43.79 -30.32 -47.19
CA PHE A 2557 43.44 -31.73 -47.05
C PHE A 2557 43.00 -32.32 -48.38
N LEU A 2558 42.04 -31.67 -49.04
CA LEU A 2558 41.43 -32.27 -50.22
C LEU A 2558 42.44 -32.47 -51.33
N HIS A 2559 43.46 -31.62 -51.41
CA HIS A 2559 44.47 -31.74 -52.46
C HIS A 2559 45.65 -32.58 -52.03
N ASP A 2560 45.57 -33.26 -50.89
CA ASP A 2560 46.69 -34.05 -50.40
C ASP A 2560 47.00 -35.17 -51.39
N PRO A 2561 48.16 -35.14 -52.05
CA PRO A 2561 48.48 -36.21 -53.00
C PRO A 2561 48.64 -37.56 -52.34
N LEU A 2562 49.13 -37.60 -51.10
CA LEU A 2562 49.47 -38.87 -50.48
C LEU A 2562 48.22 -39.70 -50.20
N VAL A 2563 47.14 -39.06 -49.77
CA VAL A 2563 45.93 -39.80 -49.44
C VAL A 2563 45.46 -40.56 -50.66
N GLU A 2564 44.89 -41.75 -50.43
CA GLU A 2564 44.39 -42.60 -51.50
C GLU A 2564 42.96 -42.17 -51.83
N TRP A 2565 42.86 -41.08 -52.58
CA TRP A 2565 41.54 -40.58 -52.98
C TRP A 2565 40.78 -41.64 -53.76
N SER A 2566 41.47 -42.38 -54.61
CA SER A 2566 40.87 -43.46 -55.38
C SER A 2566 41.60 -44.76 -55.08
N LYS A 2567 40.85 -45.83 -54.88
CA LYS A 2567 41.45 -47.13 -54.65
C LYS A 2567 42.45 -47.44 -55.77
N PRO A 2568 43.63 -47.94 -55.45
CA PRO A 2568 44.64 -48.17 -56.49
C PRO A 2568 44.09 -49.03 -57.61
N VAL A 2569 44.27 -48.54 -58.85
CA VAL A 2569 43.78 -49.29 -60.01
C VAL A 2569 44.37 -50.69 -60.02
N LYS A 2570 45.61 -50.83 -59.56
CA LYS A 2570 46.36 -52.08 -59.61
C LYS A 2570 46.78 -52.45 -61.03
N GLY A 2571 46.60 -51.54 -61.99
CA GLY A 2571 46.97 -51.77 -63.37
C GLY A 2571 48.23 -50.99 -63.71
N HIS A 2572 49.15 -51.68 -64.38
CA HIS A 2572 50.42 -51.08 -64.78
C HIS A 2572 50.98 -51.78 -66.00
N GLU A 2579 57.31 -43.35 -62.14
CA GLU A 2579 56.03 -42.72 -61.86
C GLU A 2579 56.16 -41.66 -60.76
N THR A 2580 55.03 -41.08 -60.37
CA THR A 2580 54.99 -40.07 -59.33
C THR A 2580 54.16 -40.60 -58.16
N GLY A 2581 54.71 -40.48 -56.95
CA GLY A 2581 54.01 -40.99 -55.78
C GLY A 2581 52.67 -40.31 -55.55
N GLU A 2582 52.53 -39.07 -55.98
CA GLU A 2582 51.30 -38.33 -55.73
C GLU A 2582 50.18 -38.83 -56.63
N VAL A 2583 48.95 -38.70 -56.14
CA VAL A 2583 47.75 -39.00 -56.91
C VAL A 2583 46.79 -37.83 -56.76
N VAL A 2584 46.54 -37.13 -57.87
CA VAL A 2584 45.61 -36.02 -57.83
C VAL A 2584 44.24 -36.52 -57.43
N ASN A 2585 43.42 -35.63 -56.87
CA ASN A 2585 42.04 -35.93 -56.55
C ASN A 2585 41.16 -35.22 -57.57
N GLU A 2586 40.47 -36.00 -58.40
CA GLU A 2586 39.65 -35.41 -59.45
C GLU A 2586 38.53 -34.56 -58.88
N LYS A 2587 37.82 -35.07 -57.88
CA LYS A 2587 36.67 -34.37 -57.33
C LYS A 2587 37.05 -33.28 -56.34
N ALA A 2588 38.35 -33.02 -56.18
CA ALA A 2588 38.78 -32.03 -55.19
C ALA A 2588 37.96 -30.75 -55.30
N LYS A 2589 37.95 -30.14 -56.48
CA LYS A 2589 37.30 -28.84 -56.64
C LYS A 2589 35.83 -28.91 -56.26
N THR A 2590 35.12 -29.91 -56.78
CA THR A 2590 33.71 -30.06 -56.44
C THR A 2590 33.53 -30.17 -54.94
N HIS A 2591 34.38 -30.98 -54.29
CA HIS A 2591 34.26 -31.14 -52.86
C HIS A 2591 34.43 -29.83 -52.15
N VAL A 2592 35.43 -29.04 -52.55
CA VAL A 2592 35.62 -27.74 -51.92
C VAL A 2592 34.39 -26.87 -52.09
N LEU A 2593 33.84 -26.86 -53.31
CA LEU A 2593 32.66 -26.05 -53.55
C LEU A 2593 31.53 -26.46 -52.62
N ASP A 2594 31.29 -27.77 -52.52
CA ASP A 2594 30.20 -28.23 -51.69
C ASP A 2594 30.42 -27.87 -50.24
N ILE A 2595 31.65 -28.02 -49.76
CA ILE A 2595 31.94 -27.69 -48.36
C ILE A 2595 31.67 -26.22 -48.12
N GLU A 2596 32.22 -25.35 -48.95
CA GLU A 2596 31.98 -23.92 -48.78
C GLU A 2596 30.48 -23.64 -48.75
N GLN A 2597 29.76 -24.14 -49.76
CA GLN A 2597 28.32 -23.94 -49.79
C GLN A 2597 27.70 -24.31 -48.45
N ARG A 2598 27.83 -25.58 -48.06
CA ARG A 2598 27.21 -26.06 -46.84
C ARG A 2598 27.55 -25.14 -45.69
N LEU A 2599 28.82 -24.78 -45.55
CA LEU A 2599 29.18 -23.78 -44.55
C LEU A 2599 28.40 -22.50 -44.78
N GLN A 2600 28.29 -22.07 -46.03
CA GLN A 2600 27.57 -20.84 -46.32
C GLN A 2600 26.11 -20.95 -45.93
N GLY A 2601 25.53 -22.14 -46.03
CA GLY A 2601 24.12 -22.32 -45.87
C GLY A 2601 23.39 -22.53 -47.17
N VAL A 2602 24.06 -22.32 -48.30
CA VAL A 2602 23.46 -22.69 -49.57
C VAL A 2602 23.08 -24.16 -49.53
N ILE A 2603 21.94 -24.49 -50.13
CA ILE A 2603 21.45 -25.86 -50.17
C ILE A 2603 21.61 -26.39 -51.57
N LYS A 2604 22.21 -27.57 -51.68
CA LYS A 2604 22.43 -28.16 -53.00
C LYS A 2604 21.11 -28.41 -53.72
N THR A 2605 20.15 -29.04 -53.04
CA THR A 2605 18.96 -29.53 -53.69
C THR A 2605 18.05 -28.37 -54.09
N ARG A 2606 18.50 -27.57 -55.04
CA ARG A 2606 17.67 -26.47 -55.51
C ARG A 2606 16.39 -26.99 -56.14
N ASN A 2607 16.49 -28.06 -56.93
CA ASN A 2607 15.33 -28.70 -57.52
C ASN A 2607 14.44 -27.68 -58.24
N ARG A 2608 15.08 -26.88 -59.09
CA ARG A 2608 14.43 -25.88 -59.93
C ARG A 2608 14.04 -24.66 -59.10
N VAL A 2609 14.44 -24.61 -57.83
CA VAL A 2609 14.21 -23.48 -56.97
C VAL A 2609 15.53 -22.77 -56.74
N THR A 2610 15.50 -21.43 -56.70
CA THR A 2610 16.66 -20.63 -56.37
C THR A 2610 16.36 -19.82 -55.12
N GLY A 2611 17.21 -19.95 -54.12
CA GLY A 2611 16.93 -19.35 -52.82
C GLY A 2611 18.18 -18.86 -52.14
N LEU A 2612 18.01 -17.85 -51.30
CA LEU A 2612 19.11 -17.27 -50.56
C LEU A 2612 19.65 -18.29 -49.56
N PRO A 2613 20.76 -17.99 -48.90
CA PRO A 2613 21.33 -18.91 -47.93
C PRO A 2613 20.48 -18.99 -46.67
N LEU A 2614 20.13 -20.21 -46.28
CA LEU A 2614 19.30 -20.39 -45.10
C LEU A 2614 19.96 -19.78 -43.88
N SER A 2615 19.14 -19.55 -42.85
CA SER A 2615 19.64 -19.11 -41.57
C SER A 2615 20.00 -20.31 -40.71
N ILE A 2616 21.02 -20.13 -39.86
CA ILE A 2616 21.54 -21.24 -39.08
C ILE A 2616 20.41 -22.02 -38.46
N GLU A 2617 19.48 -21.33 -37.79
CA GLU A 2617 18.30 -22.03 -37.30
C GLU A 2617 17.64 -22.81 -38.41
N GLY A 2618 17.37 -22.15 -39.54
CA GLY A 2618 16.74 -22.84 -40.64
C GLY A 2618 17.56 -24.00 -41.12
N HIS A 2619 18.87 -23.80 -41.27
CA HIS A 2619 19.71 -24.86 -41.78
C HIS A 2619 19.63 -26.08 -40.88
N VAL A 2620 19.78 -25.87 -39.57
CA VAL A 2620 19.77 -26.98 -38.65
C VAL A 2620 18.41 -27.66 -38.64
N HIS A 2621 17.34 -26.88 -38.70
CA HIS A 2621 16.02 -27.49 -38.74
C HIS A 2621 15.87 -28.38 -39.95
N TYR A 2622 16.29 -27.87 -41.11
CA TYR A 2622 16.21 -28.67 -42.32
C TYR A 2622 17.02 -29.95 -42.15
N LEU A 2623 18.24 -29.83 -41.62
CA LEU A 2623 19.08 -31.00 -41.48
C LEU A 2623 18.42 -32.04 -40.58
N ILE A 2624 17.89 -31.60 -39.45
CA ILE A 2624 17.28 -32.53 -38.51
C ILE A 2624 16.11 -33.23 -39.17
N GLN A 2625 15.20 -32.46 -39.75
CA GLN A 2625 14.04 -33.07 -40.40
C GLN A 2625 14.48 -34.06 -41.46
N GLU A 2626 15.54 -33.73 -42.21
CA GLU A 2626 16.00 -34.64 -43.24
C GLU A 2626 16.55 -35.92 -42.64
N ALA A 2627 17.27 -35.81 -41.53
CA ALA A 2627 17.85 -37.00 -40.93
C ALA A 2627 16.76 -37.91 -40.38
N THR A 2628 15.76 -37.33 -39.73
CA THR A 2628 14.77 -38.12 -39.02
C THR A 2628 13.66 -38.64 -39.90
N ASP A 2629 13.61 -38.26 -41.17
CA ASP A 2629 12.48 -38.62 -42.01
C ASP A 2629 12.45 -40.11 -42.28
N GLU A 2630 11.28 -40.71 -42.09
CA GLU A 2630 11.14 -42.14 -42.36
C GLU A 2630 11.36 -42.45 -43.83
N ASN A 2631 10.81 -41.63 -44.72
CA ASN A 2631 10.91 -41.91 -46.14
C ASN A 2631 12.36 -42.13 -46.55
N LEU A 2632 13.23 -41.19 -46.20
CA LEU A 2632 14.64 -41.37 -46.51
C LEU A 2632 15.19 -42.61 -45.82
N LEU A 2633 14.98 -42.71 -44.51
CA LEU A 2633 15.59 -43.78 -43.75
C LEU A 2633 15.34 -45.13 -44.39
N CYS A 2634 14.07 -45.46 -44.62
CA CYS A 2634 13.74 -46.77 -45.17
C CYS A 2634 14.56 -47.09 -46.41
N GLN A 2635 14.90 -46.07 -47.19
CA GLN A 2635 15.71 -46.31 -48.38
C GLN A 2635 17.15 -46.63 -48.04
N MET A 2636 17.60 -46.31 -46.85
CA MET A 2636 18.98 -46.58 -46.48
C MET A 2636 19.24 -48.09 -46.40
N TYR A 2637 20.50 -48.45 -46.47
CA TYR A 2637 20.90 -49.85 -46.46
C TYR A 2637 20.64 -50.47 -45.10
N LEU A 2638 20.42 -51.79 -45.08
CA LEU A 2638 20.09 -52.51 -43.81
C LEU A 2638 21.33 -52.65 -42.92
N GLY A 2639 22.52 -52.73 -43.52
CA GLY A 2639 23.79 -52.82 -42.76
C GLY A 2639 23.96 -51.57 -41.94
N TRP A 2640 23.55 -50.43 -42.51
CA TRP A 2640 23.64 -49.14 -41.80
C TRP A 2640 22.77 -49.34 -40.57
N THR A 2641 21.65 -50.05 -40.71
CA THR A 2641 20.77 -50.39 -39.57
C THR A 2641 19.93 -49.19 -39.23
N PRO A 2642 19.04 -48.76 -40.14
CA PRO A 2642 18.17 -47.61 -39.88
C PRO A 2642 17.04 -47.94 -38.94
N TYR A 2643 16.44 -49.12 -39.08
CA TYR A 2643 15.33 -49.48 -38.21
C TYR A 2643 15.69 -49.29 -36.75
N MET A 2644 16.90 -49.69 -36.36
CA MET A 2644 17.34 -49.55 -34.98
C MET A 2644 17.64 -48.10 -34.66
N SER B 10 -53.73 61.46 55.68
CA SER B 10 -52.81 62.60 55.71
C SER B 10 -53.11 63.56 54.56
N MET B 11 -52.06 64.25 54.10
CA MET B 11 -52.19 65.21 53.00
C MET B 11 -51.85 64.53 51.68
N ILE B 12 -52.71 63.61 51.27
CA ILE B 12 -52.55 62.86 50.02
C ILE B 12 -52.43 63.84 48.86
N PRO B 13 -53.17 64.95 48.86
CA PRO B 13 -53.03 65.91 47.76
C PRO B 13 -51.66 66.55 47.71
N ALA B 14 -51.13 66.98 48.86
CA ALA B 14 -49.77 67.50 48.89
C ALA B 14 -48.77 66.44 48.47
N LEU B 15 -49.06 65.18 48.78
CA LEU B 15 -48.15 64.09 48.40
C LEU B 15 -48.14 63.88 46.89
N ARG B 16 -49.29 64.07 46.24
CA ARG B 16 -49.38 63.84 44.81
C ARG B 16 -48.36 64.66 44.03
N GLU B 17 -48.19 65.93 44.41
CA GLU B 17 -47.36 66.87 43.66
C GLU B 17 -46.18 67.32 44.50
N LEU B 18 -44.99 67.30 43.90
CA LEU B 18 -43.81 67.86 44.57
C LEU B 18 -43.93 69.38 44.69
N GLY B 19 -44.32 70.04 43.60
CA GLY B 19 -44.54 71.47 43.66
C GLY B 19 -43.26 72.24 43.89
N SER B 20 -43.32 73.20 44.82
CA SER B 20 -42.17 74.07 45.06
C SER B 20 -41.01 73.32 45.71
N ALA B 21 -41.31 72.29 46.48
CA ALA B 21 -40.26 71.57 47.20
C ALA B 21 -39.24 70.98 46.24
N THR B 22 -37.97 71.08 46.61
CA THR B 22 -36.91 70.39 45.89
C THR B 22 -36.96 68.91 46.22
N PRO B 23 -36.21 68.09 45.49
CA PRO B 23 -36.26 66.64 45.76
C PRO B 23 -35.99 66.29 47.22
N GLU B 24 -34.98 66.91 47.82
CA GLU B 24 -34.64 66.58 49.21
C GLU B 24 -35.77 66.95 50.16
N GLU B 25 -36.37 68.14 49.98
CA GLU B 25 -37.50 68.52 50.80
C GLU B 25 -38.75 67.74 50.42
N TYR B 26 -38.91 67.42 49.13
CA TYR B 26 -39.96 66.50 48.73
C TYR B 26 -39.87 65.20 49.50
N ASN B 27 -38.65 64.78 49.83
CA ASN B 27 -38.47 63.57 50.63
C ASN B 27 -39.30 63.64 51.91
N THR B 28 -39.13 64.72 52.68
CA THR B 28 -39.88 64.86 53.93
C THR B 28 -41.37 65.06 53.67
N VAL B 29 -41.70 65.94 52.72
CA VAL B 29 -43.11 66.26 52.46
C VAL B 29 -43.87 65.00 52.10
N VAL B 30 -43.23 64.06 51.41
CA VAL B 30 -43.90 62.84 51.01
C VAL B 30 -43.77 61.73 52.06
N GLN B 31 -42.67 61.71 52.81
CA GLN B 31 -42.51 60.72 53.86
C GLN B 31 -43.56 60.89 54.94
N LYS B 32 -43.98 62.14 55.19
CA LYS B 32 -45.00 62.38 56.20
C LYS B 32 -46.23 61.50 56.00
N PRO B 33 -46.94 61.65 54.88
CA PRO B 33 -48.13 60.78 54.66
C PRO B 33 -47.77 59.32 54.45
N ARG B 34 -46.63 59.03 53.83
CA ARG B 34 -46.10 57.68 53.85
C ARG B 34 -46.00 57.19 55.30
N GLN B 35 -45.52 58.06 56.19
CA GLN B 35 -45.45 57.70 57.60
C GLN B 35 -46.83 57.51 58.20
N ILE B 36 -47.85 58.19 57.67
CA ILE B 36 -49.20 57.99 58.16
C ILE B 36 -49.70 56.60 57.80
N LEU B 37 -49.55 56.22 56.53
CA LEU B 37 -49.84 54.85 56.12
C LEU B 37 -49.08 53.86 56.99
N CYS B 38 -47.80 54.14 57.23
CA CYS B 38 -46.97 53.31 58.10
C CYS B 38 -47.61 53.11 59.47
N GLN B 39 -47.88 54.22 60.16
CA GLN B 39 -48.52 54.15 61.47
C GLN B 39 -49.78 53.30 61.42
N PHE B 40 -50.60 53.47 60.38
CA PHE B 40 -51.77 52.63 60.21
C PHE B 40 -51.38 51.16 60.16
N ILE B 41 -50.28 50.85 59.46
CA ILE B 41 -49.90 49.44 59.25
C ILE B 41 -49.36 48.83 60.53
N ASP B 42 -48.57 49.59 61.29
CA ASP B 42 -47.90 49.02 62.46
C ASP B 42 -48.91 48.41 63.42
N ARG B 43 -49.90 49.20 63.84
CA ARG B 43 -50.92 48.68 64.74
C ARG B 43 -51.69 47.53 64.10
N ILE B 44 -51.89 47.58 62.79
CA ILE B 44 -52.67 46.55 62.12
C ILE B 44 -51.96 45.21 62.17
N LEU B 45 -50.64 45.20 61.96
CA LEU B 45 -49.86 43.97 61.91
C LEU B 45 -49.01 43.78 63.15
N THR B 46 -49.20 44.60 64.19
CA THR B 46 -48.41 44.44 65.41
C THR B 46 -48.63 43.08 66.04
N ASP B 47 -49.88 42.61 66.05
CA ASP B 47 -50.21 41.32 66.63
C ASP B 47 -51.29 40.66 65.79
N VAL B 48 -51.04 39.42 65.37
CA VAL B 48 -52.06 38.69 64.61
C VAL B 48 -53.26 38.38 65.49
N ASN B 49 -53.07 38.32 66.80
CA ASN B 49 -54.17 38.01 67.71
C ASN B 49 -55.06 39.22 67.98
N VAL B 50 -54.44 40.38 68.21
CA VAL B 50 -55.22 41.59 68.47
C VAL B 50 -56.30 41.77 67.41
N VAL B 51 -55.95 41.55 66.16
CA VAL B 51 -56.89 41.65 65.04
C VAL B 51 -56.98 40.27 64.41
N ALA B 52 -58.11 39.60 64.60
CA ALA B 52 -58.31 38.28 63.99
C ALA B 52 -58.19 38.40 62.47
N VAL B 53 -57.19 37.71 61.91
CA VAL B 53 -56.98 37.75 60.47
C VAL B 53 -58.24 37.28 59.74
N GLU B 54 -58.84 36.19 60.22
CA GLU B 54 -60.05 35.62 59.60
C GLU B 54 -59.81 35.34 58.11
N LEU B 55 -58.60 34.86 57.79
CA LEU B 55 -58.25 34.57 56.41
C LEU B 55 -56.95 33.77 56.34
N THR B 64 -61.64 47.04 59.07
CA THR B 64 -61.14 45.77 58.58
C THR B 64 -59.71 45.88 58.07
N SER B 65 -58.83 45.02 58.59
CA SER B 65 -57.46 44.99 58.10
C SER B 65 -57.43 44.73 56.59
N VAL B 66 -58.31 43.85 56.12
CA VAL B 66 -58.40 43.59 54.68
C VAL B 66 -58.79 44.86 53.94
N MET B 67 -59.67 45.66 54.54
CA MET B 67 -60.01 46.94 53.94
C MET B 67 -58.80 47.86 53.89
N LEU B 68 -57.98 47.84 54.93
CA LEU B 68 -56.77 48.65 54.94
C LEU B 68 -55.79 48.18 53.86
N LEU B 69 -55.71 46.86 53.64
CA LEU B 69 -54.81 46.35 52.61
C LEU B 69 -55.32 46.71 51.22
N ASP B 70 -56.62 46.61 50.99
CA ASP B 70 -57.19 47.05 49.73
C ASP B 70 -56.94 48.54 49.52
N PHE B 71 -57.06 49.33 50.60
CA PHE B 71 -56.77 50.75 50.51
C PHE B 71 -55.30 50.98 50.18
N ILE B 72 -54.42 50.12 50.69
CA ILE B 72 -52.99 50.28 50.42
C ILE B 72 -52.69 49.99 48.96
N GLN B 73 -53.32 48.96 48.39
CA GLN B 73 -53.11 48.67 46.98
C GLN B 73 -53.70 49.78 46.10
N HIS B 74 -54.94 50.17 46.37
CA HIS B 74 -55.54 51.28 45.65
C HIS B 74 -54.71 52.54 45.81
N ILE B 75 -54.04 52.71 46.96
CA ILE B 75 -53.23 53.89 47.18
C ILE B 75 -51.94 53.80 46.39
N MET B 76 -51.36 52.61 46.28
CA MET B 76 -50.24 52.42 45.36
C MET B 76 -50.63 52.85 43.96
N LYS B 77 -51.81 52.45 43.50
CA LYS B 77 -52.26 52.85 42.17
C LYS B 77 -52.48 54.35 42.08
N SER B 78 -53.11 54.93 43.10
CA SER B 78 -53.57 56.31 43.01
C SER B 78 -52.42 57.30 43.22
N SER B 79 -51.44 56.94 44.05
CA SER B 79 -50.34 57.82 44.41
C SER B 79 -49.04 57.06 44.22
N PRO B 80 -48.60 56.89 42.97
CA PRO B 80 -47.26 56.33 42.77
C PRO B 80 -46.17 57.18 43.40
N LEU B 81 -46.39 58.49 43.47
CA LEU B 81 -45.40 59.38 44.07
C LEU B 81 -45.18 59.03 45.53
N MET B 82 -46.25 58.70 46.25
CA MET B 82 -46.09 58.28 47.65
C MET B 82 -45.28 57.00 47.74
N PHE B 83 -45.55 56.03 46.86
CA PHE B 83 -44.81 54.79 46.89
C PHE B 83 -43.36 54.98 46.45
N VAL B 84 -43.14 55.67 45.33
CA VAL B 84 -41.80 55.90 44.82
C VAL B 84 -41.78 57.16 43.96
N ASN B 85 -40.76 58.00 44.15
CA ASN B 85 -40.63 59.21 43.35
C ASN B 85 -40.25 58.88 41.92
N VAL B 86 -40.88 59.58 40.96
CA VAL B 86 -40.57 59.34 39.56
C VAL B 86 -39.15 59.79 39.24
N SER B 87 -38.77 60.98 39.72
CA SER B 87 -37.38 61.41 39.57
C SER B 87 -36.44 60.42 40.25
N GLY B 88 -36.88 59.79 41.31
CA GLY B 88 -36.12 58.79 42.03
C GLY B 88 -35.50 59.30 43.32
N SER B 89 -35.26 60.61 43.31
CA SER B 89 -34.69 61.27 44.50
C SER B 89 -33.47 60.49 44.97
N HIS B 90 -32.71 59.82 44.11
CA HIS B 90 -31.57 58.98 44.56
C HIS B 90 -31.27 59.14 46.06
N GLU B 91 -30.63 60.25 46.47
CA GLU B 91 -30.20 60.46 47.88
C GLU B 91 -31.41 60.29 48.81
N ALA B 92 -32.52 60.98 48.53
CA ALA B 92 -33.74 60.95 49.37
C ALA B 92 -34.35 59.54 49.43
N LYS B 93 -34.35 58.79 48.33
CA LYS B 93 -35.07 57.49 48.26
C LYS B 93 -34.53 56.52 49.32
N GLY B 94 -33.22 56.49 49.56
CA GLY B 94 -32.73 55.64 50.67
C GLY B 94 -33.76 55.60 51.77
N SER B 95 -34.46 56.72 52.01
CA SER B 95 -35.48 56.79 53.05
C SER B 95 -36.82 56.23 52.58
N CYS B 96 -37.23 56.53 51.35
CA CYS B 96 -38.48 55.96 50.84
C CYS B 96 -38.38 54.43 50.81
N ILE B 97 -37.23 53.90 50.41
CA ILE B 97 -37.03 52.46 50.38
C ILE B 97 -37.03 51.89 51.79
N GLU B 98 -36.37 52.59 52.73
CA GLU B 98 -36.42 52.15 54.12
C GLU B 98 -37.85 52.11 54.63
N PHE B 99 -38.68 53.08 54.25
CA PHE B 99 -40.06 53.11 54.73
C PHE B 99 -40.87 51.98 54.13
N SER B 100 -40.76 51.78 52.81
CA SER B 100 -41.42 50.64 52.20
C SER B 100 -40.97 49.34 52.83
N ASN B 101 -39.70 49.26 53.22
CA ASN B 101 -39.19 48.07 53.88
C ASN B 101 -39.79 47.91 55.28
N TRP B 102 -40.03 49.03 55.97
CA TRP B 102 -40.71 48.95 57.26
C TRP B 102 -42.13 48.40 57.08
N ILE B 103 -42.84 48.89 56.08
CA ILE B 103 -44.18 48.39 55.80
C ILE B 103 -44.13 46.89 55.48
N ILE B 104 -43.18 46.51 54.62
CA ILE B 104 -43.03 45.11 54.26
C ILE B 104 -42.58 44.27 55.44
N THR B 105 -41.90 44.86 56.42
CA THR B 105 -41.56 44.13 57.63
C THR B 105 -42.82 43.84 58.44
N ARG B 106 -43.66 44.86 58.63
CA ARG B 106 -44.96 44.64 59.22
C ARG B 106 -45.68 43.49 58.52
N LEU B 107 -45.69 43.52 57.18
CA LEU B 107 -46.37 42.49 56.42
C LEU B 107 -45.73 41.12 56.65
N LEU B 108 -44.40 41.06 56.66
CA LEU B 108 -43.71 39.79 56.84
C LEU B 108 -44.04 39.17 58.19
N ARG B 109 -44.05 39.99 59.24
CA ARG B 109 -44.49 39.51 60.55
C ARG B 109 -45.82 38.78 60.42
N ILE B 110 -46.77 39.38 59.71
CA ILE B 110 -48.06 38.72 59.48
C ILE B 110 -47.84 37.42 58.70
N ALA B 111 -47.16 37.51 57.56
CA ALA B 111 -46.91 36.32 56.75
C ALA B 111 -46.14 35.26 57.53
N ALA B 112 -45.45 35.64 58.61
CA ALA B 112 -44.80 34.64 59.45
C ALA B 112 -45.81 33.91 60.32
N THR B 113 -46.89 34.57 60.72
CA THR B 113 -47.87 33.95 61.59
C THR B 113 -48.66 32.88 60.86
N PRO B 114 -49.05 31.81 61.55
CA PRO B 114 -49.85 30.76 60.90
C PRO B 114 -51.21 31.27 60.45
N SER B 115 -51.97 31.87 61.37
CA SER B 115 -53.30 32.36 61.03
C SER B 115 -53.23 33.39 59.91
N CYS B 116 -52.21 34.25 59.94
CA CYS B 116 -52.03 35.24 58.89
C CYS B 116 -51.42 34.65 57.62
N HIS B 117 -50.86 33.44 57.70
CA HIS B 117 -50.33 32.80 56.49
C HIS B 117 -51.46 32.48 55.50
N LEU B 118 -52.65 32.18 56.00
CA LEU B 118 -53.80 32.03 55.12
C LEU B 118 -54.27 33.38 54.59
N LEU B 119 -54.03 34.45 55.34
CA LEU B 119 -54.32 35.80 54.90
C LEU B 119 -53.15 36.44 54.17
N HIS B 120 -52.27 35.61 53.59
CA HIS B 120 -51.07 36.15 52.95
C HIS B 120 -51.43 37.07 51.79
N LYS B 121 -52.33 36.63 50.91
CA LYS B 121 -52.64 37.40 49.71
C LYS B 121 -53.01 38.84 50.05
N LYS B 122 -53.71 39.04 51.17
CA LYS B 122 -54.04 40.40 51.59
C LYS B 122 -52.77 41.19 51.90
N ILE B 123 -51.79 40.55 52.54
CA ILE B 123 -50.52 41.21 52.79
C ILE B 123 -49.80 41.49 51.48
N CYS B 124 -49.93 40.57 50.52
CA CYS B 124 -49.21 40.71 49.25
C CYS B 124 -49.73 41.89 48.46
N GLU B 125 -51.05 41.98 48.29
CA GLU B 125 -51.64 42.97 47.39
C GLU B 125 -50.92 44.31 47.43
N VAL B 126 -50.76 44.87 48.62
CA VAL B 126 -50.14 46.18 48.76
C VAL B 126 -48.69 46.13 48.28
N ILE B 127 -47.94 45.12 48.71
CA ILE B 127 -46.51 45.06 48.40
C ILE B 127 -46.32 44.82 46.90
N CYS B 128 -47.16 43.99 46.31
CA CYS B 128 -47.06 43.72 44.88
C CYS B 128 -47.38 44.96 44.07
N SER B 129 -48.43 45.70 44.46
CA SER B 129 -48.69 46.97 43.79
C SER B 129 -47.52 47.93 43.97
N LEU B 130 -46.90 47.91 45.15
CA LEU B 130 -45.75 48.78 45.38
C LEU B 130 -44.59 48.40 44.48
N LEU B 131 -44.38 47.11 44.25
CA LEU B 131 -43.33 46.68 43.35
C LEU B 131 -43.64 47.07 41.91
N PHE B 132 -44.90 46.94 41.51
CA PHE B 132 -45.31 47.42 40.19
C PHE B 132 -44.98 48.91 40.05
N LEU B 133 -45.30 49.70 41.08
CA LEU B 133 -44.99 51.12 41.05
C LEU B 133 -43.49 51.36 40.94
N PHE B 134 -42.71 50.67 41.78
CA PHE B 134 -41.26 50.81 41.76
C PHE B 134 -40.72 50.57 40.35
N LYS B 135 -41.14 49.48 39.72
CA LYS B 135 -40.74 49.23 38.33
C LYS B 135 -41.19 50.37 37.44
N SER B 136 -42.41 50.86 37.63
CA SER B 136 -42.94 51.93 36.79
C SER B 136 -42.03 53.15 36.81
N LYS B 137 -41.61 53.57 38.00
CA LYS B 137 -40.71 54.72 38.09
C LYS B 137 -39.37 54.42 37.43
N SER B 138 -38.84 53.23 37.66
CA SER B 138 -37.58 52.82 37.04
C SER B 138 -37.47 51.31 37.17
N PRO B 139 -36.89 50.62 36.18
CA PRO B 139 -36.74 49.16 36.33
C PRO B 139 -35.71 48.78 37.38
N ALA B 140 -34.71 49.63 37.61
CA ALA B 140 -33.65 49.30 38.57
C ALA B 140 -34.21 49.11 39.97
N ILE B 141 -35.11 50.01 40.39
CA ILE B 141 -35.66 49.93 41.73
C ILE B 141 -36.41 48.62 41.93
N PHE B 142 -37.33 48.32 41.01
CA PHE B 142 -38.09 47.08 41.10
C PHE B 142 -37.16 45.86 41.09
N GLY B 143 -36.13 45.89 40.25
CA GLY B 143 -35.20 44.79 40.21
C GLY B 143 -34.47 44.58 41.53
N VAL B 144 -34.03 45.69 42.14
CA VAL B 144 -33.32 45.58 43.43
C VAL B 144 -34.25 45.03 44.49
N LEU B 145 -35.50 45.50 44.53
CA LEU B 145 -36.45 44.96 45.49
C LEU B 145 -36.65 43.45 45.29
N THR B 146 -36.83 43.05 44.02
CA THR B 146 -36.99 41.63 43.73
C THR B 146 -35.78 40.83 44.19
N LYS B 147 -34.58 41.38 44.00
CA LYS B 147 -33.37 40.69 44.44
C LYS B 147 -33.36 40.49 45.95
N GLU B 148 -33.73 41.53 46.70
CA GLU B 148 -33.81 41.40 48.15
C GLU B 148 -34.78 40.28 48.54
N LEU B 149 -35.98 40.29 47.95
CA LEU B 149 -36.95 39.24 48.27
C LEU B 149 -36.41 37.86 47.92
N LEU B 150 -35.72 37.74 46.79
CA LEU B 150 -35.15 36.46 46.39
C LEU B 150 -34.15 35.97 47.41
N GLN B 151 -33.29 36.86 47.89
CA GLN B 151 -32.30 36.46 48.90
C GLN B 151 -33.00 35.97 50.16
N LEU B 152 -34.05 36.66 50.60
CA LEU B 152 -34.80 36.21 51.76
C LEU B 152 -35.34 34.79 51.55
N PHE B 153 -36.01 34.58 50.42
CA PHE B 153 -36.57 33.26 50.14
C PHE B 153 -35.50 32.20 50.09
N GLU B 154 -34.31 32.54 49.56
CA GLU B 154 -33.23 31.59 49.49
C GLU B 154 -32.76 31.19 50.89
N ASP B 155 -32.65 32.17 51.79
CA ASP B 155 -32.32 31.85 53.18
C ASP B 155 -33.33 30.88 53.76
N LEU B 156 -34.62 31.16 53.58
CA LEU B 156 -35.64 30.27 54.12
C LEU B 156 -35.54 28.87 53.54
N VAL B 157 -35.30 28.76 52.24
CA VAL B 157 -35.19 27.46 51.60
C VAL B 157 -34.00 26.69 52.13
N TYR B 158 -32.88 27.38 52.36
CA TYR B 158 -31.74 26.74 52.98
C TYR B 158 -32.11 26.19 54.34
N LEU B 159 -32.84 26.96 55.14
CA LEU B 159 -33.27 26.49 56.45
C LEU B 159 -34.11 25.22 56.34
N HIS B 160 -35.05 25.20 55.39
CA HIS B 160 -35.91 24.02 55.26
C HIS B 160 -35.12 22.79 54.77
N ARG B 161 -34.25 22.98 53.78
CA ARG B 161 -33.40 21.88 53.34
C ARG B 161 -32.52 21.37 54.47
N ARG B 162 -32.14 22.24 55.41
CA ARG B 162 -31.48 21.77 56.62
C ARG B 162 -32.43 20.94 57.47
N ASN B 163 -33.68 21.40 57.60
CA ASN B 163 -34.68 20.64 58.34
C ASN B 163 -34.75 19.21 57.82
N VAL B 164 -34.80 19.03 56.49
CA VAL B 164 -34.81 17.69 55.93
C VAL B 164 -33.52 16.95 56.30
N MET B 165 -32.39 17.65 56.27
CA MET B 165 -31.11 17.02 56.59
C MET B 165 -31.08 16.48 58.02
N GLY B 166 -32.01 16.91 58.88
CA GLY B 166 -32.01 16.52 60.26
C GLY B 166 -31.28 17.47 61.19
N HIS B 167 -30.59 18.47 60.64
CA HIS B 167 -29.94 19.47 61.49
C HIS B 167 -30.96 20.20 62.33
N ALA B 168 -30.52 20.64 63.51
CA ALA B 168 -31.39 21.40 64.40
C ALA B 168 -32.03 22.56 63.65
N VAL B 169 -33.37 22.63 63.70
CA VAL B 169 -34.08 23.64 62.93
C VAL B 169 -33.62 25.05 63.32
N GLU B 170 -33.29 25.26 64.59
CA GLU B 170 -32.82 26.56 65.06
C GLU B 170 -33.73 27.69 64.57
N TRP B 171 -35.03 27.50 64.76
CA TRP B 171 -35.99 28.50 64.29
C TRP B 171 -35.73 29.88 64.88
N PRO B 172 -35.34 30.04 66.14
CA PRO B 172 -34.98 31.38 66.63
C PRO B 172 -33.70 31.87 65.96
N VAL B 173 -33.81 32.99 65.24
CA VAL B 173 -32.70 33.53 64.47
C VAL B 173 -32.80 35.05 64.42
N VAL B 174 -31.67 35.70 64.18
CA VAL B 174 -31.66 37.15 64.05
C VAL B 174 -32.61 37.60 62.96
N MET B 175 -32.68 36.85 61.86
CA MET B 175 -33.59 37.13 60.76
C MET B 175 -33.42 38.57 60.27
N SER B 176 -32.17 39.05 60.28
CA SER B 176 -31.86 40.39 59.80
C SER B 176 -31.80 40.37 58.28
N ARG B 177 -32.96 40.11 57.68
CA ARG B 177 -33.10 40.00 56.24
C ARG B 177 -34.21 40.95 55.80
N PHE B 178 -33.96 41.68 54.71
CA PHE B 178 -34.88 42.73 54.25
C PHE B 178 -35.02 43.82 55.31
N LEU B 179 -33.90 44.16 55.94
CA LEU B 179 -33.92 45.11 57.05
C LEU B 179 -34.32 46.51 56.56
N SER B 180 -35.05 47.23 57.41
CA SER B 180 -35.50 48.58 57.12
C SER B 180 -34.93 49.54 58.14
N GLN B 181 -34.59 50.75 57.68
CA GLN B 181 -34.10 51.77 58.60
C GLN B 181 -35.23 52.31 59.46
N LEU B 182 -36.38 52.62 58.86
CA LEU B 182 -37.53 53.05 59.64
C LEU B 182 -38.03 51.95 60.56
N ASP B 183 -37.79 50.69 60.20
CA ASP B 183 -38.21 49.51 60.95
C ASP B 183 -38.48 49.75 62.43
N ALA B 192 -42.21 46.10 63.90
CA ALA B 192 -40.76 46.00 64.05
C ALA B 192 -40.23 44.80 63.27
N PRO B 193 -38.91 44.60 63.31
CA PRO B 193 -38.32 43.43 62.65
C PRO B 193 -38.45 42.18 63.50
N LEU B 194 -38.67 41.04 62.81
CA LEU B 194 -38.97 39.78 63.47
C LEU B 194 -37.76 38.86 63.40
N GLN B 195 -37.19 38.56 64.56
CA GLN B 195 -36.22 37.48 64.64
C GLN B 195 -36.91 36.15 64.38
N LEU B 196 -36.22 35.26 63.66
CA LEU B 196 -36.85 34.03 63.19
C LEU B 196 -37.47 33.24 64.35
N MET B 197 -38.69 32.78 64.13
CA MET B 197 -39.40 31.95 65.09
C MET B 197 -40.51 31.21 64.35
N SER B 198 -41.28 30.41 65.09
CA SER B 198 -42.48 29.84 64.48
C SER B 198 -42.17 28.93 63.29
N MET B 199 -41.63 27.74 63.56
CA MET B 199 -41.38 26.77 62.50
C MET B 199 -42.47 26.83 61.43
N GLN B 200 -43.74 26.91 61.85
CA GLN B 200 -44.82 27.16 60.91
C GLN B 200 -44.83 28.62 60.47
N LEU B 202 -42.15 30.42 60.07
CA LEU B 202 -41.07 30.50 59.10
C LEU B 202 -41.49 29.86 57.78
N GLU B 203 -42.01 28.64 57.86
CA GLU B 203 -42.44 27.94 56.66
C GLU B 203 -43.55 28.69 55.93
N PHE B 204 -44.46 29.31 56.68
CA PHE B 204 -45.56 30.04 56.04
C PHE B 204 -45.07 31.31 55.38
N ILE B 205 -44.14 32.03 56.02
CA ILE B 205 -43.50 33.16 55.36
C ILE B 205 -42.82 32.70 54.08
N GLU B 206 -42.16 31.54 54.13
CA GLU B 206 -41.53 31.01 52.93
C GLU B 206 -42.56 30.71 51.84
N VAL B 207 -43.74 30.22 52.24
CA VAL B 207 -44.79 29.93 51.26
C VAL B 207 -45.25 31.21 50.57
N THR B 208 -45.48 32.27 51.36
CA THR B 208 -45.84 33.55 50.77
C THR B 208 -44.76 34.02 49.81
N LEU B 209 -43.49 33.91 50.23
CA LEU B 209 -42.38 34.26 49.35
C LEU B 209 -42.45 33.47 48.05
N LEU B 210 -42.79 32.18 48.14
CA LEU B 210 -42.84 31.34 46.96
C LEU B 210 -43.91 31.82 46.00
N MET B 211 -45.08 32.19 46.52
CA MET B 211 -46.10 32.75 45.64
C MET B 211 -45.59 34.01 44.96
N VAL B 212 -44.90 34.88 45.71
CA VAL B 212 -44.34 36.09 45.11
C VAL B 212 -43.38 35.74 43.99
N LEU B 213 -42.53 34.73 44.22
CA LEU B 213 -41.58 34.31 43.19
C LEU B 213 -42.30 33.81 41.95
N THR B 214 -43.35 33.01 42.14
CA THR B 214 -44.15 32.59 41.00
C THR B 214 -44.67 33.79 40.24
N ARG B 215 -45.02 34.86 40.95
CA ARG B 215 -45.50 36.07 40.29
C ARG B 215 -44.41 36.71 39.45
N ILE B 216 -43.20 36.81 40.00
CA ILE B 216 -42.16 37.67 39.43
C ILE B 216 -41.19 36.91 38.54
N ILE B 217 -41.37 35.60 38.37
CA ILE B 217 -40.38 34.78 37.66
C ILE B 217 -39.96 35.42 36.35
N ALA B 218 -40.92 35.75 35.49
CA ALA B 218 -40.59 36.13 34.12
C ALA B 218 -39.66 37.34 34.08
N ILE B 219 -40.15 38.49 34.56
CA ILE B 219 -39.35 39.70 34.60
C ILE B 219 -38.03 39.40 35.29
N VAL B 220 -38.07 38.60 36.36
CA VAL B 220 -36.86 38.31 37.09
C VAL B 220 -35.87 37.55 36.23
N PHE B 221 -36.35 36.71 35.30
CA PHE B 221 -35.44 35.92 34.48
C PHE B 221 -34.50 36.83 33.72
N PHE B 222 -33.21 36.65 33.95
CA PHE B 222 -32.18 37.39 33.24
C PHE B 222 -31.16 36.41 32.72
N ARG B 223 -30.53 36.78 31.60
CA ARG B 223 -29.47 35.95 31.03
C ARG B 223 -28.51 35.50 32.13
N ARG B 224 -28.35 34.18 32.26
CA ARG B 224 -27.55 33.56 33.31
C ARG B 224 -28.29 33.44 34.64
N GLN B 225 -29.60 33.68 34.68
CA GLN B 225 -30.34 33.62 35.93
C GLN B 225 -31.26 32.42 36.05
N GLU B 226 -31.40 31.61 34.99
CA GLU B 226 -32.34 30.50 35.03
C GLU B 226 -32.05 29.55 36.19
N LEU B 227 -30.78 29.33 36.49
CA LEU B 227 -30.41 28.33 37.50
C LEU B 227 -30.94 28.71 38.87
N LEU B 228 -30.87 29.99 39.23
CA LEU B 228 -31.33 30.41 40.55
C LEU B 228 -32.85 30.36 40.64
N LEU B 229 -33.53 30.85 39.60
CA LEU B 229 -34.99 30.76 39.56
C LEU B 229 -35.44 29.30 39.67
N TRP B 230 -34.66 28.38 39.11
CA TRP B 230 -34.94 26.97 39.29
C TRP B 230 -34.69 26.56 40.75
N GLN B 231 -33.49 26.83 41.25
CA GLN B 231 -33.08 26.41 42.59
C GLN B 231 -34.13 26.80 43.63
N ILE B 232 -34.59 28.05 43.60
CA ILE B 232 -35.48 28.53 44.64
C ILE B 232 -36.68 27.62 44.79
N GLY B 233 -37.23 27.14 43.68
CA GLY B 233 -38.39 26.29 43.73
C GLY B 233 -38.06 24.81 43.88
N CYS B 234 -36.90 24.40 43.34
CA CYS B 234 -36.53 22.99 43.44
C CYS B 234 -36.24 22.60 44.89
N VAL B 235 -35.69 23.53 45.66
CA VAL B 235 -35.44 23.24 47.06
C VAL B 235 -36.75 22.94 47.78
N LEU B 236 -37.77 23.78 47.57
CA LEU B 236 -39.06 23.55 48.20
C LEU B 236 -39.74 22.31 47.62
N LEU B 237 -39.53 22.02 46.34
CA LEU B 237 -40.03 20.79 45.76
C LEU B 237 -39.44 19.58 46.47
N GLU B 238 -38.17 19.67 46.86
CA GLU B 238 -37.52 18.57 47.54
C GLU B 238 -37.98 18.44 48.98
N TYR B 239 -38.06 19.56 49.69
CA TYR B 239 -38.31 19.51 51.13
C TYR B 239 -39.36 20.53 51.52
N GLY B 240 -39.90 20.34 52.72
CA GLY B 240 -41.03 21.11 53.20
C GLY B 240 -42.32 20.33 53.07
N SER B 241 -43.42 21.03 53.33
CA SER B 241 -44.73 20.42 53.18
C SER B 241 -44.88 19.87 51.76
N PRO B 242 -45.65 18.80 51.58
CA PRO B 242 -45.87 18.29 50.22
C PRO B 242 -46.66 19.25 49.35
N LYS B 243 -47.57 20.02 49.94
CA LYS B 243 -48.35 20.99 49.17
C LYS B 243 -47.44 22.09 48.63
N ILE B 244 -46.61 22.66 49.50
CA ILE B 244 -45.60 23.60 49.03
C ILE B 244 -44.75 22.95 47.94
N LYS B 245 -44.49 21.65 48.07
CA LYS B 245 -43.69 20.97 47.07
C LYS B 245 -44.40 20.94 45.71
N SER B 246 -45.72 20.69 45.70
CA SER B 246 -46.45 20.69 44.44
C SER B 246 -46.51 22.09 43.83
N LEU B 247 -46.74 23.11 44.67
CA LEU B 247 -46.69 24.47 44.17
C LEU B 247 -45.32 24.77 43.54
N ALA B 248 -44.25 24.32 44.19
CA ALA B 248 -42.91 24.46 43.62
C ALA B 248 -42.80 23.71 42.30
N ILE B 249 -43.46 22.55 42.20
CA ILE B 249 -43.50 21.83 40.92
C ILE B 249 -44.00 22.75 39.83
N SER B 250 -45.17 23.35 40.05
CA SER B 250 -45.75 24.24 39.06
C SER B 250 -44.81 25.40 38.74
N PHE B 251 -44.28 26.03 39.80
CA PHE B 251 -43.35 27.14 39.63
C PHE B 251 -42.19 26.76 38.73
N LEU B 252 -41.58 25.60 39.00
CA LEU B 252 -40.43 25.16 38.24
C LEU B 252 -40.80 24.81 36.82
N THR B 253 -42.00 24.28 36.60
CA THR B 253 -42.44 24.07 35.22
C THR B 253 -42.46 25.39 34.46
N GLU B 254 -43.04 26.42 35.08
CA GLU B 254 -43.05 27.74 34.45
C GLU B 254 -41.63 28.22 34.18
N LEU B 255 -40.75 28.09 35.16
CA LEU B 255 -39.36 28.54 35.01
C LEU B 255 -38.67 27.80 33.86
N PHE B 256 -38.84 26.49 33.82
CA PHE B 256 -38.27 25.67 32.75
C PHE B 256 -38.72 26.20 31.40
N GLN B 257 -40.03 26.42 31.23
CA GLN B 257 -40.51 26.98 29.98
C GLN B 257 -39.82 28.31 29.69
N LEU B 258 -39.71 29.17 30.70
CA LEU B 258 -39.20 30.52 30.47
C LEU B 258 -37.76 30.49 29.98
N GLY B 259 -36.89 29.76 30.68
CA GLY B 259 -35.47 29.88 30.41
C GLY B 259 -34.77 28.63 29.93
N GLY B 260 -35.52 27.70 29.35
CA GLY B 260 -34.91 26.44 28.98
C GLY B 260 -34.57 25.65 30.23
N LEU B 261 -33.41 25.02 30.23
CA LEU B 261 -32.96 24.21 31.36
C LEU B 261 -31.56 24.62 31.78
N PRO B 262 -31.39 25.16 32.99
CA PRO B 262 -30.05 25.49 33.47
C PRO B 262 -29.25 24.22 33.72
N ALA B 263 -28.09 24.12 33.06
CA ALA B 263 -27.25 22.93 33.23
C ALA B 263 -26.78 22.78 34.67
N GLN B 264 -26.59 23.88 35.37
CA GLN B 264 -26.09 23.81 36.75
C GLN B 264 -26.99 22.96 37.63
N PRO B 265 -28.25 23.32 37.86
CA PRO B 265 -29.08 22.61 38.85
C PRO B 265 -29.78 21.37 38.32
N ALA B 266 -29.56 21.00 37.07
CA ALA B 266 -30.45 20.03 36.43
C ALA B 266 -30.33 18.65 37.08
N SER B 267 -29.11 18.25 37.46
CA SER B 267 -28.92 16.92 38.03
C SER B 267 -29.74 16.74 39.30
N THR B 268 -29.59 17.65 40.25
CA THR B 268 -30.36 17.59 41.48
C THR B 268 -31.84 17.51 41.18
N PHE B 269 -32.30 18.29 40.20
CA PHE B 269 -33.73 18.30 39.89
C PHE B 269 -34.19 16.96 39.36
N PHE B 270 -33.41 16.36 38.46
CA PHE B 270 -33.76 15.05 37.94
C PHE B 270 -33.83 14.01 39.07
N SER B 271 -32.85 14.05 39.97
CA SER B 271 -32.84 13.11 41.08
C SER B 271 -34.08 13.29 41.95
N SER B 272 -34.39 14.54 42.29
CA SER B 272 -35.58 14.81 43.09
C SER B 272 -36.82 14.31 42.38
N PHE B 273 -36.88 14.48 41.05
CA PHE B 273 -38.05 14.02 40.32
C PHE B 273 -38.16 12.51 40.34
N LEU B 274 -37.03 11.82 40.25
CA LEU B 274 -37.08 10.36 40.31
C LEU B 274 -37.57 9.88 41.68
N GLU B 275 -37.08 10.52 42.74
CA GLU B 275 -37.57 10.19 44.08
C GLU B 275 -39.07 10.46 44.19
N LEU B 276 -39.52 11.57 43.59
CA LEU B 276 -40.95 11.86 43.58
C LEU B 276 -41.71 10.79 42.81
N LEU B 277 -41.13 10.31 41.72
CA LEU B 277 -41.76 9.23 40.96
C LEU B 277 -41.95 8.00 41.84
N LYS B 278 -40.91 7.62 42.57
CA LYS B 278 -41.03 6.47 43.47
C LYS B 278 -42.11 6.74 44.52
N HIS B 279 -42.18 7.97 45.03
CA HIS B 279 -43.25 8.31 45.97
C HIS B 279 -44.62 8.17 45.31
N LEU B 280 -44.70 8.38 44.00
CA LEU B 280 -45.99 8.42 43.31
C LEU B 280 -46.70 7.08 43.37
N VAL B 281 -45.96 5.98 43.24
CA VAL B 281 -46.53 4.64 43.12
C VAL B 281 -47.66 4.46 44.13
N GLU B 282 -47.47 5.01 45.33
CA GLU B 282 -48.50 5.02 46.35
C GLU B 282 -48.39 6.35 47.08
N MET B 283 -49.39 7.22 46.89
CA MET B 283 -49.43 8.52 47.54
C MET B 283 -50.84 8.78 48.05
N ASP B 284 -50.93 9.36 49.24
CA ASP B 284 -52.24 9.68 49.80
C ASP B 284 -53.07 10.45 48.79
N THR B 285 -54.34 10.06 48.67
CA THR B 285 -55.23 10.67 47.69
C THR B 285 -55.16 12.20 47.74
N ASP B 286 -55.25 12.76 48.95
CA ASP B 286 -55.14 14.21 49.09
C ASP B 286 -53.76 14.69 48.68
N GLN B 287 -52.72 14.10 49.26
CA GLN B 287 -51.36 14.42 48.83
C GLN B 287 -51.21 14.22 47.33
N LEU B 288 -51.63 13.05 46.84
CA LEU B 288 -51.58 12.79 45.41
C LEU B 288 -52.32 13.87 44.64
N LYS B 289 -53.45 14.33 45.17
CA LYS B 289 -54.21 15.38 44.50
C LYS B 289 -53.39 16.65 44.36
N LEU B 290 -52.94 17.20 45.49
CA LEU B 290 -52.15 18.43 45.45
C LEU B 290 -50.95 18.28 44.54
N TYR B 291 -50.35 17.09 44.47
CA TYR B 291 -49.15 16.91 43.67
C TYR B 291 -49.46 16.79 42.18
N GLU B 292 -50.58 16.16 41.82
CA GLU B 292 -50.75 15.68 40.45
C GLU B 292 -50.81 16.82 39.45
N GLU B 293 -51.59 17.86 39.72
CA GLU B 293 -51.75 18.93 38.76
C GLU B 293 -50.39 19.51 38.37
N PRO B 294 -49.66 20.09 39.32
CA PRO B 294 -48.33 20.61 38.98
C PRO B 294 -47.42 19.55 38.40
N LEU B 295 -47.49 18.33 38.93
CA LEU B 295 -46.68 17.25 38.39
C LEU B 295 -47.02 17.00 36.92
N SER B 296 -48.30 16.95 36.59
CA SER B 296 -48.70 16.69 35.22
C SER B 296 -48.26 17.82 34.29
N LYS B 297 -48.46 19.06 34.71
CA LYS B 297 -48.05 20.19 33.88
C LYS B 297 -46.55 20.20 33.69
N LEU B 298 -45.80 19.96 34.76
CA LEU B 298 -44.36 19.87 34.65
C LEU B 298 -43.94 18.74 33.73
N ILE B 299 -44.63 17.60 33.78
CA ILE B 299 -44.31 16.49 32.89
C ILE B 299 -44.47 16.92 31.44
N LYS B 300 -45.64 17.45 31.11
CA LYS B 300 -45.90 17.85 29.72
C LYS B 300 -44.92 18.93 29.26
N THR B 301 -44.65 19.91 30.11
CA THR B 301 -43.72 20.97 29.74
C THR B 301 -42.30 20.43 29.58
N LEU B 302 -41.89 19.54 30.48
CA LEU B 302 -40.56 18.97 30.42
C LEU B 302 -40.36 18.17 29.15
N PHE B 303 -41.37 17.38 28.78
CA PHE B 303 -41.29 16.51 27.62
C PHE B 303 -42.46 16.85 26.71
N PRO B 304 -42.38 17.97 26.00
CA PRO B 304 -43.48 18.36 25.12
C PRO B 304 -43.73 17.31 24.05
N PHE B 305 -45.00 16.97 23.85
CA PHE B 305 -45.37 16.13 22.71
C PHE B 305 -44.70 16.59 21.44
N GLU B 306 -44.51 17.90 21.28
CA GLU B 306 -43.85 18.42 20.09
C GLU B 306 -42.41 17.92 20.03
N ALA B 307 -41.98 17.54 18.83
CA ALA B 307 -40.67 16.97 18.65
C ALA B 307 -39.58 17.95 19.06
N GLU B 308 -38.35 17.43 19.15
CA GLU B 308 -37.18 18.20 19.53
C GLU B 308 -37.16 18.50 21.03
N ALA B 309 -38.25 18.16 21.73
CA ALA B 309 -38.30 18.38 23.16
C ALA B 309 -37.19 17.62 23.87
N TYR B 310 -36.91 16.40 23.41
CA TYR B 310 -35.78 15.64 23.95
C TYR B 310 -34.50 16.47 23.97
N ARG B 311 -34.32 17.32 22.95
CA ARG B 311 -33.10 18.11 22.88
C ARG B 311 -32.99 19.06 24.06
N ASN B 312 -34.11 19.64 24.50
CA ASN B 312 -34.06 20.61 25.59
C ASN B 312 -33.57 20.00 26.89
N ILE B 313 -33.73 18.70 27.08
CA ILE B 313 -33.30 18.03 28.30
C ILE B 313 -31.91 17.47 28.09
N GLU B 314 -31.19 17.28 29.19
CA GLU B 314 -29.83 16.79 29.12
C GLU B 314 -29.84 15.27 28.90
N PRO B 315 -29.06 14.76 27.95
CA PRO B 315 -29.17 13.34 27.61
C PRO B 315 -28.95 12.40 28.77
N VAL B 316 -28.05 12.72 29.69
CA VAL B 316 -27.78 11.82 30.81
C VAL B 316 -28.93 11.87 31.82
N TYR B 317 -29.28 13.07 32.26
CA TYR B 317 -30.50 13.27 33.01
C TYR B 317 -31.63 12.56 32.30
N LEU B 318 -31.66 12.70 30.97
CA LEU B 318 -32.73 12.10 30.20
C LEU B 318 -32.76 10.59 30.37
N ASN B 319 -31.61 9.94 30.29
CA ASN B 319 -31.58 8.48 30.39
C ASN B 319 -31.97 8.02 31.79
N MET B 320 -31.44 8.68 32.81
CA MET B 320 -31.77 8.28 34.18
C MET B 320 -33.25 8.48 34.45
N LEU B 321 -33.76 9.66 34.13
CA LEU B 321 -35.18 9.93 34.25
C LEU B 321 -36.00 8.94 33.45
N LEU B 322 -35.51 8.53 32.29
CA LEU B 322 -36.23 7.58 31.46
C LEU B 322 -36.33 6.23 32.13
N GLU B 323 -35.23 5.78 32.74
CA GLU B 323 -35.27 4.54 33.50
C GLU B 323 -36.25 4.64 34.65
N LYS B 324 -36.24 5.76 35.37
CA LYS B 324 -37.18 5.92 36.48
C LYS B 324 -38.62 5.89 35.98
N LEU B 325 -38.87 6.50 34.83
CA LEU B 325 -40.21 6.44 34.23
C LEU B 325 -40.58 5.00 33.95
N CYS B 326 -39.71 4.28 33.22
CA CYS B 326 -39.89 2.85 33.01
C CYS B 326 -40.34 2.18 34.31
N VAL B 327 -39.60 2.41 35.38
CA VAL B 327 -40.00 1.92 36.69
C VAL B 327 -41.46 2.29 36.96
N MET B 328 -41.78 3.57 36.78
CA MET B 328 -43.14 4.04 37.03
C MET B 328 -44.17 3.18 36.32
N PHE B 329 -43.86 2.74 35.10
CA PHE B 329 -44.82 1.96 34.33
C PHE B 329 -45.10 0.62 35.01
N GLU B 330 -44.07 -0.21 35.17
CA GLU B 330 -44.24 -1.49 35.84
C GLU B 330 -44.60 -1.34 37.31
N ASP B 331 -44.57 -0.11 37.84
CA ASP B 331 -44.93 0.09 39.24
C ASP B 331 -46.41 -0.20 39.48
N GLY B 332 -47.25 0.05 38.48
CA GLY B 332 -48.69 0.02 38.70
C GLY B 332 -49.22 1.25 39.40
N VAL B 333 -48.43 2.31 39.49
CA VAL B 333 -48.85 3.51 40.20
C VAL B 333 -50.08 4.12 39.55
N LEU B 334 -50.14 4.07 38.21
CA LEU B 334 -51.29 4.65 37.51
C LEU B 334 -52.59 4.07 38.02
N MET B 335 -52.65 2.75 38.22
CA MET B 335 -53.85 2.14 38.79
C MET B 335 -54.14 2.72 40.17
N ARG B 336 -53.10 2.92 40.98
CA ARG B 336 -53.30 3.53 42.29
C ARG B 336 -53.62 5.01 42.16
N LEU B 337 -53.03 5.68 41.18
CA LEU B 337 -53.18 7.12 41.02
C LEU B 337 -54.64 7.53 41.02
N LYS B 338 -54.98 8.47 41.91
CA LYS B 338 -56.35 8.95 42.00
C LYS B 338 -56.70 9.91 40.86
N SER B 339 -55.73 10.69 40.39
CA SER B 339 -55.96 11.70 39.37
C SER B 339 -55.58 11.13 38.01
N ASP B 340 -56.59 10.83 37.19
CA ASP B 340 -56.33 10.33 35.84
C ASP B 340 -55.38 11.26 35.09
N LEU B 341 -55.50 12.57 35.31
CA LEU B 341 -54.61 13.52 34.66
C LEU B 341 -53.15 13.14 34.88
N LEU B 342 -52.80 12.82 36.13
CA LEU B 342 -51.45 12.33 36.40
C LEU B 342 -51.13 11.13 35.54
N LYS B 343 -52.00 10.12 35.57
CA LYS B 343 -51.90 9.03 34.61
C LYS B 343 -51.73 9.58 33.20
N ALA B 344 -52.48 10.63 32.88
CA ALA B 344 -52.29 11.30 31.60
C ALA B 344 -50.87 11.83 31.47
N ALA B 345 -50.27 12.29 32.56
CA ALA B 345 -48.89 12.76 32.50
C ALA B 345 -47.96 11.62 32.10
N LEU B 346 -48.09 10.48 32.76
CA LEU B 346 -47.24 9.33 32.42
C LEU B 346 -47.45 8.93 30.97
N CYS B 347 -48.70 8.90 30.52
CA CYS B 347 -48.99 8.58 29.13
C CYS B 347 -48.32 9.58 28.20
N HIS B 348 -48.39 10.86 28.57
CA HIS B 348 -47.69 11.90 27.83
C HIS B 348 -46.22 11.56 27.69
N LEU B 349 -45.59 11.15 28.78
CA LEU B 349 -44.17 10.87 28.76
C LEU B 349 -43.87 9.71 27.83
N LEU B 350 -44.62 8.63 27.96
CA LEU B 350 -44.42 7.47 27.09
C LEU B 350 -44.53 7.88 25.63
N GLN B 351 -45.59 8.62 25.30
CA GLN B 351 -45.80 9.00 23.90
C GLN B 351 -44.71 9.93 23.40
N TYR B 352 -44.28 10.86 24.26
CA TYR B 352 -43.17 11.74 23.90
C TYR B 352 -41.94 10.93 23.52
N PHE B 353 -41.53 10.02 24.40
CA PHE B 353 -40.40 9.17 24.08
C PHE B 353 -40.62 8.41 22.78
N LEU B 354 -41.82 7.85 22.61
CA LEU B 354 -42.11 7.03 21.45
C LEU B 354 -41.91 7.82 20.16
N LYS B 355 -42.70 8.87 19.97
CA LYS B 355 -42.74 9.55 18.67
C LYS B 355 -41.98 10.87 18.66
N PHE B 356 -42.06 11.67 19.71
CA PHE B 356 -41.50 13.01 19.69
C PHE B 356 -40.00 13.05 19.94
N VAL B 357 -39.43 12.01 20.55
CA VAL B 357 -38.00 11.92 20.79
C VAL B 357 -37.47 10.72 20.03
N PRO B 358 -36.37 10.85 19.29
CA PRO B 358 -35.87 9.69 18.54
C PRO B 358 -35.48 8.57 19.47
N ALA B 359 -35.64 7.34 18.99
CA ALA B 359 -35.31 6.16 19.79
C ALA B 359 -33.88 6.24 20.28
N GLY B 360 -33.73 6.26 21.60
CA GLY B 360 -32.40 6.27 22.21
C GLY B 360 -31.59 7.50 21.89
N TYR B 361 -32.17 8.69 22.07
CA TYR B 361 -31.40 9.92 21.92
C TYR B 361 -30.49 10.13 23.12
N GLU B 362 -31.03 9.98 24.32
CA GLU B 362 -30.26 10.10 25.55
C GLU B 362 -29.70 8.76 26.02
N SER B 363 -29.99 7.67 25.31
CA SER B 363 -29.54 6.34 25.71
C SER B 363 -29.38 5.48 24.48
N ALA B 364 -28.70 4.35 24.67
CA ALA B 364 -28.57 3.38 23.58
C ALA B 364 -29.96 2.94 23.13
N LEU B 365 -30.10 2.74 21.82
CA LEU B 365 -31.41 2.42 21.26
C LEU B 365 -31.98 1.13 21.84
N GLN B 366 -31.12 0.15 22.13
CA GLN B 366 -31.60 -1.13 22.61
C GLN B 366 -32.14 -1.02 24.04
N VAL B 367 -31.37 -0.38 24.93
CA VAL B 367 -31.85 -0.17 26.29
C VAL B 367 -33.14 0.63 26.27
N ARG B 368 -33.21 1.62 25.37
CA ARG B 368 -34.44 2.40 25.21
C ARG B 368 -35.59 1.48 24.83
N LYS B 369 -35.35 0.53 23.91
CA LYS B 369 -36.40 -0.40 23.52
C LYS B 369 -36.82 -1.29 24.68
N VAL B 370 -35.87 -1.65 25.54
CA VAL B 370 -36.21 -2.44 26.73
C VAL B 370 -37.16 -1.64 27.62
N TYR B 371 -36.78 -0.40 27.93
CA TYR B 371 -37.66 0.49 28.65
C TYR B 371 -39.05 0.52 28.01
N VAL B 372 -39.08 0.69 26.69
CA VAL B 372 -40.33 0.85 25.97
C VAL B 372 -41.19 -0.40 26.11
N ARG B 373 -40.56 -1.57 26.08
CA ARG B 373 -41.30 -2.82 26.23
C ARG B 373 -41.89 -2.93 27.63
N ASN B 374 -41.14 -2.53 28.64
CA ASN B 374 -41.70 -2.45 29.98
C ASN B 374 -42.92 -1.54 30.00
N ILE B 375 -42.80 -0.37 29.36
CA ILE B 375 -43.90 0.58 29.30
C ILE B 375 -45.12 -0.07 28.66
N CYS B 376 -44.90 -0.77 27.54
CA CYS B 376 -46.01 -1.40 26.83
C CYS B 376 -46.66 -2.49 27.67
N LYS B 377 -45.86 -3.23 28.45
CA LYS B 377 -46.44 -4.21 29.36
C LYS B 377 -47.35 -3.53 30.38
N ALA B 378 -46.89 -2.43 30.97
CA ALA B 378 -47.73 -1.67 31.89
C ALA B 378 -49.02 -1.24 31.20
N LEU B 379 -48.90 -0.73 29.98
CA LEU B 379 -50.08 -0.30 29.22
C LEU B 379 -51.08 -1.44 29.06
N LEU B 380 -50.59 -2.59 28.58
CA LEU B 380 -51.47 -3.75 28.42
C LEU B 380 -52.16 -4.09 29.73
N ASP B 381 -51.41 -4.09 30.83
CA ASP B 381 -52.02 -4.27 32.15
C ASP B 381 -53.19 -3.32 32.32
N VAL B 382 -52.96 -2.03 32.08
CA VAL B 382 -53.98 -1.02 32.37
C VAL B 382 -55.25 -1.29 31.59
N LEU B 383 -55.15 -1.84 30.37
CA LEU B 383 -56.34 -2.03 29.54
C LEU B 383 -57.30 -3.03 30.19
N GLY B 384 -56.79 -4.18 30.61
CA GLY B 384 -57.65 -5.16 31.23
C GLY B 384 -58.34 -4.66 32.48
N ILE B 385 -57.70 -3.73 33.19
CA ILE B 385 -58.21 -3.25 34.47
C ILE B 385 -58.98 -1.94 34.35
N GLU B 386 -59.00 -1.32 33.17
CA GLU B 386 -59.63 -0.02 32.97
C GLU B 386 -60.99 -0.19 32.30
N VAL B 387 -62.01 0.45 32.87
CA VAL B 387 -63.31 0.48 32.22
C VAL B 387 -63.20 1.19 30.87
N ASP B 388 -62.40 2.26 30.82
CA ASP B 388 -62.14 2.99 29.58
C ASP B 388 -60.63 3.02 29.35
N ALA B 389 -60.20 2.49 28.21
CA ALA B 389 -58.79 2.47 27.84
C ALA B 389 -58.46 3.49 26.77
N GLU B 390 -59.37 4.42 26.49
CA GLU B 390 -59.16 5.37 25.41
C GLU B 390 -57.86 6.14 25.56
N TYR B 391 -57.52 6.54 26.79
CA TYR B 391 -56.29 7.30 27.00
C TYR B 391 -55.07 6.42 26.85
N LEU B 392 -55.11 5.22 27.43
CA LEU B 392 -53.98 4.30 27.33
C LEU B 392 -53.75 3.84 25.89
N LEU B 393 -54.82 3.44 25.20
CA LEU B 393 -54.66 2.81 23.90
C LEU B 393 -53.84 3.69 22.96
N GLY B 394 -54.10 5.01 22.96
CA GLY B 394 -53.35 5.92 22.14
C GLY B 394 -51.85 5.87 22.33
N PRO B 395 -51.35 5.93 23.56
CA PRO B 395 -49.90 5.72 23.75
C PRO B 395 -49.47 4.32 23.37
N LEU B 396 -50.25 3.32 23.77
CA LEU B 396 -49.99 1.95 23.35
C LEU B 396 -49.96 1.85 21.84
N TYR B 397 -50.90 2.50 21.17
CA TYR B 397 -50.94 2.45 19.71
C TYR B 397 -49.74 3.16 19.12
N ALA B 398 -49.27 4.23 19.76
CA ALA B 398 -48.05 4.89 19.29
C ALA B 398 -46.87 3.94 19.34
N ALA B 399 -46.70 3.25 20.48
CA ALA B 399 -45.61 2.29 20.58
C ALA B 399 -45.75 1.19 19.54
N LEU B 400 -46.96 0.66 19.38
CA LEU B 400 -47.20 -0.38 18.38
C LEU B 400 -46.85 0.11 16.99
N LYS B 401 -47.16 1.38 16.70
CA LYS B 401 -46.87 1.93 15.38
C LYS B 401 -45.37 2.06 15.17
N MET B 402 -44.63 2.44 16.20
CA MET B 402 -43.17 2.47 16.06
C MET B 402 -42.62 1.08 15.76
N GLU B 403 -43.08 0.08 16.52
CA GLU B 403 -42.64 -1.29 16.25
C GLU B 403 -42.99 -1.71 14.83
N SER B 404 -44.21 -1.41 14.40
CA SER B 404 -44.62 -1.73 13.04
C SER B 404 -43.75 -1.00 12.02
N MET B 405 -43.29 0.19 12.36
CA MET B 405 -42.41 0.93 11.46
C MET B 405 -41.10 0.20 11.28
N GLU B 406 -40.53 -0.30 12.38
CA GLU B 406 -39.32 -1.12 12.25
C GLU B 406 -39.58 -2.35 11.38
N ILE B 407 -40.64 -3.09 11.70
CA ILE B 407 -40.96 -4.30 10.94
C ILE B 407 -41.12 -3.96 9.46
N ILE B 408 -41.73 -2.82 9.16
CA ILE B 408 -41.95 -2.41 7.77
C ILE B 408 -40.62 -2.10 7.10
N GLU B 409 -39.73 -1.42 7.83
CA GLU B 409 -38.38 -1.20 7.31
C GLU B 409 -37.74 -2.51 6.89
N GLU B 410 -37.89 -3.55 7.71
CA GLU B 410 -37.41 -4.87 7.31
C GLU B 410 -38.20 -5.40 6.12
N ILE B 411 -39.53 -5.41 6.23
CA ILE B 411 -40.38 -6.02 5.22
C ILE B 411 -40.16 -5.39 3.85
N GLN B 412 -39.64 -4.16 3.81
CA GLN B 412 -39.40 -3.51 2.53
C GLN B 412 -38.51 -4.36 1.63
N CYS B 413 -37.50 -5.00 2.21
CA CYS B 413 -36.60 -5.84 1.42
C CYS B 413 -37.37 -6.95 0.71
N GLN B 414 -37.97 -7.84 1.49
CA GLN B 414 -38.75 -8.95 0.94
C GLN B 414 -39.12 -9.94 2.04
N ILE B 451 -47.08 -8.67 -3.60
CA ILE B 451 -47.54 -8.68 -2.22
C ILE B 451 -46.55 -9.44 -1.35
N LYS B 452 -46.43 -8.99 -0.08
CA LYS B 452 -45.56 -9.63 0.90
C LYS B 452 -46.39 -9.85 2.15
N HIS B 453 -47.07 -11.00 2.21
CA HIS B 453 -47.92 -11.30 3.35
C HIS B 453 -47.11 -11.34 4.64
N VAL B 454 -47.68 -10.78 5.70
CA VAL B 454 -47.00 -10.72 6.99
C VAL B 454 -48.06 -10.46 8.05
N ASP B 455 -47.71 -10.77 9.30
CA ASP B 455 -48.62 -10.60 10.43
C ASP B 455 -48.11 -9.48 11.33
N MET B 456 -48.98 -8.51 11.62
CA MET B 456 -48.61 -7.44 12.53
C MET B 456 -48.35 -7.99 13.93
N ASN B 457 -49.26 -8.83 14.44
CA ASN B 457 -49.00 -9.52 15.69
C ASN B 457 -47.67 -10.22 15.66
N GLN B 458 -47.26 -10.73 14.49
CA GLN B 458 -45.92 -11.28 14.33
C GLN B 458 -44.87 -10.18 14.27
N LYS B 459 -45.22 -9.02 13.70
CA LYS B 459 -44.26 -7.92 13.61
C LYS B 459 -43.77 -7.49 14.98
N SER B 460 -44.64 -7.54 15.99
CA SER B 460 -44.28 -7.17 17.35
C SER B 460 -44.86 -8.22 18.29
N ILE B 461 -43.97 -8.99 18.94
CA ILE B 461 -44.42 -9.96 19.93
C ILE B 461 -45.33 -9.29 20.95
N LEU B 462 -44.98 -8.06 21.36
CA LEU B 462 -45.80 -7.34 22.32
C LEU B 462 -47.13 -6.92 21.70
N TRP B 463 -47.12 -6.53 20.42
CA TRP B 463 -48.37 -6.26 19.73
C TRP B 463 -49.25 -7.52 19.72
N SER B 464 -48.65 -8.67 19.44
CA SER B 464 -49.37 -9.93 19.53
C SER B 464 -49.99 -10.10 20.91
N ALA B 465 -49.17 -9.98 21.95
CA ALA B 465 -49.66 -10.13 23.32
C ALA B 465 -50.82 -9.20 23.60
N LEU B 466 -50.76 -7.97 23.11
CA LEU B 466 -51.85 -7.03 23.31
C LEU B 466 -53.12 -7.53 22.63
N LYS B 467 -52.99 -7.96 21.37
CA LYS B 467 -54.15 -8.51 20.67
C LYS B 467 -54.74 -9.68 21.43
N GLN B 468 -53.88 -10.56 21.96
CA GLN B 468 -54.36 -11.73 22.68
C GLN B 468 -55.04 -11.34 23.99
N LYS B 469 -54.51 -10.30 24.65
CA LYS B 469 -55.15 -9.81 25.86
C LYS B 469 -56.55 -9.28 25.57
N ALA B 470 -56.69 -8.53 24.48
CA ALA B 470 -58.02 -8.03 24.11
C ALA B 470 -58.96 -9.19 23.79
N GLU B 471 -58.48 -10.16 23.00
CA GLU B 471 -59.31 -11.32 22.68
C GLU B 471 -59.72 -12.06 23.93
N SER B 472 -58.81 -12.16 24.91
CA SER B 472 -59.12 -12.86 26.15
C SER B 472 -60.16 -12.11 26.97
N LEU B 473 -60.01 -10.79 27.07
CA LEU B 473 -61.04 -10.00 27.76
C LEU B 473 -62.40 -10.23 27.13
N GLN B 474 -62.47 -10.15 25.79
CA GLN B 474 -63.76 -10.32 25.12
C GLN B 474 -64.30 -11.72 25.30
N ILE B 475 -63.45 -12.73 25.26
CA ILE B 475 -63.90 -14.11 25.37
C ILE B 475 -64.39 -14.40 26.78
N SER B 476 -63.69 -13.88 27.79
CA SER B 476 -64.19 -14.01 29.16
C SER B 476 -65.51 -13.29 29.33
N LEU B 477 -65.67 -12.15 28.66
CA LEU B 477 -66.96 -11.47 28.67
C LEU B 477 -68.04 -12.36 28.06
N GLU B 478 -67.70 -13.09 27.00
CA GLU B 478 -68.66 -13.95 26.34
C GLU B 478 -69.02 -15.16 27.19
N TYR B 479 -68.05 -15.68 27.96
CA TYR B 479 -68.32 -16.84 28.80
C TYR B 479 -69.51 -16.59 29.72
N SER B 480 -69.49 -15.46 30.43
CA SER B 480 -70.59 -15.07 31.30
C SER B 480 -70.73 -13.56 31.27
N GLY B 481 -71.97 -13.08 31.13
CA GLY B 481 -72.20 -11.65 31.07
C GLY B 481 -71.81 -10.93 32.34
N LEU B 482 -72.02 -11.55 33.49
CA LEU B 482 -71.68 -10.96 34.78
C LEU B 482 -70.29 -11.32 35.26
N LYS B 483 -69.62 -12.28 34.60
CA LYS B 483 -68.25 -12.60 34.97
C LYS B 483 -67.39 -11.34 35.04
N ASN B 484 -67.49 -10.50 34.02
CA ASN B 484 -66.90 -9.18 34.00
C ASN B 484 -67.93 -8.21 33.46
N PRO B 485 -67.84 -6.93 33.82
CA PRO B 485 -68.77 -5.97 33.23
C PRO B 485 -68.74 -6.06 31.72
N VAL B 486 -69.84 -6.53 31.12
CA VAL B 486 -69.88 -6.68 29.67
C VAL B 486 -69.53 -5.37 28.99
N ILE B 487 -69.89 -4.24 29.61
CA ILE B 487 -69.54 -2.94 29.06
C ILE B 487 -68.04 -2.67 29.24
N GLU B 488 -67.50 -3.03 30.41
CA GLU B 488 -66.09 -2.81 30.66
C GLU B 488 -65.22 -3.63 29.72
N MET B 489 -65.50 -4.93 29.62
CA MET B 489 -64.76 -5.77 28.68
C MET B 489 -65.00 -5.31 27.25
N LEU B 490 -66.23 -4.93 26.93
CA LEU B 490 -66.51 -4.35 25.63
C LEU B 490 -65.57 -3.18 25.33
N GLU B 491 -65.41 -2.28 26.29
CA GLU B 491 -64.59 -1.09 26.07
C GLU B 491 -63.12 -1.45 25.96
N GLY B 492 -62.65 -2.39 26.76
CA GLY B 492 -61.27 -2.81 26.67
C GLY B 492 -60.95 -3.40 25.31
N ILE B 493 -61.71 -4.44 24.94
CA ILE B 493 -61.53 -5.07 23.64
C ILE B 493 -61.69 -4.04 22.53
N ALA B 494 -62.61 -3.10 22.72
CA ALA B 494 -62.80 -2.04 21.74
C ALA B 494 -61.52 -1.23 21.57
N VAL B 495 -61.08 -0.57 22.64
CA VAL B 495 -59.83 0.22 22.58
C VAL B 495 -58.75 -0.57 21.89
N VAL B 496 -58.65 -1.86 22.19
CA VAL B 496 -57.65 -2.69 21.50
C VAL B 496 -57.91 -2.71 20.00
N LEU B 497 -59.16 -2.90 19.60
CA LEU B 497 -59.48 -2.96 18.18
C LEU B 497 -59.32 -1.61 17.50
N GLN B 498 -59.51 -0.53 18.24
CA GLN B 498 -59.33 0.82 17.69
C GLN B 498 -57.85 1.09 17.46
N LEU B 499 -57.00 0.66 18.39
CA LEU B 499 -55.57 0.63 18.12
C LEU B 499 -55.29 -0.19 16.88
N THR B 500 -55.94 -1.35 16.75
CA THR B 500 -55.75 -2.20 15.58
C THR B 500 -56.16 -1.48 14.29
N ALA B 501 -57.20 -0.66 14.37
CA ALA B 501 -57.68 0.05 13.19
C ALA B 501 -56.75 1.20 12.81
N LEU B 502 -56.29 1.95 13.81
CA LEU B 502 -55.25 2.94 13.56
C LEU B 502 -54.03 2.29 12.91
N CYS B 503 -53.67 1.09 13.38
CA CYS B 503 -52.54 0.38 12.80
C CYS B 503 -52.85 -0.11 11.39
N THR B 504 -54.10 -0.48 11.12
CA THR B 504 -54.49 -0.80 9.76
C THR B 504 -54.28 0.40 8.84
N VAL B 505 -54.71 1.57 9.30
CA VAL B 505 -54.63 2.77 8.46
C VAL B 505 -53.18 3.24 8.30
N HIS B 506 -52.35 3.07 9.32
CA HIS B 506 -51.02 3.65 9.32
C HIS B 506 -49.92 2.61 9.19
N CYS B 507 -49.86 1.65 10.11
CA CYS B 507 -48.80 0.65 10.13
C CYS B 507 -49.00 -0.36 9.00
N SER B 508 -48.72 0.08 7.77
CA SER B 508 -48.76 -0.80 6.60
C SER B 508 -47.63 -0.38 5.68
N HIS B 509 -46.56 -1.19 5.63
CA HIS B 509 -45.45 -0.88 4.73
C HIS B 509 -45.94 -0.62 3.32
N GLN B 510 -46.96 -1.36 2.88
CA GLN B 510 -47.60 -1.06 1.61
C GLN B 510 -48.24 0.32 1.64
N ASN B 511 -48.90 0.66 2.76
CA ASN B 511 -49.51 1.98 2.87
C ASN B 511 -48.47 3.09 2.81
N MET B 512 -47.32 2.88 3.46
CA MET B 512 -46.25 3.87 3.48
C MET B 512 -45.02 3.35 2.74
N SER B 529 -46.67 -3.52 -0.96
CA SER B 529 -47.25 -4.81 -1.30
C SER B 529 -47.39 -5.69 -0.06
N VAL B 530 -46.55 -5.42 0.94
CA VAL B 530 -46.54 -6.25 2.14
C VAL B 530 -47.87 -6.16 2.85
N VAL B 531 -48.39 -7.30 3.27
CA VAL B 531 -49.64 -7.37 4.03
C VAL B 531 -49.30 -7.31 5.52
N ILE B 532 -50.24 -6.81 6.30
CA ILE B 532 -50.09 -6.73 7.76
C ILE B 532 -51.39 -7.19 8.39
N THR B 533 -51.29 -8.15 9.30
CA THR B 533 -52.47 -8.75 9.92
C THR B 533 -52.91 -7.96 11.15
N TRP B 534 -54.17 -7.60 11.19
CA TRP B 534 -54.76 -6.90 12.32
C TRP B 534 -55.54 -7.90 13.18
N MET B 535 -56.25 -7.39 14.18
CA MET B 535 -57.11 -8.24 15.00
C MET B 535 -58.01 -9.08 14.10
N SER B 536 -58.22 -10.33 14.52
CA SER B 536 -58.95 -11.28 13.70
C SER B 536 -60.30 -10.72 13.25
N LEU B 537 -60.51 -10.70 11.93
CA LEU B 537 -61.83 -10.33 11.41
C LEU B 537 -62.89 -11.34 11.86
N ASP B 538 -62.50 -12.60 12.01
CA ASP B 538 -63.43 -13.60 12.54
C ASP B 538 -63.77 -13.29 14.01
N PHE B 539 -62.76 -12.91 14.80
CA PHE B 539 -63.04 -12.49 16.17
C PHE B 539 -63.93 -11.26 16.19
N TYR B 540 -63.75 -10.36 15.22
CA TYR B 540 -64.60 -9.18 15.12
C TYR B 540 -66.04 -9.58 14.83
N THR B 541 -66.23 -10.52 13.91
CA THR B 541 -67.58 -11.03 13.66
C THR B 541 -68.16 -11.69 14.91
N LYS B 542 -67.33 -12.41 15.66
CA LYS B 542 -67.78 -13.00 16.91
C LYS B 542 -68.26 -11.92 17.88
N VAL B 543 -67.49 -10.85 18.02
CA VAL B 543 -67.87 -9.77 18.92
C VAL B 543 -69.12 -9.07 18.43
N LEU B 544 -69.28 -8.93 17.11
CA LEU B 544 -70.49 -8.34 16.56
C LEU B 544 -71.71 -9.18 16.93
N LYS B 545 -71.62 -10.49 16.71
CA LYS B 545 -72.70 -11.38 17.12
C LYS B 545 -72.93 -11.30 18.62
N SER B 546 -71.85 -11.10 19.39
CA SER B 546 -71.94 -11.14 20.84
C SER B 546 -72.55 -9.86 21.41
N CYS B 547 -72.46 -8.74 20.70
CA CYS B 547 -72.99 -7.48 21.20
C CYS B 547 -74.47 -7.62 21.54
N ARG B 548 -75.23 -8.28 20.66
CA ARG B 548 -76.66 -8.47 20.90
C ARG B 548 -76.90 -9.14 22.23
N SER B 549 -76.16 -10.22 22.52
CA SER B 549 -76.27 -10.85 23.83
C SER B 549 -75.74 -9.96 24.93
N LEU B 550 -74.78 -9.11 24.62
CA LEU B 550 -74.14 -8.27 25.63
C LEU B 550 -75.14 -7.26 26.18
N LEU B 551 -75.88 -6.59 25.30
CA LEU B 551 -76.94 -5.69 25.77
C LEU B 551 -77.90 -6.42 26.70
N GLU B 552 -78.50 -7.51 26.21
CA GLU B 552 -79.37 -8.31 27.06
C GLU B 552 -78.63 -8.84 28.28
N SER B 553 -77.33 -9.12 28.12
CA SER B 553 -76.59 -9.76 29.20
C SER B 553 -76.30 -8.81 30.36
N VAL B 554 -76.03 -7.53 30.08
CA VAL B 554 -75.47 -6.71 31.15
C VAL B 554 -76.51 -6.42 32.21
N GLN B 555 -77.44 -5.51 31.91
CA GLN B 555 -78.65 -5.30 32.68
C GLN B 555 -79.32 -4.02 32.18
N LYS B 556 -80.60 -3.83 32.50
CA LYS B 556 -81.22 -2.55 32.19
C LYS B 556 -80.42 -1.40 32.79
N LEU B 557 -79.84 -1.61 33.97
CA LEU B 557 -79.07 -0.55 34.62
C LEU B 557 -77.76 -0.26 33.89
N ASP B 558 -77.16 -1.27 33.27
CA ASP B 558 -75.89 -1.12 32.58
C ASP B 558 -76.02 -1.26 31.07
N LEU B 559 -77.24 -1.26 30.54
CA LEU B 559 -77.42 -1.37 29.10
C LEU B 559 -76.73 -0.22 28.37
N GLU B 560 -77.13 1.02 28.68
CA GLU B 560 -76.63 2.20 28.00
C GLU B 560 -75.11 2.18 27.85
N ALA B 561 -74.40 1.75 28.89
CA ALA B 561 -72.94 1.73 28.82
C ALA B 561 -72.45 0.70 27.81
N THR B 562 -73.00 -0.51 27.86
CA THR B 562 -72.62 -1.52 26.88
C THR B 562 -72.94 -1.05 25.47
N ILE B 563 -74.06 -0.33 25.30
CA ILE B 563 -74.41 0.17 23.97
C ILE B 563 -73.42 1.26 23.53
N ASP B 564 -72.94 2.06 24.48
CA ASP B 564 -71.91 3.05 24.13
C ASP B 564 -70.64 2.35 23.66
N LYS B 565 -70.23 1.31 24.38
CA LYS B 565 -69.06 0.54 23.96
C LYS B 565 -69.28 -0.08 22.58
N VAL B 566 -70.48 -0.60 22.34
CA VAL B 566 -70.80 -1.17 21.03
C VAL B 566 -70.70 -0.10 19.96
N VAL B 567 -71.23 1.09 20.24
CA VAL B 567 -71.15 2.19 19.28
C VAL B 567 -69.70 2.51 18.97
N LYS B 568 -68.84 2.52 19.99
CA LYS B 568 -67.44 2.82 19.77
C LYS B 568 -66.79 1.78 18.87
N ILE B 569 -66.91 0.50 19.25
CA ILE B 569 -66.27 -0.56 18.46
C ILE B 569 -66.83 -0.57 17.04
N TYR B 570 -68.13 -0.33 16.91
CA TYR B 570 -68.74 -0.25 15.59
C TYR B 570 -68.11 0.88 14.78
N ASP B 571 -68.18 2.11 15.28
CA ASP B 571 -67.54 3.24 14.64
C ASP B 571 -66.13 2.88 14.17
N ALA B 572 -65.42 2.11 14.98
CA ALA B 572 -64.12 1.61 14.55
C ALA B 572 -64.25 0.75 13.30
N LEU B 573 -65.20 -0.19 13.32
CA LEU B 573 -65.39 -1.07 12.17
C LEU B 573 -65.79 -0.27 10.93
N ILE B 574 -66.60 0.76 11.12
CA ILE B 574 -66.99 1.63 10.00
C ILE B 574 -65.77 2.34 9.43
N TYR B 575 -64.99 2.98 10.30
CA TYR B 575 -63.72 3.56 9.89
C TYR B 575 -62.92 2.56 9.06
N MET B 576 -62.84 1.34 9.60
CA MET B 576 -62.05 0.28 8.92
C MET B 576 -62.82 -0.20 7.69
N GLN B 577 -64.15 -0.09 7.70
CA GLN B 577 -64.92 -0.46 6.48
C GLN B 577 -64.50 0.49 5.34
N VAL B 578 -64.35 1.79 5.64
CA VAL B 578 -63.83 2.69 4.56
C VAL B 578 -62.40 2.26 4.21
N ASN B 579 -61.58 1.97 5.21
CA ASN B 579 -60.16 1.56 4.96
C ASN B 579 -60.11 0.21 4.23
N SER B 580 -60.94 -0.75 4.63
CA SER B 580 -60.89 -2.11 4.04
C SER B 580 -62.31 -2.65 3.87
N SER B 581 -62.53 -3.50 2.86
CA SER B 581 -63.92 -3.95 2.60
C SER B 581 -64.31 -5.17 3.44
N PHE B 582 -65.03 -4.97 4.56
CA PHE B 582 -65.56 -6.12 5.28
C PHE B 582 -66.63 -6.80 4.44
N GLU B 583 -67.07 -7.98 4.92
CA GLU B 583 -68.10 -8.72 4.20
C GLU B 583 -69.39 -7.92 4.13
N ASP B 584 -70.05 -7.97 2.97
CA ASP B 584 -71.24 -7.15 2.75
C ASP B 584 -72.29 -7.42 3.81
N HIS B 585 -72.80 -8.65 3.88
CA HIS B 585 -73.80 -8.98 4.89
C HIS B 585 -73.32 -8.62 6.28
N ILE B 586 -72.02 -8.78 6.55
CA ILE B 586 -71.47 -8.29 7.81
C ILE B 586 -71.52 -6.78 7.85
N LEU B 587 -71.20 -6.12 6.72
CA LEU B 587 -71.30 -4.68 6.66
C LEU B 587 -72.66 -4.20 7.10
N GLU B 588 -73.72 -4.85 6.61
CA GLU B 588 -75.07 -4.55 7.11
C GLU B 588 -75.18 -4.86 8.59
N ASP B 589 -74.82 -6.08 8.98
CA ASP B 589 -74.88 -6.50 10.38
C ASP B 589 -74.33 -5.43 11.31
N LEU B 590 -73.17 -4.88 10.96
CA LEU B 590 -72.60 -3.79 11.76
C LEU B 590 -73.51 -2.57 11.73
N CYS B 591 -74.16 -2.31 10.60
CA CYS B 591 -75.04 -1.15 10.51
C CYS B 591 -76.28 -1.32 11.35
N GLY B 592 -76.88 -2.52 11.34
CA GLY B 592 -78.12 -2.73 12.05
C GLY B 592 -77.97 -2.53 13.55
N MET B 593 -76.99 -3.20 14.15
CA MET B 593 -76.77 -3.02 15.59
C MET B 593 -76.64 -1.56 15.95
N LEU B 594 -76.17 -0.73 15.02
CA LEU B 594 -76.11 0.71 15.26
C LEU B 594 -77.49 1.34 15.08
N SER B 595 -78.19 0.97 14.02
CA SER B 595 -79.43 1.63 13.63
C SER B 595 -80.67 1.04 14.28
N LEU B 596 -80.59 -0.15 14.88
CA LEU B 596 -81.77 -0.78 15.44
C LEU B 596 -82.49 0.10 16.47
N PRO B 597 -81.82 1.00 17.19
CA PRO B 597 -82.57 1.83 18.14
C PRO B 597 -83.65 2.67 17.48
N TRP B 598 -83.35 3.28 16.32
CA TRP B 598 -84.36 4.03 15.60
C TRP B 598 -85.31 3.12 14.83
N ILE B 599 -84.87 1.90 14.52
CA ILE B 599 -85.65 1.00 13.67
C ILE B 599 -87.06 0.82 14.23
N TYR B 600 -87.15 0.50 15.52
CA TYR B 600 -88.44 0.20 16.13
C TYR B 600 -89.25 1.44 16.51
N SER B 601 -88.58 2.57 16.77
CA SER B 601 -89.31 3.80 17.04
C SER B 601 -90.11 4.23 15.82
N HIS B 602 -89.53 4.06 14.63
CA HIS B 602 -90.21 4.32 13.37
C HIS B 602 -90.59 3.04 12.64
N SER B 603 -90.63 1.91 13.34
CA SER B 603 -90.96 0.63 12.73
C SER B 603 -92.30 0.69 12.01
N ASP B 604 -92.54 -0.28 11.12
CA ASP B 604 -93.74 -0.42 10.30
C ASP B 604 -93.72 0.50 9.09
N ASP B 605 -92.67 1.26 8.87
CA ASP B 605 -92.53 2.05 7.66
C ASP B 605 -91.94 1.20 6.55
N GLY B 606 -92.27 1.55 5.31
CA GLY B 606 -91.80 0.76 4.18
C GLY B 606 -90.31 0.54 4.18
N CYS B 607 -89.53 1.58 4.45
CA CYS B 607 -88.08 1.43 4.48
C CYS B 607 -87.64 0.49 5.60
N LEU B 608 -88.44 0.39 6.67
CA LEU B 608 -88.07 -0.49 7.78
C LEU B 608 -88.18 -1.95 7.39
N LYS B 609 -89.29 -2.33 6.76
CA LYS B 609 -89.46 -3.72 6.33
C LYS B 609 -88.32 -4.17 5.44
N LEU B 610 -87.71 -3.24 4.70
CA LEU B 610 -86.58 -3.59 3.85
C LEU B 610 -85.35 -3.95 4.69
N THR B 611 -85.10 -3.19 5.74
CA THR B 611 -83.94 -3.45 6.59
C THR B 611 -84.03 -4.85 7.21
N THR B 612 -82.94 -5.60 7.13
CA THR B 612 -82.93 -6.96 7.64
C THR B 612 -82.90 -7.00 9.16
N PHE B 613 -82.38 -5.97 9.82
CA PHE B 613 -82.24 -5.99 11.27
C PHE B 613 -83.60 -6.00 11.96
N ALA B 614 -84.46 -5.03 11.63
CA ALA B 614 -85.82 -5.01 12.16
C ALA B 614 -86.45 -6.39 12.02
N ALA B 615 -86.15 -7.07 10.91
CA ALA B 615 -86.64 -8.43 10.73
C ALA B 615 -85.87 -9.41 11.61
N ASN B 616 -84.59 -9.14 11.87
CA ASN B 616 -83.75 -10.10 12.58
C ASN B 616 -84.23 -10.31 14.01
N LEU B 617 -84.63 -9.24 14.69
CA LEU B 617 -85.05 -9.31 16.09
C LEU B 617 -86.43 -8.68 16.22
N LEU B 618 -87.41 -9.46 16.69
CA LEU B 618 -88.78 -8.97 16.79
C LEU B 618 -88.88 -7.83 17.79
N THR B 619 -88.36 -8.03 18.99
CA THR B 619 -88.38 -7.01 20.04
C THR B 619 -87.01 -6.66 20.58
N LEU B 620 -85.97 -7.41 20.21
CA LEU B 620 -84.63 -7.11 20.70
C LEU B 620 -84.15 -5.76 20.19
N SER B 621 -84.57 -5.35 18.99
CA SER B 621 -84.20 -4.04 18.49
C SER B 621 -84.78 -2.93 19.37
N CYS B 622 -86.04 -3.08 19.79
CA CYS B 622 -86.62 -2.11 20.70
C CYS B 622 -85.95 -2.15 22.07
N ARG B 623 -85.62 -3.35 22.54
CA ARG B 623 -84.86 -3.45 23.79
C ARG B 623 -83.56 -2.65 23.71
N ILE B 624 -82.80 -2.86 22.63
CA ILE B 624 -81.55 -2.14 22.45
C ILE B 624 -81.79 -0.64 22.38
N SER B 625 -82.77 -0.23 21.57
CA SER B 625 -83.14 1.18 21.50
C SER B 625 -83.33 1.76 22.90
N ASP B 626 -84.06 1.05 23.75
CA ASP B 626 -84.12 1.42 25.15
C ASP B 626 -82.71 1.54 25.74
N SER B 627 -81.84 0.59 25.39
CA SER B 627 -80.46 0.65 25.87
C SER B 627 -79.69 1.81 25.23
N TYR B 628 -79.72 1.90 23.91
CA TYR B 628 -78.90 2.88 23.21
C TYR B 628 -79.35 4.30 23.51
N SER B 629 -78.38 5.20 23.64
CA SER B 629 -78.69 6.60 23.90
C SER B 629 -79.09 7.31 22.62
N PRO B 630 -79.83 8.41 22.72
CA PRO B 630 -80.21 9.15 21.51
C PRO B 630 -79.02 9.75 20.78
N GLN B 631 -78.07 10.35 21.51
CA GLN B 631 -76.85 10.82 20.87
C GLN B 631 -76.05 9.66 20.29
N ALA B 632 -76.00 8.55 21.03
CA ALA B 632 -75.40 7.34 20.48
C ALA B 632 -76.12 6.90 19.22
N GLN B 633 -77.45 7.01 19.22
CA GLN B 633 -78.20 6.65 18.03
C GLN B 633 -77.89 7.57 16.86
N SER B 634 -77.61 8.84 17.14
CA SER B 634 -77.24 9.77 16.08
C SER B 634 -75.88 9.43 15.49
N ARG B 635 -74.89 9.14 16.35
CA ARG B 635 -73.61 8.65 15.87
C ARG B 635 -73.79 7.38 15.04
N CYS B 636 -74.68 6.49 15.49
CA CYS B 636 -74.94 5.27 14.75
C CYS B 636 -75.59 5.56 13.40
N VAL B 637 -76.40 6.61 13.34
CA VAL B 637 -77.01 6.99 12.07
C VAL B 637 -75.94 7.49 11.10
N PHE B 638 -75.02 8.30 11.61
CA PHE B 638 -73.89 8.71 10.77
C PHE B 638 -73.13 7.49 10.27
N LEU B 639 -72.88 6.53 11.15
CA LEU B 639 -72.19 5.30 10.73
C LEU B 639 -72.97 4.56 9.66
N LEU B 640 -74.29 4.41 9.86
CA LEU B 640 -75.11 3.70 8.89
C LEU B 640 -75.06 4.37 7.53
N THR B 641 -75.10 5.70 7.51
CA THR B 641 -74.88 6.43 6.26
C THR B 641 -73.52 6.07 5.68
N LEU B 642 -72.50 5.98 6.52
CA LEU B 642 -71.18 5.59 6.03
C LEU B 642 -71.21 4.18 5.45
N PHE B 643 -72.02 3.30 6.03
CA PHE B 643 -71.99 1.89 5.65
C PHE B 643 -72.30 1.73 4.16
N PRO B 644 -71.80 0.66 3.52
CA PRO B 644 -71.94 0.52 2.07
C PRO B 644 -73.35 0.76 1.54
N ARG B 645 -73.44 1.35 0.34
CA ARG B 645 -74.74 1.61 -0.26
C ARG B 645 -75.45 0.31 -0.62
N ARG B 646 -74.71 -0.66 -1.15
CA ARG B 646 -75.32 -1.90 -1.62
C ARG B 646 -76.29 -2.48 -0.60
N ILE B 647 -76.02 -2.32 0.68
CA ILE B 647 -76.84 -2.89 1.74
C ILE B 647 -77.53 -1.75 2.48
N PHE B 648 -78.82 -1.61 2.26
CA PHE B 648 -79.66 -0.70 3.06
C PHE B 648 -79.22 0.75 2.96
N LEU B 649 -78.69 1.16 1.80
CA LEU B 649 -78.40 2.58 1.59
C LEU B 649 -79.67 3.41 1.76
N GLU B 650 -80.73 3.02 1.07
CA GLU B 650 -82.04 3.62 1.33
C GLU B 650 -82.39 3.56 2.80
N TRP B 651 -81.97 2.50 3.49
CA TRP B 651 -82.23 2.39 4.91
C TRP B 651 -81.50 3.47 5.70
N ARG B 652 -80.24 3.73 5.33
CA ARG B 652 -79.49 4.80 5.99
C ARG B 652 -80.15 6.15 5.75
N THR B 653 -80.53 6.43 4.50
CA THR B 653 -81.24 7.67 4.22
C THR B 653 -82.52 7.77 5.03
N ALA B 654 -83.25 6.66 5.16
CA ALA B 654 -84.50 6.66 5.91
C ALA B 654 -84.26 6.94 7.38
N VAL B 655 -83.17 6.40 7.94
CA VAL B 655 -82.87 6.65 9.35
C VAL B 655 -82.48 8.11 9.54
N TYR B 656 -81.73 8.69 8.60
CA TYR B 656 -81.45 10.11 8.66
C TYR B 656 -82.74 10.91 8.66
N ASN B 657 -83.66 10.58 7.75
CA ASN B 657 -84.96 11.25 7.72
C ASN B 657 -85.69 11.08 9.06
N TRP B 658 -85.61 9.89 9.65
CA TRP B 658 -86.23 9.65 10.95
C TRP B 658 -85.72 10.64 11.98
N ALA B 659 -84.39 10.73 12.12
CA ALA B 659 -83.81 11.67 13.07
C ALA B 659 -83.96 13.13 12.64
N LEU B 660 -84.44 13.38 11.42
CA LEU B 660 -84.54 14.71 10.87
C LEU B 660 -84.89 15.82 11.86
N GLN B 661 -85.88 15.58 12.73
CA GLN B 661 -86.43 16.66 13.55
C GLN B 661 -85.86 16.69 14.96
N SER B 662 -84.84 15.88 15.26
CA SER B 662 -84.25 15.89 16.59
C SER B 662 -83.78 17.28 16.97
N SER B 663 -84.02 17.66 18.22
CA SER B 663 -83.70 19.02 18.67
C SER B 663 -82.19 19.22 18.82
N HIS B 664 -81.52 18.28 19.48
CA HIS B 664 -80.10 18.42 19.74
C HIS B 664 -79.32 18.56 18.44
N GLU B 665 -78.33 19.45 18.44
CA GLU B 665 -77.57 19.75 17.23
C GLU B 665 -76.64 18.61 16.82
N VAL B 666 -76.25 17.74 17.76
CA VAL B 666 -75.30 16.69 17.44
C VAL B 666 -75.88 15.69 16.45
N ILE B 667 -77.11 15.23 16.70
CA ILE B 667 -77.74 14.29 15.79
C ILE B 667 -77.90 14.92 14.42
N ARG B 668 -78.35 16.17 14.36
CA ARG B 668 -78.53 16.83 13.07
C ARG B 668 -77.20 16.95 12.34
N ALA B 669 -76.13 17.31 13.04
CA ALA B 669 -74.84 17.48 12.38
C ALA B 669 -74.31 16.14 11.87
N SER B 670 -74.40 15.10 12.68
CA SER B 670 -73.95 13.78 12.24
C SER B 670 -74.72 13.32 11.02
N CYS B 671 -76.06 13.43 11.07
CA CYS B 671 -76.88 13.00 9.95
C CYS B 671 -76.60 13.82 8.70
N VAL B 672 -76.35 15.13 8.86
CA VAL B 672 -76.02 15.96 7.71
C VAL B 672 -74.71 15.51 7.09
N SER B 673 -73.68 15.35 7.92
CA SER B 673 -72.39 14.91 7.41
C SER B 673 -72.50 13.57 6.69
N GLY B 674 -73.34 12.67 7.21
CA GLY B 674 -73.45 11.36 6.61
C GLY B 674 -74.32 11.32 5.37
N PHE B 675 -75.31 12.21 5.29
CA PHE B 675 -76.27 12.14 4.18
C PHE B 675 -75.60 12.47 2.85
N PHE B 676 -74.66 13.41 2.84
CA PHE B 676 -73.98 13.74 1.60
C PHE B 676 -73.16 12.56 1.09
N ILE B 677 -72.36 11.96 1.97
CA ILE B 677 -71.57 10.79 1.58
C ILE B 677 -72.49 9.67 1.10
N LEU B 678 -73.60 9.45 1.79
CA LEU B 678 -74.52 8.40 1.40
C LEU B 678 -75.11 8.67 0.01
N LEU B 679 -75.73 9.83 -0.16
CA LEU B 679 -76.33 10.18 -1.45
C LEU B 679 -75.31 10.08 -2.57
N GLN B 680 -74.07 10.48 -2.32
CA GLN B 680 -73.02 10.29 -3.31
C GLN B 680 -72.82 8.80 -3.61
N GLN B 681 -72.78 7.98 -2.55
CA GLN B 681 -72.79 6.54 -2.76
C GLN B 681 -74.02 6.10 -3.56
N GLN B 682 -75.12 6.82 -3.40
CA GLN B 682 -76.34 6.59 -4.17
C GLN B 682 -76.28 7.37 -5.48
N ASN B 683 -77.42 7.53 -6.15
CA ASN B 683 -77.46 8.18 -7.45
C ASN B 683 -78.09 9.57 -7.31
N SER B 684 -77.83 10.40 -8.32
CA SER B 684 -78.58 11.64 -8.55
C SER B 684 -78.29 12.71 -7.51
N CYS B 685 -77.02 12.81 -7.09
CA CYS B 685 -76.61 13.89 -6.19
C CYS B 685 -76.13 15.09 -7.01
N ASN B 686 -77.08 15.68 -7.75
CA ASN B 686 -76.75 16.77 -8.66
C ASN B 686 -76.45 18.05 -7.89
N ARG B 687 -77.22 18.34 -6.84
CA ARG B 687 -77.05 19.55 -6.06
C ARG B 687 -77.16 19.22 -4.58
N VAL B 688 -76.65 20.14 -3.77
CA VAL B 688 -76.75 19.94 -2.31
C VAL B 688 -78.21 19.77 -1.94
N PRO B 689 -78.55 18.88 -1.01
CA PRO B 689 -79.96 18.61 -0.75
C PRO B 689 -80.70 19.86 -0.25
N LYS B 690 -81.89 20.08 -0.81
CA LYS B 690 -82.73 21.16 -0.32
C LYS B 690 -83.14 20.92 1.13
N ILE B 691 -83.37 19.66 1.50
CA ILE B 691 -83.69 19.33 2.88
C ILE B 691 -82.53 19.66 3.78
N LEU B 692 -81.30 19.37 3.33
CA LEU B 692 -80.12 19.71 4.12
C LEU B 692 -79.99 21.22 4.27
N ILE B 693 -80.23 21.96 3.18
CA ILE B 693 -80.17 23.41 3.25
C ILE B 693 -81.21 23.94 4.23
N ASP B 694 -82.40 23.34 4.24
CA ASP B 694 -83.43 23.75 5.18
C ASP B 694 -83.01 23.48 6.61
N LYS B 695 -82.41 22.30 6.85
CA LYS B 695 -81.82 22.05 8.16
C LYS B 695 -80.78 23.11 8.50
N VAL B 696 -79.93 23.44 7.52
CA VAL B 696 -79.02 24.56 7.70
C VAL B 696 -79.81 25.85 7.94
N LYS B 697 -80.91 26.02 7.20
CA LYS B 697 -81.77 27.16 7.43
C LYS B 697 -82.36 27.12 8.84
N ASP B 698 -82.65 25.93 9.34
CA ASP B 698 -83.13 25.79 10.70
C ASP B 698 -82.05 26.27 11.68
N ASP B 699 -82.50 26.65 12.88
CA ASP B 699 -81.64 27.22 13.91
C ASP B 699 -80.61 26.19 14.39
N SER B 700 -79.95 26.51 15.51
CA SER B 700 -78.84 25.71 16.01
C SER B 700 -77.52 25.91 15.25
N ASP B 701 -76.91 27.07 15.47
CA ASP B 701 -75.62 27.41 14.86
C ASP B 701 -74.66 26.23 14.80
N ILE B 702 -74.61 25.40 15.85
CA ILE B 702 -73.67 24.27 15.86
C ILE B 702 -73.84 23.45 14.60
N VAL B 703 -75.09 23.15 14.28
CA VAL B 703 -75.38 22.41 13.06
C VAL B 703 -74.79 23.15 11.87
N LYS B 704 -74.80 24.50 11.92
CA LYS B 704 -74.29 25.30 10.81
C LYS B 704 -72.76 25.23 10.69
N LYS B 705 -72.06 25.20 11.82
CA LYS B 705 -70.62 24.97 11.76
C LYS B 705 -70.34 23.61 11.14
N GLU B 706 -71.08 22.60 11.58
CA GLU B 706 -71.01 21.30 10.92
C GLU B 706 -71.21 21.44 9.43
N PHE B 707 -72.15 22.31 9.01
CA PHE B 707 -72.45 22.43 7.58
C PHE B 707 -71.33 23.12 6.84
N ALA B 708 -70.66 24.08 7.45
CA ALA B 708 -69.51 24.70 6.79
C ALA B 708 -68.44 23.66 6.53
N SER B 709 -68.08 22.91 7.58
CA SER B 709 -67.14 21.80 7.37
C SER B 709 -67.67 20.84 6.31
N ILE B 710 -68.98 20.59 6.32
CA ILE B 710 -69.58 19.66 5.37
C ILE B 710 -69.48 20.19 3.96
N LEU B 711 -69.65 21.50 3.78
CA LEU B 711 -69.59 22.10 2.46
C LEU B 711 -68.19 21.99 1.89
N GLY B 712 -67.19 22.17 2.75
CA GLY B 712 -65.83 21.84 2.33
C GLY B 712 -65.76 20.52 1.60
N GLN B 713 -66.35 19.48 2.19
CA GLN B 713 -66.40 18.17 1.54
C GLN B 713 -67.43 18.13 0.42
N LEU B 714 -68.44 18.99 0.49
CA LEU B 714 -69.60 18.85 -0.37
C LEU B 714 -69.29 19.29 -1.79
N VAL B 715 -68.47 20.33 -1.92
CA VAL B 715 -68.09 20.77 -3.26
C VAL B 715 -67.41 19.64 -4.02
N CYS B 716 -66.57 18.86 -3.35
CA CYS B 716 -65.98 17.69 -4.00
C CYS B 716 -67.00 16.56 -4.11
N THR B 717 -67.86 16.45 -3.10
CA THR B 717 -68.87 15.38 -3.09
C THR B 717 -69.73 15.51 -4.32
N LEU B 718 -70.10 16.73 -4.68
CA LEU B 718 -70.85 16.89 -5.96
C LEU B 718 -69.94 16.44 -7.12
N HIS B 719 -68.66 16.82 -7.10
CA HIS B 719 -67.72 16.42 -8.18
C HIS B 719 -67.51 14.90 -8.20
N GLY B 720 -67.37 14.27 -7.03
CA GLY B 720 -67.09 12.82 -6.98
C GLY B 720 -68.11 12.06 -6.16
N MET B 721 -68.64 10.97 -6.71
CA MET B 721 -69.73 10.23 -6.01
C MET B 721 -69.14 9.24 -5.00
N PHE B 722 -68.95 9.66 -3.74
CA PHE B 722 -68.54 8.73 -2.68
C PHE B 722 -67.17 8.12 -2.96
N TYR B 723 -66.19 8.97 -3.27
CA TYR B 723 -64.81 8.52 -3.32
C TYR B 723 -64.39 8.05 -1.94
N LEU B 724 -63.58 6.98 -1.91
CA LEU B 724 -63.18 6.35 -0.66
C LEU B 724 -61.67 6.45 -0.49
N THR B 725 -61.23 6.89 0.68
CA THR B 725 -59.80 6.99 0.97
C THR B 725 -59.62 7.06 2.48
N SER B 726 -58.52 6.49 2.96
CA SER B 726 -58.21 6.52 4.38
C SER B 726 -57.67 7.89 4.77
N SER B 727 -58.07 8.38 5.94
CA SER B 727 -57.61 9.66 6.43
C SER B 727 -56.11 9.60 6.72
N LEU B 728 -55.37 10.58 6.20
CA LEU B 728 -53.92 10.60 6.39
C LEU B 728 -53.57 10.92 7.84
N THR B 729 -54.34 11.80 8.48
CA THR B 729 -54.01 12.24 9.84
C THR B 729 -53.95 11.05 10.79
N GLU B 730 -53.12 11.19 11.81
CA GLU B 730 -53.01 10.19 12.88
C GLU B 730 -53.27 10.87 14.21
N PRO B 731 -54.28 10.45 14.98
CA PRO B 731 -54.65 11.19 16.19
C PRO B 731 -53.66 11.04 17.33
N PHE B 732 -52.37 11.24 17.05
CA PHE B 732 -51.38 11.18 18.11
C PHE B 732 -51.63 12.26 19.16
N SER B 733 -51.98 13.46 18.72
CA SER B 733 -52.32 14.55 19.62
C SER B 733 -53.81 14.70 19.82
N GLU B 734 -54.62 13.88 19.15
CA GLU B 734 -56.07 14.01 19.25
C GLU B 734 -56.55 13.57 20.64
N HIS B 735 -57.81 13.88 20.92
CA HIS B 735 -58.39 13.49 22.20
C HIS B 735 -58.38 11.98 22.38
N GLY B 736 -58.30 11.22 21.29
CA GLY B 736 -58.30 9.78 21.38
C GLY B 736 -59.66 9.14 21.60
N HIS B 737 -60.74 9.92 21.52
CA HIS B 737 -62.07 9.35 21.66
C HIS B 737 -62.33 8.38 20.52
N VAL B 738 -62.80 7.18 20.88
CA VAL B 738 -62.97 6.12 19.89
C VAL B 738 -63.92 6.56 18.78
N ASP B 739 -65.02 7.21 19.15
CA ASP B 739 -66.04 7.58 18.18
C ASP B 739 -65.48 8.58 17.17
N LEU B 740 -66.24 8.81 16.10
CA LEU B 740 -65.88 9.72 15.02
C LEU B 740 -64.66 9.26 14.24
N PHE B 741 -64.23 8.01 14.44
CA PHE B 741 -63.09 7.48 13.69
C PHE B 741 -63.35 7.57 12.19
N CYS B 742 -64.43 6.93 11.74
CA CYS B 742 -64.77 6.99 10.32
C CYS B 742 -64.97 8.43 9.85
N ARG B 743 -65.40 9.33 10.74
CA ARG B 743 -65.52 10.73 10.38
C ARG B 743 -64.16 11.34 10.05
N ASN B 744 -63.09 10.83 10.66
CA ASN B 744 -61.76 11.37 10.40
C ASN B 744 -61.35 11.18 8.95
N LEU B 745 -61.79 10.09 8.33
CA LEU B 745 -61.43 9.84 6.93
C LEU B 745 -62.03 10.92 6.04
N LYS B 746 -61.17 11.56 5.24
CA LYS B 746 -61.57 12.58 4.28
C LYS B 746 -61.28 12.08 2.88
N ALA B 747 -62.29 12.10 2.01
CA ALA B 747 -62.18 11.55 0.67
C ALA B 747 -62.57 12.60 -0.36
N THR B 748 -61.78 12.67 -1.44
CA THR B 748 -62.04 13.57 -2.54
C THR B 748 -61.89 12.81 -3.86
N SER B 749 -62.74 13.13 -4.83
CA SER B 749 -62.68 12.46 -6.12
C SER B 749 -61.28 12.59 -6.72
N GLN B 750 -60.77 11.47 -7.24
CA GLN B 750 -59.40 11.43 -7.72
C GLN B 750 -59.18 12.43 -8.86
N HIS B 751 -60.06 12.44 -9.85
CA HIS B 751 -59.91 13.27 -11.03
C HIS B 751 -61.07 14.23 -11.26
N GLU B 752 -62.10 14.21 -10.42
CA GLU B 752 -63.24 15.08 -10.64
C GLU B 752 -62.92 16.52 -10.26
N CYS B 753 -62.21 16.73 -9.15
CA CYS B 753 -61.94 18.08 -8.68
C CYS B 753 -61.19 18.90 -9.73
N SER B 754 -60.12 18.33 -10.30
CA SER B 754 -59.31 19.07 -11.24
C SER B 754 -60.14 19.61 -12.40
N SER B 755 -60.79 18.71 -13.14
CA SER B 755 -61.64 19.09 -14.27
C SER B 755 -63.06 19.42 -13.82
N SER B 756 -63.25 19.74 -12.55
CA SER B 756 -64.60 20.02 -12.04
C SER B 756 -65.21 21.23 -12.75
N GLN B 757 -64.53 22.37 -12.68
CA GLN B 757 -65.08 23.62 -13.22
C GLN B 757 -66.44 23.91 -12.60
N LEU B 758 -66.58 23.59 -11.31
CA LEU B 758 -67.87 23.71 -10.65
C LEU B 758 -68.46 25.10 -10.83
N LYS B 759 -69.78 25.15 -10.92
CA LYS B 759 -70.48 26.41 -11.12
C LYS B 759 -70.53 27.21 -9.83
N ALA B 760 -70.35 28.54 -9.95
CA ALA B 760 -70.47 29.41 -8.79
C ALA B 760 -71.87 29.35 -8.19
N SER B 761 -72.88 29.06 -9.02
CA SER B 761 -74.25 29.01 -8.52
C SER B 761 -74.40 27.95 -7.45
N VAL B 762 -73.89 26.74 -7.70
CA VAL B 762 -73.93 25.70 -6.69
C VAL B 762 -73.25 26.17 -5.41
N CYS B 763 -72.26 27.06 -5.53
CA CYS B 763 -71.62 27.61 -4.36
C CYS B 763 -72.55 28.55 -3.60
N LYS B 764 -73.33 29.35 -4.33
CA LYS B 764 -74.20 30.33 -3.69
C LYS B 764 -75.05 29.75 -2.57
N PRO B 765 -75.55 28.52 -2.66
CA PRO B 765 -76.34 27.99 -1.53
C PRO B 765 -75.61 28.07 -0.20
N PHE B 766 -74.40 27.51 -0.13
CA PHE B 766 -73.61 27.61 1.09
C PHE B 766 -73.37 29.07 1.46
N LEU B 767 -72.84 29.85 0.53
CA LEU B 767 -72.65 31.28 0.76
C LEU B 767 -73.94 31.95 1.20
N PHE B 768 -75.08 31.31 0.95
CA PHE B 768 -76.36 31.81 1.40
C PHE B 768 -76.63 31.44 2.85
N LEU B 769 -76.38 30.19 3.22
CA LEU B 769 -76.40 29.82 4.63
C LEU B 769 -75.48 30.73 5.44
N LEU B 770 -74.44 31.26 4.82
CA LEU B 770 -73.57 32.24 5.47
C LEU B 770 -74.15 33.64 5.31
N LYS B 771 -73.88 34.48 6.32
CA LYS B 771 -74.33 35.86 6.27
C LYS B 771 -73.66 36.64 7.39
N LYS B 772 -73.34 37.90 7.13
CA LYS B 772 -72.76 38.78 8.13
C LYS B 772 -73.55 38.69 9.43
N LYS B 773 -74.84 38.38 9.32
CA LYS B 773 -75.66 38.12 10.50
C LYS B 773 -75.36 36.76 11.10
N ILE B 774 -75.01 35.78 10.27
CA ILE B 774 -74.69 34.43 10.74
C ILE B 774 -73.50 34.53 11.70
N PRO B 775 -73.39 33.64 12.69
CA PRO B 775 -72.29 33.75 13.65
C PRO B 775 -70.93 33.63 12.97
N SER B 776 -69.94 34.28 13.58
CA SER B 776 -68.59 34.38 13.03
C SER B 776 -67.84 33.04 13.00
N PRO B 777 -68.03 32.15 13.98
CA PRO B 777 -67.27 30.90 13.98
C PRO B 777 -67.67 29.96 12.83
N VAL B 778 -68.98 29.79 12.66
CA VAL B 778 -69.48 29.09 11.48
C VAL B 778 -68.85 29.70 10.23
N LYS B 779 -68.79 31.03 10.19
CA LYS B 779 -68.22 31.74 9.05
C LYS B 779 -66.76 31.40 8.85
N LEU B 780 -66.02 31.24 9.94
CA LEU B 780 -64.60 30.91 9.83
C LEU B 780 -64.40 29.52 9.24
N ALA B 781 -65.07 28.53 9.83
CA ALA B 781 -65.03 27.19 9.23
C ALA B 781 -65.42 27.25 7.76
N PHE B 782 -66.42 28.09 7.45
CA PHE B 782 -66.86 28.23 6.07
C PHE B 782 -65.78 28.83 5.19
N ILE B 783 -65.00 29.78 5.70
CA ILE B 783 -63.91 30.35 4.91
C ILE B 783 -62.88 29.27 4.59
N ASP B 784 -62.55 28.46 5.59
CA ASP B 784 -61.68 27.33 5.37
C ASP B 784 -62.19 26.48 4.20
N ASN B 785 -63.43 26.00 4.30
CA ASN B 785 -63.98 25.19 3.22
C ASN B 785 -64.06 25.98 1.91
N LEU B 786 -64.21 27.29 2.00
CA LEU B 786 -64.53 28.12 0.86
C LEU B 786 -63.32 28.35 -0.02
N HIS B 787 -62.12 28.33 0.54
CA HIS B 787 -60.93 28.39 -0.32
C HIS B 787 -60.99 27.30 -1.39
N HIS B 788 -61.16 26.05 -0.98
CA HIS B 788 -61.26 24.95 -1.92
C HIS B 788 -62.50 25.07 -2.79
N LEU B 789 -63.65 25.37 -2.17
CA LEU B 789 -64.87 25.57 -2.94
C LEU B 789 -64.63 26.52 -4.12
N CYS B 790 -63.97 27.66 -3.86
CA CYS B 790 -63.70 28.65 -4.89
C CYS B 790 -62.70 28.16 -5.91
N LYS B 791 -61.68 27.41 -5.48
CA LYS B 791 -60.84 26.72 -6.45
C LYS B 791 -61.70 25.93 -7.42
N HIS B 792 -62.78 25.32 -6.92
CA HIS B 792 -63.71 24.62 -7.79
C HIS B 792 -64.45 25.60 -8.70
N LEU B 793 -64.84 26.74 -8.15
CA LEU B 793 -65.66 27.70 -8.94
C LEU B 793 -64.90 28.18 -10.18
N ASP B 794 -65.64 28.51 -11.24
CA ASP B 794 -65.00 29.09 -12.44
C ASP B 794 -65.46 30.55 -12.50
N PHE B 795 -64.53 31.49 -12.60
CA PHE B 795 -64.90 32.93 -12.55
C PHE B 795 -65.17 33.36 -13.98
N ARG B 796 -64.35 32.88 -14.91
CA ARG B 796 -64.61 33.16 -16.34
C ARG B 796 -66.01 32.64 -16.67
N GLU B 797 -66.27 31.34 -16.43
CA GLU B 797 -67.61 30.75 -16.67
C GLU B 797 -68.62 31.34 -15.67
N ASP B 798 -69.88 31.52 -16.08
CA ASP B 798 -70.94 32.00 -15.14
C ASP B 798 -70.46 33.31 -14.52
N GLU B 799 -69.83 34.19 -15.32
CA GLU B 799 -69.24 35.45 -14.78
C GLU B 799 -70.25 36.19 -13.91
N THR B 800 -71.52 35.76 -13.87
CA THR B 800 -72.51 36.52 -13.14
C THR B 800 -72.82 35.87 -11.78
N ASP B 801 -73.17 34.57 -11.80
CA ASP B 801 -73.33 33.86 -10.53
C ASP B 801 -72.04 33.82 -9.76
N VAL B 802 -70.89 33.79 -10.45
CA VAL B 802 -69.63 33.84 -9.74
C VAL B 802 -69.38 35.23 -9.18
N LYS B 803 -69.93 36.27 -9.82
CA LYS B 803 -69.84 37.61 -9.23
C LYS B 803 -70.71 37.71 -7.98
N ALA B 804 -71.86 37.05 -7.97
CA ALA B 804 -72.66 36.98 -6.75
C ALA B 804 -71.93 36.22 -5.65
N VAL B 805 -71.32 35.09 -6.00
CA VAL B 805 -70.46 34.37 -5.07
C VAL B 805 -69.36 35.29 -4.57
N LEU B 806 -68.85 36.16 -5.44
CA LEU B 806 -67.83 37.12 -5.04
C LEU B 806 -68.40 38.15 -4.07
N GLY B 807 -69.65 38.52 -4.26
CA GLY B 807 -70.30 39.39 -3.29
C GLY B 807 -70.34 38.75 -1.92
N THR B 808 -70.70 37.46 -1.88
CA THR B 808 -70.68 36.74 -0.61
C THR B 808 -69.27 36.66 -0.04
N LEU B 809 -68.28 36.45 -0.89
CA LEU B 809 -66.89 36.33 -0.44
C LEU B 809 -66.38 37.64 0.12
N LEU B 810 -66.65 38.74 -0.57
CA LEU B 810 -66.31 40.06 -0.05
C LEU B 810 -67.11 40.41 1.19
N ASN B 811 -68.32 39.85 1.34
CA ASN B 811 -69.04 39.97 2.61
C ASN B 811 -68.23 39.33 3.73
N LEU B 812 -67.83 38.07 3.53
CA LEU B 812 -66.88 37.45 4.46
C LEU B 812 -65.70 38.38 4.72
N MET B 813 -65.22 39.03 3.66
CA MET B 813 -64.15 40.00 3.79
C MET B 813 -64.56 41.17 4.67
N GLU B 814 -65.85 41.45 4.75
CA GLU B 814 -66.38 42.55 5.54
C GLU B 814 -67.10 42.08 6.81
N ASP B 815 -67.10 40.78 7.08
CA ASP B 815 -67.78 40.25 8.25
C ASP B 815 -67.24 40.92 9.52
N PRO B 816 -67.98 40.86 10.63
CA PRO B 816 -67.53 41.56 11.83
C PRO B 816 -66.30 40.93 12.47
N ASP B 817 -66.25 39.62 12.57
CA ASP B 817 -65.12 38.95 13.23
C ASP B 817 -63.87 39.10 12.39
N LYS B 818 -62.80 39.61 13.01
CA LYS B 818 -61.56 39.84 12.29
C LYS B 818 -61.02 38.55 11.67
N ASP B 819 -61.20 37.42 12.37
CA ASP B 819 -60.64 36.16 11.91
C ASP B 819 -61.27 35.73 10.60
N VAL B 820 -62.58 35.93 10.44
CA VAL B 820 -63.22 35.57 9.19
C VAL B 820 -62.61 36.37 8.05
N ARG B 821 -62.37 37.66 8.28
CA ARG B 821 -61.81 38.51 7.25
C ARG B 821 -60.37 38.14 6.92
N VAL B 822 -59.60 37.73 7.93
CA VAL B 822 -58.21 37.35 7.67
C VAL B 822 -58.15 36.01 6.93
N ALA B 823 -59.02 35.08 7.30
CA ALA B 823 -59.11 33.83 6.56
C ALA B 823 -59.52 34.08 5.12
N PHE B 824 -60.47 34.99 4.90
CA PHE B 824 -60.81 35.34 3.54
C PHE B 824 -59.67 36.07 2.84
N SER B 825 -58.83 36.78 3.59
CA SER B 825 -57.64 37.37 2.99
C SER B 825 -56.72 36.28 2.45
N GLY B 826 -56.42 35.30 3.29
CA GLY B 826 -55.68 34.14 2.82
C GLY B 826 -56.35 33.51 1.62
N ASN B 827 -57.69 33.48 1.61
CA ASN B 827 -58.41 32.86 0.51
C ASN B 827 -58.30 33.68 -0.77
N ILE B 828 -58.28 35.01 -0.66
CA ILE B 828 -58.44 35.86 -1.83
C ILE B 828 -57.36 35.61 -2.86
N LYS B 829 -56.15 35.27 -2.42
CA LYS B 829 -55.12 34.87 -3.37
C LYS B 829 -55.53 33.58 -4.08
N HIS B 830 -56.03 32.60 -3.32
CA HIS B 830 -56.54 31.38 -3.95
C HIS B 830 -57.67 31.69 -4.92
N ILE B 831 -58.44 32.74 -4.64
CA ILE B 831 -59.54 33.12 -5.51
C ILE B 831 -59.01 33.69 -6.80
N LEU B 832 -58.08 34.65 -6.71
CA LEU B 832 -57.39 35.14 -7.89
C LEU B 832 -56.76 34.01 -8.68
N GLU B 833 -56.35 32.94 -7.99
CA GLU B 833 -55.83 31.77 -8.68
C GLU B 833 -56.96 30.98 -9.35
N SER B 834 -58.14 30.95 -8.73
CA SER B 834 -59.25 30.19 -9.27
C SER B 834 -59.73 30.78 -10.59
N LEU B 835 -59.83 32.12 -10.67
CA LEU B 835 -60.09 32.76 -11.94
C LEU B 835 -58.92 32.55 -12.88
N ASP B 836 -59.21 32.31 -14.16
CA ASP B 836 -58.15 32.20 -15.15
C ASP B 836 -57.22 33.41 -15.06
N SER B 837 -57.81 34.61 -15.08
CA SER B 837 -57.10 35.85 -14.83
C SER B 837 -58.01 36.79 -14.07
N GLU B 838 -57.40 37.79 -13.44
CA GLU B 838 -58.18 38.82 -12.75
C GLU B 838 -58.99 39.61 -13.77
N ASP B 839 -60.30 39.67 -13.58
CA ASP B 839 -61.14 40.42 -14.48
C ASP B 839 -60.95 41.91 -14.27
N GLY B 840 -60.84 42.65 -15.37
CA GLY B 840 -60.89 44.10 -15.26
C GLY B 840 -62.12 44.56 -14.52
N PHE B 841 -63.24 43.89 -14.78
CA PHE B 841 -64.50 44.22 -14.07
C PHE B 841 -64.35 43.78 -12.62
N ILE B 842 -63.73 42.62 -12.38
CA ILE B 842 -63.49 42.17 -10.98
C ILE B 842 -62.56 43.19 -10.32
N LYS B 843 -61.57 43.68 -11.07
CA LYS B 843 -60.65 44.71 -10.50
C LYS B 843 -61.49 45.94 -10.18
N GLU B 844 -62.43 46.30 -11.04
CA GLU B 844 -63.33 47.44 -10.75
C GLU B 844 -64.16 47.10 -9.51
N LEU B 845 -64.62 45.85 -9.41
CA LEU B 845 -65.39 45.41 -8.21
C LEU B 845 -64.48 45.60 -6.98
N PHE B 846 -63.20 45.26 -7.09
CA PHE B 846 -62.30 45.50 -5.97
C PHE B 846 -62.26 46.98 -5.62
N VAL B 847 -62.24 47.83 -6.63
CA VAL B 847 -62.23 49.28 -6.38
C VAL B 847 -63.56 49.72 -5.81
N LEU B 848 -64.65 49.09 -6.25
CA LEU B 848 -65.95 49.37 -5.66
C LEU B 848 -66.01 48.91 -4.22
N ARG B 849 -65.38 47.77 -3.92
CA ARG B 849 -65.25 47.33 -2.53
C ARG B 849 -64.39 48.29 -1.75
N MET B 850 -63.42 48.93 -2.41
CA MET B 850 -62.60 49.93 -1.74
C MET B 850 -63.40 51.19 -1.45
N LYS B 851 -64.32 51.55 -2.34
CA LYS B 851 -65.20 52.69 -2.08
C LYS B 851 -66.19 52.37 -0.97
N GLU B 852 -66.81 51.19 -1.04
CA GLU B 852 -67.62 50.70 0.08
C GLU B 852 -66.79 50.69 1.35
N ALA B 853 -65.50 50.40 1.24
CA ALA B 853 -64.63 50.37 2.41
C ALA B 853 -64.33 51.77 2.90
N TYR B 854 -64.31 52.75 2.01
CA TYR B 854 -64.17 54.14 2.42
C TYR B 854 -65.40 54.60 3.19
N THR B 855 -66.58 54.26 2.66
CA THR B 855 -67.82 54.53 3.38
C THR B 855 -67.81 53.86 4.75
N HIS B 856 -67.39 52.59 4.80
CA HIS B 856 -67.27 51.89 6.07
C HIS B 856 -66.24 52.56 6.97
N ALA B 857 -65.14 53.04 6.39
CA ALA B 857 -64.07 53.64 7.15
C ALA B 857 -64.56 54.87 7.88
N GLN B 858 -65.32 55.72 7.19
CA GLN B 858 -65.97 56.81 7.90
C GLN B 858 -67.03 56.28 8.87
N ILE B 859 -67.72 55.20 8.49
CA ILE B 859 -68.75 54.63 9.35
C ILE B 859 -68.15 54.10 10.64
N SER B 860 -67.10 53.29 10.54
CA SER B 860 -66.47 52.72 11.72
C SER B 860 -65.34 53.57 12.27
N ARG B 861 -64.71 54.39 11.43
CA ARG B 861 -63.60 55.25 11.87
C ARG B 861 -62.59 54.45 12.68
N ASN B 862 -62.47 53.16 12.39
CA ASN B 862 -61.56 52.27 13.10
C ASN B 862 -60.46 51.82 12.18
N ASN B 863 -59.25 51.72 12.74
CA ASN B 863 -58.09 51.27 11.97
C ASN B 863 -58.08 49.77 11.76
N GLU B 864 -58.77 49.00 12.61
CA GLU B 864 -58.66 47.55 12.55
C GLU B 864 -59.35 46.97 11.33
N LEU B 865 -60.59 47.38 11.07
CA LEU B 865 -61.27 46.96 9.86
C LEU B 865 -60.51 47.40 8.63
N LYS B 866 -59.98 48.63 8.66
CA LYS B 866 -59.15 49.12 7.56
C LYS B 866 -57.98 48.17 7.31
N ASP B 867 -57.27 47.81 8.37
CA ASP B 867 -56.10 46.96 8.22
C ASP B 867 -56.48 45.56 7.74
N THR B 868 -57.62 45.03 8.19
CA THR B 868 -58.04 43.72 7.72
C THR B 868 -58.34 43.76 6.22
N LEU B 869 -59.11 44.76 5.79
CA LEU B 869 -59.31 44.98 4.37
C LEU B 869 -57.97 45.05 3.64
N ILE B 870 -57.04 45.84 4.19
CA ILE B 870 -55.74 46.03 3.57
C ILE B 870 -55.00 44.71 3.44
N LEU B 871 -55.14 43.85 4.45
CA LEU B 871 -54.46 42.56 4.42
C LEU B 871 -55.00 41.70 3.30
N THR B 872 -56.33 41.58 3.21
CA THR B 872 -56.90 40.80 2.12
C THR B 872 -56.46 41.35 0.76
N THR B 873 -56.44 42.69 0.64
CA THR B 873 -56.03 43.32 -0.62
C THR B 873 -54.59 42.99 -0.96
N GLY B 874 -53.69 43.21 0.01
CA GLY B 874 -52.28 42.91 -0.22
C GLY B 874 -52.03 41.46 -0.55
N ASP B 875 -52.81 40.56 0.07
CA ASP B 875 -52.71 39.14 -0.29
C ASP B 875 -53.06 38.94 -1.75
N ILE B 876 -54.26 39.35 -2.13
CA ILE B 876 -54.71 39.19 -3.55
C ILE B 876 -53.70 39.90 -4.46
N GLY B 877 -53.29 41.10 -4.08
CA GLY B 877 -52.40 41.87 -4.98
C GLY B 877 -51.06 41.20 -5.20
N ARG B 878 -50.45 40.64 -4.16
CA ARG B 878 -49.17 39.91 -4.41
C ARG B 878 -49.47 38.70 -5.32
N ALA B 879 -50.57 38.01 -5.06
CA ALA B 879 -50.94 36.81 -5.86
C ALA B 879 -51.24 37.18 -7.32
N ALA B 880 -51.92 38.31 -7.55
CA ALA B 880 -52.38 38.60 -8.94
C ALA B 880 -51.51 39.62 -9.66
N LYS B 881 -50.75 39.17 -10.67
CA LYS B 881 -50.04 40.11 -11.52
C LYS B 881 -50.99 41.11 -12.19
N GLY B 882 -52.29 41.03 -11.89
CA GLY B 882 -53.24 41.91 -12.50
C GLY B 882 -53.13 43.33 -11.99
N ASP B 883 -53.96 44.20 -12.60
CA ASP B 883 -53.98 45.63 -12.27
C ASP B 883 -54.48 45.87 -10.86
N LEU B 884 -54.97 44.82 -10.20
CA LEU B 884 -55.55 44.99 -8.88
C LEU B 884 -54.52 45.47 -7.86
N VAL B 885 -53.34 44.88 -7.87
CA VAL B 885 -52.30 45.29 -6.93
C VAL B 885 -51.90 46.73 -7.15
N PRO B 886 -51.87 47.26 -8.38
CA PRO B 886 -51.46 48.67 -8.54
C PRO B 886 -52.51 49.65 -8.06
N PHE B 887 -53.79 49.39 -8.34
CA PHE B 887 -54.84 50.26 -7.83
C PHE B 887 -54.93 50.18 -6.32
N ALA B 888 -54.73 48.98 -5.76
CA ALA B 888 -54.63 48.86 -4.32
C ALA B 888 -53.42 49.60 -3.79
N LEU B 889 -52.35 49.68 -4.59
CA LEU B 889 -51.17 50.44 -4.16
C LEU B 889 -51.45 51.93 -4.19
N LEU B 890 -52.32 52.37 -5.11
CA LEU B 890 -52.72 53.77 -5.10
C LEU B 890 -53.60 54.09 -3.89
N HIS B 891 -54.57 53.22 -3.62
CA HIS B 891 -55.35 53.36 -2.38
C HIS B 891 -54.43 53.32 -1.17
N LEU B 892 -53.32 52.57 -1.27
CA LEU B 892 -52.38 52.49 -0.17
C LEU B 892 -51.47 53.71 -0.11
N LEU B 893 -51.33 54.42 -1.22
CA LEU B 893 -50.66 55.72 -1.18
C LEU B 893 -51.55 56.74 -0.50
N HIS B 894 -52.84 56.69 -0.78
CA HIS B 894 -53.79 57.53 -0.03
C HIS B 894 -53.80 57.17 1.45
N CYS B 895 -53.73 55.87 1.75
CA CYS B 895 -53.69 55.43 3.14
C CYS B 895 -52.37 55.81 3.81
N LEU B 896 -51.29 55.81 3.04
CA LEU B 896 -49.99 56.22 3.59
C LEU B 896 -50.07 57.62 4.15
N LEU B 897 -50.77 58.52 3.46
CA LEU B 897 -51.09 59.84 4.00
C LEU B 897 -52.41 59.77 4.75
N SER B 898 -52.42 58.95 5.80
CA SER B 898 -53.57 58.80 6.67
C SER B 898 -53.11 58.89 8.12
N LYS B 899 -53.72 59.80 8.87
CA LYS B 899 -53.36 59.95 10.28
C LYS B 899 -53.77 58.74 11.10
N SER B 900 -54.79 58.01 10.65
CA SER B 900 -55.33 56.91 11.44
C SER B 900 -54.26 55.87 11.76
N ALA B 901 -53.72 55.22 10.72
CA ALA B 901 -52.85 54.08 10.88
C ALA B 901 -51.47 54.37 10.31
N SER B 902 -50.44 54.12 11.13
CA SER B 902 -49.08 54.06 10.64
C SER B 902 -48.75 52.70 10.03
N VAL B 903 -49.67 51.75 10.13
CA VAL B 903 -49.47 50.44 9.53
C VAL B 903 -49.32 50.56 8.02
N SER B 904 -49.85 51.64 7.44
CA SER B 904 -49.87 51.76 5.99
C SER B 904 -48.47 51.91 5.43
N GLY B 905 -47.54 52.48 6.19
CA GLY B 905 -46.16 52.54 5.73
C GLY B 905 -45.51 51.17 5.68
N ALA B 906 -45.65 50.40 6.75
CA ALA B 906 -45.17 49.02 6.73
C ALA B 906 -45.93 48.20 5.69
N ALA B 907 -47.15 48.61 5.35
CA ALA B 907 -47.90 47.91 4.32
C ALA B 907 -47.42 48.31 2.93
N TYR B 908 -46.89 49.52 2.81
CA TYR B 908 -46.14 49.87 1.61
C TYR B 908 -44.86 49.06 1.55
N THR B 909 -44.27 48.76 2.71
CA THR B 909 -43.15 47.82 2.74
C THR B 909 -43.60 46.42 2.35
N GLU B 910 -44.85 46.06 2.68
CA GLU B 910 -45.37 44.75 2.32
C GLU B 910 -45.70 44.67 0.84
N ILE B 911 -46.22 45.77 0.27
CA ILE B 911 -46.36 45.86 -1.17
C ILE B 911 -44.99 45.89 -1.84
N ARG B 912 -44.00 46.43 -1.13
CA ARG B 912 -42.62 46.36 -1.62
C ARG B 912 -42.10 44.94 -1.54
N ALA B 913 -42.61 44.15 -0.60
CA ALA B 913 -42.27 42.73 -0.57
C ALA B 913 -42.94 41.98 -1.71
N LEU B 914 -44.19 42.34 -2.02
CA LEU B 914 -44.83 41.81 -3.21
C LEU B 914 -44.05 42.19 -4.47
N VAL B 915 -43.52 43.42 -4.51
CA VAL B 915 -42.68 43.84 -5.63
C VAL B 915 -41.35 43.11 -5.61
N ALA B 916 -40.86 42.76 -4.41
CA ALA B 916 -39.63 41.99 -4.29
C ALA B 916 -39.85 40.55 -4.76
N ALA B 917 -41.10 40.08 -4.68
CA ALA B 917 -41.42 38.75 -5.21
C ALA B 917 -41.01 38.65 -6.67
N LYS B 918 -41.14 39.74 -7.43
CA LYS B 918 -40.65 39.79 -8.80
C LYS B 918 -39.13 39.81 -8.80
N SER B 919 -38.53 39.67 -7.62
CA SER B 919 -37.08 39.69 -7.46
C SER B 919 -36.51 41.03 -7.89
N VAL B 920 -37.39 41.98 -8.21
CA VAL B 920 -36.94 43.31 -8.59
C VAL B 920 -36.70 44.14 -7.34
N LYS B 921 -35.62 44.92 -7.36
CA LYS B 921 -35.31 45.78 -6.22
C LYS B 921 -36.46 46.75 -5.97
N LEU B 922 -36.59 47.17 -4.71
CA LEU B 922 -37.67 48.09 -4.37
C LEU B 922 -37.60 49.36 -5.21
N GLN B 923 -36.40 49.80 -5.55
CA GLN B 923 -36.26 50.99 -6.38
C GLN B 923 -36.70 50.72 -7.81
N SER B 924 -36.24 49.62 -8.41
CA SER B 924 -36.71 49.28 -9.74
C SER B 924 -38.20 48.97 -9.74
N PHE B 925 -38.69 48.29 -8.69
CA PHE B 925 -40.12 48.06 -8.59
C PHE B 925 -40.90 49.36 -8.57
N PHE B 926 -40.40 50.35 -7.82
CA PHE B 926 -41.03 51.67 -7.83
C PHE B 926 -40.96 52.28 -9.22
N SER B 927 -39.84 52.10 -9.91
CA SER B 927 -39.74 52.57 -11.29
C SER B 927 -40.83 51.98 -12.15
N GLN B 928 -41.13 50.69 -11.97
CA GLN B 928 -42.21 50.06 -12.73
C GLN B 928 -43.55 50.72 -12.40
N TYR B 929 -43.82 50.95 -11.12
CA TYR B 929 -45.05 51.60 -10.70
C TYR B 929 -44.93 53.12 -10.66
N LYS B 930 -43.84 53.68 -11.16
CA LYS B 930 -43.58 55.11 -11.00
C LYS B 930 -44.60 55.96 -11.76
N LYS B 931 -45.13 55.44 -12.87
CA LYS B 931 -46.10 56.23 -13.63
C LYS B 931 -47.46 56.31 -12.94
N PRO B 932 -48.06 55.21 -12.47
CA PRO B 932 -49.28 55.36 -11.66
C PRO B 932 -49.04 56.15 -10.39
N ILE B 933 -47.86 55.99 -9.79
CA ILE B 933 -47.51 56.80 -8.62
C ILE B 933 -47.45 58.27 -9.00
N CYS B 934 -47.07 58.57 -10.24
CA CYS B 934 -47.01 59.95 -10.70
C CYS B 934 -48.41 60.50 -10.91
N GLN B 935 -49.32 59.67 -11.42
CA GLN B 935 -50.72 60.07 -11.47
C GLN B 935 -51.24 60.38 -10.07
N PHE B 936 -50.92 59.51 -9.11
CA PHE B 936 -51.33 59.75 -7.72
C PHE B 936 -50.69 61.01 -7.17
N LEU B 937 -49.46 61.31 -7.58
CA LEU B 937 -48.77 62.50 -7.11
C LEU B 937 -49.39 63.76 -7.71
N VAL B 938 -49.85 63.67 -8.96
CA VAL B 938 -50.59 64.79 -9.55
C VAL B 938 -51.87 65.02 -8.77
N GLU B 939 -52.59 63.94 -8.44
CA GLU B 939 -53.77 64.07 -7.59
C GLU B 939 -53.42 64.75 -6.26
N SER B 940 -52.30 64.34 -5.65
CA SER B 940 -51.91 64.88 -4.36
C SER B 940 -51.54 66.35 -4.46
N LEU B 941 -50.87 66.74 -5.55
CA LEU B 941 -50.51 68.14 -5.73
C LEU B 941 -51.76 69.00 -5.93
N HIS B 942 -52.69 68.52 -6.77
CA HIS B 942 -53.95 69.24 -6.92
C HIS B 942 -54.69 69.34 -5.59
N SER B 943 -54.58 68.30 -4.76
CA SER B 943 -55.25 68.34 -3.46
C SER B 943 -54.58 69.33 -2.53
N SER B 944 -53.25 69.41 -2.57
CA SER B 944 -52.54 70.42 -1.77
C SER B 944 -52.94 71.82 -2.21
N GLN B 945 -53.06 72.04 -3.53
CA GLN B 945 -53.56 73.32 -4.02
C GLN B 945 -54.96 73.59 -3.49
N MET B 946 -55.85 72.60 -3.58
CA MET B 946 -57.22 72.76 -3.09
C MET B 946 -57.23 73.12 -1.61
N THR B 947 -56.35 72.50 -0.82
CA THR B 947 -56.23 72.87 0.58
C THR B 947 -55.80 74.33 0.73
N ALA B 948 -54.79 74.73 -0.05
CA ALA B 948 -54.32 76.10 -0.05
C ALA B 948 -55.31 77.01 -0.78
N VAL B 964 -47.60 79.59 -2.01
CA VAL B 964 -46.78 80.30 -1.04
C VAL B 964 -45.85 79.32 -0.33
N ALA B 965 -45.05 79.85 0.60
CA ALA B 965 -44.14 78.99 1.34
C ALA B 965 -44.88 77.98 2.20
N HIS B 966 -46.07 78.34 2.70
CA HIS B 966 -46.84 77.41 3.52
C HIS B 966 -47.41 76.27 2.68
N GLN B 967 -47.99 76.60 1.52
CA GLN B 967 -48.43 75.56 0.60
C GLN B 967 -47.26 74.68 0.18
N ARG B 968 -46.10 75.28 -0.06
CA ARG B 968 -44.92 74.51 -0.42
C ARG B 968 -44.48 73.60 0.71
N GLU B 969 -44.61 74.06 1.96
CA GLU B 969 -44.25 73.22 3.10
C GLU B 969 -45.21 72.05 3.23
N MET B 970 -46.50 72.29 3.02
CA MET B 970 -47.46 71.18 3.00
C MET B 970 -47.08 70.16 1.94
N ALA B 971 -46.87 70.62 0.71
CA ALA B 971 -46.49 69.72 -0.37
C ALA B 971 -45.17 69.01 -0.06
N LEU B 972 -44.26 69.67 0.65
CA LEU B 972 -42.97 69.07 0.95
C LEU B 972 -43.10 67.97 2.00
N ASN B 973 -43.92 68.21 3.02
CA ASN B 973 -44.21 67.13 3.97
C ASN B 973 -44.85 65.94 3.27
N THR B 974 -45.77 66.21 2.34
CA THR B 974 -46.38 65.12 1.58
C THR B 974 -45.33 64.37 0.77
N LEU B 975 -44.45 65.10 0.08
CA LEU B 975 -43.41 64.46 -0.72
C LEU B 975 -42.48 63.64 0.17
N SER B 976 -42.19 64.12 1.37
CA SER B 976 -41.34 63.37 2.28
C SER B 976 -42.01 62.07 2.72
N GLU B 977 -43.30 62.14 3.05
CA GLU B 977 -44.04 60.93 3.36
C GLU B 977 -43.97 59.94 2.19
N ILE B 978 -44.13 60.45 0.97
CA ILE B 978 -44.07 59.58 -0.21
C ILE B 978 -42.69 58.93 -0.32
N ALA B 979 -41.64 59.73 -0.14
CA ALA B 979 -40.28 59.20 -0.20
C ALA B 979 -40.09 58.07 0.80
N ASN B 980 -40.41 58.34 2.07
CA ASN B 980 -40.30 57.29 3.09
C ASN B 980 -41.06 56.04 2.68
N VAL B 981 -42.28 56.20 2.19
CA VAL B 981 -43.05 55.05 1.74
C VAL B 981 -42.29 54.29 0.66
N PHE B 982 -41.62 55.00 -0.24
CA PHE B 982 -40.84 54.36 -1.28
C PHE B 982 -39.56 53.75 -0.75
N ASP B 983 -39.14 54.13 0.46
CA ASP B 983 -37.84 53.74 0.99
C ASP B 983 -36.72 54.16 0.05
N PHE B 984 -36.99 55.17 -0.79
CA PHE B 984 -36.05 55.58 -1.80
C PHE B 984 -34.84 56.27 -1.16
N PRO B 985 -33.66 56.14 -1.77
CA PRO B 985 -32.49 56.84 -1.21
C PRO B 985 -32.57 58.35 -1.33
N ASP B 986 -33.21 58.85 -2.39
CA ASP B 986 -33.32 60.29 -2.62
C ASP B 986 -34.75 60.62 -3.02
N LEU B 987 -35.37 61.55 -2.29
CA LEU B 987 -36.73 61.96 -2.61
C LEU B 987 -36.78 62.61 -3.99
N ASN B 988 -35.86 63.52 -4.28
CA ASN B 988 -35.78 64.11 -5.61
C ASN B 988 -35.79 63.03 -6.68
N ARG B 989 -35.14 61.89 -6.40
CA ARG B 989 -35.14 60.78 -7.36
C ARG B 989 -36.52 60.16 -7.47
N PHE B 990 -37.23 59.98 -6.36
CA PHE B 990 -38.63 59.59 -6.43
C PHE B 990 -39.40 60.54 -7.34
N LEU B 991 -39.00 61.81 -7.38
CA LEU B 991 -39.55 62.78 -8.30
C LEU B 991 -38.68 62.84 -9.55
N THR B 992 -39.02 63.75 -10.47
CA THR B 992 -38.25 63.97 -11.70
C THR B 992 -38.46 62.83 -12.68
N ARG B 993 -39.11 61.76 -12.23
CA ARG B 993 -39.63 60.71 -13.08
C ARG B 993 -41.15 60.69 -13.08
N THR B 994 -41.75 60.95 -11.93
CA THR B 994 -43.16 61.35 -11.90
C THR B 994 -43.33 62.73 -12.51
N LEU B 995 -42.43 63.66 -12.15
CA LEU B 995 -42.56 65.06 -12.58
C LEU B 995 -42.80 65.17 -14.08
N GLN B 996 -42.10 64.37 -14.88
CA GLN B 996 -42.23 64.46 -16.33
C GLN B 996 -43.69 64.46 -16.76
N VAL B 997 -44.47 63.49 -16.28
CA VAL B 997 -45.88 63.42 -16.64
C VAL B 997 -46.72 64.30 -15.72
N LEU B 998 -46.23 64.58 -14.50
CA LEU B 998 -47.01 65.35 -13.54
C LEU B 998 -47.21 66.78 -14.03
N LEU B 999 -46.11 67.47 -14.34
CA LEU B 999 -46.20 68.88 -14.71
C LEU B 999 -47.20 69.13 -15.82
N PRO B 1000 -47.32 68.29 -16.85
CA PRO B 1000 -48.27 68.59 -17.93
C PRO B 1000 -49.71 68.71 -17.45
N ASP B 1001 -50.17 67.77 -16.62
CA ASP B 1001 -51.55 67.82 -16.14
C ASP B 1001 -51.82 69.09 -15.34
N LEU B 1002 -50.92 69.45 -14.44
CA LEU B 1002 -51.10 70.65 -13.65
C LEU B 1002 -51.11 71.89 -14.54
N ALA B 1003 -50.21 71.95 -15.52
CA ALA B 1003 -50.19 73.07 -16.46
C ALA B 1003 -51.52 73.15 -17.21
N ALA B 1004 -52.07 72.00 -17.61
CA ALA B 1004 -53.38 72.00 -18.26
C ALA B 1004 -54.44 72.57 -17.34
N LYS B 1005 -54.45 72.15 -16.07
CA LYS B 1005 -55.33 72.78 -15.10
C LYS B 1005 -55.06 74.26 -15.00
N ALA B 1006 -53.81 74.68 -15.18
CA ALA B 1006 -53.43 76.09 -15.16
C ALA B 1006 -53.96 76.80 -13.93
N SER B 1007 -54.11 76.05 -12.84
CA SER B 1007 -54.59 76.64 -11.60
C SER B 1007 -53.59 77.69 -11.11
N PRO B 1008 -54.03 78.89 -10.75
CA PRO B 1008 -53.10 79.82 -10.09
C PRO B 1008 -52.41 79.16 -8.91
N ALA B 1009 -53.15 78.38 -8.12
CA ALA B 1009 -52.55 77.65 -7.02
C ALA B 1009 -51.56 76.59 -7.51
N ALA B 1010 -51.80 76.02 -8.69
CA ALA B 1010 -50.87 75.02 -9.23
C ALA B 1010 -49.53 75.65 -9.61
N SER B 1011 -49.58 76.71 -10.42
CA SER B 1011 -48.36 77.43 -10.76
C SER B 1011 -47.69 77.96 -9.50
N ALA B 1012 -48.47 78.39 -8.52
CA ALA B 1012 -47.91 78.88 -7.27
C ALA B 1012 -47.19 77.76 -6.52
N LEU B 1013 -47.78 76.57 -6.50
CA LEU B 1013 -47.14 75.44 -5.84
C LEU B 1013 -45.83 75.07 -6.52
N ILE B 1014 -45.82 75.04 -7.86
CA ILE B 1014 -44.59 74.76 -8.58
C ILE B 1014 -43.53 75.81 -8.26
N ARG B 1015 -43.92 77.09 -8.32
CA ARG B 1015 -42.97 78.17 -8.08
C ARG B 1015 -42.45 78.14 -6.65
N THR B 1016 -43.29 77.78 -5.69
CA THR B 1016 -42.85 77.73 -4.30
C THR B 1016 -41.93 76.55 -4.05
N LEU B 1017 -42.24 75.40 -4.64
CA LEU B 1017 -41.32 74.27 -4.58
C LEU B 1017 -39.97 74.66 -5.15
N GLY B 1018 -39.97 75.44 -6.24
CA GLY B 1018 -38.72 75.94 -6.77
C GLY B 1018 -38.04 76.92 -5.82
N LYS B 1019 -38.83 77.74 -5.13
CA LYS B 1019 -38.28 78.72 -4.21
C LYS B 1019 -37.56 78.03 -3.04
N GLN B 1020 -38.15 76.95 -2.53
CA GLN B 1020 -37.44 76.16 -1.52
C GLN B 1020 -36.18 75.55 -2.10
N LEU B 1021 -36.23 75.10 -3.36
CA LEU B 1021 -35.04 74.59 -4.01
C LEU B 1021 -34.03 75.70 -4.28
N ASN B 1022 -34.48 76.95 -4.33
CA ASN B 1022 -33.71 78.11 -4.74
C ASN B 1022 -33.51 78.14 -6.25
N VAL B 1023 -33.97 77.12 -6.97
CA VAL B 1023 -33.93 77.10 -8.42
C VAL B 1023 -35.31 77.46 -8.93
N ASN B 1024 -35.40 78.55 -9.68
CA ASN B 1024 -36.69 79.01 -10.19
C ASN B 1024 -37.42 77.88 -10.91
N ARG B 1025 -38.74 77.83 -10.70
CA ARG B 1025 -39.54 76.82 -11.39
C ARG B 1025 -39.55 77.07 -12.89
N ARG B 1026 -39.39 78.32 -13.32
CA ARG B 1026 -39.56 78.65 -14.73
C ARG B 1026 -38.47 78.03 -15.60
N GLU B 1027 -37.22 78.05 -15.13
CA GLU B 1027 -36.14 77.49 -15.93
C GLU B 1027 -36.29 75.98 -16.10
N ILE B 1028 -36.43 75.25 -14.98
CA ILE B 1028 -36.61 73.81 -15.04
C ILE B 1028 -37.81 73.46 -15.90
N LEU B 1029 -38.89 74.25 -15.80
CA LEU B 1029 -40.05 74.00 -16.63
C LEU B 1029 -39.75 74.26 -18.11
N ILE B 1030 -39.01 75.32 -18.41
CA ILE B 1030 -38.66 75.62 -19.79
C ILE B 1030 -37.92 74.44 -20.40
N ASN B 1031 -36.90 73.95 -19.70
CA ASN B 1031 -36.26 72.70 -20.13
C ASN B 1031 -37.28 71.56 -20.16
N ASN B 1032 -38.17 71.52 -19.17
CA ASN B 1032 -39.19 70.47 -19.13
C ASN B 1032 -40.25 70.68 -20.20
N PHE B 1033 -40.33 71.88 -20.77
CA PHE B 1033 -41.46 72.24 -21.62
C PHE B 1033 -41.63 71.26 -22.78
N LYS B 1034 -40.52 70.78 -23.34
CA LYS B 1034 -40.61 69.91 -24.51
C LYS B 1034 -41.29 68.58 -24.15
N TYR B 1035 -40.77 67.89 -23.14
CA TYR B 1035 -41.34 66.61 -22.75
C TYR B 1035 -42.70 66.75 -22.08
N ILE B 1036 -42.91 67.84 -21.35
CA ILE B 1036 -44.23 68.10 -20.78
C ILE B 1036 -45.24 68.26 -21.91
N PHE B 1037 -44.87 68.98 -22.96
CA PHE B 1037 -45.73 69.08 -24.14
C PHE B 1037 -45.93 67.72 -24.78
N SER B 1038 -44.88 66.90 -24.81
CA SER B 1038 -45.01 65.53 -25.29
C SER B 1038 -46.16 64.84 -24.57
N HIS B 1039 -46.09 64.79 -23.24
CA HIS B 1039 -47.14 64.12 -22.47
C HIS B 1039 -48.51 64.73 -22.71
N LEU B 1040 -48.59 66.06 -22.64
CA LEU B 1040 -49.87 66.74 -22.81
C LEU B 1040 -50.50 66.38 -24.15
N VAL B 1041 -49.75 66.54 -25.24
CA VAL B 1041 -50.25 66.12 -26.54
C VAL B 1041 -50.63 64.65 -26.53
N CYS B 1042 -49.89 63.84 -25.77
CA CYS B 1042 -50.20 62.43 -25.67
C CYS B 1042 -51.64 62.22 -25.19
N SER B 1043 -52.00 62.88 -24.09
CA SER B 1043 -53.29 62.61 -23.46
C SER B 1043 -54.32 63.72 -23.65
N CYS B 1044 -53.90 64.99 -23.64
CA CYS B 1044 -54.86 66.08 -23.58
C CYS B 1044 -55.51 66.32 -24.93
N SER B 1045 -56.69 66.94 -24.89
CA SER B 1045 -57.31 67.45 -26.10
C SER B 1045 -56.49 68.61 -26.65
N LYS B 1046 -56.57 68.80 -27.97
CA LYS B 1046 -55.77 69.83 -28.63
C LYS B 1046 -55.86 71.15 -27.89
N ASP B 1047 -57.09 71.60 -27.60
CA ASP B 1047 -57.27 72.89 -26.93
C ASP B 1047 -56.70 72.85 -25.52
N GLU B 1048 -56.95 71.77 -24.78
CA GLU B 1048 -56.37 71.63 -23.46
C GLU B 1048 -54.85 71.70 -23.51
N LEU B 1049 -54.26 70.97 -24.47
CA LEU B 1049 -52.81 71.00 -24.64
C LEU B 1049 -52.31 72.42 -24.87
N GLU B 1050 -52.92 73.13 -25.82
CA GLU B 1050 -52.51 74.49 -26.11
C GLU B 1050 -52.67 75.39 -24.89
N ARG B 1051 -53.72 75.17 -24.10
CA ARG B 1051 -53.90 75.96 -22.88
C ARG B 1051 -52.73 75.78 -21.95
N ALA B 1052 -52.43 74.52 -21.59
CA ALA B 1052 -51.28 74.26 -20.72
C ALA B 1052 -50.01 74.83 -21.33
N LEU B 1053 -49.87 74.74 -22.65
CA LEU B 1053 -48.65 75.20 -23.32
C LEU B 1053 -48.47 76.70 -23.14
N HIS B 1054 -49.51 77.48 -23.46
CA HIS B 1054 -49.41 78.92 -23.29
C HIS B 1054 -49.17 79.27 -21.82
N TYR B 1055 -49.80 78.55 -20.91
CA TYR B 1055 -49.56 78.81 -19.49
C TYR B 1055 -48.08 78.66 -19.14
N LEU B 1056 -47.49 77.52 -19.52
CA LEU B 1056 -46.08 77.30 -19.23
C LEU B 1056 -45.20 78.32 -19.94
N LYS B 1057 -45.58 78.70 -21.17
CA LYS B 1057 -44.80 79.69 -21.90
C LYS B 1057 -44.76 81.01 -21.14
N ASN B 1058 -45.90 81.45 -20.64
CA ASN B 1058 -45.94 82.66 -19.82
C ASN B 1058 -45.10 82.48 -18.56
N GLU B 1059 -45.20 81.31 -17.92
CA GLU B 1059 -44.49 81.09 -16.66
C GLU B 1059 -42.98 81.14 -16.85
N THR B 1060 -42.48 80.63 -17.98
CA THR B 1060 -41.04 80.58 -18.19
C THR B 1060 -40.48 81.88 -18.75
N GLU B 1061 -41.32 82.70 -19.38
CA GLU B 1061 -40.92 83.92 -20.07
C GLU B 1061 -40.20 83.65 -21.37
N ILE B 1062 -40.17 82.40 -21.83
CA ILE B 1062 -39.55 82.02 -23.09
C ILE B 1062 -40.65 81.52 -24.01
N GLU B 1063 -40.70 82.05 -25.23
CA GLU B 1063 -41.73 81.65 -26.18
C GLU B 1063 -41.58 80.18 -26.53
N LEU B 1064 -42.73 79.52 -26.75
CA LEU B 1064 -42.73 78.08 -27.00
C LEU B 1064 -41.92 77.74 -28.25
N GLY B 1065 -42.15 78.47 -29.35
CA GLY B 1065 -41.52 78.16 -30.62
C GLY B 1065 -40.05 77.84 -30.57
N SER B 1066 -39.25 78.75 -30.00
CA SER B 1066 -37.80 78.55 -29.96
C SER B 1066 -37.46 77.20 -29.32
N LEU B 1067 -38.07 76.89 -28.18
CA LEU B 1067 -37.81 75.61 -27.53
C LEU B 1067 -38.26 74.45 -28.40
N LEU B 1068 -39.46 74.56 -28.99
CA LEU B 1068 -39.96 73.49 -29.84
C LEU B 1068 -39.02 73.24 -31.01
N ARG B 1069 -38.49 74.31 -31.61
CA ARG B 1069 -37.58 74.15 -32.74
C ARG B 1069 -36.33 73.36 -32.33
N GLN B 1070 -35.72 73.73 -31.21
CA GLN B 1070 -34.53 73.03 -30.76
C GLN B 1070 -34.85 71.57 -30.42
N ASP B 1071 -36.01 71.32 -29.82
CA ASP B 1071 -36.45 69.98 -29.51
C ASP B 1071 -37.29 69.37 -30.62
N PHE B 1072 -37.45 70.06 -31.75
CA PHE B 1072 -38.29 69.59 -32.84
C PHE B 1072 -38.05 68.12 -33.14
N GLN B 1073 -36.79 67.72 -33.28
CA GLN B 1073 -36.48 66.32 -33.58
C GLN B 1073 -36.90 65.41 -32.44
N GLY B 1074 -36.52 65.75 -31.20
CA GLY B 1074 -36.94 64.95 -30.07
C GLY B 1074 -38.45 64.95 -29.90
N LEU B 1075 -39.09 66.07 -30.20
CA LEU B 1075 -40.55 66.12 -30.14
C LEU B 1075 -41.16 65.16 -31.13
N HIS B 1076 -40.64 65.13 -32.36
CA HIS B 1076 -41.15 64.20 -33.35
C HIS B 1076 -40.92 62.75 -32.93
N ASN B 1077 -39.76 62.48 -32.35
CA ASN B 1077 -39.49 61.12 -31.85
C ASN B 1077 -40.51 60.73 -30.78
N GLU B 1078 -40.73 61.60 -29.81
CA GLU B 1078 -41.71 61.32 -28.77
C GLU B 1078 -43.10 61.17 -29.35
N LEU B 1079 -43.42 61.91 -30.42
CA LEU B 1079 -44.72 61.78 -31.06
C LEU B 1079 -44.87 60.42 -31.68
N LEU B 1080 -43.89 60.01 -32.50
CA LEU B 1080 -43.92 58.68 -33.07
C LEU B 1080 -44.08 57.62 -31.98
N LEU B 1081 -43.38 57.81 -30.86
CA LEU B 1081 -43.60 56.94 -29.71
C LEU B 1081 -45.05 57.02 -29.24
N ARG B 1082 -45.66 58.19 -29.37
CA ARG B 1082 -47.04 58.36 -28.93
C ARG B 1082 -48.02 57.75 -29.92
N ILE B 1083 -47.72 57.85 -31.22
CA ILE B 1083 -48.62 57.32 -32.24
C ILE B 1083 -48.97 55.87 -31.94
N GLY B 1084 -47.98 55.06 -31.57
CA GLY B 1084 -48.26 53.68 -31.21
C GLY B 1084 -49.31 53.57 -30.13
N GLU B 1085 -49.17 54.38 -29.07
CA GLU B 1085 -50.15 54.35 -28.00
C GLU B 1085 -51.51 54.84 -28.48
N HIS B 1086 -51.55 55.98 -29.14
CA HIS B 1086 -52.77 56.55 -29.71
C HIS B 1086 -52.46 56.99 -31.13
N TYR B 1087 -52.68 56.08 -32.09
CA TYR B 1087 -52.32 56.36 -33.47
C TYR B 1087 -53.05 57.59 -34.00
N GLN B 1088 -54.37 57.60 -33.88
CA GLN B 1088 -55.16 58.69 -34.46
C GLN B 1088 -54.75 60.04 -33.89
N GLN B 1089 -54.56 60.11 -32.56
CA GLN B 1089 -54.36 61.40 -31.92
C GLN B 1089 -52.95 61.93 -32.18
N VAL B 1090 -51.96 61.05 -32.25
CA VAL B 1090 -50.58 61.51 -32.35
C VAL B 1090 -50.32 62.18 -33.70
N PHE B 1091 -50.94 61.69 -34.77
CA PHE B 1091 -50.76 62.32 -36.07
C PHE B 1091 -51.33 63.74 -36.08
N ASN B 1092 -52.55 63.90 -35.56
CA ASN B 1092 -53.13 65.24 -35.47
C ASN B 1092 -52.30 66.14 -34.58
N GLY B 1093 -51.74 65.58 -33.50
CA GLY B 1093 -50.93 66.40 -32.61
C GLY B 1093 -49.63 66.84 -33.24
N LEU B 1094 -49.01 65.95 -34.05
CA LEU B 1094 -47.83 66.34 -34.78
C LEU B 1094 -48.16 67.41 -35.81
N SER B 1095 -49.29 67.27 -36.49
CA SER B 1095 -49.75 68.32 -37.40
C SER B 1095 -49.88 69.64 -36.65
N ILE B 1096 -50.47 69.60 -35.46
CA ILE B 1096 -50.62 70.82 -34.66
C ILE B 1096 -49.27 71.42 -34.33
N LEU B 1097 -48.35 70.60 -33.82
CA LEU B 1097 -47.01 71.09 -33.48
C LEU B 1097 -46.34 71.73 -34.68
N ALA B 1098 -46.47 71.11 -35.86
CA ALA B 1098 -45.91 71.70 -37.07
C ALA B 1098 -46.56 73.04 -37.38
N SER B 1099 -47.88 73.13 -37.20
CA SER B 1099 -48.57 74.38 -37.47
C SER B 1099 -48.05 75.51 -36.58
N PHE B 1100 -47.75 75.18 -35.32
CA PHE B 1100 -47.29 76.22 -34.38
C PHE B 1100 -46.01 76.88 -34.89
N ALA B 1101 -45.02 76.08 -35.27
CA ALA B 1101 -43.76 76.61 -35.78
C ALA B 1101 -43.10 77.51 -34.74
N SER B 1115 -50.49 67.35 -46.06
CA SER B 1115 -49.30 66.65 -46.52
C SER B 1115 -48.21 66.63 -45.46
N PRO B 1116 -47.77 65.43 -45.07
CA PRO B 1116 -46.60 65.31 -44.20
C PRO B 1116 -45.28 65.21 -44.95
N GLU B 1117 -45.31 65.37 -46.28
CA GLU B 1117 -44.13 65.08 -47.08
C GLU B 1117 -43.00 66.06 -46.82
N LEU B 1118 -43.31 67.35 -46.65
CA LEU B 1118 -42.27 68.28 -46.24
C LEU B 1118 -41.77 67.95 -44.84
N MET B 1119 -42.70 67.79 -43.90
CA MET B 1119 -42.37 67.26 -42.60
C MET B 1119 -41.57 65.96 -42.73
N ALA B 1120 -41.90 65.14 -43.72
CA ALA B 1120 -41.21 63.86 -43.88
C ALA B 1120 -39.77 64.05 -44.34
N ASP B 1121 -39.54 65.00 -45.26
CA ASP B 1121 -38.18 65.30 -45.68
C ASP B 1121 -37.36 65.81 -44.51
N TYR B 1122 -37.99 66.61 -43.65
CA TYR B 1122 -37.27 67.04 -42.42
C TYR B 1122 -37.06 65.78 -41.58
N LEU B 1123 -38.11 64.97 -41.46
CA LEU B 1123 -38.05 63.81 -40.55
C LEU B 1123 -37.09 62.73 -41.06
N GLN B 1124 -36.70 62.75 -42.34
CA GLN B 1124 -35.84 61.62 -42.79
C GLN B 1124 -34.53 61.63 -42.00
N PRO B 1125 -33.90 62.81 -41.77
CA PRO B 1125 -32.72 62.84 -40.92
C PRO B 1125 -33.11 62.45 -39.52
N LYS B 1126 -34.26 62.95 -39.07
CA LYS B 1126 -34.72 62.66 -37.69
C LYS B 1126 -34.98 61.16 -37.54
N LEU B 1127 -35.56 60.54 -38.57
CA LEU B 1127 -35.88 59.09 -38.50
C LEU B 1127 -34.58 58.30 -38.35
N LEU B 1128 -33.54 58.69 -39.08
CA LEU B 1128 -32.23 58.01 -38.91
C LEU B 1128 -31.76 58.23 -37.47
N GLY B 1129 -31.91 59.45 -36.96
CA GLY B 1129 -31.57 59.71 -35.55
C GLY B 1129 -32.46 58.89 -34.65
N ILE B 1130 -33.75 58.79 -34.99
CA ILE B 1130 -34.72 58.01 -34.18
C ILE B 1130 -34.30 56.53 -34.20
N LEU B 1131 -33.86 56.04 -35.35
CA LEU B 1131 -33.38 54.64 -35.43
C LEU B 1131 -32.15 54.49 -34.52
N ALA B 1132 -31.24 55.48 -34.54
CA ALA B 1132 -30.09 55.44 -33.61
C ALA B 1132 -30.61 55.51 -32.18
N PHE B 1133 -31.61 56.36 -31.94
CA PHE B 1133 -32.22 56.47 -30.59
C PHE B 1133 -32.86 55.13 -30.23
N PHE B 1134 -33.53 54.51 -31.22
CA PHE B 1134 -34.19 53.20 -30.98
C PHE B 1134 -33.11 52.19 -30.66
N ASN B 1135 -32.00 52.24 -31.38
CA ASN B 1135 -30.86 51.33 -31.10
C ASN B 1135 -30.34 51.61 -29.68
N MET B 1136 -30.24 52.90 -29.32
CA MET B 1136 -29.80 53.26 -27.95
C MET B 1136 -30.83 52.75 -26.93
N GLN B 1137 -32.11 52.91 -27.25
CA GLN B 1137 -33.19 52.40 -26.35
C GLN B 1137 -33.07 50.88 -26.26
N LEU B 1138 -32.82 50.23 -27.40
CA LEU B 1138 -32.64 48.76 -27.42
C LEU B 1138 -31.39 48.42 -26.58
N LEU B 1139 -30.34 49.24 -26.71
CA LEU B 1139 -29.08 48.96 -25.97
C LEU B 1139 -29.37 49.03 -24.47
N SER B 1140 -30.17 50.01 -24.05
CA SER B 1140 -30.57 50.06 -22.62
C SER B 1140 -31.43 48.84 -22.30
N SER B 1141 -31.24 48.22 -21.13
CA SER B 1141 -32.11 47.08 -20.71
C SER B 1141 -33.26 47.68 -19.90
N SER B 1142 -33.06 48.88 -19.35
CA SER B 1142 -34.09 49.56 -18.58
C SER B 1142 -35.45 49.44 -19.26
N VAL B 1143 -35.50 49.73 -20.56
CA VAL B 1143 -36.77 49.69 -21.28
C VAL B 1143 -37.34 48.28 -21.24
N GLY B 1144 -38.65 48.18 -20.97
CA GLY B 1144 -39.29 46.89 -21.00
C GLY B 1144 -39.28 46.31 -22.40
N ILE B 1145 -39.08 44.99 -22.48
CA ILE B 1145 -39.03 44.32 -23.78
C ILE B 1145 -40.25 44.71 -24.61
N GLU B 1146 -41.43 44.66 -24.00
CA GLU B 1146 -42.61 45.17 -24.68
C GLU B 1146 -42.48 46.66 -24.99
N ASP B 1147 -41.75 47.40 -24.17
CA ASP B 1147 -41.48 48.80 -24.49
C ASP B 1147 -40.61 48.92 -25.73
N LYS B 1148 -39.61 48.05 -25.86
CA LYS B 1148 -38.84 47.99 -27.09
C LYS B 1148 -39.74 47.67 -28.27
N LYS B 1149 -40.71 46.77 -28.08
CA LYS B 1149 -41.67 46.47 -29.13
C LYS B 1149 -42.50 47.71 -29.47
N MET B 1150 -42.82 48.53 -28.48
CA MET B 1150 -43.52 49.77 -28.75
C MET B 1150 -42.66 50.70 -29.60
N ALA B 1151 -41.38 50.79 -29.27
CA ALA B 1151 -40.46 51.57 -30.11
C ALA B 1151 -40.47 51.06 -31.54
N LEU B 1152 -40.42 49.75 -31.70
CA LEU B 1152 -40.44 49.15 -33.03
C LEU B 1152 -41.76 49.45 -33.75
N ASN B 1153 -42.86 49.49 -33.01
CA ASN B 1153 -44.14 49.83 -33.63
C ASN B 1153 -44.16 51.27 -34.09
N SER B 1154 -43.57 52.17 -33.30
CA SER B 1154 -43.40 53.54 -33.75
C SER B 1154 -42.58 53.58 -35.04
N LEU B 1155 -41.53 52.75 -35.10
CA LEU B 1155 -40.76 52.66 -36.33
C LEU B 1155 -41.62 52.19 -37.50
N MET B 1156 -42.50 51.22 -37.25
CA MET B 1156 -43.39 50.73 -38.31
C MET B 1156 -44.32 51.84 -38.78
N SER B 1157 -44.84 52.62 -37.84
CA SER B 1157 -45.68 53.76 -38.20
C SER B 1157 -44.90 54.75 -39.06
N LEU B 1158 -43.66 55.02 -38.68
CA LEU B 1158 -42.81 55.90 -39.48
C LEU B 1158 -42.62 55.34 -40.89
N MET B 1159 -42.45 54.02 -40.99
CA MET B 1159 -42.31 53.39 -42.29
C MET B 1159 -43.55 53.63 -43.14
N LYS B 1160 -44.74 53.37 -42.56
CA LYS B 1160 -45.97 53.62 -43.29
C LYS B 1160 -46.09 55.08 -43.69
N LEU B 1161 -45.58 55.99 -42.85
CA LEU B 1161 -45.76 57.41 -43.10
C LEU B 1161 -44.87 57.89 -44.24
N MET B 1162 -43.60 57.51 -44.22
CA MET B 1162 -42.60 58.06 -45.13
C MET B 1162 -42.02 56.97 -46.01
N GLY B 1163 -41.89 57.27 -47.31
CA GLY B 1163 -41.16 56.41 -48.21
C GLY B 1163 -39.67 56.58 -48.02
N PRO B 1164 -38.90 55.51 -48.26
CA PRO B 1164 -37.47 55.56 -47.96
C PRO B 1164 -36.79 56.83 -48.45
N LYS B 1165 -36.85 57.07 -49.76
CA LYS B 1165 -36.30 58.27 -50.38
C LYS B 1165 -34.78 58.24 -50.35
N HIS B 1166 -34.21 57.32 -49.58
CA HIS B 1166 -32.87 56.79 -49.77
C HIS B 1166 -32.92 55.38 -49.19
N VAL B 1167 -33.29 54.43 -50.04
CA VAL B 1167 -33.82 53.16 -49.56
C VAL B 1167 -32.73 52.35 -48.88
N SER B 1168 -31.55 52.30 -49.48
CA SER B 1168 -30.48 51.48 -48.93
C SER B 1168 -30.17 51.89 -47.49
N SER B 1169 -29.89 53.17 -47.27
CA SER B 1169 -29.49 53.62 -45.94
C SER B 1169 -30.66 53.59 -44.96
N VAL B 1170 -31.85 54.00 -45.40
CA VAL B 1170 -33.01 53.92 -44.52
C VAL B 1170 -33.20 52.48 -44.06
N ARG B 1171 -33.06 51.52 -44.97
CA ARG B 1171 -33.24 50.12 -44.63
C ARG B 1171 -32.07 49.59 -43.80
N VAL B 1172 -30.88 50.16 -43.93
CA VAL B 1172 -29.79 49.75 -43.07
C VAL B 1172 -30.06 50.15 -41.63
N LYS B 1173 -30.54 51.37 -41.43
CA LYS B 1173 -30.98 51.77 -40.09
C LYS B 1173 -32.09 50.84 -39.60
N MET B 1174 -33.12 50.66 -40.44
CA MET B 1174 -34.17 49.71 -40.14
C MET B 1174 -33.60 48.34 -39.81
N MET B 1175 -32.44 48.01 -40.37
CA MET B 1175 -31.87 46.68 -40.17
C MET B 1175 -31.18 46.59 -38.81
N THR B 1176 -30.52 47.67 -38.38
CA THR B 1176 -30.07 47.73 -37.00
C THR B 1176 -31.25 47.51 -36.06
N THR B 1177 -32.37 48.19 -36.35
CA THR B 1177 -33.56 48.03 -35.51
C THR B 1177 -34.05 46.59 -35.53
N LEU B 1178 -34.26 46.03 -36.73
CA LEU B 1178 -34.74 44.66 -36.86
C LEU B 1178 -33.77 43.67 -36.23
N ARG B 1179 -32.48 44.00 -36.20
CA ARG B 1179 -31.51 43.14 -35.54
C ARG B 1179 -31.72 43.15 -34.03
N THR B 1180 -31.91 44.33 -33.45
CA THR B 1180 -32.25 44.37 -32.03
C THR B 1180 -33.53 43.59 -31.77
N GLY B 1181 -34.50 43.65 -32.68
CA GLY B 1181 -35.73 42.90 -32.50
C GLY B 1181 -35.50 41.40 -32.58
N LEU B 1182 -34.68 40.96 -33.53
CA LEU B 1182 -34.39 39.53 -33.67
C LEU B 1182 -33.64 39.01 -32.46
N ARG B 1183 -32.75 39.83 -31.88
CA ARG B 1183 -32.01 39.44 -30.69
C ARG B 1183 -32.93 38.80 -29.67
N PHE B 1184 -34.02 39.49 -29.33
CA PHE B 1184 -35.06 38.93 -28.46
C PHE B 1184 -36.19 38.44 -29.37
N LYS B 1185 -36.00 37.24 -29.91
CA LYS B 1185 -36.87 36.70 -30.94
C LYS B 1185 -38.35 36.75 -30.56
N ASP B 1186 -38.72 36.05 -29.50
CA ASP B 1186 -40.12 35.90 -29.12
C ASP B 1186 -40.84 37.24 -29.10
N ASP B 1187 -40.15 38.29 -28.63
CA ASP B 1187 -40.80 39.57 -28.40
C ASP B 1187 -41.16 40.27 -29.70
N PHE B 1188 -40.21 40.38 -30.63
CA PHE B 1188 -40.50 41.18 -31.80
C PHE B 1188 -40.37 40.37 -33.08
N PRO B 1189 -40.86 39.13 -33.10
CA PRO B 1189 -40.86 38.38 -34.35
C PRO B 1189 -41.81 39.01 -35.35
N GLU B 1190 -43.02 39.32 -34.87
CA GLU B 1190 -44.00 39.96 -35.73
C GLU B 1190 -43.52 41.32 -36.22
N LEU B 1191 -42.82 42.07 -35.36
CA LEU B 1191 -42.35 43.39 -35.75
C LEU B 1191 -41.24 43.29 -36.80
N CYS B 1192 -40.27 42.40 -36.57
CA CYS B 1192 -39.24 42.19 -37.59
C CYS B 1192 -39.86 41.75 -38.90
N CYS B 1193 -40.84 40.85 -38.83
CA CYS B 1193 -41.50 40.38 -40.04
C CYS B 1193 -42.25 41.50 -40.74
N ARG B 1194 -42.84 42.40 -39.97
CA ARG B 1194 -43.56 43.52 -40.57
C ARG B 1194 -42.59 44.46 -41.27
N ALA B 1195 -41.48 44.78 -40.64
CA ALA B 1195 -40.47 45.61 -41.30
C ALA B 1195 -39.98 44.94 -42.58
N TRP B 1196 -39.77 43.62 -42.53
CA TRP B 1196 -39.29 42.91 -43.71
C TRP B 1196 -40.34 42.93 -44.82
N ASP B 1197 -41.60 42.69 -44.48
CA ASP B 1197 -42.67 42.76 -45.48
C ASP B 1197 -42.80 44.16 -46.05
N CYS B 1198 -42.58 45.18 -45.21
CA CYS B 1198 -42.58 46.55 -45.69
C CYS B 1198 -41.50 46.75 -46.75
N PHE B 1199 -40.26 46.39 -46.39
CA PHE B 1199 -39.12 46.74 -47.23
C PHE B 1199 -39.44 46.61 -48.71
N VAL B 1200 -40.19 45.57 -49.10
CA VAL B 1200 -40.55 45.40 -50.51
C VAL B 1200 -41.48 46.52 -50.96
N ARG B 1201 -42.58 46.71 -50.23
CA ARG B 1201 -43.55 47.74 -50.61
C ARG B 1201 -42.92 49.13 -50.54
N CYS B 1202 -42.32 49.45 -49.40
CA CYS B 1202 -41.80 50.79 -49.17
C CYS B 1202 -40.64 51.13 -50.11
N LEU B 1203 -39.88 50.12 -50.55
CA LEU B 1203 -38.78 50.41 -51.44
C LEU B 1203 -39.31 50.81 -52.81
N ASP B 1204 -38.60 51.75 -53.45
CA ASP B 1204 -38.94 52.12 -54.82
C ASP B 1204 -38.58 50.97 -55.76
N HIS B 1205 -39.55 50.58 -56.58
CA HIS B 1205 -39.45 49.33 -57.31
C HIS B 1205 -38.24 49.29 -58.23
N ALA B 1206 -37.80 50.45 -58.72
CA ALA B 1206 -36.65 50.47 -59.62
C ALA B 1206 -35.44 49.78 -58.99
N CYS B 1207 -35.08 50.18 -57.78
CA CYS B 1207 -33.91 49.64 -57.09
C CYS B 1207 -34.38 48.58 -56.09
N LEU B 1208 -34.57 47.37 -56.60
CA LEU B 1208 -35.10 46.28 -55.79
C LEU B 1208 -33.99 45.48 -55.11
N GLY B 1209 -32.99 45.05 -55.89
CA GLY B 1209 -31.96 44.20 -55.33
C GLY B 1209 -31.16 44.86 -54.23
N SER B 1210 -30.92 46.17 -54.36
CA SER B 1210 -30.18 46.90 -53.33
C SER B 1210 -30.76 46.61 -51.95
N LEU B 1211 -32.08 46.73 -51.83
CA LEU B 1211 -32.72 46.40 -50.56
C LEU B 1211 -32.71 44.90 -50.32
N LEU B 1212 -33.12 44.12 -51.34
CA LEU B 1212 -33.36 42.69 -51.16
C LEU B 1212 -32.13 41.99 -50.58
N SER B 1213 -30.94 42.42 -50.98
CA SER B 1213 -29.74 41.77 -50.49
C SER B 1213 -29.70 41.79 -48.97
N HIS B 1214 -29.60 42.98 -48.40
CA HIS B 1214 -29.58 43.10 -46.95
C HIS B 1214 -30.82 42.51 -46.32
N VAL B 1215 -31.96 42.57 -47.02
CA VAL B 1215 -33.18 42.00 -46.48
C VAL B 1215 -33.00 40.51 -46.21
N ILE B 1216 -32.50 39.78 -47.20
CA ILE B 1216 -32.27 38.35 -47.00
C ILE B 1216 -31.16 38.12 -45.98
N VAL B 1217 -30.14 38.98 -46.02
CA VAL B 1217 -29.02 38.82 -45.11
C VAL B 1217 -29.48 38.89 -43.67
N ALA B 1218 -30.49 39.72 -43.40
CA ALA B 1218 -31.08 39.77 -42.07
C ALA B 1218 -32.19 38.74 -41.89
N LEU B 1219 -32.79 38.27 -42.98
CA LEU B 1219 -33.82 37.24 -42.86
C LEU B 1219 -33.24 35.93 -42.36
N LEU B 1220 -32.00 35.63 -42.73
CA LEU B 1220 -31.37 34.42 -42.20
C LEU B 1220 -31.37 34.43 -40.68
N PRO B 1221 -30.74 35.39 -40.00
CA PRO B 1221 -30.89 35.46 -38.54
C PRO B 1221 -32.34 35.46 -38.13
N LEU B 1222 -33.17 36.17 -38.91
CA LEU B 1222 -34.62 36.07 -38.73
C LEU B 1222 -35.07 34.63 -38.82
N ILE B 1223 -34.55 33.87 -39.80
CA ILE B 1223 -34.88 32.46 -39.89
C ILE B 1223 -34.58 31.76 -38.57
N HIS B 1224 -33.45 32.09 -37.95
CA HIS B 1224 -33.13 31.54 -36.64
C HIS B 1224 -34.23 31.85 -35.64
N ILE B 1225 -34.58 33.13 -35.51
CA ILE B 1225 -35.59 33.54 -34.52
C ILE B 1225 -36.86 32.74 -34.71
N GLN B 1226 -37.39 32.73 -35.92
CA GLN B 1226 -38.54 31.88 -36.23
C GLN B 1226 -38.38 31.32 -37.63
N PRO B 1227 -38.26 30.00 -37.76
CA PRO B 1227 -38.21 29.41 -39.10
C PRO B 1227 -39.37 29.85 -39.98
N LYS B 1228 -40.57 29.96 -39.42
CA LYS B 1228 -41.76 30.19 -40.25
C LYS B 1228 -41.95 31.65 -40.65
N GLU B 1229 -41.58 32.59 -39.78
CA GLU B 1229 -41.77 34.00 -40.11
C GLU B 1229 -40.89 34.42 -41.28
N THR B 1230 -39.65 33.93 -41.29
CA THR B 1230 -38.78 34.18 -42.43
C THR B 1230 -39.43 33.69 -43.72
N ALA B 1231 -40.08 32.53 -43.67
CA ALA B 1231 -40.75 32.00 -44.85
C ALA B 1231 -41.92 32.89 -45.27
N ALA B 1232 -42.70 33.36 -44.29
CA ALA B 1232 -43.77 34.30 -44.61
C ALA B 1232 -43.23 35.50 -45.37
N ILE B 1233 -42.20 36.14 -44.82
CA ILE B 1233 -41.65 37.33 -45.46
C ILE B 1233 -41.08 36.99 -46.82
N PHE B 1234 -40.46 35.83 -46.95
CA PHE B 1234 -39.87 35.45 -48.24
C PHE B 1234 -40.94 35.24 -49.29
N HIS B 1235 -42.08 34.66 -48.91
CA HIS B 1235 -43.18 34.51 -49.84
C HIS B 1235 -43.70 35.87 -50.27
N TYR B 1236 -43.88 36.78 -49.31
CA TYR B 1236 -44.25 38.15 -49.66
C TYR B 1236 -43.28 38.73 -50.69
N LEU B 1237 -41.98 38.59 -50.43
CA LEU B 1237 -40.95 39.05 -51.35
C LEU B 1237 -41.16 38.45 -52.74
N ILE B 1238 -41.21 37.12 -52.80
CA ILE B 1238 -41.38 36.42 -54.07
C ILE B 1238 -42.50 37.04 -54.86
N ILE B 1239 -43.67 37.17 -54.25
CA ILE B 1239 -44.79 37.81 -54.93
C ILE B 1239 -44.41 39.21 -55.37
N GLU B 1240 -43.71 39.95 -54.50
CA GLU B 1240 -43.48 41.37 -54.73
C GLU B 1240 -42.56 41.60 -55.92
N ASN B 1241 -41.60 40.71 -56.14
CA ASN B 1241 -40.46 41.00 -56.99
C ASN B 1241 -40.42 40.04 -58.19
N ARG B 1242 -39.88 40.55 -59.30
CA ARG B 1242 -39.79 39.81 -60.55
C ARG B 1242 -38.41 40.01 -61.15
N ASP B 1243 -37.59 38.96 -61.09
CA ASP B 1243 -36.22 38.90 -61.59
C ASP B 1243 -35.28 39.72 -60.69
N ALA B 1244 -35.84 40.63 -59.91
CA ALA B 1244 -35.07 41.28 -58.86
C ALA B 1244 -35.08 40.44 -57.59
N VAL B 1245 -36.18 39.73 -57.36
CA VAL B 1245 -36.18 38.63 -56.41
C VAL B 1245 -35.29 37.50 -56.93
N GLN B 1246 -35.31 37.27 -58.25
CA GLN B 1246 -34.53 36.19 -58.83
C GLN B 1246 -33.02 36.42 -58.67
N ASP B 1247 -32.60 37.68 -58.74
CA ASP B 1247 -31.19 37.98 -58.50
C ASP B 1247 -30.70 37.32 -57.22
N PHE B 1248 -31.33 37.64 -56.09
CA PHE B 1248 -30.92 37.05 -54.82
C PHE B 1248 -31.22 35.55 -54.77
N LEU B 1249 -32.35 35.13 -55.35
CA LEU B 1249 -32.67 33.71 -55.37
C LEU B 1249 -31.56 32.91 -56.02
N HIS B 1250 -30.91 33.48 -57.04
CA HIS B 1250 -29.78 32.81 -57.67
C HIS B 1250 -28.70 32.52 -56.65
N GLU B 1251 -28.45 33.48 -55.76
CA GLU B 1251 -27.52 33.23 -54.66
C GLU B 1251 -28.13 32.24 -53.68
N ILE B 1252 -27.34 31.24 -53.29
CA ILE B 1252 -27.77 30.24 -52.33
C ILE B 1252 -27.45 30.66 -50.90
N TYR B 1253 -27.03 31.91 -50.70
CA TYR B 1253 -26.52 32.31 -49.39
C TYR B 1253 -27.62 32.27 -48.33
N PHE B 1254 -28.88 32.37 -48.74
CA PHE B 1254 -29.97 32.17 -47.78
C PHE B 1254 -29.85 30.82 -47.10
N LEU B 1255 -29.76 29.76 -47.90
CA LEU B 1255 -29.39 28.45 -47.38
C LEU B 1255 -30.33 28.00 -46.27
N PRO B 1256 -31.64 28.09 -46.46
CA PRO B 1256 -32.55 27.52 -45.46
C PRO B 1256 -32.65 26.01 -45.63
N ASP B 1257 -32.76 25.31 -44.49
CA ASP B 1257 -32.88 23.85 -44.46
C ASP B 1257 -34.05 23.49 -43.56
N HIS B 1258 -35.25 23.48 -44.12
CA HIS B 1258 -36.46 23.07 -43.40
C HIS B 1258 -37.66 23.11 -44.33
N PRO B 1259 -38.80 22.54 -43.93
CA PRO B 1259 -40.03 22.71 -44.71
C PRO B 1259 -40.27 24.16 -45.10
N GLU B 1260 -40.12 25.08 -44.15
CA GLU B 1260 -40.12 26.49 -44.51
C GLU B 1260 -39.08 26.74 -45.60
N LEU B 1261 -37.87 26.24 -45.39
CA LEU B 1261 -36.90 26.21 -46.48
C LEU B 1261 -37.46 25.46 -47.68
N LYS B 1262 -38.40 24.53 -47.46
CA LYS B 1262 -39.04 23.86 -48.57
C LYS B 1262 -40.01 24.78 -49.29
N LYS B 1263 -40.64 25.70 -48.58
CA LYS B 1263 -41.41 26.76 -49.26
C LYS B 1263 -40.49 27.62 -50.09
N ILE B 1264 -39.38 28.08 -49.50
CA ILE B 1264 -38.38 28.83 -50.25
C ILE B 1264 -37.88 28.02 -51.44
N LYS B 1265 -37.85 26.70 -51.31
CA LYS B 1265 -37.34 25.85 -52.38
C LYS B 1265 -38.37 25.70 -53.50
N ALA B 1266 -39.65 25.62 -53.16
CA ALA B 1266 -40.67 25.77 -54.19
C ALA B 1266 -40.50 27.10 -54.92
N VAL B 1267 -40.16 28.14 -54.17
CA VAL B 1267 -39.85 29.43 -54.78
C VAL B 1267 -38.67 29.29 -55.74
N LEU B 1268 -37.61 28.63 -55.30
CA LEU B 1268 -36.42 28.48 -56.12
C LEU B 1268 -36.71 27.65 -57.36
N GLN B 1269 -37.62 26.70 -57.26
CA GLN B 1269 -38.04 25.93 -58.43
C GLN B 1269 -38.79 26.82 -59.41
N GLU B 1270 -39.73 27.63 -58.91
CA GLU B 1270 -40.35 28.63 -59.76
C GLU B 1270 -39.29 29.48 -60.45
N TYR B 1271 -38.26 29.88 -59.70
CA TYR B 1271 -37.16 30.65 -60.28
C TYR B 1271 -36.51 29.89 -61.42
N ARG B 1272 -36.09 28.66 -61.16
CA ARG B 1272 -35.46 27.82 -62.18
C ARG B 1272 -36.37 26.65 -62.55
N LEU B 1281 -26.36 14.24 -53.74
CA LEU B 1281 -25.68 14.78 -52.57
C LEU B 1281 -24.61 15.77 -52.99
N GLN B 1282 -23.94 15.47 -54.10
CA GLN B 1282 -22.88 16.34 -54.58
C GLN B 1282 -23.40 17.75 -54.83
N THR B 1283 -24.63 17.85 -55.33
CA THR B 1283 -25.24 19.16 -55.54
C THR B 1283 -25.32 19.93 -54.24
N THR B 1284 -25.95 19.33 -53.23
CA THR B 1284 -26.04 19.96 -51.92
C THR B 1284 -24.66 20.34 -51.41
N LEU B 1285 -23.67 19.50 -51.68
CA LEU B 1285 -22.32 19.77 -51.21
C LEU B 1285 -21.77 21.04 -51.84
N GLN B 1286 -21.89 21.14 -53.16
CA GLN B 1286 -21.45 22.36 -53.83
C GLN B 1286 -22.19 23.57 -53.30
N LEU B 1287 -23.49 23.44 -53.09
CA LEU B 1287 -24.29 24.55 -52.58
C LEU B 1287 -23.72 25.02 -51.25
N SER B 1288 -23.60 24.10 -50.30
CA SER B 1288 -23.08 24.46 -48.99
C SER B 1288 -21.68 25.06 -49.11
N MET B 1289 -20.87 24.53 -50.02
CA MET B 1289 -19.55 25.10 -50.24
C MET B 1289 -19.66 26.57 -50.56
N LYS B 1290 -20.34 26.89 -51.66
CA LYS B 1290 -20.54 28.29 -52.03
C LYS B 1290 -21.07 29.09 -50.86
N ALA B 1291 -21.96 28.48 -50.08
CA ALA B 1291 -22.49 29.16 -48.90
C ALA B 1291 -21.37 29.61 -47.98
N ILE B 1292 -20.61 28.65 -47.47
CA ILE B 1292 -19.58 28.94 -46.47
C ILE B 1292 -18.70 30.10 -46.91
N GLN B 1293 -18.40 30.18 -48.20
CA GLN B 1293 -17.56 31.27 -48.67
C GLN B 1293 -18.23 32.62 -48.50
N HIS B 1294 -19.54 32.65 -48.34
CA HIS B 1294 -20.25 33.93 -48.31
C HIS B 1294 -19.67 34.88 -47.27
N GLU B 1295 -19.88 36.17 -47.48
CA GLU B 1295 -19.25 37.18 -46.62
C GLU B 1295 -19.98 37.32 -45.29
N ASN B 1296 -21.30 37.34 -45.30
CA ASN B 1296 -22.05 37.55 -44.07
C ASN B 1296 -21.74 36.44 -43.09
N VAL B 1297 -21.25 36.82 -41.91
CA VAL B 1297 -20.78 35.84 -40.95
C VAL B 1297 -21.90 34.87 -40.58
N ASP B 1298 -23.10 35.39 -40.34
CA ASP B 1298 -24.20 34.52 -39.95
C ASP B 1298 -24.57 33.58 -41.10
N VAL B 1299 -24.54 34.09 -42.33
CA VAL B 1299 -24.69 33.21 -43.49
C VAL B 1299 -23.76 32.02 -43.36
N ARG B 1300 -22.46 32.31 -43.18
CA ARG B 1300 -21.48 31.24 -43.09
C ARG B 1300 -21.78 30.32 -41.92
N ILE B 1301 -22.21 30.86 -40.78
CA ILE B 1301 -22.44 30.04 -39.60
C ILE B 1301 -23.55 29.04 -39.89
N HIS B 1302 -24.66 29.52 -40.44
CA HIS B 1302 -25.74 28.62 -40.79
C HIS B 1302 -25.24 27.58 -41.79
N ALA B 1303 -24.49 28.02 -42.80
CA ALA B 1303 -23.96 27.10 -43.77
C ALA B 1303 -23.19 25.99 -43.09
N LEU B 1304 -22.30 26.36 -42.17
CA LEU B 1304 -21.44 25.39 -41.52
C LEU B 1304 -22.25 24.41 -40.68
N THR B 1305 -23.24 24.92 -39.94
CA THR B 1305 -24.05 24.04 -39.13
C THR B 1305 -24.79 23.03 -40.00
N SER B 1306 -25.48 23.53 -41.02
CA SER B 1306 -26.15 22.64 -41.95
C SER B 1306 -25.19 21.61 -42.52
N LEU B 1307 -23.98 22.06 -42.87
CA LEU B 1307 -23.01 21.16 -43.49
C LEU B 1307 -22.60 20.06 -42.53
N LYS B 1308 -22.33 20.42 -41.28
CA LYS B 1308 -21.97 19.43 -40.28
C LYS B 1308 -23.07 18.39 -40.16
N GLU B 1309 -24.31 18.85 -40.01
CA GLU B 1309 -25.41 17.91 -39.90
C GLU B 1309 -25.45 17.00 -41.12
N THR B 1310 -25.36 17.59 -42.31
CA THR B 1310 -25.41 16.81 -43.54
C THR B 1310 -24.34 15.73 -43.53
N LEU B 1311 -23.09 16.14 -43.35
CA LEU B 1311 -21.99 15.18 -43.28
C LEU B 1311 -22.34 14.03 -42.35
N TYR B 1312 -22.80 14.33 -41.14
CA TYR B 1312 -23.16 13.23 -40.26
C TYR B 1312 -24.25 12.37 -40.88
N LYS B 1313 -25.17 12.99 -41.61
CA LYS B 1313 -26.29 12.24 -42.14
C LYS B 1313 -25.89 11.43 -43.37
N ASN B 1314 -25.06 11.99 -44.24
CA ASN B 1314 -24.62 11.31 -45.45
C ASN B 1314 -23.25 10.67 -45.27
N GLN B 1315 -22.92 10.27 -44.04
CA GLN B 1315 -21.61 9.72 -43.78
C GLN B 1315 -21.30 8.54 -44.68
N GLU B 1316 -22.29 7.70 -44.95
CA GLU B 1316 -22.05 6.52 -45.77
C GLU B 1316 -21.56 6.91 -47.16
N LYS B 1317 -22.36 7.68 -47.89
CA LYS B 1317 -21.97 8.09 -49.23
C LYS B 1317 -20.64 8.84 -49.20
N LEU B 1318 -20.40 9.61 -48.15
CA LEU B 1318 -19.16 10.36 -48.07
C LEU B 1318 -17.97 9.41 -47.98
N ILE B 1319 -18.04 8.44 -47.06
CA ILE B 1319 -16.97 7.47 -46.94
C ILE B 1319 -16.77 6.74 -48.26
N LYS B 1320 -17.86 6.39 -48.93
CA LYS B 1320 -17.75 5.74 -50.22
C LYS B 1320 -16.96 6.60 -51.19
N TYR B 1321 -17.31 7.88 -51.26
CA TYR B 1321 -16.55 8.82 -52.08
C TYR B 1321 -15.08 8.77 -51.72
N ALA B 1322 -14.77 8.81 -50.43
CA ALA B 1322 -13.40 8.97 -50.00
C ALA B 1322 -12.57 7.74 -50.34
N THR B 1323 -13.15 6.55 -50.21
CA THR B 1323 -12.36 5.33 -50.23
C THR B 1323 -12.60 4.44 -51.44
N ASP B 1324 -13.50 4.81 -52.34
CA ASP B 1324 -13.75 3.93 -53.48
C ASP B 1324 -12.55 3.86 -54.40
N SER B 1325 -11.81 4.95 -54.55
CA SER B 1325 -10.71 5.01 -55.51
C SER B 1325 -9.50 5.66 -54.86
N GLU B 1326 -8.33 5.32 -55.39
CA GLU B 1326 -7.08 5.82 -54.85
C GLU B 1326 -7.20 7.28 -54.47
N THR B 1327 -7.68 8.10 -55.40
CA THR B 1327 -7.88 9.51 -55.13
C THR B 1327 -9.33 9.76 -54.73
N VAL B 1328 -9.52 10.75 -53.86
CA VAL B 1328 -10.85 11.07 -53.39
C VAL B 1328 -11.66 11.72 -54.50
N GLU B 1329 -12.97 11.68 -54.35
CA GLU B 1329 -13.84 12.40 -55.26
C GLU B 1329 -13.45 13.89 -55.27
N PRO B 1330 -13.35 14.51 -56.44
CA PRO B 1330 -12.88 15.90 -56.48
C PRO B 1330 -13.65 16.83 -55.57
N ILE B 1331 -14.98 16.68 -55.55
CA ILE B 1331 -15.81 17.51 -54.69
C ILE B 1331 -15.27 17.49 -53.27
N ILE B 1332 -14.86 16.32 -52.79
CA ILE B 1332 -14.34 16.21 -51.44
C ILE B 1332 -13.10 17.08 -51.28
N SER B 1333 -12.20 17.02 -52.26
CA SER B 1333 -10.99 17.83 -52.19
C SER B 1333 -11.34 19.30 -52.09
N GLN B 1334 -12.20 19.76 -52.98
CA GLN B 1334 -12.59 21.17 -52.93
C GLN B 1334 -13.19 21.52 -51.58
N LEU B 1335 -14.06 20.66 -51.07
CA LEU B 1335 -14.70 20.93 -49.78
C LEU B 1335 -13.67 21.07 -48.69
N VAL B 1336 -12.66 20.21 -48.68
CA VAL B 1336 -11.67 20.25 -47.61
C VAL B 1336 -10.81 21.50 -47.74
N THR B 1337 -10.45 21.87 -48.97
CA THR B 1337 -9.75 23.13 -49.17
C THR B 1337 -10.57 24.27 -48.57
N VAL B 1338 -11.86 24.30 -48.90
CA VAL B 1338 -12.72 25.38 -48.41
C VAL B 1338 -12.75 25.41 -46.89
N LEU B 1339 -12.91 24.24 -46.28
CA LEU B 1339 -13.01 24.20 -44.82
C LEU B 1339 -11.71 24.67 -44.18
N LEU B 1340 -10.57 24.22 -44.70
CA LEU B 1340 -9.30 24.64 -44.12
C LEU B 1340 -9.11 26.15 -44.28
N LYS B 1341 -9.54 26.70 -45.41
CA LYS B 1341 -9.54 28.15 -45.54
C LYS B 1341 -10.37 28.78 -44.44
N GLY B 1342 -11.65 28.40 -44.36
CA GLY B 1342 -12.52 28.93 -43.34
C GLY B 1342 -11.90 28.90 -41.97
N CYS B 1343 -11.10 27.87 -41.70
CA CYS B 1343 -10.34 27.87 -40.45
C CYS B 1343 -9.66 29.21 -40.24
N GLN B 1344 -9.19 29.83 -41.32
CA GLN B 1344 -8.52 31.12 -41.22
C GLN B 1344 -9.47 32.26 -40.86
N ASP B 1345 -10.78 32.04 -40.92
CA ASP B 1345 -11.73 33.11 -40.71
C ASP B 1345 -11.55 33.74 -39.33
N ALA B 1346 -12.10 34.95 -39.19
CA ALA B 1346 -11.94 35.70 -37.95
C ALA B 1346 -12.90 35.21 -36.86
N ASN B 1347 -14.16 35.03 -37.22
CA ASN B 1347 -15.15 34.64 -36.21
C ASN B 1347 -14.80 33.30 -35.59
N SER B 1348 -14.63 33.30 -34.27
CA SER B 1348 -14.34 32.06 -33.56
C SER B 1348 -15.37 30.99 -33.87
N GLN B 1349 -16.65 31.36 -33.78
CA GLN B 1349 -17.71 30.37 -33.98
C GLN B 1349 -17.55 29.64 -35.30
N ALA B 1350 -17.32 30.39 -36.37
CA ALA B 1350 -17.12 29.77 -37.67
C ALA B 1350 -15.92 28.84 -37.67
N ARG B 1351 -14.81 29.29 -37.08
CA ARG B 1351 -13.63 28.45 -37.00
C ARG B 1351 -13.95 27.12 -36.36
N LEU B 1352 -14.60 27.16 -35.21
CA LEU B 1352 -14.92 25.92 -34.51
C LEU B 1352 -15.85 25.06 -35.35
N LEU B 1353 -16.86 25.67 -35.96
CA LEU B 1353 -17.77 24.91 -36.80
C LEU B 1353 -17.03 24.20 -37.92
N CYS B 1354 -16.08 24.87 -38.54
CA CYS B 1354 -15.35 24.28 -39.65
C CYS B 1354 -14.38 23.19 -39.19
N GLY B 1355 -13.75 23.39 -38.03
CA GLY B 1355 -12.99 22.30 -37.45
C GLY B 1355 -13.85 21.08 -37.27
N GLU B 1356 -15.08 21.28 -36.78
CA GLU B 1356 -16.03 20.18 -36.71
C GLU B 1356 -16.29 19.59 -38.08
N CYS B 1357 -16.44 20.45 -39.08
CA CYS B 1357 -16.62 19.97 -40.45
C CYS B 1357 -15.55 18.96 -40.81
N LEU B 1358 -14.30 19.38 -40.71
CA LEU B 1358 -13.19 18.50 -41.05
C LEU B 1358 -13.26 17.22 -40.23
N GLY B 1359 -13.21 17.35 -38.91
CA GLY B 1359 -13.24 16.18 -38.06
C GLY B 1359 -14.31 15.19 -38.47
N GLU B 1360 -15.50 15.70 -38.83
CA GLU B 1360 -16.55 14.80 -39.29
C GLU B 1360 -16.17 14.15 -40.61
N LEU B 1361 -15.56 14.92 -41.51
CA LEU B 1361 -15.13 14.34 -42.78
C LEU B 1361 -14.24 13.14 -42.55
N GLY B 1362 -13.44 13.18 -41.50
CA GLY B 1362 -12.36 12.22 -41.30
C GLY B 1362 -11.02 12.89 -41.51
N ALA B 1363 -9.96 12.13 -41.30
CA ALA B 1363 -8.61 12.63 -41.49
C ALA B 1363 -8.08 11.98 -42.76
N ILE B 1364 -8.44 12.58 -43.91
CA ILE B 1364 -8.08 11.98 -45.19
C ILE B 1364 -6.58 12.10 -45.41
N ASP B 1365 -5.98 11.03 -45.90
CA ASP B 1365 -4.57 11.05 -46.20
C ASP B 1365 -4.29 12.09 -47.28
N PRO B 1366 -3.52 13.13 -46.98
CA PRO B 1366 -3.22 14.15 -47.99
C PRO B 1366 -2.99 13.56 -49.36
N GLY B 1367 -2.38 12.38 -49.39
CA GLY B 1367 -2.20 11.70 -50.66
C GLY B 1367 -3.50 11.54 -51.42
N ARG B 1368 -4.51 10.98 -50.76
CA ARG B 1368 -5.77 10.74 -51.46
C ARG B 1368 -6.40 12.05 -51.92
N LEU B 1369 -6.21 13.12 -51.18
CA LEU B 1369 -6.68 14.42 -51.63
C LEU B 1369 -5.78 14.95 -52.73
N ASP B 1370 -6.26 15.95 -53.45
CA ASP B 1370 -5.48 16.64 -54.46
C ASP B 1370 -5.74 18.13 -54.34
N PHE B 1371 -4.67 18.89 -54.17
CA PHE B 1371 -4.75 20.35 -54.05
C PHE B 1371 -4.09 20.97 -55.26
N SER B 1372 -4.90 21.32 -56.24
CA SER B 1372 -4.46 22.22 -57.31
C SER B 1372 -5.12 23.58 -57.22
N THR B 1373 -6.22 23.69 -56.47
CA THR B 1373 -6.91 24.96 -56.32
C THR B 1373 -6.07 25.98 -55.57
N THR B 1374 -5.33 25.54 -54.55
CA THR B 1374 -4.58 26.44 -53.68
C THR B 1374 -3.32 26.94 -54.42
N GLU B 1375 -3.56 27.82 -55.39
CA GLU B 1375 -2.44 28.54 -55.99
C GLU B 1375 -1.85 29.53 -55.00
N THR B 1376 -2.70 30.13 -54.16
CA THR B 1376 -2.29 31.00 -53.07
C THR B 1376 -1.20 31.99 -53.51
N GLN B 1377 -1.48 32.70 -54.60
CA GLN B 1377 -0.63 33.83 -54.97
C GLN B 1377 -0.57 34.86 -53.84
N GLY B 1378 -1.71 35.08 -53.18
CA GLY B 1378 -1.78 35.95 -52.03
C GLY B 1378 -1.97 37.42 -52.33
N LYS B 1379 -1.94 37.84 -53.59
CA LYS B 1379 -2.08 39.24 -53.95
C LYS B 1379 -1.11 40.11 -53.15
N ASP B 1380 0.12 39.63 -53.02
CA ASP B 1380 1.13 40.30 -52.22
C ASP B 1380 2.37 40.59 -53.07
N PHE B 1381 3.33 41.27 -52.45
CA PHE B 1381 4.56 41.65 -53.13
C PHE B 1381 4.36 42.86 -54.03
N THR B 1382 3.30 43.64 -53.79
CA THR B 1382 3.12 44.88 -54.53
C THR B 1382 4.10 45.93 -54.02
N PHE B 1383 5.40 45.64 -54.11
CA PHE B 1383 6.41 46.58 -53.67
C PHE B 1383 6.21 47.93 -54.31
N VAL B 1384 6.17 48.97 -53.49
CA VAL B 1384 6.00 50.34 -53.96
C VAL B 1384 7.37 50.96 -54.14
N THR B 1385 7.64 51.43 -55.36
CA THR B 1385 8.95 52.00 -55.64
C THR B 1385 9.17 53.30 -54.87
N GLY B 1386 8.10 54.02 -54.55
CA GLY B 1386 8.25 55.27 -53.83
C GLY B 1386 6.91 55.85 -53.45
N VAL B 1387 6.97 56.88 -52.60
CA VAL B 1387 5.76 57.57 -52.16
C VAL B 1387 5.06 58.23 -53.33
N GLU B 1388 5.84 58.86 -54.22
CA GLU B 1388 5.26 59.56 -55.37
C GLU B 1388 4.28 58.66 -56.12
N ASP B 1389 4.60 57.37 -56.22
CA ASP B 1389 3.75 56.44 -56.96
C ASP B 1389 2.30 56.59 -56.53
N SER B 1390 1.42 56.69 -57.52
CA SER B 1390 0.00 56.91 -57.23
C SER B 1390 -0.55 55.80 -56.35
N SER B 1391 -0.21 54.54 -56.65
CA SER B 1391 -0.78 53.42 -55.92
C SER B 1391 -0.44 53.49 -54.44
N PHE B 1392 0.78 53.93 -54.11
CA PHE B 1392 1.18 53.98 -52.71
C PHE B 1392 0.43 55.08 -51.97
N ALA B 1393 0.45 56.31 -52.50
CA ALA B 1393 -0.33 57.37 -51.89
C ALA B 1393 -1.79 56.96 -51.76
N TYR B 1394 -2.28 56.16 -52.70
CA TYR B 1394 -3.66 55.68 -52.63
C TYR B 1394 -3.85 54.73 -51.47
N GLY B 1395 -2.94 53.77 -51.30
CA GLY B 1395 -3.00 52.92 -50.12
C GLY B 1395 -2.98 53.72 -48.85
N LEU B 1396 -2.16 54.77 -48.81
CA LEU B 1396 -2.10 55.64 -47.64
C LEU B 1396 -3.45 56.30 -47.39
N LEU B 1397 -4.08 56.79 -48.45
CA LEU B 1397 -5.39 57.41 -48.31
C LEU B 1397 -6.42 56.40 -47.81
N MET B 1398 -6.39 55.19 -48.34
CA MET B 1398 -7.30 54.15 -47.86
C MET B 1398 -7.07 53.88 -46.38
N GLU B 1399 -5.80 53.81 -45.97
CA GLU B 1399 -5.47 53.67 -44.57
C GLU B 1399 -6.16 54.75 -43.76
N LEU B 1400 -5.95 56.02 -44.13
CA LEU B 1400 -6.47 57.12 -43.33
C LEU B 1400 -7.99 57.11 -43.29
N THR B 1401 -8.63 56.76 -44.41
CA THR B 1401 -10.09 56.71 -44.44
C THR B 1401 -10.62 55.62 -43.53
N ARG B 1402 -10.12 54.39 -43.70
CA ARG B 1402 -10.50 53.30 -42.81
C ARG B 1402 -10.21 53.66 -41.36
N ALA B 1403 -9.22 54.51 -41.13
CA ALA B 1403 -8.90 54.94 -39.76
C ALA B 1403 -9.99 55.84 -39.22
N TYR B 1404 -10.22 56.98 -39.89
CA TYR B 1404 -11.25 57.91 -39.42
C TYR B 1404 -12.59 57.22 -39.23
N LEU B 1405 -12.93 56.28 -40.11
CA LEU B 1405 -14.17 55.54 -39.93
C LEU B 1405 -14.05 54.54 -38.79
N ALA B 1406 -12.85 53.99 -38.56
CA ALA B 1406 -12.68 52.92 -37.60
C ALA B 1406 -13.08 53.34 -36.20
N TYR B 1407 -12.64 54.53 -35.78
CA TYR B 1407 -12.87 55.00 -34.42
C TYR B 1407 -13.55 56.36 -34.44
N ALA B 1408 -14.64 56.47 -33.69
CA ALA B 1408 -15.24 57.76 -33.35
C ALA B 1408 -14.91 58.19 -31.94
N ASP B 1409 -14.07 57.42 -31.23
CA ASP B 1409 -13.75 57.72 -29.85
C ASP B 1409 -13.16 59.11 -29.71
N ASN B 1410 -12.36 59.54 -30.68
CA ASN B 1410 -11.78 60.87 -30.68
C ASN B 1410 -12.20 61.58 -31.96
N SER B 1411 -12.97 62.66 -31.81
CA SER B 1411 -13.29 63.49 -32.96
C SER B 1411 -12.02 64.03 -33.60
N ARG B 1412 -11.04 64.41 -32.77
CA ARG B 1412 -9.77 64.90 -33.30
C ARG B 1412 -9.16 63.92 -34.27
N ALA B 1413 -9.34 62.62 -34.04
CA ALA B 1413 -8.68 61.59 -34.84
C ALA B 1413 -9.34 61.38 -36.21
N GLN B 1414 -10.64 61.13 -36.22
CA GLN B 1414 -11.36 61.12 -37.49
C GLN B 1414 -11.12 62.40 -38.26
N ASP B 1415 -11.12 63.52 -37.54
CA ASP B 1415 -10.83 64.81 -38.17
C ASP B 1415 -9.44 64.82 -38.75
N SER B 1416 -8.47 64.21 -38.08
CA SER B 1416 -7.12 64.14 -38.60
C SER B 1416 -7.09 63.33 -39.89
N ALA B 1417 -7.86 62.25 -39.95
CA ALA B 1417 -7.89 61.43 -41.15
C ALA B 1417 -8.49 62.20 -42.33
N ALA B 1418 -9.63 62.86 -42.11
CA ALA B 1418 -10.20 63.67 -43.17
C ALA B 1418 -9.30 64.85 -43.52
N TYR B 1419 -8.61 65.39 -42.51
CA TYR B 1419 -7.64 66.45 -42.73
C TYR B 1419 -6.54 66.00 -43.66
N ALA B 1420 -6.04 64.77 -43.44
CA ALA B 1420 -5.06 64.20 -44.35
C ALA B 1420 -5.65 63.97 -45.73
N ILE B 1421 -6.94 63.64 -45.80
CA ILE B 1421 -7.62 63.61 -47.10
C ILE B 1421 -7.46 64.94 -47.81
N GLN B 1422 -7.75 66.03 -47.10
CA GLN B 1422 -7.62 67.36 -47.68
C GLN B 1422 -6.18 67.64 -48.09
N GLU B 1423 -5.23 67.30 -47.23
CA GLU B 1423 -3.82 67.55 -47.54
C GLU B 1423 -3.36 66.71 -48.72
N LEU B 1424 -3.97 65.55 -48.93
CA LEU B 1424 -3.63 64.74 -50.09
C LEU B 1424 -4.20 65.34 -51.36
N LEU B 1425 -5.43 65.84 -51.30
CA LEU B 1425 -5.93 66.68 -52.38
C LEU B 1425 -4.95 67.80 -52.66
N SER B 1426 -4.36 68.37 -51.60
CA SER B 1426 -3.31 69.37 -51.78
C SER B 1426 -2.13 68.80 -52.55
N ILE B 1427 -1.65 67.63 -52.13
CA ILE B 1427 -0.53 66.98 -52.82
C ILE B 1427 -0.92 66.63 -54.25
N TYR B 1428 -2.12 66.09 -54.44
CA TYR B 1428 -2.61 65.73 -55.76
C TYR B 1428 -4.12 65.68 -55.71
N ASP B 1429 -4.75 66.10 -56.80
CA ASP B 1429 -6.20 66.22 -56.86
C ASP B 1429 -6.82 64.94 -57.41
N CYS B 1430 -7.83 64.43 -56.69
CA CYS B 1430 -8.55 63.26 -57.18
C CYS B 1430 -9.33 63.58 -58.45
N ARG B 1431 -9.93 64.77 -58.52
CA ARG B 1431 -10.66 65.21 -59.68
C ARG B 1431 -9.74 65.34 -60.90
N HIS B 1440 -8.56 63.20 -63.11
CA HIS B 1440 -9.57 62.35 -62.51
C HIS B 1440 -8.97 60.99 -62.13
N GLN B 1441 -7.69 60.82 -62.42
CA GLN B 1441 -7.03 59.54 -62.14
C GLN B 1441 -7.06 59.23 -60.65
N LEU B 1442 -6.71 60.20 -59.82
CA LEU B 1442 -6.71 59.97 -58.37
C LEU B 1442 -8.07 59.48 -57.90
N TRP B 1443 -9.13 60.22 -58.23
CA TRP B 1443 -10.48 59.75 -57.93
C TRP B 1443 -10.69 58.34 -58.49
N ARG B 1444 -10.21 58.09 -59.72
CA ARG B 1444 -10.33 56.78 -60.31
C ARG B 1444 -9.64 55.71 -59.48
N ARG B 1445 -8.58 56.08 -58.76
CA ARG B 1445 -7.76 55.08 -58.07
C ARG B 1445 -8.50 54.44 -56.92
N PHE B 1446 -9.25 55.22 -56.15
CA PHE B 1446 -9.90 54.71 -54.96
C PHE B 1446 -11.29 54.17 -55.28
N PRO B 1447 -11.78 53.22 -54.49
CA PRO B 1447 -13.09 52.64 -54.72
C PRO B 1447 -14.19 53.55 -54.17
N GLU B 1448 -15.44 53.12 -54.35
CA GLU B 1448 -16.58 53.97 -53.99
C GLU B 1448 -16.95 53.84 -52.52
N HIS B 1449 -16.82 52.65 -51.92
CA HIS B 1449 -17.01 52.57 -50.47
C HIS B 1449 -15.98 53.43 -49.74
N VAL B 1450 -14.90 53.80 -50.41
CA VAL B 1450 -13.92 54.75 -49.90
C VAL B 1450 -14.21 56.11 -50.52
N ARG B 1451 -14.70 56.11 -51.76
CA ARG B 1451 -14.97 57.36 -52.45
C ARG B 1451 -15.99 58.20 -51.69
N GLU B 1452 -17.17 57.64 -51.45
CA GLU B 1452 -18.22 58.36 -50.73
C GLU B 1452 -17.80 58.71 -49.31
N ILE B 1453 -16.99 57.86 -48.68
CA ILE B 1453 -16.57 58.13 -47.32
C ILE B 1453 -15.62 59.32 -47.27
N LEU B 1454 -14.70 59.41 -48.22
CA LEU B 1454 -13.74 60.50 -48.23
C LEU B 1454 -14.29 61.78 -48.85
N GLU B 1455 -15.34 61.69 -49.65
CA GLU B 1455 -15.85 62.88 -50.33
C GLU B 1455 -16.28 63.98 -49.37
N PRO B 1456 -17.02 63.70 -48.30
CA PRO B 1456 -17.48 64.81 -47.43
C PRO B 1456 -16.37 65.73 -46.97
N HIS B 1457 -15.19 65.17 -46.67
CA HIS B 1457 -14.05 65.97 -46.24
C HIS B 1457 -12.96 66.03 -47.29
N LEU B 1458 -13.18 65.45 -48.47
CA LEU B 1458 -12.17 65.51 -49.53
C LEU B 1458 -11.80 66.94 -49.86
N ASN B 1459 -12.77 67.86 -49.76
CA ASN B 1459 -12.56 69.26 -50.10
C ASN B 1459 -12.91 70.25 -48.99
N THR B 1460 -13.58 69.82 -47.92
CA THR B 1460 -14.20 70.85 -47.08
C THR B 1460 -13.18 71.77 -46.42
N ARG B 1461 -12.57 71.32 -45.32
CA ARG B 1461 -11.41 71.96 -44.70
C ARG B 1461 -11.22 71.35 -43.32
N TYR B 1462 -10.05 71.48 -42.72
CA TYR B 1462 -9.87 70.99 -41.36
C TYR B 1462 -8.80 71.80 -40.64
N LYS B 1463 -9.07 72.10 -39.37
CA LYS B 1463 -8.05 72.65 -38.49
C LYS B 1463 -7.04 71.57 -38.15
N SER B 1464 -5.82 72.00 -37.79
CA SER B 1464 -4.79 71.05 -37.39
C SER B 1464 -5.30 70.17 -36.27
N SER B 1465 -5.31 68.86 -36.52
CA SER B 1465 -5.95 67.94 -35.58
C SER B 1465 -5.33 68.01 -34.20
N GLN B 1466 -4.01 68.20 -34.13
CA GLN B 1466 -3.30 68.20 -32.86
C GLN B 1466 -2.30 69.35 -32.81
N LYS B 1467 -1.89 69.69 -31.59
CA LYS B 1467 -0.88 70.71 -31.39
C LYS B 1467 0.49 70.22 -31.81
N SER B 1468 1.32 71.13 -32.28
CA SER B 1468 2.63 70.76 -32.81
C SER B 1468 3.55 70.25 -31.70
N THR B 1469 4.21 69.13 -31.97
CA THR B 1469 5.22 68.57 -31.09
C THR B 1469 6.44 68.19 -31.92
N ASP B 1470 7.59 68.13 -31.27
CA ASP B 1470 8.86 67.86 -31.94
C ASP B 1470 9.47 66.58 -31.38
N TRP B 1471 9.50 65.52 -32.21
CA TRP B 1471 10.19 64.30 -31.81
C TRP B 1471 11.70 64.48 -31.82
N SER B 1472 12.21 65.33 -32.72
CA SER B 1472 13.64 65.58 -32.77
C SER B 1472 14.13 66.31 -31.53
N GLY B 1473 13.29 67.17 -30.95
CA GLY B 1473 13.69 67.86 -29.72
C GLY B 1473 14.11 66.88 -28.64
N VAL B 1474 13.28 65.88 -28.39
CA VAL B 1474 13.66 64.82 -27.45
C VAL B 1474 14.68 63.91 -28.13
N LYS B 1475 15.87 63.81 -27.53
CA LYS B 1475 16.95 63.01 -28.08
C LYS B 1475 17.24 61.86 -27.13
N LYS B 1476 17.07 60.64 -27.62
CA LYS B 1476 17.32 59.45 -26.84
C LYS B 1476 17.10 58.25 -27.74
N PRO B 1477 17.73 57.06 -27.48
CA PRO B 1477 17.39 55.89 -28.26
C PRO B 1477 15.89 55.85 -28.05
N ILE B 1478 15.13 55.85 -29.13
CA ILE B 1478 13.64 55.90 -29.00
C ILE B 1478 13.22 54.63 -28.25
N TYR B 1479 13.88 53.52 -28.56
CA TYR B 1479 13.58 52.26 -27.82
C TYR B 1479 13.96 52.44 -26.36
N LEU B 1480 13.16 51.88 -25.46
CA LEU B 1480 13.44 51.95 -23.99
C LEU B 1480 13.19 53.37 -23.49
N SER B 1481 12.47 54.19 -24.27
CA SER B 1481 12.12 55.53 -23.81
C SER B 1481 10.64 55.56 -23.46
N LYS B 1482 10.28 56.57 -22.64
CA LYS B 1482 8.87 56.75 -22.30
C LYS B 1482 8.02 56.81 -23.55
N LEU B 1483 8.39 57.68 -24.51
CA LEU B 1483 7.73 57.68 -25.80
C LEU B 1483 7.75 56.30 -26.43
N GLY B 1484 8.90 55.63 -26.38
CA GLY B 1484 9.05 54.30 -26.92
C GLY B 1484 8.59 53.20 -26.00
N SER B 1485 8.06 53.57 -24.84
CA SER B 1485 7.61 52.57 -23.87
C SER B 1485 6.61 51.62 -24.51
N ASN B 1486 5.49 52.14 -24.99
CA ASN B 1486 4.54 51.34 -25.74
C ASN B 1486 5.00 51.18 -27.17
N PHE B 1487 4.59 50.07 -27.79
CA PHE B 1487 4.98 49.82 -29.18
C PHE B 1487 4.46 50.91 -30.09
N ALA B 1488 3.14 51.13 -30.08
CA ALA B 1488 2.56 52.18 -30.92
C ALA B 1488 3.18 53.53 -30.58
N GLU B 1489 3.38 53.81 -29.30
CA GLU B 1489 3.98 55.07 -28.90
C GLU B 1489 5.42 55.18 -29.41
N TRP B 1490 6.12 54.05 -29.43
CA TRP B 1490 7.48 53.99 -30.02
C TRP B 1490 7.36 54.17 -31.52
N SER B 1491 6.28 53.66 -32.11
CA SER B 1491 6.02 53.88 -33.56
C SER B 1491 5.82 55.38 -33.78
N ALA B 1492 5.13 56.05 -32.86
CA ALA B 1492 4.81 57.49 -32.97
C ALA B 1492 6.06 58.34 -32.78
N SER B 1493 6.93 58.01 -31.82
CA SER B 1493 8.10 58.89 -31.53
C SER B 1493 9.18 58.72 -32.60
N TRP B 1494 9.44 57.49 -33.07
CA TRP B 1494 10.51 57.27 -34.02
C TRP B 1494 10.15 57.82 -35.39
N ALA B 1495 8.91 57.60 -35.82
CA ALA B 1495 8.51 58.05 -37.15
C ALA B 1495 8.49 59.57 -37.23
N GLY B 1496 8.06 60.24 -36.16
CA GLY B 1496 8.10 61.69 -36.16
C GLY B 1496 9.53 62.21 -36.24
N TYR B 1497 10.40 61.66 -35.41
CA TYR B 1497 11.81 62.04 -35.49
C TYR B 1497 12.32 61.87 -36.92
N LEU B 1498 12.06 60.71 -37.52
CA LEU B 1498 12.50 60.46 -38.88
C LEU B 1498 11.96 61.52 -39.83
N ILE B 1499 10.63 61.68 -39.87
CA ILE B 1499 10.02 62.69 -40.72
C ILE B 1499 10.77 64.00 -40.60
N THR B 1500 11.09 64.38 -39.37
CA THR B 1500 11.95 65.53 -39.17
C THR B 1500 13.26 65.37 -39.94
N LYS B 1501 13.79 64.15 -39.98
CA LYS B 1501 15.12 63.95 -40.57
C LYS B 1501 15.10 64.08 -42.09
N VAL B 1502 14.06 63.56 -42.75
CA VAL B 1502 14.10 63.42 -44.20
C VAL B 1502 14.16 64.79 -44.86
N ARG B 1503 15.04 64.91 -45.85
CA ARG B 1503 15.18 66.14 -46.64
C ARG B 1503 14.42 66.02 -47.96
N HIS B 1504 13.10 65.81 -47.86
CA HIS B 1504 12.26 65.68 -49.03
C HIS B 1504 11.00 66.52 -48.85
N ASP B 1505 10.77 67.45 -49.78
CA ASP B 1505 9.66 68.38 -49.66
C ASP B 1505 8.32 67.67 -49.85
N LEU B 1506 8.19 66.89 -50.94
CA LEU B 1506 6.99 66.10 -51.12
C LEU B 1506 6.84 65.06 -50.02
N ALA B 1507 7.95 64.40 -49.67
CA ALA B 1507 7.94 63.47 -48.56
C ALA B 1507 7.54 64.18 -47.27
N SER B 1508 8.13 65.34 -46.99
CA SER B 1508 7.77 66.09 -45.80
C SER B 1508 6.28 66.44 -45.83
N LYS B 1509 5.76 66.81 -46.99
CA LYS B 1509 4.35 67.16 -47.11
C LYS B 1509 3.48 65.98 -46.75
N ILE B 1510 3.71 64.83 -47.38
CA ILE B 1510 2.90 63.66 -47.09
C ILE B 1510 3.03 63.27 -45.62
N PHE B 1511 4.25 63.31 -45.10
CA PHE B 1511 4.48 62.89 -43.72
C PHE B 1511 3.74 63.79 -42.74
N THR B 1512 3.84 65.10 -42.93
CA THR B 1512 3.08 66.03 -42.09
C THR B 1512 1.59 65.76 -42.22
N CYS B 1513 1.10 65.63 -43.45
CA CYS B 1513 -0.30 65.31 -43.70
C CYS B 1513 -0.75 64.14 -42.83
N CYS B 1514 0.03 63.08 -42.80
CA CYS B 1514 -0.37 61.86 -42.10
C CYS B 1514 0.09 61.84 -40.66
N SER B 1515 0.83 62.84 -40.20
CA SER B 1515 1.35 62.84 -38.84
C SER B 1515 0.23 62.72 -37.83
N ILE B 1516 -0.74 63.64 -37.89
CA ILE B 1516 -1.83 63.63 -36.92
C ILE B 1516 -2.48 62.26 -36.88
N MET B 1517 -2.84 61.72 -38.05
CA MET B 1517 -3.43 60.39 -38.10
C MET B 1517 -2.52 59.37 -37.44
N MET B 1518 -1.20 59.55 -37.57
CA MET B 1518 -0.27 58.58 -37.01
C MET B 1518 -0.39 58.51 -35.50
N LYS B 1519 -0.55 59.66 -34.84
CA LYS B 1519 -0.61 59.68 -33.38
C LYS B 1519 -1.69 58.75 -32.86
N HIS B 1520 -2.84 58.70 -33.53
CA HIS B 1520 -3.97 57.95 -33.01
C HIS B 1520 -3.84 56.46 -33.27
N ASP B 1521 -3.48 56.08 -34.50
CA ASP B 1521 -3.39 54.68 -34.90
C ASP B 1521 -1.94 54.32 -35.18
N PHE B 1522 -1.49 53.21 -34.59
CA PHE B 1522 -0.14 52.72 -34.84
C PHE B 1522 -0.03 52.12 -36.24
N LYS B 1523 -1.13 51.57 -36.75
CA LYS B 1523 -1.08 50.87 -38.04
C LYS B 1523 -0.70 51.81 -39.17
N VAL B 1524 -1.19 53.04 -39.13
CA VAL B 1524 -0.76 54.04 -40.10
C VAL B 1524 0.74 54.25 -39.99
N THR B 1525 1.24 54.37 -38.77
CA THR B 1525 2.69 54.40 -38.54
C THR B 1525 3.36 53.24 -39.26
N ILE B 1526 2.78 52.06 -39.12
CA ILE B 1526 3.35 50.86 -39.73
C ILE B 1526 3.47 51.06 -41.24
N TYR B 1527 2.37 51.45 -41.87
CA TYR B 1527 2.39 51.64 -43.32
C TYR B 1527 3.41 52.70 -43.71
N LEU B 1528 3.54 53.74 -42.91
CA LEU B 1528 4.36 54.87 -43.31
C LEU B 1528 5.84 54.57 -43.19
N LEU B 1529 6.25 53.96 -42.09
CA LEU B 1529 7.66 53.88 -41.73
C LEU B 1529 8.56 53.41 -42.86
N PRO B 1530 8.25 52.35 -43.60
CA PRO B 1530 9.22 51.86 -44.59
C PRO B 1530 9.69 52.93 -45.56
N HIS B 1531 8.74 53.62 -46.18
CA HIS B 1531 9.10 54.65 -47.14
C HIS B 1531 9.67 55.87 -46.45
N ILE B 1532 9.26 56.14 -45.22
CA ILE B 1532 9.93 57.16 -44.42
C ILE B 1532 11.41 56.88 -44.36
N LEU B 1533 11.76 55.62 -44.10
CA LEU B 1533 13.16 55.24 -44.03
C LEU B 1533 13.84 55.36 -45.38
N VAL B 1534 13.14 54.93 -46.44
CA VAL B 1534 13.71 55.06 -47.78
C VAL B 1534 14.09 56.50 -48.06
N TYR B 1535 13.21 57.43 -47.70
CA TYR B 1535 13.49 58.84 -47.95
C TYR B 1535 14.59 59.35 -47.05
N VAL B 1536 14.62 58.91 -45.79
CA VAL B 1536 15.70 59.29 -44.91
C VAL B 1536 17.03 58.83 -45.48
N LEU B 1537 17.05 57.65 -46.12
CA LEU B 1537 18.27 57.17 -46.75
C LEU B 1537 18.64 58.02 -47.96
N LEU B 1538 17.66 58.36 -48.79
CA LEU B 1538 17.93 59.22 -49.94
C LEU B 1538 18.56 60.54 -49.48
N GLY B 1539 17.94 61.21 -48.51
CA GLY B 1539 18.50 62.41 -47.93
C GLY B 1539 19.04 62.15 -46.54
N CYS B 1540 20.37 62.08 -46.41
CA CYS B 1540 20.99 61.49 -45.24
C CYS B 1540 22.03 62.41 -44.61
N ASN B 1541 22.09 62.36 -43.28
CA ASN B 1541 23.19 62.90 -42.50
C ASN B 1541 23.85 61.75 -41.75
N GLN B 1542 25.17 61.66 -41.83
CA GLN B 1542 25.87 60.52 -41.27
C GLN B 1542 25.47 60.30 -39.81
N GLU B 1543 25.34 61.37 -39.03
CA GLU B 1543 24.91 61.22 -37.65
C GLU B 1543 23.48 60.71 -37.57
N ASP B 1544 22.61 61.20 -38.45
CA ASP B 1544 21.24 60.68 -38.50
C ASP B 1544 21.24 59.20 -38.89
N GLN B 1545 22.07 58.82 -39.86
CA GLN B 1545 22.16 57.42 -40.24
C GLN B 1545 22.61 56.57 -39.05
N GLN B 1546 23.61 57.05 -38.31
CA GLN B 1546 24.08 56.33 -37.14
C GLN B 1546 22.98 56.21 -36.10
N GLU B 1547 22.18 57.26 -35.91
CA GLU B 1547 21.08 57.20 -34.97
C GLU B 1547 20.03 56.18 -35.40
N VAL B 1548 19.73 56.15 -36.70
CA VAL B 1548 18.79 55.15 -37.21
C VAL B 1548 19.30 53.75 -36.94
N TYR B 1549 20.56 53.49 -37.30
CA TYR B 1549 21.14 52.18 -37.05
C TYR B 1549 21.15 51.86 -35.57
N ALA B 1550 21.35 52.87 -34.73
CA ALA B 1550 21.30 52.65 -33.29
C ALA B 1550 19.93 52.17 -32.87
N GLU B 1551 18.88 52.86 -33.32
CA GLU B 1551 17.53 52.44 -32.97
C GLU B 1551 17.27 51.02 -33.43
N ILE B 1552 17.63 50.70 -34.66
CA ILE B 1552 17.34 49.38 -35.20
C ILE B 1552 18.09 48.31 -34.43
N MET B 1553 19.40 48.50 -34.22
CA MET B 1553 20.17 47.56 -33.44
C MET B 1553 19.54 47.36 -32.07
N ALA B 1554 19.27 48.47 -31.36
CA ALA B 1554 18.64 48.38 -30.06
C ALA B 1554 17.43 47.47 -30.11
N VAL B 1555 16.48 47.78 -31.00
CA VAL B 1555 15.31 46.92 -31.14
C VAL B 1555 15.73 45.47 -31.32
N LEU B 1556 16.74 45.25 -32.17
CA LEU B 1556 17.19 43.88 -32.43
C LEU B 1556 17.97 43.32 -31.25
N LYS B 1557 18.91 44.10 -30.72
CA LYS B 1557 19.74 43.61 -29.62
C LYS B 1557 18.88 43.21 -28.43
N HIS B 1558 17.84 43.98 -28.15
CA HIS B 1558 17.01 43.71 -26.98
C HIS B 1558 16.24 42.40 -27.17
N ASP B 1559 16.34 41.53 -26.17
CA ASP B 1559 15.50 40.34 -26.06
C ASP B 1559 14.61 40.53 -24.84
N ASP B 1560 13.29 40.50 -25.07
CA ASP B 1560 12.35 40.77 -23.99
C ASP B 1560 12.68 39.95 -22.74
N GLN B 1561 13.06 38.70 -22.92
CA GLN B 1561 13.56 37.90 -21.80
C GLN B 1561 14.94 38.37 -21.37
N HIS B 1562 15.69 38.99 -22.29
CA HIS B 1562 17.06 39.39 -21.97
C HIS B 1562 17.07 40.61 -21.05
N THR B 1563 16.22 41.60 -21.32
CA THR B 1563 16.19 42.84 -20.56
C THR B 1563 15.02 42.84 -19.59
N ILE B 1564 15.20 43.52 -18.46
CA ILE B 1564 14.21 43.57 -17.39
C ILE B 1564 13.70 44.99 -17.24
N ASN B 1565 12.39 45.17 -17.45
CA ASN B 1565 11.71 46.44 -17.22
C ASN B 1565 10.24 46.13 -17.05
N THR B 1566 9.48 47.16 -16.63
CA THR B 1566 8.03 47.01 -16.55
C THR B 1566 7.49 46.52 -17.89
N GLN B 1567 6.95 45.31 -17.91
CA GLN B 1567 6.70 44.58 -19.15
C GLN B 1567 5.29 44.81 -19.71
N ASP B 1568 4.45 45.57 -19.02
CA ASP B 1568 3.14 45.88 -19.59
C ASP B 1568 3.27 46.47 -20.98
N ILE B 1569 4.15 47.46 -21.13
CA ILE B 1569 4.45 48.03 -22.44
C ILE B 1569 5.37 47.10 -23.22
N ALA B 1570 6.36 46.51 -22.56
CA ALA B 1570 7.47 45.86 -23.26
C ALA B 1570 7.05 44.54 -23.87
N SER B 1571 6.30 43.71 -23.14
CA SER B 1571 5.98 42.36 -23.59
C SER B 1571 5.51 42.39 -25.04
N ASP B 1572 4.50 43.19 -25.35
CA ASP B 1572 4.06 43.36 -26.73
C ASP B 1572 5.10 44.11 -27.54
N LEU B 1573 5.79 45.06 -26.91
CA LEU B 1573 6.65 45.99 -27.66
C LEU B 1573 7.80 45.26 -28.32
N CYS B 1574 8.48 44.39 -27.59
CA CYS B 1574 9.59 43.65 -28.19
C CYS B 1574 9.17 42.99 -29.49
N GLN B 1575 8.15 42.13 -29.41
CA GLN B 1575 7.69 41.40 -30.58
C GLN B 1575 7.29 42.35 -31.72
N LEU B 1576 6.40 43.29 -31.41
CA LEU B 1576 5.88 44.16 -32.47
C LEU B 1576 6.99 44.96 -33.13
N SER B 1577 7.90 45.52 -32.32
CA SER B 1577 9.00 46.30 -32.86
C SER B 1577 9.90 45.45 -33.72
N THR B 1578 10.20 44.22 -33.28
CA THR B 1578 10.98 43.33 -34.12
C THR B 1578 10.32 43.17 -35.47
N GLN B 1579 9.03 42.83 -35.48
CA GLN B 1579 8.31 42.65 -36.73
C GLN B 1579 8.38 43.91 -37.58
N THR B 1580 8.22 45.08 -36.96
CA THR B 1580 8.15 46.32 -37.71
C THR B 1580 9.50 46.64 -38.36
N VAL B 1581 10.57 46.57 -37.58
CA VAL B 1581 11.90 46.82 -38.14
C VAL B 1581 12.17 45.84 -39.27
N PHE B 1582 11.78 44.58 -39.09
CA PHE B 1582 11.96 43.60 -40.15
C PHE B 1582 11.26 44.05 -41.42
N SER B 1583 9.98 44.40 -41.30
CA SER B 1583 9.22 44.82 -42.47
C SER B 1583 9.85 46.02 -43.15
N MET B 1584 10.28 47.00 -42.36
CA MET B 1584 10.93 48.17 -42.91
C MET B 1584 12.15 47.76 -43.72
N LEU B 1585 13.00 46.92 -43.14
CA LEU B 1585 14.18 46.47 -43.85
C LEU B 1585 13.80 45.72 -45.13
N ASP B 1586 12.70 44.96 -45.08
CA ASP B 1586 12.28 44.22 -46.26
C ASP B 1586 11.92 45.17 -47.40
N HIS B 1587 11.15 46.21 -47.08
CA HIS B 1587 10.84 47.20 -48.11
C HIS B 1587 12.11 47.86 -48.61
N LEU B 1588 13.05 48.13 -47.72
CA LEU B 1588 14.32 48.70 -48.15
C LEU B 1588 15.01 47.80 -49.15
N THR B 1589 15.02 46.49 -48.88
CA THR B 1589 15.67 45.54 -49.77
C THR B 1589 15.00 45.51 -51.13
N GLN B 1590 13.67 45.45 -51.14
CA GLN B 1590 12.96 45.44 -52.42
C GLN B 1590 13.22 46.72 -53.19
N TRP B 1591 13.22 47.85 -52.50
CA TRP B 1591 13.55 49.12 -53.14
C TRP B 1591 14.92 49.06 -53.78
N ALA B 1592 15.92 48.56 -53.04
CA ALA B 1592 17.27 48.52 -53.57
C ALA B 1592 17.36 47.61 -54.79
N ARG B 1593 16.68 46.46 -54.74
CA ARG B 1593 16.72 45.56 -55.89
C ARG B 1593 16.09 46.20 -57.11
N HIS B 1594 14.93 46.84 -56.92
CA HIS B 1594 14.28 47.53 -58.04
C HIS B 1594 15.18 48.64 -58.58
N LYS B 1595 15.90 49.33 -57.70
CA LYS B 1595 16.75 50.42 -58.15
C LYS B 1595 17.96 49.89 -58.91
N PHE B 1596 18.49 48.75 -58.49
CA PHE B 1596 19.54 48.11 -59.29
C PHE B 1596 19.02 47.72 -60.66
N GLN B 1597 17.79 47.22 -60.71
CA GLN B 1597 17.19 46.91 -62.01
C GLN B 1597 17.08 48.15 -62.87
N ALA B 1598 16.62 49.26 -62.28
CA ALA B 1598 16.57 50.52 -63.01
C ALA B 1598 17.95 50.90 -63.53
N LEU B 1599 18.95 50.92 -62.63
CA LEU B 1599 20.29 51.30 -63.03
C LEU B 1599 20.79 50.47 -64.20
N LYS B 1600 20.58 49.14 -64.14
CA LYS B 1600 20.92 48.30 -65.28
C LYS B 1600 20.15 48.74 -66.53
N ALA B 1601 18.89 49.10 -66.36
CA ALA B 1601 18.06 49.56 -67.47
C ALA B 1601 18.52 50.94 -67.94
N SER B 1619 19.25 58.97 -63.62
CA SER B 1619 20.07 57.77 -63.73
C SER B 1619 21.16 57.77 -62.66
N THR B 1620 22.05 58.76 -62.71
CA THR B 1620 23.11 58.83 -61.71
C THR B 1620 22.55 59.18 -60.33
N VAL B 1621 21.53 60.02 -60.28
CA VAL B 1621 20.90 60.33 -59.00
C VAL B 1621 20.22 59.10 -58.41
N ASP B 1622 19.51 58.35 -59.26
CA ASP B 1622 18.93 57.08 -58.83
C ASP B 1622 20.02 56.12 -58.36
N TYR B 1623 21.16 56.11 -59.06
CA TYR B 1623 22.28 55.28 -58.65
C TYR B 1623 22.74 55.65 -57.25
N GLU B 1624 22.89 56.95 -56.98
CA GLU B 1624 23.34 57.39 -55.66
C GLU B 1624 22.33 57.03 -54.58
N ASP B 1625 21.05 57.21 -54.86
CA ASP B 1625 20.01 56.83 -53.89
C ASP B 1625 20.09 55.34 -53.58
N TYR B 1626 20.10 54.52 -54.63
CA TYR B 1626 20.21 53.08 -54.45
C TYR B 1626 21.46 52.72 -53.66
N GLN B 1627 22.56 53.45 -53.91
CA GLN B 1627 23.79 53.19 -53.19
C GLN B 1627 23.63 53.47 -51.70
N SER B 1628 23.01 54.60 -51.37
CA SER B 1628 22.77 54.93 -49.97
C SER B 1628 21.95 53.84 -49.29
N VAL B 1629 20.87 53.42 -49.96
CA VAL B 1629 20.01 52.40 -49.37
C VAL B 1629 20.78 51.10 -49.17
N THR B 1630 21.56 50.70 -50.17
CA THR B 1630 22.35 49.48 -50.04
C THR B 1630 23.34 49.58 -48.91
N ARG B 1631 23.95 50.76 -48.75
CA ARG B 1631 24.89 50.95 -47.65
C ARG B 1631 24.19 50.75 -46.31
N PHE B 1632 23.04 51.39 -46.13
CA PHE B 1632 22.35 51.21 -44.86
C PHE B 1632 22.03 49.74 -44.62
N LEU B 1633 21.49 49.07 -45.64
CA LEU B 1633 21.25 47.63 -45.54
C LEU B 1633 22.51 46.93 -45.02
N ASP B 1634 23.63 47.18 -45.68
CA ASP B 1634 24.89 46.53 -45.29
C ASP B 1634 25.18 46.78 -43.81
N LEU B 1635 24.89 47.98 -43.32
CA LEU B 1635 25.19 48.28 -41.92
C LEU B 1635 24.55 47.27 -40.98
N ILE B 1636 23.39 46.74 -41.32
CA ILE B 1636 22.68 45.84 -40.42
C ILE B 1636 23.40 44.49 -40.39
N PRO B 1637 23.50 43.84 -39.23
CA PRO B 1637 24.15 42.53 -39.17
C PRO B 1637 23.20 41.38 -39.44
N GLN B 1638 23.52 40.56 -40.44
CA GLN B 1638 22.68 39.41 -40.74
C GLN B 1638 22.58 38.48 -39.54
N ASP B 1639 23.70 38.24 -38.86
CA ASP B 1639 23.68 37.36 -37.69
C ASP B 1639 22.75 37.90 -36.62
N THR B 1640 22.82 39.20 -36.36
CA THR B 1640 21.91 39.82 -35.41
C THR B 1640 20.47 39.61 -35.85
N LEU B 1641 20.18 39.91 -37.11
CA LEU B 1641 18.83 39.69 -37.63
C LEU B 1641 18.37 38.27 -37.36
N ALA B 1642 19.25 37.30 -37.62
CA ALA B 1642 18.89 35.91 -37.46
C ALA B 1642 18.58 35.58 -36.01
N VAL B 1643 19.47 36.00 -35.10
CA VAL B 1643 19.24 35.74 -33.68
C VAL B 1643 17.90 36.32 -33.26
N ALA B 1644 17.68 37.60 -33.57
CA ALA B 1644 16.42 38.24 -33.22
C ALA B 1644 15.25 37.44 -33.76
N SER B 1645 15.23 37.22 -35.07
CA SER B 1645 14.19 36.42 -35.71
C SER B 1645 13.91 35.18 -34.89
N PHE B 1646 14.96 34.42 -34.57
CA PHE B 1646 14.78 33.22 -33.78
C PHE B 1646 14.06 33.53 -32.48
N ARG B 1647 14.49 34.60 -31.81
CA ARG B 1647 13.75 35.04 -30.63
C ARG B 1647 12.28 35.21 -30.95
N SER B 1648 11.98 35.85 -32.08
CA SER B 1648 10.61 36.18 -32.46
C SER B 1648 9.91 35.02 -33.14
N LYS B 1649 10.43 33.79 -33.01
CA LYS B 1649 9.76 32.62 -33.56
C LYS B 1649 9.58 32.73 -35.07
N ALA B 1650 10.17 33.75 -35.69
CA ALA B 1650 10.09 33.93 -37.14
C ALA B 1650 11.13 33.04 -37.81
N TYR B 1651 10.95 31.74 -37.59
CA TYR B 1651 11.98 30.77 -37.94
C TYR B 1651 12.43 30.93 -39.38
N THR B 1652 11.49 30.90 -40.32
CA THR B 1652 11.85 30.96 -41.73
C THR B 1652 12.77 32.14 -42.01
N ARG B 1653 12.34 33.35 -41.66
CA ARG B 1653 13.19 34.51 -41.89
C ARG B 1653 14.54 34.32 -41.22
N ALA B 1654 14.55 33.66 -40.07
CA ALA B 1654 15.82 33.41 -39.40
C ALA B 1654 16.73 32.58 -40.30
N VAL B 1655 16.22 31.47 -40.82
CA VAL B 1655 17.01 30.63 -41.70
C VAL B 1655 17.53 31.46 -42.86
N MET B 1656 16.66 32.27 -43.44
CA MET B 1656 17.06 33.05 -44.59
C MET B 1656 18.22 33.96 -44.24
N HIS B 1657 18.06 34.74 -43.17
CA HIS B 1657 19.14 35.63 -42.74
C HIS B 1657 20.41 34.85 -42.48
N PHE B 1658 20.29 33.67 -41.86
CA PHE B 1658 21.47 32.96 -41.42
C PHE B 1658 22.25 32.42 -42.60
N GLU B 1659 21.55 31.87 -43.59
CA GLU B 1659 22.24 31.44 -44.80
C GLU B 1659 22.84 32.64 -45.51
N SER B 1660 22.09 33.73 -45.62
CA SER B 1660 22.64 34.94 -46.22
C SER B 1660 23.93 35.34 -45.54
N PHE B 1661 23.98 35.23 -44.22
CA PHE B 1661 25.18 35.57 -43.49
C PHE B 1661 26.32 34.61 -43.80
N ILE B 1662 26.04 33.31 -43.67
CA ILE B 1662 27.06 32.29 -43.90
C ILE B 1662 27.68 32.44 -45.27
N THR B 1663 26.94 32.98 -46.23
CA THR B 1663 27.51 33.08 -47.56
C THR B 1663 28.09 34.46 -47.83
N GLU B 1664 27.28 35.51 -47.71
CA GLU B 1664 27.68 36.88 -48.01
C GLU B 1664 29.06 37.19 -47.45
N LYS B 1665 29.24 36.96 -46.17
CA LYS B 1665 30.54 37.02 -45.53
C LYS B 1665 30.97 35.59 -45.25
N LYS B 1666 31.91 35.07 -46.04
CA LYS B 1666 32.42 33.72 -45.87
C LYS B 1666 32.84 33.46 -44.43
N GLN B 1667 32.18 32.47 -43.79
CA GLN B 1667 32.50 32.05 -42.41
C GLN B 1667 32.38 30.53 -42.19
N ASN B 1668 33.51 29.86 -41.88
CA ASN B 1668 33.87 28.45 -42.06
C ASN B 1668 32.80 27.41 -41.64
N ILE B 1669 33.07 26.15 -41.94
CA ILE B 1669 32.26 25.01 -41.71
C ILE B 1669 31.74 24.63 -40.29
N GLN B 1670 32.24 25.21 -39.25
CA GLN B 1670 32.12 24.27 -38.13
C GLN B 1670 31.64 24.83 -36.82
N GLU B 1671 31.70 26.15 -36.72
CA GLU B 1671 31.38 26.74 -35.43
C GLU B 1671 29.90 27.20 -35.25
N HIS B 1672 29.16 27.62 -36.30
CA HIS B 1672 27.74 28.04 -36.17
C HIS B 1672 26.75 26.88 -36.23
N LEU B 1673 27.23 25.66 -36.42
CA LEU B 1673 26.33 24.55 -36.71
C LEU B 1673 25.28 24.43 -35.64
N GLY B 1674 25.66 24.71 -34.39
CA GLY B 1674 24.72 24.57 -33.29
C GLY B 1674 23.47 25.39 -33.51
N PHE B 1675 23.64 26.66 -33.85
CA PHE B 1675 22.47 27.52 -34.05
C PHE B 1675 21.59 27.00 -35.17
N LEU B 1676 22.20 26.65 -36.30
CA LEU B 1676 21.42 26.18 -37.44
C LEU B 1676 20.64 24.91 -37.08
N GLN B 1677 21.28 24.01 -36.34
CA GLN B 1677 20.60 22.80 -35.93
C GLN B 1677 19.42 23.12 -35.05
N LYS B 1678 19.63 23.97 -34.04
CA LYS B 1678 18.52 24.37 -33.19
C LYS B 1678 17.39 24.93 -34.03
N LEU B 1679 17.72 25.77 -35.01
CA LEU B 1679 16.70 26.34 -35.88
C LEU B 1679 15.88 25.24 -36.52
N TYR B 1680 16.53 24.44 -37.38
CA TYR B 1680 15.80 23.37 -38.04
C TYR B 1680 14.94 22.61 -37.06
N ALA B 1681 15.49 22.34 -35.87
CA ALA B 1681 14.70 21.73 -34.82
C ALA B 1681 13.39 22.47 -34.61
N ALA B 1682 13.50 23.78 -34.36
CA ALA B 1682 12.31 24.59 -34.20
C ALA B 1682 11.34 24.37 -35.36
N MET B 1683 11.80 24.66 -36.57
CA MET B 1683 10.95 24.49 -37.73
C MET B 1683 10.35 23.10 -37.80
N HIS B 1684 10.92 22.14 -37.07
CA HIS B 1684 10.50 20.75 -37.12
C HIS B 1684 10.93 20.07 -38.41
N GLU B 1685 11.88 20.66 -39.11
CA GLU B 1685 12.36 20.01 -40.31
C GLU B 1685 13.40 18.98 -39.93
N PRO B 1686 13.02 17.71 -39.80
CA PRO B 1686 14.03 16.71 -39.40
C PRO B 1686 15.24 16.71 -40.31
N ASP B 1687 15.01 16.60 -41.62
CA ASP B 1687 16.12 16.53 -42.56
C ASP B 1687 17.11 17.65 -42.33
N GLY B 1688 16.64 18.82 -41.90
CA GLY B 1688 17.57 19.86 -41.51
C GLY B 1688 18.52 19.39 -40.43
N VAL B 1689 17.96 18.80 -39.37
CA VAL B 1689 18.80 18.33 -38.28
C VAL B 1689 19.76 17.25 -38.77
N ALA B 1690 19.24 16.29 -39.51
CA ALA B 1690 20.10 15.21 -40.00
C ALA B 1690 21.26 15.76 -40.80
N GLY B 1691 20.99 16.73 -41.68
CA GLY B 1691 22.05 17.34 -42.45
C GLY B 1691 23.06 18.00 -41.54
N VAL B 1692 22.59 18.91 -40.69
CA VAL B 1692 23.49 19.60 -39.77
C VAL B 1692 24.41 18.60 -39.12
N SER B 1693 23.87 17.50 -38.63
CA SER B 1693 24.71 16.46 -38.05
C SER B 1693 25.74 15.97 -39.06
N ALA B 1694 25.26 15.51 -40.21
CA ALA B 1694 26.15 14.97 -41.23
C ALA B 1694 27.30 15.92 -41.53
N ILE B 1695 27.12 17.21 -41.31
CA ILE B 1695 28.17 18.16 -41.63
C ILE B 1695 29.16 18.35 -40.49
N ARG B 1696 28.71 18.24 -39.25
CA ARG B 1696 29.57 18.61 -38.13
C ARG B 1696 30.83 17.75 -38.11
N LYS B 1697 31.98 18.42 -38.08
CA LYS B 1697 33.24 17.69 -37.99
C LYS B 1697 33.54 17.28 -36.55
N ALA B 1698 33.45 18.23 -35.62
CA ALA B 1698 33.78 17.93 -34.24
C ALA B 1698 32.78 16.94 -33.65
N GLU B 1699 33.23 16.20 -32.64
CA GLU B 1699 32.34 15.23 -32.02
C GLU B 1699 31.11 15.94 -31.46
N PRO B 1700 29.94 15.33 -31.57
CA PRO B 1700 28.71 16.02 -31.16
C PRO B 1700 28.56 16.06 -29.65
N SER B 1701 28.13 17.20 -29.15
CA SER B 1701 27.86 17.33 -27.73
C SER B 1701 26.66 16.47 -27.34
N LEU B 1702 26.56 16.17 -26.05
CA LEU B 1702 25.44 15.38 -25.58
C LEU B 1702 24.12 16.04 -25.93
N LYS B 1703 23.96 17.31 -25.56
CA LYS B 1703 22.72 18.01 -25.86
C LYS B 1703 22.40 17.92 -27.34
N GLU B 1704 23.42 18.04 -28.20
CA GLU B 1704 23.17 17.97 -29.63
C GLU B 1704 22.69 16.59 -30.03
N GLN B 1705 23.27 15.54 -29.45
CA GLN B 1705 22.78 14.21 -29.72
C GLN B 1705 21.35 14.05 -29.27
N ILE B 1706 20.99 14.69 -28.16
CA ILE B 1706 19.60 14.66 -27.72
C ILE B 1706 18.72 15.29 -28.78
N LEU B 1707 19.08 16.49 -29.22
CA LEU B 1707 18.34 17.15 -30.28
C LEU B 1707 18.15 16.21 -31.47
N GLU B 1708 19.21 15.54 -31.87
CA GLU B 1708 19.16 14.70 -33.05
C GLU B 1708 18.27 13.50 -32.84
N HIS B 1709 18.36 12.86 -31.68
CA HIS B 1709 17.52 11.69 -31.42
C HIS B 1709 16.06 12.08 -31.35
N GLU B 1710 15.77 13.26 -30.80
CA GLU B 1710 14.39 13.74 -30.79
C GLU B 1710 13.90 13.98 -32.20
N SER B 1711 14.63 14.81 -32.96
CA SER B 1711 14.23 15.09 -34.33
C SER B 1711 14.00 13.81 -35.12
N LEU B 1712 14.90 12.84 -34.94
CA LEU B 1712 14.79 11.58 -35.66
C LEU B 1712 15.61 10.54 -34.90
N GLY B 1713 14.94 9.56 -34.33
CA GLY B 1713 15.63 8.53 -33.58
C GLY B 1713 14.66 7.49 -33.10
N LEU B 1714 15.20 6.31 -32.80
CA LEU B 1714 14.36 5.20 -32.34
C LEU B 1714 13.79 5.42 -30.95
N LEU B 1715 14.26 6.45 -30.24
CA LEU B 1715 13.89 6.79 -28.88
C LEU B 1715 14.49 5.81 -27.89
N ARG B 1716 15.15 4.74 -28.34
CA ARG B 1716 15.93 3.91 -27.43
C ARG B 1716 17.25 4.59 -27.11
N ASP B 1717 18.03 4.92 -28.14
CA ASP B 1717 19.15 5.81 -27.95
C ASP B 1717 18.69 7.09 -27.26
N ALA B 1718 17.49 7.55 -27.60
CA ALA B 1718 16.95 8.72 -26.93
C ALA B 1718 16.85 8.48 -25.42
N THR B 1719 16.31 7.32 -25.03
CA THR B 1719 16.12 7.05 -23.61
C THR B 1719 17.45 6.97 -22.89
N ALA B 1720 18.41 6.27 -23.48
CA ALA B 1720 19.69 6.12 -22.80
C ALA B 1720 20.43 7.45 -22.75
N CYS B 1721 20.31 8.26 -23.80
CA CYS B 1721 20.92 9.58 -23.75
C CYS B 1721 20.24 10.46 -22.72
N TYR B 1722 18.93 10.28 -22.53
CA TYR B 1722 18.23 11.01 -21.48
C TYR B 1722 18.74 10.61 -20.12
N ASP B 1723 18.88 9.32 -19.89
CA ASP B 1723 19.42 8.86 -18.61
C ASP B 1723 20.81 9.44 -18.39
N ARG B 1724 21.65 9.42 -19.42
CA ARG B 1724 22.98 9.99 -19.28
C ARG B 1724 22.91 11.48 -19.03
N ALA B 1725 21.92 12.15 -19.60
CA ALA B 1725 21.80 13.59 -19.35
C ALA B 1725 21.38 13.85 -17.92
N ILE B 1726 20.46 13.05 -17.41
CA ILE B 1726 20.04 13.18 -16.02
C ILE B 1726 21.24 12.96 -15.11
N GLN B 1727 22.09 12.00 -15.44
CA GLN B 1727 23.33 11.83 -14.69
C GLN B 1727 24.22 13.06 -14.83
N LEU B 1728 24.33 13.59 -16.05
CA LEU B 1728 25.16 14.77 -16.26
C LEU B 1728 24.54 15.99 -15.59
N GLU B 1729 23.23 16.16 -15.74
CA GLU B 1729 22.52 17.26 -15.12
C GLU B 1729 21.42 16.67 -14.26
N PRO B 1730 21.47 16.84 -12.94
CA PRO B 1730 20.42 16.32 -12.06
C PRO B 1730 19.31 17.31 -11.74
N ASP B 1731 19.38 18.53 -12.27
CA ASP B 1731 18.48 19.61 -11.87
C ASP B 1731 17.62 20.12 -13.01
N GLN B 1732 17.65 19.47 -14.16
CA GLN B 1732 16.87 19.89 -15.31
C GLN B 1732 15.63 19.00 -15.43
N ILE B 1733 14.47 19.62 -15.59
CA ILE B 1733 13.24 18.83 -15.69
C ILE B 1733 13.12 18.21 -17.07
N ILE B 1734 13.58 18.90 -18.10
CA ILE B 1734 13.34 18.47 -19.48
C ILE B 1734 13.85 17.05 -19.69
N HIS B 1735 14.99 16.72 -19.09
CA HIS B 1735 15.52 15.37 -19.27
C HIS B 1735 14.53 14.33 -18.77
N TYR B 1736 13.97 14.56 -17.59
CA TYR B 1736 12.94 13.65 -17.10
C TYR B 1736 11.74 13.66 -18.02
N HIS B 1737 11.40 14.85 -18.55
CA HIS B 1737 10.36 14.91 -19.57
C HIS B 1737 10.61 13.87 -20.64
N GLY B 1738 11.80 13.90 -21.22
CA GLY B 1738 12.11 13.02 -22.31
C GLY B 1738 12.08 11.56 -21.89
N VAL B 1739 12.62 11.27 -20.71
CA VAL B 1739 12.62 9.88 -20.24
C VAL B 1739 11.19 9.36 -20.15
N VAL B 1740 10.32 10.14 -19.52
CA VAL B 1740 8.93 9.71 -19.38
C VAL B 1740 8.28 9.57 -20.74
N LYS B 1741 8.53 10.53 -21.63
CA LYS B 1741 7.92 10.48 -22.96
C LYS B 1741 8.33 9.21 -23.67
N SER B 1742 9.62 8.93 -23.72
CA SER B 1742 10.11 7.67 -24.26
C SER B 1742 9.35 6.50 -23.67
N MET B 1743 9.38 6.39 -22.34
CA MET B 1743 8.67 5.31 -21.67
C MET B 1743 7.28 5.15 -22.26
N LEU B 1744 6.54 6.25 -22.35
CA LEU B 1744 5.20 6.18 -22.92
C LEU B 1744 5.25 5.62 -24.33
N GLY B 1745 6.13 6.16 -25.16
CA GLY B 1745 6.22 5.69 -26.54
C GLY B 1745 6.30 4.18 -26.61
N LEU B 1746 7.27 3.60 -25.91
CA LEU B 1746 7.35 2.15 -25.88
C LEU B 1746 6.05 1.53 -25.36
N GLY B 1747 5.28 2.27 -24.58
CA GLY B 1747 4.05 1.75 -24.05
C GLY B 1747 4.18 1.07 -22.70
N GLN B 1748 5.13 1.52 -21.87
CA GLN B 1748 5.27 0.99 -20.52
C GLN B 1748 4.59 1.93 -19.54
N LEU B 1749 3.26 1.92 -19.60
CA LEU B 1749 2.47 2.85 -18.82
C LEU B 1749 2.78 2.75 -17.34
N SER B 1750 2.47 1.59 -16.74
CA SER B 1750 2.64 1.44 -15.30
C SER B 1750 3.99 1.97 -14.84
N THR B 1751 5.05 1.59 -15.56
CA THR B 1751 6.37 2.10 -15.24
C THR B 1751 6.40 3.62 -15.31
N VAL B 1752 5.67 4.20 -16.26
CA VAL B 1752 5.64 5.66 -16.38
C VAL B 1752 4.99 6.28 -15.16
N ILE B 1753 3.82 5.77 -14.77
CA ILE B 1753 3.14 6.29 -13.59
C ILE B 1753 4.08 6.23 -12.39
N THR B 1754 4.68 5.07 -12.17
CA THR B 1754 5.54 4.94 -11.00
C THR B 1754 6.75 5.88 -11.10
N GLN B 1755 7.28 6.06 -12.30
CA GLN B 1755 8.40 6.97 -12.48
C GLN B 1755 8.02 8.39 -12.12
N VAL B 1756 6.86 8.82 -12.61
CA VAL B 1756 6.37 10.15 -12.25
C VAL B 1756 6.28 10.26 -10.75
N ASN B 1757 5.75 9.23 -10.09
CA ASN B 1757 5.60 9.29 -8.65
C ASN B 1757 6.96 9.41 -7.97
N GLY B 1758 7.94 8.68 -8.45
CA GLY B 1758 9.27 8.80 -7.89
C GLY B 1758 9.77 10.23 -8.00
N VAL B 1759 9.78 10.74 -9.21
CA VAL B 1759 10.23 12.12 -9.43
C VAL B 1759 9.52 13.04 -8.45
N HIS B 1760 8.21 12.91 -8.35
CA HIS B 1760 7.44 13.69 -7.40
C HIS B 1760 8.04 13.58 -6.00
N ALA B 1761 8.35 12.36 -5.58
CA ALA B 1761 8.94 12.16 -4.27
C ALA B 1761 10.23 12.97 -4.12
N ASN B 1762 11.08 12.94 -5.16
CA ASN B 1762 12.34 13.67 -5.06
C ASN B 1762 12.10 15.18 -5.05
N ARG B 1763 11.29 15.66 -5.98
CA ARG B 1763 10.94 17.08 -6.06
C ARG B 1763 9.43 17.21 -6.22
N SER B 1764 8.81 18.08 -5.44
CA SER B 1764 7.39 18.33 -5.60
C SER B 1764 7.11 19.20 -6.82
N GLU B 1765 7.93 20.23 -7.03
CA GLU B 1765 7.65 21.21 -8.06
C GLU B 1765 7.52 20.55 -9.43
N TRP B 1766 8.48 19.71 -9.79
CA TRP B 1766 8.44 19.06 -11.10
C TRP B 1766 7.17 18.25 -11.29
N THR B 1767 6.52 17.84 -10.20
CA THR B 1767 5.36 16.97 -10.30
C THR B 1767 4.28 17.59 -11.17
N ASP B 1768 4.10 18.91 -11.08
CA ASP B 1768 3.06 19.54 -11.87
C ASP B 1768 3.32 19.36 -13.36
N GLU B 1769 4.52 19.75 -13.81
CA GLU B 1769 4.84 19.57 -15.23
C GLU B 1769 4.69 18.11 -15.64
N LEU B 1770 5.16 17.19 -14.81
CA LEU B 1770 5.16 15.79 -15.22
C LEU B 1770 3.80 15.13 -15.12
N ASN B 1771 2.83 15.77 -14.48
CA ASN B 1771 1.54 15.13 -14.28
C ASN B 1771 0.92 14.68 -15.60
N THR B 1772 1.23 15.34 -16.70
CA THR B 1772 0.55 15.06 -17.95
C THR B 1772 0.77 13.61 -18.39
N TYR B 1773 2.02 13.16 -18.40
CA TYR B 1773 2.29 11.80 -18.83
C TYR B 1773 1.59 10.80 -17.93
N ARG B 1774 1.62 11.02 -16.62
CA ARG B 1774 0.88 10.15 -15.72
C ARG B 1774 -0.58 10.09 -16.12
N VAL B 1775 -1.16 11.24 -16.44
CA VAL B 1775 -2.56 11.28 -16.85
C VAL B 1775 -2.77 10.41 -18.08
N GLU B 1776 -1.88 10.57 -19.07
CA GLU B 1776 -1.99 9.80 -20.30
C GLU B 1776 -1.96 8.31 -19.99
N ALA B 1777 -0.93 7.88 -19.28
CA ALA B 1777 -0.84 6.47 -18.91
C ALA B 1777 -2.13 6.01 -18.25
N ALA B 1778 -2.56 6.71 -17.21
CA ALA B 1778 -3.77 6.33 -16.50
C ALA B 1778 -4.91 6.08 -17.47
N TRP B 1779 -5.30 7.12 -18.21
CA TRP B 1779 -6.49 6.98 -19.02
C TRP B 1779 -6.33 5.88 -20.06
N LYS B 1780 -5.16 5.80 -20.68
CA LYS B 1780 -4.89 4.66 -21.54
C LYS B 1780 -4.92 3.36 -20.74
N LEU B 1781 -4.38 3.41 -19.52
CA LEU B 1781 -4.46 2.24 -18.65
C LEU B 1781 -5.89 1.93 -18.25
N SER B 1782 -6.81 2.87 -18.43
CA SER B 1782 -8.20 2.70 -18.02
C SER B 1782 -8.36 2.73 -16.50
N GLN B 1783 -7.40 3.33 -15.79
CA GLN B 1783 -7.51 3.48 -14.34
C GLN B 1783 -8.13 4.85 -14.07
N TRP B 1784 -9.47 4.88 -14.12
CA TRP B 1784 -10.18 6.15 -14.05
C TRP B 1784 -9.86 6.90 -12.76
N ASP B 1785 -9.83 6.19 -11.64
CA ASP B 1785 -9.66 6.85 -10.35
C ASP B 1785 -8.33 7.59 -10.28
N LEU B 1786 -7.25 6.93 -10.71
CA LEU B 1786 -5.97 7.63 -10.80
C LEU B 1786 -6.10 8.85 -11.69
N VAL B 1787 -6.87 8.73 -12.77
CA VAL B 1787 -7.12 9.86 -13.64
C VAL B 1787 -7.70 11.02 -12.85
N GLU B 1788 -8.75 10.73 -12.08
CA GLU B 1788 -9.41 11.75 -11.30
C GLU B 1788 -8.43 12.41 -10.34
N ASN B 1789 -7.65 11.60 -9.64
CA ASN B 1789 -6.67 12.15 -8.71
C ASN B 1789 -5.73 13.10 -9.42
N TYR B 1790 -5.01 12.60 -10.42
CA TYR B 1790 -4.01 13.42 -11.09
C TYR B 1790 -4.64 14.68 -11.68
N LEU B 1791 -5.84 14.56 -12.24
CA LEU B 1791 -6.50 15.73 -12.82
C LEU B 1791 -6.78 16.77 -11.76
N ALA B 1792 -7.46 16.37 -10.69
CA ALA B 1792 -7.70 17.29 -9.59
C ALA B 1792 -6.40 17.90 -9.08
N ALA B 1793 -5.29 17.17 -9.21
CA ALA B 1793 -4.02 17.66 -8.69
C ALA B 1793 -3.61 18.96 -9.39
N ASP B 1794 -3.74 19.03 -10.70
CA ASP B 1794 -3.24 20.15 -11.48
C ASP B 1794 -4.39 20.89 -12.13
N GLY B 1795 -4.36 22.21 -12.04
CA GLY B 1795 -5.30 23.04 -12.75
C GLY B 1795 -4.59 24.03 -13.65
N LYS B 1796 -3.46 23.61 -14.21
CA LYS B 1796 -2.67 24.49 -15.06
C LYS B 1796 -2.13 23.81 -16.31
N SER B 1797 -2.51 22.58 -16.58
CA SER B 1797 -1.98 21.82 -17.71
C SER B 1797 -2.95 21.88 -18.88
N THR B 1798 -2.47 22.34 -20.02
CA THR B 1798 -3.26 22.42 -21.23
C THR B 1798 -2.90 21.34 -22.24
N THR B 1799 -2.15 20.33 -21.82
CA THR B 1799 -1.70 19.31 -22.75
C THR B 1799 -2.89 18.58 -23.36
N TRP B 1800 -2.81 18.34 -24.66
CA TRP B 1800 -3.80 17.56 -25.37
C TRP B 1800 -4.17 16.32 -24.57
N SER B 1801 -3.16 15.64 -24.04
CA SER B 1801 -3.42 14.42 -23.27
C SER B 1801 -4.30 14.71 -22.07
N VAL B 1802 -3.98 15.77 -21.33
CA VAL B 1802 -4.76 16.08 -20.13
C VAL B 1802 -6.20 16.38 -20.51
N ARG B 1803 -6.40 17.14 -21.59
CA ARG B 1803 -7.75 17.46 -22.01
C ARG B 1803 -8.51 16.19 -22.39
N LEU B 1804 -7.85 15.29 -23.12
CA LEU B 1804 -8.49 14.03 -23.47
C LEU B 1804 -8.88 13.27 -22.22
N GLY B 1805 -7.99 13.22 -21.24
CA GLY B 1805 -8.33 12.57 -19.99
C GLY B 1805 -9.53 13.21 -19.33
N GLN B 1806 -9.59 14.53 -19.36
CA GLN B 1806 -10.73 15.24 -18.78
C GLN B 1806 -12.02 14.80 -19.45
N LEU B 1807 -12.01 14.75 -20.78
CA LEU B 1807 -13.22 14.36 -21.51
C LEU B 1807 -13.60 12.94 -21.17
N LEU B 1808 -12.62 12.03 -21.18
CA LEU B 1808 -12.90 10.64 -20.82
C LEU B 1808 -13.47 10.54 -19.42
N LEU B 1809 -13.01 11.39 -18.51
CA LEU B 1809 -13.51 11.37 -17.14
C LEU B 1809 -14.96 11.84 -17.10
N SER B 1810 -15.21 13.03 -17.64
CA SER B 1810 -16.56 13.54 -17.77
C SER B 1810 -17.48 12.51 -18.41
N ALA B 1811 -16.94 11.62 -19.24
CA ALA B 1811 -17.74 10.55 -19.82
C ALA B 1811 -17.98 9.46 -18.79
N LYS B 1812 -16.90 8.89 -18.25
CA LYS B 1812 -16.99 7.82 -17.26
C LYS B 1812 -18.06 8.13 -16.24
N LYS B 1813 -18.00 9.32 -15.64
CA LYS B 1813 -19.06 9.81 -14.76
C LYS B 1813 -19.90 10.78 -15.59
N ARG B 1814 -21.11 10.36 -15.93
CA ARG B 1814 -21.89 11.13 -16.90
C ARG B 1814 -21.97 12.58 -16.48
N ASP B 1815 -21.31 13.45 -17.23
CA ASP B 1815 -21.35 14.90 -17.01
C ASP B 1815 -21.52 15.51 -18.40
N ILE B 1816 -22.77 15.62 -18.82
CA ILE B 1816 -23.06 16.08 -20.17
C ILE B 1816 -22.54 17.51 -20.36
N THR B 1817 -22.96 18.42 -19.48
CA THR B 1817 -22.60 19.82 -19.63
C THR B 1817 -21.09 19.99 -19.66
N ALA B 1818 -20.41 19.51 -18.62
CA ALA B 1818 -18.95 19.63 -18.59
C ALA B 1818 -18.33 18.96 -19.80
N PHE B 1819 -18.84 17.81 -20.20
CA PHE B 1819 -18.31 17.13 -21.36
C PHE B 1819 -18.31 18.05 -22.57
N TYR B 1820 -19.49 18.59 -22.90
CA TYR B 1820 -19.60 19.37 -24.13
C TYR B 1820 -18.82 20.67 -24.02
N ASP B 1821 -18.74 21.25 -22.81
CA ASP B 1821 -17.93 22.44 -22.65
C ASP B 1821 -16.47 22.15 -22.95
N SER B 1822 -15.93 21.11 -22.33
CA SER B 1822 -14.55 20.72 -22.61
C SER B 1822 -14.37 20.38 -24.08
N LEU B 1823 -15.39 19.79 -24.69
CA LEU B 1823 -15.31 19.47 -26.11
C LEU B 1823 -15.10 20.71 -26.94
N LYS B 1824 -15.95 21.72 -26.72
CA LYS B 1824 -15.77 22.99 -27.41
C LYS B 1824 -14.37 23.55 -27.15
N LEU B 1825 -13.94 23.54 -25.90
CA LEU B 1825 -12.65 24.12 -25.56
C LEU B 1825 -11.52 23.45 -26.34
N VAL B 1826 -11.48 22.12 -26.31
CA VAL B 1826 -10.40 21.40 -26.96
C VAL B 1826 -10.46 21.57 -28.46
N ARG B 1827 -11.67 21.54 -29.03
CA ARG B 1827 -11.78 21.79 -30.46
C ARG B 1827 -11.18 23.14 -30.81
N ALA B 1828 -11.48 24.17 -30.02
CA ALA B 1828 -10.92 25.49 -30.29
C ALA B 1828 -9.39 25.45 -30.21
N GLU B 1829 -8.87 24.89 -29.13
CA GLU B 1829 -7.43 24.82 -28.96
C GLU B 1829 -6.77 24.19 -30.17
N GLN B 1830 -7.20 22.98 -30.52
CA GLN B 1830 -6.65 22.32 -31.69
C GLN B 1830 -6.74 23.21 -32.91
N ILE B 1831 -7.91 23.80 -33.16
CA ILE B 1831 -8.07 24.61 -34.35
C ILE B 1831 -7.05 25.73 -34.38
N VAL B 1832 -6.66 26.22 -33.22
CA VAL B 1832 -5.73 27.36 -33.15
C VAL B 1832 -4.56 27.15 -34.09
N PRO B 1833 -3.72 26.14 -33.86
CA PRO B 1833 -2.55 25.98 -34.74
C PRO B 1833 -2.91 25.87 -36.21
N LEU B 1834 -3.92 25.06 -36.53
CA LEU B 1834 -4.34 24.94 -37.91
C LEU B 1834 -4.68 26.29 -38.51
N SER B 1835 -5.10 27.25 -37.68
CA SER B 1835 -5.38 28.59 -38.17
C SER B 1835 -4.16 29.17 -38.86
N ALA B 1836 -3.05 29.32 -38.13
CA ALA B 1836 -1.83 29.79 -38.75
C ALA B 1836 -1.40 28.87 -39.88
N ALA B 1837 -1.60 27.56 -39.71
CA ALA B 1837 -1.15 26.60 -40.72
C ALA B 1837 -1.83 26.85 -42.07
N SER B 1838 -3.09 27.30 -42.05
CA SER B 1838 -3.83 27.46 -43.30
C SER B 1838 -3.11 28.37 -44.27
N PHE B 1839 -2.56 29.48 -43.76
CA PHE B 1839 -1.89 30.46 -44.62
C PHE B 1839 -0.52 29.91 -45.03
N GLU B 1840 -0.57 28.94 -45.93
CA GLU B 1840 0.62 28.28 -46.44
C GLU B 1840 0.21 27.29 -47.51
N ARG B 1841 1.15 26.97 -48.38
CA ARG B 1841 0.95 25.92 -49.38
C ARG B 1841 1.13 24.55 -48.74
N GLY B 1842 0.40 23.56 -49.26
CA GLY B 1842 0.42 22.26 -48.65
C GLY B 1842 0.01 22.27 -47.19
N SER B 1843 -0.82 23.24 -46.80
CA SER B 1843 -1.17 23.39 -45.40
C SER B 1843 -1.70 22.09 -44.83
N TYR B 1844 -2.70 21.51 -45.49
CA TYR B 1844 -3.32 20.28 -44.99
C TYR B 1844 -2.28 19.33 -44.42
N GLN B 1845 -1.26 19.03 -45.21
CA GLN B 1845 -0.23 18.10 -44.74
C GLN B 1845 0.47 18.65 -43.51
N ARG B 1846 0.85 19.92 -43.52
CA ARG B 1846 1.60 20.48 -42.41
C ARG B 1846 0.82 20.36 -41.12
N GLY B 1847 -0.49 20.54 -41.17
CA GLY B 1847 -1.31 20.44 -39.99
C GLY B 1847 -1.96 19.09 -39.78
N TYR B 1848 -1.56 18.07 -40.53
CA TYR B 1848 -2.33 16.83 -40.50
C TYR B 1848 -2.49 16.30 -39.09
N GLU B 1849 -1.49 16.50 -38.24
CA GLU B 1849 -1.60 16.02 -36.87
C GLU B 1849 -2.84 16.59 -36.19
N TYR B 1850 -3.00 17.91 -36.24
CA TYR B 1850 -4.16 18.52 -35.61
C TYR B 1850 -5.43 18.06 -36.29
N ILE B 1851 -5.41 17.87 -37.60
CA ILE B 1851 -6.60 17.36 -38.27
C ILE B 1851 -6.99 16.00 -37.70
N VAL B 1852 -6.00 15.16 -37.45
CA VAL B 1852 -6.28 13.86 -36.86
C VAL B 1852 -6.80 14.03 -35.45
N ARG B 1853 -6.30 15.04 -34.75
CA ARG B 1853 -6.84 15.33 -33.43
C ARG B 1853 -8.33 15.64 -33.53
N LEU B 1854 -8.69 16.48 -34.49
CA LEU B 1854 -10.11 16.79 -34.70
C LEU B 1854 -10.89 15.54 -35.04
N HIS B 1855 -10.28 14.65 -35.83
CA HIS B 1855 -10.92 13.39 -36.15
C HIS B 1855 -11.20 12.59 -34.89
N MET B 1856 -10.19 12.46 -34.04
CA MET B 1856 -10.38 11.80 -32.75
C MET B 1856 -11.50 12.46 -31.98
N LEU B 1857 -11.55 13.78 -32.00
CA LEU B 1857 -12.57 14.48 -31.23
C LEU B 1857 -13.96 14.12 -31.73
N CYS B 1858 -14.15 14.16 -33.05
CA CYS B 1858 -15.43 13.78 -33.63
C CYS B 1858 -15.81 12.36 -33.21
N GLU B 1859 -14.89 11.42 -33.39
CA GLU B 1859 -15.20 10.03 -33.04
C GLU B 1859 -15.55 9.91 -31.56
N LEU B 1860 -14.80 10.59 -30.71
CA LEU B 1860 -15.07 10.56 -29.27
C LEU B 1860 -16.46 11.07 -28.98
N GLU B 1861 -16.83 12.19 -29.58
CA GLU B 1861 -18.15 12.77 -29.38
C GLU B 1861 -19.23 11.76 -29.74
N HIS B 1862 -19.10 11.14 -30.91
CA HIS B 1862 -20.16 10.25 -31.37
C HIS B 1862 -20.17 8.95 -30.58
N SER B 1863 -19.04 8.57 -30.00
CA SER B 1863 -19.03 7.39 -29.15
C SER B 1863 -19.62 7.69 -27.77
N ILE B 1864 -19.47 8.92 -27.30
CA ILE B 1864 -19.92 9.25 -25.96
C ILE B 1864 -21.42 9.53 -25.92
N LYS B 1865 -21.92 10.28 -26.91
CA LYS B 1865 -23.33 10.70 -26.89
C LYS B 1865 -24.28 9.59 -26.47
N PRO B 1866 -24.29 8.43 -27.11
CA PRO B 1866 -25.21 7.36 -26.69
C PRO B 1866 -25.12 7.04 -25.22
N LEU B 1867 -23.91 7.00 -24.66
CA LEU B 1867 -23.79 6.79 -23.22
C LEU B 1867 -24.52 7.87 -22.45
N PHE B 1868 -24.32 9.13 -22.82
CA PHE B 1868 -25.02 10.22 -22.15
C PHE B 1868 -26.52 9.99 -22.18
N GLN B 1869 -27.05 9.62 -23.32
CA GLN B 1869 -28.48 9.35 -23.40
C GLN B 1869 -28.80 7.91 -23.02
N ASP B 1879 -23.75 5.22 -32.56
CA ASP B 1879 -22.45 5.43 -33.17
C ASP B 1879 -22.47 5.02 -34.64
N SER B 1880 -22.96 5.92 -35.49
CA SER B 1880 -23.11 5.60 -36.90
C SER B 1880 -21.77 5.49 -37.60
N LEU B 1881 -20.78 6.27 -37.17
CA LEU B 1881 -19.50 6.32 -37.87
C LEU B 1881 -18.93 4.93 -38.04
N ASN B 1882 -18.34 4.67 -39.21
CA ASN B 1882 -17.72 3.39 -39.52
C ASN B 1882 -16.23 3.50 -39.22
N TRP B 1883 -15.81 2.89 -38.12
CA TRP B 1883 -14.43 3.05 -37.68
C TRP B 1883 -13.45 2.49 -38.69
N VAL B 1884 -13.75 1.33 -39.26
CA VAL B 1884 -12.81 0.71 -40.19
C VAL B 1884 -12.47 1.68 -41.32
N ALA B 1885 -13.49 2.07 -42.09
CA ALA B 1885 -13.26 2.98 -43.20
C ALA B 1885 -12.53 4.22 -42.74
N ARG B 1886 -13.02 4.83 -41.65
CA ARG B 1886 -12.36 6.02 -41.13
C ARG B 1886 -10.86 5.80 -41.02
N LEU B 1887 -10.46 4.83 -40.20
CA LEU B 1887 -9.05 4.53 -40.03
C LEU B 1887 -8.37 4.39 -41.39
N GLU B 1888 -8.96 3.62 -42.28
CA GLU B 1888 -8.31 3.33 -43.56
C GLU B 1888 -8.04 4.61 -44.34
N MET B 1889 -8.92 5.59 -44.25
CA MET B 1889 -8.69 6.82 -45.00
C MET B 1889 -7.42 7.52 -44.55
N THR B 1890 -7.01 7.29 -43.31
CA THR B 1890 -5.90 8.04 -42.76
C THR B 1890 -4.60 7.67 -43.43
N GLN B 1891 -3.65 8.60 -43.41
CA GLN B 1891 -2.31 8.31 -43.90
C GLN B 1891 -1.74 7.11 -43.17
N ASN B 1892 -0.70 6.52 -43.76
CA ASN B 1892 -0.11 5.30 -43.22
C ASN B 1892 1.17 5.65 -42.47
N SER B 1893 0.99 6.11 -41.23
CA SER B 1893 2.16 6.35 -40.39
C SER B 1893 1.73 6.42 -38.94
N TYR B 1894 2.68 6.14 -38.06
CA TYR B 1894 2.40 6.09 -36.63
C TYR B 1894 1.66 7.34 -36.18
N ARG B 1895 2.29 8.51 -36.38
CA ARG B 1895 1.71 9.78 -35.97
C ARG B 1895 0.23 9.81 -36.24
N ALA B 1896 -0.18 9.25 -37.38
CA ALA B 1896 -1.57 9.29 -37.77
C ALA B 1896 -2.38 8.22 -37.05
N LYS B 1897 -2.06 6.95 -37.31
CA LYS B 1897 -2.98 5.89 -36.90
C LYS B 1897 -2.94 5.65 -35.41
N GLU B 1898 -1.76 5.63 -34.80
CA GLU B 1898 -1.67 5.20 -33.41
C GLU B 1898 -2.58 6.00 -32.50
N PRO B 1899 -2.45 7.32 -32.38
CA PRO B 1899 -3.30 8.06 -31.45
C PRO B 1899 -4.76 7.74 -31.62
N ILE B 1900 -5.24 7.71 -32.85
CA ILE B 1900 -6.63 7.35 -33.10
C ILE B 1900 -6.96 6.02 -32.47
N LEU B 1901 -6.05 5.05 -32.62
CA LEU B 1901 -6.35 3.71 -32.16
C LEU B 1901 -6.36 3.63 -30.65
N ALA B 1902 -5.41 4.30 -30.00
CA ALA B 1902 -5.44 4.34 -28.54
C ALA B 1902 -6.74 4.98 -28.06
N LEU B 1903 -7.13 6.08 -28.68
CA LEU B 1903 -8.36 6.73 -28.29
C LEU B 1903 -9.56 5.81 -28.48
N ARG B 1904 -9.55 5.03 -29.55
CA ARG B 1904 -10.65 4.11 -29.79
C ARG B 1904 -10.68 3.02 -28.74
N ARG B 1905 -9.52 2.49 -28.36
CA ARG B 1905 -9.47 1.53 -27.28
C ARG B 1905 -10.08 2.12 -26.02
N ALA B 1906 -9.71 3.36 -25.70
CA ALA B 1906 -10.30 4.03 -24.55
C ALA B 1906 -11.82 4.04 -24.66
N LEU B 1907 -12.33 4.62 -25.75
CA LEU B 1907 -13.78 4.69 -25.93
C LEU B 1907 -14.42 3.32 -25.73
N LEU B 1908 -13.90 2.30 -26.42
CA LEU B 1908 -14.43 0.96 -26.24
C LEU B 1908 -14.45 0.56 -24.78
N SER B 1909 -13.45 0.98 -24.02
CA SER B 1909 -13.46 0.71 -22.59
C SER B 1909 -14.64 1.39 -21.93
N LEU B 1910 -14.80 2.70 -22.19
CA LEU B 1910 -15.97 3.40 -21.67
C LEU B 1910 -17.25 2.74 -22.13
N ASN B 1911 -17.31 2.36 -23.40
CA ASN B 1911 -18.45 1.59 -23.86
C ASN B 1911 -18.49 0.25 -23.14
N LYS B 1912 -19.69 -0.28 -23.00
CA LYS B 1912 -19.90 -1.57 -22.37
C LYS B 1912 -20.69 -2.44 -23.35
N ARG B 1913 -19.96 -3.09 -24.25
CA ARG B 1913 -20.59 -4.02 -25.16
C ARG B 1913 -19.89 -5.36 -25.08
N PRO B 1914 -20.63 -6.47 -25.15
CA PRO B 1914 -19.99 -7.79 -24.99
C PRO B 1914 -18.75 -7.98 -25.84
N ASP B 1915 -18.78 -7.52 -27.10
CA ASP B 1915 -17.67 -7.75 -28.01
C ASP B 1915 -16.49 -6.82 -27.79
N TYR B 1916 -16.57 -5.93 -26.79
CA TYR B 1916 -15.48 -4.97 -26.60
C TYR B 1916 -14.17 -5.67 -26.29
N ASN B 1917 -14.22 -6.78 -25.55
CA ASN B 1917 -12.99 -7.49 -25.24
C ASN B 1917 -12.25 -7.88 -26.50
N GLU B 1918 -12.97 -8.28 -27.54
CA GLU B 1918 -12.34 -8.67 -28.78
C GLU B 1918 -12.01 -7.46 -29.64
N MET B 1919 -12.86 -6.44 -29.60
CA MET B 1919 -12.57 -5.24 -30.37
C MET B 1919 -11.28 -4.60 -29.89
N VAL B 1920 -11.01 -4.66 -28.59
CA VAL B 1920 -9.73 -4.14 -28.10
C VAL B 1920 -8.59 -4.92 -28.68
N GLY B 1921 -8.75 -6.24 -28.82
CA GLY B 1921 -7.74 -7.02 -29.49
C GLY B 1921 -7.57 -6.64 -30.94
N GLU B 1922 -8.67 -6.36 -31.63
CA GLU B 1922 -8.54 -5.88 -32.99
C GLU B 1922 -7.78 -4.56 -33.02
N CYS B 1923 -7.98 -3.71 -32.02
CA CYS B 1923 -7.32 -2.42 -32.00
C CYS B 1923 -5.83 -2.60 -31.73
N TRP B 1924 -5.47 -3.47 -30.80
CA TRP B 1924 -4.06 -3.75 -30.58
C TRP B 1924 -3.43 -4.39 -31.82
N LEU B 1925 -4.21 -5.29 -32.42
CA LEU B 1925 -3.73 -5.94 -33.67
C LEU B 1925 -3.78 -4.90 -34.79
N GLN B 1926 -4.68 -3.93 -34.72
CA GLN B 1926 -4.65 -2.87 -35.77
C GLN B 1926 -3.44 -1.99 -35.52
N SER B 1927 -3.01 -1.84 -34.27
CA SER B 1927 -1.77 -1.07 -34.03
C SER B 1927 -0.63 -1.80 -34.73
N ALA B 1928 -0.61 -3.13 -34.65
CA ALA B 1928 0.39 -3.90 -35.42
C ALA B 1928 0.05 -3.76 -36.90
N ARG B 1929 1.04 -3.67 -37.78
CA ARG B 1929 0.80 -3.46 -39.24
C ARG B 1929 0.58 -1.95 -39.42
N VAL B 1930 0.71 -1.19 -38.34
CA VAL B 1930 0.67 0.29 -38.43
C VAL B 1930 2.01 0.71 -37.81
N ALA B 1931 2.60 -0.19 -37.04
CA ALA B 1931 3.92 0.05 -36.42
C ALA B 1931 4.90 -0.92 -37.07
N ARG B 1932 4.56 -2.20 -37.09
CA ARG B 1932 5.41 -3.14 -37.82
C ARG B 1932 5.88 -2.54 -39.13
N LYS B 1933 4.96 -1.94 -39.88
CA LYS B 1933 5.36 -1.33 -41.14
C LYS B 1933 6.38 -0.23 -40.94
N ALA B 1934 6.22 0.55 -39.86
CA ALA B 1934 7.15 1.65 -39.62
C ALA B 1934 8.46 1.16 -39.03
N GLY B 1935 8.41 0.14 -38.18
CA GLY B 1935 9.57 -0.27 -37.43
C GLY B 1935 9.17 -0.45 -35.97
N HIS B 1936 9.89 0.20 -35.06
CA HIS B 1936 9.45 0.35 -33.68
C HIS B 1936 9.00 -0.98 -33.07
N HIS B 1937 9.69 -2.07 -33.41
CA HIS B 1937 9.17 -3.39 -33.10
C HIS B 1937 8.82 -3.58 -31.64
N GLN B 1938 9.52 -2.91 -30.74
CA GLN B 1938 9.12 -3.01 -29.34
C GLN B 1938 7.91 -2.15 -29.03
N THR B 1939 7.57 -1.22 -29.91
CA THR B 1939 6.49 -0.28 -29.64
C THR B 1939 5.15 -0.98 -29.75
N ALA B 1940 5.18 -2.27 -30.07
CA ALA B 1940 3.96 -3.06 -30.00
C ALA B 1940 4.23 -4.41 -29.36
N TYR B 1941 5.13 -4.46 -28.40
CA TYR B 1941 5.09 -5.61 -27.51
C TYR B 1941 3.84 -5.57 -26.65
N ASN B 1942 3.55 -4.40 -26.08
CA ASN B 1942 2.34 -4.16 -25.33
C ASN B 1942 1.13 -4.14 -26.23
N ALA B 1943 1.31 -4.56 -27.48
CA ALA B 1943 0.21 -4.75 -28.41
C ALA B 1943 0.10 -6.21 -28.83
N LEU B 1944 1.18 -6.78 -29.35
CA LEU B 1944 1.16 -8.15 -29.81
C LEU B 1944 0.85 -9.06 -28.65
N LEU B 1945 1.33 -8.70 -27.45
CA LEU B 1945 0.84 -9.38 -26.26
C LEU B 1945 -0.55 -8.89 -25.89
N ASN B 1946 -0.72 -7.57 -25.79
CA ASN B 1946 -1.98 -6.99 -25.35
C ASN B 1946 -3.19 -7.69 -25.95
N ALA B 1947 -3.13 -7.95 -27.26
CA ALA B 1947 -4.22 -8.60 -27.98
C ALA B 1947 -4.75 -9.78 -27.20
N GLY B 1948 -3.87 -10.71 -26.87
CA GLY B 1948 -4.17 -11.77 -25.94
C GLY B 1948 -5.50 -12.47 -26.13
N GLU B 1949 -6.38 -12.31 -25.14
CA GLU B 1949 -7.57 -13.13 -25.02
C GLU B 1949 -8.25 -13.36 -26.36
N SER B 1950 -8.68 -12.28 -27.02
CA SER B 1950 -9.54 -12.41 -28.18
C SER B 1950 -9.00 -13.44 -29.14
N ARG B 1951 -9.72 -14.55 -29.28
CA ARG B 1951 -9.25 -15.65 -30.11
C ARG B 1951 -8.93 -15.13 -31.50
N LEU B 1952 -7.71 -15.38 -31.95
CA LEU B 1952 -7.32 -14.85 -33.25
C LEU B 1952 -6.17 -15.69 -33.80
N ALA B 1953 -6.48 -16.56 -34.76
CA ALA B 1953 -5.43 -16.96 -35.69
C ALA B 1953 -4.78 -15.71 -36.26
N GLU B 1954 -5.55 -14.63 -36.38
CA GLU B 1954 -4.97 -13.35 -36.76
C GLU B 1954 -3.77 -13.02 -35.88
N LEU B 1955 -3.85 -13.32 -34.59
CA LEU B 1955 -2.69 -13.08 -33.73
C LEU B 1955 -1.46 -13.78 -34.29
N TYR B 1956 -1.62 -15.03 -34.71
CA TYR B 1956 -0.48 -15.76 -35.23
C TYR B 1956 0.00 -15.16 -36.55
N VAL B 1957 -0.94 -14.88 -37.46
CA VAL B 1957 -0.54 -14.28 -38.72
C VAL B 1957 0.26 -13.02 -38.48
N GLU B 1958 -0.15 -12.25 -37.48
CA GLU B 1958 0.54 -11.00 -37.18
C GLU B 1958 1.94 -11.25 -36.65
N ARG B 1959 2.05 -12.18 -35.69
CA ARG B 1959 3.37 -12.55 -35.12
C ARG B 1959 4.28 -13.07 -36.24
N ALA B 1960 3.72 -13.68 -37.27
CA ALA B 1960 4.53 -14.17 -38.37
C ALA B 1960 5.04 -13.01 -39.20
N LYS B 1961 4.13 -12.12 -39.60
CA LYS B 1961 4.57 -10.97 -40.38
C LYS B 1961 5.63 -10.19 -39.62
N TRP B 1962 5.47 -10.08 -38.30
CA TRP B 1962 6.46 -9.36 -37.52
C TRP B 1962 7.82 -10.01 -37.65
N LEU B 1963 7.91 -11.27 -37.25
CA LEU B 1963 9.15 -12.00 -37.40
C LEU B 1963 9.73 -11.79 -38.79
N TRP B 1964 8.89 -11.87 -39.81
CA TRP B 1964 9.39 -11.75 -41.17
C TRP B 1964 10.05 -10.40 -41.39
N SER B 1965 9.39 -9.34 -40.94
CA SER B 1965 10.05 -8.04 -41.00
C SER B 1965 11.39 -8.08 -40.30
N LYS B 1966 11.43 -8.64 -39.10
CA LYS B 1966 12.67 -8.65 -38.34
C LYS B 1966 13.76 -9.44 -39.02
N GLY B 1967 13.42 -10.26 -40.00
CA GLY B 1967 14.40 -11.01 -40.78
C GLY B 1967 14.45 -12.50 -40.49
N ASP B 1968 13.89 -12.96 -39.38
CA ASP B 1968 13.98 -14.37 -39.01
C ASP B 1968 12.86 -15.16 -39.69
N VAL B 1969 13.06 -15.40 -40.98
CA VAL B 1969 12.03 -16.05 -41.78
C VAL B 1969 11.65 -17.40 -41.18
N HIS B 1970 12.63 -18.30 -41.06
CA HIS B 1970 12.34 -19.64 -40.56
C HIS B 1970 11.49 -19.59 -39.31
N GLN B 1971 11.85 -18.70 -38.37
CA GLN B 1971 10.98 -18.45 -37.23
C GLN B 1971 9.54 -18.28 -37.66
N ALA B 1972 9.30 -17.28 -38.50
CA ALA B 1972 7.93 -16.94 -38.88
C ALA B 1972 7.22 -18.15 -39.43
N LEU B 1973 7.86 -18.86 -40.36
CA LEU B 1973 7.22 -20.05 -40.90
C LEU B 1973 6.80 -21.00 -39.79
N ILE B 1974 7.69 -21.21 -38.82
CA ILE B 1974 7.37 -22.15 -37.74
C ILE B 1974 6.13 -21.66 -36.99
N VAL B 1975 6.19 -20.44 -36.49
CA VAL B 1975 5.09 -19.91 -35.70
C VAL B 1975 3.80 -20.01 -36.50
N LEU B 1976 3.88 -19.75 -37.80
CA LEU B 1976 2.67 -19.67 -38.60
C LEU B 1976 2.07 -21.04 -38.81
N GLN B 1977 2.90 -22.02 -39.18
CA GLN B 1977 2.37 -23.37 -39.30
C GLN B 1977 1.72 -23.80 -38.00
N LYS B 1978 2.34 -23.47 -36.88
CA LYS B 1978 1.75 -23.86 -35.61
C LYS B 1978 0.40 -23.21 -35.40
N GLY B 1979 0.34 -21.90 -35.52
CA GLY B 1979 -0.93 -21.21 -35.34
C GLY B 1979 -1.99 -21.74 -36.27
N VAL B 1980 -1.61 -22.07 -37.51
CA VAL B 1980 -2.58 -22.61 -38.45
C VAL B 1980 -3.13 -23.93 -37.95
N GLU B 1981 -2.23 -24.88 -37.66
CA GLU B 1981 -2.68 -26.15 -37.11
C GLU B 1981 -3.65 -25.94 -35.96
N LEU B 1982 -3.25 -25.12 -34.99
CA LEU B 1982 -4.09 -24.95 -33.81
C LEU B 1982 -5.44 -24.36 -34.17
N CYS B 1983 -5.45 -23.22 -34.85
CA CYS B 1983 -6.71 -22.52 -35.11
C CYS B 1983 -7.56 -23.27 -36.12
N PHE B 1984 -6.94 -23.89 -37.11
CA PHE B 1984 -7.65 -24.61 -38.16
C PHE B 1984 -7.26 -26.09 -38.13
N PRO B 1985 -7.72 -26.82 -37.12
CA PRO B 1985 -7.51 -28.26 -37.12
C PRO B 1985 -8.09 -28.88 -38.38
N GLU B 1986 -7.36 -29.86 -38.93
CA GLU B 1986 -7.76 -30.45 -40.19
C GLU B 1986 -9.16 -31.06 -40.12
N ASN B 1987 -9.53 -31.61 -38.97
CA ASN B 1987 -10.79 -32.32 -38.87
C ASN B 1987 -11.97 -31.44 -39.27
N GLU B 1988 -12.02 -30.22 -38.76
CA GLU B 1988 -13.15 -29.31 -38.97
C GLU B 1988 -12.70 -28.17 -39.88
N THR B 1989 -13.36 -28.04 -41.03
CA THR B 1989 -13.01 -27.00 -41.97
C THR B 1989 -13.54 -25.64 -41.48
N PRO B 1990 -12.75 -24.58 -41.59
CA PRO B 1990 -13.31 -23.24 -41.38
C PRO B 1990 -14.05 -22.79 -42.61
N PRO B 1991 -15.37 -22.90 -42.61
CA PRO B 1991 -16.12 -22.49 -43.79
C PRO B 1991 -16.76 -21.12 -43.69
N GLU B 1992 -16.73 -20.51 -42.50
CA GLU B 1992 -17.57 -19.36 -42.20
C GLU B 1992 -16.77 -18.08 -42.17
N GLY B 1993 -17.14 -17.14 -43.02
CA GLY B 1993 -16.72 -15.75 -42.96
C GLY B 1993 -15.28 -15.48 -42.61
N LYS B 1994 -15.08 -14.55 -41.67
CA LYS B 1994 -13.73 -14.14 -41.29
C LYS B 1994 -12.83 -15.34 -41.06
N ASN B 1995 -13.40 -16.46 -40.63
CA ASN B 1995 -12.58 -17.66 -40.45
C ASN B 1995 -12.02 -18.14 -41.77
N MET B 1996 -12.88 -18.35 -42.75
CA MET B 1996 -12.38 -18.74 -44.07
C MET B 1996 -11.39 -17.70 -44.60
N LEU B 1997 -11.70 -16.42 -44.39
CA LEU B 1997 -10.82 -15.37 -44.90
C LEU B 1997 -9.43 -15.46 -44.28
N ILE B 1998 -9.37 -15.53 -42.95
CA ILE B 1998 -8.09 -15.58 -42.27
C ILE B 1998 -7.36 -16.86 -42.65
N HIS B 1999 -8.10 -17.96 -42.82
CA HIS B 1999 -7.46 -19.20 -43.24
C HIS B 1999 -6.80 -19.03 -44.60
N GLY B 2000 -7.50 -18.39 -45.53
CA GLY B 2000 -6.88 -18.12 -46.82
C GLY B 2000 -5.65 -17.26 -46.70
N ARG B 2001 -5.75 -16.16 -45.95
CA ARG B 2001 -4.62 -15.27 -45.78
C ARG B 2001 -3.42 -16.02 -45.21
N ALA B 2002 -3.67 -16.83 -44.18
CA ALA B 2002 -2.60 -17.59 -43.55
C ALA B 2002 -1.95 -18.54 -44.55
N MET B 2003 -2.77 -19.29 -45.28
CA MET B 2003 -2.20 -20.22 -46.24
C MET B 2003 -1.34 -19.50 -47.27
N LEU B 2004 -1.83 -18.36 -47.76
CA LEU B 2004 -1.03 -17.60 -48.71
C LEU B 2004 0.30 -17.20 -48.12
N LEU B 2005 0.29 -16.69 -46.89
CA LEU B 2005 1.54 -16.27 -46.27
C LEU B 2005 2.48 -17.44 -46.11
N VAL B 2006 1.94 -18.59 -45.71
CA VAL B 2006 2.76 -19.80 -45.60
C VAL B 2006 3.43 -20.08 -46.93
N GLY B 2007 2.65 -20.01 -48.01
CA GLY B 2007 3.22 -20.24 -49.32
C GLY B 2007 4.36 -19.29 -49.63
N ARG B 2008 4.15 -18.01 -49.36
CA ARG B 2008 5.19 -17.03 -49.66
C ARG B 2008 6.46 -17.31 -48.87
N PHE B 2009 6.31 -17.56 -47.58
CA PHE B 2009 7.47 -17.98 -46.80
C PHE B 2009 8.18 -19.14 -47.48
N MET B 2010 7.42 -20.21 -47.76
CA MET B 2010 8.02 -21.37 -48.40
C MET B 2010 8.80 -20.98 -49.64
N GLU B 2011 8.25 -20.08 -50.44
CA GLU B 2011 8.98 -19.59 -51.61
C GLU B 2011 10.31 -19.01 -51.18
N GLU B 2012 10.31 -18.19 -50.13
CA GLU B 2012 11.54 -17.57 -49.69
C GLU B 2012 12.58 -18.60 -49.27
N THR B 2013 12.19 -19.56 -48.44
CA THR B 2013 13.14 -20.57 -47.98
C THR B 2013 13.55 -21.47 -49.15
N ALA B 2014 14.84 -21.79 -49.19
CA ALA B 2014 15.34 -22.57 -50.32
C ALA B 2014 15.05 -24.06 -50.17
N ASN B 2015 14.83 -24.53 -48.95
CA ASN B 2015 14.67 -25.97 -48.74
C ASN B 2015 13.44 -26.50 -49.48
N PHE B 2016 12.31 -25.83 -49.33
CA PHE B 2016 11.05 -26.40 -49.78
C PHE B 2016 11.07 -26.71 -51.26
N GLU B 2017 10.34 -27.75 -51.63
CA GLU B 2017 10.26 -28.17 -53.02
C GLU B 2017 9.24 -27.33 -53.78
N SER B 2018 9.49 -27.18 -55.08
CA SER B 2018 8.56 -26.44 -55.92
C SER B 2018 7.14 -26.95 -55.77
N ASN B 2019 6.98 -28.27 -55.88
CA ASN B 2019 5.63 -28.83 -55.98
C ASN B 2019 4.81 -28.52 -54.74
N ALA B 2020 5.40 -28.61 -53.56
CA ALA B 2020 4.65 -28.26 -52.35
C ALA B 2020 4.19 -26.81 -52.40
N ILE B 2021 5.06 -25.92 -52.88
CA ILE B 2021 4.67 -24.52 -53.00
C ILE B 2021 3.47 -24.40 -53.92
N MET B 2022 3.56 -24.99 -55.11
CA MET B 2022 2.46 -24.90 -56.05
C MET B 2022 1.17 -25.42 -55.44
N LYS B 2023 1.27 -26.52 -54.69
CA LYS B 2023 0.09 -27.08 -54.07
C LYS B 2023 -0.50 -26.12 -53.06
N LYS B 2024 0.35 -25.55 -52.20
CA LYS B 2024 -0.15 -24.61 -51.21
C LYS B 2024 -0.86 -23.45 -51.88
N TYR B 2025 -0.28 -22.92 -52.96
CA TYR B 2025 -0.92 -21.80 -53.63
C TYR B 2025 -2.26 -22.22 -54.22
N LYS B 2026 -2.31 -23.39 -54.84
CA LYS B 2026 -3.58 -23.88 -55.38
C LYS B 2026 -4.62 -24.00 -54.27
N ASP B 2027 -4.19 -24.48 -53.10
CA ASP B 2027 -5.12 -24.59 -51.98
C ASP B 2027 -5.67 -23.23 -51.59
N VAL B 2028 -4.77 -22.26 -51.42
CA VAL B 2028 -5.21 -20.89 -51.15
C VAL B 2028 -6.29 -20.50 -52.13
N THR B 2029 -6.02 -20.72 -53.42
CA THR B 2029 -7.00 -20.37 -54.44
C THR B 2029 -8.33 -21.08 -54.19
N ALA B 2030 -8.26 -22.36 -53.89
CA ALA B 2030 -9.49 -23.14 -53.71
C ALA B 2030 -10.31 -22.63 -52.54
N CYS B 2031 -9.64 -22.19 -51.48
CA CYS B 2031 -10.37 -21.77 -50.29
C CYS B 2031 -10.95 -20.37 -50.42
N LEU B 2032 -10.39 -19.55 -51.31
CA LEU B 2032 -10.87 -18.18 -51.51
C LEU B 2032 -10.78 -17.82 -52.98
N PRO B 2033 -11.53 -18.53 -53.82
CA PRO B 2033 -11.45 -18.25 -55.26
C PRO B 2033 -11.70 -16.80 -55.60
N GLU B 2034 -12.51 -16.10 -54.81
CA GLU B 2034 -12.80 -14.71 -55.09
C GLU B 2034 -11.61 -13.80 -54.83
N TRP B 2035 -10.68 -14.22 -53.98
CA TRP B 2035 -9.57 -13.37 -53.63
C TRP B 2035 -8.63 -13.19 -54.81
N GLU B 2036 -8.11 -11.97 -54.96
CA GLU B 2036 -7.17 -11.70 -56.05
C GLU B 2036 -5.77 -12.17 -55.72
N ASP B 2037 -5.29 -11.84 -54.53
CA ASP B 2037 -3.92 -12.18 -54.14
C ASP B 2037 -3.62 -13.65 -54.43
N GLY B 2038 -4.57 -14.53 -54.16
CA GLY B 2038 -4.33 -15.93 -54.42
C GLY B 2038 -3.86 -16.14 -55.83
N HIS B 2039 -4.76 -15.92 -56.79
CA HIS B 2039 -4.42 -16.12 -58.18
C HIS B 2039 -3.15 -15.37 -58.55
N PHE B 2040 -3.00 -14.15 -58.06
CA PHE B 2040 -1.84 -13.36 -58.46
C PHE B 2040 -0.56 -14.07 -58.11
N TYR B 2041 -0.39 -14.39 -56.83
CA TYR B 2041 0.82 -15.07 -56.41
C TYR B 2041 0.98 -16.39 -57.15
N LEU B 2042 -0.12 -17.10 -57.38
CA LEU B 2042 -0.04 -18.37 -58.08
C LEU B 2042 0.59 -18.17 -59.45
N ALA B 2043 0.09 -17.18 -60.18
CA ALA B 2043 0.63 -16.90 -61.50
C ALA B 2043 2.10 -16.51 -61.39
N LYS B 2044 2.45 -15.69 -60.41
CA LYS B 2044 3.82 -15.26 -60.29
C LYS B 2044 4.75 -16.44 -60.09
N TYR B 2045 4.36 -17.36 -59.22
CA TYR B 2045 5.19 -18.52 -58.95
C TYR B 2045 5.31 -19.39 -60.19
N TYR B 2046 4.19 -19.63 -60.88
CA TYR B 2046 4.28 -20.40 -62.11
C TYR B 2046 5.20 -19.72 -63.11
N ASP B 2047 5.17 -18.40 -63.15
CA ASP B 2047 6.06 -17.67 -64.06
C ASP B 2047 7.51 -17.91 -63.69
N LYS B 2048 7.84 -17.74 -62.42
CA LYS B 2048 9.21 -17.97 -61.98
C LYS B 2048 9.66 -19.37 -62.36
N LEU B 2049 8.80 -20.36 -62.09
CA LEU B 2049 9.20 -21.74 -62.35
C LEU B 2049 9.41 -22.00 -63.83
N MET B 2050 8.52 -21.47 -64.67
CA MET B 2050 8.51 -21.82 -66.08
C MET B 2050 9.88 -21.81 -66.73
N PRO B 2051 10.66 -20.75 -66.63
CA PRO B 2051 11.98 -20.75 -67.29
C PRO B 2051 12.79 -21.98 -66.93
N MET B 2052 12.81 -22.33 -65.64
CA MET B 2052 13.57 -23.50 -65.21
C MET B 2052 12.97 -24.77 -65.78
N VAL B 2053 11.67 -24.98 -65.59
CA VAL B 2053 11.05 -26.23 -66.01
C VAL B 2053 11.19 -26.42 -67.51
N THR B 2054 11.10 -25.34 -68.28
CA THR B 2054 11.06 -25.46 -69.72
C THR B 2054 12.42 -25.34 -70.38
N ASP B 2055 13.48 -25.04 -69.62
CA ASP B 2055 14.80 -24.78 -70.18
C ASP B 2055 14.84 -23.52 -71.02
N ASN B 2056 13.85 -22.64 -70.85
CA ASN B 2056 13.75 -21.42 -71.64
C ASN B 2056 13.42 -21.73 -73.10
N LYS B 2057 12.49 -22.65 -73.31
CA LYS B 2057 12.01 -23.03 -74.63
C LYS B 2057 10.53 -22.68 -74.73
N MET B 2058 10.21 -21.67 -75.54
CA MET B 2058 8.83 -21.21 -75.62
C MET B 2058 7.88 -22.38 -75.88
N GLU B 2059 8.23 -23.24 -76.83
CA GLU B 2059 7.36 -24.33 -77.23
C GLU B 2059 6.81 -25.06 -76.01
N LYS B 2060 7.70 -25.57 -75.17
CA LYS B 2060 7.25 -26.24 -73.95
C LYS B 2060 6.40 -25.32 -73.10
N GLN B 2061 6.70 -24.02 -73.11
CA GLN B 2061 6.06 -23.11 -72.17
C GLN B 2061 4.56 -22.96 -72.41
N GLY B 2062 4.06 -23.35 -73.57
CA GLY B 2062 2.69 -23.04 -73.94
C GLY B 2062 1.66 -23.29 -72.86
N ASP B 2063 1.43 -24.56 -72.55
CA ASP B 2063 0.46 -24.92 -71.53
C ASP B 2063 0.65 -24.08 -70.26
N LEU B 2064 1.89 -23.99 -69.80
CA LEU B 2064 2.19 -23.15 -68.66
C LEU B 2064 1.69 -21.74 -68.88
N ILE B 2065 1.93 -21.19 -70.06
CA ILE B 2065 1.50 -19.83 -70.35
C ILE B 2065 0.00 -19.72 -70.24
N ARG B 2066 -0.72 -20.73 -70.72
CA ARG B 2066 -2.18 -20.70 -70.59
C ARG B 2066 -2.57 -20.58 -69.13
N TYR B 2067 -2.07 -21.51 -68.31
CA TYR B 2067 -2.37 -21.45 -66.89
C TYR B 2067 -2.09 -20.06 -66.34
N ILE B 2068 -0.92 -19.52 -66.67
CA ILE B 2068 -0.47 -18.25 -66.12
C ILE B 2068 -1.47 -17.16 -66.45
N VAL B 2069 -1.68 -16.93 -67.74
CA VAL B 2069 -2.57 -15.85 -68.16
C VAL B 2069 -3.93 -16.03 -67.53
N LEU B 2070 -4.43 -17.26 -67.49
CA LEU B 2070 -5.76 -17.46 -66.91
C LEU B 2070 -5.80 -16.92 -65.49
N HIS B 2071 -4.85 -17.33 -64.67
CA HIS B 2071 -4.93 -16.93 -63.28
C HIS B 2071 -4.70 -15.42 -63.13
N PHE B 2072 -3.84 -14.85 -63.97
CA PHE B 2072 -3.66 -13.40 -63.94
C PHE B 2072 -4.99 -12.70 -64.19
N GLY B 2073 -5.65 -13.08 -65.28
CA GLY B 2073 -6.91 -12.44 -65.61
C GLY B 2073 -7.92 -12.55 -64.50
N ARG B 2074 -8.02 -13.73 -63.89
CA ARG B 2074 -8.93 -13.86 -62.76
C ARG B 2074 -8.57 -12.85 -61.67
N SER B 2075 -7.30 -12.84 -61.26
CA SER B 2075 -6.87 -11.91 -60.23
C SER B 2075 -7.34 -10.51 -60.56
N LEU B 2076 -7.14 -10.09 -61.81
CA LEU B 2076 -7.63 -8.79 -62.22
C LEU B 2076 -9.13 -8.68 -61.97
N GLN B 2077 -9.89 -9.67 -62.44
CA GLN B 2077 -11.34 -9.60 -62.31
C GLN B 2077 -11.75 -9.34 -60.88
N TYR B 2078 -10.94 -9.78 -59.93
CA TYR B 2078 -11.37 -9.59 -58.53
C TYR B 2078 -11.07 -8.18 -58.08
N GLY B 2079 -9.78 -7.80 -58.13
CA GLY B 2079 -9.36 -6.47 -57.62
C GLY B 2079 -8.26 -5.91 -58.49
N ASN B 2080 -8.01 -4.59 -58.40
CA ASN B 2080 -6.87 -4.03 -59.15
C ASN B 2080 -5.69 -3.65 -58.24
N GLN B 2081 -5.33 -4.48 -57.26
CA GLN B 2081 -4.15 -4.13 -56.47
C GLN B 2081 -2.88 -4.34 -57.27
N PHE B 2082 -2.69 -5.53 -57.82
CA PHE B 2082 -1.48 -5.86 -58.57
C PHE B 2082 -1.65 -5.66 -60.06
N ILE B 2083 -2.59 -4.80 -60.46
CA ILE B 2083 -2.89 -4.66 -61.88
C ILE B 2083 -1.62 -4.39 -62.67
N TYR B 2084 -0.81 -3.45 -62.20
CA TYR B 2084 0.32 -2.99 -62.99
C TYR B 2084 1.31 -4.11 -63.27
N GLN B 2085 1.46 -5.06 -62.35
CA GLN B 2085 2.32 -6.19 -62.64
C GLN B 2085 1.60 -7.25 -63.44
N SER B 2086 0.33 -7.46 -63.17
CA SER B 2086 -0.39 -8.56 -63.78
C SER B 2086 -0.65 -8.31 -65.26
N MET B 2087 -1.44 -7.28 -65.56
CA MET B 2087 -1.90 -7.10 -66.93
C MET B 2087 -0.71 -7.17 -67.89
N PRO B 2088 0.27 -6.29 -67.73
CA PRO B 2088 1.36 -6.23 -68.71
C PRO B 2088 2.05 -7.56 -68.88
N ARG B 2089 2.33 -8.27 -67.79
CA ARG B 2089 2.97 -9.56 -67.92
C ARG B 2089 2.13 -10.50 -68.76
N MET B 2090 0.83 -10.56 -68.48
CA MET B 2090 -0.05 -11.45 -69.23
C MET B 2090 0.00 -11.12 -70.71
N LEU B 2091 -0.21 -9.84 -71.04
CA LEU B 2091 -0.21 -9.45 -72.44
C LEU B 2091 1.11 -9.79 -73.10
N THR B 2092 2.21 -9.48 -72.41
CA THR B 2092 3.52 -9.76 -72.98
C THR B 2092 3.65 -11.24 -73.30
N LEU B 2093 3.35 -12.10 -72.33
CA LEU B 2093 3.51 -13.52 -72.53
C LEU B 2093 2.67 -13.99 -73.71
N TRP B 2094 1.40 -13.64 -73.72
CA TRP B 2094 0.52 -14.12 -74.77
C TRP B 2094 0.99 -13.67 -76.15
N LEU B 2095 1.27 -12.38 -76.29
CA LEU B 2095 1.68 -11.87 -77.59
C LEU B 2095 3.01 -12.48 -78.02
N ASP B 2096 3.94 -12.63 -77.10
CA ASP B 2096 5.23 -13.20 -77.45
C ASP B 2096 5.07 -14.64 -77.92
N TYR B 2097 4.21 -15.40 -77.24
CA TYR B 2097 3.99 -16.77 -77.67
C TYR B 2097 3.36 -16.80 -79.06
N GLY B 2098 2.42 -15.89 -79.32
CA GLY B 2098 1.86 -15.82 -80.66
C GLY B 2098 2.92 -15.55 -81.71
N THR B 2099 3.82 -14.61 -81.42
CA THR B 2099 4.89 -14.29 -82.35
C THR B 2099 5.78 -15.50 -82.59
N LYS B 2100 6.18 -16.17 -81.52
CA LYS B 2100 7.02 -17.35 -81.67
C LYS B 2100 6.32 -18.41 -82.48
N ALA B 2101 5.01 -18.56 -82.29
CA ALA B 2101 4.26 -19.55 -83.06
C ALA B 2101 4.23 -19.19 -84.54
N TYR B 2102 4.02 -17.91 -84.85
CA TYR B 2102 4.08 -17.49 -86.25
C TYR B 2102 5.44 -17.80 -86.84
N GLU B 2103 6.50 -17.56 -86.08
CA GLU B 2103 7.84 -17.87 -86.56
C GLU B 2103 7.98 -19.37 -86.82
N TRP B 2104 7.52 -20.20 -85.89
CA TRP B 2104 7.65 -21.64 -86.06
C TRP B 2104 6.85 -22.12 -87.26
N GLU B 2105 5.68 -21.52 -87.49
CA GLU B 2105 4.90 -21.87 -88.67
C GLU B 2105 5.64 -21.49 -89.95
N LYS B 2106 6.28 -20.32 -89.95
CA LYS B 2106 7.04 -19.89 -91.12
C LYS B 2106 8.31 -20.72 -91.29
N ALA B 2107 8.78 -21.35 -90.22
CA ALA B 2107 10.09 -22.01 -90.26
C ALA B 2107 10.02 -23.36 -90.93
N GLY B 2108 8.99 -24.15 -90.65
CA GLY B 2108 8.94 -25.53 -91.07
C GLY B 2108 9.37 -26.51 -90.01
N ARG B 2109 9.18 -26.18 -88.74
CA ARG B 2109 9.59 -27.03 -87.63
C ARG B 2109 8.38 -27.76 -87.07
N SER B 2110 8.62 -28.96 -86.56
CA SER B 2110 7.53 -29.88 -86.25
C SER B 2110 6.64 -29.34 -85.13
N ASP B 2111 7.24 -28.73 -84.10
CA ASP B 2111 6.47 -28.28 -82.95
C ASP B 2111 5.35 -27.32 -83.33
N ARG B 2112 5.28 -26.91 -84.59
CA ARG B 2112 4.33 -25.88 -85.01
C ARG B 2112 2.90 -26.23 -84.65
N VAL B 2113 2.50 -27.50 -84.84
CA VAL B 2113 1.11 -27.86 -84.65
C VAL B 2113 0.72 -27.75 -83.18
N GLN B 2114 1.55 -28.32 -82.31
CA GLN B 2114 1.31 -28.19 -80.88
C GLN B 2114 1.27 -26.72 -80.48
N MET B 2115 2.21 -25.92 -81.00
CA MET B 2115 2.21 -24.50 -80.70
C MET B 2115 0.91 -23.86 -81.14
N ARG B 2116 0.39 -24.27 -82.28
CA ARG B 2116 -0.83 -23.67 -82.81
C ARG B 2116 -2.02 -23.98 -81.90
N ASN B 2117 -2.15 -25.23 -81.50
CA ASN B 2117 -3.23 -25.57 -80.58
C ASN B 2117 -3.10 -24.80 -79.28
N ASP B 2118 -1.88 -24.72 -78.75
CA ASP B 2118 -1.66 -23.96 -77.53
C ASP B 2118 -2.06 -22.50 -77.71
N LEU B 2119 -1.67 -21.90 -78.83
CA LEU B 2119 -1.99 -20.50 -79.07
C LEU B 2119 -3.49 -20.30 -79.18
N GLY B 2120 -4.19 -21.25 -79.81
CA GLY B 2120 -5.64 -21.16 -79.85
C GLY B 2120 -6.25 -21.15 -78.46
N LYS B 2121 -5.82 -22.10 -77.63
CA LYS B 2121 -6.30 -22.14 -76.25
C LYS B 2121 -6.02 -20.81 -75.55
N ILE B 2122 -4.81 -20.30 -75.70
CA ILE B 2122 -4.43 -19.05 -75.05
C ILE B 2122 -5.35 -17.93 -75.50
N ASN B 2123 -5.62 -17.86 -76.81
CA ASN B 2123 -6.48 -16.81 -77.33
C ASN B 2123 -7.88 -16.94 -76.75
N LYS B 2124 -8.38 -18.16 -76.61
CA LYS B 2124 -9.67 -18.35 -75.97
C LYS B 2124 -9.67 -17.78 -74.56
N VAL B 2125 -8.60 -18.08 -73.81
CA VAL B 2125 -8.47 -17.53 -72.47
C VAL B 2125 -8.57 -16.01 -72.53
N ILE B 2126 -7.78 -15.41 -73.41
CA ILE B 2126 -7.78 -13.96 -73.55
C ILE B 2126 -9.19 -13.46 -73.83
N THR B 2127 -9.93 -14.18 -74.66
CA THR B 2127 -11.29 -13.77 -74.97
C THR B 2127 -12.15 -13.73 -73.72
N GLU B 2128 -12.13 -14.83 -72.96
CA GLU B 2128 -12.89 -14.86 -71.72
C GLU B 2128 -12.51 -13.67 -70.83
N HIS B 2129 -11.21 -13.44 -70.67
CA HIS B 2129 -10.76 -12.30 -69.90
C HIS B 2129 -11.42 -11.03 -70.41
N THR B 2130 -11.31 -10.79 -71.71
CA THR B 2130 -11.95 -9.63 -72.32
C THR B 2130 -13.38 -9.50 -71.84
N ASN B 2131 -14.13 -10.59 -71.90
CA ASN B 2131 -15.53 -10.52 -71.53
C ASN B 2131 -15.70 -10.14 -70.07
N TYR B 2132 -14.85 -10.68 -69.19
CA TYR B 2132 -15.06 -10.46 -67.78
C TYR B 2132 -14.46 -9.14 -67.29
N LEU B 2133 -13.31 -8.77 -67.84
CA LEU B 2133 -12.60 -7.61 -67.32
C LEU B 2133 -13.32 -6.31 -67.68
N ALA B 2134 -13.23 -5.35 -66.78
CA ALA B 2134 -13.77 -4.03 -67.06
C ALA B 2134 -12.86 -3.28 -68.02
N PRO B 2135 -13.41 -2.34 -68.78
CA PRO B 2135 -12.60 -1.68 -69.82
C PRO B 2135 -11.39 -0.94 -69.27
N TYR B 2136 -11.57 -0.15 -68.21
CA TYR B 2136 -10.47 0.65 -67.70
C TYR B 2136 -9.25 -0.22 -67.41
N GLN B 2137 -9.47 -1.43 -66.92
CA GLN B 2137 -8.35 -2.29 -66.61
C GLN B 2137 -7.48 -2.50 -67.83
N PHE B 2138 -8.09 -2.66 -69.00
CA PHE B 2138 -7.29 -2.70 -70.22
C PHE B 2138 -6.74 -1.33 -70.55
N LEU B 2139 -7.54 -0.29 -70.33
CA LEU B 2139 -7.07 1.06 -70.59
C LEU B 2139 -5.69 1.27 -70.01
N THR B 2140 -5.44 0.72 -68.83
CA THR B 2140 -4.20 1.00 -68.13
C THR B 2140 -2.98 0.62 -68.97
N ALA B 2141 -3.08 -0.41 -69.79
CA ALA B 2141 -1.98 -0.82 -70.66
C ALA B 2141 -2.31 -0.60 -72.13
N PHE B 2142 -3.39 0.12 -72.40
CA PHE B 2142 -3.75 0.51 -73.75
C PHE B 2142 -2.52 0.90 -74.58
N SER B 2143 -1.55 1.57 -73.95
CA SER B 2143 -0.34 1.96 -74.67
C SER B 2143 0.36 0.73 -75.23
N GLN B 2144 0.70 -0.22 -74.37
CA GLN B 2144 1.32 -1.45 -74.83
C GLN B 2144 0.47 -2.12 -75.90
N LEU B 2145 -0.82 -2.24 -75.63
CA LEU B 2145 -1.75 -2.83 -76.60
C LEU B 2145 -1.50 -2.24 -77.98
N ILE B 2146 -1.71 -0.93 -78.10
CA ILE B 2146 -1.44 -0.24 -79.36
C ILE B 2146 -0.06 -0.63 -79.86
N SER B 2147 0.91 -0.70 -78.96
CA SER B 2147 2.28 -1.00 -79.36
C SER B 2147 2.34 -2.28 -80.17
N ARG B 2148 1.58 -3.29 -79.77
CA ARG B 2148 1.65 -4.57 -80.47
C ARG B 2148 0.64 -4.70 -81.60
N ILE B 2149 0.08 -3.59 -82.08
CA ILE B 2149 -0.96 -3.67 -83.09
C ILE B 2149 -0.44 -4.35 -84.35
N CYS B 2150 0.85 -4.25 -84.61
CA CYS B 2150 1.41 -4.81 -85.84
C CYS B 2150 1.78 -6.28 -85.71
N HIS B 2151 1.30 -6.97 -84.68
CA HIS B 2151 1.70 -8.36 -84.47
C HIS B 2151 1.48 -9.17 -85.74
N SER B 2152 2.27 -10.23 -85.91
CA SER B 2152 2.28 -10.97 -87.16
C SER B 2152 1.12 -11.95 -87.25
N HIS B 2153 0.87 -12.72 -86.20
CA HIS B 2153 -0.17 -13.74 -86.28
C HIS B 2153 -1.55 -13.09 -86.32
N ASP B 2154 -2.35 -13.50 -87.30
CA ASP B 2154 -3.62 -12.83 -87.54
C ASP B 2154 -4.59 -13.05 -86.38
N GLU B 2155 -4.79 -14.30 -85.97
CA GLU B 2155 -5.70 -14.58 -84.86
C GLU B 2155 -5.39 -13.70 -83.66
N VAL B 2156 -4.11 -13.64 -83.29
CA VAL B 2156 -3.69 -12.76 -82.21
C VAL B 2156 -4.19 -11.35 -82.47
N PHE B 2157 -4.07 -10.89 -83.71
CA PHE B 2157 -4.48 -9.53 -84.02
C PHE B 2157 -5.98 -9.36 -83.85
N VAL B 2158 -6.75 -10.35 -84.25
CA VAL B 2158 -8.20 -10.30 -84.07
C VAL B 2158 -8.53 -10.11 -82.60
N VAL B 2159 -7.89 -10.91 -81.74
CA VAL B 2159 -8.14 -10.79 -80.31
C VAL B 2159 -7.75 -9.41 -79.82
N LEU B 2160 -6.53 -8.98 -80.16
CA LEU B 2160 -6.07 -7.66 -79.77
C LEU B 2160 -7.06 -6.60 -80.19
N MET B 2161 -7.59 -6.72 -81.40
CA MET B 2161 -8.52 -5.73 -81.91
C MET B 2161 -9.81 -5.73 -81.11
N GLU B 2162 -10.30 -6.92 -80.75
CA GLU B 2162 -11.46 -6.97 -79.88
C GLU B 2162 -11.22 -6.18 -78.61
N ILE B 2163 -10.08 -6.43 -77.97
CA ILE B 2163 -9.76 -5.73 -76.74
C ILE B 2163 -9.77 -4.22 -76.97
N ILE B 2164 -8.95 -3.77 -77.93
CA ILE B 2164 -8.77 -2.35 -78.15
C ILE B 2164 -10.09 -1.69 -78.50
N ALA B 2165 -10.95 -2.40 -79.23
CA ALA B 2165 -12.23 -1.83 -79.59
C ALA B 2165 -13.13 -1.67 -78.38
N LYS B 2166 -13.18 -2.69 -77.52
CA LYS B 2166 -13.93 -2.53 -76.28
C LYS B 2166 -13.46 -1.28 -75.56
N VAL B 2167 -12.15 -1.17 -75.38
CA VAL B 2167 -11.60 0.03 -74.75
C VAL B 2167 -12.13 1.28 -75.43
N PHE B 2168 -11.83 1.40 -76.72
CA PHE B 2168 -12.19 2.59 -77.48
C PHE B 2168 -13.62 2.99 -77.20
N LEU B 2169 -14.55 2.05 -77.34
CA LEU B 2169 -15.93 2.36 -77.02
C LEU B 2169 -16.05 2.88 -75.60
N ALA B 2170 -15.32 2.28 -74.66
CA ALA B 2170 -15.43 2.71 -73.27
C ALA B 2170 -14.94 4.14 -73.09
N TYR B 2171 -13.87 4.52 -73.78
CA TYR B 2171 -13.22 5.82 -73.55
C TYR B 2171 -12.71 6.36 -74.87
N PRO B 2172 -13.63 6.71 -75.77
CA PRO B 2172 -13.21 7.16 -77.11
C PRO B 2172 -12.20 8.29 -77.09
N GLN B 2173 -12.34 9.27 -76.20
CA GLN B 2173 -11.45 10.43 -76.25
C GLN B 2173 -10.00 10.03 -76.07
N GLN B 2174 -9.66 9.47 -74.91
CA GLN B 2174 -8.29 9.09 -74.63
C GLN B 2174 -7.78 8.10 -75.67
N ALA B 2175 -8.60 7.11 -76.02
CA ALA B 2175 -8.16 6.11 -76.97
C ALA B 2175 -7.82 6.74 -78.31
N MET B 2176 -8.67 7.65 -78.78
CA MET B 2176 -8.41 8.34 -80.03
C MET B 2176 -7.08 9.08 -79.96
N TRP B 2177 -6.88 9.84 -78.89
CA TRP B 2177 -5.62 10.56 -78.76
C TRP B 2177 -4.45 9.60 -78.85
N MET B 2178 -4.51 8.50 -78.09
CA MET B 2178 -3.38 7.58 -78.04
C MET B 2178 -3.14 6.92 -79.38
N MET B 2179 -4.20 6.65 -80.15
CA MET B 2179 -4.06 5.92 -81.39
C MET B 2179 -3.71 6.83 -82.56
N THR B 2180 -3.96 8.13 -82.44
CA THR B 2180 -3.75 9.04 -83.56
C THR B 2180 -2.43 8.76 -84.28
N ALA B 2181 -1.32 8.89 -83.56
CA ALA B 2181 -0.01 8.75 -84.18
C ALA B 2181 0.05 7.51 -85.05
N VAL B 2182 -0.21 6.34 -84.45
CA VAL B 2182 -0.22 5.11 -85.22
C VAL B 2182 -1.11 5.25 -86.44
N SER B 2183 -2.24 5.92 -86.29
CA SER B 2183 -3.14 6.13 -87.42
C SER B 2183 -2.41 6.75 -88.59
N LYS B 2184 -1.66 7.82 -88.33
CA LYS B 2184 -0.98 8.55 -89.40
C LYS B 2184 0.46 8.09 -89.59
N SER B 2185 0.81 6.92 -89.08
CA SER B 2185 2.19 6.45 -89.20
C SER B 2185 2.59 6.35 -90.67
N SER B 2186 3.88 6.56 -90.94
CA SER B 2186 4.38 6.39 -92.30
C SER B 2186 4.33 4.93 -92.72
N TYR B 2187 4.58 4.02 -91.79
CA TYR B 2187 4.49 2.61 -92.11
C TYR B 2187 3.06 2.26 -92.51
N PRO B 2188 2.86 1.67 -93.68
CA PRO B 2188 1.48 1.40 -94.12
C PRO B 2188 0.77 0.38 -93.25
N MET B 2189 1.48 -0.67 -92.81
CA MET B 2189 0.84 -1.71 -92.03
C MET B 2189 0.21 -1.16 -90.76
N ARG B 2190 0.95 -0.32 -90.05
CA ARG B 2190 0.41 0.31 -88.86
C ARG B 2190 -0.91 1.00 -89.17
N VAL B 2191 -0.93 1.77 -90.26
CA VAL B 2191 -2.12 2.54 -90.61
C VAL B 2191 -3.27 1.61 -90.95
N ASN B 2192 -3.00 0.57 -91.74
CA ASN B 2192 -4.05 -0.35 -92.12
C ASN B 2192 -4.67 -1.01 -90.90
N ARG B 2193 -3.83 -1.47 -89.98
CA ARG B 2193 -4.35 -2.15 -88.80
C ARG B 2193 -5.14 -1.19 -87.92
N CYS B 2194 -4.61 0.01 -87.68
CA CYS B 2194 -5.35 0.98 -86.87
C CYS B 2194 -6.69 1.29 -87.53
N LYS B 2195 -6.71 1.38 -88.86
CA LYS B 2195 -7.96 1.64 -89.56
C LYS B 2195 -8.93 0.48 -89.38
N GLU B 2196 -8.44 -0.75 -89.45
CA GLU B 2196 -9.29 -1.90 -89.18
C GLU B 2196 -9.92 -1.77 -87.80
N ILE B 2197 -9.11 -1.39 -86.82
CA ILE B 2197 -9.60 -1.24 -85.46
C ILE B 2197 -10.71 -0.22 -85.41
N LEU B 2198 -10.44 0.97 -85.96
CA LEU B 2198 -11.43 2.03 -85.93
C LEU B 2198 -12.71 1.62 -86.66
N ASN B 2199 -12.58 0.83 -87.72
CA ASN B 2199 -13.75 0.39 -88.47
C ASN B 2199 -14.58 -0.57 -87.63
N LYS B 2200 -13.93 -1.55 -87.00
CA LYS B 2200 -14.66 -2.44 -86.09
C LYS B 2200 -15.41 -1.63 -85.05
N ALA B 2201 -14.72 -0.67 -84.44
CA ALA B 2201 -15.37 0.16 -83.43
C ALA B 2201 -16.59 0.86 -84.00
N ILE B 2202 -16.40 1.62 -85.08
CA ILE B 2202 -17.52 2.32 -85.71
C ILE B 2202 -18.68 1.37 -85.91
N HIS B 2203 -18.39 0.18 -86.44
CA HIS B 2203 -19.43 -0.82 -86.60
C HIS B 2203 -20.14 -1.10 -85.28
N MET B 2204 -19.38 -1.15 -84.19
CA MET B 2204 -19.99 -1.44 -82.90
C MET B 2204 -20.86 -0.28 -82.43
N LYS B 2205 -20.41 0.95 -82.60
CA LYS B 2205 -21.16 2.13 -82.17
C LYS B 2205 -21.02 3.20 -83.23
N LYS B 2206 -22.12 3.47 -83.92
CA LYS B 2206 -22.08 4.40 -85.06
C LYS B 2206 -21.63 5.79 -84.63
N SER B 2207 -22.28 6.34 -83.60
CA SER B 2207 -22.02 7.70 -83.15
C SER B 2207 -20.53 7.98 -83.12
N LEU B 2208 -19.74 6.96 -82.76
CA LEU B 2208 -18.30 7.10 -82.76
C LEU B 2208 -17.75 7.56 -84.10
N GLU B 2209 -18.46 7.30 -85.18
CA GLU B 2209 -17.93 7.61 -86.50
C GLU B 2209 -17.73 9.11 -86.68
N LYS B 2210 -18.77 9.90 -86.36
CA LYS B 2210 -18.66 11.34 -86.48
C LYS B 2210 -17.47 11.87 -85.68
N PHE B 2211 -17.34 11.41 -84.44
CA PHE B 2211 -16.26 11.86 -83.59
C PHE B 2211 -14.92 11.47 -84.18
N VAL B 2212 -14.82 10.27 -84.73
CA VAL B 2212 -13.56 9.82 -85.32
C VAL B 2212 -13.18 10.73 -86.48
N GLY B 2213 -14.14 11.01 -87.35
CA GLY B 2213 -13.85 11.89 -88.47
C GLY B 2213 -13.39 13.26 -88.02
N ASP B 2214 -14.12 13.83 -87.05
CA ASP B 2214 -13.74 15.14 -86.52
C ASP B 2214 -12.32 15.11 -85.97
N ALA B 2215 -12.00 14.07 -85.20
CA ALA B 2215 -10.67 13.97 -84.62
C ALA B 2215 -9.61 13.86 -85.69
N THR B 2216 -9.86 13.04 -86.71
CA THR B 2216 -8.91 12.89 -87.81
C THR B 2216 -8.64 14.25 -88.44
N ARG B 2217 -9.70 14.99 -88.77
CA ARG B 2217 -9.53 16.28 -89.39
C ARG B 2217 -8.71 17.21 -88.50
N LEU B 2218 -9.08 17.28 -87.21
CA LEU B 2218 -8.39 18.17 -86.29
C LEU B 2218 -6.91 17.82 -86.23
N THR B 2219 -6.60 16.54 -86.11
CA THR B 2219 -5.21 16.12 -86.03
C THR B 2219 -4.46 16.47 -87.30
N ASP B 2220 -5.09 16.26 -88.45
CA ASP B 2220 -4.43 16.59 -89.71
C ASP B 2220 -4.09 18.08 -89.76
N LYS B 2221 -5.04 18.92 -89.38
CA LYS B 2221 -4.78 20.35 -89.40
C LYS B 2221 -3.68 20.71 -88.41
N LEU B 2222 -3.70 20.12 -87.23
CA LEU B 2222 -2.67 20.41 -86.24
C LEU B 2222 -1.31 20.01 -86.76
N LEU B 2223 -1.23 18.86 -87.43
CA LEU B 2223 0.03 18.42 -88.01
C LEU B 2223 0.50 19.40 -89.06
N GLU B 2224 -0.41 19.80 -89.95
CA GLU B 2224 -0.07 20.84 -90.91
C GLU B 2224 0.57 22.03 -90.22
N LEU B 2225 -0.11 22.56 -89.20
CA LEU B 2225 0.43 23.70 -88.48
C LEU B 2225 1.84 23.41 -87.99
N CYS B 2226 1.99 22.32 -87.24
CA CYS B 2226 3.30 21.98 -86.71
C CYS B 2226 4.36 22.00 -87.79
N ASN B 2227 4.02 21.49 -88.97
CA ASN B 2227 4.95 21.47 -90.08
C ASN B 2227 4.89 22.74 -90.92
N LYS B 2228 4.02 23.68 -90.56
CA LYS B 2228 3.94 24.92 -91.31
C LYS B 2228 5.30 25.60 -91.33
N PRO B 2229 5.83 25.96 -92.50
CA PRO B 2229 7.15 26.59 -92.55
C PRO B 2229 7.05 28.07 -92.21
N VAL B 2230 7.89 28.50 -91.29
CA VAL B 2230 7.95 29.91 -90.91
C VAL B 2230 8.68 30.69 -91.99
N ASP B 2231 8.22 31.91 -92.26
CA ASP B 2231 8.82 32.78 -93.25
C ASP B 2231 9.44 33.98 -92.56
N GLY B 2232 10.71 34.26 -92.87
CA GLY B 2232 11.39 35.32 -92.17
C GLY B 2232 11.42 35.03 -90.68
N SER B 2233 11.69 36.09 -89.91
CA SER B 2233 11.65 35.97 -88.46
C SER B 2233 10.28 35.47 -88.01
N SER B 2234 9.22 36.18 -88.39
CA SER B 2234 7.85 35.75 -88.15
C SER B 2234 7.67 35.26 -86.71
N SER B 2235 8.14 36.07 -85.76
CA SER B 2235 8.07 35.68 -84.35
C SER B 2235 6.67 35.25 -83.97
N THR B 2236 5.65 35.98 -84.42
CA THR B 2236 4.27 35.67 -84.12
C THR B 2236 3.48 35.62 -85.43
N LEU B 2237 2.57 34.65 -85.52
CA LEU B 2237 1.71 34.48 -86.68
C LEU B 2237 0.26 34.40 -86.24
N SER B 2238 -0.60 35.18 -86.88
CA SER B 2238 -2.01 35.18 -86.52
C SER B 2238 -2.67 33.90 -87.01
N MET B 2239 -3.47 33.29 -86.14
CA MET B 2239 -4.23 32.10 -86.52
C MET B 2239 -5.06 32.38 -87.76
N SER B 2240 -5.84 33.47 -87.75
CA SER B 2240 -6.72 33.77 -88.86
C SER B 2240 -5.93 33.95 -90.15
N THR B 2241 -4.84 34.69 -90.09
CA THR B 2241 -4.10 35.02 -91.31
C THR B 2241 -3.62 33.77 -92.02
N HIS B 2242 -3.14 32.78 -91.27
CA HIS B 2242 -2.53 31.60 -91.86
C HIS B 2242 -3.37 30.34 -91.68
N PHE B 2243 -3.77 30.05 -90.45
CA PHE B 2243 -4.47 28.79 -90.15
C PHE B 2243 -5.97 29.01 -90.12
N LYS B 2244 -6.50 29.52 -91.23
CA LYS B 2244 -7.93 29.74 -91.34
C LYS B 2244 -8.70 28.44 -91.16
N MET B 2245 -8.35 27.43 -91.95
CA MET B 2245 -9.06 26.16 -91.91
C MET B 2245 -9.22 25.66 -90.49
N LEU B 2246 -8.19 25.84 -89.66
CA LEU B 2246 -8.25 25.35 -88.29
C LEU B 2246 -9.35 26.06 -87.51
N LYS B 2247 -9.33 27.39 -87.52
CA LYS B 2247 -10.35 28.16 -86.82
C LYS B 2247 -11.74 27.77 -87.29
N LYS B 2248 -11.90 27.66 -88.61
CA LYS B 2248 -13.19 27.24 -89.16
C LYS B 2248 -13.60 25.88 -88.60
N LEU B 2249 -12.76 24.88 -88.81
CA LEU B 2249 -13.07 23.53 -88.36
C LEU B 2249 -13.53 23.53 -86.91
N VAL B 2250 -12.75 24.17 -86.04
CA VAL B 2250 -13.16 24.20 -84.64
C VAL B 2250 -14.45 25.00 -84.48
N GLU B 2251 -14.74 25.92 -85.41
CA GLU B 2251 -15.87 26.82 -85.23
C GLU B 2251 -17.19 26.12 -85.49
N GLU B 2252 -17.23 25.22 -86.48
CA GLU B 2252 -18.48 24.59 -86.86
C GLU B 2252 -19.17 23.96 -85.66
N ALA B 2253 -20.43 24.34 -85.45
CA ALA B 2253 -21.19 23.78 -84.33
C ALA B 2253 -21.31 22.27 -84.46
N THR B 2254 -21.39 21.75 -85.68
CA THR B 2254 -21.48 20.32 -85.87
C THR B 2254 -20.28 19.59 -85.29
N PHE B 2255 -19.13 20.25 -85.23
CA PHE B 2255 -17.90 19.59 -84.84
C PHE B 2255 -18.03 18.99 -83.45
N SER B 2256 -17.48 17.79 -83.29
CA SER B 2256 -17.59 17.08 -82.01
C SER B 2256 -16.60 17.66 -81.01
N GLU B 2257 -16.96 17.53 -79.73
CA GLU B 2257 -16.08 17.96 -78.66
C GLU B 2257 -14.87 17.04 -78.58
N ILE B 2258 -13.68 17.64 -78.52
CA ILE B 2258 -12.43 16.91 -78.39
C ILE B 2258 -11.81 17.26 -77.05
N LEU B 2259 -11.52 16.24 -76.26
CA LEU B 2259 -10.93 16.47 -74.95
C LEU B 2259 -9.51 16.96 -75.10
N ILE B 2260 -9.23 18.14 -74.55
CA ILE B 2260 -7.88 18.69 -74.58
C ILE B 2260 -6.96 17.68 -73.92
N PRO B 2261 -5.96 17.17 -74.62
CA PRO B 2261 -5.06 16.18 -73.99
C PRO B 2261 -4.35 16.78 -72.80
N LEU B 2262 -4.56 16.17 -71.64
CA LEU B 2262 -3.94 16.60 -70.41
C LEU B 2262 -3.62 15.38 -69.55
N GLN B 2263 -2.44 15.38 -68.93
CA GLN B 2263 -2.03 14.24 -68.12
C GLN B 2263 -3.17 13.79 -67.21
N SER B 2264 -3.85 14.75 -66.59
CA SER B 2264 -4.95 14.41 -65.69
C SER B 2264 -5.99 13.56 -66.40
N VAL B 2265 -6.28 13.87 -67.66
CA VAL B 2265 -7.33 13.17 -68.38
C VAL B 2265 -6.84 11.92 -69.09
N MET B 2266 -5.54 11.70 -69.13
CA MET B 2266 -4.97 10.54 -69.82
C MET B 2266 -4.64 9.41 -68.89
N ILE B 2267 -4.19 9.70 -67.67
CA ILE B 2267 -3.75 8.69 -66.72
C ILE B 2267 -4.96 8.25 -65.89
N PRO B 2268 -5.44 7.03 -66.05
CA PRO B 2268 -6.67 6.63 -65.38
C PRO B 2268 -6.43 6.34 -63.92
N THR B 2269 -7.41 6.70 -63.10
CA THR B 2269 -7.43 6.31 -61.69
C THR B 2269 -8.10 4.95 -61.54
N LEU B 2270 -7.89 4.33 -60.40
CA LEU B 2270 -8.32 2.96 -60.19
C LEU B 2270 -9.09 2.81 -58.90
N PRO B 2271 -9.94 1.79 -58.79
CA PRO B 2271 -10.70 1.58 -57.56
C PRO B 2271 -9.79 1.14 -56.43
N SER B 2272 -10.10 1.60 -55.23
CA SER B 2272 -9.29 1.25 -54.08
C SER B 2272 -9.62 -0.15 -53.59
N ILE B 2273 -8.65 -0.74 -52.88
CA ILE B 2273 -8.85 -2.08 -52.32
C ILE B 2273 -10.04 -2.10 -51.38
N LEU B 2274 -10.15 -1.08 -50.52
CA LEU B 2274 -11.19 -1.07 -49.51
C LEU B 2274 -12.55 -1.33 -50.13
N GLY B 2275 -12.89 -0.60 -51.18
CA GLY B 2275 -14.14 -0.78 -51.89
C GLY B 2275 -13.92 -1.63 -53.12
N THR B 2276 -14.54 -2.80 -53.14
CA THR B 2276 -14.43 -3.71 -54.28
C THR B 2276 -15.79 -4.17 -54.79
N HIS B 2277 -16.88 -3.68 -54.22
CA HIS B 2277 -18.22 -4.11 -54.59
C HIS B 2277 -18.74 -3.22 -55.70
N ALA B 2278 -18.89 -3.78 -56.90
CA ALA B 2278 -19.49 -3.08 -58.03
C ALA B 2278 -18.60 -1.92 -58.50
N ASN B 2279 -17.53 -1.66 -57.76
CA ASN B 2279 -16.55 -0.69 -58.22
C ASN B 2279 -15.96 -1.13 -59.54
N HIS B 2280 -15.51 -2.39 -59.61
CA HIS B 2280 -14.96 -2.92 -60.85
C HIS B 2280 -15.92 -2.72 -62.02
N ALA B 2281 -17.21 -2.61 -61.75
CA ALA B 2281 -18.19 -2.45 -62.82
C ALA B 2281 -18.42 -0.99 -63.17
N SER B 2282 -18.62 -0.14 -62.17
CA SER B 2282 -19.02 1.25 -62.40
C SER B 2282 -17.88 2.23 -62.19
N HIS B 2283 -16.66 1.76 -62.00
CA HIS B 2283 -15.56 2.65 -61.68
C HIS B 2283 -15.37 3.70 -62.77
N GLU B 2284 -15.19 4.93 -62.36
CA GLU B 2284 -15.01 6.03 -63.30
C GLU B 2284 -13.52 6.28 -63.48
N PRO B 2285 -12.95 6.00 -64.65
CA PRO B 2285 -11.50 6.10 -64.79
C PRO B 2285 -10.96 7.50 -64.57
N PHE B 2286 -11.63 8.51 -65.12
CA PHE B 2286 -11.11 9.87 -65.15
C PHE B 2286 -12.06 10.83 -64.46
N PRO B 2287 -12.42 10.54 -63.21
CA PRO B 2287 -13.23 11.52 -62.46
C PRO B 2287 -12.52 12.86 -62.45
N GLY B 2288 -13.23 13.89 -62.88
CA GLY B 2288 -12.65 15.21 -62.90
C GLY B 2288 -13.39 16.12 -63.88
N HIS B 2289 -12.65 17.11 -64.37
CA HIS B 2289 -13.20 18.15 -65.23
C HIS B 2289 -12.63 17.97 -66.63
N TRP B 2290 -13.51 17.76 -67.60
CA TRP B 2290 -13.10 17.51 -68.98
C TRP B 2290 -13.30 18.77 -69.79
N ALA B 2291 -12.22 19.31 -70.34
CA ALA B 2291 -12.26 20.52 -71.13
C ALA B 2291 -12.10 20.16 -72.59
N TYR B 2292 -13.12 20.48 -73.40
CA TYR B 2292 -13.05 20.23 -74.82
C TYR B 2292 -12.55 21.47 -75.55
N ILE B 2293 -12.03 21.23 -76.76
CA ILE B 2293 -11.41 22.29 -77.54
C ILE B 2293 -12.50 23.22 -78.06
N ALA B 2294 -12.55 24.43 -77.50
CA ALA B 2294 -13.55 25.41 -77.89
C ALA B 2294 -13.04 26.45 -78.89
N GLY B 2295 -11.74 26.50 -79.11
CA GLY B 2295 -11.18 27.46 -80.04
C GLY B 2295 -9.74 27.78 -79.69
N PHE B 2296 -9.11 28.52 -80.60
CA PHE B 2296 -7.71 28.88 -80.47
C PHE B 2296 -7.58 30.39 -80.33
N ASP B 2297 -6.80 30.83 -79.35
CA ASP B 2297 -6.34 32.21 -79.38
C ASP B 2297 -5.66 32.48 -80.71
N ASP B 2298 -5.85 33.69 -81.24
CA ASP B 2298 -5.39 33.95 -82.59
C ASP B 2298 -3.86 33.91 -82.68
N MET B 2299 -3.18 34.57 -81.75
CA MET B 2299 -1.74 34.70 -81.86
C MET B 2299 -1.05 33.36 -81.64
N VAL B 2300 -0.09 33.06 -82.49
CA VAL B 2300 0.72 31.84 -82.40
C VAL B 2300 2.17 32.25 -82.26
N GLU B 2301 2.82 31.79 -81.19
CA GLU B 2301 4.20 32.13 -80.92
C GLU B 2301 5.15 31.16 -81.60
N ILE B 2302 6.27 31.68 -82.09
CA ILE B 2302 7.34 30.89 -82.66
C ILE B 2302 8.58 31.13 -81.83
N LEU B 2303 9.18 30.06 -81.33
CA LEU B 2303 10.31 30.16 -80.42
C LEU B 2303 11.61 29.82 -81.13
N ALA B 2304 12.57 30.74 -81.07
CA ALA B 2304 13.87 30.51 -81.69
C ALA B 2304 14.49 29.21 -81.19
N SER B 2305 14.69 29.11 -79.88
CA SER B 2305 15.21 27.89 -79.30
C SER B 2305 14.34 26.70 -79.69
N LEU B 2306 14.82 25.48 -79.46
CA LEU B 2306 14.04 24.24 -79.73
C LEU B 2306 13.72 24.16 -81.23
N GLN B 2307 14.66 24.54 -82.10
CA GLN B 2307 14.49 24.33 -83.57
C GLN B 2307 13.21 25.00 -84.07
N LYS B 2308 12.88 26.19 -83.56
CA LYS B 2308 11.70 26.95 -84.06
C LYS B 2308 10.42 26.15 -83.87
N PRO B 2309 9.98 25.88 -82.63
CA PRO B 2309 8.69 25.23 -82.39
C PRO B 2309 7.58 26.25 -82.22
N LYS B 2310 6.48 26.02 -82.94
CA LYS B 2310 5.31 26.91 -82.83
C LYS B 2310 4.75 26.70 -81.42
N LYS B 2311 4.07 27.66 -80.86
CA LYS B 2311 3.41 27.54 -79.55
C LYS B 2311 1.99 28.00 -79.85
N ILE B 2312 0.98 27.26 -79.43
CA ILE B 2312 -0.43 27.63 -79.70
C ILE B 2312 -1.09 27.69 -78.33
N SER B 2313 -2.25 28.31 -78.17
CA SER B 2313 -3.04 28.27 -76.95
C SER B 2313 -4.46 27.88 -77.30
N LEU B 2314 -4.83 26.66 -76.95
CA LEU B 2314 -6.22 26.23 -77.15
C LEU B 2314 -7.13 26.91 -76.13
N LYS B 2315 -8.41 26.99 -76.49
CA LYS B 2315 -9.43 27.53 -75.60
C LYS B 2315 -10.35 26.40 -75.16
N GLY B 2316 -10.42 26.17 -73.87
CA GLY B 2316 -11.21 25.09 -73.34
C GLY B 2316 -12.65 25.46 -73.12
N SER B 2317 -13.51 24.44 -73.12
CA SER B 2317 -14.93 24.67 -72.85
C SER B 2317 -15.11 25.50 -71.59
N ASP B 2318 -14.29 25.25 -70.57
CA ASP B 2318 -14.35 26.05 -69.36
C ASP B 2318 -13.90 27.49 -69.60
N GLY B 2319 -13.26 27.78 -70.73
CA GLY B 2319 -12.77 29.10 -71.02
C GLY B 2319 -11.29 29.28 -70.76
N LYS B 2320 -10.69 28.43 -69.95
CA LYS B 2320 -9.26 28.52 -69.72
C LYS B 2320 -8.50 28.29 -71.02
N PHE B 2321 -7.29 28.81 -71.07
CA PHE B 2321 -6.42 28.69 -72.24
C PHE B 2321 -5.24 27.80 -71.89
N TYR B 2322 -5.04 26.73 -72.66
CA TYR B 2322 -3.93 25.82 -72.47
C TYR B 2322 -2.97 25.98 -73.63
N ILE B 2323 -1.69 26.18 -73.33
CA ILE B 2323 -0.68 26.42 -74.34
C ILE B 2323 -0.03 25.10 -74.72
N MET B 2324 -0.07 24.78 -76.01
CA MET B 2324 0.46 23.52 -76.51
C MET B 2324 1.53 23.83 -77.54
N MET B 2325 2.77 23.45 -77.24
CA MET B 2325 3.84 23.59 -78.21
C MET B 2325 3.70 22.50 -79.27
N CYS B 2326 3.92 22.89 -80.53
CA CYS B 2326 3.90 21.99 -81.67
C CYS B 2326 5.35 21.79 -82.10
N LYS B 2327 5.79 20.52 -82.06
CA LYS B 2327 7.22 20.24 -82.34
C LYS B 2327 7.45 19.38 -83.58
N PRO B 2328 8.14 19.91 -84.61
CA PRO B 2328 8.56 19.13 -85.78
C PRO B 2328 9.79 18.32 -85.47
N LYS B 2329 10.00 17.24 -86.23
CA LYS B 2329 11.27 16.47 -86.18
C LYS B 2329 11.55 15.76 -84.86
N ASP B 2330 10.56 15.56 -84.00
CA ASP B 2330 10.84 14.78 -82.78
C ASP B 2330 9.92 13.57 -82.62
N ASP B 2331 10.47 12.39 -82.33
CA ASP B 2331 9.62 11.21 -82.03
C ASP B 2331 9.27 11.28 -80.54
N LEU B 2332 8.00 11.47 -80.20
CA LEU B 2332 7.65 11.64 -78.80
C LEU B 2332 7.18 10.37 -78.12
N ARG B 2333 6.84 9.33 -78.90
CA ARG B 2333 6.34 8.09 -78.31
C ARG B 2333 7.13 7.72 -77.07
N LYS B 2334 8.45 7.65 -77.20
CA LYS B 2334 9.31 7.43 -76.06
C LYS B 2334 8.91 8.33 -74.90
N ASP B 2335 8.82 9.63 -75.18
CA ASP B 2335 8.47 10.58 -74.12
C ASP B 2335 7.10 10.26 -73.54
N CYS B 2336 6.14 9.89 -74.39
CA CYS B 2336 4.81 9.60 -73.89
C CYS B 2336 4.85 8.47 -72.88
N ARG B 2337 5.43 7.34 -73.26
CA ARG B 2337 5.47 6.21 -72.34
C ARG B 2337 6.26 6.57 -71.08
N LEU B 2338 7.33 7.34 -71.23
CA LEU B 2338 8.07 7.77 -70.05
C LEU B 2338 7.18 8.57 -69.12
N MET B 2339 6.36 9.45 -69.68
CA MET B 2339 5.43 10.21 -68.85
C MET B 2339 4.50 9.27 -68.11
N GLU B 2340 4.04 8.22 -68.78
CA GLU B 2340 3.20 7.24 -68.08
C GLU B 2340 3.94 6.67 -66.88
N PHE B 2341 5.17 6.25 -67.10
CA PHE B 2341 5.95 5.67 -66.00
C PHE B 2341 6.11 6.68 -64.88
N ASN B 2342 6.36 7.94 -65.22
CA ASN B 2342 6.48 8.97 -64.22
C ASN B 2342 5.18 9.12 -63.44
N SER B 2343 4.05 9.00 -64.12
CA SER B 2343 2.76 9.11 -63.45
C SER B 2343 2.59 7.98 -62.43
N LEU B 2344 2.97 6.77 -62.82
CA LEU B 2344 2.92 5.67 -61.86
C LEU B 2344 3.81 5.96 -60.66
N ILE B 2345 5.02 6.46 -60.92
CA ILE B 2345 5.91 6.81 -59.82
C ILE B 2345 5.25 7.85 -58.93
N ASN B 2346 4.53 8.78 -59.55
CA ASN B 2346 3.87 9.82 -58.76
C ASN B 2346 2.83 9.22 -57.85
N LYS B 2347 2.04 8.27 -58.37
CA LYS B 2347 1.11 7.56 -57.51
C LYS B 2347 1.84 6.95 -56.32
N CYS B 2348 2.88 6.17 -56.59
CA CYS B 2348 3.65 5.56 -55.52
C CYS B 2348 4.06 6.62 -54.51
N LEU B 2349 4.79 7.64 -54.97
CA LEU B 2349 5.24 8.70 -54.07
C LEU B 2349 4.10 9.23 -53.23
N ARG B 2350 2.92 9.39 -53.83
CA ARG B 2350 1.81 9.98 -53.09
C ARG B 2350 1.34 9.06 -51.98
N LYS B 2351 1.27 7.76 -52.26
CA LYS B 2351 0.77 6.86 -51.23
C LYS B 2351 1.71 6.75 -50.04
N ASP B 2352 3.02 6.84 -50.28
CA ASP B 2352 3.98 6.63 -49.21
C ASP B 2352 3.99 7.82 -48.27
N ALA B 2353 3.95 7.53 -46.96
CA ALA B 2353 3.97 8.60 -45.97
C ALA B 2353 5.23 9.44 -46.11
N GLU B 2354 6.40 8.79 -46.10
CA GLU B 2354 7.64 9.53 -46.03
C GLU B 2354 7.83 10.43 -47.24
N SER B 2355 7.40 9.99 -48.41
CA SER B 2355 7.48 10.85 -49.57
C SER B 2355 6.47 11.97 -49.49
N ARG B 2356 5.24 11.66 -49.06
CA ARG B 2356 4.20 12.67 -49.01
C ARG B 2356 4.61 13.82 -48.11
N ARG B 2357 4.92 13.52 -46.84
CA ARG B 2357 5.23 14.58 -45.89
C ARG B 2357 6.22 15.57 -46.48
N ARG B 2358 7.18 15.09 -47.27
CA ARG B 2358 8.05 15.99 -48.00
C ARG B 2358 7.42 16.49 -49.29
N GLU B 2359 6.29 15.93 -49.69
CA GLU B 2359 5.59 16.37 -50.89
C GLU B 2359 6.43 16.13 -52.14
N LEU B 2360 7.16 15.02 -52.14
CA LEU B 2360 7.87 14.62 -53.34
C LEU B 2360 6.90 14.41 -54.48
N HIS B 2361 7.30 14.81 -55.67
CA HIS B 2361 6.44 14.59 -56.81
C HIS B 2361 7.20 15.01 -58.06
N ILE B 2362 6.96 14.30 -59.15
CA ILE B 2362 7.59 14.61 -60.42
C ILE B 2362 6.61 15.41 -61.25
N ARG B 2363 7.00 16.63 -61.61
CA ARG B 2363 6.20 17.42 -62.51
C ARG B 2363 6.04 16.69 -63.83
N THR B 2364 4.81 16.52 -64.28
CA THR B 2364 4.50 15.76 -65.47
C THR B 2364 3.72 16.63 -66.43
N TYR B 2365 4.17 16.68 -67.67
CA TYR B 2365 3.47 17.42 -68.72
C TYR B 2365 3.01 16.46 -69.79
N ALA B 2366 1.75 16.59 -70.20
CA ALA B 2366 1.19 15.69 -71.19
C ALA B 2366 1.92 15.83 -72.53
N VAL B 2367 2.09 14.71 -73.22
CA VAL B 2367 2.73 14.69 -74.52
C VAL B 2367 1.91 13.81 -75.44
N ILE B 2368 1.64 14.29 -76.66
CA ILE B 2368 0.78 13.60 -77.60
C ILE B 2368 1.47 13.57 -78.96
N PRO B 2369 1.86 12.42 -79.55
CA PRO B 2369 2.44 12.45 -80.87
C PRO B 2369 1.40 12.49 -81.98
N LEU B 2370 1.38 13.57 -82.78
CA LEU B 2370 0.47 13.59 -83.96
C LEU B 2370 0.91 12.45 -84.89
N ASN B 2371 2.23 12.30 -85.06
CA ASN B 2371 2.79 11.23 -85.93
C ASN B 2371 4.24 11.02 -85.48
N ASP B 2372 4.98 10.16 -86.16
CA ASP B 2372 6.33 9.88 -85.69
C ASP B 2372 7.16 11.16 -85.62
N GLU B 2373 7.06 12.01 -86.63
CA GLU B 2373 7.93 13.19 -86.66
C GLU B 2373 7.40 14.28 -85.74
N CYS B 2374 6.09 14.46 -85.66
CA CYS B 2374 5.53 15.63 -85.00
C CYS B 2374 4.53 15.23 -83.93
N GLY B 2375 4.61 15.92 -82.81
CA GLY B 2375 3.65 15.76 -81.73
C GLY B 2375 3.45 17.11 -81.05
N ILE B 2376 2.36 17.21 -80.32
CA ILE B 2376 2.02 18.42 -79.57
C ILE B 2376 2.34 18.17 -78.10
N ILE B 2377 2.97 19.14 -77.46
CA ILE B 2377 3.43 19.00 -76.08
C ILE B 2377 2.87 20.16 -75.27
N GLU B 2378 2.30 19.83 -74.11
CA GLU B 2378 1.71 20.84 -73.25
C GLU B 2378 2.77 21.81 -72.76
N TRP B 2379 2.43 23.09 -72.67
CA TRP B 2379 3.41 24.04 -72.16
C TRP B 2379 3.40 24.07 -70.64
N VAL B 2380 4.57 24.29 -70.04
CA VAL B 2380 4.68 24.44 -68.59
C VAL B 2380 5.13 25.87 -68.30
N ASN B 2381 4.21 26.68 -67.84
CA ASN B 2381 4.43 28.11 -67.74
C ASN B 2381 5.17 28.46 -66.47
N ASN B 2382 5.70 29.68 -66.43
CA ASN B 2382 6.46 30.20 -65.30
C ASN B 2382 7.79 29.49 -65.12
N THR B 2383 8.22 28.71 -66.10
CA THR B 2383 9.40 27.86 -65.98
C THR B 2383 10.46 28.32 -66.97
N ALA B 2384 11.71 28.27 -66.53
CA ALA B 2384 12.85 28.68 -67.38
C ALA B 2384 14.02 27.74 -67.12
N GLY B 2385 14.91 27.60 -68.11
CA GLY B 2385 16.05 26.68 -68.01
C GLY B 2385 17.05 27.17 -67.01
N LEU B 2386 17.84 26.27 -66.43
CA LEU B 2386 18.90 26.71 -65.50
C LEU B 2386 19.91 27.57 -66.26
N ARG B 2387 20.28 27.20 -67.48
CA ARG B 2387 21.32 27.97 -68.22
C ARG B 2387 20.82 29.41 -68.33
N PRO B 2388 19.71 29.69 -69.05
CA PRO B 2388 19.24 31.07 -69.22
C PRO B 2388 19.21 31.85 -67.91
N ILE B 2389 18.61 31.27 -66.88
CA ILE B 2389 18.49 31.98 -65.62
C ILE B 2389 19.87 32.42 -65.13
N LEU B 2390 20.79 31.46 -64.99
CA LEU B 2390 22.09 31.80 -64.47
C LEU B 2390 22.82 32.74 -65.41
N THR B 2391 22.54 32.66 -66.71
CA THR B 2391 23.17 33.56 -67.66
C THR B 2391 22.75 34.99 -67.39
N LYS B 2392 21.44 35.19 -67.21
CA LYS B 2392 20.96 36.52 -66.86
C LYS B 2392 21.62 37.00 -65.58
N LEU B 2393 21.67 36.14 -64.56
CA LEU B 2393 22.30 36.54 -63.32
C LEU B 2393 23.72 37.01 -63.57
N TYR B 2394 24.50 36.21 -64.29
CA TYR B 2394 25.90 36.57 -64.55
C TYR B 2394 25.98 37.92 -65.24
N LYS B 2395 25.28 38.07 -66.36
CA LYS B 2395 25.30 39.35 -67.06
C LYS B 2395 25.01 40.49 -66.09
N GLU B 2396 24.02 40.31 -65.23
CA GLU B 2396 23.74 41.32 -64.22
C GLU B 2396 24.97 41.58 -63.35
N LYS B 2397 25.67 40.52 -62.96
CA LYS B 2397 26.89 40.70 -62.20
C LYS B 2397 28.00 41.31 -63.04
N GLY B 2398 27.80 41.48 -64.34
CA GLY B 2398 28.82 41.97 -65.22
C GLY B 2398 29.86 40.95 -65.60
N VAL B 2399 29.96 39.85 -64.88
CA VAL B 2399 30.87 38.77 -65.22
C VAL B 2399 30.17 37.87 -66.25
N TYR B 2400 30.75 37.78 -67.44
CA TYR B 2400 30.16 36.94 -68.47
C TYR B 2400 31.25 36.41 -69.38
N MET B 2401 31.02 35.20 -69.90
CA MET B 2401 31.96 34.54 -70.78
C MET B 2401 31.39 34.54 -72.19
N THR B 2402 32.16 35.08 -73.14
CA THR B 2402 31.74 35.07 -74.52
C THR B 2402 31.88 33.67 -75.11
N GLY B 2403 31.08 33.41 -76.14
CA GLY B 2403 31.19 32.13 -76.83
C GLY B 2403 32.59 31.88 -77.34
N LYS B 2404 33.20 32.88 -77.97
CA LYS B 2404 34.57 32.73 -78.45
C LYS B 2404 35.53 32.48 -77.29
N GLU B 2405 35.30 33.16 -76.16
CA GLU B 2405 36.10 32.89 -74.98
C GLU B 2405 36.01 31.41 -74.62
N LEU B 2406 34.81 30.85 -74.66
CA LEU B 2406 34.63 29.44 -74.37
C LEU B 2406 35.38 28.57 -75.37
N ARG B 2407 35.22 28.87 -76.66
CA ARG B 2407 35.95 28.13 -77.69
C ARG B 2407 37.44 28.11 -77.38
N GLN B 2408 38.00 29.28 -77.05
CA GLN B 2408 39.38 29.32 -76.58
C GLN B 2408 39.60 28.37 -75.42
N CYS B 2409 38.68 28.37 -74.44
CA CYS B 2409 38.81 27.47 -73.32
C CYS B 2409 38.65 26.02 -73.74
N MET B 2410 37.88 25.76 -74.80
CA MET B 2410 37.69 24.40 -75.26
C MET B 2410 39.02 23.77 -75.65
N LEU B 2411 39.12 22.47 -75.49
CA LEU B 2411 40.32 21.70 -75.77
C LEU B 2411 39.99 20.49 -76.63
N PRO B 2412 40.98 19.93 -77.32
CA PRO B 2412 40.71 18.75 -78.15
C PRO B 2412 40.30 17.57 -77.31
N LYS B 2413 39.32 16.82 -77.81
CA LYS B 2413 38.86 15.63 -77.08
C LYS B 2413 40.03 14.71 -76.74
N SER B 2414 40.98 14.58 -77.66
CA SER B 2414 42.15 13.74 -77.42
C SER B 2414 43.01 14.25 -76.28
N ALA B 2415 42.83 15.50 -75.87
CA ALA B 2415 43.64 16.07 -74.81
C ALA B 2415 43.51 15.27 -73.52
N ALA B 2416 44.59 15.24 -72.74
CA ALA B 2416 44.61 14.44 -71.53
C ALA B 2416 43.67 15.04 -70.49
N LEU B 2417 43.26 14.18 -69.54
CA LEU B 2417 42.32 14.60 -68.52
C LEU B 2417 42.89 15.69 -67.61
N SER B 2418 44.21 15.66 -67.37
CA SER B 2418 44.80 16.68 -66.52
C SER B 2418 44.61 18.06 -67.12
N GLU B 2419 44.89 18.19 -68.42
CA GLU B 2419 44.70 19.48 -69.08
C GLU B 2419 43.26 19.93 -68.99
N LYS B 2420 42.32 19.02 -69.18
CA LYS B 2420 40.91 19.39 -69.12
C LYS B 2420 40.53 19.86 -67.72
N LEU B 2421 40.90 19.09 -66.70
CA LEU B 2421 40.65 19.51 -65.33
C LEU B 2421 41.26 20.88 -65.06
N LYS B 2422 42.45 21.11 -65.61
CA LYS B 2422 43.08 22.41 -65.48
C LYS B 2422 42.13 23.45 -66.07
N VAL B 2423 41.93 23.38 -67.38
CA VAL B 2423 41.09 24.37 -68.07
C VAL B 2423 39.87 24.66 -67.21
N PHE B 2424 39.21 23.59 -66.78
CA PHE B 2424 37.99 23.72 -66.00
C PHE B 2424 38.22 24.59 -64.77
N ARG B 2425 39.05 24.10 -63.84
CA ARG B 2425 39.24 24.81 -62.58
C ARG B 2425 39.81 26.20 -62.81
N GLU B 2426 40.87 26.29 -63.62
CA GLU B 2426 41.58 27.54 -63.80
C GLU B 2426 40.67 28.63 -64.35
N PHE B 2427 39.89 28.34 -65.39
CA PHE B 2427 39.13 29.38 -66.05
C PHE B 2427 37.63 29.22 -65.89
N LEU B 2428 37.07 28.08 -66.29
CA LEU B 2428 35.63 28.01 -66.41
C LEU B 2428 34.97 28.16 -65.04
N LEU B 2429 35.45 27.41 -64.07
CA LEU B 2429 34.94 27.57 -62.71
C LEU B 2429 35.18 28.97 -62.19
N PRO B 2430 36.40 29.52 -62.25
CA PRO B 2430 36.57 30.91 -61.80
C PRO B 2430 35.58 31.85 -62.46
N ARG B 2431 35.50 31.83 -63.79
CA ARG B 2431 34.64 32.78 -64.49
C ARG B 2431 33.22 32.73 -63.98
N HIS B 2432 32.69 31.54 -63.73
CA HIS B 2432 31.31 31.44 -63.30
C HIS B 2432 31.27 31.20 -61.79
N PRO B 2433 31.11 32.21 -60.98
CA PRO B 2433 30.91 31.99 -59.56
C PRO B 2433 29.49 31.52 -59.28
N PRO B 2434 29.24 30.99 -58.08
CA PRO B 2434 27.92 30.42 -57.76
C PRO B 2434 26.97 31.53 -57.31
N ILE B 2435 25.82 31.65 -57.97
CA ILE B 2435 24.94 32.78 -57.73
C ILE B 2435 23.48 32.35 -57.58
N PHE B 2436 23.18 31.12 -57.98
CA PHE B 2436 21.80 30.63 -58.06
C PHE B 2436 20.96 31.04 -56.85
N HIS B 2437 21.55 30.98 -55.66
CA HIS B 2437 20.82 31.40 -54.47
C HIS B 2437 20.22 32.78 -54.67
N GLU B 2438 20.93 33.66 -55.38
CA GLU B 2438 20.39 34.98 -55.66
C GLU B 2438 19.09 34.89 -56.44
N TRP B 2439 19.02 33.97 -57.40
CA TRP B 2439 17.77 33.79 -58.12
C TRP B 2439 16.66 33.41 -57.16
N PHE B 2440 16.95 32.46 -56.28
CA PHE B 2440 15.95 32.15 -55.25
C PHE B 2440 15.53 33.40 -54.51
N LEU B 2441 16.50 34.17 -54.04
CA LEU B 2441 16.21 35.34 -53.22
C LEU B 2441 15.29 36.30 -53.96
N ARG B 2442 15.69 36.71 -55.16
CA ARG B 2442 14.92 37.72 -55.88
C ARG B 2442 13.54 37.19 -56.25
N THR B 2443 13.47 36.02 -56.88
CA THR B 2443 12.18 35.51 -57.31
C THR B 2443 11.17 35.53 -56.18
N PHE B 2444 11.60 35.18 -54.98
CA PHE B 2444 10.70 35.09 -53.83
C PHE B 2444 11.16 36.05 -52.75
N PRO B 2445 10.46 37.15 -52.56
CA PRO B 2445 10.86 38.11 -51.53
C PRO B 2445 10.53 37.63 -50.13
N ASP B 2446 9.32 37.10 -49.96
CA ASP B 2446 8.87 36.77 -48.63
C ASP B 2446 9.72 35.66 -48.02
N PRO B 2447 10.04 35.73 -46.74
CA PRO B 2447 10.80 34.63 -46.12
C PRO B 2447 10.07 33.31 -46.21
N THR B 2448 8.79 33.26 -45.90
CA THR B 2448 8.07 31.99 -45.93
C THR B 2448 8.09 31.38 -47.32
N SER B 2449 7.72 32.18 -48.33
CA SER B 2449 7.80 31.68 -49.69
C SER B 2449 9.21 31.24 -50.03
N TRP B 2450 10.21 32.03 -49.62
CA TRP B 2450 11.59 31.67 -49.94
C TRP B 2450 11.93 30.30 -49.39
N TYR B 2451 11.67 30.08 -48.11
CA TYR B 2451 11.99 28.79 -47.52
C TYR B 2451 11.22 27.67 -48.20
N SER B 2452 9.92 27.85 -48.39
CA SER B 2452 9.13 26.79 -48.98
C SER B 2452 9.65 26.44 -50.37
N SER B 2453 9.94 27.46 -51.18
CA SER B 2453 10.39 27.20 -52.54
C SER B 2453 11.76 26.55 -52.53
N ARG B 2454 12.65 26.97 -51.63
CA ARG B 2454 13.96 26.34 -51.58
C ARG B 2454 13.81 24.87 -51.24
N SER B 2455 12.99 24.56 -50.24
CA SER B 2455 12.74 23.17 -49.90
C SER B 2455 12.20 22.41 -51.10
N ALA B 2456 11.23 23.01 -51.80
CA ALA B 2456 10.66 22.33 -52.95
C ALA B 2456 11.72 22.07 -54.01
N TYR B 2457 12.58 23.05 -54.24
CA TYR B 2457 13.66 22.89 -55.20
C TYR B 2457 14.50 21.69 -54.86
N CYS B 2458 14.99 21.66 -53.63
CA CYS B 2458 15.81 20.53 -53.20
C CYS B 2458 15.08 19.23 -53.45
N ARG B 2459 13.88 19.10 -52.89
CA ARG B 2459 13.16 17.84 -53.00
C ARG B 2459 12.98 17.43 -54.45
N SER B 2460 12.54 18.35 -55.30
CA SER B 2460 12.23 18.01 -56.67
C SER B 2460 13.46 17.57 -57.42
N THR B 2461 14.54 18.36 -57.35
CA THR B 2461 15.75 17.97 -58.04
C THR B 2461 16.22 16.61 -57.57
N ALA B 2462 16.13 16.35 -56.27
CA ALA B 2462 16.53 15.04 -55.78
C ALA B 2462 15.72 13.95 -56.45
N VAL B 2463 14.39 14.05 -56.37
CA VAL B 2463 13.55 13.00 -56.91
C VAL B 2463 13.88 12.76 -58.37
N MET B 2464 14.00 13.84 -59.13
CA MET B 2464 14.21 13.66 -60.56
C MET B 2464 15.58 13.06 -60.83
N SER B 2465 16.59 13.45 -60.08
CA SER B 2465 17.91 12.87 -60.27
C SER B 2465 17.87 11.37 -60.05
N MET B 2466 17.31 10.95 -58.92
CA MET B 2466 17.22 9.52 -58.65
C MET B 2466 16.49 8.82 -59.78
N VAL B 2467 15.32 9.33 -60.17
CA VAL B 2467 14.56 8.66 -61.21
C VAL B 2467 15.38 8.56 -62.47
N GLY B 2468 16.08 9.62 -62.84
CA GLY B 2468 16.87 9.58 -64.06
C GLY B 2468 17.95 8.53 -64.00
N TYR B 2469 18.68 8.49 -62.89
CA TYR B 2469 19.75 7.51 -62.76
C TYR B 2469 19.20 6.10 -62.86
N ILE B 2470 17.98 5.88 -62.34
CA ILE B 2470 17.37 4.58 -62.52
C ILE B 2470 17.08 4.34 -63.98
N LEU B 2471 16.37 5.27 -64.60
CA LEU B 2471 16.05 5.17 -66.02
C LEU B 2471 17.21 5.58 -66.91
N GLY B 2472 18.34 5.96 -66.32
CA GLY B 2472 19.47 6.36 -67.14
C GLY B 2472 19.20 7.57 -67.99
N LEU B 2473 18.38 8.50 -67.50
CA LEU B 2473 18.17 9.74 -68.22
C LEU B 2473 19.51 10.37 -68.57
N GLY B 2474 19.54 11.09 -69.69
CA GLY B 2474 20.76 11.71 -70.15
C GLY B 2474 20.53 13.14 -70.60
N ASP B 2475 21.62 13.73 -71.12
CA ASP B 2475 21.55 15.03 -71.78
C ASP B 2475 20.82 16.06 -70.92
N ARG B 2476 21.07 16.05 -69.63
CA ARG B 2476 20.50 17.03 -68.72
C ARG B 2476 21.25 18.36 -68.84
N HIS B 2477 21.26 18.90 -70.06
CA HIS B 2477 21.94 20.16 -70.29
C HIS B 2477 21.08 21.32 -69.82
N GLY B 2478 21.67 22.48 -69.56
CA GLY B 2478 20.96 23.64 -68.97
C GLY B 2478 19.51 23.77 -69.38
N GLU B 2479 19.21 23.91 -70.66
CA GLU B 2479 17.81 24.14 -71.12
C GLU B 2479 16.89 22.95 -70.79
N ASN B 2480 17.35 21.70 -70.91
CA ASN B 2480 16.49 20.51 -70.72
C ASN B 2480 15.96 20.50 -69.28
N ILE B 2481 16.67 21.08 -68.31
CA ILE B 2481 16.20 21.17 -66.93
C ILE B 2481 15.58 22.54 -66.72
N LEU B 2482 14.52 22.58 -65.92
CA LEU B 2482 13.72 23.79 -65.76
C LEU B 2482 13.31 23.96 -64.31
N PHE B 2483 12.98 25.19 -63.96
CA PHE B 2483 12.53 25.51 -62.61
C PHE B 2483 11.35 26.46 -62.70
N ASP B 2484 10.32 26.17 -61.91
CA ASP B 2484 9.11 26.97 -61.92
C ASP B 2484 9.30 28.20 -61.04
N SER B 2485 9.15 29.38 -61.64
CA SER B 2485 9.26 30.60 -60.86
C SER B 2485 8.25 30.63 -59.73
N LEU B 2486 7.11 29.96 -59.90
CA LEU B 2486 6.04 30.08 -58.93
C LEU B 2486 6.29 29.23 -57.70
N THR B 2487 6.62 27.95 -57.90
CA THR B 2487 6.85 27.06 -56.77
C THR B 2487 8.32 26.82 -56.50
N GLY B 2488 9.19 27.07 -57.47
CA GLY B 2488 10.58 26.71 -57.35
C GLY B 2488 10.90 25.28 -57.70
N GLU B 2489 9.89 24.46 -57.95
CA GLU B 2489 10.15 23.07 -58.31
C GLU B 2489 11.02 23.03 -59.57
N CYS B 2490 11.52 21.84 -59.87
CA CYS B 2490 12.31 21.59 -61.06
C CYS B 2490 11.55 20.64 -61.96
N VAL B 2491 11.58 20.90 -63.27
CA VAL B 2491 10.91 20.08 -64.24
C VAL B 2491 11.91 19.69 -65.31
N HIS B 2492 11.94 18.42 -65.65
CA HIS B 2492 12.81 17.94 -66.72
C HIS B 2492 12.03 17.81 -68.01
N VAL B 2493 12.73 17.94 -69.14
CA VAL B 2493 12.12 17.90 -70.49
C VAL B 2493 13.08 17.14 -71.41
N ASP B 2494 12.80 17.04 -72.70
CA ASP B 2494 13.76 16.40 -73.64
C ASP B 2494 14.13 15.01 -73.16
N PHE B 2495 13.14 14.20 -72.76
CA PHE B 2495 13.39 12.80 -72.31
C PHE B 2495 13.67 11.87 -73.49
N ASN B 2496 14.13 12.36 -74.65
CA ASN B 2496 14.51 11.46 -75.74
C ASN B 2496 15.66 10.56 -75.34
N CYS B 2497 16.78 11.14 -74.91
CA CYS B 2497 17.94 10.36 -74.52
C CYS B 2497 17.60 9.55 -73.27
N LEU B 2498 17.51 8.24 -73.41
CA LEU B 2498 17.12 7.38 -72.31
C LEU B 2498 17.95 6.12 -72.30
N PHE B 2499 17.99 5.45 -71.15
CA PHE B 2499 18.62 4.15 -71.02
C PHE B 2499 20.09 4.21 -71.40
N ASN B 2500 20.79 5.22 -70.90
CA ASN B 2500 22.22 5.34 -71.08
C ASN B 2500 22.60 5.54 -72.55
N LYS B 2501 21.73 6.17 -73.33
CA LYS B 2501 22.12 6.52 -74.70
C LYS B 2501 23.24 7.55 -74.70
N GLY B 2502 23.32 8.36 -73.65
CA GLY B 2502 24.34 9.40 -73.61
C GLY B 2502 25.75 8.85 -73.77
N GLU B 2503 26.05 7.76 -73.05
CA GLU B 2503 27.37 7.14 -73.19
C GLU B 2503 27.71 6.94 -74.66
N THR B 2504 26.73 6.57 -75.47
CA THR B 2504 26.98 6.36 -76.89
C THR B 2504 27.38 7.65 -77.60
N PHE B 2505 27.11 8.80 -77.01
CA PHE B 2505 27.47 10.06 -77.65
C PHE B 2505 28.97 10.13 -77.86
N GLU B 2506 29.36 10.90 -78.88
CA GLU B 2506 30.79 11.11 -79.13
C GLU B 2506 31.51 11.52 -77.86
N VAL B 2507 31.01 12.56 -77.20
CA VAL B 2507 31.49 12.93 -75.88
C VAL B 2507 30.61 12.19 -74.88
N PRO B 2508 31.07 11.05 -74.35
CA PRO B 2508 30.19 10.24 -73.51
C PRO B 2508 29.86 10.95 -72.21
N GLU B 2509 28.66 10.68 -71.71
CA GLU B 2509 28.22 11.21 -70.43
C GLU B 2509 28.62 10.23 -69.33
N ILE B 2510 29.39 10.73 -68.37
CA ILE B 2510 29.94 9.89 -67.31
C ILE B 2510 29.37 10.22 -65.96
N VAL B 2511 28.33 11.04 -65.90
CA VAL B 2511 27.76 11.43 -64.62
C VAL B 2511 26.33 10.89 -64.52
N PRO B 2512 25.90 10.49 -63.35
CA PRO B 2512 24.55 9.93 -63.21
C PRO B 2512 23.46 10.95 -63.48
N PHE B 2513 23.60 12.14 -62.91
CA PHE B 2513 22.60 13.18 -63.09
C PHE B 2513 23.28 14.53 -62.98
N ARG B 2514 22.57 15.58 -63.40
CA ARG B 2514 23.16 16.91 -63.52
C ARG B 2514 23.11 17.60 -62.16
N LEU B 2515 24.26 17.65 -61.49
CA LEU B 2515 24.39 18.37 -60.23
C LEU B 2515 25.66 19.22 -60.29
N THR B 2516 25.55 20.40 -60.87
CA THR B 2516 26.70 21.28 -61.00
C THR B 2516 26.81 22.17 -59.77
N HIS B 2517 28.02 22.70 -59.56
CA HIS B 2517 28.28 23.46 -58.35
C HIS B 2517 27.21 24.52 -58.11
N ASN B 2518 26.68 25.09 -59.18
CA ASN B 2518 25.69 26.15 -59.02
C ASN B 2518 24.42 25.61 -58.39
N MET B 2519 23.87 24.52 -58.93
CA MET B 2519 22.69 23.93 -58.33
C MET B 2519 22.91 23.69 -56.85
N VAL B 2520 24.05 23.08 -56.53
CA VAL B 2520 24.38 22.83 -55.13
C VAL B 2520 24.26 24.12 -54.33
N ASN B 2521 25.05 25.13 -54.69
CA ASN B 2521 24.99 26.41 -54.01
C ASN B 2521 23.54 26.79 -53.81
N GLY B 2522 22.73 26.57 -54.84
CA GLY B 2522 21.32 26.81 -54.73
C GLY B 2522 20.76 26.17 -53.49
N MET B 2523 20.94 24.86 -53.35
CA MET B 2523 20.31 24.16 -52.24
C MET B 2523 20.58 24.82 -50.90
N GLY B 2524 21.65 25.59 -50.79
CA GLY B 2524 21.95 26.28 -49.56
C GLY B 2524 23.33 25.93 -49.02
N PRO B 2525 23.73 26.59 -47.93
CA PRO B 2525 25.07 26.32 -47.39
C PRO B 2525 25.28 24.85 -47.08
N MET B 2526 24.29 24.20 -46.48
CA MET B 2526 24.40 22.77 -46.24
C MET B 2526 24.82 22.03 -47.50
N GLY B 2527 24.40 22.54 -48.66
CA GLY B 2527 24.71 21.80 -49.86
C GLY B 2527 24.00 20.47 -49.89
N THR B 2528 24.52 19.58 -50.74
CA THR B 2528 23.93 18.26 -50.88
C THR B 2528 23.44 17.70 -49.56
N GLU B 2529 24.31 17.69 -48.55
CA GLU B 2529 23.91 17.20 -47.25
C GLU B 2529 22.72 18.02 -46.74
N GLY B 2530 21.76 17.32 -46.13
CA GLY B 2530 20.55 17.97 -45.68
C GLY B 2530 19.33 17.49 -46.45
N LEU B 2531 18.41 18.41 -46.75
CA LEU B 2531 17.18 18.03 -47.44
C LEU B 2531 17.47 17.13 -48.62
N PHE B 2532 18.35 17.59 -49.52
CA PHE B 2532 18.57 16.88 -50.77
C PHE B 2532 18.91 15.41 -50.52
N ARG B 2533 19.85 15.16 -49.60
CA ARG B 2533 20.25 13.79 -49.35
C ARG B 2533 19.08 12.96 -48.87
N ARG B 2534 18.31 13.49 -47.93
CA ARG B 2534 17.18 12.72 -47.39
C ARG B 2534 16.15 12.43 -48.47
N ALA B 2535 15.88 13.40 -49.33
CA ALA B 2535 14.93 13.17 -50.40
C ALA B 2535 15.42 12.09 -51.35
N CYS B 2536 16.69 12.18 -51.76
CA CYS B 2536 17.25 11.14 -52.59
C CYS B 2536 17.07 9.78 -51.95
N GLU B 2537 17.44 9.68 -50.69
CA GLU B 2537 17.35 8.39 -50.00
C GLU B 2537 15.92 7.87 -49.99
N VAL B 2538 14.97 8.73 -49.66
CA VAL B 2538 13.59 8.28 -49.55
C VAL B 2538 13.09 7.80 -50.89
N THR B 2539 13.32 8.60 -51.94
CA THR B 2539 12.88 8.21 -53.26
C THR B 2539 13.48 6.87 -53.65
N MET B 2540 14.76 6.68 -53.36
CA MET B 2540 15.42 5.43 -53.71
C MET B 2540 14.77 4.26 -52.97
N ARG B 2541 14.56 4.42 -51.66
CA ARG B 2541 13.93 3.35 -50.91
C ARG B 2541 12.59 2.98 -51.52
N LEU B 2542 11.74 3.98 -51.72
CA LEU B 2542 10.45 3.71 -52.32
C LEU B 2542 10.60 2.92 -53.60
N MET B 2543 11.42 3.43 -54.54
CA MET B 2543 11.56 2.75 -55.80
C MET B 2543 11.98 1.30 -55.61
N ARG B 2544 12.91 1.04 -54.71
CA ARG B 2544 13.31 -0.33 -54.47
C ARG B 2544 12.12 -1.17 -54.02
N ASP B 2545 11.27 -0.60 -53.16
CA ASP B 2545 10.13 -1.37 -52.67
C ASP B 2545 9.20 -1.77 -53.80
N GLN B 2546 8.80 -0.82 -54.64
CA GLN B 2546 7.91 -1.11 -55.74
C GLN B 2546 8.62 -1.68 -56.94
N ARG B 2547 9.81 -2.25 -56.75
CA ARG B 2547 10.64 -2.64 -57.87
C ARG B 2547 9.87 -3.52 -58.85
N GLU B 2548 9.03 -4.41 -58.36
CA GLU B 2548 8.30 -5.30 -59.26
C GLU B 2548 7.42 -4.53 -60.23
N PRO B 2549 6.51 -3.68 -59.77
CA PRO B 2549 5.61 -3.01 -60.72
C PRO B 2549 6.36 -2.12 -61.69
N LEU B 2550 7.24 -1.25 -61.17
CA LEU B 2550 8.03 -0.41 -62.05
C LEU B 2550 8.76 -1.25 -63.07
N MET B 2551 9.32 -2.38 -62.64
CA MET B 2551 10.13 -3.18 -63.55
C MET B 2551 9.27 -3.78 -64.65
N SER B 2552 8.09 -4.27 -64.30
CA SER B 2552 7.20 -4.79 -65.34
C SER B 2552 6.85 -3.70 -66.35
N VAL B 2553 6.41 -2.55 -65.85
CA VAL B 2553 6.04 -1.46 -66.76
C VAL B 2553 7.21 -1.12 -67.66
N LEU B 2554 8.39 -0.93 -67.08
CA LEU B 2554 9.55 -0.57 -67.85
C LEU B 2554 9.87 -1.65 -68.88
N LYS B 2555 9.64 -2.91 -68.53
CA LYS B 2555 9.80 -3.98 -69.51
C LYS B 2555 8.93 -3.69 -70.71
N THR B 2556 7.63 -3.54 -70.47
CA THR B 2556 6.73 -3.21 -71.56
C THR B 2556 7.29 -2.05 -72.38
N PHE B 2557 7.81 -1.03 -71.70
CA PHE B 2557 8.31 0.14 -72.39
C PHE B 2557 9.49 -0.20 -73.28
N LEU B 2558 10.41 -1.03 -72.80
CA LEU B 2558 11.64 -1.25 -73.53
C LEU B 2558 11.41 -2.06 -74.79
N HIS B 2559 10.54 -3.06 -74.73
CA HIS B 2559 10.27 -3.91 -75.87
C HIS B 2559 9.24 -3.32 -76.81
N ASP B 2560 8.85 -2.07 -76.61
CA ASP B 2560 7.87 -1.45 -77.48
C ASP B 2560 8.42 -1.37 -78.90
N PRO B 2561 7.75 -1.96 -79.89
CA PRO B 2561 8.28 -1.90 -81.26
C PRO B 2561 8.09 -0.55 -81.91
N LEU B 2562 7.02 0.16 -81.58
CA LEU B 2562 6.74 1.43 -82.25
C LEU B 2562 7.86 2.43 -82.03
N VAL B 2563 8.39 2.49 -80.81
CA VAL B 2563 9.43 3.46 -80.49
C VAL B 2563 10.55 3.38 -81.51
N GLU B 2564 11.01 4.54 -81.97
CA GLU B 2564 12.13 4.62 -82.90
C GLU B 2564 13.42 4.39 -82.12
N TRP B 2565 13.65 3.14 -81.74
CA TRP B 2565 14.83 2.80 -80.96
C TRP B 2565 16.11 3.17 -81.70
N SER B 2566 16.07 3.18 -83.03
CA SER B 2566 17.27 3.43 -83.80
C SER B 2566 17.04 4.59 -84.76
N LYS B 2567 17.98 4.81 -85.65
CA LYS B 2567 17.80 5.82 -86.68
C LYS B 2567 16.68 5.39 -87.63
N PRO B 2568 16.08 6.34 -88.35
CA PRO B 2568 15.07 5.97 -89.35
C PRO B 2568 15.74 5.42 -90.59
N VAL B 2569 15.17 4.33 -91.12
CA VAL B 2569 15.74 3.62 -92.25
C VAL B 2569 14.71 3.57 -93.36
N LYS B 2570 15.07 4.11 -94.52
CA LYS B 2570 14.20 4.17 -95.69
C LYS B 2570 12.98 5.04 -95.47
N GLY B 2571 12.94 5.82 -94.39
CA GLY B 2571 11.74 6.54 -94.01
C GLY B 2571 10.75 5.74 -93.19
N HIS B 2572 10.85 4.41 -93.21
CA HIS B 2572 9.98 3.54 -92.44
C HIS B 2572 10.23 2.09 -92.84
N THR B 2580 7.35 -4.74 -91.73
CA THR B 2580 6.38 -5.23 -90.76
C THR B 2580 5.90 -4.10 -89.87
N GLY B 2581 6.38 -2.88 -90.14
CA GLY B 2581 6.06 -1.76 -89.28
C GLY B 2581 6.43 -1.98 -87.84
N GLU B 2582 7.37 -2.89 -87.57
CA GLU B 2582 7.81 -3.19 -86.22
C GLU B 2582 9.32 -3.04 -86.14
N VAL B 2583 9.79 -2.57 -85.00
CA VAL B 2583 11.22 -2.46 -84.74
C VAL B 2583 11.51 -3.10 -83.39
N VAL B 2584 12.71 -3.68 -83.27
CA VAL B 2584 13.12 -4.38 -82.06
C VAL B 2584 14.36 -3.69 -81.50
N ASN B 2585 14.34 -3.41 -80.20
CA ASN B 2585 15.47 -2.76 -79.55
C ASN B 2585 16.53 -3.82 -79.24
N GLU B 2586 17.68 -3.69 -79.88
CA GLU B 2586 18.72 -4.70 -79.72
C GLU B 2586 19.20 -4.80 -78.29
N LYS B 2587 19.40 -3.66 -77.63
CA LYS B 2587 19.91 -3.64 -76.27
C LYS B 2587 18.81 -3.83 -75.24
N ALA B 2588 17.63 -4.28 -75.67
CA ALA B 2588 16.51 -4.44 -74.75
C ALA B 2588 16.93 -5.22 -73.51
N LYS B 2589 17.35 -6.48 -73.71
CA LYS B 2589 17.70 -7.32 -72.58
C LYS B 2589 18.75 -6.65 -71.71
N THR B 2590 19.77 -6.09 -72.34
CA THR B 2590 20.80 -5.39 -71.57
C THR B 2590 20.19 -4.26 -70.77
N HIS B 2591 19.30 -3.49 -71.39
CA HIS B 2591 18.71 -2.35 -70.68
C HIS B 2591 17.92 -2.80 -69.48
N VAL B 2592 17.10 -3.85 -69.65
CA VAL B 2592 16.33 -4.35 -68.52
C VAL B 2592 17.26 -4.81 -67.42
N LEU B 2593 18.32 -5.53 -67.78
CA LEU B 2593 19.25 -6.01 -66.77
C LEU B 2593 19.86 -4.84 -66.00
N ASP B 2594 20.29 -3.80 -66.72
CA ASP B 2594 20.92 -2.68 -66.06
C ASP B 2594 19.94 -1.95 -65.15
N ILE B 2595 18.73 -1.71 -65.64
CA ILE B 2595 17.71 -1.09 -64.80
C ILE B 2595 17.53 -1.89 -63.53
N GLU B 2596 17.31 -3.21 -63.66
CA GLU B 2596 17.15 -4.04 -62.49
C GLU B 2596 18.31 -3.85 -61.53
N GLN B 2597 19.53 -4.09 -62.00
CA GLN B 2597 20.69 -3.96 -61.13
C GLN B 2597 20.64 -2.65 -60.38
N ARG B 2598 20.49 -1.53 -61.11
CA ARG B 2598 20.47 -0.24 -60.45
C ARG B 2598 19.41 -0.19 -59.36
N LEU B 2599 18.23 -0.76 -59.64
CA LEU B 2599 17.22 -0.85 -58.60
C LEU B 2599 17.69 -1.75 -57.48
N GLN B 2600 18.23 -2.92 -57.82
CA GLN B 2600 18.80 -3.79 -56.80
C GLN B 2600 19.77 -3.05 -55.91
N GLY B 2601 20.49 -2.10 -56.47
CA GLY B 2601 21.56 -1.46 -55.74
C GLY B 2601 22.92 -2.09 -55.98
N VAL B 2602 23.07 -2.86 -57.04
CA VAL B 2602 24.34 -3.48 -57.39
C VAL B 2602 24.98 -2.61 -58.45
N ILE B 2603 26.06 -1.93 -58.10
CA ILE B 2603 26.70 -1.04 -59.06
C ILE B 2603 27.28 -1.84 -60.21
N LYS B 2604 28.03 -2.90 -59.90
CA LYS B 2604 28.72 -3.74 -60.87
C LYS B 2604 29.87 -3.01 -61.56
N THR B 2605 30.05 -1.72 -61.29
CA THR B 2605 31.16 -1.00 -61.90
C THR B 2605 32.50 -1.48 -61.37
N ARG B 2606 32.54 -1.96 -60.12
CA ARG B 2606 33.80 -2.40 -59.53
C ARG B 2606 34.57 -3.27 -60.51
N ASN B 2607 35.85 -2.98 -60.65
CA ASN B 2607 36.72 -3.75 -61.50
C ASN B 2607 37.55 -4.72 -60.67
N ARG B 2608 37.94 -5.82 -61.32
CA ARG B 2608 38.78 -6.83 -60.70
C ARG B 2608 38.02 -7.67 -59.69
N VAL B 2609 36.81 -7.24 -59.34
CA VAL B 2609 35.91 -8.06 -58.53
C VAL B 2609 34.48 -7.73 -58.93
N THR B 2610 33.79 -8.66 -59.56
CA THR B 2610 32.45 -8.40 -60.05
C THR B 2610 31.36 -8.86 -59.09
N GLY B 2611 31.72 -9.53 -58.00
CA GLY B 2611 30.75 -9.89 -56.99
C GLY B 2611 30.64 -8.82 -55.94
N LEU B 2612 29.50 -8.14 -55.86
CA LEU B 2612 29.37 -6.99 -54.99
C LEU B 2612 28.05 -7.07 -54.23
N PRO B 2613 28.08 -7.01 -52.90
CA PRO B 2613 26.84 -6.87 -52.15
C PRO B 2613 26.22 -5.51 -52.42
N LEU B 2614 24.90 -5.49 -52.51
CA LEU B 2614 24.21 -4.24 -52.82
C LEU B 2614 24.47 -3.19 -51.76
N SER B 2615 24.54 -1.93 -52.18
CA SER B 2615 24.59 -0.81 -51.27
C SER B 2615 23.16 -0.35 -50.94
N ILE B 2616 23.03 0.49 -49.92
CA ILE B 2616 21.69 0.88 -49.47
C ILE B 2616 21.48 2.38 -49.45
N GLU B 2617 22.23 3.08 -48.61
CA GLU B 2617 22.34 4.53 -48.69
C GLU B 2617 23.67 4.96 -49.26
N GLY B 2618 24.70 4.18 -48.99
CA GLY B 2618 25.93 4.36 -49.71
C GLY B 2618 25.69 4.48 -51.20
N HIS B 2619 24.62 3.89 -51.70
CA HIS B 2619 24.30 4.08 -53.10
C HIS B 2619 24.06 5.55 -53.40
N VAL B 2620 23.12 6.16 -52.70
CA VAL B 2620 22.85 7.58 -52.91
C VAL B 2620 24.12 8.38 -52.69
N HIS B 2621 24.92 7.97 -51.72
CA HIS B 2621 26.14 8.72 -51.41
C HIS B 2621 27.13 8.67 -52.57
N TYR B 2622 27.37 7.48 -53.08
CA TYR B 2622 28.29 7.32 -54.20
C TYR B 2622 27.76 8.04 -55.42
N LEU B 2623 26.45 8.01 -55.63
CA LEU B 2623 25.87 8.76 -56.74
C LEU B 2623 26.15 10.24 -56.59
N ILE B 2624 25.91 10.78 -55.39
CA ILE B 2624 26.18 12.20 -55.16
C ILE B 2624 27.64 12.49 -55.46
N GLN B 2625 28.54 11.69 -54.90
CA GLN B 2625 29.96 11.90 -55.13
C GLN B 2625 30.25 11.98 -56.62
N GLU B 2626 29.88 10.93 -57.36
CA GLU B 2626 30.11 10.91 -58.79
C GLU B 2626 29.63 12.20 -59.43
N ALA B 2627 28.36 12.56 -59.19
CA ALA B 2627 27.83 13.76 -59.80
C ALA B 2627 28.68 14.97 -59.47
N THR B 2628 29.14 15.06 -58.23
CA THR B 2628 29.87 16.25 -57.81
C THR B 2628 31.27 16.28 -58.36
N ASP B 2629 31.92 15.13 -58.46
CA ASP B 2629 33.36 15.10 -58.73
C ASP B 2629 33.73 16.02 -59.88
N GLU B 2630 34.86 16.71 -59.71
CA GLU B 2630 35.33 17.60 -60.76
C GLU B 2630 35.96 16.83 -61.92
N ASN B 2631 36.70 15.77 -61.61
CA ASN B 2631 37.34 15.00 -62.67
C ASN B 2631 36.32 14.59 -63.72
N LEU B 2632 35.19 14.04 -63.28
CA LEU B 2632 34.15 13.68 -64.23
C LEU B 2632 33.66 14.89 -64.99
N LEU B 2633 33.20 15.91 -64.28
CA LEU B 2633 32.61 17.08 -64.93
C LEU B 2633 33.51 17.61 -66.02
N CYS B 2634 34.75 17.95 -65.68
CA CYS B 2634 35.67 18.50 -66.67
C CYS B 2634 35.65 17.68 -67.95
N GLN B 2635 35.54 16.36 -67.83
CA GLN B 2635 35.47 15.54 -69.03
C GLN B 2635 34.19 15.78 -69.81
N MET B 2636 33.10 16.13 -69.13
CA MET B 2636 31.82 16.22 -69.80
C MET B 2636 31.87 17.26 -70.91
N TYR B 2637 30.99 17.08 -71.89
CA TYR B 2637 30.96 17.97 -73.04
C TYR B 2637 30.61 19.39 -72.62
N LEU B 2638 31.20 20.35 -73.33
CA LEU B 2638 30.93 21.76 -73.02
C LEU B 2638 29.43 22.05 -73.08
N GLY B 2639 28.75 21.53 -74.10
CA GLY B 2639 27.33 21.79 -74.23
C GLY B 2639 26.58 21.64 -72.92
N TRP B 2640 26.86 20.58 -72.18
CA TRP B 2640 26.23 20.43 -70.87
C TRP B 2640 26.52 21.60 -69.95
N THR B 2641 27.44 22.49 -70.33
CA THR B 2641 27.80 23.64 -69.53
C THR B 2641 28.16 23.22 -68.10
N PRO B 2642 29.01 22.21 -67.95
CA PRO B 2642 29.31 21.73 -66.60
C PRO B 2642 29.83 22.81 -65.69
N TYR B 2643 30.56 23.78 -66.23
CA TYR B 2643 31.09 24.85 -65.42
C TYR B 2643 30.00 25.64 -64.73
N MET B 2644 28.81 25.70 -65.33
CA MET B 2644 27.72 26.50 -64.77
C MET B 2644 27.09 25.82 -63.56
N GLY C 309 -20.70 16.06 40.92
CA GLY C 309 -21.98 15.32 40.82
C GLY C 309 -21.75 13.90 40.37
N SER C 310 -22.60 12.97 40.79
CA SER C 310 -22.47 11.58 40.29
C SER C 310 -22.71 11.65 38.78
N ILE C 311 -23.69 12.47 38.38
CA ILE C 311 -23.93 12.67 36.92
C ILE C 311 -22.62 13.17 36.30
N LEU C 312 -21.80 13.92 37.05
CA LEU C 312 -20.59 14.35 36.35
C LEU C 312 -19.76 13.15 35.92
N ILE C 313 -19.73 12.10 36.73
CA ILE C 313 -19.05 10.89 36.32
C ILE C 313 -19.76 10.26 35.13
N ASN C 314 -21.09 10.27 35.15
CA ASN C 314 -21.86 9.82 34.00
C ASN C 314 -21.42 10.58 32.75
N LEU C 315 -21.46 11.90 32.81
CA LEU C 315 -21.03 12.73 31.69
C LEU C 315 -19.62 12.36 31.25
N LEU C 316 -18.71 12.25 32.20
CA LEU C 316 -17.36 11.81 31.92
C LEU C 316 -17.38 10.57 31.02
N LEU C 317 -18.01 9.51 31.50
CA LEU C 317 -18.12 8.26 30.75
C LEU C 317 -19.46 8.26 30.02
N LYS C 318 -19.46 8.79 28.79
CA LYS C 318 -20.70 8.89 28.03
C LYS C 318 -20.36 8.87 26.55
N GLN C 319 -21.28 8.32 25.76
CA GLN C 319 -21.16 8.33 24.30
C GLN C 319 -20.83 9.74 23.87
N PRO C 320 -20.22 9.93 22.70
CA PRO C 320 -19.68 11.26 22.38
C PRO C 320 -20.71 12.35 22.58
N LEU C 321 -20.49 13.21 23.59
CA LEU C 321 -21.36 14.36 23.79
C LEU C 321 -21.57 15.09 22.48
N ILE C 322 -20.48 15.43 21.80
CA ILE C 322 -20.60 16.04 20.49
C ILE C 322 -21.30 15.06 19.55
N PRO C 323 -22.33 15.48 18.82
CA PRO C 323 -23.01 14.54 17.91
C PRO C 323 -22.06 14.03 16.85
N GLY C 324 -21.90 12.71 16.80
CA GLY C 324 -21.07 12.08 15.80
C GLY C 324 -19.59 12.27 16.04
N SER C 325 -18.81 12.06 14.99
CA SER C 325 -17.37 12.21 14.92
C SER C 325 -16.64 11.03 15.56
N SER C 326 -17.35 10.05 16.12
CA SER C 326 -16.73 8.86 16.69
C SER C 326 -15.84 9.25 17.88
N LEU C 327 -16.39 10.00 18.81
CA LEU C 327 -15.49 10.47 19.89
C LEU C 327 -15.68 9.59 21.14
N SER C 328 -14.57 9.15 21.72
CA SER C 328 -14.69 8.24 22.88
C SER C 328 -14.11 8.94 24.11
N LEU C 329 -14.94 9.17 25.13
CA LEU C 329 -14.41 9.76 26.38
C LEU C 329 -13.28 8.86 26.85
N CYS C 330 -13.35 7.56 26.53
CA CYS C 330 -12.29 6.59 26.92
C CYS C 330 -11.02 6.91 26.12
N HIS C 331 -11.17 7.70 25.05
CA HIS C 331 -9.98 8.18 24.30
C HIS C 331 -9.64 9.52 24.94
N LEU C 332 -10.62 10.21 25.54
CA LEU C 332 -10.19 11.45 26.23
C LEU C 332 -9.26 11.08 27.40
N LEU C 333 -9.23 9.81 27.82
CA LEU C 333 -8.38 9.32 28.90
C LEU C 333 -7.23 8.50 28.36
N SER C 334 -7.47 7.67 27.33
CA SER C 334 -6.46 6.79 26.76
C SER C 334 -6.55 6.88 25.24
N SER C 335 -5.72 7.75 24.65
CA SER C 335 -5.56 7.83 23.21
C SER C 335 -4.08 7.95 22.90
N SER C 336 -3.58 7.07 22.03
CA SER C 336 -2.20 7.20 21.59
C SER C 336 -1.99 8.51 20.85
N SER C 337 -2.94 8.89 20.01
CA SER C 337 -2.88 10.15 19.27
C SER C 337 -4.16 10.35 18.47
N SER C 369 3.00 18.26 24.70
CA SER C 369 2.16 17.79 23.57
C SER C 369 2.60 16.36 23.14
N PHE C 370 3.33 16.24 22.02
CA PHE C 370 3.76 14.90 21.52
C PHE C 370 5.15 14.57 22.06
N SER C 371 5.79 13.49 21.58
CA SER C 371 7.11 12.99 22.06
C SER C 371 6.91 11.65 22.78
N LEU C 372 5.67 11.14 22.81
CA LEU C 372 5.41 9.78 23.36
C LEU C 372 5.84 9.67 24.85
N SER C 373 5.91 10.78 25.58
CA SER C 373 6.20 10.70 27.05
C SER C 373 5.31 11.68 27.84
N ALA C 374 4.91 11.33 29.07
CA ALA C 374 4.18 12.24 29.95
C ALA C 374 2.76 12.45 29.43
N LEU C 375 2.50 12.02 28.20
CA LEU C 375 1.13 11.98 27.72
C LEU C 375 0.51 10.62 27.99
N ARG C 376 1.30 9.56 27.86
CA ARG C 376 0.92 8.29 28.49
C ARG C 376 0.65 8.52 29.97
N GLU C 377 1.47 9.35 30.61
CA GLU C 377 1.24 9.68 32.01
C GLU C 377 -0.05 10.48 32.18
N ALA C 378 -0.34 11.40 31.27
CA ALA C 378 -1.61 12.11 31.34
C ALA C 378 -2.78 11.15 31.22
N GLN C 379 -2.65 10.13 30.37
CA GLN C 379 -3.70 9.12 30.26
C GLN C 379 -3.85 8.35 31.56
N ASN C 380 -2.73 7.96 32.18
CA ASN C 380 -2.80 7.31 33.49
C ASN C 380 -3.48 8.23 34.51
N LEU C 381 -3.24 9.53 34.39
CA LEU C 381 -3.88 10.48 35.30
C LEU C 381 -5.38 10.54 35.06
N ALA C 382 -5.79 10.51 33.81
CA ALA C 382 -7.21 10.39 33.50
C ALA C 382 -7.79 9.13 34.14
N PHE C 383 -7.04 8.03 34.09
CA PHE C 383 -7.49 6.82 34.74
C PHE C 383 -7.63 7.02 36.25
N THR C 384 -6.70 7.76 36.85
CA THR C 384 -6.79 8.04 38.28
C THR C 384 -8.04 8.86 38.60
N GLY C 385 -8.32 9.87 37.77
CA GLY C 385 -9.54 10.63 37.94
C GLY C 385 -10.78 9.76 37.82
N LEU C 386 -10.76 8.83 36.86
CA LEU C 386 -11.85 7.87 36.75
C LEU C 386 -11.99 7.05 38.02
N ASN C 387 -10.87 6.64 38.59
CA ASN C 387 -10.91 5.88 39.83
C ASN C 387 -11.56 6.69 40.94
N LEU C 388 -11.11 7.94 41.05
CA LEU C 388 -11.73 8.85 42.05
C LEU C 388 -13.19 9.03 41.65
N VAL C 389 -13.42 9.29 40.37
CA VAL C 389 -14.80 9.54 39.90
C VAL C 389 -15.68 8.38 40.35
N ALA C 390 -15.32 7.15 39.99
CA ALA C 390 -16.20 6.00 40.30
C ALA C 390 -16.74 6.06 41.73
N ARG C 391 -15.88 5.83 42.72
CA ARG C 391 -16.34 5.83 44.09
C ARG C 391 -17.41 6.89 44.30
N ASN C 392 -17.24 8.05 43.68
CA ASN C 392 -18.23 9.12 43.74
C ASN C 392 -18.55 9.52 45.18
N GLU C 393 -17.56 9.40 46.07
CA GLU C 393 -17.79 9.76 47.46
C GLU C 393 -18.11 11.24 47.60
N CYS C 394 -17.55 12.08 46.73
CA CYS C 394 -17.76 13.52 46.86
C CYS C 394 -19.22 13.90 46.67
N SER C 395 -19.83 13.44 45.57
CA SER C 395 -21.20 13.82 45.22
C SER C 395 -22.16 13.09 46.16
N ARG C 396 -22.27 13.62 47.37
CA ARG C 396 -23.11 13.02 48.41
C ARG C 396 -23.94 14.10 49.07
N ASP C 397 -25.24 13.86 49.19
CA ASP C 397 -26.16 14.75 49.91
C ASP C 397 -26.17 16.16 49.31
N GLY C 398 -26.03 16.22 47.98
CA GLY C 398 -26.19 17.50 47.28
C GLY C 398 -25.18 18.56 47.63
N ASP C 399 -23.92 18.16 47.82
CA ASP C 399 -22.82 19.10 48.08
C ASP C 399 -23.16 20.01 49.25
N PRO C 400 -23.48 19.45 50.42
CA PRO C 400 -23.87 20.31 51.56
C PRO C 400 -22.70 21.06 52.18
N ALA C 401 -21.47 20.60 51.98
CA ALA C 401 -20.33 21.22 52.65
C ALA C 401 -20.11 22.64 52.16
N GLU C 402 -20.02 22.83 50.84
CA GLU C 402 -19.73 24.14 50.29
C GLU C 402 -20.80 25.15 50.71
N GLY C 403 -20.36 26.39 50.94
CA GLY C 403 -21.26 27.44 51.35
C GLY C 403 -20.79 28.79 50.86
N GLY C 404 -21.64 29.80 51.09
CA GLY C 404 -21.31 31.16 50.71
C GLY C 404 -21.48 31.43 49.23
N ARG C 405 -20.57 32.22 48.65
CA ARG C 405 -20.65 32.52 47.23
C ARG C 405 -20.66 31.23 46.42
N ARG C 406 -21.14 31.35 45.17
CA ARG C 406 -21.33 30.19 44.31
C ARG C 406 -22.24 29.16 44.99
N ALA C 407 -23.23 29.68 45.73
CA ALA C 407 -24.18 28.83 46.44
C ALA C 407 -24.75 27.79 45.50
N PHE C 408 -25.17 26.65 46.02
CA PHE C 408 -25.59 25.52 45.21
C PHE C 408 -24.46 25.15 44.25
N PRO C 409 -23.21 25.12 44.74
CA PRO C 409 -22.10 24.79 43.84
C PRO C 409 -22.16 23.34 43.41
N LEU C 410 -21.97 23.12 42.12
CA LEU C 410 -21.74 21.77 41.63
C LEU C 410 -20.66 21.12 42.49
N CYS C 411 -20.98 19.95 43.04
CA CYS C 411 -20.13 19.31 44.04
C CYS C 411 -18.66 19.44 43.68
N GLN C 412 -17.89 20.11 44.54
CA GLN C 412 -16.47 20.29 44.28
C GLN C 412 -15.80 18.92 44.15
N LEU C 413 -15.19 18.68 43.00
CA LEU C 413 -14.68 17.36 42.68
C LEU C 413 -13.18 17.39 42.50
N PRO C 414 -12.42 16.68 43.34
CA PRO C 414 -10.97 16.59 43.11
C PRO C 414 -10.64 15.91 41.79
N GLY C 415 -11.33 14.83 41.46
CA GLY C 415 -11.04 14.12 40.22
C GLY C 415 -11.11 15.03 39.01
N ALA C 416 -12.08 15.95 39.00
CA ALA C 416 -12.23 16.84 37.86
C ALA C 416 -10.93 17.60 37.58
N VAL C 417 -10.31 18.14 38.63
CA VAL C 417 -9.07 18.89 38.44
C VAL C 417 -8.03 18.03 37.74
N HIS C 418 -8.03 16.73 38.03
CA HIS C 418 -7.05 15.84 37.43
C HIS C 418 -7.29 15.68 35.93
N PHE C 419 -8.54 15.55 35.52
CA PHE C 419 -8.84 15.39 34.10
C PHE C 419 -8.32 16.58 33.30
N LEU C 420 -8.32 17.76 33.90
CA LEU C 420 -7.95 18.97 33.17
C LEU C 420 -6.58 18.87 32.52
N PRO C 421 -5.58 18.19 33.09
CA PRO C 421 -4.25 18.22 32.48
C PRO C 421 -4.18 17.56 31.11
N LEU C 422 -4.74 16.36 30.97
CA LEU C 422 -4.77 15.71 29.66
C LEU C 422 -5.46 16.60 28.63
N VAL C 423 -6.57 17.20 29.03
CA VAL C 423 -7.23 18.18 28.17
C VAL C 423 -6.23 19.21 27.68
N GLN C 424 -5.24 19.55 28.51
CA GLN C 424 -4.23 20.51 28.09
C GLN C 424 -3.38 19.95 26.95
N PHE C 425 -2.98 18.68 27.06
CA PHE C 425 -2.26 18.06 25.95
C PHE C 425 -3.08 18.15 24.68
N PHE C 426 -4.40 17.97 24.82
CA PHE C 426 -5.28 18.14 23.63
C PHE C 426 -5.41 19.62 23.29
N ILE C 427 -6.47 20.26 23.78
CA ILE C 427 -6.72 21.71 23.46
C ILE C 427 -5.49 22.54 23.87
N GLY C 428 -4.85 23.25 22.94
CA GLY C 428 -3.62 24.04 23.21
C GLY C 428 -2.59 23.60 22.20
N LEU C 429 -2.64 22.33 21.84
CA LEU C 429 -1.79 21.74 20.79
C LEU C 429 -2.27 22.33 19.48
N HIS C 430 -3.56 22.14 19.20
CA HIS C 430 -4.17 22.75 18.00
C HIS C 430 -3.88 24.25 18.06
N CYS C 431 -3.92 24.79 19.29
CA CYS C 431 -3.64 26.24 19.48
C CYS C 431 -2.25 26.53 18.90
N GLN C 432 -1.29 25.62 19.13
CA GLN C 432 0.06 25.76 18.53
C GLN C 432 -0.10 25.60 17.01
N ALA C 433 -0.61 24.45 16.55
CA ALA C 433 -0.89 24.40 15.11
C ALA C 433 -1.49 25.72 14.64
N LEU C 434 -2.39 26.29 15.42
CA LEU C 434 -2.96 27.59 15.06
C LEU C 434 -1.86 28.65 14.99
N GLN C 435 -0.93 28.63 15.94
CA GLN C 435 0.17 29.59 15.91
C GLN C 435 0.99 29.45 14.63
N ASP C 436 1.25 28.21 14.21
CA ASP C 436 1.84 27.99 12.90
C ASP C 436 0.87 28.49 11.82
N LEU C 437 1.43 29.12 10.80
CA LEU C 437 0.63 29.72 9.73
C LEU C 437 -0.40 28.74 9.19
N SER C 467 -4.43 16.10 9.31
CA SER C 467 -3.50 17.12 9.76
C SER C 467 -4.13 17.98 10.85
N VAL C 468 -4.33 19.27 10.54
CA VAL C 468 -4.98 20.16 11.51
C VAL C 468 -6.39 19.66 11.81
N CYS C 469 -7.07 19.13 10.79
CA CYS C 469 -8.42 18.61 11.00
C CYS C 469 -8.44 17.46 12.00
N ILE C 470 -7.50 16.53 11.87
CA ILE C 470 -7.45 15.45 12.85
C ILE C 470 -7.27 16.02 14.25
N LEU C 471 -6.36 16.99 14.39
CA LEU C 471 -6.19 17.65 15.68
C LEU C 471 -7.48 18.37 16.10
N GLU C 472 -8.19 18.98 15.14
CA GLU C 472 -9.36 19.76 15.52
C GLU C 472 -10.46 18.88 16.13
N GLY C 473 -10.62 17.65 15.63
CA GLY C 473 -11.63 16.78 16.21
C GLY C 473 -11.34 16.46 17.67
N PHE C 474 -10.11 16.02 17.94
CA PHE C 474 -9.71 15.79 19.32
C PHE C 474 -9.84 17.06 20.15
N SER C 475 -9.49 18.21 19.56
CA SER C 475 -9.60 19.46 20.31
C SER C 475 -11.04 19.76 20.67
N VAL C 476 -11.96 19.54 19.73
CA VAL C 476 -13.37 19.79 19.99
C VAL C 476 -13.88 18.85 21.08
N THR C 477 -13.50 17.58 21.00
CA THR C 477 -13.89 16.64 22.05
C THR C 477 -13.36 17.08 23.40
N ALA C 478 -12.10 17.52 23.44
CA ALA C 478 -11.51 17.96 24.69
C ALA C 478 -12.25 19.18 25.23
N LEU C 479 -12.63 20.10 24.34
CA LEU C 479 -13.36 21.28 24.78
C LEU C 479 -14.72 20.88 25.36
N SER C 480 -15.38 19.90 24.75
CA SER C 480 -16.66 19.44 25.29
C SER C 480 -16.49 18.87 26.68
N ILE C 481 -15.49 17.99 26.86
CA ILE C 481 -15.23 17.44 28.18
C ILE C 481 -14.92 18.55 29.17
N LEU C 482 -14.15 19.55 28.73
CA LEU C 482 -13.82 20.68 29.59
C LEU C 482 -15.07 21.43 30.00
N GLN C 483 -16.00 21.59 29.06
CA GLN C 483 -17.26 22.26 29.37
C GLN C 483 -18.00 21.49 30.45
N HIS C 484 -18.11 20.17 30.30
CA HIS C 484 -18.78 19.39 31.33
C HIS C 484 -18.11 19.56 32.68
N LEU C 485 -16.79 19.44 32.71
CA LEU C 485 -16.07 19.57 33.98
C LEU C 485 -16.31 20.92 34.62
N VAL C 486 -16.16 21.99 33.83
CA VAL C 486 -16.36 23.34 34.36
C VAL C 486 -17.78 23.48 34.90
N CYS C 487 -18.76 22.99 34.16
CA CYS C 487 -20.15 23.16 34.59
C CYS C 487 -20.40 22.44 35.90
N HIS C 488 -19.97 21.19 36.00
CA HIS C 488 -20.42 20.34 37.09
C HIS C 488 -19.40 20.17 38.21
N SER C 489 -18.27 20.87 38.15
CA SER C 489 -17.32 20.68 39.29
C SER C 489 -17.03 21.99 40.03
N GLY C 490 -16.73 21.90 41.32
CA GLY C 490 -16.33 23.11 42.08
C GLY C 490 -14.83 23.19 42.14
N ALA C 491 -14.15 22.40 41.31
CA ALA C 491 -12.68 22.39 41.42
C ALA C 491 -12.08 23.12 40.23
N VAL C 492 -12.50 22.72 39.03
CA VAL C 492 -11.88 23.33 37.83
C VAL C 492 -12.15 24.85 37.91
N VAL C 493 -13.21 25.22 38.60
CA VAL C 493 -13.51 26.66 38.80
C VAL C 493 -12.50 27.17 39.83
N SER C 494 -12.30 26.41 40.90
CA SER C 494 -11.27 26.82 41.87
C SER C 494 -9.98 27.07 41.09
N LEU C 495 -9.80 26.38 39.96
CA LEU C 495 -8.60 26.65 39.16
C LEU C 495 -8.69 28.01 38.50
N LEU C 496 -9.87 28.33 37.98
CA LEU C 496 -10.11 29.69 37.50
C LEU C 496 -9.86 30.71 38.61
N LEU C 497 -10.34 30.41 39.82
CA LEU C 497 -10.15 31.30 40.95
C LEU C 497 -8.68 31.53 41.22
N SER C 498 -7.85 30.51 41.00
CA SER C 498 -6.42 30.67 41.12
C SER C 498 -5.93 31.67 40.08
N GLY C 499 -5.08 32.59 40.51
CA GLY C 499 -4.60 33.64 39.64
C GLY C 499 -3.37 34.35 40.14
N GLN C 533 -0.66 37.45 35.35
CA GLN C 533 -1.23 36.28 35.99
C GLN C 533 -0.73 34.99 35.34
N GLY C 534 -1.43 34.54 34.30
CA GLY C 534 -1.10 33.30 33.63
C GLY C 534 -1.56 32.05 34.34
N GLN C 535 -2.05 32.16 35.57
CA GLN C 535 -2.61 31.00 36.24
C GLN C 535 -3.83 30.51 35.47
N HIS C 536 -4.21 29.27 35.74
CA HIS C 536 -5.27 28.68 34.94
C HIS C 536 -4.82 28.77 33.48
N PRO C 537 -3.60 28.32 33.18
CA PRO C 537 -3.05 28.54 31.84
C PRO C 537 -3.92 27.98 30.74
N LEU C 538 -4.69 26.94 31.05
CA LEU C 538 -5.64 26.43 30.09
C LEU C 538 -6.60 27.52 29.64
N LEU C 539 -6.90 28.49 30.52
CA LEU C 539 -7.72 29.62 30.09
C LEU C 539 -6.99 30.48 29.10
N LYS C 540 -5.69 30.71 29.31
CA LYS C 540 -4.93 31.46 28.33
C LYS C 540 -4.99 30.78 26.98
N MET C 541 -4.78 29.46 26.95
CA MET C 541 -4.92 28.72 25.70
C MET C 541 -6.31 28.88 25.10
N LEU C 542 -7.34 28.78 25.93
CA LEU C 542 -8.72 28.92 25.45
C LEU C 542 -8.96 30.31 24.86
N LEU C 543 -8.46 31.35 25.54
CA LEU C 543 -8.64 32.72 25.08
C LEU C 543 -7.93 32.94 23.75
N HIS C 544 -6.70 32.44 23.63
CA HIS C 544 -6.03 32.50 22.33
C HIS C 544 -6.89 31.87 21.24
N LEU C 545 -7.41 30.67 21.51
CA LEU C 545 -8.19 29.97 20.49
C LEU C 545 -9.43 30.76 20.10
N LEU C 546 -10.14 31.29 21.10
CA LEU C 546 -11.37 32.03 20.80
C LEU C 546 -11.09 33.25 19.95
N ALA C 547 -10.07 34.02 20.31
CA ALA C 547 -9.74 35.20 19.51
C ALA C 547 -9.38 34.81 18.08
N PHE C 548 -8.60 33.76 17.92
CA PHE C 548 -8.22 33.31 16.58
C PHE C 548 -9.41 32.69 15.85
N SER C 549 -10.29 32.01 16.58
CA SER C 549 -11.42 31.35 15.96
C SER C 549 -12.30 32.35 15.22
N SER C 550 -12.59 33.49 15.85
CA SER C 550 -13.37 34.52 15.18
C SER C 550 -12.62 35.06 13.96
N ALA C 551 -11.31 35.23 14.08
CA ALA C 551 -10.55 35.85 12.99
C ALA C 551 -10.60 35.01 11.72
N ALA C 552 -10.45 33.69 11.85
CA ALA C 552 -10.40 32.79 10.71
C ALA C 552 -11.69 32.00 10.61
N THR C 553 -12.25 31.92 9.40
CA THR C 553 -13.53 31.26 9.16
C THR C 553 -13.25 29.89 8.53
N GLY C 554 -13.12 28.87 9.38
CA GLY C 554 -12.97 27.51 8.92
C GLY C 554 -14.07 26.62 9.47
N HIS C 555 -14.38 25.53 8.76
CA HIS C 555 -15.42 24.62 9.24
C HIS C 555 -15.13 24.15 10.65
N LEU C 556 -13.85 24.01 11.01
CA LEU C 556 -13.49 23.77 12.40
C LEU C 556 -13.63 25.04 13.23
N GLN C 557 -13.31 26.19 12.64
CA GLN C 557 -13.35 27.45 13.37
C GLN C 557 -14.74 27.75 13.90
N ALA C 558 -15.77 27.43 13.12
CA ALA C 558 -17.13 27.80 13.50
C ALA C 558 -17.49 27.25 14.88
N SER C 559 -17.27 25.95 15.09
CA SER C 559 -17.71 25.32 16.33
C SER C 559 -16.82 25.71 17.50
N VAL C 560 -15.50 25.63 17.30
CA VAL C 560 -14.55 25.89 18.39
C VAL C 560 -14.86 27.22 19.06
N LEU C 561 -15.21 28.22 18.26
CA LEU C 561 -15.60 29.52 18.82
C LEU C 561 -16.76 29.37 19.78
N THR C 562 -17.85 28.76 19.30
CA THR C 562 -19.00 28.50 20.16
C THR C 562 -18.58 27.88 21.47
N GLN C 563 -17.77 26.81 21.39
CA GLN C 563 -17.47 26.03 22.58
C GLN C 563 -16.67 26.84 23.58
N CYS C 564 -15.61 27.51 23.11
CA CYS C 564 -14.81 28.32 24.02
C CYS C 564 -15.66 29.40 24.67
N LEU C 565 -16.50 30.07 23.88
CA LEU C 565 -17.38 31.10 24.45
C LEU C 565 -18.25 30.52 25.54
N LYS C 566 -18.87 29.37 25.28
CA LYS C 566 -19.77 28.78 26.26
C LYS C 566 -19.04 28.44 27.54
N VAL C 567 -17.83 27.90 27.42
CA VAL C 567 -17.05 27.60 28.61
C VAL C 567 -16.83 28.87 29.43
N LEU C 568 -16.29 29.90 28.78
CA LEU C 568 -16.05 31.16 29.48
C LEU C 568 -17.30 31.63 30.19
N VAL C 569 -18.44 31.59 29.50
CA VAL C 569 -19.68 32.14 30.03
C VAL C 569 -20.14 31.36 31.25
N LYS C 570 -20.25 30.04 31.10
CA LYS C 570 -20.71 29.22 32.22
C LYS C 570 -19.84 29.45 33.44
N LEU C 571 -18.52 29.55 33.24
CA LEU C 571 -17.64 29.77 34.38
C LEU C 571 -17.90 31.14 35.00
N ALA C 572 -17.89 32.20 34.18
CA ALA C 572 -18.11 33.54 34.70
C ALA C 572 -19.41 33.64 35.47
N GLU C 573 -20.39 32.80 35.14
CA GLU C 573 -21.66 32.84 35.86
C GLU C 573 -21.46 32.69 37.36
N ASN C 574 -20.91 31.55 37.79
CA ASN C 574 -20.84 31.25 39.22
C ASN C 574 -19.79 32.08 39.95
N THR C 575 -18.78 32.59 39.23
CA THR C 575 -17.67 33.25 39.90
C THR C 575 -18.11 34.54 40.58
N SER C 576 -17.29 35.00 41.51
CA SER C 576 -17.54 36.23 42.24
C SER C 576 -17.20 37.44 41.38
N CYS C 577 -17.58 38.62 41.87
CA CYS C 577 -17.28 39.86 41.14
C CYS C 577 -15.78 40.04 40.98
N ASP C 578 -15.03 39.89 42.07
CA ASP C 578 -13.57 39.99 41.96
C ASP C 578 -13.01 38.97 40.99
N PHE C 579 -13.63 37.79 40.91
CA PHE C 579 -13.17 36.76 39.99
C PHE C 579 -13.57 37.03 38.55
N LEU C 580 -14.53 37.95 38.38
CA LEU C 580 -14.95 38.35 37.02
C LEU C 580 -13.98 39.42 36.52
N PRO C 581 -13.12 40.00 37.38
CA PRO C 581 -12.13 40.95 36.87
C PRO C 581 -11.10 40.20 36.05
N ARG C 582 -11.06 38.87 36.17
CA ARG C 582 -10.14 38.05 35.34
C ARG C 582 -10.80 37.91 33.96
N PHE C 583 -11.93 37.22 33.89
CA PHE C 583 -12.71 37.15 32.66
C PHE C 583 -12.68 38.46 31.89
N GLN C 584 -12.28 39.56 32.55
CA GLN C 584 -12.21 40.84 31.86
C GLN C 584 -11.44 40.73 30.54
N CYS C 585 -10.38 39.92 30.51
CA CYS C 585 -9.59 39.79 29.30
C CYS C 585 -10.43 39.30 28.12
N VAL C 586 -11.46 38.50 28.41
CA VAL C 586 -12.30 37.97 27.34
C VAL C 586 -13.02 39.10 26.61
N PHE C 587 -13.27 40.21 27.31
CA PHE C 587 -14.04 41.30 26.72
C PHE C 587 -13.40 41.80 25.42
N GLN C 588 -12.08 41.94 25.40
CA GLN C 588 -11.40 42.43 24.21
C GLN C 588 -11.55 41.46 23.05
N VAL C 589 -11.34 40.18 23.31
CA VAL C 589 -11.42 39.18 22.25
C VAL C 589 -12.86 38.99 21.80
N LEU C 590 -13.82 39.14 22.73
CA LEU C 590 -15.22 38.94 22.37
C LEU C 590 -15.69 39.85 21.25
N PRO C 591 -15.11 41.05 21.05
CA PRO C 591 -15.66 41.94 20.00
C PRO C 591 -15.72 41.29 18.64
N LYS C 592 -14.68 40.55 18.24
CA LYS C 592 -14.68 39.90 16.94
C LYS C 592 -15.83 38.91 16.80
N CYS C 593 -16.19 38.25 17.91
CA CYS C 593 -17.16 37.16 17.83
C CYS C 593 -18.53 37.65 17.38
N LEU C 594 -18.92 38.86 17.79
CA LEU C 594 -20.27 39.33 17.51
C LEU C 594 -20.52 39.48 16.01
N SER C 595 -19.51 39.89 15.26
CA SER C 595 -19.71 40.24 13.86
C SER C 595 -20.27 39.04 13.09
N PRO C 596 -21.16 39.27 12.10
CA PRO C 596 -21.74 38.17 11.32
C PRO C 596 -20.71 37.17 10.81
N GLU C 597 -19.55 37.66 10.37
CA GLU C 597 -18.52 36.77 9.87
C GLU C 597 -18.23 35.64 10.86
N THR C 598 -18.39 35.91 12.15
CA THR C 598 -18.21 34.87 13.16
C THR C 598 -19.41 33.93 13.17
N PRO C 599 -19.22 32.69 13.61
CA PRO C 599 -20.31 31.71 13.58
C PRO C 599 -21.56 32.22 14.28
N LEU C 600 -22.71 32.02 13.63
CA LEU C 600 -23.99 32.30 14.25
C LEU C 600 -24.14 31.63 15.61
N PRO C 601 -23.95 30.32 15.73
CA PRO C 601 -23.99 29.71 17.07
C PRO C 601 -23.02 30.37 18.02
N SER C 602 -21.88 30.84 17.52
CA SER C 602 -20.95 31.59 18.35
C SER C 602 -21.50 32.99 18.65
N VAL C 603 -22.29 33.55 17.74
CA VAL C 603 -22.87 34.86 17.99
C VAL C 603 -23.95 34.78 19.06
N LEU C 604 -24.66 33.66 19.14
CA LEU C 604 -25.68 33.52 20.17
C LEU C 604 -25.06 33.40 21.55
N LEU C 605 -24.09 32.49 21.70
CA LEU C 605 -23.30 32.46 22.92
C LEU C 605 -22.69 33.82 23.19
N ALA C 606 -22.36 34.56 22.12
CA ALA C 606 -21.86 35.91 22.27
C ALA C 606 -22.87 36.79 23.00
N VAL C 607 -24.11 36.82 22.51
CA VAL C 607 -25.18 37.59 23.11
C VAL C 607 -25.32 37.21 24.58
N GLU C 608 -25.26 35.90 24.86
CA GLU C 608 -25.32 35.44 26.23
C GLU C 608 -24.21 36.08 27.07
N LEU C 609 -22.97 35.96 26.60
CA LEU C 609 -21.84 36.53 27.32
C LEU C 609 -21.91 38.04 27.41
N LEU C 610 -22.61 38.69 26.49
CA LEU C 610 -22.76 40.14 26.56
C LEU C 610 -23.74 40.52 27.66
N SER C 611 -24.84 39.78 27.77
CA SER C 611 -25.69 39.92 28.94
C SER C 611 -24.88 39.74 30.22
N LEU C 612 -24.06 38.69 30.27
CA LEU C 612 -23.23 38.46 31.42
C LEU C 612 -22.30 39.64 31.69
N LEU C 613 -21.72 40.19 30.62
CA LEU C 613 -20.86 41.36 30.74
C LEU C 613 -21.61 42.49 31.43
N ALA C 614 -22.79 42.83 30.92
CA ALA C 614 -23.59 43.87 31.57
C ALA C 614 -23.84 43.52 33.03
N ASP C 615 -23.82 42.22 33.38
CA ASP C 615 -23.94 41.86 34.79
C ASP C 615 -22.67 42.22 35.56
N HIS C 616 -21.50 42.12 34.92
CA HIS C 616 -20.23 42.45 35.57
C HIS C 616 -20.02 43.96 35.60
N ASP C 617 -19.42 44.45 36.68
CA ASP C 617 -19.20 45.89 36.79
C ASP C 617 -18.08 46.36 35.86
N GLN C 618 -17.01 45.57 35.73
CA GLN C 618 -15.96 45.94 34.80
C GLN C 618 -16.38 45.69 33.35
N LEU C 619 -17.23 44.70 33.11
CA LEU C 619 -17.66 44.39 31.75
C LEU C 619 -18.65 45.44 31.23
N ALA C 620 -19.50 45.97 32.10
CA ALA C 620 -20.44 47.02 31.68
C ALA C 620 -19.76 48.15 30.94
N PRO C 621 -18.86 48.87 31.66
CA PRO C 621 -18.20 50.01 31.05
C PRO C 621 -17.66 49.53 29.74
N GLN C 622 -17.17 48.29 29.70
CA GLN C 622 -16.54 47.75 28.49
C GLN C 622 -17.58 47.72 27.35
N LEU C 623 -18.83 47.33 27.68
CA LEU C 623 -19.92 47.23 26.68
C LEU C 623 -20.18 48.59 26.05
N CYS C 624 -20.11 49.70 26.80
CA CYS C 624 -20.18 51.05 26.19
C CYS C 624 -19.02 51.90 26.73
N SER C 625 -17.82 51.60 26.25
CA SER C 625 -16.62 52.35 26.67
C SER C 625 -16.15 53.20 25.49
N HIS C 626 -16.21 52.67 24.26
CA HIS C 626 -15.59 53.42 23.13
C HIS C 626 -16.42 54.62 22.69
N SER C 627 -15.75 55.69 22.29
CA SER C 627 -16.46 56.86 21.70
C SER C 627 -17.14 56.39 20.41
N GLU C 628 -16.46 55.54 19.63
CA GLU C 628 -17.01 55.04 18.33
C GLU C 628 -17.41 53.58 18.51
N GLY C 629 -18.66 53.26 18.19
CA GLY C 629 -19.19 51.92 18.41
C GLY C 629 -19.58 51.80 19.85
N CYS C 630 -18.58 51.84 20.73
CA CYS C 630 -18.75 51.55 22.17
C CYS C 630 -18.31 50.09 22.40
N LEU C 631 -18.10 49.32 21.33
CA LEU C 631 -17.79 47.87 21.44
C LEU C 631 -19.11 47.11 21.63
N LEU C 632 -20.24 47.80 21.47
CA LEU C 632 -21.60 47.21 21.61
C LEU C 632 -22.41 47.74 20.44
N LEU C 633 -23.53 47.08 20.13
CA LEU C 633 -24.40 47.43 18.99
C LEU C 633 -23.99 46.56 17.81
N LEU C 634 -22.85 45.86 17.91
CA LEU C 634 -22.54 44.84 16.90
C LEU C 634 -23.67 43.82 17.12
N LEU C 635 -24.00 43.57 18.40
CA LEU C 635 -25.10 42.64 18.78
C LEU C 635 -26.43 43.19 18.26
N TYR C 636 -26.64 44.50 18.39
CA TYR C 636 -27.93 45.11 17.99
C TYR C 636 -28.07 44.85 16.52
N MET C 637 -26.96 44.98 15.79
CA MET C 637 -26.99 44.85 14.31
C MET C 637 -27.20 43.40 13.85
N TYR C 638 -26.85 42.36 14.61
CA TYR C 638 -26.92 40.98 14.12
C TYR C 638 -28.35 40.49 14.13
N ILE C 639 -29.12 40.89 15.15
CA ILE C 639 -30.54 40.53 15.20
C ILE C 639 -31.29 41.21 14.06
N THR C 640 -31.02 42.50 13.82
CA THR C 640 -31.74 43.23 12.80
C THR C 640 -31.45 42.67 11.41
N SER C 641 -30.18 42.43 11.10
CA SER C 641 -29.74 41.84 9.85
C SER C 641 -29.13 40.48 10.14
N ARG C 642 -29.71 39.43 9.56
CA ARG C 642 -29.35 38.06 9.89
C ARG C 642 -28.44 37.48 8.82
N PRO C 643 -27.16 37.27 9.13
CA PRO C 643 -26.24 36.73 8.12
C PRO C 643 -26.16 35.20 8.08
N ASP C 644 -27.29 34.50 8.06
CA ASP C 644 -27.28 33.06 8.00
C ASP C 644 -28.10 32.57 6.81
N ARG C 645 -27.49 31.73 5.98
CA ARG C 645 -28.22 31.08 4.90
C ARG C 645 -29.32 30.19 5.44
N VAL C 646 -29.01 29.40 6.47
CA VAL C 646 -30.04 28.57 7.10
C VAL C 646 -31.19 29.43 7.58
N ALA C 647 -30.87 30.52 8.29
CA ALA C 647 -31.86 31.52 8.68
C ALA C 647 -33.11 30.89 9.29
N LEU C 648 -32.90 29.86 10.09
CA LEU C 648 -34.01 29.28 10.84
C LEU C 648 -34.62 30.35 11.73
N GLU C 649 -35.94 30.50 11.64
CA GLU C 649 -36.61 31.56 12.40
C GLU C 649 -36.33 31.42 13.89
N THR C 650 -36.23 30.19 14.39
CA THR C 650 -36.04 29.99 15.82
C THR C 650 -34.57 30.13 16.19
N GLN C 651 -33.91 31.16 15.68
CA GLN C 651 -32.58 31.52 16.17
C GLN C 651 -32.48 33.02 16.40
N TRP C 652 -33.08 33.80 15.50
CA TRP C 652 -33.02 35.25 15.63
C TRP C 652 -33.86 35.71 16.81
N LEU C 653 -35.01 35.08 17.01
CA LEU C 653 -35.79 35.31 18.22
C LEU C 653 -34.96 35.04 19.46
N GLN C 654 -34.20 33.95 19.46
CA GLN C 654 -33.38 33.61 20.62
C GLN C 654 -32.32 34.69 20.85
N LEU C 655 -31.65 35.12 19.80
CA LEU C 655 -30.65 36.17 19.93
C LEU C 655 -31.27 37.43 20.54
N GLU C 656 -32.35 37.91 19.93
CA GLU C 656 -32.99 39.12 20.43
C GLU C 656 -33.51 38.95 21.85
N GLN C 657 -33.95 37.74 22.21
CA GLN C 657 -34.49 37.51 23.54
C GLN C 657 -33.39 37.54 24.58
N GLU C 658 -32.26 36.90 24.29
CA GLU C 658 -31.10 37.02 25.16
C GLU C 658 -30.72 38.49 25.33
N VAL C 659 -30.74 39.25 24.23
CA VAL C 659 -30.37 40.66 24.31
C VAL C 659 -31.38 41.43 25.15
N VAL C 660 -32.65 41.05 25.07
CA VAL C 660 -33.68 41.76 25.82
C VAL C 660 -33.55 41.47 27.30
N TRP C 661 -33.27 40.20 27.65
CA TRP C 661 -32.95 39.88 29.02
C TRP C 661 -31.74 40.68 29.50
N LEU C 662 -30.74 40.82 28.63
CA LEU C 662 -29.59 41.66 28.96
C LEU C 662 -30.00 43.09 29.27
N LEU C 663 -30.90 43.66 28.46
CA LEU C 663 -31.30 45.04 28.67
C LEU C 663 -32.07 45.20 29.98
N ALA C 664 -33.05 44.32 30.20
CA ALA C 664 -33.79 44.36 31.45
C ALA C 664 -32.85 44.19 32.65
N LYS C 665 -31.81 43.36 32.48
CA LYS C 665 -30.86 43.15 33.56
C LYS C 665 -30.02 44.41 33.80
N LEU C 666 -29.59 45.07 32.72
CA LEU C 666 -28.85 46.32 32.88
C LEU C 666 -29.70 47.36 33.59
N GLY C 667 -31.00 47.41 33.27
CA GLY C 667 -31.88 48.31 33.97
C GLY C 667 -31.96 47.98 35.44
N VAL C 668 -32.33 46.73 35.74
CA VAL C 668 -32.50 46.30 37.12
C VAL C 668 -31.24 46.57 37.93
N GLN C 669 -30.07 46.35 37.32
CA GLN C 669 -28.83 46.37 38.08
C GLN C 669 -28.48 47.77 38.55
N SER C 670 -28.88 48.81 37.81
CA SER C 670 -28.52 50.18 38.17
C SER C 670 -28.88 50.50 39.62
N CYS C 680 -23.54 57.32 23.84
CA CYS C 680 -23.07 56.88 22.52
C CYS C 680 -24.11 56.90 21.45
N GLN C 681 -23.75 56.52 20.20
CA GLN C 681 -24.73 56.22 19.13
C GLN C 681 -25.12 54.73 19.33
N CYS C 682 -24.28 53.90 19.96
CA CYS C 682 -24.59 52.49 20.33
C CYS C 682 -25.77 52.36 21.31
N ASN C 683 -25.85 53.23 22.31
CA ASN C 683 -26.99 53.25 23.26
C ASN C 683 -28.24 53.36 22.40
N VAL C 684 -28.17 54.16 21.33
CA VAL C 684 -29.38 54.39 20.47
C VAL C 684 -29.80 53.13 19.69
N GLU C 685 -28.90 52.21 19.31
CA GLU C 685 -29.30 51.12 18.42
C GLU C 685 -30.13 50.08 19.15
N VAL C 686 -29.91 49.93 20.46
CA VAL C 686 -30.64 48.93 21.22
C VAL C 686 -32.14 49.20 21.17
N VAL C 687 -32.53 50.48 21.23
CA VAL C 687 -33.95 50.82 21.28
C VAL C 687 -34.63 50.46 19.96
N ARG C 688 -34.05 50.91 18.84
CA ARG C 688 -34.64 50.61 17.54
C ARG C 688 -34.62 49.12 17.25
N ALA C 689 -33.55 48.43 17.67
CA ALA C 689 -33.50 46.98 17.50
C ALA C 689 -34.58 46.30 18.34
N LEU C 690 -34.84 46.83 19.53
CA LEU C 690 -35.92 46.29 20.35
C LEU C 690 -37.27 46.49 19.68
N THR C 691 -37.46 47.65 19.05
CA THR C 691 -38.66 47.85 18.26
C THR C 691 -38.78 46.79 17.16
N VAL C 692 -37.71 46.60 16.40
CA VAL C 692 -37.72 45.63 15.31
C VAL C 692 -38.07 44.25 15.84
N MET C 693 -37.46 43.86 16.96
CA MET C 693 -37.74 42.54 17.53
C MET C 693 -39.18 42.44 18.01
N LEU C 694 -39.67 43.48 18.68
CA LEU C 694 -41.08 43.53 19.07
C LEU C 694 -41.97 43.24 17.88
N HIS C 695 -41.62 43.78 16.72
CA HIS C 695 -42.39 43.45 15.52
C HIS C 695 -42.20 41.99 15.13
N ARG C 696 -40.95 41.55 15.03
CA ARG C 696 -40.66 40.19 14.60
C ARG C 696 -41.40 39.17 15.45
N GLN C 697 -41.20 39.20 16.77
CA GLN C 697 -41.95 38.32 17.65
C GLN C 697 -43.45 38.52 17.48
N TRP C 698 -43.87 39.73 17.12
CA TRP C 698 -45.30 40.00 16.93
C TRP C 698 -45.86 39.26 15.73
N LEU C 699 -45.11 39.27 14.62
CA LEU C 699 -45.62 38.67 13.38
C LEU C 699 -45.96 37.19 13.58
N THR C 700 -45.03 36.43 14.15
CA THR C 700 -45.23 34.99 14.28
C THR C 700 -46.54 34.67 15.00
N VAL C 701 -46.86 35.44 16.04
CA VAL C 701 -48.08 35.16 16.79
C VAL C 701 -49.31 35.73 16.08
N ARG C 702 -49.16 36.87 15.40
CA ARG C 702 -50.31 37.53 14.81
C ARG C 702 -50.97 36.67 13.74
N ARG C 703 -50.15 36.06 12.87
CA ARG C 703 -50.71 35.33 11.73
C ARG C 703 -51.57 34.15 12.20
N ALA C 704 -51.03 33.36 13.13
CA ALA C 704 -51.80 32.22 13.65
C ALA C 704 -52.95 32.70 14.54
N GLY C 705 -52.74 33.78 15.27
CA GLY C 705 -53.71 34.27 16.22
C GLY C 705 -53.71 33.48 17.51
N GLY C 706 -54.19 34.12 18.57
CA GLY C 706 -54.26 33.50 19.87
C GLY C 706 -52.90 33.31 20.51
N PRO C 707 -52.78 32.51 21.61
CA PRO C 707 -51.50 32.38 22.31
C PRO C 707 -50.51 31.44 21.65
N PRO C 708 -49.50 30.94 22.38
CA PRO C 708 -48.46 30.15 21.72
C PRO C 708 -48.66 28.66 21.69
N ARG C 709 -48.71 28.08 20.49
CA ARG C 709 -48.77 26.59 20.39
C ARG C 709 -47.33 26.08 20.51
N THR C 710 -46.39 26.93 20.92
CA THR C 710 -44.97 26.55 21.02
C THR C 710 -44.38 27.24 22.24
N ASP C 711 -43.56 26.52 23.00
CA ASP C 711 -42.89 27.15 24.16
C ASP C 711 -41.96 28.23 23.62
N GLN C 712 -41.18 27.90 22.59
CA GLN C 712 -40.40 28.95 21.95
C GLN C 712 -41.29 30.07 21.44
N GLN C 713 -42.53 29.76 21.06
CA GLN C 713 -43.47 30.81 20.70
C GLN C 713 -43.91 31.59 21.95
N ARG C 714 -44.12 30.89 23.06
CA ARG C 714 -44.35 31.58 24.32
C ARG C 714 -43.15 32.44 24.71
N ARG C 715 -41.94 32.00 24.36
CA ARG C 715 -40.75 32.80 24.66
C ARG C 715 -40.67 34.02 23.75
N THR C 716 -41.11 33.87 22.50
CA THR C 716 -41.23 35.03 21.62
C THR C 716 -42.24 36.03 22.16
N VAL C 717 -43.34 35.53 22.72
CA VAL C 717 -44.33 36.41 23.34
C VAL C 717 -43.73 37.09 24.58
N ARG C 718 -42.97 36.35 25.36
CA ARG C 718 -42.30 36.94 26.51
C ARG C 718 -41.34 38.03 26.07
N CYS C 719 -40.58 37.79 25.00
CA CYS C 719 -39.70 38.82 24.47
C CYS C 719 -40.52 40.00 23.97
N LEU C 720 -41.72 39.75 23.46
CA LEU C 720 -42.61 40.83 23.06
C LEU C 720 -42.96 41.72 24.25
N ARG C 721 -43.51 41.12 25.30
CA ARG C 721 -43.89 41.88 26.48
C ARG C 721 -42.68 42.58 27.09
N ASP C 722 -41.56 41.87 27.18
CA ASP C 722 -40.34 42.47 27.67
C ASP C 722 -39.89 43.62 26.79
N THR C 723 -40.15 43.53 25.48
CA THR C 723 -39.74 44.60 24.58
C THR C 723 -40.59 45.84 24.79
N VAL C 724 -41.90 45.67 24.99
CA VAL C 724 -42.74 46.83 25.26
C VAL C 724 -42.33 47.47 26.59
N LEU C 725 -42.09 46.64 27.61
CA LEU C 725 -41.67 47.19 28.90
C LEU C 725 -40.30 47.85 28.80
N LEU C 726 -39.40 47.27 28.01
CA LEU C 726 -38.04 47.80 27.91
C LEU C 726 -38.01 49.07 27.08
N LEU C 727 -38.87 49.17 26.08
CA LEU C 727 -39.01 50.43 25.35
C LEU C 727 -39.63 51.50 26.25
N HIS C 728 -40.53 51.10 27.16
CA HIS C 728 -41.01 52.06 28.14
C HIS C 728 -39.86 52.53 29.04
N GLY C 729 -39.11 51.60 29.60
CA GLY C 729 -37.96 52.06 30.39
C GLY C 729 -37.12 52.97 29.51
N LEU C 730 -36.98 52.59 28.24
CA LEU C 730 -36.18 53.41 27.29
C LEU C 730 -36.94 54.71 27.00
N SER C 731 -38.27 54.70 27.16
CA SER C 731 -39.02 55.97 27.01
C SER C 731 -38.66 56.87 28.19
N GLN C 732 -38.60 56.28 29.39
CA GLN C 732 -38.21 57.08 30.57
C GLN C 732 -36.72 57.42 30.41
N LYS C 733 -35.98 56.53 29.74
CA LYS C 733 -34.50 56.73 29.61
C LYS C 733 -34.27 57.77 28.51
N ASP C 734 -33.08 58.38 28.48
CA ASP C 734 -32.83 59.48 27.50
C ASP C 734 -34.18 60.12 27.23
N LYS C 735 -34.81 60.69 28.26
CA LYS C 735 -36.16 61.30 28.15
C LYS C 735 -36.48 61.68 26.70
N LEU C 736 -35.51 62.26 25.98
CA LEU C 736 -35.83 62.73 24.64
C LEU C 736 -35.83 61.54 23.66
N PHE C 737 -36.66 60.55 24.03
CA PHE C 737 -36.78 59.33 23.26
C PHE C 737 -37.17 59.62 21.81
N MET C 738 -38.04 60.61 21.61
CA MET C 738 -38.65 60.80 20.30
C MET C 738 -37.63 61.18 19.25
N MET C 739 -36.61 61.97 19.62
CA MET C 739 -35.69 62.48 18.61
C MET C 739 -34.97 61.33 17.90
N HIS C 740 -34.45 60.37 18.66
CA HIS C 740 -33.81 59.21 18.06
C HIS C 740 -34.83 58.20 17.55
N CYS C 741 -36.05 58.20 18.11
CA CYS C 741 -37.02 57.21 17.68
C CYS C 741 -37.57 57.51 16.29
N VAL C 742 -37.81 58.79 15.98
CA VAL C 742 -38.62 59.16 14.82
C VAL C 742 -38.23 58.36 13.58
N GLU C 743 -36.92 58.22 13.33
CA GLU C 743 -36.47 57.65 12.06
C GLU C 743 -37.02 56.25 11.86
N VAL C 744 -37.07 55.44 12.91
CA VAL C 744 -37.62 54.09 12.83
C VAL C 744 -39.04 54.11 13.40
N LEU C 745 -39.53 55.32 13.68
CA LEU C 745 -40.77 55.47 14.44
C LEU C 745 -41.96 54.88 13.71
N HIS C 746 -42.00 54.95 12.39
CA HIS C 746 -43.14 54.38 11.67
C HIS C 746 -43.19 52.86 11.85
N GLN C 747 -42.07 52.20 11.59
CA GLN C 747 -42.01 50.75 11.77
C GLN C 747 -42.33 50.36 13.20
N PHE C 748 -41.89 51.17 14.16
CA PHE C 748 -42.15 50.83 15.56
C PHE C 748 -43.61 51.06 15.93
N ASP C 749 -44.20 52.14 15.42
CA ASP C 749 -45.59 52.47 15.72
C ASP C 749 -46.53 51.43 15.14
N GLN C 750 -46.17 50.85 14.00
CA GLN C 750 -46.96 49.76 13.46
C GLN C 750 -47.10 48.62 14.46
N VAL C 751 -46.01 48.29 15.17
CA VAL C 751 -46.01 47.10 16.01
C VAL C 751 -46.57 47.39 17.40
N MET C 752 -46.28 48.57 17.95
CA MET C 752 -46.55 48.81 19.36
C MET C 752 -48.00 48.61 19.78
N PRO C 753 -49.00 49.21 19.14
CA PRO C 753 -50.34 49.22 19.73
C PRO C 753 -51.09 47.90 19.58
N GLY C 754 -50.84 47.20 18.49
CA GLY C 754 -51.39 45.87 18.35
C GLY C 754 -50.87 44.93 19.43
N VAL C 755 -49.58 45.04 19.75
CA VAL C 755 -49.06 44.26 20.87
C VAL C 755 -49.63 44.78 22.17
N SER C 756 -49.98 46.06 22.23
CA SER C 756 -50.70 46.56 23.41
C SER C 756 -52.00 45.80 23.60
N MET C 757 -52.79 45.67 22.53
CA MET C 757 -54.00 44.88 22.59
C MET C 757 -53.71 43.44 23.00
N LEU C 758 -52.73 42.82 22.34
CA LEU C 758 -52.41 41.42 22.64
C LEU C 758 -52.01 41.24 24.10
N ILE C 759 -51.24 42.19 24.65
CA ILE C 759 -50.79 42.09 26.02
C ILE C 759 -51.95 42.28 26.98
N ARG C 760 -52.88 43.18 26.63
CA ARG C 760 -54.08 43.30 27.44
C ARG C 760 -54.90 42.01 27.41
N GLY C 761 -54.88 41.31 26.28
CA GLY C 761 -55.65 40.08 26.19
C GLY C 761 -55.21 39.02 27.19
N LEU C 762 -53.90 38.81 27.30
CA LEU C 762 -53.40 37.76 28.17
C LEU C 762 -53.70 38.09 29.64
N PRO C 763 -54.11 37.10 30.43
CA PRO C 763 -54.32 37.38 31.86
C PRO C 763 -53.04 37.69 32.62
N ASP C 764 -51.91 37.16 32.15
CA ASP C 764 -50.68 37.21 32.94
C ASP C 764 -50.09 38.62 33.02
N VAL C 765 -50.31 39.44 31.99
CA VAL C 765 -49.61 40.72 31.88
C VAL C 765 -49.73 41.50 33.19
N THR C 766 -48.60 42.03 33.65
CA THR C 766 -48.54 42.70 34.94
C THR C 766 -49.08 44.13 34.84
N ASP C 767 -49.45 44.68 36.00
CA ASP C 767 -49.88 46.07 36.05
C ASP C 767 -48.73 47.02 35.75
N CYS C 768 -47.51 46.65 36.15
CA CYS C 768 -46.35 47.49 35.82
C CYS C 768 -46.04 47.41 34.33
N GLU C 769 -45.96 46.19 33.79
CA GLU C 769 -45.92 46.04 32.35
C GLU C 769 -47.11 46.72 31.70
N GLU C 770 -48.23 46.83 32.40
CA GLU C 770 -49.43 47.46 31.86
C GLU C 770 -49.27 48.97 31.76
N ALA C 771 -48.66 49.60 32.75
CA ALA C 771 -48.38 51.04 32.64
C ALA C 771 -47.36 51.30 31.55
N ALA C 772 -46.30 50.49 31.50
CA ALA C 772 -45.38 50.56 30.37
C ALA C 772 -46.15 50.56 29.07
N LEU C 773 -46.97 49.52 28.84
CA LEU C 773 -47.86 49.45 27.70
C LEU C 773 -48.66 50.74 27.51
N ASP C 774 -49.18 51.28 28.62
CA ASP C 774 -49.98 52.50 28.55
C ASP C 774 -49.22 53.62 27.85
N ASP C 775 -47.94 53.77 28.17
CA ASP C 775 -47.15 54.82 27.51
C ASP C 775 -47.36 54.77 26.00
N LEU C 776 -47.18 53.60 25.40
CA LEU C 776 -47.37 53.45 23.96
C LEU C 776 -48.59 52.57 23.67
N GLN D 308 -23.02 0.48 46.72
CA GLN D 308 -22.43 1.63 46.08
C GLN D 308 -20.95 1.42 45.81
N GLY D 309 -20.56 0.17 45.60
CA GLY D 309 -19.17 -0.18 45.42
C GLY D 309 -18.54 0.32 44.14
N SER D 310 -19.01 -0.18 42.99
CA SER D 310 -18.45 0.21 41.69
C SER D 310 -17.02 -0.26 41.52
N ILE D 311 -16.60 -1.18 42.40
CA ILE D 311 -15.28 -1.78 42.26
C ILE D 311 -15.09 -2.28 40.84
N LEU D 312 -16.11 -2.96 40.30
CA LEU D 312 -16.03 -3.45 38.94
C LEU D 312 -15.73 -2.32 37.96
N ILE D 313 -16.39 -1.18 38.13
CA ILE D 313 -16.21 -0.09 37.18
C ILE D 313 -14.79 0.44 37.24
N ASN D 314 -14.27 0.60 38.45
CA ASN D 314 -12.90 1.06 38.58
C ASN D 314 -11.93 0.07 37.97
N LEU D 315 -12.14 -1.23 38.22
CA LEU D 315 -11.29 -2.24 37.62
C LEU D 315 -11.34 -2.16 36.11
N LEU D 316 -12.54 -2.00 35.55
CA LEU D 316 -12.72 -2.08 34.10
C LEU D 316 -12.09 -0.88 33.41
N LEU D 317 -12.38 0.30 33.89
CA LEU D 317 -11.85 1.52 33.32
C LEU D 317 -10.83 2.10 34.28
N LYS D 318 -9.57 2.00 33.91
CA LYS D 318 -8.44 2.41 34.74
C LYS D 318 -7.19 2.30 33.88
N GLN D 319 -6.03 2.48 34.48
CA GLN D 319 -4.80 2.13 33.81
C GLN D 319 -4.95 0.73 33.21
N PRO D 320 -4.37 0.47 32.04
CA PRO D 320 -4.58 -0.84 31.40
C PRO D 320 -4.15 -1.98 32.31
N LEU D 321 -5.08 -2.90 32.57
CA LEU D 321 -4.80 -4.01 33.46
C LEU D 321 -3.62 -4.84 32.97
N ILE D 322 -3.53 -5.03 31.66
CA ILE D 322 -2.47 -5.86 31.08
C ILE D 322 -1.13 -5.16 31.26
N PRO D 323 -0.16 -5.78 31.91
CA PRO D 323 1.21 -5.27 31.84
C PRO D 323 1.72 -5.31 30.41
N GLY D 324 2.63 -4.41 30.09
CA GLY D 324 3.09 -4.30 28.72
C GLY D 324 2.03 -3.70 27.82
N SER D 325 1.43 -4.54 26.97
CA SER D 325 0.35 -4.08 26.09
C SER D 325 -0.70 -3.33 26.90
N SER D 326 -1.07 -2.15 26.41
CA SER D 326 -2.00 -1.27 27.12
C SER D 326 -3.46 -1.53 26.79
N LEU D 327 -3.70 -2.53 25.93
CA LEU D 327 -5.10 -2.90 25.57
C LEU D 327 -5.82 -3.29 26.87
N SER D 328 -6.76 -2.47 27.32
CA SER D 328 -7.57 -2.79 28.52
C SER D 328 -8.95 -2.16 28.29
N LEU D 329 -10.05 -2.74 28.81
CA LEU D 329 -11.45 -2.29 28.54
C LEU D 329 -11.53 -0.82 28.14
N CYS D 330 -10.95 0.04 28.94
CA CYS D 330 -10.96 1.47 28.55
C CYS D 330 -10.76 1.57 27.04
N HIS D 331 -9.59 1.18 26.55
CA HIS D 331 -9.34 1.19 25.09
C HIS D 331 -10.49 0.44 24.40
N LEU D 332 -10.82 -0.79 24.82
CA LEU D 332 -12.00 -1.49 24.24
C LEU D 332 -13.07 -0.44 23.89
N LEU D 333 -13.49 0.37 24.87
CA LEU D 333 -14.56 1.34 24.63
C LEU D 333 -14.14 2.37 23.59
N SER D 334 -12.91 2.83 23.65
CA SER D 334 -12.39 3.81 22.72
C SER D 334 -11.74 3.18 21.49
N SER D 335 -11.66 1.85 21.44
CA SER D 335 -10.97 1.18 20.35
C SER D 335 -11.61 1.55 19.01
N SER D 336 -10.76 1.90 18.05
CA SER D 336 -11.21 2.26 16.72
C SER D 336 -11.59 1.02 15.92
N SER D 337 -12.28 1.24 14.79
CA SER D 337 -12.69 0.13 13.95
C SER D 337 -11.50 -0.50 13.23
N GLU D 338 -10.55 0.32 12.78
CA GLU D 338 -9.39 -0.21 12.09
C GLU D 338 -8.50 -1.01 13.04
N SER D 339 -8.37 -0.57 14.28
CA SER D 339 -7.54 -1.25 15.26
C SER D 339 -8.14 -1.16 16.66
N GLY D 368 -18.46 -11.98 8.46
CA GLY D 368 -19.90 -11.96 8.32
C GLY D 368 -20.63 -11.73 9.63
N SER D 369 -20.84 -12.81 10.39
CA SER D 369 -21.52 -12.69 11.67
C SER D 369 -20.80 -11.68 12.58
N PHE D 370 -19.47 -11.69 12.56
CA PHE D 370 -18.69 -10.75 13.37
C PHE D 370 -18.38 -9.51 12.52
N SER D 371 -19.44 -8.77 12.22
CA SER D 371 -19.31 -7.55 11.45
C SER D 371 -18.50 -6.51 12.21
N LEU D 372 -17.78 -5.68 11.46
CA LEU D 372 -17.02 -4.59 12.08
C LEU D 372 -17.94 -3.66 12.86
N SER D 373 -19.10 -3.32 12.28
CA SER D 373 -20.05 -2.46 12.98
C SER D 373 -20.56 -3.13 14.24
N ALA D 374 -20.74 -4.45 14.21
CA ALA D 374 -21.12 -5.17 15.43
C ALA D 374 -20.03 -5.07 16.48
N LEU D 375 -18.76 -5.06 16.04
CA LEU D 375 -17.66 -4.80 16.96
C LEU D 375 -17.79 -3.43 17.61
N ARG D 376 -17.96 -2.40 16.78
CA ARG D 376 -18.18 -1.06 17.31
C ARG D 376 -19.35 -1.05 18.29
N GLU D 377 -20.40 -1.80 17.98
CA GLU D 377 -21.58 -1.79 18.83
C GLU D 377 -21.33 -2.51 20.15
N ALA D 378 -20.51 -3.56 20.15
CA ALA D 378 -20.14 -4.18 21.41
C ALA D 378 -19.38 -3.20 22.29
N GLN D 379 -18.47 -2.44 21.68
CA GLN D 379 -17.81 -1.36 22.42
C GLN D 379 -18.85 -0.39 23.00
N ASN D 380 -19.76 0.08 22.15
CA ASN D 380 -20.78 1.02 22.59
C ASN D 380 -21.64 0.43 23.71
N LEU D 381 -21.84 -0.90 23.68
CA LEU D 381 -22.66 -1.56 24.68
C LEU D 381 -21.97 -1.55 26.03
N ALA D 382 -20.69 -1.96 26.05
CA ALA D 382 -19.94 -1.86 27.29
C ALA D 382 -19.92 -0.43 27.81
N PHE D 383 -19.89 0.56 26.92
CA PHE D 383 -19.94 1.95 27.37
C PHE D 383 -21.29 2.31 27.98
N THR D 384 -22.38 1.88 27.32
CA THR D 384 -23.69 2.05 27.90
C THR D 384 -23.74 1.46 29.31
N GLY D 385 -23.17 0.27 29.49
CA GLY D 385 -23.14 -0.31 30.81
C GLY D 385 -22.31 0.52 31.77
N LEU D 386 -21.21 1.09 31.29
CA LEU D 386 -20.43 2.01 32.11
C LEU D 386 -21.33 3.12 32.65
N ASN D 387 -22.13 3.69 31.75
CA ASN D 387 -22.97 4.84 32.15
C ASN D 387 -24.23 4.31 32.85
N LEU D 388 -24.45 3.00 32.80
CA LEU D 388 -25.72 2.48 33.36
C LEU D 388 -25.50 1.93 34.78
N VAL D 389 -24.41 1.20 35.03
CA VAL D 389 -24.25 0.55 36.37
C VAL D 389 -24.58 1.51 37.52
N ALA D 390 -23.86 2.61 37.62
CA ALA D 390 -24.02 3.55 38.73
C ALA D 390 -25.49 3.87 38.99
N ARG D 391 -26.31 3.88 37.94
CA ARG D 391 -27.68 4.36 38.08
C ARG D 391 -28.50 3.49 39.04
N ASN D 392 -28.35 2.18 38.95
CA ASN D 392 -29.21 1.28 39.71
C ASN D 392 -28.82 1.26 41.18
N GLU D 393 -29.82 0.99 42.02
CA GLU D 393 -29.64 0.77 43.45
C GLU D 393 -30.13 -0.63 43.79
N CYS D 394 -29.37 -1.33 44.63
CA CYS D 394 -29.57 -2.76 44.81
C CYS D 394 -28.94 -3.25 46.11
N SER D 395 -29.47 -4.37 46.60
CA SER D 395 -28.88 -5.14 47.69
C SER D 395 -28.43 -6.48 47.12
N ARG D 396 -27.11 -6.72 47.17
CA ARG D 396 -26.55 -7.87 46.46
C ARG D 396 -27.23 -9.17 46.85
N ASP D 397 -27.42 -9.39 48.15
CA ASP D 397 -28.00 -10.63 48.65
C ASP D 397 -29.27 -10.31 49.44
N GLY D 398 -30.39 -10.92 49.03
CA GLY D 398 -31.61 -10.75 49.78
C GLY D 398 -31.53 -11.35 51.17
N ASP D 399 -30.98 -12.56 51.27
CA ASP D 399 -30.77 -13.25 52.54
C ASP D 399 -29.37 -13.82 52.54
N PRO D 400 -28.85 -14.19 53.73
CA PRO D 400 -27.46 -14.68 53.78
C PRO D 400 -27.28 -16.03 53.13
N ALA D 401 -28.22 -16.96 53.32
CA ALA D 401 -28.09 -18.28 52.73
C ALA D 401 -27.88 -18.19 51.23
N GLU D 402 -28.74 -17.42 50.54
CA GLU D 402 -28.61 -17.31 49.09
C GLU D 402 -27.23 -16.76 48.70
N GLY D 403 -26.83 -15.64 49.30
CA GLY D 403 -25.50 -15.12 49.04
C GLY D 403 -24.42 -16.10 49.42
N GLY D 404 -24.69 -16.99 50.38
CA GLY D 404 -23.72 -18.00 50.73
C GLY D 404 -23.50 -18.99 49.60
N ARG D 405 -24.58 -19.46 48.99
CA ARG D 405 -24.45 -20.44 47.91
C ARG D 405 -23.51 -19.94 46.83
N ARG D 406 -23.73 -18.71 46.35
CA ARG D 406 -22.83 -18.15 45.36
C ARG D 406 -21.45 -17.89 45.95
N ALA D 407 -21.37 -17.69 47.25
CA ALA D 407 -20.17 -17.33 48.01
C ALA D 407 -19.87 -15.85 47.89
N PHE D 408 -20.70 -15.08 47.19
CA PHE D 408 -20.46 -13.65 47.04
C PHE D 408 -21.78 -12.96 46.72
N PRO D 409 -22.01 -11.77 47.23
CA PRO D 409 -23.21 -11.02 46.86
C PRO D 409 -22.95 -10.17 45.62
N LEU D 410 -23.85 -10.23 44.64
CA LEU D 410 -23.72 -9.43 43.44
C LEU D 410 -24.97 -8.58 43.27
N CYS D 411 -24.77 -7.28 43.08
CA CYS D 411 -25.86 -6.40 42.71
C CYS D 411 -25.99 -6.37 41.20
N GLN D 412 -27.19 -6.72 40.74
CA GLN D 412 -27.49 -6.92 39.33
C GLN D 412 -27.41 -5.58 38.63
N LEU D 413 -26.30 -5.33 37.97
CA LEU D 413 -26.25 -4.09 37.23
C LEU D 413 -26.52 -4.38 35.77
N PRO D 414 -27.59 -3.84 35.20
CA PRO D 414 -27.83 -4.08 33.76
C PRO D 414 -26.62 -3.70 32.94
N GLY D 415 -25.87 -2.69 33.40
CA GLY D 415 -24.70 -2.26 32.67
C GLY D 415 -23.74 -3.40 32.39
N ALA D 416 -23.54 -4.30 33.35
CA ALA D 416 -22.57 -5.37 33.17
C ALA D 416 -22.98 -6.28 32.01
N VAL D 417 -24.25 -6.64 31.95
CA VAL D 417 -24.71 -7.47 30.85
C VAL D 417 -24.42 -6.80 29.52
N HIS D 418 -24.64 -5.48 29.44
CA HIS D 418 -24.31 -4.76 28.22
C HIS D 418 -22.82 -4.82 27.95
N PHE D 419 -22.00 -4.63 28.98
CA PHE D 419 -20.56 -4.80 28.86
C PHE D 419 -20.23 -6.10 28.12
N LEU D 420 -20.88 -7.18 28.52
CA LEU D 420 -20.46 -8.49 28.04
C LEU D 420 -20.43 -8.61 26.53
N PRO D 421 -21.30 -7.97 25.76
CA PRO D 421 -21.25 -8.17 24.30
C PRO D 421 -19.92 -7.74 23.70
N LEU D 422 -19.29 -6.72 24.27
CA LEU D 422 -17.97 -6.31 23.80
C LEU D 422 -16.96 -7.43 23.96
N VAL D 423 -16.91 -8.02 25.15
CA VAL D 423 -16.06 -9.19 25.38
C VAL D 423 -16.43 -10.29 24.40
N GLN D 424 -17.74 -10.46 24.14
CA GLN D 424 -18.17 -11.47 23.17
C GLN D 424 -17.47 -11.27 21.84
N PHE D 425 -17.50 -10.04 21.33
CA PHE D 425 -16.92 -9.80 20.02
C PHE D 425 -15.40 -10.00 20.03
N PHE D 426 -14.72 -9.45 21.05
CA PHE D 426 -13.27 -9.52 21.01
C PHE D 426 -12.77 -10.95 21.25
N ILE D 427 -13.47 -11.71 22.09
CA ILE D 427 -13.11 -13.10 22.31
C ILE D 427 -13.42 -13.93 21.07
N GLY D 428 -14.58 -13.70 20.45
CA GLY D 428 -14.91 -14.39 19.21
C GLY D 428 -13.87 -14.14 18.14
N LEU D 429 -13.41 -12.90 18.03
CA LEU D 429 -12.35 -12.59 17.09
C LEU D 429 -11.20 -13.56 17.28
N HIS D 430 -10.42 -13.75 16.20
CA HIS D 430 -9.14 -14.44 16.18
C HIS D 430 -9.22 -15.91 16.59
N CYS D 431 -10.37 -16.39 17.05
CA CYS D 431 -10.51 -17.82 17.31
C CYS D 431 -10.46 -18.60 16.01
N GLN D 432 -11.33 -18.26 15.07
CA GLN D 432 -11.30 -18.88 13.75
C GLN D 432 -9.97 -18.60 13.06
N ALA D 433 -9.37 -17.44 13.33
CA ALA D 433 -8.07 -17.13 12.75
C ALA D 433 -6.99 -18.07 13.27
N LEU D 434 -7.03 -18.38 14.57
CA LEU D 434 -6.13 -19.37 15.15
C LEU D 434 -6.37 -20.73 14.49
N GLN D 435 -7.64 -21.13 14.38
CA GLN D 435 -7.98 -22.38 13.71
C GLN D 435 -7.35 -22.42 12.32
N ASP D 436 -7.41 -21.30 11.60
CA ASP D 436 -6.83 -21.24 10.26
C ASP D 436 -5.32 -21.36 10.30
N LEU D 437 -4.67 -20.62 11.20
CA LEU D 437 -3.23 -20.72 11.37
C LEU D 437 -2.81 -22.17 11.57
N ALA D 438 -3.56 -22.91 12.39
CA ALA D 438 -3.24 -24.31 12.62
C ALA D 438 -3.51 -25.17 11.40
N ALA D 439 -4.65 -24.93 10.73
CA ALA D 439 -5.02 -25.74 9.58
C ALA D 439 -3.99 -25.63 8.46
N ALA D 440 -3.44 -24.42 8.27
CA ALA D 440 -2.41 -24.24 7.25
C ALA D 440 -1.33 -25.31 7.36
N LYS D 441 -0.71 -25.41 8.54
CA LYS D 441 0.29 -26.44 8.82
C LYS D 441 0.97 -26.15 10.16
N PRO D 464 -1.42 -14.13 8.17
CA PRO D 464 -2.68 -14.24 8.92
C PRO D 464 -2.45 -14.32 10.42
N GLU D 465 -1.21 -14.59 10.81
CA GLU D 465 -0.90 -14.76 12.23
C GLU D 465 -1.01 -13.45 12.99
N ASP D 466 -0.45 -12.36 12.43
CA ASP D 466 -0.39 -11.09 13.15
C ASP D 466 -1.75 -10.66 13.68
N SER D 467 -2.80 -10.80 12.87
CA SER D 467 -4.13 -10.48 13.33
C SER D 467 -4.51 -11.34 14.53
N VAL D 468 -4.25 -12.65 14.43
CA VAL D 468 -4.52 -13.55 15.54
C VAL D 468 -3.83 -13.06 16.81
N CYS D 469 -2.59 -12.59 16.67
CA CYS D 469 -1.80 -12.19 17.83
C CYS D 469 -2.37 -10.93 18.48
N ILE D 470 -2.59 -9.89 17.68
CA ILE D 470 -3.17 -8.66 18.22
C ILE D 470 -4.49 -8.97 18.90
N LEU D 471 -5.35 -9.72 18.21
CA LEU D 471 -6.65 -10.07 18.74
C LEU D 471 -6.54 -10.89 20.01
N GLU D 472 -5.52 -11.74 20.13
CA GLU D 472 -5.39 -12.58 21.32
C GLU D 472 -4.96 -11.76 22.53
N GLY D 473 -3.99 -10.87 22.35
CA GLY D 473 -3.65 -9.96 23.44
C GLY D 473 -4.87 -9.17 23.89
N PHE D 474 -5.57 -8.56 22.94
CA PHE D 474 -6.77 -7.84 23.28
C PHE D 474 -7.77 -8.74 23.98
N SER D 475 -7.83 -10.01 23.59
CA SER D 475 -8.82 -10.92 24.15
C SER D 475 -8.49 -11.28 25.58
N VAL D 476 -7.21 -11.42 25.92
CA VAL D 476 -6.87 -11.62 27.33
C VAL D 476 -7.26 -10.39 28.14
N THR D 477 -7.04 -9.21 27.58
CA THR D 477 -7.58 -8.00 28.21
C THR D 477 -9.07 -8.16 28.48
N ALA D 478 -9.81 -8.57 27.45
CA ALA D 478 -11.25 -8.74 27.58
C ALA D 478 -11.61 -9.81 28.60
N LEU D 479 -10.77 -10.83 28.75
CA LEU D 479 -11.05 -11.90 29.71
C LEU D 479 -10.96 -11.37 31.12
N SER D 480 -9.90 -10.63 31.43
CA SER D 480 -9.82 -10.00 32.75
C SER D 480 -11.01 -9.09 32.99
N ILE D 481 -11.33 -8.26 31.98
CA ILE D 481 -12.48 -7.38 32.10
C ILE D 481 -13.75 -8.16 32.39
N LEU D 482 -13.91 -9.30 31.71
CA LEU D 482 -15.10 -10.12 31.90
C LEU D 482 -15.14 -10.68 33.32
N GLN D 483 -14.00 -11.14 33.82
CA GLN D 483 -13.92 -11.53 35.23
C GLN D 483 -14.53 -10.45 36.10
N HIS D 484 -14.02 -9.22 35.97
CA HIS D 484 -14.52 -8.13 36.80
C HIS D 484 -16.03 -7.97 36.64
N LEU D 485 -16.48 -7.81 35.40
CA LEU D 485 -17.87 -7.48 35.14
C LEU D 485 -18.81 -8.56 35.67
N VAL D 486 -18.48 -9.82 35.42
CA VAL D 486 -19.28 -10.91 35.97
C VAL D 486 -19.23 -10.89 37.49
N CYS D 487 -18.06 -10.58 38.03
CA CYS D 487 -17.88 -10.56 39.47
C CYS D 487 -18.82 -9.57 40.14
N HIS D 488 -19.08 -8.43 39.51
CA HIS D 488 -19.89 -7.42 40.17
C HIS D 488 -21.38 -7.71 40.06
N SER D 489 -21.87 -8.04 38.86
CA SER D 489 -23.29 -8.24 38.61
C SER D 489 -23.57 -9.72 38.39
N GLY D 490 -24.51 -10.27 39.16
CA GLY D 490 -24.86 -11.67 38.99
C GLY D 490 -25.74 -11.93 37.79
N ALA D 491 -26.41 -10.87 37.28
CA ALA D 491 -27.29 -11.05 36.14
C ALA D 491 -26.51 -11.32 34.86
N VAL D 492 -25.48 -10.50 34.61
CA VAL D 492 -24.62 -10.72 33.46
C VAL D 492 -24.07 -12.15 33.48
N VAL D 493 -23.76 -12.65 34.67
CA VAL D 493 -23.30 -14.04 34.79
C VAL D 493 -24.42 -15.00 34.45
N SER D 494 -25.51 -14.95 35.22
CA SER D 494 -26.62 -15.88 35.02
C SER D 494 -27.07 -15.94 33.56
N LEU D 495 -26.95 -14.82 32.84
CA LEU D 495 -27.33 -14.80 31.44
C LEU D 495 -26.48 -15.77 30.64
N LEU D 496 -25.16 -15.63 30.74
CA LEU D 496 -24.26 -16.61 30.12
C LEU D 496 -24.56 -18.00 30.63
N LEU D 497 -24.90 -18.11 31.92
CA LEU D 497 -24.97 -19.40 32.59
C LEU D 497 -26.15 -20.23 32.09
N SER D 498 -27.31 -19.61 31.91
CA SER D 498 -28.49 -20.35 31.50
C SER D 498 -28.25 -21.03 30.15
N GLY D 499 -28.88 -22.19 29.98
CA GLY D 499 -28.73 -22.95 28.75
C GLY D 499 -29.87 -23.91 28.55
N VAL D 500 -29.99 -24.39 27.30
CA VAL D 500 -31.06 -25.32 26.96
C VAL D 500 -30.88 -26.63 27.71
N GLY D 501 -29.66 -27.17 27.70
CA GLY D 501 -29.39 -28.43 28.38
C GLY D 501 -28.12 -28.39 29.21
N GLY D 534 -26.66 -25.39 25.75
CA GLY D 534 -26.86 -25.00 27.13
C GLY D 534 -25.76 -24.07 27.63
N GLN D 535 -25.15 -23.35 26.69
CA GLN D 535 -24.07 -22.44 27.00
C GLN D 535 -24.28 -21.14 26.27
N HIS D 536 -23.74 -20.07 26.84
CA HIS D 536 -23.78 -18.78 26.18
C HIS D 536 -22.97 -18.84 24.88
N PRO D 537 -23.29 -17.97 23.91
CA PRO D 537 -22.47 -17.94 22.68
C PRO D 537 -21.04 -17.50 22.91
N LEU D 538 -20.86 -16.39 23.64
CA LEU D 538 -19.52 -16.05 24.12
C LEU D 538 -18.95 -17.20 24.92
N LEU D 539 -19.80 -17.98 25.60
CA LEU D 539 -19.31 -19.14 26.33
C LEU D 539 -18.73 -20.19 25.39
N LYS D 540 -19.35 -20.38 24.23
CA LYS D 540 -18.83 -21.35 23.27
C LYS D 540 -17.53 -20.85 22.64
N MET D 541 -17.46 -19.55 22.33
CA MET D 541 -16.20 -19.00 21.85
C MET D 541 -15.11 -19.11 22.91
N LEU D 542 -15.48 -18.92 24.17
CA LEU D 542 -14.54 -19.07 25.27
C LEU D 542 -14.16 -20.54 25.46
N LEU D 543 -15.04 -21.45 25.08
CA LEU D 543 -14.68 -22.87 25.05
C LEU D 543 -13.62 -23.12 24.00
N HIS D 544 -13.82 -22.59 22.79
CA HIS D 544 -12.75 -22.56 21.80
C HIS D 544 -11.45 -22.10 22.43
N LEU D 545 -11.48 -20.92 23.06
CA LEU D 545 -10.31 -20.43 23.77
C LEU D 545 -9.75 -21.47 24.73
N LEU D 546 -10.64 -22.16 25.45
CA LEU D 546 -10.20 -23.21 26.37
C LEU D 546 -9.53 -24.34 25.62
N ALA D 547 -10.08 -24.69 24.45
CA ALA D 547 -9.41 -25.67 23.58
C ALA D 547 -7.99 -25.23 23.29
N PHE D 548 -7.80 -23.93 23.03
CA PHE D 548 -6.44 -23.41 22.86
C PHE D 548 -5.64 -23.61 24.14
N SER D 549 -6.28 -23.42 25.29
CA SER D 549 -5.64 -23.79 26.55
C SER D 549 -5.31 -25.28 26.59
N SER D 550 -6.28 -26.12 26.24
CA SER D 550 -6.01 -27.56 26.20
C SER D 550 -4.87 -27.89 25.25
N ALA D 551 -4.76 -27.13 24.16
CA ALA D 551 -3.73 -27.41 23.15
C ALA D 551 -2.35 -27.01 23.67
N ALA D 552 -1.32 -27.53 23.00
CA ALA D 552 0.05 -27.21 23.36
C ALA D 552 0.26 -25.70 23.34
N THR D 553 0.73 -25.16 24.45
CA THR D 553 0.72 -23.73 24.70
C THR D 553 2.08 -23.13 24.38
N GLY D 554 2.12 -22.17 23.44
CA GLY D 554 3.38 -21.45 23.19
C GLY D 554 3.68 -20.58 24.39
N HIS D 555 4.68 -19.69 24.36
CA HIS D 555 4.96 -18.92 25.61
C HIS D 555 3.75 -18.02 25.88
N LEU D 556 3.44 -17.17 24.93
CA LEU D 556 2.31 -16.25 24.98
C LEU D 556 1.01 -17.00 25.23
N GLN D 557 0.79 -18.10 24.50
CA GLN D 557 -0.43 -18.88 24.71
C GLN D 557 -0.49 -19.44 26.11
N ALA D 558 0.66 -19.75 26.71
CA ALA D 558 0.67 -20.24 28.09
C ALA D 558 0.20 -19.16 29.06
N SER D 559 0.72 -17.94 28.90
CA SER D 559 0.24 -16.85 29.73
C SER D 559 -1.26 -16.61 29.53
N VAL D 560 -1.70 -16.64 28.27
CA VAL D 560 -3.12 -16.49 27.98
C VAL D 560 -3.92 -17.58 28.68
N LEU D 561 -3.40 -18.81 28.69
CA LEU D 561 -4.10 -19.93 29.30
C LEU D 561 -4.22 -19.75 30.80
N THR D 562 -3.15 -19.32 31.45
CA THR D 562 -3.24 -19.01 32.87
C THR D 562 -4.31 -17.94 33.13
N GLN D 563 -4.35 -16.93 32.27
CA GLN D 563 -5.41 -15.93 32.37
C GLN D 563 -6.79 -16.61 32.28
N CYS D 564 -6.94 -17.50 31.30
CA CYS D 564 -8.21 -18.20 31.13
C CYS D 564 -8.58 -18.98 32.38
N LEU D 565 -7.59 -19.59 33.03
CA LEU D 565 -7.87 -20.37 34.23
C LEU D 565 -8.34 -19.48 35.37
N LYS D 566 -7.72 -18.31 35.53
CA LYS D 566 -8.22 -17.35 36.51
C LYS D 566 -9.66 -16.97 36.19
N VAL D 567 -9.93 -16.68 34.91
CA VAL D 567 -11.29 -16.40 34.46
C VAL D 567 -12.22 -17.52 34.90
N LEU D 568 -11.76 -18.76 34.76
CA LEU D 568 -12.61 -19.91 35.02
C LEU D 568 -12.92 -20.04 36.50
N VAL D 569 -11.93 -19.81 37.37
CA VAL D 569 -12.21 -19.87 38.80
C VAL D 569 -13.23 -18.80 39.18
N LYS D 570 -13.07 -17.60 38.61
CA LYS D 570 -14.06 -16.54 38.85
C LYS D 570 -15.38 -17.00 38.23
N LEU D 571 -15.29 -17.65 37.07
CA LEU D 571 -16.51 -18.17 36.42
C LEU D 571 -17.21 -19.09 37.41
N ALA D 572 -16.50 -20.12 37.85
CA ALA D 572 -17.10 -21.11 38.76
C ALA D 572 -17.77 -20.41 39.94
N GLU D 573 -16.95 -19.77 40.77
CA GLU D 573 -17.49 -19.14 41.97
C GLU D 573 -18.77 -18.38 41.65
N ASN D 574 -18.80 -17.71 40.50
CA ASN D 574 -20.00 -16.98 40.10
C ASN D 574 -21.13 -17.94 39.75
N THR D 575 -20.79 -19.03 39.06
CA THR D 575 -21.81 -19.97 38.62
C THR D 575 -22.64 -20.46 39.79
N SER D 576 -23.92 -20.71 39.53
CA SER D 576 -24.82 -21.30 40.51
C SER D 576 -24.72 -22.83 40.47
N CYS D 577 -25.28 -23.46 41.50
CA CYS D 577 -25.19 -24.91 41.61
C CYS D 577 -25.71 -25.59 40.34
N ASP D 578 -26.89 -25.19 39.87
CA ASP D 578 -27.42 -25.75 38.64
C ASP D 578 -26.49 -25.46 37.47
N PHE D 579 -25.72 -24.39 37.55
CA PHE D 579 -24.76 -24.04 36.51
C PHE D 579 -23.48 -24.86 36.59
N LEU D 580 -23.24 -25.55 37.70
CA LEU D 580 -22.12 -26.48 37.76
C LEU D 580 -22.25 -27.56 36.70
N PRO D 581 -23.41 -28.20 36.51
CA PRO D 581 -23.56 -29.10 35.36
C PRO D 581 -23.11 -28.44 34.07
N ARG D 582 -23.44 -27.16 33.90
CA ARG D 582 -22.88 -26.42 32.77
C ARG D 582 -21.36 -26.49 32.78
N PHE D 583 -20.76 -26.33 33.96
CA PHE D 583 -19.31 -26.39 34.06
C PHE D 583 -18.77 -27.77 33.72
N GLN D 584 -19.61 -28.80 33.74
CA GLN D 584 -19.14 -30.15 33.45
C GLN D 584 -18.35 -30.19 32.15
N CYS D 585 -18.75 -29.40 31.16
CA CYS D 585 -18.05 -29.42 29.87
C CYS D 585 -16.58 -29.05 30.01
N VAL D 586 -16.25 -28.18 30.98
CA VAL D 586 -14.86 -27.74 31.14
C VAL D 586 -13.97 -28.90 31.54
N PHE D 587 -14.53 -29.93 32.17
CA PHE D 587 -13.71 -31.05 32.64
C PHE D 587 -12.92 -31.68 31.51
N GLN D 588 -13.56 -31.90 30.36
CA GLN D 588 -12.87 -32.53 29.24
C GLN D 588 -11.69 -31.68 28.79
N VAL D 589 -11.83 -30.35 28.81
CA VAL D 589 -10.71 -29.49 28.47
C VAL D 589 -9.62 -29.59 29.55
N LEU D 590 -10.04 -29.74 30.80
CA LEU D 590 -9.11 -29.60 31.91
C LEU D 590 -7.90 -30.53 31.85
N PRO D 591 -8.03 -31.81 31.52
CA PRO D 591 -6.85 -32.70 31.62
C PRO D 591 -5.69 -32.22 30.78
N LYS D 592 -5.95 -31.75 29.56
CA LYS D 592 -4.88 -31.11 28.80
C LYS D 592 -4.41 -29.83 29.47
N CYS D 593 -5.33 -29.14 30.15
CA CYS D 593 -4.98 -27.87 30.81
C CYS D 593 -3.89 -28.08 31.85
N LEU D 594 -4.04 -29.08 32.71
CA LEU D 594 -2.98 -29.46 33.63
C LEU D 594 -2.08 -30.46 32.93
N SER D 595 -0.96 -29.99 32.41
CA SER D 595 0.01 -30.81 31.72
C SER D 595 1.40 -30.40 32.14
N PRO D 596 2.38 -31.30 32.03
CA PRO D 596 3.76 -30.91 32.36
C PRO D 596 4.22 -29.68 31.60
N GLU D 597 3.84 -29.57 30.32
CA GLU D 597 4.22 -28.40 29.55
C GLU D 597 3.54 -27.14 30.09
N THR D 598 2.31 -27.28 30.59
CA THR D 598 1.53 -26.12 30.95
C THR D 598 2.23 -25.36 32.09
N PRO D 599 2.14 -24.03 32.10
CA PRO D 599 2.85 -23.26 33.12
C PRO D 599 2.19 -23.38 34.49
N LEU D 600 2.98 -23.00 35.48
CA LEU D 600 2.57 -23.14 36.88
C LEU D 600 1.33 -22.34 37.25
N PRO D 601 1.26 -21.05 36.97
CA PRO D 601 0.07 -20.29 37.37
C PRO D 601 -1.21 -20.89 36.82
N SER D 602 -1.15 -21.34 35.57
CA SER D 602 -2.29 -22.05 35.00
C SER D 602 -2.70 -23.22 35.88
N VAL D 603 -1.71 -23.93 36.43
CA VAL D 603 -2.02 -25.12 37.21
C VAL D 603 -2.60 -24.74 38.56
N LEU D 604 -2.09 -23.67 39.17
CA LEU D 604 -2.70 -23.20 40.41
C LEU D 604 -4.17 -22.87 40.18
N LEU D 605 -4.46 -22.08 39.15
CA LEU D 605 -5.84 -21.72 38.86
C LEU D 605 -6.67 -22.95 38.49
N ALA D 606 -6.05 -23.94 37.84
CA ALA D 606 -6.78 -25.13 37.45
C ALA D 606 -7.15 -25.98 38.64
N VAL D 607 -6.24 -26.10 39.61
CA VAL D 607 -6.57 -26.78 40.86
C VAL D 607 -7.72 -26.07 41.54
N GLU D 608 -7.68 -24.73 41.54
CA GLU D 608 -8.79 -23.99 42.13
C GLU D 608 -10.10 -24.31 41.41
N LEU D 609 -10.07 -24.36 40.09
CA LEU D 609 -11.30 -24.61 39.33
C LEU D 609 -11.81 -26.03 39.60
N LEU D 610 -10.92 -27.01 39.63
CA LEU D 610 -11.32 -28.36 39.97
C LEU D 610 -11.96 -28.40 41.35
N SER D 611 -11.38 -27.67 42.31
CA SER D 611 -11.97 -27.61 43.64
C SER D 611 -13.38 -27.04 43.59
N LEU D 612 -13.57 -25.96 42.85
CA LEU D 612 -14.91 -25.40 42.71
C LEU D 612 -15.86 -26.42 42.11
N LEU D 613 -15.40 -27.18 41.13
CA LEU D 613 -16.24 -28.20 40.51
C LEU D 613 -16.58 -29.32 41.49
N ALA D 614 -15.68 -29.59 42.43
CA ALA D 614 -15.82 -30.77 43.28
C ALA D 614 -17.09 -30.68 44.14
N ASP D 615 -17.49 -29.47 44.53
CA ASP D 615 -18.64 -29.34 45.43
C ASP D 615 -19.87 -30.00 44.85
N HIS D 616 -20.10 -29.84 43.54
CA HIS D 616 -21.19 -30.52 42.85
C HIS D 616 -21.04 -32.03 43.00
N ASP D 617 -22.11 -32.70 43.45
CA ASP D 617 -22.00 -34.12 43.73
C ASP D 617 -21.67 -34.91 42.47
N GLN D 618 -22.33 -34.61 41.35
CA GLN D 618 -22.04 -35.34 40.11
C GLN D 618 -20.62 -35.08 39.63
N LEU D 619 -20.13 -33.85 39.80
CA LEU D 619 -18.79 -33.52 39.33
C LEU D 619 -17.72 -34.29 40.10
N ALA D 620 -17.92 -34.46 41.40
CA ALA D 620 -16.87 -35.05 42.22
C ALA D 620 -16.35 -36.37 41.68
N PRO D 621 -17.19 -37.35 41.38
CA PRO D 621 -16.66 -38.58 40.77
C PRO D 621 -15.98 -38.33 39.44
N GLN D 622 -16.42 -37.30 38.71
CA GLN D 622 -15.92 -37.05 37.38
C GLN D 622 -14.42 -36.79 37.38
N LEU D 623 -13.76 -36.60 38.54
CA LEU D 623 -12.26 -36.47 38.62
C LEU D 623 -11.42 -37.69 38.06
N CYS D 624 -11.08 -38.81 38.77
CA CYS D 624 -10.16 -39.88 38.24
C CYS D 624 -10.90 -40.68 37.17
N SER D 625 -10.17 -41.34 36.29
CA SER D 625 -10.74 -42.07 35.13
C SER D 625 -10.95 -43.55 35.49
N HIS D 626 -10.86 -43.91 36.77
CA HIS D 626 -11.00 -45.32 37.23
C HIS D 626 -9.98 -46.20 36.50
N SER D 627 -8.68 -45.98 36.67
CA SER D 627 -7.59 -46.80 36.04
C SER D 627 -7.29 -46.21 34.67
N GLU D 628 -8.27 -45.58 34.00
CA GLU D 628 -7.98 -44.79 32.78
C GLU D 628 -7.18 -43.69 33.48
N GLY D 629 -6.29 -42.99 32.79
CA GLY D 629 -5.38 -42.16 33.59
C GLY D 629 -6.20 -41.30 34.51
N CYS D 630 -5.85 -41.32 35.80
CA CYS D 630 -6.57 -40.56 36.84
C CYS D 630 -6.25 -39.07 36.41
N LEU D 631 -7.15 -38.06 36.44
CA LEU D 631 -6.94 -36.64 35.95
C LEU D 631 -6.21 -35.89 37.07
N LEU D 632 -6.82 -35.74 38.23
CA LEU D 632 -6.07 -35.49 39.50
C LEU D 632 -4.66 -36.08 39.40
N LEU D 633 -4.51 -37.27 38.82
CA LEU D 633 -3.20 -37.96 38.81
C LEU D 633 -2.14 -37.03 38.22
N LEU D 634 -2.48 -36.27 37.18
CA LEU D 634 -1.52 -35.43 36.47
C LEU D 634 -1.15 -34.20 37.31
N LEU D 635 -2.14 -33.62 38.00
CA LEU D 635 -1.84 -32.47 38.86
C LEU D 635 -0.81 -32.82 39.92
N TYR D 636 -1.10 -33.88 40.70
CA TYR D 636 -0.18 -34.30 41.75
C TYR D 636 1.17 -34.68 41.17
N MET D 637 1.20 -35.19 39.95
CA MET D 637 2.47 -35.49 39.33
C MET D 637 3.24 -34.21 39.02
N TYR D 638 2.54 -33.19 38.51
CA TYR D 638 3.17 -31.90 38.28
C TYR D 638 3.77 -31.36 39.56
N ILE D 639 3.07 -31.51 40.67
CA ILE D 639 3.60 -31.01 41.94
C ILE D 639 4.80 -31.85 42.38
N THR D 640 4.70 -33.17 42.23
CA THR D 640 5.81 -34.05 42.62
C THR D 640 7.08 -33.69 41.87
N SER D 641 7.00 -33.62 40.56
CA SER D 641 8.09 -33.16 39.72
C SER D 641 7.54 -32.02 38.87
N ARG D 642 8.19 -30.86 38.95
CA ARG D 642 7.62 -29.65 38.39
C ARG D 642 8.32 -29.26 37.10
N PRO D 643 7.70 -29.50 35.95
CA PRO D 643 8.17 -28.84 34.73
C PRO D 643 8.09 -27.33 34.90
N ASP D 644 8.78 -26.61 34.02
CA ASP D 644 8.85 -25.17 34.20
C ASP D 644 9.50 -24.88 35.55
N ARG D 645 10.77 -25.24 35.69
CA ARG D 645 11.46 -25.11 36.97
C ARG D 645 11.92 -23.70 37.26
N VAL D 646 12.04 -22.83 36.25
CA VAL D 646 12.37 -21.42 36.48
C VAL D 646 11.04 -20.70 36.63
N ALA D 647 10.50 -20.76 37.85
CA ALA D 647 9.20 -20.18 38.14
C ALA D 647 9.18 -19.78 39.61
N LEU D 648 8.29 -18.83 39.93
CA LEU D 648 8.22 -18.34 41.31
C LEU D 648 7.89 -19.48 42.27
N GLU D 649 8.71 -19.61 43.31
CA GLU D 649 8.44 -20.64 44.31
C GLU D 649 7.13 -20.39 45.02
N THR D 650 6.80 -19.12 45.24
CA THR D 650 5.55 -18.80 45.92
C THR D 650 4.39 -19.51 45.24
N GLN D 651 4.20 -19.25 43.95
CA GLN D 651 3.04 -19.79 43.24
C GLN D 651 3.03 -21.31 43.27
N TRP D 652 4.20 -21.95 43.16
CA TRP D 652 4.31 -23.37 43.43
C TRP D 652 3.61 -23.73 44.73
N LEU D 653 4.04 -23.06 45.80
CA LEU D 653 3.54 -23.36 47.13
C LEU D 653 2.03 -23.16 47.21
N GLN D 654 1.53 -22.08 46.64
CA GLN D 654 0.08 -21.83 46.71
C GLN D 654 -0.70 -22.86 45.93
N LEU D 655 -0.18 -23.28 44.77
CA LEU D 655 -0.83 -24.35 44.04
C LEU D 655 -0.95 -25.60 44.89
N GLU D 656 0.15 -25.96 45.56
CA GLU D 656 0.11 -27.14 46.42
C GLU D 656 -0.88 -26.96 47.55
N GLN D 657 -0.91 -25.79 48.16
CA GLN D 657 -1.87 -25.54 49.23
C GLN D 657 -3.30 -25.64 48.71
N GLU D 658 -3.52 -25.18 47.48
CA GLU D 658 -4.86 -25.28 46.89
C GLU D 658 -5.26 -26.73 46.72
N VAL D 659 -4.33 -27.58 46.27
CA VAL D 659 -4.67 -28.99 46.15
C VAL D 659 -4.98 -29.57 47.52
N VAL D 660 -4.26 -29.11 48.55
CA VAL D 660 -4.57 -29.55 49.92
C VAL D 660 -6.01 -29.19 50.28
N TRP D 661 -6.38 -27.93 50.08
CA TRP D 661 -7.72 -27.49 50.38
C TRP D 661 -8.75 -28.32 49.64
N LEU D 662 -8.49 -28.60 48.35
CA LEU D 662 -9.42 -29.40 47.57
C LEU D 662 -9.54 -30.80 48.14
N LEU D 663 -8.43 -31.37 48.60
CA LEU D 663 -8.49 -32.70 49.19
C LEU D 663 -9.36 -32.69 50.44
N ALA D 664 -9.23 -31.66 51.27
CA ALA D 664 -10.09 -31.56 52.45
C ALA D 664 -11.56 -31.49 52.04
N LYS D 665 -11.89 -30.53 51.16
CA LYS D 665 -13.27 -30.39 50.72
C LYS D 665 -13.81 -31.71 50.14
N LEU D 666 -12.96 -32.42 49.40
CA LEU D 666 -13.36 -33.72 48.87
C LEU D 666 -13.68 -34.68 50.01
N GLY D 667 -12.80 -34.73 51.01
CA GLY D 667 -13.08 -35.57 52.17
C GLY D 667 -14.44 -35.29 52.77
N VAL D 668 -14.80 -34.00 52.88
CA VAL D 668 -16.08 -33.67 53.46
C VAL D 668 -17.23 -34.21 52.61
N GLN D 669 -17.13 -34.06 51.29
CA GLN D 669 -18.22 -34.45 50.39
C GLN D 669 -18.24 -35.95 50.12
N ASN D 679 -7.97 -49.36 44.39
CA ASN D 679 -7.78 -49.96 43.04
C ASN D 679 -7.07 -48.95 42.13
N CYS D 680 -7.32 -47.66 42.32
CA CYS D 680 -6.77 -46.62 41.42
C CYS D 680 -5.23 -46.54 41.48
N GLN D 681 -4.58 -46.39 40.33
CA GLN D 681 -3.11 -46.15 40.27
C GLN D 681 -2.89 -44.80 40.95
N CYS D 682 -3.80 -43.85 40.74
CA CYS D 682 -3.68 -42.47 41.26
C CYS D 682 -3.63 -42.46 42.78
N ASN D 683 -4.39 -43.31 43.47
CA ASN D 683 -4.41 -43.21 44.95
C ASN D 683 -2.99 -43.47 45.44
N VAL D 684 -2.31 -44.47 44.88
CA VAL D 684 -0.89 -44.75 45.23
C VAL D 684 -0.03 -43.55 44.83
N GLU D 685 -0.30 -42.99 43.66
CA GLU D 685 0.49 -41.86 43.11
C GLU D 685 0.37 -40.62 44.00
N VAL D 686 -0.82 -40.35 44.54
CA VAL D 686 -1.06 -39.10 45.31
C VAL D 686 -0.15 -39.12 46.54
N VAL D 687 0.00 -40.28 47.17
CA VAL D 687 0.81 -40.39 48.41
C VAL D 687 2.24 -39.91 48.17
N ARG D 688 2.73 -39.92 46.93
CA ARG D 688 4.12 -39.58 46.63
C ARG D 688 4.33 -38.07 46.66
N ALA D 689 3.48 -37.34 45.94
CA ALA D 689 3.62 -35.89 45.89
C ALA D 689 3.57 -35.29 47.29
N LEU D 690 2.67 -35.80 48.14
CA LEU D 690 2.46 -35.24 49.46
C LEU D 690 3.63 -35.53 50.37
N THR D 691 4.18 -36.74 50.28
CA THR D 691 5.42 -37.03 50.99
C THR D 691 6.50 -36.05 50.59
N VAL D 692 6.67 -35.83 49.28
CA VAL D 692 7.70 -34.91 48.81
C VAL D 692 7.47 -33.51 49.38
N MET D 693 6.21 -33.06 49.37
CA MET D 693 5.91 -31.70 49.81
C MET D 693 6.13 -31.55 51.31
N LEU D 694 5.64 -32.51 52.10
CA LEU D 694 5.90 -32.47 53.52
C LEU D 694 7.39 -32.49 53.81
N HIS D 695 8.16 -33.22 52.99
CA HIS D 695 9.60 -33.22 53.19
C HIS D 695 10.19 -31.85 52.91
N ARG D 696 9.78 -31.23 51.80
CA ARG D 696 10.26 -29.88 51.49
C ARG D 696 9.98 -28.95 52.67
N GLN D 697 8.75 -28.99 53.19
CA GLN D 697 8.40 -28.10 54.29
C GLN D 697 9.22 -28.41 55.54
N TRP D 698 9.37 -29.69 55.88
CA TRP D 698 10.12 -30.06 57.07
C TRP D 698 11.57 -29.60 56.96
N LEU D 699 12.18 -29.84 55.80
CA LEU D 699 13.54 -29.36 55.57
C LEU D 699 13.62 -27.85 55.77
N THR D 700 12.73 -27.11 55.12
CA THR D 700 12.71 -25.67 55.30
C THR D 700 12.65 -25.30 56.78
N VAL D 701 11.80 -26.00 57.54
CA VAL D 701 11.66 -25.68 58.96
C VAL D 701 12.97 -25.93 59.69
N ARG D 702 13.57 -27.10 59.49
CA ARG D 702 14.84 -27.43 60.15
C ARG D 702 15.85 -26.32 59.93
N ARG D 703 15.98 -25.86 58.69
CA ARG D 703 16.90 -24.77 58.39
C ARG D 703 16.50 -23.50 59.12
N ALA D 704 15.22 -23.16 59.07
CA ALA D 704 14.76 -21.88 59.61
C ALA D 704 14.84 -21.86 61.12
N GLY D 705 15.04 -20.66 61.67
CA GLY D 705 15.10 -20.48 63.11
C GLY D 705 14.25 -19.31 63.58
N GLY D 706 13.34 -19.58 64.51
CA GLY D 706 12.44 -18.57 65.00
C GLY D 706 11.25 -18.38 64.08
N PRO D 707 10.30 -17.49 64.45
CA PRO D 707 9.09 -17.28 63.66
C PRO D 707 9.37 -17.02 62.21
N PRO D 708 8.37 -17.32 61.37
CA PRO D 708 8.55 -17.14 59.94
C PRO D 708 8.36 -15.72 59.47
N ARG D 709 9.44 -14.91 59.50
CA ARG D 709 9.34 -13.56 58.93
C ARG D 709 8.81 -13.74 57.51
N THR D 710 9.63 -14.30 56.62
CA THR D 710 9.14 -14.62 55.29
C THR D 710 7.74 -15.21 55.38
N ASP D 711 6.83 -14.70 54.55
CA ASP D 711 5.52 -15.35 54.43
C ASP D 711 5.69 -16.78 53.95
N GLN D 712 6.76 -17.05 53.20
CA GLN D 712 6.98 -18.40 52.70
C GLN D 712 7.14 -19.39 53.84
N GLN D 713 7.89 -19.01 54.88
CA GLN D 713 8.13 -19.96 55.97
C GLN D 713 6.86 -20.21 56.77
N ARG D 714 6.18 -19.15 57.14
CA ARG D 714 4.90 -19.34 57.86
C ARG D 714 4.09 -20.27 56.98
N ARG D 715 4.20 -20.07 55.66
CA ARG D 715 3.36 -20.88 54.74
C ARG D 715 3.66 -22.36 55.01
N THR D 716 4.93 -22.71 55.00
CA THR D 716 5.28 -24.12 55.19
C THR D 716 4.67 -24.56 56.49
N VAL D 717 4.98 -23.87 57.58
CA VAL D 717 4.47 -24.29 58.90
C VAL D 717 3.01 -24.72 58.71
N ARG D 718 2.26 -23.88 57.98
CA ARG D 718 0.84 -24.19 57.82
C ARG D 718 0.64 -25.35 56.86
N CYS D 719 1.36 -25.34 55.74
CA CYS D 719 1.29 -26.43 54.78
C CYS D 719 1.71 -27.74 55.40
N LEU D 720 2.73 -27.71 56.26
CA LEU D 720 3.18 -28.93 56.91
C LEU D 720 2.07 -29.50 57.76
N ARG D 721 1.41 -28.66 58.56
CA ARG D 721 0.32 -29.18 59.39
C ARG D 721 -0.81 -29.72 58.53
N ASP D 722 -1.18 -28.98 57.48
CA ASP D 722 -2.28 -29.42 56.63
C ASP D 722 -1.92 -30.72 55.91
N THR D 723 -0.68 -30.83 55.44
CA THR D 723 -0.23 -32.02 54.74
C THR D 723 -0.20 -33.21 55.68
N VAL D 724 0.25 -32.99 56.91
CA VAL D 724 0.20 -34.04 57.91
C VAL D 724 -1.22 -34.51 58.11
N LEU D 725 -2.15 -33.56 58.14
CA LEU D 725 -3.56 -33.95 58.30
C LEU D 725 -4.03 -34.77 57.09
N LEU D 726 -3.80 -34.29 55.88
CA LEU D 726 -4.20 -35.04 54.70
C LEU D 726 -3.55 -36.42 54.70
N LEU D 727 -2.30 -36.50 55.16
CA LEU D 727 -1.58 -37.77 55.13
C LEU D 727 -2.16 -38.74 56.14
N HIS D 728 -2.44 -38.23 57.34
CA HIS D 728 -3.02 -39.10 58.40
C HIS D 728 -4.19 -39.84 57.78
N GLY D 729 -4.90 -39.14 56.90
CA GLY D 729 -6.02 -39.79 56.20
C GLY D 729 -5.45 -40.68 55.11
N LEU D 730 -4.46 -40.18 54.37
CA LEU D 730 -3.79 -41.02 53.35
C LEU D 730 -3.30 -42.29 54.05
N SER D 731 -3.66 -42.43 55.34
CA SER D 731 -3.31 -43.65 56.05
C SER D 731 -4.55 -44.32 56.62
N GLN D 732 -5.43 -43.55 57.25
CA GLN D 732 -6.71 -44.09 57.69
C GLN D 732 -7.57 -44.49 56.50
N LYS D 733 -7.50 -43.71 55.42
CA LYS D 733 -8.29 -43.99 54.23
C LYS D 733 -7.97 -45.38 53.69
N ASP D 734 -6.74 -45.59 53.26
CA ASP D 734 -6.30 -46.86 52.69
C ASP D 734 -5.22 -47.48 53.55
N LYS D 735 -5.34 -48.79 53.81
CA LYS D 735 -4.25 -49.53 54.41
C LYS D 735 -3.25 -49.97 53.33
N LEU D 736 -3.76 -50.38 52.17
CA LEU D 736 -2.93 -50.53 50.99
C LEU D 736 -2.21 -49.22 50.67
N PHE D 737 -2.74 -48.08 51.15
CA PHE D 737 -2.06 -46.82 50.96
C PHE D 737 -0.60 -46.91 51.39
N MET D 738 -0.34 -47.49 52.56
CA MET D 738 1.02 -47.55 53.07
C MET D 738 1.94 -48.34 52.14
N MET D 739 1.42 -49.36 51.48
CA MET D 739 2.26 -50.16 50.58
C MET D 739 2.74 -49.32 49.40
N HIS D 740 1.82 -48.66 48.70
CA HIS D 740 2.23 -47.78 47.62
C HIS D 740 2.99 -46.57 48.14
N CYS D 741 2.86 -46.24 49.42
CA CYS D 741 3.61 -45.14 50.00
C CYS D 741 5.05 -45.54 50.28
N VAL D 742 5.29 -46.83 50.51
CA VAL D 742 6.64 -47.30 50.83
C VAL D 742 7.68 -46.76 49.86
N GLU D 743 7.28 -46.52 48.60
CA GLU D 743 8.24 -46.04 47.61
C GLU D 743 8.90 -44.73 48.06
N VAL D 744 8.11 -43.79 48.54
CA VAL D 744 8.62 -42.53 49.07
C VAL D 744 8.81 -42.57 50.58
N LEU D 745 8.44 -43.69 51.21
CA LEU D 745 8.46 -43.77 52.67
C LEU D 745 9.84 -43.51 53.23
N HIS D 746 10.89 -43.82 52.50
CA HIS D 746 12.24 -43.53 53.01
C HIS D 746 12.35 -42.06 53.41
N GLN D 747 12.08 -41.17 52.46
CA GLN D 747 12.15 -39.74 52.76
C GLN D 747 11.06 -39.33 53.73
N PHE D 748 9.85 -39.89 53.56
CA PHE D 748 8.72 -39.47 54.38
C PHE D 748 8.97 -39.73 55.86
N ASP D 749 9.56 -40.88 56.18
CA ASP D 749 9.82 -41.22 57.58
C ASP D 749 10.75 -40.20 58.21
N GLN D 750 11.79 -39.79 57.48
CA GLN D 750 12.68 -38.76 57.98
C GLN D 750 11.94 -37.45 58.18
N VAL D 751 11.10 -37.08 57.21
CA VAL D 751 10.31 -35.85 57.34
C VAL D 751 9.54 -35.86 58.65
N MET D 752 8.81 -36.95 58.90
CA MET D 752 7.84 -37.02 59.98
C MET D 752 8.29 -36.43 61.30
N PRO D 753 9.40 -36.87 61.89
CA PRO D 753 9.68 -36.54 63.29
C PRO D 753 9.86 -35.05 63.56
N GLY D 754 10.75 -34.39 62.81
CA GLY D 754 10.89 -32.95 62.96
C GLY D 754 9.59 -32.23 62.72
N VAL D 755 8.75 -32.78 61.84
CA VAL D 755 7.41 -32.23 61.68
C VAL D 755 6.65 -32.31 63.00
N SER D 756 6.71 -33.46 63.67
CA SER D 756 6.06 -33.59 64.97
C SER D 756 6.58 -32.54 65.93
N MET D 757 7.89 -32.33 65.93
CA MET D 757 8.49 -31.31 66.79
C MET D 757 7.87 -29.95 66.54
N LEU D 758 8.00 -29.46 65.31
CA LEU D 758 7.47 -28.14 64.98
C LEU D 758 5.98 -28.05 65.29
N ILE D 759 5.24 -29.13 65.02
CA ILE D 759 3.82 -29.17 65.33
C ILE D 759 3.60 -28.88 66.81
N ARG D 760 4.19 -29.72 67.66
CA ARG D 760 4.09 -29.50 69.10
C ARG D 760 4.50 -28.10 69.49
N GLY D 761 5.40 -27.49 68.71
CA GLY D 761 5.86 -26.14 69.06
C GLY D 761 4.85 -25.06 68.74
N LEU D 762 4.24 -25.12 67.56
CA LEU D 762 3.40 -24.02 67.09
C LEU D 762 2.19 -23.84 68.01
N PRO D 763 1.82 -22.59 68.33
CA PRO D 763 0.57 -22.39 69.09
C PRO D 763 -0.66 -22.66 68.24
N ASP D 764 -0.65 -22.24 66.98
CA ASP D 764 -1.77 -22.56 66.08
C ASP D 764 -1.94 -24.07 65.95
N VAL D 765 -0.87 -24.83 66.16
CA VAL D 765 -0.98 -26.28 66.11
C VAL D 765 -2.00 -26.76 67.14
N THR D 766 -2.70 -27.84 66.82
CA THR D 766 -3.64 -28.42 67.81
C THR D 766 -3.47 -29.92 67.87
N ASP D 767 -4.17 -30.58 68.80
CA ASP D 767 -4.12 -32.06 68.89
C ASP D 767 -4.64 -32.62 67.56
N CYS D 768 -5.85 -32.22 67.17
CA CYS D 768 -6.43 -32.69 65.88
C CYS D 768 -5.35 -32.58 64.80
N GLU D 769 -4.38 -31.67 64.98
CA GLU D 769 -3.34 -31.46 63.99
C GLU D 769 -2.13 -32.33 64.29
N GLU D 770 -1.77 -32.45 65.58
CA GLU D 770 -0.65 -33.29 65.96
C GLU D 770 -0.99 -34.77 65.93
N ALA D 771 -2.24 -35.13 66.28
CA ALA D 771 -2.64 -36.53 66.23
C ALA D 771 -2.54 -37.06 64.81
N ALA D 772 -3.04 -36.28 63.85
CA ALA D 772 -2.81 -36.57 62.44
C ALA D 772 -1.38 -36.96 62.16
N LEU D 773 -0.43 -36.19 62.69
CA LEU D 773 0.97 -36.46 62.45
C LEU D 773 1.41 -37.75 63.13
N ASP D 774 0.95 -37.97 64.35
CA ASP D 774 1.33 -39.17 65.08
C ASP D 774 0.98 -40.43 64.30
N ASP D 775 -0.08 -40.38 63.49
CA ASP D 775 -0.45 -41.55 62.71
C ASP D 775 0.64 -41.90 61.70
N LEU D 776 1.27 -40.89 61.10
CA LEU D 776 2.23 -41.14 60.03
C LEU D 776 3.56 -41.63 60.58
N CYS D 777 4.07 -41.00 61.63
CA CYS D 777 5.34 -41.37 62.24
C CYS D 777 5.08 -42.09 63.55
N ALA D 778 5.73 -43.24 63.74
CA ALA D 778 5.56 -44.01 64.96
C ALA D 778 6.68 -45.03 65.10
#